data_7TBH
#
_entry.id   7TBH
#
loop_
_entity.id
_entity.type
_entity.pdbx_description
1 polymer 'Isoform 2 of CREB-binding protein,Ferritin heavy chain, N-terminally processed'
2 polymer LEU-SER-ARG-ARG-PRO-SEP-TYR-ARG-LYS-ILE-LEU-ASN-ASP-LEU-SER-SER-ASP-ALA-PRO
#
loop_
_entity_poly.entity_id
_entity_poly.type
_entity_poly.pdbx_seq_one_letter_code
_entity_poly.pdbx_strand_id
1 'polypeptide(L)'
;HMGVRKGWHEHVTQDLRSHLVHKLVQAIFPCPDPCALKDRRMENLVAYAKKVEGDMYESANSRDEYYHLLAEKIYKIQKE
LEEKSQVRQNYHQDAEAAINRQINLELYASYVYLSMSCYFDRDDVALKNFAKYFLHQSHEEREHAEKLMKLQNQRGGRIF
LQDIKKPDRDDWCSGLNAMESALHLEKSVNQSLLELHKLATDKNDPHLCDFIETYYLSEQVKSIKELGDHVTNLRKMGAP
CAGMAEYLFDKHTLGHGDES
;
A,B,C,D,E,F,G,H,I,J,K,L,M,N,O,P,Q,R,S,T,U,V,W,X
2 'polypeptide(L)' LSRRP(SEP)YRKILNDLSSDAP a,b,c,d,e,f,g,h,i,j,k,l,m,n,o,p,q,r,s,t,u,v,w,x
#
# COMPACT_ATOMS: atom_id res chain seq x y z
N THR A 13 62.44 1.86 55.16
CA THR A 13 61.49 2.90 55.54
C THR A 13 61.62 4.12 54.64
N GLN A 14 62.46 4.02 53.62
CA GLN A 14 62.67 5.14 52.70
C GLN A 14 61.53 5.25 51.70
N ASP A 15 61.08 4.13 51.13
CA ASP A 15 59.99 4.16 50.17
C ASP A 15 58.69 4.60 50.83
N LEU A 16 58.46 4.18 52.08
CA LEU A 16 57.24 4.59 52.78
C LEU A 16 57.23 6.09 53.02
N ARG A 17 58.36 6.64 53.47
CA ARG A 17 58.44 8.09 53.68
C ARG A 17 58.31 8.84 52.36
N SER A 18 58.89 8.31 51.29
CA SER A 18 58.77 8.96 49.98
C SER A 18 57.30 8.98 49.52
N HIS A 19 56.60 7.87 49.70
CA HIS A 19 55.19 7.83 49.31
C HIS A 19 54.36 8.78 50.18
N LEU A 20 54.66 8.83 51.48
CA LEU A 20 53.91 9.72 52.37
C LEU A 20 54.15 11.19 52.03
N VAL A 21 55.37 11.54 51.62
CA VAL A 21 55.67 12.92 51.28
C VAL A 21 55.22 13.27 49.86
N HIS A 22 55.03 12.28 49.00
CA HIS A 22 54.53 12.54 47.65
C HIS A 22 53.01 12.52 47.56
N LYS A 23 52.33 11.90 48.53
CA LYS A 23 50.87 11.88 48.50
C LYS A 23 50.27 13.12 49.15
N LEU A 24 50.99 13.77 50.06
CA LEU A 24 50.43 14.93 50.74
C LEU A 24 50.34 16.14 49.82
N VAL A 25 51.28 16.29 48.88
CA VAL A 25 51.24 17.41 47.95
C VAL A 25 50.03 17.31 47.02
N GLN A 26 49.47 16.11 46.84
CA GLN A 26 48.26 15.94 46.05
C GLN A 26 47.01 15.95 46.92
N ALA A 27 47.10 15.47 48.16
CA ALA A 27 45.95 15.48 49.04
C ALA A 27 45.61 16.90 49.52
N ILE A 28 46.63 17.74 49.74
CA ILE A 28 46.38 19.10 50.18
C ILE A 28 45.83 19.94 49.03
N PHE A 29 46.62 20.09 47.96
CA PHE A 29 46.21 20.87 46.80
C PHE A 29 45.97 19.96 45.60
N PRO A 30 44.93 20.21 44.82
CA PRO A 30 44.66 19.36 43.64
C PRO A 30 45.71 19.53 42.55
N CYS A 31 45.42 20.33 41.54
CA CYS A 31 46.31 20.51 40.41
C CYS A 31 46.48 21.99 40.09
N PRO A 32 47.71 22.45 39.87
CA PRO A 32 47.92 23.86 39.53
C PRO A 32 47.58 24.16 38.07
N ASP A 33 48.00 25.34 37.59
CA ASP A 33 47.74 25.73 36.21
C ASP A 33 48.88 26.63 35.72
N PRO A 34 49.70 26.16 34.78
CA PRO A 34 50.84 26.97 34.33
C PRO A 34 50.45 28.15 33.46
N CYS A 35 49.62 27.90 32.43
CA CYS A 35 49.23 28.93 31.49
C CYS A 35 48.31 29.98 32.10
N ALA A 36 47.39 29.58 32.98
CA ALA A 36 46.48 30.53 33.58
C ALA A 36 47.17 31.40 34.62
N LEU A 37 47.89 30.79 35.57
CA LEU A 37 48.59 31.51 36.62
C LEU A 37 50.09 31.53 36.30
N LYS A 38 50.90 31.23 37.30
CA LYS A 38 52.35 31.19 37.13
C LYS A 38 52.89 29.81 37.46
N ASP A 39 53.86 29.76 38.39
CA ASP A 39 54.46 28.49 38.79
C ASP A 39 55.04 28.59 40.19
N ARG A 40 55.25 29.81 40.67
CA ARG A 40 55.84 30.00 41.99
C ARG A 40 54.87 29.65 43.12
N ARG A 41 53.56 29.62 42.83
CA ARG A 41 52.59 29.31 43.87
C ARG A 41 52.68 27.86 44.29
N MET A 42 52.77 26.93 43.33
CA MET A 42 52.93 25.53 43.67
C MET A 42 54.25 25.29 44.38
N GLU A 43 55.30 26.01 43.99
CA GLU A 43 56.59 25.89 44.67
C GLU A 43 56.49 26.35 46.11
N ASN A 44 55.84 27.49 46.35
CA ASN A 44 55.66 27.96 47.73
C ASN A 44 54.80 27.00 48.53
N LEU A 45 53.79 26.40 47.90
CA LEU A 45 52.93 25.46 48.60
C LEU A 45 53.69 24.20 49.00
N VAL A 46 54.48 23.64 48.08
CA VAL A 46 55.24 22.44 48.42
C VAL A 46 56.35 22.76 49.41
N ALA A 47 56.89 23.98 49.37
CA ALA A 47 57.88 24.37 50.37
C ALA A 47 57.26 24.47 51.75
N TYR A 48 56.07 25.07 51.84
CA TYR A 48 55.37 25.13 53.13
C TYR A 48 55.00 23.74 53.62
N ALA A 49 54.63 22.84 52.70
CA ALA A 49 54.31 21.47 53.10
C ALA A 49 55.55 20.78 53.65
N LYS A 50 56.69 20.92 52.98
CA LYS A 50 57.94 20.34 53.50
C LYS A 50 58.30 20.93 54.85
N LYS A 51 58.12 22.25 55.02
CA LYS A 51 58.44 22.88 56.29
C LYS A 51 57.56 22.34 57.41
N VAL A 52 56.25 22.22 57.16
CA VAL A 52 55.35 21.79 58.22
C VAL A 52 55.56 20.31 58.53
N GLU A 53 55.86 19.49 57.52
CA GLU A 53 56.11 18.08 57.79
C GLU A 53 57.43 17.90 58.53
N GLY A 54 58.44 18.72 58.24
CA GLY A 54 59.66 18.67 59.02
C GLY A 54 59.47 19.12 60.44
N ASP A 55 58.64 20.15 60.65
CA ASP A 55 58.35 20.60 62.01
C ASP A 55 57.58 19.55 62.80
N MET A 56 56.67 18.83 62.12
CA MET A 56 55.95 17.76 62.80
C MET A 56 56.84 16.56 63.08
N TYR A 57 57.82 16.29 62.20
CA TYR A 57 58.73 15.17 62.43
C TYR A 57 59.71 15.48 63.56
N GLU A 58 60.19 16.73 63.63
CA GLU A 58 61.11 17.11 64.70
C GLU A 58 60.44 17.12 66.07
N SER A 59 59.12 17.29 66.11
CA SER A 59 58.37 17.32 67.36
C SER A 59 57.43 16.12 67.47
N ALA A 60 57.97 14.91 67.37
CA ALA A 60 57.18 13.69 67.43
C ALA A 60 57.78 12.72 68.45
N ASN A 61 57.01 11.68 68.78
CA ASN A 61 57.47 10.67 69.73
C ASN A 61 57.78 9.35 69.02
N SER A 62 56.75 8.67 68.53
CA SER A 62 56.93 7.39 67.86
C SER A 62 56.62 7.50 66.37
N ARG A 63 55.90 6.53 65.84
CA ARG A 63 55.58 6.47 64.41
C ARG A 63 54.09 6.64 64.13
N ASP A 64 53.23 5.98 64.91
CA ASP A 64 51.79 6.05 64.65
C ASP A 64 51.22 7.41 65.00
N GLU A 65 51.66 8.01 66.11
CA GLU A 65 51.14 9.31 66.50
C GLU A 65 51.53 10.40 65.51
N TYR A 66 52.73 10.30 64.92
CA TYR A 66 53.13 11.27 63.90
C TYR A 66 52.26 11.15 62.67
N TYR A 67 51.95 9.94 62.23
CA TYR A 67 51.07 9.75 61.08
C TYR A 67 49.66 10.26 61.38
N HIS A 68 49.18 10.01 62.60
CA HIS A 68 47.86 10.51 62.98
C HIS A 68 47.83 12.03 62.98
N LEU A 69 48.87 12.67 63.52
CA LEU A 69 48.92 14.12 63.53
C LEU A 69 49.02 14.69 62.11
N LEU A 70 49.77 14.01 61.24
CA LEU A 70 49.86 14.46 59.85
C LEU A 70 48.51 14.34 59.14
N ALA A 71 47.79 13.25 59.39
CA ALA A 71 46.46 13.10 58.80
C ALA A 71 45.50 14.15 59.33
N GLU A 72 45.57 14.45 60.62
CA GLU A 72 44.72 15.49 61.19
C GLU A 72 45.06 16.86 60.59
N LYS A 73 46.35 17.14 60.38
CA LYS A 73 46.73 18.41 59.77
C LYS A 73 46.23 18.49 58.33
N ILE A 74 46.32 17.38 57.58
CA ILE A 74 45.81 17.37 56.22
C ILE A 74 44.31 17.62 56.21
N TYR A 75 43.58 16.98 57.13
CA TYR A 75 42.14 17.21 57.23
C TYR A 75 41.83 18.66 57.55
N LYS A 76 42.56 19.25 58.51
CA LYS A 76 42.31 20.64 58.90
C LYS A 76 42.61 21.59 57.75
N ILE A 77 43.65 21.29 56.96
CA ILE A 77 43.95 22.12 55.80
C ILE A 77 42.85 21.99 54.74
N GLN A 78 42.35 20.77 54.54
CA GLN A 78 41.26 20.55 53.59
C GLN A 78 39.92 21.10 54.09
N LYS A 79 39.82 21.45 55.37
CA LYS A 79 38.57 22.00 55.89
C LYS A 79 38.23 23.34 55.24
N GLU A 80 39.26 24.12 54.87
CA GLU A 80 39.00 25.42 54.24
C GLU A 80 38.79 25.29 52.74
N LEU A 81 39.73 24.67 52.05
CA LEU A 81 39.65 24.52 50.59
C LEU A 81 38.67 23.39 50.26
N GLU A 82 37.38 23.75 50.29
CA GLU A 82 36.30 22.83 49.97
C GLU A 82 35.52 23.24 48.73
N GLU A 83 35.24 24.53 48.57
CA GLU A 83 34.47 25.06 47.45
C GLU A 83 33.13 24.34 47.32
N LYS A 84 32.19 24.69 48.18
CA LYS A 84 30.87 24.05 48.16
C LYS A 84 30.12 24.41 46.89
N SER A 85 29.29 23.46 46.44
CA SER A 85 28.51 23.66 45.23
C SER A 85 27.35 24.62 45.48
N GLN A 86 27.03 25.40 44.44
CA GLN A 86 25.93 26.35 44.55
C GLN A 86 24.56 25.67 44.51
N VAL A 87 24.51 24.42 44.05
CA VAL A 87 23.24 23.68 44.01
C VAL A 87 22.96 22.93 45.29
N ARG A 88 23.89 22.94 46.25
CA ARG A 88 23.69 22.25 47.52
C ARG A 88 22.70 23.01 48.38
N GLN A 89 21.61 22.36 48.76
CA GLN A 89 20.58 22.96 49.58
C GLN A 89 20.02 21.91 50.52
N ASN A 90 20.20 22.12 51.83
CA ASN A 90 19.73 21.21 52.86
C ASN A 90 20.30 19.81 52.65
N TYR A 91 21.55 19.60 53.06
CA TYR A 91 22.20 18.30 52.91
C TYR A 91 23.29 18.19 53.97
N HIS A 92 23.25 17.12 54.76
CA HIS A 92 24.19 16.92 55.84
C HIS A 92 25.27 15.92 55.44
N GLN A 93 26.39 15.96 56.17
CA GLN A 93 27.50 15.06 55.89
C GLN A 93 27.15 13.61 56.21
N ASP A 94 26.24 13.39 57.16
CA ASP A 94 25.80 12.03 57.46
C ASP A 94 25.07 11.43 56.27
N ALA A 95 24.25 12.23 55.58
CA ALA A 95 23.59 11.75 54.37
C ALA A 95 24.61 11.42 53.29
N GLU A 96 25.67 12.22 53.18
CA GLU A 96 26.70 11.93 52.20
C GLU A 96 27.42 10.63 52.51
N ALA A 97 27.73 10.39 53.80
CA ALA A 97 28.37 9.14 54.19
C ALA A 97 27.45 7.95 53.93
N ALA A 98 26.15 8.12 54.19
CA ALA A 98 25.19 7.04 53.93
C ALA A 98 25.10 6.75 52.44
N ILE A 99 25.10 7.79 51.60
CA ILE A 99 25.06 7.58 50.16
C ILE A 99 26.33 6.90 49.69
N ASN A 100 27.47 7.25 50.26
CA ASN A 100 28.73 6.60 49.89
C ASN A 100 28.71 5.13 50.27
N ARG A 101 28.21 4.81 51.47
CA ARG A 101 28.11 3.42 51.88
C ARG A 101 27.14 2.64 51.00
N GLN A 102 26.03 3.27 50.61
CA GLN A 102 25.08 2.63 49.70
C GLN A 102 25.71 2.37 48.34
N ILE A 103 26.50 3.32 47.84
CA ILE A 103 27.19 3.13 46.57
C ILE A 103 28.19 1.99 46.66
N ASN A 104 28.93 1.92 47.78
CA ASN A 104 29.87 0.82 47.96
C ASN A 104 29.15 -0.53 48.01
N LEU A 105 28.00 -0.57 48.70
CA LEU A 105 27.23 -1.81 48.76
C LEU A 105 26.68 -2.20 47.39
N GLU A 106 26.25 -1.20 46.60
CA GLU A 106 25.77 -1.49 45.25
C GLU A 106 26.88 -2.02 44.37
N LEU A 107 28.09 -1.45 44.49
CA LEU A 107 29.23 -1.95 43.73
C LEU A 107 29.58 -3.38 44.14
N TYR A 108 29.53 -3.65 45.45
CA TYR A 108 29.80 -5.01 45.92
C TYR A 108 28.76 -5.99 45.40
N ALA A 109 27.49 -5.59 45.38
CA ALA A 109 26.43 -6.45 44.86
C ALA A 109 26.61 -6.70 43.37
N SER A 110 27.00 -5.66 42.62
CA SER A 110 27.25 -5.84 41.20
C SER A 110 28.42 -6.79 40.97
N TYR A 111 29.47 -6.68 41.79
CA TYR A 111 30.61 -7.59 41.65
C TYR A 111 30.20 -9.03 41.97
N VAL A 112 29.39 -9.21 43.01
CA VAL A 112 28.93 -10.56 43.37
C VAL A 112 28.07 -11.14 42.25
N TYR A 113 27.19 -10.32 41.66
CA TYR A 113 26.34 -10.81 40.58
C TYR A 113 27.17 -11.13 39.34
N LEU A 114 28.21 -10.34 39.06
CA LEU A 114 29.10 -10.65 37.95
C LEU A 114 29.84 -11.95 38.19
N SER A 115 30.30 -12.17 39.42
CA SER A 115 30.97 -13.44 39.75
C SER A 115 30.01 -14.62 39.59
N MET A 116 28.75 -14.45 40.01
CA MET A 116 27.77 -15.51 39.84
C MET A 116 27.49 -15.79 38.37
N SER A 117 27.41 -14.73 37.55
CA SER A 117 27.18 -14.92 36.13
C SER A 117 28.37 -15.61 35.47
N CYS A 118 29.59 -15.30 35.91
CA CYS A 118 30.78 -15.93 35.36
C CYS A 118 31.07 -17.30 35.95
N TYR A 119 30.35 -17.69 37.01
CA TYR A 119 30.54 -19.01 37.60
C TYR A 119 29.61 -20.07 37.01
N PHE A 120 28.45 -19.66 36.51
CA PHE A 120 27.47 -20.61 35.97
C PHE A 120 27.63 -20.88 34.48
N ASP A 121 28.28 -19.98 33.74
CA ASP A 121 28.46 -20.15 32.30
C ASP A 121 29.68 -21.01 31.97
N ARG A 122 30.24 -21.74 32.93
CA ARG A 122 31.39 -22.58 32.70
C ARG A 122 30.95 -23.91 32.08
N ASP A 123 31.88 -24.87 32.01
CA ASP A 123 31.57 -26.18 31.45
C ASP A 123 31.09 -27.17 32.51
N ASP A 124 31.52 -27.00 33.75
CA ASP A 124 31.11 -27.89 34.84
C ASP A 124 29.74 -27.53 35.40
N VAL A 125 29.11 -26.46 34.92
CA VAL A 125 27.79 -26.05 35.37
C VAL A 125 26.76 -26.20 34.25
N ALA A 126 27.05 -25.64 33.08
CA ALA A 126 26.19 -25.74 31.89
C ALA A 126 24.79 -25.20 32.17
N LEU A 127 24.75 -23.95 32.62
CA LEU A 127 23.50 -23.23 32.90
C LEU A 127 23.61 -21.85 32.28
N LYS A 128 23.18 -21.74 31.02
CA LYS A 128 23.27 -20.47 30.30
C LYS A 128 22.18 -19.50 30.73
N ASN A 129 20.99 -20.01 31.06
CA ASN A 129 19.90 -19.13 31.47
C ASN A 129 20.18 -18.51 32.83
N PHE A 130 20.77 -19.28 33.75
CA PHE A 130 21.17 -18.71 35.04
C PHE A 130 22.22 -17.62 34.85
N ALA A 131 23.18 -17.85 33.95
CA ALA A 131 24.21 -16.85 33.69
C ALA A 131 23.59 -15.59 33.08
N LYS A 132 22.64 -15.75 32.16
CA LYS A 132 21.98 -14.60 31.57
C LYS A 132 21.18 -13.82 32.61
N TYR A 133 20.48 -14.53 33.50
CA TYR A 133 19.72 -13.85 34.54
C TYR A 133 20.64 -13.10 35.50
N PHE A 134 21.76 -13.72 35.87
CA PHE A 134 22.71 -13.04 36.76
C PHE A 134 23.34 -11.84 36.08
N LEU A 135 23.62 -11.94 34.79
CA LEU A 135 24.17 -10.80 34.05
C LEU A 135 23.15 -9.67 33.97
N HIS A 136 21.88 -9.99 33.76
CA HIS A 136 20.83 -8.97 33.74
C HIS A 136 20.71 -8.30 35.10
N GLN A 137 20.77 -9.09 36.17
CA GLN A 137 20.71 -8.51 37.52
C GLN A 137 21.91 -7.61 37.79
N SER A 138 23.10 -8.03 37.33
CA SER A 138 24.28 -7.20 37.50
C SER A 138 24.17 -5.90 36.71
N HIS A 139 23.60 -5.96 35.50
CA HIS A 139 23.38 -4.75 34.72
C HIS A 139 22.38 -3.82 35.41
N GLU A 140 21.32 -4.41 35.99
CA GLU A 140 20.34 -3.59 36.70
C GLU A 140 20.96 -2.91 37.91
N GLU A 141 21.78 -3.65 38.67
CA GLU A 141 22.44 -3.05 39.83
C GLU A 141 23.43 -1.97 39.40
N ARG A 142 24.13 -2.19 38.28
CA ARG A 142 25.05 -1.18 37.77
CA ARG A 142 25.04 -1.18 37.77
C ARG A 142 24.30 0.08 37.37
N GLU A 143 23.15 -0.06 36.70
CA GLU A 143 22.36 1.10 36.31
C GLU A 143 21.81 1.83 37.54
N HIS A 144 21.40 1.07 38.56
CA HIS A 144 20.93 1.70 39.79
C HIS A 144 22.05 2.47 40.48
N ALA A 145 23.25 1.91 40.50
CA ALA A 145 24.39 2.60 41.10
C ALA A 145 24.74 3.87 40.32
N GLU A 146 24.69 3.79 38.99
CA GLU A 146 24.95 4.98 38.18
C GLU A 146 23.89 6.05 38.40
N LYS A 147 22.63 5.63 38.55
CA LYS A 147 21.56 6.59 38.83
C LYS A 147 21.74 7.24 40.20
N LEU A 148 22.17 6.45 41.19
CA LEU A 148 22.45 7.03 42.51
C LEU A 148 23.61 8.01 42.45
N MET A 149 24.66 7.69 41.69
CA MET A 149 25.78 8.61 41.54
C MET A 149 25.34 9.89 40.85
N LYS A 150 24.50 9.78 39.82
CA LYS A 150 24.01 10.97 39.13
C LYS A 150 23.13 11.82 40.05
N LEU A 151 22.28 11.18 40.85
CA LEU A 151 21.45 11.92 41.79
C LEU A 151 22.28 12.62 42.85
N GLN A 152 23.36 11.98 43.31
CA GLN A 152 24.25 12.63 44.27
C GLN A 152 24.99 13.79 43.63
N ASN A 153 25.39 13.64 42.36
CA ASN A 153 26.07 14.74 41.68
C ASN A 153 25.13 15.91 41.42
N GLN A 154 23.84 15.64 41.19
CA GLN A 154 22.89 16.73 40.97
C GLN A 154 22.65 17.51 42.26
N ARG A 155 22.66 16.84 43.40
CA ARG A 155 22.46 17.52 44.68
C ARG A 155 23.69 18.29 45.13
N GLY A 156 24.87 17.96 44.63
CA GLY A 156 26.09 18.64 44.98
C GLY A 156 26.98 17.90 45.95
N GLY A 157 26.61 16.69 46.37
CA GLY A 157 27.42 15.95 47.30
C GLY A 157 28.61 15.29 46.62
N ARG A 158 29.72 15.23 47.36
CA ARG A 158 30.94 14.63 46.85
C ARG A 158 30.85 13.11 46.89
N ILE A 159 31.53 12.48 45.94
CA ILE A 159 31.57 11.02 45.83
C ILE A 159 33.03 10.59 45.91
N PHE A 160 33.35 9.78 46.92
CA PHE A 160 34.69 9.27 47.15
C PHE A 160 34.66 7.77 46.89
N LEU A 161 34.99 7.37 45.67
CA LEU A 161 35.01 5.96 45.29
C LEU A 161 36.21 5.27 45.90
N GLN A 162 35.96 4.20 46.65
CA GLN A 162 37.01 3.44 47.32
C GLN A 162 37.15 2.06 46.65
N ASP A 163 37.83 1.14 47.34
CA ASP A 163 38.04 -0.20 46.81
C ASP A 163 36.75 -1.01 46.88
N ILE A 164 36.59 -1.93 45.93
CA ILE A 164 35.43 -2.80 45.88
C ILE A 164 35.83 -4.16 46.46
N LYS A 165 35.09 -4.60 47.48
CA LYS A 165 35.40 -5.87 48.13
C LYS A 165 35.03 -7.04 47.23
N LYS A 166 35.73 -8.15 47.42
CA LYS A 166 35.48 -9.37 46.65
C LYS A 166 34.56 -10.31 47.41
N PRO A 167 33.83 -11.17 46.71
CA PRO A 167 32.98 -12.14 47.40
C PRO A 167 33.81 -13.10 48.26
N ASP A 168 33.34 -13.33 49.48
CA ASP A 168 34.05 -14.21 50.40
C ASP A 168 33.98 -15.67 49.98
N ARG A 169 33.01 -16.03 49.15
CA ARG A 169 32.84 -17.41 48.67
C ARG A 169 33.09 -17.42 47.17
N ASP A 170 34.32 -17.77 46.76
CA ASP A 170 34.63 -17.85 45.35
C ASP A 170 33.90 -18.99 44.67
N ASP A 171 33.75 -20.13 45.36
CA ASP A 171 33.00 -21.27 44.85
C ASP A 171 31.60 -21.22 45.46
N TRP A 172 30.61 -20.87 44.64
CA TRP A 172 29.23 -20.72 45.09
C TRP A 172 28.50 -22.05 45.22
N CYS A 173 29.20 -23.12 45.58
CA CYS A 173 28.62 -24.44 45.76
C CYS A 173 27.87 -24.91 44.52
N SER A 174 26.57 -24.65 44.49
CA SER A 174 25.74 -25.03 43.35
C SER A 174 24.78 -23.90 42.98
N GLY A 175 23.48 -24.18 43.04
CA GLY A 175 22.49 -23.18 42.70
C GLY A 175 21.69 -22.69 43.90
N LEU A 176 21.35 -23.62 44.80
CA LEU A 176 20.58 -23.24 45.99
C LEU A 176 21.37 -22.31 46.90
N ASN A 177 22.65 -22.61 47.11
CA ASN A 177 23.49 -21.75 47.93
C ASN A 177 23.66 -20.38 47.29
N ALA A 178 23.80 -20.34 45.96
CA ALA A 178 23.92 -19.06 45.27
C ALA A 178 22.64 -18.24 45.41
N MET A 179 21.48 -18.90 45.30
CA MET A 179 20.22 -18.19 45.47
C MET A 179 20.06 -17.68 46.90
N GLU A 180 20.47 -18.48 47.90
CA GLU A 180 20.40 -18.03 49.28
C GLU A 180 21.33 -16.85 49.53
N SER A 181 22.53 -16.88 48.95
CA SER A 181 23.45 -15.76 49.09
C SER A 181 22.89 -14.51 48.43
N ALA A 182 22.28 -14.65 47.26
CA ALA A 182 21.67 -13.51 46.59
C ALA A 182 20.52 -12.94 47.40
N LEU A 183 19.71 -13.82 48.01
CA LEU A 183 18.61 -13.36 48.86
C LEU A 183 19.13 -12.62 50.08
N HIS A 184 20.19 -13.13 50.71
CA HIS A 184 20.79 -12.44 51.85
C HIS A 184 21.36 -11.10 51.45
N LEU A 185 21.98 -11.02 50.27
CA LEU A 185 22.52 -9.76 49.78
C LEU A 185 21.40 -8.75 49.52
N GLU A 186 20.29 -9.22 48.93
CA GLU A 186 19.16 -8.32 48.69
C GLU A 186 18.55 -7.85 50.01
N LYS A 187 18.49 -8.72 51.01
CA LYS A 187 17.98 -8.32 52.32
C LYS A 187 18.91 -7.28 52.96
N SER A 188 20.22 -7.46 52.81
CA SER A 188 21.16 -6.47 53.34
C SER A 188 21.02 -5.13 52.62
N VAL A 189 20.81 -5.17 51.31
CA VAL A 189 20.61 -3.93 50.55
C VAL A 189 19.32 -3.24 51.00
N ASN A 190 18.27 -4.02 51.24
CA ASN A 190 17.01 -3.44 51.71
C ASN A 190 17.18 -2.83 53.10
N GLN A 191 17.93 -3.49 53.98
CA GLN A 191 18.19 -2.95 55.31
C GLN A 191 18.99 -1.65 55.22
N SER A 192 19.98 -1.61 54.32
CA SER A 192 20.75 -0.38 54.13
C SER A 192 19.88 0.74 53.60
N LEU A 193 18.96 0.43 52.68
CA LEU A 193 18.05 1.44 52.17
C LEU A 193 17.10 1.94 53.25
N LEU A 194 16.64 1.04 54.12
CA LEU A 194 15.79 1.47 55.23
C LEU A 194 16.56 2.38 56.19
N GLU A 195 17.82 2.03 56.48
CA GLU A 195 18.65 2.89 57.34
C GLU A 195 18.88 4.24 56.69
N LEU A 196 19.11 4.27 55.38
CA LEU A 196 19.28 5.54 54.68
C LEU A 196 18.02 6.38 54.74
N HIS A 197 16.85 5.75 54.56
CA HIS A 197 15.59 6.48 54.65
C HIS A 197 15.39 7.04 56.05
N LYS A 198 15.70 6.25 57.09
CA LYS A 198 15.56 6.72 58.45
C LYS A 198 16.50 7.89 58.73
N LEU A 199 17.74 7.79 58.25
CA LEU A 199 18.70 8.88 58.47
C LEU A 199 18.28 10.15 57.73
N ALA A 200 17.73 10.00 56.52
CA ALA A 200 17.27 11.17 55.78
C ALA A 200 16.04 11.79 56.43
N THR A 201 15.18 10.97 57.04
CA THR A 201 14.01 11.51 57.74
C THR A 201 14.43 12.21 59.02
N ASP A 202 15.42 11.67 59.73
CA ASP A 202 15.85 12.29 60.98
C ASP A 202 16.68 13.54 60.74
N LYS A 203 17.35 13.63 59.59
CA LYS A 203 18.19 14.77 59.24
C LYS A 203 17.52 15.73 58.27
N ASN A 204 16.18 15.72 58.20
CA ASN A 204 15.42 16.62 57.35
C ASN A 204 15.84 16.50 55.88
N ASP A 205 15.46 15.40 55.24
CA ASP A 205 15.76 15.17 53.82
C ASP A 205 14.62 14.38 53.21
N PRO A 206 13.52 15.04 52.86
CA PRO A 206 12.37 14.29 52.32
C PRO A 206 12.56 13.87 50.87
N HIS A 207 13.25 14.69 50.06
CA HIS A 207 13.38 14.38 48.65
C HIS A 207 14.19 13.10 48.43
N LEU A 208 15.35 12.99 49.07
CA LEU A 208 16.21 11.82 48.86
C LEU A 208 15.53 10.55 49.36
N CYS A 209 14.97 10.59 50.57
CA CYS A 209 14.33 9.40 51.12
C CYS A 209 13.11 9.01 50.31
N ASP A 210 12.35 9.99 49.81
CA ASP A 210 11.20 9.69 48.97
C ASP A 210 11.62 9.05 47.66
N PHE A 211 12.67 9.59 47.03
CA PHE A 211 13.17 9.00 45.79
C PHE A 211 13.67 7.58 46.01
N ILE A 212 14.33 7.34 47.15
CA ILE A 212 14.84 6.01 47.45
C ILE A 212 13.68 5.03 47.65
N GLU A 213 12.67 5.44 48.43
CA GLU A 213 11.56 4.54 48.72
C GLU A 213 10.61 4.39 47.52
N THR A 214 10.71 5.27 46.53
CA THR A 214 9.83 5.17 45.36
C THR A 214 10.48 4.42 44.21
N TYR A 215 11.70 4.82 43.81
CA TYR A 215 12.32 4.29 42.61
C TYR A 215 13.42 3.27 42.91
N TYR A 216 13.39 2.65 44.09
CA TYR A 216 14.41 1.65 44.43
C TYR A 216 13.84 0.52 45.28
N LEU A 217 13.02 0.85 46.27
CA LEU A 217 12.49 -0.17 47.16
C LEU A 217 11.56 -1.14 46.44
N SER A 218 10.84 -0.67 45.43
CA SER A 218 9.93 -1.56 44.69
C SER A 218 10.72 -2.64 43.95
N GLU A 219 11.80 -2.24 43.27
CA GLU A 219 12.62 -3.22 42.57
C GLU A 219 13.29 -4.18 43.55
N GLN A 220 13.69 -3.69 44.71
CA GLN A 220 14.29 -4.56 45.72
C GLN A 220 13.27 -5.58 46.23
N VAL A 221 12.04 -5.15 46.48
CA VAL A 221 11.01 -6.08 46.94
C VAL A 221 10.70 -7.11 45.85
N LYS A 222 10.63 -6.67 44.59
CA LYS A 222 10.39 -7.61 43.51
C LYS A 222 11.51 -8.63 43.38
N SER A 223 12.76 -8.18 43.51
CA SER A 223 13.89 -9.11 43.43
C SER A 223 13.89 -10.08 44.60
N ILE A 224 13.56 -9.60 45.80
CA ILE A 224 13.49 -10.49 46.96
C ILE A 224 12.40 -11.53 46.78
N LYS A 225 11.24 -11.12 46.25
CA LYS A 225 10.15 -12.07 46.02
C LYS A 225 10.54 -13.09 44.96
N GLU A 226 11.21 -12.65 43.89
CA GLU A 226 11.63 -13.59 42.85
C GLU A 226 12.66 -14.57 43.38
N LEU A 227 13.62 -14.10 44.18
CA LEU A 227 14.62 -15.00 44.75
C LEU A 227 13.98 -15.97 45.73
N GLY A 228 12.98 -15.52 46.50
CA GLY A 228 12.28 -16.43 47.39
C GLY A 228 11.52 -17.49 46.63
N ASP A 229 10.86 -17.11 45.53
CA ASP A 229 10.18 -18.09 44.70
C ASP A 229 11.16 -19.08 44.10
N HIS A 230 12.33 -18.61 43.66
CA HIS A 230 13.33 -19.51 43.11
C HIS A 230 13.85 -20.49 44.17
N VAL A 231 14.07 -19.99 45.39
CA VAL A 231 14.54 -20.87 46.47
C VAL A 231 13.47 -21.90 46.81
N THR A 232 12.20 -21.48 46.84
CA THR A 232 11.12 -22.42 47.11
C THR A 232 11.02 -23.48 46.02
N ASN A 233 11.18 -23.08 44.76
CA ASN A 233 11.15 -24.05 43.66
C ASN A 233 12.32 -25.02 43.76
N LEU A 234 13.51 -24.52 44.07
CA LEU A 234 14.68 -25.40 44.18
C LEU A 234 14.55 -26.35 45.36
N ARG A 235 13.88 -25.93 46.44
CA ARG A 235 13.70 -26.80 47.59
C ARG A 235 12.60 -27.83 47.36
N LYS A 236 11.55 -27.47 46.62
CA LYS A 236 10.47 -28.42 46.36
C LYS A 236 10.84 -29.43 45.29
N MET A 237 11.48 -28.98 44.21
CA MET A 237 11.84 -29.88 43.13
C MET A 237 12.94 -30.83 43.55
N GLY A 238 14.02 -30.30 44.11
CA GLY A 238 15.13 -31.13 44.56
C GLY A 238 16.48 -30.66 44.06
N ALA A 239 16.97 -29.55 44.62
CA ALA A 239 18.26 -28.99 44.25
C ALA A 239 18.98 -28.52 45.50
N PRO A 240 20.30 -28.78 45.61
CA PRO A 240 21.10 -29.50 44.61
C PRO A 240 21.12 -31.01 44.83
N CYS A 241 20.02 -31.55 45.36
CA CYS A 241 19.95 -32.99 45.62
C CYS A 241 19.84 -33.81 44.34
N ALA A 242 19.51 -33.17 43.22
CA ALA A 242 19.40 -33.86 41.94
C ALA A 242 19.60 -32.84 40.82
N GLY A 243 20.42 -33.21 39.83
CA GLY A 243 20.67 -32.34 38.72
C GLY A 243 19.51 -32.15 37.76
N MET A 244 18.46 -32.97 37.90
CA MET A 244 17.29 -32.83 37.04
C MET A 244 16.52 -31.56 37.36
N ALA A 245 16.40 -31.23 38.65
CA ALA A 245 15.65 -30.04 39.05
C ALA A 245 16.31 -28.77 38.53
N GLU A 246 17.64 -28.69 38.62
CA GLU A 246 18.35 -27.52 38.13
C GLU A 246 18.17 -27.37 36.62
N TYR A 247 18.28 -28.47 35.88
CA TYR A 247 18.11 -28.41 34.43
C TYR A 247 16.70 -27.99 34.05
N LEU A 248 15.69 -28.51 34.76
CA LEU A 248 14.31 -28.15 34.44
C LEU A 248 14.01 -26.70 34.80
N PHE A 249 14.56 -26.22 35.92
CA PHE A 249 14.38 -24.81 36.27
C PHE A 249 15.12 -23.90 35.31
N ASP A 250 16.22 -24.39 34.73
CA ASP A 250 16.94 -23.60 33.74
C ASP A 250 16.18 -23.54 32.42
N LYS A 251 15.60 -24.66 31.99
CA LYS A 251 14.93 -24.75 30.71
C LYS A 251 13.48 -24.30 30.75
N HIS A 252 12.90 -24.09 31.93
CA HIS A 252 11.51 -23.67 32.05
C HIS A 252 11.37 -22.24 32.57
N THR A 253 11.84 -21.98 33.79
CA THR A 253 11.68 -20.66 34.40
C THR A 253 12.52 -19.61 33.67
N LEU A 254 13.84 -19.72 33.79
CA LEU A 254 14.75 -18.76 33.17
C LEU A 254 14.97 -19.04 31.68
N GLY A 255 14.35 -20.07 31.13
CA GLY A 255 14.50 -20.39 29.72
C GLY A 255 13.65 -19.54 28.81
N THR B 13 26.56 72.55 -31.23
CA THR B 13 25.19 72.74 -30.76
C THR B 13 24.19 72.15 -31.75
N GLN B 14 24.71 71.47 -32.78
CA GLN B 14 23.84 70.86 -33.77
C GLN B 14 23.21 69.56 -33.27
N ASP B 15 24.01 68.71 -32.62
CA ASP B 15 23.48 67.45 -32.10
C ASP B 15 22.47 67.69 -30.98
N LEU B 16 22.71 68.70 -30.14
CA LEU B 16 21.77 69.01 -29.08
C LEU B 16 20.43 69.47 -29.65
N ARG B 17 20.46 70.36 -30.65
CA ARG B 17 19.22 70.81 -31.27
C ARG B 17 18.51 69.66 -32.00
N SER B 18 19.29 68.77 -32.63
CA SER B 18 18.69 67.62 -33.29
C SER B 18 18.00 66.71 -32.30
N HIS B 19 18.64 66.44 -31.16
CA HIS B 19 18.01 65.62 -30.13
C HIS B 19 16.76 66.29 -29.56
N LEU B 20 16.83 67.61 -29.34
CA LEU B 20 15.68 68.33 -28.79
C LEU B 20 14.51 68.32 -29.77
N VAL B 21 14.78 68.40 -31.08
CA VAL B 21 13.70 68.41 -32.05
C VAL B 21 13.22 67.00 -32.38
N HIS B 22 14.02 65.98 -32.10
CA HIS B 22 13.59 64.60 -32.31
C HIS B 22 12.89 64.00 -31.09
N LYS B 23 13.10 64.57 -29.90
CA LYS B 23 12.42 64.04 -28.71
C LYS B 23 11.03 64.64 -28.54
N LEU B 24 10.78 65.83 -29.08
CA LEU B 24 9.47 66.45 -28.88
C LEU B 24 8.39 65.76 -29.70
N VAL B 25 8.72 65.23 -30.87
CA VAL B 25 7.73 64.52 -31.67
C VAL B 25 7.28 63.24 -30.99
N GLN B 26 8.07 62.69 -30.08
CA GLN B 26 7.66 61.53 -29.30
C GLN B 26 7.05 61.91 -27.96
N ALA B 27 7.49 63.02 -27.36
CA ALA B 27 6.91 63.45 -26.10
C ALA B 27 5.51 64.00 -26.28
N ILE B 28 5.24 64.68 -27.40
CA ILE B 28 3.91 65.22 -27.64
C ILE B 28 2.93 64.10 -27.99
N PHE B 29 3.19 63.40 -29.09
CA PHE B 29 2.34 62.31 -29.53
C PHE B 29 3.05 60.97 -29.38
N PRO B 30 2.35 59.93 -28.93
CA PRO B 30 3.00 58.62 -28.79
C PRO B 30 3.39 57.98 -30.11
N CYS B 31 2.55 57.06 -30.61
CA CYS B 31 2.85 56.35 -31.84
C CYS B 31 1.62 56.36 -32.75
N PRO B 32 1.80 56.63 -34.04
CA PRO B 32 0.66 56.60 -34.97
C PRO B 32 0.26 55.19 -35.37
N ASP B 33 -0.56 55.07 -36.40
CA ASP B 33 -1.00 53.77 -36.88
C ASP B 33 -1.25 53.84 -38.38
N PRO B 34 -0.42 53.17 -39.20
CA PRO B 34 -0.59 53.26 -40.66
C PRO B 34 -1.80 52.51 -41.18
N CYS B 35 -1.95 51.24 -40.78
CA CYS B 35 -3.03 50.38 -41.27
C CYS B 35 -4.40 50.80 -40.75
N ALA B 36 -4.48 51.26 -39.51
CA ALA B 36 -5.78 51.65 -38.96
C ALA B 36 -6.24 52.99 -39.53
N LEU B 37 -5.39 54.01 -39.48
CA LEU B 37 -5.71 55.34 -39.99
C LEU B 37 -5.02 55.54 -41.34
N LYS B 38 -4.39 56.71 -41.49
CA LYS B 38 -3.67 57.03 -42.73
C LYS B 38 -2.20 57.31 -42.44
N ASP B 39 -1.72 58.49 -42.85
CA ASP B 39 -0.33 58.86 -42.62
C ASP B 39 -0.17 60.37 -42.62
N ARG B 40 -1.17 61.08 -43.16
CA ARG B 40 -1.09 62.54 -43.23
C ARG B 40 -1.26 63.19 -41.86
N ARG B 41 -1.84 62.48 -40.89
CA ARG B 41 -2.05 63.07 -39.58
C ARG B 41 -0.73 63.27 -38.84
N MET B 42 0.15 62.26 -38.87
CA MET B 42 1.46 62.40 -38.24
C MET B 42 2.28 63.48 -38.95
N GLU B 43 2.13 63.58 -40.28
CA GLU B 43 2.84 64.62 -41.02
C GLU B 43 2.36 66.01 -40.61
N ASN B 44 1.04 66.18 -40.48
CA ASN B 44 0.51 67.46 -40.04
C ASN B 44 0.94 67.78 -38.61
N LEU B 45 1.01 66.76 -37.77
CA LEU B 45 1.42 66.97 -36.37
C LEU B 45 2.88 67.41 -36.30
N VAL B 46 3.76 66.72 -37.04
CA VAL B 46 5.17 67.10 -36.99
C VAL B 46 5.39 68.44 -37.67
N ALA B 47 4.57 68.79 -38.67
CA ALA B 47 4.66 70.11 -39.29
C ALA B 47 4.26 71.20 -38.31
N TYR B 48 3.17 70.97 -37.56
CA TYR B 48 2.75 71.94 -36.55
C TYR B 48 3.80 72.06 -35.45
N ALA B 49 4.43 70.94 -35.08
CA ALA B 49 5.49 70.98 -34.08
C ALA B 49 6.68 71.80 -34.56
N LYS B 50 7.10 71.59 -35.81
CA LYS B 50 8.18 72.39 -36.38
C LYS B 50 7.81 73.87 -36.43
N LYS B 51 6.55 74.17 -36.81
CA LYS B 51 6.12 75.55 -36.87
C LYS B 51 6.15 76.22 -35.50
N VAL B 52 5.65 75.52 -34.47
CA VAL B 52 5.58 76.14 -33.15
C VAL B 52 6.98 76.26 -32.54
N GLU B 53 7.87 75.29 -32.81
CA GLU B 53 9.22 75.41 -32.28
C GLU B 53 9.99 76.52 -33.00
N GLY B 54 9.74 76.71 -34.30
CA GLY B 54 10.35 77.84 -35.00
C GLY B 54 9.83 79.17 -34.49
N ASP B 55 8.53 79.25 -34.21
CA ASP B 55 7.96 80.47 -33.67
C ASP B 55 8.51 80.77 -32.27
N MET B 56 8.74 79.74 -31.46
CA MET B 56 9.33 79.96 -30.15
C MET B 56 10.80 80.33 -30.25
N TYR B 57 11.52 79.80 -31.25
CA TYR B 57 12.92 80.14 -31.41
C TYR B 57 13.09 81.57 -31.93
N GLU B 58 12.22 82.00 -32.84
CA GLU B 58 12.29 83.36 -33.36
C GLU B 58 11.94 84.41 -32.32
N SER B 59 11.16 84.02 -31.30
CA SER B 59 10.76 84.94 -30.23
C SER B 59 11.37 84.53 -28.90
N ALA B 60 12.69 84.42 -28.84
CA ALA B 60 13.40 84.02 -27.63
C ALA B 60 14.51 85.02 -27.31
N ASN B 61 15.06 84.90 -26.10
CA ASN B 61 16.14 85.78 -25.67
C ASN B 61 17.46 85.01 -25.60
N SER B 62 17.59 84.11 -24.63
CA SER B 62 18.83 83.35 -24.47
C SER B 62 18.62 81.88 -24.81
N ARG B 63 19.14 80.99 -23.99
CA ARG B 63 19.07 79.55 -24.23
C ARG B 63 18.24 78.81 -23.21
N ASP B 64 18.39 79.14 -21.92
CA ASP B 64 17.66 78.42 -20.88
C ASP B 64 16.18 78.77 -20.88
N GLU B 65 15.84 80.04 -21.10
CA GLU B 65 14.44 80.44 -21.10
C GLU B 65 13.69 79.82 -22.28
N TYR B 66 14.34 79.67 -23.43
CA TYR B 66 13.71 79.01 -24.56
C TYR B 66 13.41 77.54 -24.26
N TYR B 67 14.36 76.84 -23.64
CA TYR B 67 14.13 75.45 -23.26
C TYR B 67 13.02 75.34 -22.23
N HIS B 68 12.98 76.27 -21.26
CA HIS B 68 11.91 76.25 -20.26
C HIS B 68 10.54 76.48 -20.92
N LEU B 69 10.47 77.43 -21.85
CA LEU B 69 9.20 77.68 -22.54
C LEU B 69 8.79 76.50 -23.39
N LEU B 70 9.76 75.83 -24.03
CA LEU B 70 9.44 74.64 -24.82
C LEU B 70 8.91 73.52 -23.92
N ALA B 71 9.54 73.32 -22.77
CA ALA B 71 9.06 72.31 -21.84
C ALA B 71 7.67 72.63 -21.32
N GLU B 72 7.41 73.92 -21.03
CA GLU B 72 6.07 74.32 -20.59
C GLU B 72 5.04 74.09 -21.69
N LYS B 73 5.41 74.37 -22.94
CA LYS B 73 4.49 74.13 -24.05
C LYS B 73 4.21 72.64 -24.22
N ILE B 74 5.24 71.81 -24.07
CA ILE B 74 5.04 70.36 -24.16
C ILE B 74 4.11 69.89 -23.04
N TYR B 75 4.31 70.40 -21.83
CA TYR B 75 3.43 70.04 -20.72
C TYR B 75 2.00 70.47 -20.99
N LYS B 76 1.80 71.69 -21.49
CA LYS B 76 0.46 72.18 -21.76
C LYS B 76 -0.22 71.38 -22.85
N ILE B 77 0.55 70.94 -23.85
CA ILE B 77 -0.03 70.09 -24.91
C ILE B 77 -0.40 68.73 -24.34
N GLN B 78 0.44 68.18 -23.46
CA GLN B 78 0.14 66.90 -22.84
C GLN B 78 -0.97 66.99 -21.81
N LYS B 79 -1.36 68.21 -21.40
CA LYS B 79 -2.45 68.35 -20.43
C LYS B 79 -3.78 67.84 -21.00
N GLU B 80 -3.98 67.96 -22.31
CA GLU B 80 -5.22 67.51 -22.91
C GLU B 80 -5.18 66.02 -23.23
N LEU B 81 -4.17 65.59 -24.00
CA LEU B 81 -4.04 64.19 -24.40
C LEU B 81 -3.51 63.37 -23.22
N GLU B 82 -4.43 63.02 -22.32
CA GLU B 82 -4.12 62.22 -21.15
C GLU B 82 -4.82 60.86 -21.17
N GLU B 83 -6.10 60.83 -21.56
CA GLU B 83 -6.89 59.61 -21.59
C GLU B 83 -6.89 58.93 -20.23
N LYS B 84 -7.66 59.46 -19.28
CA LYS B 84 -7.71 58.90 -17.94
C LYS B 84 -8.35 57.52 -17.96
N SER B 85 -7.91 56.68 -17.03
CA SER B 85 -8.42 55.32 -16.93
C SER B 85 -9.82 55.32 -16.32
N GLN B 86 -10.64 54.36 -16.79
CA GLN B 86 -12.00 54.24 -16.28
C GLN B 86 -12.04 53.64 -14.88
N VAL B 87 -10.95 53.00 -14.44
CA VAL B 87 -10.89 52.42 -13.10
C VAL B 87 -10.39 53.40 -12.06
N ARG B 88 -9.99 54.60 -12.47
CA ARG B 88 -9.48 55.60 -11.53
C ARG B 88 -10.65 56.18 -10.74
N GLN B 89 -10.59 56.06 -9.41
CA GLN B 89 -11.63 56.58 -8.54
C GLN B 89 -10.99 57.09 -7.26
N ASN B 90 -11.12 58.40 -7.02
CA ASN B 90 -10.55 59.05 -5.85
C ASN B 90 -9.05 58.84 -5.77
N TYR B 91 -8.29 59.59 -6.54
CA TYR B 91 -6.83 59.48 -6.55
C TYR B 91 -6.24 60.81 -7.00
N HIS B 92 -5.33 61.36 -6.20
CA HIS B 92 -4.74 62.65 -6.47
C HIS B 92 -3.34 62.48 -7.07
N GLN B 93 -2.86 63.55 -7.72
CA GLN B 93 -1.53 63.51 -8.33
C GLN B 93 -0.44 63.46 -7.28
N ASP B 94 -0.68 64.01 -6.09
CA ASP B 94 0.31 63.92 -5.01
C ASP B 94 0.52 62.48 -4.59
N ALA B 95 -0.57 61.69 -4.54
CA ALA B 95 -0.43 60.27 -4.23
C ALA B 95 0.37 59.55 -5.31
N GLU B 96 0.16 59.94 -6.58
CA GLU B 96 0.93 59.34 -7.66
C GLU B 96 2.41 59.66 -7.54
N ALA B 97 2.73 60.92 -7.23
CA ALA B 97 4.12 61.30 -7.04
C ALA B 97 4.75 60.56 -5.86
N ALA B 98 3.99 60.40 -4.77
CA ALA B 98 4.50 59.66 -3.62
C ALA B 98 4.73 58.20 -3.96
N ILE B 99 3.84 57.58 -4.73
CA ILE B 99 4.03 56.19 -5.15
C ILE B 99 5.24 56.07 -6.05
N ASN B 100 5.46 57.06 -6.93
CA ASN B 100 6.64 57.04 -7.80
C ASN B 100 7.92 57.15 -6.99
N ARG B 101 7.94 58.05 -6.00
CA ARG B 101 9.11 58.17 -5.14
C ARG B 101 9.35 56.90 -4.33
N GLN B 102 8.27 56.26 -3.86
CA GLN B 102 8.43 55.00 -3.14
C GLN B 102 8.97 53.91 -4.05
N ILE B 103 8.52 53.86 -5.29
CA ILE B 103 9.03 52.88 -6.24
C ILE B 103 10.52 53.13 -6.52
N ASN B 104 10.90 54.40 -6.67
CA ASN B 104 12.31 54.72 -6.88
C ASN B 104 13.15 54.31 -5.68
N LEU B 105 12.65 54.55 -4.47
CA LEU B 105 13.37 54.16 -3.27
C LEU B 105 13.48 52.63 -3.15
N GLU B 106 12.42 51.92 -3.54
CA GLU B 106 12.47 50.45 -3.53
C GLU B 106 13.48 49.93 -4.52
N LEU B 107 13.54 50.53 -5.72
CA LEU B 107 14.54 50.13 -6.69
C LEU B 107 15.96 50.42 -6.20
N TYR B 108 16.15 51.57 -5.56
CA TYR B 108 17.46 51.88 -4.99
C TYR B 108 17.86 50.89 -3.90
N ALA B 109 16.89 50.52 -3.05
CA ALA B 109 17.17 49.54 -2.00
C ALA B 109 17.51 48.18 -2.59
N SER B 110 16.79 47.77 -3.65
CA SER B 110 17.10 46.51 -4.31
C SER B 110 18.50 46.53 -4.92
N TYR B 111 18.87 47.67 -5.53
CA TYR B 111 20.21 47.79 -6.09
C TYR B 111 21.28 47.72 -5.01
N VAL B 112 21.04 48.38 -3.88
CA VAL B 112 22.00 48.35 -2.77
C VAL B 112 22.13 46.93 -2.23
N TYR B 113 21.01 46.21 -2.09
CA TYR B 113 21.07 44.85 -1.59
C TYR B 113 21.76 43.92 -2.58
N LEU B 114 21.56 44.14 -3.89
CA LEU B 114 22.27 43.35 -4.88
C LEU B 114 23.77 43.63 -4.82
N SER B 115 24.16 44.88 -4.64
CA SER B 115 25.57 45.21 -4.50
C SER B 115 26.17 44.57 -3.26
N MET B 116 25.41 44.55 -2.15
CA MET B 116 25.89 43.91 -0.94
C MET B 116 26.04 42.40 -1.14
N SER B 117 25.09 41.78 -1.84
CA SER B 117 25.18 40.35 -2.11
C SER B 117 26.36 40.02 -3.00
N CYS B 118 26.66 40.90 -3.98
CA CYS B 118 27.78 40.69 -4.87
C CYS B 118 29.12 41.13 -4.28
N TYR B 119 29.10 41.79 -3.12
CA TYR B 119 30.34 42.20 -2.47
C TYR B 119 30.84 41.18 -1.47
N PHE B 120 29.94 40.37 -0.89
CA PHE B 120 30.34 39.41 0.13
C PHE B 120 30.68 38.03 -0.44
N ASP B 121 30.21 37.70 -1.64
CA ASP B 121 30.48 36.41 -2.25
C ASP B 121 31.82 36.37 -2.99
N ARG B 122 32.70 37.33 -2.75
CA ARG B 122 33.99 37.38 -3.41
C ARG B 122 34.97 36.45 -2.69
N ASP B 123 36.25 36.54 -3.05
CA ASP B 123 37.28 35.71 -2.42
C ASP B 123 37.90 36.38 -1.20
N ASP B 124 37.93 37.71 -1.16
CA ASP B 124 38.49 38.43 -0.03
C ASP B 124 37.52 38.55 1.15
N VAL B 125 36.29 38.06 1.00
CA VAL B 125 35.30 38.10 2.06
C VAL B 125 34.97 36.69 2.55
N ALA B 126 34.64 35.79 1.63
CA ALA B 126 34.35 34.38 1.93
C ALA B 126 33.21 34.25 2.94
N LEU B 127 32.07 34.86 2.59
CA LEU B 127 30.85 34.81 3.39
C LEU B 127 29.69 34.47 2.45
N LYS B 128 29.43 33.17 2.30
CA LYS B 128 28.36 32.74 1.40
C LYS B 128 26.98 32.93 2.01
N ASN B 129 26.86 32.75 3.32
CA ASN B 129 25.56 32.91 3.97
C ASN B 129 25.11 34.36 3.97
N PHE B 130 26.05 35.30 4.18
CA PHE B 130 25.71 36.71 4.08
C PHE B 130 25.25 37.06 2.66
N ALA B 131 25.93 36.52 1.65
CA ALA B 131 25.53 36.78 0.27
C ALA B 131 24.15 36.21 -0.01
N LYS B 132 23.86 35.01 0.50
CA LYS B 132 22.54 34.42 0.30
C LYS B 132 21.46 35.23 1.00
N TYR B 133 21.73 35.71 2.22
CA TYR B 133 20.76 36.53 2.92
C TYR B 133 20.51 37.85 2.19
N PHE B 134 21.58 38.48 1.69
CA PHE B 134 21.41 39.72 0.95
C PHE B 134 20.66 39.50 -0.36
N LEU B 135 20.90 38.37 -1.02
CA LEU B 135 20.17 38.06 -2.24
C LEU B 135 18.70 37.81 -1.95
N HIS B 136 18.39 37.13 -0.84
CA HIS B 136 17.00 36.93 -0.45
C HIS B 136 16.32 38.24 -0.14
N GLN B 137 17.02 39.15 0.55
CA GLN B 137 16.45 40.46 0.85
C GLN B 137 16.22 41.26 -0.43
N SER B 138 17.15 41.18 -1.39
CA SER B 138 16.97 41.86 -2.66
C SER B 138 15.79 41.29 -3.42
N HIS B 139 15.61 39.97 -3.39
CA HIS B 139 14.45 39.37 -4.04
C HIS B 139 13.15 39.80 -3.38
N GLU B 140 13.15 39.90 -2.04
CA GLU B 140 11.95 40.36 -1.34
C GLU B 140 11.62 41.80 -1.70
N GLU B 141 12.64 42.66 -1.76
CA GLU B 141 12.40 44.06 -2.13
C GLU B 141 11.92 44.16 -3.58
N ARG B 142 12.46 43.31 -4.46
CA ARG B 142 12.02 43.32 -5.86
CA ARG B 142 12.02 43.31 -5.85
C ARG B 142 10.56 42.89 -5.95
N GLU B 143 10.17 41.86 -5.20
CA GLU B 143 8.78 41.41 -5.21
C GLU B 143 7.85 42.49 -4.64
N HIS B 144 8.30 43.18 -3.58
CA HIS B 144 7.50 44.26 -3.03
C HIS B 144 7.33 45.40 -4.02
N ALA B 145 8.40 45.73 -4.75
CA ALA B 145 8.30 46.78 -5.76
C ALA B 145 7.37 46.37 -6.88
N GLU B 146 7.44 45.11 -7.32
CA GLU B 146 6.53 44.63 -8.35
C GLU B 146 5.09 44.65 -7.88
N LYS B 147 4.86 44.30 -6.61
CA LYS B 147 3.50 44.35 -6.07
C LYS B 147 2.99 45.78 -5.99
N LEU B 148 3.86 46.73 -5.62
CA LEU B 148 3.46 48.14 -5.61
C LEU B 148 3.13 48.62 -7.02
N MET B 149 3.93 48.22 -8.01
CA MET B 149 3.66 48.60 -9.39
C MET B 149 2.33 48.02 -9.86
N LYS B 150 2.06 46.76 -9.51
CA LYS B 150 0.79 46.15 -9.90
C LYS B 150 -0.39 46.83 -9.21
N LEU B 151 -0.25 47.19 -7.94
CA LEU B 151 -1.32 47.89 -7.24
C LEU B 151 -1.56 49.27 -7.84
N GLN B 152 -0.50 49.96 -8.26
CA GLN B 152 -0.67 51.25 -8.91
C GLN B 152 -1.33 51.10 -10.28
N ASN B 153 -0.99 50.03 -11.01
CA ASN B 153 -1.62 49.80 -12.30
C ASN B 153 -3.09 49.43 -12.16
N GLN B 154 -3.46 48.74 -11.07
CA GLN B 154 -4.85 48.38 -10.86
C GLN B 154 -5.69 49.62 -10.53
N ARG B 155 -5.11 50.58 -9.81
CA ARG B 155 -5.84 51.80 -9.47
C ARG B 155 -5.95 52.76 -10.65
N GLY B 156 -5.09 52.64 -11.65
CA GLY B 156 -5.13 53.48 -12.82
C GLY B 156 -4.07 54.57 -12.85
N GLY B 157 -3.20 54.64 -11.86
CA GLY B 157 -2.17 55.66 -11.85
C GLY B 157 -1.02 55.33 -12.78
N ARG B 158 -0.46 56.38 -13.37
CA ARG B 158 0.65 56.22 -14.30
C ARG B 158 1.95 55.99 -13.54
N ILE B 159 2.85 55.23 -14.17
CA ILE B 159 4.16 54.91 -13.60
C ILE B 159 5.22 55.42 -14.56
N PHE B 160 6.05 56.34 -14.09
CA PHE B 160 7.14 56.92 -14.86
C PHE B 160 8.46 56.44 -14.27
N LEU B 161 8.99 55.34 -14.83
CA LEU B 161 10.24 54.78 -14.35
C LEU B 161 11.41 55.65 -14.79
N GLN B 162 12.23 56.09 -13.84
CA GLN B 162 13.38 56.94 -14.11
C GLN B 162 14.67 56.16 -13.86
N ASP B 163 15.78 56.87 -13.74
CA ASP B 163 17.07 56.24 -13.52
C ASP B 163 17.19 55.75 -12.08
N ILE B 164 17.94 54.67 -11.89
CA ILE B 164 18.16 54.09 -10.57
C ILE B 164 19.54 54.55 -10.09
N LYS B 165 19.56 55.18 -8.91
CA LYS B 165 20.81 55.68 -8.36
C LYS B 165 21.69 54.54 -7.87
N LYS B 166 22.99 54.77 -7.88
CA LYS B 166 23.96 53.79 -7.43
C LYS B 166 24.34 54.04 -5.97
N PRO B 167 24.78 53.00 -5.26
CA PRO B 167 25.22 53.21 -3.87
C PRO B 167 26.43 54.12 -3.81
N ASP B 168 26.39 55.07 -2.87
CA ASP B 168 27.48 56.02 -2.71
C ASP B 168 28.75 55.38 -2.16
N ARG B 169 28.63 54.23 -1.52
CA ARG B 169 29.77 53.51 -0.95
C ARG B 169 29.94 52.19 -1.70
N ASP B 170 30.83 52.18 -2.70
CA ASP B 170 31.07 50.96 -3.45
C ASP B 170 31.76 49.90 -2.59
N ASP B 171 32.67 50.31 -1.72
CA ASP B 171 33.33 49.41 -0.78
C ASP B 171 32.62 49.51 0.57
N TRP B 172 31.86 48.46 0.92
CA TRP B 172 31.07 48.44 2.15
C TRP B 172 31.90 48.11 3.37
N CYS B 173 33.16 48.51 3.40
CA CYS B 173 34.05 48.28 4.54
C CYS B 173 34.13 46.80 4.89
N SER B 174 33.29 46.36 5.83
CA SER B 174 33.27 44.97 6.25
C SER B 174 31.83 44.48 6.39
N GLY B 175 31.45 44.05 7.59
CA GLY B 175 30.11 43.57 7.83
C GLY B 175 29.28 44.48 8.71
N LEU B 176 29.92 45.06 9.74
CA LEU B 176 29.20 45.96 10.64
C LEU B 176 28.74 47.22 9.92
N ASN B 177 29.61 47.80 9.08
CA ASN B 177 29.21 48.98 8.33
C ASN B 177 28.10 48.66 7.34
N ALA B 178 28.16 47.48 6.71
CA ALA B 178 27.09 47.07 5.79
C ALA B 178 25.78 46.91 6.53
N MET B 179 25.81 46.31 7.73
CA MET B 179 24.59 46.16 8.51
C MET B 179 24.03 47.51 8.94
N GLU B 180 24.91 48.44 9.33
CA GLU B 180 24.45 49.78 9.70
C GLU B 180 23.84 50.51 8.51
N SER B 181 24.45 50.37 7.33
CA SER B 181 23.89 50.99 6.13
C SER B 181 22.54 50.39 5.78
N ALA B 182 22.40 49.07 5.92
CA ALA B 182 21.12 48.42 5.65
C ALA B 182 20.06 48.87 6.65
N LEU B 183 20.44 49.03 7.92
CA LEU B 183 19.50 49.52 8.92
C LEU B 183 19.06 50.94 8.62
N HIS B 184 20.00 51.81 8.22
CA HIS B 184 19.65 53.18 7.86
C HIS B 184 18.74 53.20 6.64
N LEU B 185 19.00 52.33 5.66
CA LEU B 185 18.15 52.26 4.49
C LEU B 185 16.74 51.79 4.85
N GLU B 186 16.63 50.80 5.75
CA GLU B 186 15.31 50.34 6.18
C GLU B 186 14.57 51.43 6.96
N LYS B 187 15.30 52.20 7.77
CA LYS B 187 14.69 53.31 8.49
C LYS B 187 14.19 54.38 7.51
N SER B 188 14.97 54.66 6.46
CA SER B 188 14.53 55.62 5.46
C SER B 188 13.30 55.12 4.71
N VAL B 189 13.26 53.83 4.41
CA VAL B 189 12.08 53.25 3.74
C VAL B 189 10.87 53.34 4.65
N ASN B 190 11.05 53.09 5.95
CA ASN B 190 9.94 53.20 6.89
C ASN B 190 9.45 54.63 7.00
N GLN B 191 10.36 55.60 7.00
CA GLN B 191 9.97 57.01 7.04
C GLN B 191 9.21 57.39 5.78
N SER B 192 9.66 56.90 4.62
CA SER B 192 8.94 57.18 3.38
C SER B 192 7.55 56.57 3.39
N LEU B 193 7.42 55.35 3.94
CA LEU B 193 6.11 54.74 4.04
C LEU B 193 5.20 55.50 5.00
N LEU B 194 5.75 56.01 6.09
CA LEU B 194 4.95 56.82 7.01
C LEU B 194 4.50 58.11 6.33
N GLU B 195 5.38 58.75 5.56
CA GLU B 195 5.00 59.96 4.84
C GLU B 195 3.93 59.66 3.80
N LEU B 196 4.04 58.51 3.11
CA LEU B 196 3.02 58.12 2.15
C LEU B 196 1.68 57.89 2.83
N HIS B 197 1.69 57.23 3.99
CA HIS B 197 0.45 57.00 4.73
C HIS B 197 -0.17 58.32 5.17
N LYS B 198 0.66 59.26 5.65
CA LYS B 198 0.14 60.56 6.07
C LYS B 198 -0.44 61.32 4.88
N LEU B 199 0.22 61.27 3.73
CA LEU B 199 -0.28 61.97 2.54
C LEU B 199 -1.58 61.34 2.06
N ALA B 200 -1.69 60.01 2.12
CA ALA B 200 -2.92 59.35 1.70
C ALA B 200 -4.06 59.64 2.67
N THR B 201 -3.75 59.78 3.97
CA THR B 201 -4.78 60.12 4.93
C THR B 201 -5.25 61.56 4.76
N ASP B 202 -4.31 62.48 4.46
CA ASP B 202 -4.68 63.87 4.29
C ASP B 202 -5.39 64.12 2.97
N LYS B 203 -5.13 63.30 1.96
CA LYS B 203 -5.74 63.45 0.64
C LYS B 203 -6.88 62.47 0.40
N ASN B 204 -7.49 61.95 1.46
CA ASN B 204 -8.63 61.04 1.37
C ASN B 204 -8.30 59.81 0.54
N ASP B 205 -7.49 58.91 1.10
CA ASP B 205 -7.12 57.66 0.43
C ASP B 205 -6.93 56.58 1.47
N PRO B 206 -8.04 55.99 1.96
CA PRO B 206 -7.91 54.98 3.02
C PRO B 206 -7.41 53.64 2.52
N HIS B 207 -7.79 53.25 1.29
CA HIS B 207 -7.42 51.92 0.79
C HIS B 207 -5.92 51.80 0.62
N LEU B 208 -5.28 52.77 -0.03
CA LEU B 208 -3.85 52.68 -0.29
C LEU B 208 -3.05 52.72 1.01
N CYS B 209 -3.38 53.65 1.90
CA CYS B 209 -2.64 53.76 3.15
C CYS B 209 -2.86 52.52 4.02
N ASP B 210 -4.07 51.96 4.02
CA ASP B 210 -4.33 50.76 4.78
C ASP B 210 -3.54 49.58 4.22
N PHE B 211 -3.50 49.43 2.90
CA PHE B 211 -2.72 48.36 2.29
C PHE B 211 -1.24 48.51 2.60
N ILE B 212 -0.74 49.74 2.59
CA ILE B 212 0.67 49.99 2.88
C ILE B 212 0.98 49.63 4.33
N GLU B 213 0.13 50.08 5.26
CA GLU B 213 0.39 49.83 6.67
C GLU B 213 0.10 48.38 7.07
N THR B 214 -0.61 47.63 6.23
CA THR B 214 -0.90 46.23 6.56
C THR B 214 0.09 45.26 5.93
N TYR B 215 0.32 45.36 4.61
CA TYR B 215 1.11 44.37 3.89
C TYR B 215 2.51 44.87 3.57
N TYR B 216 3.02 45.86 4.30
CA TYR B 216 4.38 46.36 4.04
C TYR B 216 5.09 46.77 5.32
N LEU B 217 4.39 47.46 6.22
CA LEU B 217 5.02 47.96 7.43
C LEU B 217 5.45 46.82 8.35
N SER B 218 4.72 45.71 8.36
CA SER B 218 5.09 44.58 9.21
C SER B 218 6.43 43.99 8.78
N GLU B 219 6.60 43.78 7.46
CA GLU B 219 7.87 43.26 6.97
C GLU B 219 9.01 44.24 7.22
N GLN B 220 8.74 45.54 7.10
CA GLN B 220 9.76 46.53 7.38
C GLN B 220 10.18 46.50 8.85
N VAL B 221 9.22 46.39 9.76
CA VAL B 221 9.54 46.32 11.18
C VAL B 221 10.33 45.05 11.49
N LYS B 222 9.93 43.92 10.87
CA LYS B 222 10.67 42.69 11.09
C LYS B 222 12.10 42.79 10.58
N SER B 223 12.29 43.40 9.41
CA SER B 223 13.64 43.56 8.87
C SER B 223 14.47 44.50 9.74
N ILE B 224 13.87 45.57 10.24
CA ILE B 224 14.60 46.48 11.12
C ILE B 224 15.01 45.78 12.40
N LYS B 225 14.11 44.97 12.97
CA LYS B 225 14.43 44.23 14.19
C LYS B 225 15.55 43.22 13.94
N GLU B 226 15.50 42.52 12.80
CA GLU B 226 16.54 41.55 12.49
C GLU B 226 17.89 42.23 12.28
N LEU B 227 17.90 43.37 11.59
CA LEU B 227 19.15 44.10 11.38
C LEU B 227 19.69 44.64 12.70
N GLY B 228 18.81 45.09 13.60
CA GLY B 228 19.26 45.53 14.90
C GLY B 228 19.85 44.40 15.72
N ASP B 229 19.23 43.22 15.67
CA ASP B 229 19.78 42.07 16.35
C ASP B 229 21.14 41.68 15.77
N HIS B 230 21.28 41.75 14.44
CA HIS B 230 22.56 41.44 13.83
C HIS B 230 23.64 42.43 14.23
N VAL B 231 23.29 43.73 14.28
CA VAL B 231 24.26 44.74 14.70
C VAL B 231 24.66 44.53 16.15
N THR B 232 23.69 44.21 17.01
CA THR B 232 24.00 43.94 18.41
C THR B 232 24.92 42.73 18.55
N ASN B 233 24.66 41.67 17.77
CA ASN B 233 25.52 40.50 17.82
C ASN B 233 26.93 40.82 17.34
N LEU B 234 27.04 41.60 16.25
CA LEU B 234 28.37 41.95 15.74
C LEU B 234 29.12 42.85 16.70
N ARG B 235 28.41 43.70 17.46
CA ARG B 235 29.07 44.56 18.43
C ARG B 235 29.47 43.82 19.70
N LYS B 236 28.67 42.83 20.12
CA LYS B 236 29.00 42.09 21.33
C LYS B 236 30.09 41.05 21.07
N MET B 237 30.01 40.34 19.95
CA MET B 237 31.00 39.31 19.65
C MET B 237 32.36 39.93 19.33
N GLY B 238 32.39 40.90 18.42
CA GLY B 238 33.62 41.56 18.06
C GLY B 238 33.86 41.63 16.57
N ALA B 239 33.10 42.49 15.88
CA ALA B 239 33.21 42.66 14.44
C ALA B 239 33.12 44.14 14.11
N PRO B 240 33.96 44.64 13.18
CA PRO B 240 34.99 43.87 12.48
C PRO B 240 36.34 43.84 13.23
N CYS B 241 36.28 43.88 14.55
CA CYS B 241 37.51 43.87 15.35
C CYS B 241 38.20 42.52 15.33
N ALA B 242 37.52 41.46 14.90
CA ALA B 242 38.10 40.13 14.82
C ALA B 242 37.32 39.32 13.78
N GLY B 243 38.05 38.62 12.91
CA GLY B 243 37.43 37.81 11.90
C GLY B 243 36.74 36.57 12.41
N MET B 244 36.96 36.21 13.68
CA MET B 244 36.31 35.04 14.25
C MET B 244 34.82 35.28 14.44
N ALA B 245 34.44 36.48 14.87
CA ALA B 245 33.03 36.78 15.10
C ALA B 245 32.23 36.73 13.81
N GLU B 246 32.79 37.27 12.72
CA GLU B 246 32.09 37.24 11.44
C GLU B 246 31.91 35.80 10.95
N TYR B 247 32.95 34.97 11.09
CA TYR B 247 32.84 33.59 10.66
C TYR B 247 31.81 32.82 11.49
N LEU B 248 31.79 33.06 12.80
CA LEU B 248 30.83 32.35 13.64
C LEU B 248 29.40 32.82 13.37
N PHE B 249 29.21 34.11 13.13
CA PHE B 249 27.87 34.61 12.78
C PHE B 249 27.44 34.11 11.41
N ASP B 250 28.40 33.86 10.52
CA ASP B 250 28.07 33.31 9.21
C ASP B 250 27.69 31.84 9.31
N LYS B 251 28.41 31.07 10.13
CA LYS B 251 28.20 29.63 10.24
C LYS B 251 27.12 29.25 11.24
N HIS B 252 26.63 30.19 12.05
CA HIS B 252 25.61 29.89 13.05
C HIS B 252 24.27 30.56 12.71
N THR B 253 24.23 31.89 12.68
CA THR B 253 22.99 32.61 12.44
C THR B 253 22.47 32.38 11.02
N LEU B 254 23.18 32.92 10.03
CA LEU B 254 22.78 32.79 8.65
C LEU B 254 23.16 31.45 8.03
N GLY B 255 23.79 30.56 8.80
CA GLY B 255 24.18 29.26 8.29
C GLY B 255 23.04 28.27 8.27
N THR C 13 -50.83 -8.59 -65.48
CA THR C 13 -51.64 -8.59 -64.27
C THR C 13 -51.57 -9.93 -63.56
N GLN C 14 -50.70 -10.81 -64.06
CA GLN C 14 -50.56 -12.13 -63.45
C GLN C 14 -49.72 -12.07 -62.18
N ASP C 15 -48.60 -11.34 -62.21
CA ASP C 15 -47.76 -11.24 -61.03
C ASP C 15 -48.47 -10.51 -59.90
N LEU C 16 -49.27 -9.49 -60.22
CA LEU C 16 -50.01 -8.76 -59.20
C LEU C 16 -51.03 -9.67 -58.52
N ARG C 17 -51.77 -10.44 -59.32
CA ARG C 17 -52.74 -11.38 -58.74
C ARG C 17 -52.04 -12.46 -57.92
N SER C 18 -50.89 -12.94 -58.39
CA SER C 18 -50.14 -13.94 -57.64
C SER C 18 -49.68 -13.39 -56.30
N HIS C 19 -49.17 -12.15 -56.28
CA HIS C 19 -48.76 -11.55 -55.02
C HIS C 19 -49.95 -11.32 -54.09
N LEU C 20 -51.09 -10.90 -54.65
CA LEU C 20 -52.27 -10.67 -53.82
C LEU C 20 -52.80 -11.97 -53.23
N VAL C 21 -52.71 -13.07 -53.98
CA VAL C 21 -53.21 -14.34 -53.46
C VAL C 21 -52.18 -15.03 -52.56
N HIS C 22 -50.90 -14.66 -52.66
CA HIS C 22 -49.89 -15.22 -51.77
C HIS C 22 -49.73 -14.42 -50.48
N LYS C 23 -50.14 -13.15 -50.46
CA LYS C 23 -50.03 -12.36 -49.24
C LYS C 23 -51.21 -12.57 -48.30
N LEU C 24 -52.37 -12.98 -48.82
CA LEU C 24 -53.54 -13.14 -47.96
C LEU C 24 -53.43 -14.36 -47.07
N VAL C 25 -52.76 -15.43 -47.55
CA VAL C 25 -52.59 -16.61 -46.73
C VAL C 25 -51.70 -16.34 -45.53
N GLN C 26 -50.86 -15.30 -45.60
CA GLN C 26 -50.04 -14.90 -44.46
C GLN C 26 -50.69 -13.81 -43.63
N ALA C 27 -51.48 -12.93 -44.27
CA ALA C 27 -52.16 -11.88 -43.52
C ALA C 27 -53.30 -12.44 -42.67
N ILE C 28 -54.00 -13.46 -43.18
CA ILE C 28 -55.11 -14.06 -42.42
C ILE C 28 -54.57 -14.88 -41.26
N PHE C 29 -53.80 -15.93 -41.56
CA PHE C 29 -53.23 -16.80 -40.55
C PHE C 29 -51.72 -16.63 -40.49
N PRO C 30 -51.13 -16.62 -39.28
CA PRO C 30 -49.67 -16.46 -39.18
C PRO C 30 -48.91 -17.67 -39.70
N CYS C 31 -48.48 -18.55 -38.79
CA CYS C 31 -47.69 -19.71 -39.17
C CYS C 31 -48.25 -20.97 -38.52
N PRO C 32 -48.38 -22.05 -39.27
CA PRO C 32 -48.88 -23.31 -38.67
C PRO C 32 -47.80 -24.03 -37.88
N ASP C 33 -48.06 -25.29 -37.53
CA ASP C 33 -47.11 -26.09 -36.77
C ASP C 33 -47.25 -27.56 -37.16
N PRO C 34 -46.26 -28.14 -37.83
CA PRO C 34 -46.39 -29.53 -38.28
C PRO C 34 -46.28 -30.55 -37.15
N CYS C 35 -45.24 -30.43 -36.33
CA CYS C 35 -44.98 -31.38 -35.25
C CYS C 35 -46.01 -31.31 -34.13
N ALA C 36 -46.48 -30.10 -33.79
CA ALA C 36 -47.45 -29.97 -32.72
C ALA C 36 -48.83 -30.44 -33.14
N LEU C 37 -49.33 -29.95 -34.27
CA LEU C 37 -50.64 -30.31 -34.78
C LEU C 37 -50.48 -31.30 -35.94
N LYS C 38 -51.20 -31.05 -37.03
CA LYS C 38 -51.12 -31.90 -38.21
C LYS C 38 -50.68 -31.09 -39.42
N ASP C 39 -51.48 -31.12 -40.49
CA ASP C 39 -51.16 -30.39 -41.71
C ASP C 39 -52.42 -30.10 -42.51
N ARG C 40 -53.51 -30.82 -42.22
CA ARG C 40 -54.75 -30.63 -42.95
C ARG C 40 -55.44 -29.31 -42.60
N ARG C 41 -55.11 -28.72 -41.45
CA ARG C 41 -55.76 -27.48 -41.05
C ARG C 41 -55.32 -26.32 -41.94
N MET C 42 -54.02 -26.22 -42.21
CA MET C 42 -53.54 -25.17 -43.11
C MET C 42 -54.08 -25.38 -44.52
N GLU C 43 -54.22 -26.64 -44.95
CA GLU C 43 -54.78 -26.92 -46.26
C GLU C 43 -56.25 -26.49 -46.33
N ASN C 44 -57.02 -26.79 -45.29
CA ASN C 44 -58.41 -26.36 -45.26
C ASN C 44 -58.51 -24.84 -45.22
N LEU C 45 -57.60 -24.19 -44.50
CA LEU C 45 -57.63 -22.73 -44.41
C LEU C 45 -57.33 -22.09 -45.77
N VAL C 46 -56.30 -22.58 -46.46
CA VAL C 46 -55.96 -22.01 -47.76
C VAL C 46 -57.04 -22.35 -48.79
N ALA C 47 -57.70 -23.51 -48.64
CA ALA C 47 -58.80 -23.83 -49.54
C ALA C 47 -59.98 -22.89 -49.32
N TYR C 48 -60.31 -22.60 -48.06
CA TYR C 48 -61.38 -21.65 -47.78
C TYR C 48 -61.02 -20.25 -48.26
N ALA C 49 -59.74 -19.88 -48.16
CA ALA C 49 -59.30 -18.58 -48.67
C ALA C 49 -59.46 -18.51 -50.17
N LYS C 50 -59.04 -19.56 -50.89
CA LYS C 50 -59.22 -19.59 -52.34
C LYS C 50 -60.71 -19.53 -52.70
N LYS C 51 -61.54 -20.26 -51.96
CA LYS C 51 -62.98 -20.25 -52.23
C LYS C 51 -63.57 -18.85 -52.05
N VAL C 52 -63.23 -18.18 -50.95
CA VAL C 52 -63.82 -16.88 -50.68
C VAL C 52 -63.29 -15.83 -51.65
N GLU C 53 -62.01 -15.94 -52.04
CA GLU C 53 -61.49 -14.97 -53.01
C GLU C 53 -62.09 -15.20 -54.39
N GLY C 54 -62.34 -16.45 -54.76
CA GLY C 54 -63.04 -16.71 -56.01
C GLY C 54 -64.47 -16.22 -55.99
N ASP C 55 -65.15 -16.38 -54.85
CA ASP C 55 -66.52 -15.88 -54.73
C ASP C 55 -66.55 -14.35 -54.81
N MET C 56 -65.55 -13.69 -54.23
CA MET C 56 -65.48 -12.23 -54.32
C MET C 56 -65.12 -11.76 -55.71
N TYR C 57 -64.30 -12.54 -56.44
CA TYR C 57 -63.95 -12.16 -57.80
C TYR C 57 -65.11 -12.36 -58.76
N GLU C 58 -65.88 -13.44 -58.58
CA GLU C 58 -67.02 -13.68 -59.44
C GLU C 58 -68.14 -12.66 -59.22
N SER C 59 -68.20 -12.03 -58.04
CA SER C 59 -69.21 -11.04 -57.72
C SER C 59 -68.59 -9.65 -57.54
N ALA C 60 -67.87 -9.17 -58.55
CA ALA C 60 -67.22 -7.88 -58.50
C ALA C 60 -67.58 -7.05 -59.73
N ASN C 61 -67.24 -5.77 -59.68
CA ASN C 61 -67.51 -4.86 -60.78
C ASN C 61 -66.23 -4.46 -61.50
N SER C 62 -65.39 -3.67 -60.84
CA SER C 62 -64.13 -3.22 -61.45
C SER C 62 -62.93 -3.84 -60.75
N ARG C 63 -61.91 -3.04 -60.48
CA ARG C 63 -60.68 -3.52 -59.88
C ARG C 63 -60.43 -2.96 -58.49
N ASP C 64 -60.68 -1.66 -58.28
CA ASP C 64 -60.41 -1.06 -56.97
C ASP C 64 -61.42 -1.50 -55.92
N GLU C 65 -62.69 -1.62 -56.30
CA GLU C 65 -63.70 -2.03 -55.33
C GLU C 65 -63.49 -3.48 -54.88
N TYR C 66 -63.02 -4.34 -55.77
CA TYR C 66 -62.71 -5.72 -55.39
C TYR C 66 -61.56 -5.76 -54.38
N TYR C 67 -60.51 -4.97 -54.61
CA TYR C 67 -59.40 -4.93 -53.67
C TYR C 67 -59.85 -4.36 -52.33
N HIS C 68 -60.71 -3.33 -52.35
CA HIS C 68 -61.22 -2.77 -51.10
C HIS C 68 -62.05 -3.79 -50.33
N LEU C 69 -62.90 -4.54 -51.04
CA LEU C 69 -63.71 -5.56 -50.38
C LEU C 69 -62.84 -6.69 -49.83
N LEU C 70 -61.78 -7.06 -50.56
CA LEU C 70 -60.87 -8.08 -50.05
C LEU C 70 -60.14 -7.61 -48.80
N ALA C 71 -59.70 -6.34 -48.80
CA ALA C 71 -59.04 -5.81 -47.61
C ALA C 71 -60.00 -5.75 -46.43
N GLU C 72 -61.26 -5.37 -46.68
CA GLU C 72 -62.26 -5.35 -45.60
C GLU C 72 -62.52 -6.75 -45.07
N LYS C 73 -62.56 -7.75 -45.96
CA LYS C 73 -62.76 -9.12 -45.51
C LYS C 73 -61.57 -9.60 -44.69
N ILE C 74 -60.36 -9.26 -45.10
CA ILE C 74 -59.17 -9.63 -44.33
C ILE C 74 -59.22 -8.98 -42.95
N TYR C 75 -59.60 -7.70 -42.88
CA TYR C 75 -59.71 -7.03 -41.60
C TYR C 75 -60.77 -7.71 -40.72
N LYS C 76 -61.93 -8.04 -41.29
CA LYS C 76 -62.98 -8.66 -40.51
C LYS C 76 -62.58 -10.04 -40.01
N ILE C 77 -61.80 -10.77 -40.81
CA ILE C 77 -61.31 -12.07 -40.36
C ILE C 77 -60.28 -11.89 -39.24
N GLN C 78 -59.42 -10.88 -39.35
CA GLN C 78 -58.45 -10.61 -38.31
C GLN C 78 -59.08 -10.01 -37.06
N LYS C 79 -60.34 -9.56 -37.13
CA LYS C 79 -61.00 -9.02 -35.94
C LYS C 79 -61.17 -10.07 -34.86
N GLU C 80 -61.35 -11.34 -35.23
CA GLU C 80 -61.51 -12.39 -34.23
C GLU C 80 -60.17 -12.91 -33.73
N LEU C 81 -59.31 -13.34 -34.64
CA LEU C 81 -57.99 -13.89 -34.28
C LEU C 81 -57.05 -12.75 -33.91
N GLU C 82 -57.20 -12.28 -32.67
CA GLU C 82 -56.37 -11.21 -32.13
C GLU C 82 -55.51 -11.67 -30.96
N GLU C 83 -56.07 -12.48 -30.06
CA GLU C 83 -55.36 -12.96 -28.87
C GLU C 83 -54.79 -11.81 -28.06
N LYS C 84 -55.64 -11.11 -27.32
CA LYS C 84 -55.20 -9.98 -26.54
C LYS C 84 -54.28 -10.41 -25.40
N SER C 85 -53.35 -9.53 -25.05
CA SER C 85 -52.40 -9.84 -23.99
C SER C 85 -53.06 -9.75 -22.62
N GLN C 86 -52.60 -10.60 -21.71
CA GLN C 86 -53.15 -10.60 -20.36
C GLN C 86 -52.66 -9.42 -19.53
N VAL C 87 -51.59 -8.75 -19.97
CA VAL C 87 -51.08 -7.58 -19.26
C VAL C 87 -51.73 -6.28 -19.72
N ARG C 88 -52.59 -6.34 -20.73
CA ARG C 88 -53.26 -5.14 -21.24
C ARG C 88 -54.34 -4.70 -20.26
N GLN C 89 -54.23 -3.47 -19.76
CA GLN C 89 -55.20 -2.93 -18.81
C GLN C 89 -55.38 -1.45 -19.09
N ASN C 90 -56.60 -1.06 -19.48
CA ASN C 90 -56.93 0.32 -19.79
C ASN C 90 -56.02 0.87 -20.89
N TYR C 91 -56.33 0.53 -22.14
CA TYR C 91 -55.54 0.99 -23.28
C TYR C 91 -56.42 0.99 -24.51
N HIS C 92 -56.49 2.12 -25.20
CA HIS C 92 -57.35 2.26 -26.36
C HIS C 92 -56.53 2.16 -27.65
N GLN C 93 -57.23 1.88 -28.75
CA GLN C 93 -56.56 1.77 -30.05
C GLN C 93 -56.02 3.11 -30.53
N ASP C 94 -56.65 4.21 -30.13
CA ASP C 94 -56.13 5.53 -30.49
C ASP C 94 -54.76 5.77 -29.86
N ALA C 95 -54.58 5.32 -28.61
CA ALA C 95 -53.28 5.43 -27.98
C ALA C 95 -52.24 4.58 -28.72
N GLU C 96 -52.65 3.39 -29.19
CA GLU C 96 -51.74 2.55 -29.95
C GLU C 96 -51.33 3.21 -31.26
N ALA C 97 -52.29 3.82 -31.97
CA ALA C 97 -51.97 4.53 -33.20
C ALA C 97 -51.06 5.72 -32.94
N ALA C 98 -51.29 6.44 -31.84
CA ALA C 98 -50.43 7.56 -31.50
C ALA C 98 -49.02 7.10 -31.17
N ILE C 99 -48.89 5.98 -30.45
CA ILE C 99 -47.56 5.44 -30.16
C ILE C 99 -46.86 4.99 -31.42
N ASN C 100 -47.61 4.40 -32.36
CA ASN C 100 -47.01 3.99 -33.63
C ASN C 100 -46.53 5.19 -34.43
N ARG C 101 -47.33 6.26 -34.47
CA ARG C 101 -46.91 7.47 -35.16
C ARG C 101 -45.70 8.10 -34.50
N GLN C 102 -45.65 8.07 -33.16
CA GLN C 102 -44.48 8.60 -32.46
C GLN C 102 -43.24 7.77 -32.75
N ILE C 103 -43.39 6.45 -32.83
CA ILE C 103 -42.26 5.58 -33.16
C ILE C 103 -41.78 5.87 -34.59
N ASN C 104 -42.71 6.06 -35.52
CA ASN C 104 -42.32 6.39 -36.89
C ASN C 104 -41.59 7.73 -36.95
N LEU C 105 -42.06 8.72 -36.19
CA LEU C 105 -41.40 10.02 -36.16
C LEU C 105 -40.01 9.91 -35.53
N GLU C 106 -39.87 9.09 -34.49
CA GLU C 106 -38.56 8.88 -33.88
C GLU C 106 -37.60 8.22 -34.84
N LEU C 107 -38.08 7.23 -35.60
CA LEU C 107 -37.23 6.59 -36.60
C LEU C 107 -36.83 7.57 -37.70
N TYR C 108 -37.77 8.42 -38.13
CA TYR C 108 -37.44 9.43 -39.13
C TYR C 108 -36.40 10.41 -38.60
N ALA C 109 -36.54 10.83 -37.34
CA ALA C 109 -35.57 11.74 -36.74
C ALA C 109 -34.20 11.08 -36.62
N SER C 110 -34.15 9.81 -36.25
CA SER C 110 -32.88 9.10 -36.19
C SER C 110 -32.24 9.00 -37.57
N TYR C 111 -33.05 8.76 -38.60
CA TYR C 111 -32.51 8.69 -39.96
C TYR C 111 -31.97 10.06 -40.39
N VAL C 112 -32.69 11.13 -40.07
CA VAL C 112 -32.22 12.47 -40.42
C VAL C 112 -30.93 12.80 -39.70
N TYR C 113 -30.83 12.43 -38.43
CA TYR C 113 -29.60 12.71 -37.67
C TYR C 113 -28.44 11.87 -38.20
N LEU C 114 -28.70 10.63 -38.62
CA LEU C 114 -27.65 9.81 -39.22
C LEU C 114 -27.18 10.42 -40.54
N SER C 115 -28.12 10.92 -41.35
CA SER C 115 -27.75 11.58 -42.59
C SER C 115 -26.92 12.83 -42.33
N MET C 116 -27.29 13.60 -41.30
CA MET C 116 -26.51 14.79 -40.95
C MET C 116 -25.11 14.42 -40.48
N SER C 117 -25.01 13.34 -39.69
CA SER C 117 -23.69 12.91 -39.22
C SER C 117 -22.83 12.41 -40.39
N CYS C 118 -23.44 11.75 -41.37
CA CYS C 118 -22.70 11.26 -42.52
C CYS C 118 -22.47 12.33 -43.58
N TYR C 119 -23.10 13.51 -43.44
CA TYR C 119 -22.89 14.59 -44.39
C TYR C 119 -21.77 15.53 -43.97
N PHE C 120 -21.50 15.64 -42.67
CA PHE C 120 -20.48 16.57 -42.17
C PHE C 120 -19.10 15.94 -42.06
N ASP C 121 -19.00 14.61 -41.98
CA ASP C 121 -17.72 13.94 -41.85
C ASP C 121 -17.04 13.68 -43.20
N ARG C 122 -17.48 14.36 -44.25
CA ARG C 122 -16.90 14.20 -45.58
C ARG C 122 -15.63 15.05 -45.69
N ASP C 123 -15.10 15.16 -46.90
CA ASP C 123 -13.91 15.96 -47.14
C ASP C 123 -14.22 17.41 -47.49
N ASP C 124 -15.39 17.66 -48.09
CA ASP C 124 -15.78 19.01 -48.45
C ASP C 124 -16.36 19.79 -47.28
N VAL C 125 -16.50 19.18 -46.12
CA VAL C 125 -17.03 19.82 -44.92
C VAL C 125 -15.96 19.95 -43.85
N ALA C 126 -15.30 18.84 -43.51
CA ALA C 126 -14.19 18.81 -42.55
C ALA C 126 -14.65 19.33 -41.18
N LEU C 127 -15.71 18.71 -40.66
CA LEU C 127 -16.25 19.04 -39.34
C LEU C 127 -16.48 17.73 -38.59
N LYS C 128 -15.46 17.28 -37.86
CA LYS C 128 -15.56 16.02 -37.13
C LYS C 128 -16.38 16.16 -35.87
N ASN C 129 -16.31 17.31 -35.20
CA ASN C 129 -17.08 17.50 -33.97
C ASN C 129 -18.57 17.58 -34.25
N PHE C 130 -18.96 18.23 -35.35
CA PHE C 130 -20.37 18.24 -35.74
C PHE C 130 -20.86 16.84 -36.05
N ALA C 131 -20.04 16.04 -36.74
CA ALA C 131 -20.43 14.66 -37.04
C ALA C 131 -20.57 13.85 -35.76
N LYS C 132 -19.66 14.03 -34.81
CA LYS C 132 -19.75 13.31 -33.54
C LYS C 132 -20.99 13.71 -32.76
N TYR C 133 -21.32 15.01 -32.74
CA TYR C 133 -22.51 15.47 -32.05
C TYR C 133 -23.78 14.92 -32.71
N PHE C 134 -23.82 14.90 -34.04
CA PHE C 134 -24.98 14.37 -34.74
C PHE C 134 -25.11 12.86 -34.51
N LEU C 135 -23.98 12.15 -34.45
CA LEU C 135 -24.02 10.72 -34.17
C LEU C 135 -24.51 10.45 -32.75
N HIS C 136 -24.08 11.28 -31.79
CA HIS C 136 -24.56 11.13 -30.42
C HIS C 136 -26.05 11.41 -30.34
N GLN C 137 -26.53 12.43 -31.05
CA GLN C 137 -27.96 12.72 -31.06
C GLN C 137 -28.75 11.57 -31.70
N SER C 138 -28.21 10.99 -32.78
CA SER C 138 -28.88 9.85 -33.41
C SER C 138 -28.92 8.66 -32.48
N HIS C 139 -27.84 8.41 -31.73
CA HIS C 139 -27.84 7.32 -30.76
C HIS C 139 -28.85 7.57 -29.65
N GLU C 140 -28.96 8.82 -29.19
CA GLU C 140 -29.94 9.15 -28.16
C GLU C 140 -31.36 8.93 -28.67
N GLU C 141 -31.64 9.36 -29.90
CA GLU C 141 -32.98 9.14 -30.46
C GLU C 141 -33.26 7.67 -30.65
N ARG C 142 -32.24 6.89 -31.05
CA ARG C 142 -32.42 5.45 -31.20
CA ARG C 142 -32.42 5.45 -31.20
C ARG C 142 -32.73 4.80 -29.87
N GLU C 143 -32.02 5.20 -28.81
CA GLU C 143 -32.29 4.65 -27.48
C GLU C 143 -33.67 5.05 -26.98
N HIS C 144 -34.10 6.29 -27.27
CA HIS C 144 -35.44 6.70 -26.88
C HIS C 144 -36.50 5.90 -27.63
N ALA C 145 -36.28 5.64 -28.91
CA ALA C 145 -37.23 4.83 -29.68
C ALA C 145 -37.28 3.40 -29.15
N GLU C 146 -36.13 2.83 -28.81
CA GLU C 146 -36.12 1.48 -28.25
C GLU C 146 -36.82 1.44 -26.90
N LYS C 147 -36.65 2.49 -26.09
CA LYS C 147 -37.34 2.54 -24.80
C LYS C 147 -38.85 2.67 -24.99
N LEU C 148 -39.27 3.45 -25.98
CA LEU C 148 -40.70 3.55 -26.27
C LEU C 148 -41.25 2.20 -26.74
N MET C 149 -40.51 1.49 -27.59
CA MET C 149 -40.95 0.18 -28.05
C MET C 149 -41.05 -0.80 -26.88
N LYS C 150 -40.07 -0.77 -25.97
CA LYS C 150 -40.12 -1.65 -24.81
C LYS C 150 -41.30 -1.31 -23.90
N LEU C 151 -41.57 -0.02 -23.70
CA LEU C 151 -42.71 0.38 -22.88
C LEU C 151 -44.02 -0.04 -23.51
N GLN C 152 -44.12 0.05 -24.84
CA GLN C 152 -45.33 -0.42 -25.52
C GLN C 152 -45.48 -1.94 -25.42
N ASN C 153 -44.36 -2.67 -25.50
CA ASN C 153 -44.42 -4.12 -25.36
C ASN C 153 -44.79 -4.53 -23.94
N GLN C 154 -44.38 -3.76 -22.94
CA GLN C 154 -44.74 -4.09 -21.56
C GLN C 154 -46.21 -3.87 -21.30
N ARG C 155 -46.81 -2.87 -21.94
CA ARG C 155 -48.23 -2.60 -21.76
C ARG C 155 -49.10 -3.58 -22.53
N GLY C 156 -48.57 -4.23 -23.55
CA GLY C 156 -49.31 -5.20 -24.33
C GLY C 156 -49.78 -4.70 -25.68
N GLY C 157 -49.44 -3.47 -26.06
CA GLY C 157 -49.87 -2.96 -27.35
C GLY C 157 -49.01 -3.49 -28.49
N ARG C 158 -49.66 -3.69 -29.63
CA ARG C 158 -48.98 -4.19 -30.81
C ARG C 158 -48.18 -3.09 -31.48
N ILE C 159 -47.08 -3.48 -32.12
CA ILE C 159 -46.18 -2.57 -32.82
C ILE C 159 -46.11 -3.01 -34.27
N PHE C 160 -46.54 -2.15 -35.19
CA PHE C 160 -46.53 -2.42 -36.62
C PHE C 160 -45.49 -1.49 -37.25
N LEU C 161 -44.27 -2.00 -37.40
CA LEU C 161 -43.19 -1.22 -38.01
C LEU C 161 -43.40 -1.11 -39.51
N GLN C 162 -43.42 0.12 -40.02
CA GLN C 162 -43.63 0.40 -41.42
C GLN C 162 -42.34 0.94 -42.04
N ASP C 163 -42.45 1.53 -43.23
CA ASP C 163 -41.28 2.08 -43.91
C ASP C 163 -40.82 3.37 -43.25
N ILE C 164 -39.52 3.63 -43.32
CA ILE C 164 -38.93 4.84 -42.75
C ILE C 164 -38.70 5.83 -43.89
N LYS C 165 -39.27 7.02 -43.76
CA LYS C 165 -39.14 8.04 -44.79
C LYS C 165 -37.72 8.60 -44.81
N LYS C 166 -37.31 9.08 -45.99
CA LYS C 166 -36.00 9.67 -46.17
C LYS C 166 -36.08 11.19 -46.06
N PRO C 167 -34.97 11.84 -45.69
CA PRO C 167 -34.97 13.30 -45.62
C PRO C 167 -35.22 13.91 -46.99
N ASP C 168 -36.09 14.93 -47.02
CA ASP C 168 -36.42 15.58 -48.29
C ASP C 168 -35.27 16.41 -48.82
N ARG C 169 -34.31 16.79 -47.98
CA ARG C 169 -33.17 17.59 -48.37
C ARG C 169 -31.91 16.74 -48.21
N ASP C 170 -31.46 16.12 -49.30
CA ASP C 170 -30.24 15.32 -49.24
C ASP C 170 -29.01 16.17 -49.00
N ASP C 171 -28.96 17.35 -49.60
CA ASP C 171 -27.88 18.30 -49.39
C ASP C 171 -28.33 19.33 -48.36
N TRP C 172 -27.76 19.24 -47.15
CA TRP C 172 -28.15 20.10 -46.03
C TRP C 172 -27.49 21.48 -46.10
N CYS C 173 -27.25 22.00 -47.31
CA CYS C 173 -26.65 23.32 -47.50
C CYS C 173 -25.32 23.43 -46.79
N SER C 174 -25.35 23.95 -45.55
CA SER C 174 -24.14 24.12 -44.76
C SER C 174 -24.39 23.69 -43.31
N GLY C 175 -24.21 24.60 -42.37
CA GLY C 175 -24.42 24.29 -40.97
C GLY C 175 -25.64 24.98 -40.38
N LEU C 176 -25.87 26.23 -40.77
CA LEU C 176 -27.02 26.97 -40.24
C LEU C 176 -28.34 26.34 -40.69
N ASN C 177 -28.41 25.95 -41.97
CA ASN C 177 -29.63 25.30 -42.46
C ASN C 177 -29.85 23.95 -41.78
N ALA C 178 -28.77 23.21 -41.54
CA ALA C 178 -28.89 21.94 -40.83
C ALA C 178 -29.38 22.15 -39.40
N MET C 179 -28.86 23.18 -38.73
CA MET C 179 -29.32 23.47 -37.37
C MET C 179 -30.78 23.89 -37.36
N GLU C 180 -31.20 24.70 -38.34
CA GLU C 180 -32.60 25.10 -38.42
C GLU C 180 -33.50 23.90 -38.69
N SER C 181 -33.07 22.99 -39.56
CA SER C 181 -33.86 21.79 -39.83
C SER C 181 -33.95 20.91 -38.59
N ALA C 182 -32.85 20.78 -37.84
CA ALA C 182 -32.89 20.00 -36.60
C ALA C 182 -33.80 20.64 -35.58
N LEU C 183 -33.80 21.97 -35.48
CA LEU C 183 -34.69 22.66 -34.56
C LEU C 183 -36.15 22.46 -34.95
N HIS C 184 -36.45 22.54 -36.25
CA HIS C 184 -37.82 22.31 -36.70
C HIS C 184 -38.24 20.87 -36.42
N LEU C 185 -37.33 19.92 -36.61
CA LEU C 185 -37.64 18.53 -36.32
C LEU C 185 -37.90 18.31 -34.84
N GLU C 186 -37.11 18.94 -33.97
CA GLU C 186 -37.33 18.83 -32.53
C GLU C 186 -38.66 19.48 -32.13
N LYS C 187 -39.00 20.61 -32.76
CA LYS C 187 -40.29 21.23 -32.49
C LYS C 187 -41.44 20.33 -32.92
N SER C 188 -41.30 19.67 -34.07
CA SER C 188 -42.34 18.73 -34.51
C SER C 188 -42.46 17.54 -33.56
N VAL C 189 -41.33 17.04 -33.07
CA VAL C 189 -41.36 15.94 -32.10
C VAL C 189 -42.03 16.39 -30.81
N ASN C 190 -41.75 17.62 -30.36
CA ASN C 190 -42.39 18.12 -29.15
C ASN C 190 -43.89 18.29 -29.35
N GLN C 191 -44.30 18.76 -30.53
CA GLN C 191 -45.74 18.89 -30.82
C GLN C 191 -46.41 17.52 -30.84
N SER C 192 -45.74 16.52 -31.42
CA SER C 192 -46.29 15.16 -31.42
C SER C 192 -46.41 14.61 -30.01
N LEU C 193 -45.41 14.89 -29.16
CA LEU C 193 -45.49 14.44 -27.77
C LEU C 193 -46.61 15.13 -27.02
N LEU C 194 -46.83 16.42 -27.29
CA LEU C 194 -47.94 17.13 -26.66
C LEU C 194 -49.27 16.55 -27.11
N GLU C 195 -49.40 16.24 -28.40
CA GLU C 195 -50.63 15.63 -28.90
C GLU C 195 -50.85 14.25 -28.28
N LEU C 196 -49.77 13.48 -28.12
CA LEU C 196 -49.89 12.17 -27.47
C LEU C 196 -50.32 12.32 -26.02
N HIS C 197 -49.76 13.30 -25.30
CA HIS C 197 -50.17 13.53 -23.92
C HIS C 197 -51.63 13.93 -23.83
N LYS C 198 -52.08 14.81 -24.74
CA LYS C 198 -53.48 15.22 -24.75
C LYS C 198 -54.40 14.04 -25.05
N LEU C 199 -54.02 13.19 -26.00
CA LEU C 199 -54.84 12.04 -26.33
C LEU C 199 -54.90 11.04 -25.18
N ALA C 200 -53.78 10.85 -24.48
CA ALA C 200 -53.76 9.95 -23.34
C ALA C 200 -54.57 10.51 -22.17
N THR C 201 -54.58 11.83 -22.01
CA THR C 201 -55.39 12.43 -20.96
C THR C 201 -56.88 12.35 -21.29
N ASP C 202 -57.23 12.53 -22.56
CA ASP C 202 -58.64 12.47 -22.94
C ASP C 202 -59.16 11.04 -22.97
N LYS C 203 -58.28 10.07 -23.19
CA LYS C 203 -58.67 8.66 -23.25
C LYS C 203 -58.35 7.89 -21.98
N ASN C 204 -58.19 8.60 -20.85
CA ASN C 204 -57.93 7.98 -19.55
C ASN C 204 -56.67 7.12 -19.59
N ASP C 205 -55.50 7.78 -19.64
CA ASP C 205 -54.22 7.08 -19.64
C ASP C 205 -53.21 7.94 -18.91
N PRO C 206 -53.21 7.92 -17.58
CA PRO C 206 -52.28 8.80 -16.84
C PRO C 206 -50.85 8.28 -16.83
N HIS C 207 -50.66 6.96 -16.81
CA HIS C 207 -49.31 6.41 -16.71
C HIS C 207 -48.48 6.75 -17.94
N LEU C 208 -49.03 6.50 -19.13
CA LEU C 208 -48.27 6.73 -20.36
C LEU C 208 -47.96 8.21 -20.55
N CYS C 209 -48.95 9.08 -20.36
CA CYS C 209 -48.73 10.50 -20.54
C CYS C 209 -47.76 11.05 -19.50
N ASP C 210 -47.84 10.54 -18.26
CA ASP C 210 -46.90 10.98 -17.23
C ASP C 210 -45.48 10.54 -17.56
N PHE C 211 -45.31 9.30 -18.02
CA PHE C 211 -43.98 8.84 -18.39
C PHE C 211 -43.43 9.64 -19.56
N ILE C 212 -44.28 9.99 -20.52
CA ILE C 212 -43.84 10.78 -21.66
C ILE C 212 -43.41 12.17 -21.23
N GLU C 213 -44.22 12.82 -20.38
CA GLU C 213 -43.90 14.18 -19.96
C GLU C 213 -42.77 14.22 -18.93
N THR C 214 -42.42 13.09 -18.33
CA THR C 214 -41.35 13.06 -17.35
C THR C 214 -40.01 12.67 -17.96
N TYR C 215 -39.95 11.54 -18.68
CA TYR C 215 -38.70 10.98 -19.15
C TYR C 215 -38.47 11.23 -20.64
N TYR C 216 -39.12 12.24 -21.23
CA TYR C 216 -38.91 12.52 -22.64
C TYR C 216 -38.97 14.02 -22.93
N LEU C 217 -39.93 14.72 -22.33
CA LEU C 217 -40.09 16.15 -22.62
C LEU C 217 -38.91 16.97 -22.12
N SER C 218 -38.27 16.56 -21.03
CA SER C 218 -37.12 17.28 -20.51
C SER C 218 -35.96 17.25 -21.51
N GLU C 219 -35.66 16.06 -22.04
CA GLU C 219 -34.59 15.94 -23.02
C GLU C 219 -34.93 16.71 -24.30
N GLN C 220 -36.20 16.72 -24.70
CA GLN C 220 -36.61 17.47 -25.87
C GLN C 220 -36.42 18.97 -25.66
N VAL C 221 -36.79 19.47 -24.48
CA VAL C 221 -36.60 20.90 -24.18
C VAL C 221 -35.12 21.24 -24.15
N LYS C 222 -34.30 20.36 -23.56
CA LYS C 222 -32.86 20.61 -23.52
C LYS C 222 -32.26 20.65 -24.93
N SER C 223 -32.69 19.72 -25.79
CA SER C 223 -32.19 19.70 -27.16
C SER C 223 -32.64 20.94 -27.93
N ILE C 224 -33.88 21.37 -27.73
CA ILE C 224 -34.37 22.57 -28.40
C ILE C 224 -33.58 23.79 -27.94
N LYS C 225 -33.30 23.89 -26.64
CA LYS C 225 -32.53 25.01 -26.13
C LYS C 225 -31.10 25.00 -26.68
N GLU C 226 -30.48 23.81 -26.75
CA GLU C 226 -29.13 23.71 -27.29
C GLU C 226 -29.10 24.08 -28.77
N LEU C 227 -30.08 23.63 -29.54
CA LEU C 227 -30.13 23.98 -30.96
C LEU C 227 -30.38 25.47 -31.14
N GLY C 228 -31.22 26.07 -30.30
CA GLY C 228 -31.42 27.50 -30.37
C GLY C 228 -30.15 28.29 -30.05
N ASP C 229 -29.41 27.84 -29.04
CA ASP C 229 -28.13 28.48 -28.72
C ASP C 229 -27.15 28.34 -29.87
N HIS C 230 -27.12 27.17 -30.51
CA HIS C 230 -26.23 26.97 -31.64
C HIS C 230 -26.60 27.86 -32.82
N VAL C 231 -27.90 28.00 -33.09
CA VAL C 231 -28.36 28.87 -34.16
C VAL C 231 -28.01 30.32 -33.86
N THR C 232 -28.20 30.75 -32.60
CA THR C 232 -27.85 32.11 -32.22
C THR C 232 -26.35 32.37 -32.38
N ASN C 233 -25.53 31.39 -32.00
CA ASN C 233 -24.08 31.54 -32.16
C ASN C 233 -23.70 31.62 -33.63
N LEU C 234 -24.30 30.77 -34.47
CA LEU C 234 -23.98 30.79 -35.89
C LEU C 234 -24.45 32.09 -36.55
N ARG C 235 -25.54 32.67 -36.06
CA ARG C 235 -26.02 33.93 -36.63
C ARG C 235 -25.20 35.12 -36.14
N LYS C 236 -24.71 35.09 -34.90
CA LYS C 236 -23.92 36.21 -34.40
C LYS C 236 -22.50 36.18 -34.92
N MET C 237 -21.87 35.00 -34.96
CA MET C 237 -20.49 34.90 -35.42
C MET C 237 -20.40 35.15 -36.92
N GLY C 238 -21.23 34.47 -37.71
CA GLY C 238 -21.21 34.66 -39.15
C GLY C 238 -21.12 33.35 -39.92
N ALA C 239 -22.23 32.61 -39.94
CA ALA C 239 -22.30 31.33 -40.64
C ALA C 239 -23.64 31.23 -41.35
N PRO C 240 -23.67 30.73 -42.60
CA PRO C 240 -22.49 30.31 -43.36
C PRO C 240 -21.85 31.44 -44.16
N CYS C 241 -21.93 32.67 -43.65
CA CYS C 241 -21.37 33.82 -44.35
C CYS C 241 -19.85 33.81 -44.32
N ALA C 242 -19.23 33.02 -43.45
CA ALA C 242 -17.79 32.93 -43.37
C ALA C 242 -17.41 31.59 -42.76
N GLY C 243 -16.44 30.91 -43.37
CA GLY C 243 -15.99 29.62 -42.87
C GLY C 243 -15.22 29.68 -41.57
N MET C 244 -14.83 30.88 -41.12
CA MET C 244 -14.12 31.00 -39.85
C MET C 244 -15.03 30.70 -38.67
N ALA C 245 -16.28 31.17 -38.73
CA ALA C 245 -17.22 30.96 -37.64
C ALA C 245 -17.52 29.48 -37.44
N GLU C 246 -17.72 28.74 -38.54
CA GLU C 246 -17.98 27.31 -38.43
C GLU C 246 -16.79 26.58 -37.83
N TYR C 247 -15.58 26.92 -38.26
CA TYR C 247 -14.39 26.27 -37.72
C TYR C 247 -14.23 26.57 -36.24
N LEU C 248 -14.47 27.81 -35.83
CA LEU C 248 -14.32 28.16 -34.43
C LEU C 248 -15.39 27.50 -33.56
N PHE C 249 -16.63 27.42 -34.08
CA PHE C 249 -17.67 26.73 -33.33
C PHE C 249 -17.41 25.23 -33.27
N ASP C 250 -16.72 24.68 -34.27
CA ASP C 250 -16.36 23.27 -34.24
C ASP C 250 -15.24 23.00 -33.23
N LYS C 251 -14.25 23.89 -33.19
CA LYS C 251 -13.08 23.68 -32.33
C LYS C 251 -13.27 24.18 -30.91
N HIS C 252 -14.34 24.93 -30.62
CA HIS C 252 -14.59 25.45 -29.29
C HIS C 252 -15.80 24.80 -28.63
N THR C 253 -16.99 24.96 -29.20
CA THR C 253 -18.20 24.44 -28.58
C THR C 253 -18.23 22.91 -28.60
N LEU C 254 -18.34 22.33 -29.78
CA LEU C 254 -18.39 20.87 -29.91
C LEU C 254 -17.01 20.22 -29.86
N GLY C 255 -15.94 21.01 -29.69
CA GLY C 255 -14.60 20.46 -29.62
C GLY C 255 -14.26 19.90 -28.25
N THR D 13 -14.94 -79.28 20.90
CA THR D 13 -15.36 -78.43 22.01
C THR D 13 -14.15 -77.95 22.82
N GLN D 14 -12.95 -78.27 22.32
CA GLN D 14 -11.74 -77.86 23.01
C GLN D 14 -11.42 -76.39 22.77
N ASP D 15 -11.54 -75.92 21.53
CA ASP D 15 -11.26 -74.52 21.23
C ASP D 15 -12.26 -73.60 21.91
N LEU D 16 -13.54 -74.02 21.98
CA LEU D 16 -14.54 -73.20 22.65
C LEU D 16 -14.23 -73.06 24.13
N ARG D 17 -13.88 -74.17 24.79
CA ARG D 17 -13.53 -74.10 26.21
C ARG D 17 -12.26 -73.28 26.42
N SER D 18 -11.29 -73.41 25.52
CA SER D 18 -10.07 -72.61 25.64
C SER D 18 -10.37 -71.12 25.51
N HIS D 19 -11.22 -70.75 24.56
CA HIS D 19 -11.59 -69.34 24.42
C HIS D 19 -12.36 -68.84 25.64
N LEU D 20 -13.26 -69.67 26.17
CA LEU D 20 -14.04 -69.27 27.34
C LEU D 20 -13.16 -69.10 28.57
N VAL D 21 -12.12 -69.94 28.71
CA VAL D 21 -11.25 -69.84 29.87
C VAL D 21 -10.18 -68.76 29.67
N HIS D 22 -9.90 -68.36 28.43
CA HIS D 22 -8.95 -67.28 28.18
C HIS D 22 -9.60 -65.90 28.17
N LYS D 23 -10.92 -65.83 27.96
CA LYS D 23 -11.59 -64.53 27.97
C LYS D 23 -11.98 -64.08 29.37
N LEU D 24 -12.16 -65.03 30.30
CA LEU D 24 -12.59 -64.66 31.65
C LEU D 24 -11.47 -63.98 32.43
N VAL D 25 -10.21 -64.36 32.18
CA VAL D 25 -9.10 -63.74 32.88
C VAL D 25 -8.94 -62.27 32.47
N GLN D 26 -9.46 -61.89 31.30
CA GLN D 26 -9.45 -60.50 30.87
C GLN D 26 -10.74 -59.77 31.24
N ALA D 27 -11.87 -60.49 31.25
CA ALA D 27 -13.13 -59.86 31.61
C ALA D 27 -13.20 -59.55 33.11
N ILE D 28 -12.61 -60.42 33.94
CA ILE D 28 -12.62 -60.18 35.39
C ILE D 28 -11.67 -59.05 35.75
N PHE D 29 -10.38 -59.24 35.47
CA PHE D 29 -9.36 -58.25 35.78
C PHE D 29 -8.80 -57.65 34.49
N PRO D 30 -8.57 -56.33 34.46
CA PRO D 30 -8.01 -55.71 33.23
C PRO D 30 -6.58 -56.14 32.96
N CYS D 31 -5.62 -55.29 33.34
CA CYS D 31 -4.23 -55.55 33.06
C CYS D 31 -3.39 -55.33 34.32
N PRO D 32 -2.47 -56.24 34.63
CA PRO D 32 -1.61 -56.05 35.82
C PRO D 32 -0.49 -55.07 35.56
N ASP D 33 0.49 -55.03 36.46
CA ASP D 33 1.63 -54.14 36.32
C ASP D 33 2.87 -54.78 36.94
N PRO D 34 3.86 -55.16 36.15
CA PRO D 34 5.04 -55.83 36.70
C PRO D 34 5.96 -54.91 37.48
N CYS D 35 6.33 -53.78 36.89
CA CYS D 35 7.26 -52.84 37.50
C CYS D 35 6.69 -52.13 38.72
N ALA D 36 5.40 -51.79 38.69
CA ALA D 36 4.80 -51.10 39.83
C ALA D 36 4.58 -52.03 41.00
N LEU D 37 3.93 -53.17 40.77
CA LEU D 37 3.65 -54.15 41.82
C LEU D 37 4.63 -55.32 41.68
N LYS D 38 4.09 -56.53 41.76
CA LYS D 38 4.90 -57.74 41.63
C LYS D 38 4.42 -58.59 40.47
N ASP D 39 4.09 -59.85 40.73
CA ASP D 39 3.62 -60.76 39.69
C ASP D 39 2.79 -61.89 40.29
N ARG D 40 2.91 -62.10 41.61
CA ARG D 40 2.17 -63.17 42.26
C ARG D 40 0.68 -62.86 42.37
N ARG D 41 0.29 -61.59 42.27
CA ARG D 41 -1.12 -61.25 42.39
C ARG D 41 -1.92 -61.73 41.19
N MET D 42 -1.39 -61.54 39.98
CA MET D 42 -2.07 -62.05 38.79
C MET D 42 -2.11 -63.57 38.81
N GLU D 43 -1.06 -64.21 39.31
CA GLU D 43 -1.05 -65.66 39.41
C GLU D 43 -2.11 -66.15 40.39
N ASN D 44 -2.23 -65.49 41.54
CA ASN D 44 -3.28 -65.87 42.49
C ASN D 44 -4.66 -65.62 41.92
N LEU D 45 -4.82 -64.54 41.15
CA LEU D 45 -6.12 -64.25 40.56
C LEU D 45 -6.51 -65.30 39.53
N VAL D 46 -5.58 -65.68 38.65
CA VAL D 46 -5.90 -66.68 37.64
C VAL D 46 -6.08 -68.05 38.29
N ALA D 47 -5.38 -68.32 39.39
CA ALA D 47 -5.59 -69.57 40.10
C ALA D 47 -6.98 -69.62 40.72
N TYR D 48 -7.42 -68.52 41.33
CA TYR D 48 -8.77 -68.47 41.89
C TYR D 48 -9.82 -68.57 40.79
N ALA D 49 -9.55 -67.99 39.63
CA ALA D 49 -10.47 -68.11 38.50
C ALA D 49 -10.58 -69.55 38.03
N LYS D 50 -9.44 -70.23 37.90
CA LYS D 50 -9.48 -71.65 37.52
C LYS D 50 -10.21 -72.48 38.57
N LYS D 51 -9.99 -72.18 39.85
CA LYS D 51 -10.66 -72.93 40.90
C LYS D 51 -12.17 -72.73 40.84
N VAL D 52 -12.63 -71.49 40.67
CA VAL D 52 -14.06 -71.23 40.68
C VAL D 52 -14.72 -71.79 39.42
N GLU D 53 -14.02 -71.74 38.27
CA GLU D 53 -14.60 -72.30 37.07
C GLU D 53 -14.65 -73.82 37.15
N GLY D 54 -13.66 -74.45 37.77
CA GLY D 54 -13.73 -75.89 37.99
C GLY D 54 -14.84 -76.28 38.94
N ASP D 55 -15.04 -75.47 39.99
CA ASP D 55 -16.14 -75.75 40.93
C ASP D 55 -17.49 -75.59 40.25
N MET D 56 -17.61 -74.60 39.35
CA MET D 56 -18.87 -74.43 38.62
C MET D 56 -19.08 -75.53 37.59
N TYR D 57 -17.99 -76.06 37.01
CA TYR D 57 -18.13 -77.14 36.03
C TYR D 57 -18.48 -78.45 36.72
N GLU D 58 -17.90 -78.71 37.89
CA GLU D 58 -18.21 -79.93 38.61
C GLU D 58 -19.63 -79.95 39.15
N SER D 59 -20.24 -78.78 39.36
CA SER D 59 -21.60 -78.66 39.86
C SER D 59 -22.53 -78.07 38.81
N ALA D 60 -22.60 -78.69 37.63
CA ALA D 60 -23.43 -78.22 36.54
C ALA D 60 -24.31 -79.35 36.01
N ASN D 61 -25.29 -78.99 35.18
CA ASN D 61 -26.19 -79.96 34.59
C ASN D 61 -25.91 -80.14 33.10
N SER D 62 -26.24 -79.11 32.31
CA SER D 62 -26.03 -79.18 30.87
C SER D 62 -24.93 -78.22 30.42
N ARG D 63 -25.17 -77.50 29.33
CA ARG D 63 -24.17 -76.60 28.77
C ARG D 63 -24.58 -75.14 28.83
N ASP D 64 -25.84 -74.82 28.53
CA ASP D 64 -26.28 -73.44 28.53
C ASP D 64 -26.38 -72.86 29.94
N GLU D 65 -26.88 -73.66 30.90
CA GLU D 65 -27.00 -73.16 32.27
C GLU D 65 -25.64 -72.91 32.90
N TYR D 66 -24.63 -73.71 32.57
CA TYR D 66 -23.28 -73.47 33.07
C TYR D 66 -22.73 -72.15 32.53
N TYR D 67 -22.93 -71.89 31.24
CA TYR D 67 -22.46 -70.63 30.66
C TYR D 67 -23.20 -69.45 31.27
N HIS D 68 -24.51 -69.59 31.51
CA HIS D 68 -25.27 -68.52 32.14
C HIS D 68 -24.78 -68.25 33.55
N LEU D 69 -24.51 -69.31 34.32
CA LEU D 69 -24.00 -69.13 35.68
C LEU D 69 -22.60 -68.50 35.67
N LEU D 70 -21.76 -68.88 34.70
CA LEU D 70 -20.45 -68.26 34.60
C LEU D 70 -20.55 -66.79 34.26
N ALA D 71 -21.45 -66.43 33.34
CA ALA D 71 -21.64 -65.02 33.01
C ALA D 71 -22.17 -64.24 34.21
N GLU D 72 -23.09 -64.84 34.97
CA GLU D 72 -23.61 -64.17 36.17
C GLU D 72 -22.50 -63.99 37.21
N LYS D 73 -21.63 -64.99 37.35
CA LYS D 73 -20.51 -64.85 38.29
C LYS D 73 -19.55 -63.76 37.84
N ILE D 74 -19.27 -63.69 36.55
CA ILE D 74 -18.40 -62.62 36.03
C ILE D 74 -19.03 -61.26 36.30
N TYR D 75 -20.34 -61.13 36.06
CA TYR D 75 -21.02 -59.87 36.34
C TYR D 75 -20.93 -59.51 37.82
N LYS D 76 -21.17 -60.48 38.71
CA LYS D 76 -21.13 -60.21 40.13
C LYS D 76 -19.74 -59.83 40.60
N ILE D 77 -18.71 -60.43 40.00
CA ILE D 77 -17.34 -60.05 40.33
C ILE D 77 -17.05 -58.64 39.83
N GLN D 78 -17.53 -58.29 38.64
CA GLN D 78 -17.33 -56.95 38.12
C GLN D 78 -18.18 -55.90 38.83
N LYS D 79 -19.17 -56.32 39.63
CA LYS D 79 -19.98 -55.37 40.37
C LYS D 79 -19.16 -54.58 41.38
N GLU D 80 -18.12 -55.19 41.94
CA GLU D 80 -17.29 -54.48 42.92
C GLU D 80 -16.21 -53.64 42.25
N LEU D 81 -15.40 -54.27 41.40
CA LEU D 81 -14.31 -53.57 40.70
C LEU D 81 -14.88 -52.74 39.56
N GLU D 82 -15.38 -51.56 39.94
CA GLU D 82 -15.95 -50.60 38.98
C GLU D 82 -15.17 -49.31 38.93
N GLU D 83 -14.74 -48.79 40.07
CA GLU D 83 -14.00 -47.52 40.16
C GLU D 83 -14.78 -46.40 39.48
N LYS D 84 -15.80 -45.89 40.14
CA LYS D 84 -16.61 -44.83 39.57
C LYS D 84 -15.82 -43.53 39.43
N SER D 85 -16.16 -42.76 38.42
CA SER D 85 -15.47 -41.50 38.16
C SER D 85 -15.89 -40.44 39.18
N GLN D 86 -14.94 -39.57 39.52
CA GLN D 86 -15.22 -38.50 40.47
C GLN D 86 -16.06 -37.38 39.85
N VAL D 87 -16.14 -37.33 38.52
CA VAL D 87 -16.94 -36.31 37.85
C VAL D 87 -18.38 -36.75 37.63
N ARG D 88 -18.72 -37.99 37.98
CA ARG D 88 -20.08 -38.49 37.81
C ARG D 88 -20.99 -37.88 38.86
N GLN D 89 -22.04 -37.18 38.41
CA GLN D 89 -22.99 -36.55 39.31
C GLN D 89 -24.37 -36.64 38.69
N ASN D 90 -25.28 -37.34 39.37
CA ASN D 90 -26.65 -37.53 38.92
C ASN D 90 -26.68 -38.16 37.52
N TYR D 91 -26.50 -39.48 37.45
CA TYR D 91 -26.51 -40.19 36.19
C TYR D 91 -26.90 -41.64 36.44
N HIS D 92 -27.92 -42.12 35.75
CA HIS D 92 -28.42 -43.46 35.95
C HIS D 92 -27.92 -44.40 34.85
N GLN D 93 -27.98 -45.70 35.13
CA GLN D 93 -27.53 -46.70 34.15
C GLN D 93 -28.45 -46.75 32.94
N ASP D 94 -29.73 -46.42 33.11
CA ASP D 94 -30.64 -46.37 31.97
C ASP D 94 -30.22 -45.29 30.98
N ALA D 95 -29.78 -44.14 31.49
CA ALA D 95 -29.26 -43.09 30.62
C ALA D 95 -28.01 -43.56 29.88
N GLU D 96 -27.15 -44.32 30.57
CA GLU D 96 -25.96 -44.86 29.91
C GLU D 96 -26.32 -45.83 28.80
N ALA D 97 -27.30 -46.71 29.05
CA ALA D 97 -27.74 -47.64 28.02
C ALA D 97 -28.37 -46.90 26.84
N ALA D 98 -29.14 -45.84 27.12
CA ALA D 98 -29.73 -45.06 26.04
C ALA D 98 -28.66 -44.36 25.22
N ILE D 99 -27.63 -43.82 25.88
CA ILE D 99 -26.54 -43.18 25.14
C ILE D 99 -25.79 -44.20 24.30
N ASN D 100 -25.60 -45.41 24.83
CA ASN D 100 -24.93 -46.45 24.05
C ASN D 100 -25.74 -46.84 22.83
N ARG D 101 -27.06 -46.97 22.99
CA ARG D 101 -27.92 -47.28 21.85
C ARG D 101 -27.92 -46.16 20.83
N GLN D 102 -27.89 -44.91 21.30
CA GLN D 102 -27.83 -43.78 20.38
C GLN D 102 -26.50 -43.76 19.62
N ILE D 103 -25.41 -44.09 20.30
CA ILE D 103 -24.11 -44.15 19.64
C ILE D 103 -24.10 -45.27 18.59
N ASN D 104 -24.69 -46.42 18.92
CA ASN D 104 -24.77 -47.51 17.95
C ASN D 104 -25.60 -47.11 16.74
N LEU D 105 -26.71 -46.40 16.96
CA LEU D 105 -27.55 -45.95 15.86
C LEU D 105 -26.82 -44.92 15.01
N GLU D 106 -26.04 -44.03 15.64
CA GLU D 106 -25.26 -43.05 14.89
C GLU D 106 -24.20 -43.73 14.05
N LEU D 107 -23.53 -44.75 14.60
CA LEU D 107 -22.55 -45.49 13.82
C LEU D 107 -23.20 -46.22 12.65
N TYR D 108 -24.38 -46.80 12.87
CA TYR D 108 -25.10 -47.46 11.79
C TYR D 108 -25.49 -46.47 10.70
N ALA D 109 -25.95 -45.28 11.10
CA ALA D 109 -26.31 -44.25 10.13
C ALA D 109 -25.09 -43.78 9.34
N SER D 110 -23.95 -43.62 10.01
CA SER D 110 -22.72 -43.25 9.31
C SER D 110 -22.31 -44.33 8.31
N TYR D 111 -22.45 -45.60 8.70
CA TYR D 111 -22.11 -46.68 7.79
C TYR D 111 -23.05 -46.69 6.58
N VAL D 112 -24.34 -46.46 6.81
CA VAL D 112 -25.30 -46.43 5.70
C VAL D 112 -25.00 -45.26 4.77
N TYR D 113 -24.65 -44.11 5.33
CA TYR D 113 -24.33 -42.95 4.49
C TYR D 113 -23.04 -43.18 3.71
N LEU D 114 -22.05 -43.85 4.32
CA LEU D 114 -20.83 -44.18 3.60
C LEU D 114 -21.12 -45.15 2.46
N SER D 115 -21.98 -46.14 2.70
CA SER D 115 -22.36 -47.07 1.64
C SER D 115 -23.08 -46.35 0.51
N MET D 116 -23.95 -45.39 0.86
CA MET D 116 -24.65 -44.62 -0.18
C MET D 116 -23.67 -43.77 -0.98
N SER D 117 -22.69 -43.17 -0.29
CA SER D 117 -21.69 -42.36 -1.00
C SER D 117 -20.83 -43.22 -1.91
N CYS D 118 -20.51 -44.45 -1.49
CA CYS D 118 -19.71 -45.34 -2.30
C CYS D 118 -20.52 -46.08 -3.36
N TYR D 119 -21.86 -45.98 -3.32
CA TYR D 119 -22.70 -46.62 -4.32
C TYR D 119 -23.01 -45.71 -5.50
N PHE D 120 -23.00 -44.39 -5.28
CA PHE D 120 -23.35 -43.44 -6.34
C PHE D 120 -22.15 -42.97 -7.15
N ASP D 121 -20.93 -43.07 -6.60
CA ASP D 121 -19.74 -42.62 -7.30
C ASP D 121 -19.17 -43.68 -8.24
N ARG D 122 -19.95 -44.70 -8.58
CA ARG D 122 -19.50 -45.76 -9.47
C ARG D 122 -19.66 -45.30 -10.93
N ASP D 123 -19.48 -46.23 -11.86
CA ASP D 123 -19.61 -45.93 -13.28
C ASP D 123 -21.03 -46.13 -13.79
N ASP D 124 -21.79 -47.04 -13.18
CA ASP D 124 -23.16 -47.30 -13.59
C ASP D 124 -24.15 -46.28 -13.03
N VAL D 125 -23.70 -45.34 -12.20
CA VAL D 125 -24.54 -44.31 -11.62
C VAL D 125 -24.17 -42.93 -12.15
N ALA D 126 -22.88 -42.58 -12.07
CA ALA D 126 -22.36 -41.31 -12.60
C ALA D 126 -23.06 -40.11 -11.95
N LEU D 127 -23.03 -40.09 -10.62
CA LEU D 127 -23.60 -38.99 -9.83
C LEU D 127 -22.57 -38.59 -8.79
N LYS D 128 -21.71 -37.63 -9.15
CA LYS D 128 -20.66 -37.19 -8.23
C LYS D 128 -21.20 -36.27 -7.15
N ASN D 129 -22.19 -35.44 -7.47
CA ASN D 129 -22.75 -34.53 -6.48
C ASN D 129 -23.51 -35.28 -5.40
N PHE D 130 -24.25 -36.34 -5.78
CA PHE D 130 -24.91 -37.17 -4.78
C PHE D 130 -23.90 -37.84 -3.88
N ALA D 131 -22.79 -38.34 -4.44
CA ALA D 131 -21.75 -38.96 -3.62
C ALA D 131 -21.13 -37.95 -2.68
N LYS D 132 -20.88 -36.73 -3.15
CA LYS D 132 -20.31 -35.69 -2.28
C LYS D 132 -21.27 -35.33 -1.15
N TYR D 133 -22.57 -35.21 -1.46
CA TYR D 133 -23.55 -34.90 -0.44
C TYR D 133 -23.65 -36.03 0.60
N PHE D 134 -23.63 -37.28 0.15
CA PHE D 134 -23.69 -38.40 1.07
C PHE D 134 -22.43 -38.48 1.93
N LEU D 135 -21.27 -38.15 1.34
CA LEU D 135 -20.03 -38.13 2.12
C LEU D 135 -20.05 -37.02 3.16
N HIS D 136 -20.60 -35.85 2.80
CA HIS D 136 -20.73 -34.77 3.77
C HIS D 136 -21.68 -35.14 4.90
N GLN D 137 -22.78 -35.81 4.57
CA GLN D 137 -23.71 -36.26 5.60
C GLN D 137 -23.06 -37.30 6.52
N SER D 138 -22.27 -38.21 5.93
CA SER D 138 -21.57 -39.20 6.74
C SER D 138 -20.56 -38.53 7.66
N HIS D 139 -19.84 -37.52 7.16
CA HIS D 139 -18.91 -36.79 8.01
C HIS D 139 -19.62 -36.06 9.13
N GLU D 140 -20.78 -35.47 8.84
CA GLU D 140 -21.55 -34.79 9.88
C GLU D 140 -22.02 -35.78 10.94
N GLU D 141 -22.51 -36.95 10.52
CA GLU D 141 -22.94 -37.96 11.49
C GLU D 141 -21.76 -38.46 12.31
N ARG D 142 -20.59 -38.61 11.68
CA ARG D 142 -19.40 -39.04 12.41
CA ARG D 142 -19.39 -39.04 12.41
C ARG D 142 -18.99 -38.00 13.46
N GLU D 143 -19.05 -36.72 13.09
CA GLU D 143 -18.71 -35.67 14.04
C GLU D 143 -19.72 -35.61 15.18
N HIS D 144 -21.01 -35.83 14.88
CA HIS D 144 -22.01 -35.85 15.92
C HIS D 144 -21.79 -37.03 16.87
N ALA D 145 -21.43 -38.18 16.32
CA ALA D 145 -21.14 -39.35 17.17
C ALA D 145 -19.92 -39.10 18.04
N GLU D 146 -18.88 -38.49 17.49
CA GLU D 146 -17.70 -38.17 18.28
C GLU D 146 -18.02 -37.17 19.38
N LYS D 147 -18.88 -36.19 19.07
CA LYS D 147 -19.28 -35.22 20.09
C LYS D 147 -20.10 -35.88 21.19
N LEU D 148 -20.97 -36.82 20.82
CA LEU D 148 -21.72 -37.56 21.84
C LEU D 148 -20.79 -38.40 22.71
N MET D 149 -19.79 -39.04 22.10
CA MET D 149 -18.83 -39.82 22.87
C MET D 149 -18.04 -38.93 23.83
N LYS D 150 -17.63 -37.75 23.35
CA LYS D 150 -16.90 -36.83 24.21
C LYS D 150 -17.77 -36.32 25.36
N LEU D 151 -19.04 -36.03 25.09
CA LEU D 151 -19.95 -35.59 26.14
C LEU D 151 -20.18 -36.69 27.17
N GLN D 152 -20.28 -37.94 26.71
CA GLN D 152 -20.42 -39.05 27.65
C GLN D 152 -19.15 -39.24 28.48
N ASN D 153 -17.98 -39.05 27.87
CA ASN D 153 -16.73 -39.17 28.62
C ASN D 153 -16.57 -38.05 29.63
N GLN D 154 -17.08 -36.86 29.32
CA GLN D 154 -16.98 -35.75 30.27
C GLN D 154 -17.88 -35.98 31.48
N ARG D 155 -19.03 -36.61 31.28
CA ARG D 155 -19.94 -36.88 32.39
C ARG D 155 -19.47 -38.05 33.25
N GLY D 156 -18.62 -38.91 32.72
CA GLY D 156 -18.10 -40.04 33.47
C GLY D 156 -18.73 -41.38 33.12
N GLY D 157 -19.65 -41.42 32.16
CA GLY D 157 -20.27 -42.67 31.80
C GLY D 157 -19.38 -43.53 30.92
N ARG D 158 -19.49 -44.84 31.11
CA ARG D 158 -18.69 -45.79 30.34
C ARG D 158 -19.28 -45.96 28.94
N ILE D 159 -18.39 -46.24 27.99
CA ILE D 159 -18.77 -46.46 26.59
C ILE D 159 -18.31 -47.84 26.19
N PHE D 160 -19.26 -48.71 25.81
CA PHE D 160 -18.98 -50.07 25.39
C PHE D 160 -19.30 -50.16 23.89
N LEU D 161 -18.27 -49.97 23.07
CA LEU D 161 -18.44 -50.04 21.62
C LEU D 161 -18.60 -51.49 21.18
N GLN D 162 -19.68 -51.78 20.46
CA GLN D 162 -20.00 -53.11 19.99
C GLN D 162 -19.85 -53.16 18.47
N ASP D 163 -20.40 -54.20 17.85
CA ASP D 163 -20.32 -54.35 16.41
C ASP D 163 -21.26 -53.38 15.70
N ILE D 164 -20.87 -52.96 14.51
CA ILE D 164 -21.68 -52.06 13.70
C ILE D 164 -22.42 -52.88 12.64
N LYS D 165 -23.74 -52.75 12.63
CA LYS D 165 -24.55 -53.51 11.69
C LYS D 165 -24.39 -52.97 10.27
N LYS D 166 -24.58 -53.84 9.29
CA LYS D 166 -24.48 -53.48 7.89
C LYS D 166 -25.86 -53.16 7.32
N PRO D 167 -25.92 -52.34 6.27
CA PRO D 167 -27.21 -52.04 5.64
C PRO D 167 -27.84 -53.30 5.06
N ASP D 168 -29.14 -53.47 5.31
CA ASP D 168 -29.85 -54.65 4.82
C ASP D 168 -30.04 -54.63 3.31
N ARG D 169 -29.94 -53.46 2.68
CA ARG D 169 -30.09 -53.31 1.24
C ARG D 169 -28.75 -52.87 0.65
N ASP D 170 -27.97 -53.83 0.16
CA ASP D 170 -26.70 -53.49 -0.45
C ASP D 170 -26.87 -52.72 -1.75
N ASP D 171 -27.88 -53.08 -2.54
CA ASP D 171 -28.20 -52.36 -3.76
C ASP D 171 -29.35 -51.39 -3.47
N TRP D 172 -29.03 -50.10 -3.44
CA TRP D 172 -29.99 -49.05 -3.09
C TRP D 172 -30.89 -48.68 -4.27
N CYS D 173 -31.22 -49.63 -5.14
CA CYS D 173 -32.09 -49.41 -6.29
C CYS D 173 -31.58 -48.27 -7.16
N SER D 174 -32.08 -47.06 -6.91
CA SER D 174 -31.67 -45.88 -7.67
C SER D 174 -31.44 -44.70 -6.74
N GLY D 175 -32.19 -43.62 -6.94
CA GLY D 175 -32.04 -42.44 -6.12
C GLY D 175 -33.23 -42.20 -5.20
N LEU D 176 -34.44 -42.44 -5.71
CA LEU D 176 -35.64 -42.22 -4.91
C LEU D 176 -35.70 -43.18 -3.73
N ASN D 177 -35.36 -44.45 -3.96
CA ASN D 177 -35.35 -45.42 -2.86
C ASN D 177 -34.29 -45.08 -1.84
N ALA D 178 -33.12 -44.60 -2.30
CA ALA D 178 -32.07 -44.19 -1.37
C ALA D 178 -32.52 -42.99 -0.53
N MET D 179 -33.20 -42.03 -1.16
CA MET D 179 -33.70 -40.88 -0.41
C MET D 179 -34.76 -41.29 0.59
N GLU D 180 -35.65 -42.22 0.22
CA GLU D 180 -36.66 -42.70 1.15
C GLU D 180 -36.02 -43.45 2.32
N SER D 181 -34.99 -44.25 2.05
CA SER D 181 -34.30 -44.96 3.12
C SER D 181 -33.59 -43.97 4.05
N ALA D 182 -32.98 -42.94 3.48
CA ALA D 182 -32.34 -41.92 4.32
C ALA D 182 -33.36 -41.17 5.16
N LEU D 183 -34.53 -40.87 4.60
CA LEU D 183 -35.58 -40.21 5.37
C LEU D 183 -36.08 -41.10 6.50
N HIS D 184 -36.26 -42.39 6.23
CA HIS D 184 -36.69 -43.31 7.28
C HIS D 184 -35.63 -43.43 8.37
N LEU D 185 -34.35 -43.44 7.98
CA LEU D 185 -33.27 -43.49 8.96
C LEU D 185 -33.25 -42.24 9.82
N GLU D 186 -33.44 -41.07 9.21
CA GLU D 186 -33.49 -39.83 9.98
C GLU D 186 -34.69 -39.79 10.92
N LYS D 187 -35.83 -40.32 10.47
CA LYS D 187 -36.99 -40.40 11.34
C LYS D 187 -36.73 -41.33 12.52
N SER D 188 -36.05 -42.45 12.28
CA SER D 188 -35.71 -43.37 13.37
C SER D 188 -34.74 -42.71 14.35
N VAL D 189 -33.78 -41.95 13.84
CA VAL D 189 -32.84 -41.24 14.71
C VAL D 189 -33.58 -40.20 15.54
N ASN D 190 -34.54 -39.49 14.93
CA ASN D 190 -35.31 -38.50 15.67
C ASN D 190 -36.16 -39.17 16.75
N GLN D 191 -36.75 -40.33 16.44
CA GLN D 191 -37.52 -41.06 17.44
C GLN D 191 -36.63 -41.52 18.59
N SER D 192 -35.42 -41.99 18.28
CA SER D 192 -34.49 -42.39 19.32
C SER D 192 -34.09 -41.21 20.19
N LEU D 193 -33.88 -40.04 19.57
CA LEU D 193 -33.55 -38.85 20.34
C LEU D 193 -34.71 -38.42 21.24
N LEU D 194 -35.94 -38.54 20.74
CA LEU D 194 -37.10 -38.22 21.57
C LEU D 194 -37.22 -39.18 22.75
N GLU D 195 -36.97 -40.47 22.50
CA GLU D 195 -37.00 -41.44 23.59
C GLU D 195 -35.90 -41.16 24.61
N LEU D 196 -34.71 -40.77 24.14
CA LEU D 196 -33.63 -40.41 25.06
C LEU D 196 -33.99 -39.19 25.88
N HIS D 197 -34.61 -38.18 25.26
CA HIS D 197 -35.03 -37.00 26.00
C HIS D 197 -36.08 -37.35 27.05
N LYS D 198 -37.04 -38.21 26.69
CA LYS D 198 -38.06 -38.62 27.64
C LYS D 198 -37.45 -39.39 28.80
N LEU D 199 -36.51 -40.29 28.51
CA LEU D 199 -35.86 -41.05 29.57
C LEU D 199 -35.04 -40.15 30.49
N ALA D 200 -34.35 -39.16 29.92
CA ALA D 200 -33.58 -38.24 30.73
C ALA D 200 -34.48 -37.34 31.58
N THR D 201 -35.65 -36.98 31.06
CA THR D 201 -36.58 -36.19 31.84
C THR D 201 -37.21 -37.01 32.97
N ASP D 202 -37.51 -38.28 32.71
CA ASP D 202 -38.11 -39.12 33.74
C ASP D 202 -37.09 -39.55 34.79
N LYS D 203 -35.81 -39.61 34.43
CA LYS D 203 -34.76 -40.02 35.34
C LYS D 203 -33.95 -38.85 35.89
N ASN D 204 -34.52 -37.64 35.87
CA ASN D 204 -33.89 -36.44 36.41
C ASN D 204 -32.54 -36.18 35.75
N ASP D 205 -32.56 -35.73 34.49
CA ASP D 205 -31.34 -35.41 33.76
C ASP D 205 -31.64 -34.26 32.82
N PRO D 206 -31.66 -33.03 33.32
CA PRO D 206 -32.01 -31.89 32.45
C PRO D 206 -30.88 -31.48 31.52
N HIS D 207 -29.63 -31.60 31.96
CA HIS D 207 -28.51 -31.14 31.14
C HIS D 207 -28.39 -31.95 29.85
N LEU D 208 -28.40 -33.28 29.97
CA LEU D 208 -28.22 -34.13 28.79
C LEU D 208 -29.37 -33.96 27.81
N CYS D 209 -30.60 -33.99 28.31
CA CYS D 209 -31.76 -33.85 27.42
C CYS D 209 -31.81 -32.47 26.78
N ASP D 210 -31.43 -31.43 27.53
CA ASP D 210 -31.39 -30.09 26.96
C ASP D 210 -30.33 -29.99 25.87
N PHE D 211 -29.14 -30.55 26.11
CA PHE D 211 -28.10 -30.52 25.10
C PHE D 211 -28.52 -31.29 23.85
N ILE D 212 -29.21 -32.41 24.04
CA ILE D 212 -29.67 -33.21 22.90
C ILE D 212 -30.71 -32.43 22.10
N GLU D 213 -31.68 -31.82 22.79
CA GLU D 213 -32.74 -31.10 22.08
C GLU D 213 -32.26 -29.77 21.52
N THR D 214 -31.11 -29.27 21.96
CA THR D 214 -30.61 -28.00 21.45
C THR D 214 -29.62 -28.18 20.31
N TYR D 215 -28.59 -29.00 20.51
CA TYR D 215 -27.49 -29.11 19.56
C TYR D 215 -27.57 -30.37 18.70
N TYR D 216 -28.75 -30.97 18.57
CA TYR D 216 -28.88 -32.18 17.74
C TYR D 216 -30.22 -32.23 17.02
N LEU D 217 -31.31 -31.89 17.71
CA LEU D 217 -32.63 -31.99 17.11
C LEU D 217 -32.81 -30.99 15.96
N SER D 218 -32.16 -29.83 16.03
CA SER D 218 -32.28 -28.84 14.96
C SER D 218 -31.68 -29.38 13.66
N GLU D 219 -30.48 -29.96 13.75
CA GLU D 219 -29.84 -30.54 12.57
C GLU D 219 -30.66 -31.70 12.02
N GLN D 220 -31.25 -32.51 12.91
CA GLN D 220 -32.08 -33.61 12.46
C GLN D 220 -33.33 -33.11 11.72
N VAL D 221 -33.97 -32.06 12.24
CA VAL D 221 -35.14 -31.50 11.57
C VAL D 221 -34.75 -30.91 10.22
N LYS D 222 -33.60 -30.23 10.16
CA LYS D 222 -33.15 -29.66 8.89
C LYS D 222 -32.86 -30.78 7.87
N SER D 223 -32.23 -31.86 8.31
CA SER D 223 -31.94 -32.97 7.40
C SER D 223 -33.23 -33.64 6.93
N ILE D 224 -34.20 -33.81 7.83
CA ILE D 224 -35.48 -34.40 7.44
C ILE D 224 -36.19 -33.51 6.42
N LYS D 225 -36.17 -32.20 6.64
CA LYS D 225 -36.81 -31.29 5.70
C LYS D 225 -36.12 -31.32 4.34
N GLU D 226 -34.78 -31.36 4.33
CA GLU D 226 -34.04 -31.42 3.08
C GLU D 226 -34.32 -32.72 2.33
N LEU D 227 -34.37 -33.85 3.05
CA LEU D 227 -34.67 -35.12 2.40
C LEU D 227 -36.10 -35.14 1.88
N GLY D 228 -37.04 -34.54 2.61
CA GLY D 228 -38.40 -34.46 2.11
C GLY D 228 -38.50 -33.61 0.85
N ASP D 229 -37.78 -32.49 0.82
CA ASP D 229 -37.75 -31.66 -0.38
C ASP D 229 -37.14 -32.42 -1.56
N HIS D 230 -36.07 -33.19 -1.30
CA HIS D 230 -35.45 -33.97 -2.36
C HIS D 230 -36.39 -35.04 -2.88
N VAL D 231 -37.13 -35.71 -1.98
CA VAL D 231 -38.08 -36.73 -2.41
C VAL D 231 -39.21 -36.10 -3.21
N THR D 232 -39.69 -34.93 -2.78
CA THR D 232 -40.74 -34.24 -3.54
C THR D 232 -40.26 -33.85 -4.93
N ASN D 233 -39.02 -33.36 -5.02
CA ASN D 233 -38.46 -33.00 -6.33
C ASN D 233 -38.32 -34.23 -7.22
N LEU D 234 -37.83 -35.34 -6.66
CA LEU D 234 -37.68 -36.55 -7.46
C LEU D 234 -39.03 -37.12 -7.91
N ARG D 235 -40.07 -36.94 -7.10
CA ARG D 235 -41.39 -37.43 -7.47
C ARG D 235 -42.07 -36.52 -8.49
N LYS D 236 -41.84 -35.20 -8.41
CA LYS D 236 -42.46 -34.29 -9.36
C LYS D 236 -41.75 -34.30 -10.70
N MET D 237 -40.42 -34.31 -10.71
CA MET D 237 -39.68 -34.29 -11.95
C MET D 237 -39.82 -35.61 -12.70
N GLY D 238 -39.59 -36.73 -12.02
CA GLY D 238 -39.72 -38.03 -12.65
C GLY D 238 -38.51 -38.92 -12.43
N ALA D 239 -38.37 -39.43 -11.20
CA ALA D 239 -37.26 -40.31 -10.85
C ALA D 239 -37.79 -41.43 -9.97
N PRO D 240 -37.34 -42.68 -10.19
CA PRO D 240 -36.39 -43.05 -11.25
C PRO D 240 -37.07 -43.40 -12.57
N CYS D 241 -38.21 -42.76 -12.85
CA CYS D 241 -38.94 -43.04 -14.08
C CYS D 241 -38.22 -42.51 -15.31
N ALA D 242 -37.25 -41.61 -15.13
CA ALA D 242 -36.49 -41.06 -16.24
C ALA D 242 -35.14 -40.58 -15.73
N GLY D 243 -34.07 -40.93 -16.45
CA GLY D 243 -32.74 -40.51 -16.06
C GLY D 243 -32.46 -39.04 -16.22
N MET D 244 -33.33 -38.30 -16.90
CA MET D 244 -33.14 -36.87 -17.07
C MET D 244 -33.33 -36.12 -15.76
N ALA D 245 -34.32 -36.53 -14.97
CA ALA D 245 -34.60 -35.86 -13.70
C ALA D 245 -33.44 -36.01 -12.73
N GLU D 246 -32.86 -37.22 -12.65
CA GLU D 246 -31.73 -37.43 -11.76
C GLU D 246 -30.54 -36.59 -12.18
N TYR D 247 -30.26 -36.53 -13.48
CA TYR D 247 -29.14 -35.73 -13.96
C TYR D 247 -29.36 -34.24 -13.67
N LEU D 248 -30.58 -33.76 -13.87
CA LEU D 248 -30.84 -32.34 -13.63
C LEU D 248 -30.78 -32.01 -12.14
N PHE D 249 -31.27 -32.91 -11.28
CA PHE D 249 -31.17 -32.68 -9.85
C PHE D 249 -29.73 -32.78 -9.37
N ASP D 250 -28.90 -33.55 -10.07
CA ASP D 250 -27.49 -33.63 -9.72
C ASP D 250 -26.75 -32.36 -10.14
N LYS D 251 -27.07 -31.84 -11.33
CA LYS D 251 -26.35 -30.69 -11.87
C LYS D 251 -26.92 -29.35 -11.41
N HIS D 252 -28.08 -29.33 -10.76
CA HIS D 252 -28.69 -28.10 -10.30
C HIS D 252 -28.70 -27.99 -8.77
N THR D 253 -29.39 -28.89 -8.08
CA THR D 253 -29.51 -28.82 -6.64
C THR D 253 -28.18 -29.08 -5.95
N LEU D 254 -27.69 -30.31 -6.04
CA LEU D 254 -26.43 -30.68 -5.40
C LEU D 254 -25.21 -30.27 -6.21
N GLY D 255 -25.40 -29.63 -7.37
CA GLY D 255 -24.29 -29.19 -8.19
C GLY D 255 -23.66 -27.89 -7.71
N THR E 13 12.78 54.21 61.99
CA THR E 13 13.02 54.91 60.72
C THR E 13 14.38 54.54 60.15
N GLN E 14 15.05 53.58 60.79
CA GLN E 14 16.36 53.15 60.31
C GLN E 14 16.25 52.23 59.11
N ASP E 15 15.32 51.27 59.16
CA ASP E 15 15.15 50.34 58.04
C ASP E 15 14.65 51.07 56.79
N LEU E 16 13.77 52.06 56.96
CA LEU E 16 13.27 52.82 55.83
C LEU E 16 14.40 53.60 55.16
N ARG E 17 15.25 54.26 55.96
CA ARG E 17 16.37 55.00 55.40
C ARG E 17 17.37 54.06 54.74
N SER E 18 17.59 52.87 55.33
CA SER E 18 18.49 51.90 54.73
C SER E 18 17.96 51.42 53.38
N HIS E 19 16.66 51.15 53.29
CA HIS E 19 16.09 50.73 52.02
C HIS E 19 16.16 51.86 50.99
N LEU E 20 15.91 53.09 51.41
CA LEU E 20 15.96 54.22 50.48
C LEU E 20 17.37 54.45 49.98
N VAL E 21 18.38 54.24 50.82
CA VAL E 21 19.76 54.46 50.39
C VAL E 21 20.31 53.25 49.64
N HIS E 22 19.72 52.07 49.80
CA HIS E 22 20.14 50.90 49.04
C HIS E 22 19.42 50.76 47.70
N LYS E 23 18.26 51.40 47.54
CA LYS E 23 17.55 51.31 46.26
C LYS E 23 18.05 52.35 45.25
N LEU E 24 18.61 53.46 45.72
CA LEU E 24 19.05 54.50 44.80
C LEU E 24 20.30 54.09 44.02
N VAL E 25 21.19 53.30 44.65
CA VAL E 25 22.38 52.85 43.95
C VAL E 25 22.03 51.91 42.80
N GLN E 26 20.86 51.28 42.85
CA GLN E 26 20.41 50.45 41.75
C GLN E 26 19.52 51.20 40.77
N ALA E 27 18.76 52.18 41.25
CA ALA E 27 17.91 52.96 40.37
C ALA E 27 18.73 53.92 39.50
N ILE E 28 19.81 54.46 40.04
CA ILE E 28 20.65 55.37 39.26
C ILE E 28 21.45 54.60 38.22
N PHE E 29 22.32 53.69 38.67
CA PHE E 29 23.14 52.89 37.79
C PHE E 29 22.70 51.43 37.82
N PRO E 30 22.67 50.75 36.67
CA PRO E 30 22.27 49.33 36.66
C PRO E 30 23.27 48.42 37.35
N CYS E 31 24.12 47.76 36.56
CA CYS E 31 25.08 46.82 37.10
C CYS E 31 26.47 47.09 36.52
N PRO E 32 27.51 47.09 37.34
CA PRO E 32 28.87 47.30 36.84
C PRO E 32 29.44 46.05 36.19
N ASP E 33 30.75 46.05 35.94
CA ASP E 33 31.42 44.92 35.33
C ASP E 33 32.85 44.83 35.84
N PRO E 34 33.20 43.82 36.63
CA PRO E 34 34.55 43.74 37.19
C PRO E 34 35.60 43.35 36.17
N CYS E 35 35.36 42.28 35.42
CA CYS E 35 36.33 41.76 34.45
C CYS E 35 36.52 42.68 33.25
N ALA E 36 35.46 43.32 32.78
CA ALA E 36 35.59 44.20 31.62
C ALA E 36 36.27 45.51 31.99
N LEU E 37 35.79 46.19 33.02
CA LEU E 37 36.35 47.46 33.47
C LEU E 37 37.20 47.21 34.72
N LYS E 38 37.00 48.07 35.72
CA LYS E 38 37.73 47.96 36.98
C LYS E 38 36.77 47.78 38.15
N ASP E 39 36.87 48.65 39.15
CA ASP E 39 36.00 48.57 40.32
C ASP E 39 35.88 49.93 40.99
N ARG E 40 36.82 50.84 40.68
CA ARG E 40 36.79 52.16 41.30
C ARG E 40 35.66 53.03 40.78
N ARG E 41 35.11 52.71 39.61
CA ARG E 41 34.04 53.53 39.05
C ARG E 41 32.75 53.38 39.86
N MET E 42 32.39 52.15 40.23
CA MET E 42 31.21 51.95 41.06
C MET E 42 31.41 52.57 42.44
N GLU E 43 32.64 52.52 42.96
CA GLU E 43 32.92 53.14 44.25
C GLU E 43 32.76 54.66 44.17
N ASN E 44 33.27 55.27 43.10
CA ASN E 44 33.10 56.71 42.93
C ASN E 44 31.63 57.07 42.75
N LEU E 45 30.89 56.23 42.05
CA LEU E 45 29.46 56.50 41.83
C LEU E 45 28.68 56.44 43.14
N VAL E 46 28.93 55.41 43.94
CA VAL E 46 28.21 55.30 45.21
C VAL E 46 28.66 56.39 46.18
N ALA E 47 29.93 56.82 46.09
CA ALA E 47 30.39 57.92 46.93
C ALA E 47 29.68 59.22 46.53
N TYR E 48 29.56 59.48 45.23
CA TYR E 48 28.85 60.67 44.78
C TYR E 48 27.37 60.61 45.18
N ALA E 49 26.78 59.41 45.13
CA ALA E 49 25.39 59.25 45.55
C ALA E 49 25.23 59.56 47.03
N LYS E 50 26.13 59.03 47.86
CA LYS E 50 26.09 59.34 49.29
C LYS E 50 26.27 60.83 49.54
N LYS E 51 27.19 61.46 48.80
CA LYS E 51 27.42 62.89 48.97
C LYS E 51 26.18 63.70 48.62
N VAL E 52 25.54 63.38 47.49
CA VAL E 52 24.39 64.17 47.06
C VAL E 52 23.19 63.92 47.97
N GLU E 53 23.03 62.68 48.46
CA GLU E 53 21.92 62.43 49.37
C GLU E 53 22.15 63.10 50.72
N GLY E 54 23.40 63.16 51.17
CA GLY E 54 23.69 63.90 52.39
C GLY E 54 23.47 65.40 52.22
N ASP E 55 23.83 65.94 51.06
CA ASP E 55 23.59 67.36 50.79
C ASP E 55 22.10 67.66 50.72
N MET E 56 21.31 66.74 50.16
CA MET E 56 19.87 66.95 50.13
C MET E 56 19.23 66.79 51.50
N TYR E 57 19.79 65.92 52.35
CA TYR E 57 19.26 65.75 53.69
C TYR E 57 19.59 66.95 54.58
N GLU E 58 20.80 67.50 54.44
CA GLU E 58 21.18 68.66 55.23
C GLU E 58 20.40 69.91 54.84
N SER E 59 19.89 69.97 53.60
CA SER E 59 19.12 71.11 53.12
C SER E 59 17.67 70.73 52.86
N ALA E 60 16.99 70.20 53.88
CA ALA E 60 15.60 69.79 53.76
C ALA E 60 14.76 70.39 54.88
N ASN E 61 13.44 70.28 54.74
CA ASN E 61 12.52 70.81 55.74
C ASN E 61 11.85 69.68 56.50
N SER E 62 10.97 68.93 55.84
CA SER E 62 10.25 67.84 56.50
C SER E 62 10.69 66.49 55.96
N ARG E 63 9.74 65.61 55.69
CA ARG E 63 10.03 64.26 55.22
C ARG E 63 9.54 63.99 53.81
N ASP E 64 8.33 64.45 53.47
CA ASP E 64 7.79 64.17 52.14
C ASP E 64 8.49 64.99 51.06
N GLU E 65 8.81 66.25 51.34
CA GLU E 65 9.47 67.08 50.35
C GLU E 65 10.88 66.57 50.05
N TYR E 66 11.58 66.04 51.05
CA TYR E 66 12.89 65.46 50.81
C TYR E 66 12.81 64.24 49.90
N TYR E 67 11.82 63.38 50.14
CA TYR E 67 11.65 62.20 49.28
C TYR E 67 11.27 62.62 47.86
N HIS E 68 10.42 63.65 47.73
CA HIS E 68 10.05 64.13 46.40
C HIS E 68 11.26 64.69 45.67
N LEU E 69 12.10 65.46 46.37
CA LEU E 69 13.30 66.02 45.74
C LEU E 69 14.29 64.92 45.37
N LEU E 70 14.40 63.88 46.21
CA LEU E 70 15.28 62.76 45.87
C LEU E 70 14.77 62.02 44.63
N ALA E 71 13.46 61.81 44.55
CA ALA E 71 12.90 61.15 43.37
C ALA E 71 13.10 61.99 42.12
N GLU E 72 12.94 63.32 42.24
CA GLU E 72 13.18 64.20 41.09
C GLU E 72 14.64 64.16 40.67
N LYS E 73 15.56 64.11 41.64
CA LYS E 73 16.98 64.02 41.31
C LYS E 73 17.30 62.70 40.62
N ILE E 74 16.71 61.61 41.09
CA ILE E 74 16.92 60.31 40.45
C ILE E 74 16.39 60.34 39.02
N TYR E 75 15.22 60.94 38.80
CA TYR E 75 14.68 61.06 37.46
C TYR E 75 15.59 61.89 36.57
N LYS E 76 16.08 63.02 37.08
CA LYS E 76 16.94 63.87 36.28
C LYS E 76 18.25 63.19 35.94
N ILE E 77 18.78 62.37 36.86
CA ILE E 77 20.00 61.61 36.56
C ILE E 77 19.72 60.55 35.51
N GLN E 78 18.56 59.89 35.60
CA GLN E 78 18.19 58.89 34.61
C GLN E 78 17.82 59.50 33.27
N LYS E 79 17.61 60.82 33.20
CA LYS E 79 17.28 61.46 31.93
C LYS E 79 18.42 61.33 30.93
N GLU E 80 19.67 61.32 31.40
CA GLU E 80 20.80 61.21 30.49
C GLU E 80 21.10 59.76 30.14
N LEU E 81 21.31 58.91 31.15
CA LEU E 81 21.64 57.51 30.94
C LEU E 81 20.37 56.74 30.54
N GLU E 82 20.03 56.86 29.26
CA GLU E 82 18.87 56.19 28.69
C GLU E 82 19.25 55.16 27.63
N GLU E 83 20.22 55.48 26.76
CA GLU E 83 20.65 54.60 25.68
C GLU E 83 19.47 54.17 24.82
N LYS E 84 19.00 55.06 23.96
CA LYS E 84 17.86 54.76 23.11
C LYS E 84 18.22 53.67 22.09
N SER E 85 17.21 52.89 21.73
CA SER E 85 17.41 51.80 20.78
C SER E 85 17.54 52.35 19.36
N GLN E 86 18.37 51.66 18.56
CA GLN E 86 18.57 52.07 17.18
C GLN E 86 17.37 51.73 16.29
N VAL E 87 16.49 50.84 16.75
CA VAL E 87 15.30 50.48 15.98
C VAL E 87 14.12 51.39 16.27
N ARG E 88 14.25 52.31 17.21
CA ARG E 88 13.17 53.22 17.56
C ARG E 88 13.01 54.27 16.46
N GLN E 89 11.82 54.33 15.86
CA GLN E 89 11.54 55.29 14.80
C GLN E 89 10.10 55.75 14.93
N ASN E 90 9.91 57.05 15.19
CA ASN E 90 8.59 57.65 15.35
C ASN E 90 7.81 56.96 16.46
N TYR E 91 8.10 57.31 17.71
CA TYR E 91 7.42 56.72 18.86
C TYR E 91 7.49 57.69 20.02
N HIS E 92 6.34 58.03 20.60
CA HIS E 92 6.27 59.00 21.67
C HIS E 92 6.13 58.29 23.02
N GLN E 93 6.44 59.03 24.09
CA GLN E 93 6.35 58.47 25.43
C GLN E 93 4.89 58.22 25.84
N ASP E 94 3.95 58.99 25.29
CA ASP E 94 2.54 58.75 25.57
C ASP E 94 2.11 57.40 25.03
N ALA E 95 2.60 57.03 23.84
CA ALA E 95 2.30 55.70 23.30
C ALA E 95 2.89 54.61 24.18
N GLU E 96 4.09 54.84 24.73
CA GLU E 96 4.69 53.86 25.63
C GLU E 96 3.87 53.70 26.90
N ALA E 97 3.40 54.82 27.47
CA ALA E 97 2.56 54.74 28.67
C ALA E 97 1.25 54.03 28.36
N ALA E 98 0.67 54.29 27.19
CA ALA E 98 -0.57 53.60 26.81
C ALA E 98 -0.35 52.11 26.64
N ILE E 99 0.78 51.72 26.03
CA ILE E 99 1.08 50.30 25.89
C ILE E 99 1.30 49.65 27.24
N ASN E 100 1.95 50.37 28.16
CA ASN E 100 2.15 49.82 29.51
C ASN E 100 0.82 49.63 30.23
N ARG E 101 -0.08 50.61 30.11
CA ARG E 101 -1.40 50.47 30.73
C ARG E 101 -2.19 49.33 30.10
N GLN E 102 -2.07 49.15 28.78
CA GLN E 102 -2.75 48.04 28.12
C GLN E 102 -2.19 46.70 28.57
N ILE E 103 -0.87 46.62 28.76
CA ILE E 103 -0.26 45.40 29.26
C ILE E 103 -0.73 45.10 30.68
N ASN E 104 -0.81 46.13 31.53
CA ASN E 104 -1.31 45.94 32.88
C ASN E 104 -2.76 45.46 32.87
N LEU E 105 -3.58 46.03 32.00
CA LEU E 105 -4.98 45.60 31.90
C LEU E 105 -5.09 44.17 31.39
N GLU E 106 -4.23 43.79 30.44
CA GLU E 106 -4.22 42.41 29.95
C GLU E 106 -3.81 41.44 31.04
N LEU E 107 -2.81 41.81 31.85
CA LEU E 107 -2.42 40.95 32.96
C LEU E 107 -3.53 40.83 34.00
N TYR E 108 -4.22 41.93 34.27
CA TYR E 108 -5.35 41.88 35.20
C TYR E 108 -6.47 41.00 34.66
N ALA E 109 -6.75 41.09 33.36
CA ALA E 109 -7.77 40.24 32.76
C ALA E 109 -7.38 38.77 32.81
N SER E 110 -6.10 38.47 32.56
CA SER E 110 -5.64 37.09 32.65
C SER E 110 -5.77 36.57 34.08
N TYR E 111 -5.45 37.41 35.06
CA TYR E 111 -5.59 37.00 36.46
C TYR E 111 -7.05 36.75 36.81
N VAL E 112 -7.95 37.61 36.34
CA VAL E 112 -9.38 37.43 36.61
C VAL E 112 -9.88 36.15 35.95
N TYR E 113 -9.44 35.87 34.72
CA TYR E 113 -9.87 34.65 34.05
C TYR E 113 -9.31 33.41 34.73
N LEU E 114 -8.08 33.48 35.24
CA LEU E 114 -7.52 32.36 35.99
C LEU E 114 -8.30 32.14 37.28
N SER E 115 -8.68 33.21 37.97
CA SER E 115 -9.49 33.07 39.17
C SER E 115 -10.84 32.46 38.86
N MET E 116 -11.45 32.86 37.74
CA MET E 116 -12.73 32.28 37.35
C MET E 116 -12.58 30.80 37.02
N SER E 117 -11.49 30.43 36.33
CA SER E 117 -11.27 29.03 36.01
C SER E 117 -11.04 28.20 37.27
N CYS E 118 -10.34 28.77 38.27
CA CYS E 118 -10.09 28.07 39.51
C CYS E 118 -11.26 28.13 40.49
N TYR E 119 -12.29 28.93 40.19
CA TYR E 119 -13.46 29.00 41.05
C TYR E 119 -14.56 28.03 40.63
N PHE E 120 -14.61 27.66 39.35
CA PHE E 120 -15.67 26.79 38.86
C PHE E 120 -15.30 25.31 38.90
N ASP E 121 -14.01 24.97 38.94
CA ASP E 121 -13.57 23.59 38.98
C ASP E 121 -13.56 23.01 40.39
N ARG E 122 -14.22 23.65 41.34
CA ARG E 122 -14.25 23.17 42.71
C ARG E 122 -15.33 22.09 42.85
N ASP E 123 -15.63 21.70 44.09
CA ASP E 123 -16.65 20.68 44.33
C ASP E 123 -18.03 21.28 44.53
N ASP E 124 -18.12 22.52 45.02
CA ASP E 124 -19.40 23.18 45.23
C ASP E 124 -19.97 23.79 43.94
N VAL E 125 -19.25 23.71 42.83
CA VAL E 125 -19.70 24.23 41.55
C VAL E 125 -19.94 23.10 40.55
N ALA E 126 -18.95 22.23 40.37
CA ALA E 126 -19.03 21.06 39.50
C ALA E 126 -19.37 21.46 38.06
N LEU E 127 -18.53 22.35 37.52
CA LEU E 127 -18.65 22.83 36.14
C LEU E 127 -17.26 22.75 35.50
N LYS E 128 -16.97 21.60 34.89
CA LYS E 128 -15.66 21.41 34.27
C LYS E 128 -15.54 22.14 32.93
N ASN E 129 -16.64 22.21 32.18
CA ASN E 129 -16.59 22.88 30.88
C ASN E 129 -16.41 24.38 31.05
N PHE E 130 -17.07 24.98 32.04
CA PHE E 130 -16.85 26.39 32.33
C PHE E 130 -15.40 26.66 32.72
N ALA E 131 -14.82 25.77 33.54
CA ALA E 131 -13.43 25.94 33.93
C ALA E 131 -12.50 25.82 32.73
N LYS E 132 -12.78 24.87 31.83
CA LYS E 132 -11.96 24.73 30.63
C LYS E 132 -12.08 25.94 29.73
N TYR E 133 -13.28 26.48 29.56
CA TYR E 133 -13.46 27.68 28.75
C TYR E 133 -12.74 28.87 29.35
N PHE E 134 -12.82 29.04 30.68
CA PHE E 134 -12.13 30.14 31.33
C PHE E 134 -10.62 29.99 31.23
N LEU E 135 -10.13 28.75 31.32
CA LEU E 135 -8.69 28.52 31.17
C LEU E 135 -8.24 28.81 29.75
N HIS E 136 -9.05 28.45 28.75
CA HIS E 136 -8.72 28.78 27.37
C HIS E 136 -8.71 30.28 27.14
N GLN E 137 -9.67 30.99 27.72
CA GLN E 137 -9.70 32.44 27.60
C GLN E 137 -8.48 33.07 28.29
N SER E 138 -8.09 32.54 29.44
CA SER E 138 -6.90 33.05 30.12
C SER E 138 -5.65 32.80 29.30
N HIS E 139 -5.55 31.63 28.66
CA HIS E 139 -4.41 31.35 27.80
C HIS E 139 -4.39 32.28 26.59
N GLU E 140 -5.56 32.57 26.02
CA GLU E 140 -5.62 33.50 24.90
C GLU E 140 -5.18 34.89 25.31
N GLU E 141 -5.64 35.36 26.47
CA GLU E 141 -5.24 36.68 26.95
C GLU E 141 -3.74 36.72 27.25
N ARG E 142 -3.21 35.62 27.80
CA ARG E 142 -1.76 35.56 28.07
CA ARG E 142 -1.77 35.55 28.06
C ARG E 142 -0.97 35.62 26.77
N GLU E 143 -1.42 34.90 25.73
CA GLU E 143 -0.73 34.94 24.45
C GLU E 143 -0.82 36.33 23.82
N HIS E 144 -1.98 36.99 23.96
CA HIS E 144 -2.11 38.35 23.44
C HIS E 144 -1.19 39.32 24.17
N ALA E 145 -1.07 39.17 25.48
CA ALA E 145 -0.17 40.02 26.24
C ALA E 145 1.28 39.77 25.85
N GLU E 146 1.66 38.51 25.65
CA GLU E 146 3.02 38.21 25.21
C GLU E 146 3.29 38.78 23.82
N LYS E 147 2.29 38.72 22.94
CA LYS E 147 2.47 39.28 21.60
C LYS E 147 2.60 40.80 21.66
N LEU E 148 1.84 41.45 22.55
CA LEU E 148 1.98 42.89 22.72
C LEU E 148 3.36 43.25 23.27
N MET E 149 3.86 42.46 24.22
CA MET E 149 5.19 42.70 24.76
C MET E 149 6.26 42.52 23.69
N LYS E 150 6.11 41.49 22.85
CA LYS E 150 7.07 41.28 21.78
C LYS E 150 7.02 42.41 20.75
N LEU E 151 5.82 42.89 20.42
CA LEU E 151 5.70 44.00 19.49
C LEU E 151 6.31 45.28 20.05
N GLN E 152 6.15 45.51 21.36
CA GLN E 152 6.77 46.67 21.98
C GLN E 152 8.29 46.53 22.00
N ASN E 153 8.80 45.32 22.23
CA ASN E 153 10.24 45.11 22.22
C ASN E 153 10.83 45.27 20.82
N GLN E 154 10.06 44.91 19.78
CA GLN E 154 10.56 45.07 18.42
C GLN E 154 10.63 46.55 18.04
N ARG E 155 9.71 47.36 18.53
CA ARG E 155 9.72 48.79 18.22
C ARG E 155 10.78 49.54 19.01
N GLY E 156 11.24 48.99 20.12
CA GLY E 156 12.27 49.62 20.93
C GLY E 156 11.77 50.29 22.19
N GLY E 157 10.47 50.21 22.49
CA GLY E 157 9.95 50.83 23.68
C GLY E 157 10.23 50.00 24.92
N ARG E 158 10.45 50.71 26.03
CA ARG E 158 10.74 50.06 27.30
C ARG E 158 9.46 49.53 27.93
N ILE E 159 9.60 48.43 28.67
CA ILE E 159 8.48 47.79 29.35
C ILE E 159 8.80 47.76 30.84
N PHE E 160 7.96 48.42 31.65
CA PHE E 160 8.11 48.48 33.09
C PHE E 160 6.97 47.69 33.72
N LEU E 161 7.24 46.42 34.01
CA LEU E 161 6.22 45.55 34.61
C LEU E 161 6.04 45.91 36.08
N GLN E 162 4.80 46.19 36.47
CA GLN E 162 4.46 46.57 37.83
C GLN E 162 3.65 45.46 38.49
N ASP E 163 3.00 45.77 39.60
CA ASP E 163 2.21 44.79 40.32
C ASP E 163 0.90 44.51 39.59
N ILE E 164 0.41 43.28 39.72
CA ILE E 164 -0.85 42.87 39.10
C ILE E 164 -1.94 42.92 40.16
N LYS E 165 -3.00 43.67 39.87
CA LYS E 165 -4.10 43.81 40.82
C LYS E 165 -4.92 42.53 40.90
N LYS E 166 -5.54 42.33 42.06
CA LYS E 166 -6.37 41.15 42.29
C LYS E 166 -7.84 41.49 42.02
N PRO E 167 -8.65 40.48 41.69
CA PRO E 167 -10.08 40.73 41.49
C PRO E 167 -10.75 41.20 42.77
N ASP E 168 -11.57 42.24 42.65
CA ASP E 168 -12.26 42.79 43.81
C ASP E 168 -13.33 41.86 44.37
N ARG E 169 -13.80 40.91 43.56
CA ARG E 169 -14.83 39.96 43.97
C ARG E 169 -14.21 38.56 43.97
N ASP E 170 -13.76 38.11 45.15
CA ASP E 170 -13.19 36.78 45.25
C ASP E 170 -14.25 35.70 45.03
N ASP E 171 -15.46 35.91 45.53
CA ASP E 171 -16.57 34.99 45.32
C ASP E 171 -17.41 35.52 44.16
N TRP E 172 -17.34 34.85 43.01
CA TRP E 172 -18.03 35.27 41.80
C TRP E 172 -19.50 34.87 41.79
N CYS E 173 -20.14 34.84 42.96
CA CYS E 173 -21.55 34.50 43.08
C CYS E 173 -21.86 33.15 42.45
N SER E 174 -22.28 33.16 41.18
CA SER E 174 -22.59 31.93 40.47
C SER E 174 -22.02 31.97 39.06
N GLY E 175 -22.89 31.88 38.05
CA GLY E 175 -22.44 31.89 36.67
C GLY E 175 -22.84 33.16 35.93
N LEU E 176 -24.06 33.65 36.19
CA LEU E 176 -24.53 34.85 35.51
C LEU E 176 -23.71 36.07 35.92
N ASN E 177 -23.41 36.20 37.22
CA ASN E 177 -22.59 37.32 37.67
C ASN E 177 -21.18 37.23 37.10
N ALA E 178 -20.62 36.02 37.00
CA ALA E 178 -19.30 35.86 36.41
C ALA E 178 -19.31 36.24 34.94
N MET E 179 -20.36 35.86 34.21
CA MET E 179 -20.46 36.23 32.80
C MET E 179 -20.61 37.74 32.64
N GLU E 180 -21.39 38.38 33.51
CA GLU E 180 -21.53 39.83 33.45
C GLU E 180 -20.22 40.54 33.76
N SER E 181 -19.48 40.02 34.74
CA SER E 181 -18.17 40.61 35.05
C SER E 181 -17.20 40.44 33.89
N ALA E 182 -17.21 39.28 33.24
CA ALA E 182 -16.35 39.06 32.09
C ALA E 182 -16.73 39.97 30.94
N LEU E 183 -18.03 40.19 30.73
CA LEU E 183 -18.48 41.10 29.68
C LEU E 183 -18.05 42.53 29.97
N HIS E 184 -18.17 42.96 31.22
CA HIS E 184 -17.72 44.30 31.60
C HIS E 184 -16.21 44.45 31.43
N LEU E 185 -15.46 43.39 31.76
CA LEU E 185 -14.01 43.43 31.58
C LEU E 185 -13.65 43.51 30.10
N GLU E 186 -14.36 42.77 29.25
CA GLU E 186 -14.09 42.84 27.81
C GLU E 186 -14.46 44.21 27.26
N LYS E 187 -15.54 44.81 27.76
CA LYS E 187 -15.90 46.16 27.33
C LYS E 187 -14.83 47.17 27.75
N SER E 188 -14.29 47.02 28.96
CA SER E 188 -13.23 47.91 29.41
C SER E 188 -11.97 47.73 28.56
N VAL E 189 -11.65 46.49 28.20
CA VAL E 189 -10.49 46.24 27.34
C VAL E 189 -10.71 46.87 25.96
N ASN E 190 -11.92 46.76 25.43
CA ASN E 190 -12.22 47.36 24.13
C ASN E 190 -12.12 48.88 24.21
N GLN E 191 -12.59 49.49 25.30
CA GLN E 191 -12.48 50.93 25.47
C GLN E 191 -11.02 51.35 25.57
N SER E 192 -10.20 50.58 26.28
CA SER E 192 -8.77 50.88 26.36
C SER E 192 -8.11 50.77 25.00
N LEU E 193 -8.49 49.76 24.21
CA LEU E 193 -7.94 49.63 22.87
C LEU E 193 -8.36 50.79 21.97
N LEU E 194 -9.60 51.25 22.11
CA LEU E 194 -10.04 52.41 21.33
C LEU E 194 -9.27 53.66 21.73
N GLU E 195 -9.04 53.85 23.04
CA GLU E 195 -8.25 54.99 23.49
C GLU E 195 -6.82 54.90 22.98
N LEU E 196 -6.23 53.70 22.97
CA LEU E 196 -4.89 53.52 22.44
C LEU E 196 -4.84 53.85 20.95
N HIS E 197 -5.85 53.40 20.19
CA HIS E 197 -5.90 53.71 18.77
C HIS E 197 -6.02 55.21 18.54
N LYS E 198 -6.87 55.89 19.33
CA LYS E 198 -7.02 57.33 19.19
C LYS E 198 -5.72 58.05 19.52
N LEU E 199 -5.03 57.62 20.58
CA LEU E 199 -3.76 58.25 20.96
C LEU E 199 -2.70 58.02 19.89
N ALA E 200 -2.66 56.82 19.30
CA ALA E 200 -1.69 56.55 18.24
C ALA E 200 -2.01 57.34 16.97
N THR E 201 -3.29 57.57 16.69
CA THR E 201 -3.66 58.38 15.53
C THR E 201 -3.33 59.85 15.76
N ASP E 202 -3.53 60.34 16.98
CA ASP E 202 -3.25 61.75 17.26
C ASP E 202 -1.75 62.00 17.38
N LYS E 203 -0.97 61.00 17.75
CA LYS E 203 0.48 61.14 17.91
C LYS E 203 1.26 60.57 16.73
N ASN E 204 0.63 60.45 15.56
CA ASN E 204 1.28 59.96 14.35
C ASN E 204 1.89 58.57 14.56
N ASP E 205 1.03 57.55 14.64
CA ASP E 205 1.48 56.17 14.80
C ASP E 205 0.50 55.26 14.07
N PRO E 206 0.62 55.14 12.75
CA PRO E 206 -0.35 54.32 12.01
C PRO E 206 -0.10 52.82 12.15
N HIS E 207 1.15 52.41 12.27
CA HIS E 207 1.46 50.98 12.31
C HIS E 207 0.89 50.33 13.56
N LEU E 208 1.14 50.93 14.73
CA LEU E 208 0.69 50.34 15.99
C LEU E 208 -0.84 50.30 16.06
N CYS E 209 -1.49 51.42 15.73
CA CYS E 209 -2.95 51.46 15.80
C CYS E 209 -3.58 50.52 14.78
N ASP E 210 -2.98 50.40 13.59
CA ASP E 210 -3.49 49.46 12.60
C ASP E 210 -3.35 48.02 13.07
N PHE E 211 -2.20 47.68 13.65
CA PHE E 211 -2.01 46.33 14.17
C PHE E 211 -2.99 46.03 15.30
N ILE E 212 -3.26 47.02 16.16
CA ILE E 212 -4.19 46.82 17.26
C ILE E 212 -5.60 46.61 16.72
N GLU E 213 -6.02 47.45 15.77
CA GLU E 213 -7.38 47.33 15.25
C GLU E 213 -7.55 46.13 14.31
N THR E 214 -6.46 45.54 13.84
CA THR E 214 -6.57 44.39 12.95
C THR E 214 -6.47 43.06 13.70
N TYR E 215 -5.42 42.89 14.51
CA TYR E 215 -5.14 41.60 15.13
C TYR E 215 -5.53 41.54 16.60
N TYR E 216 -6.45 42.41 17.04
CA TYR E 216 -6.88 42.39 18.44
C TYR E 216 -8.36 42.74 18.59
N LEU E 217 -8.83 43.75 17.85
CA LEU E 217 -10.21 44.18 18.00
C LEU E 217 -11.19 43.12 17.52
N SER E 218 -10.82 42.33 16.53
CA SER E 218 -11.72 41.28 16.03
C SER E 218 -11.96 40.22 17.11
N GLU E 219 -10.88 39.77 17.77
CA GLU E 219 -11.04 38.80 18.84
C GLU E 219 -11.83 39.36 20.00
N GLN E 220 -11.63 40.65 20.31
CA GLN E 220 -12.40 41.29 21.38
C GLN E 220 -13.88 41.34 21.04
N VAL E 221 -14.22 41.69 19.79
CA VAL E 221 -15.62 41.73 19.39
C VAL E 221 -16.23 40.33 19.43
N LYS E 222 -15.47 39.32 18.99
CA LYS E 222 -15.99 37.96 19.03
C LYS E 222 -16.22 37.51 20.47
N SER E 223 -15.30 37.84 21.38
CA SER E 223 -15.48 37.47 22.78
C SER E 223 -16.66 38.19 23.40
N ILE E 224 -16.84 39.47 23.07
CA ILE E 224 -17.99 40.22 23.59
C ILE E 224 -19.29 39.62 23.09
N LYS E 225 -19.34 39.24 21.81
CA LYS E 225 -20.55 38.63 21.25
C LYS E 225 -20.83 37.29 21.91
N GLU E 226 -19.78 36.48 22.14
CA GLU E 226 -19.98 35.18 22.78
C GLU E 226 -20.46 35.34 24.21
N LEU E 227 -19.89 36.30 24.95
CA LEU E 227 -20.33 36.54 26.32
C LEU E 227 -21.76 37.06 26.36
N GLY E 228 -22.14 37.91 25.40
CA GLY E 228 -23.51 38.37 25.33
C GLY E 228 -24.48 37.24 25.04
N ASP E 229 -24.10 36.34 24.12
CA ASP E 229 -24.95 35.18 23.85
C ASP E 229 -25.07 34.29 25.08
N HIS E 230 -23.98 34.10 25.82
CA HIS E 230 -24.03 33.29 27.03
C HIS E 230 -24.93 33.93 28.09
N VAL E 231 -24.84 35.26 28.24
CA VAL E 231 -25.69 35.95 29.21
C VAL E 231 -27.16 35.84 28.79
N THR E 232 -27.44 35.99 27.50
CA THR E 232 -28.81 35.85 27.02
C THR E 232 -29.34 34.44 27.27
N ASN E 233 -28.51 33.42 27.04
CA ASN E 233 -28.93 32.05 27.29
C ASN E 233 -29.19 31.82 28.77
N LEU E 234 -28.32 32.33 29.63
CA LEU E 234 -28.50 32.16 31.08
C LEU E 234 -29.73 32.90 31.58
N ARG E 235 -30.08 34.02 30.96
CA ARG E 235 -31.27 34.76 31.37
C ARG E 235 -32.55 34.13 30.85
N LYS E 236 -32.51 33.54 29.65
CA LYS E 236 -33.72 32.92 29.10
C LYS E 236 -33.98 31.55 29.73
N MET E 237 -32.94 30.75 29.92
CA MET E 237 -33.13 29.42 30.50
C MET E 237 -33.51 29.50 31.97
N GLY E 238 -32.75 30.26 32.75
CA GLY E 238 -33.04 30.41 34.17
C GLY E 238 -31.84 30.18 35.06
N ALA E 239 -30.90 31.12 35.06
CA ALA E 239 -29.69 31.03 35.87
C ALA E 239 -29.40 32.39 36.48
N PRO E 240 -29.02 32.44 37.77
CA PRO E 240 -28.86 31.28 38.65
C PRO E 240 -30.16 30.92 39.39
N CYS E 241 -31.30 31.18 38.75
CA CYS E 241 -32.58 30.88 39.40
C CYS E 241 -32.85 29.39 39.48
N ALA E 242 -32.12 28.57 38.73
CA ALA E 242 -32.29 27.13 38.77
C ALA E 242 -30.99 26.47 38.31
N GLY E 243 -30.56 25.45 39.05
CA GLY E 243 -29.35 24.74 38.71
C GLY E 243 -29.44 23.88 37.46
N MET E 244 -30.65 23.67 36.94
CA MET E 244 -30.80 22.88 35.73
C MET E 244 -30.26 23.62 34.52
N ALA E 245 -30.49 24.93 34.45
CA ALA E 245 -30.03 25.71 33.30
C ALA E 245 -28.51 25.73 33.22
N GLU E 246 -27.84 25.89 34.36
CA GLU E 246 -26.38 25.89 34.37
C GLU E 246 -25.82 24.54 33.92
N TYR E 247 -26.42 23.45 34.41
CA TYR E 247 -25.95 22.13 34.02
C TYR E 247 -26.17 21.87 32.52
N LEU E 248 -27.32 22.30 31.99
CA LEU E 248 -27.58 22.08 30.58
C LEU E 248 -26.67 22.95 29.71
N PHE E 249 -26.40 24.18 30.12
CA PHE E 249 -25.48 25.02 29.37
C PHE E 249 -24.05 24.50 29.46
N ASP E 250 -23.72 23.82 30.56
CA ASP E 250 -22.39 23.20 30.68
C ASP E 250 -22.27 21.98 29.80
N LYS E 251 -23.31 21.16 29.74
CA LYS E 251 -23.26 19.90 29.00
C LYS E 251 -23.61 20.05 27.52
N HIS E 252 -24.12 21.21 27.10
CA HIS E 252 -24.49 21.41 25.71
C HIS E 252 -23.58 22.43 25.01
N THR E 253 -23.57 23.67 25.48
CA THR E 253 -22.78 24.72 24.83
C THR E 253 -21.29 24.47 24.97
N LEU E 254 -20.77 24.58 26.19
CA LEU E 254 -19.36 24.39 26.45
C LEU E 254 -18.96 22.92 26.56
N GLY E 255 -19.91 21.99 26.40
CA GLY E 255 -19.62 20.58 26.47
C GLY E 255 -19.03 20.03 25.20
N THR F 13 82.00 -1.16 -14.73
CA THR F 13 81.34 -0.71 -15.95
C THR F 13 80.71 -1.88 -16.70
N GLN F 14 80.76 -3.07 -16.09
CA GLN F 14 80.20 -4.26 -16.72
C GLN F 14 78.68 -4.28 -16.59
N ASP F 15 78.15 -3.97 -15.41
CA ASP F 15 76.70 -3.97 -15.21
C ASP F 15 76.02 -2.88 -16.04
N LEU F 16 76.67 -1.73 -16.18
CA LEU F 16 76.11 -0.65 -16.99
C LEU F 16 76.03 -1.06 -18.45
N ARG F 17 77.10 -1.66 -18.98
CA ARG F 17 77.08 -2.12 -20.37
C ARG F 17 76.06 -3.24 -20.56
N SER F 18 75.94 -4.13 -19.58
CA SER F 18 74.94 -5.20 -19.67
C SER F 18 73.53 -4.64 -19.71
N HIS F 19 73.24 -3.64 -18.86
CA HIS F 19 71.91 -3.02 -18.87
C HIS F 19 71.66 -2.29 -20.19
N LEU F 20 72.69 -1.60 -20.71
CA LEU F 20 72.52 -0.87 -21.97
C LEU F 20 72.29 -1.82 -23.14
N VAL F 21 72.93 -2.99 -23.11
CA VAL F 21 72.75 -3.94 -24.21
C VAL F 21 71.48 -4.77 -24.04
N HIS F 22 70.95 -4.87 -22.82
CA HIS F 22 69.70 -5.59 -22.60
C HIS F 22 68.47 -4.70 -22.75
N LYS F 23 68.62 -3.38 -22.65
CA LYS F 23 67.47 -2.50 -22.83
C LYS F 23 67.22 -2.16 -24.29
N LEU F 24 68.25 -2.23 -25.15
CA LEU F 24 68.05 -1.87 -26.54
C LEU F 24 67.25 -2.92 -27.30
N VAL F 25 67.38 -4.19 -26.93
CA VAL F 25 66.60 -5.24 -27.60
C VAL F 25 65.12 -5.10 -27.31
N GLN F 26 64.75 -4.42 -26.22
CA GLN F 26 63.35 -4.15 -25.92
C GLN F 26 62.90 -2.79 -26.44
N ALA F 27 63.80 -1.80 -26.48
CA ALA F 27 63.45 -0.49 -27.00
C ALA F 27 63.28 -0.50 -28.51
N ILE F 28 64.07 -1.31 -29.22
CA ILE F 28 63.96 -1.39 -30.68
C ILE F 28 62.70 -2.16 -31.06
N PHE F 29 62.63 -3.43 -30.67
CA PHE F 29 61.50 -4.27 -30.99
C PHE F 29 60.71 -4.60 -29.73
N PRO F 30 59.37 -4.59 -29.79
CA PRO F 30 58.58 -4.92 -28.59
C PRO F 30 58.70 -6.38 -28.17
N CYS F 31 57.73 -7.20 -28.55
CA CYS F 31 57.71 -8.60 -28.15
C CYS F 31 57.43 -9.49 -29.35
N PRO F 32 58.18 -10.58 -29.51
CA PRO F 32 57.93 -11.49 -30.63
C PRO F 32 56.74 -12.40 -30.40
N ASP F 33 56.59 -13.43 -31.22
CA ASP F 33 55.49 -14.38 -31.07
C ASP F 33 55.94 -15.76 -31.55
N PRO F 34 56.07 -16.73 -30.64
CA PRO F 34 56.57 -18.05 -31.04
C PRO F 34 55.55 -18.87 -31.83
N CYS F 35 54.32 -18.97 -31.32
CA CYS F 35 53.29 -19.78 -31.94
C CYS F 35 52.79 -19.20 -33.25
N ALA F 36 52.67 -17.87 -33.36
CA ALA F 36 52.19 -17.27 -34.59
C ALA F 36 53.25 -17.32 -35.69
N LEU F 37 54.46 -16.87 -35.41
CA LEU F 37 55.55 -16.86 -36.38
C LEU F 37 56.52 -18.01 -36.06
N LYS F 38 57.81 -17.70 -36.08
CA LYS F 38 58.83 -18.69 -35.78
C LYS F 38 59.67 -18.27 -34.58
N ASP F 39 60.98 -18.20 -34.76
CA ASP F 39 61.88 -17.80 -33.68
C ASP F 39 63.18 -17.24 -34.24
N ARG F 40 63.46 -17.50 -35.51
CA ARG F 40 64.69 -17.03 -36.12
C ARG F 40 64.68 -15.52 -36.37
N ARG F 41 63.49 -14.90 -36.41
CA ARG F 41 63.42 -13.47 -36.67
C ARG F 41 63.96 -12.67 -35.49
N MET F 42 63.58 -13.04 -34.27
CA MET F 42 64.11 -12.37 -33.09
C MET F 42 65.61 -12.59 -32.96
N GLU F 43 66.08 -13.79 -33.33
CA GLU F 43 67.52 -14.06 -33.31
C GLU F 43 68.26 -13.19 -34.30
N ASN F 44 67.73 -13.06 -35.52
CA ASN F 44 68.36 -12.19 -36.52
C ASN F 44 68.34 -10.73 -36.06
N LEU F 45 67.25 -10.31 -35.42
CA LEU F 45 67.14 -8.94 -34.95
C LEU F 45 68.16 -8.64 -33.86
N VAL F 46 68.30 -9.55 -32.89
CA VAL F 46 69.27 -9.32 -31.82
C VAL F 46 70.69 -9.44 -32.35
N ALA F 47 70.91 -10.28 -33.36
CA ALA F 47 72.23 -10.35 -33.98
C ALA F 47 72.58 -9.06 -34.69
N TYR F 48 71.62 -8.49 -35.43
CA TYR F 48 71.86 -7.21 -36.08
C TYR F 48 72.08 -6.10 -35.07
N ALA F 49 71.36 -6.16 -33.95
CA ALA F 49 71.56 -5.16 -32.89
C ALA F 49 72.97 -5.27 -32.30
N LYS F 50 73.42 -6.49 -32.01
CA LYS F 50 74.78 -6.67 -31.52
C LYS F 50 75.80 -6.19 -32.54
N LYS F 51 75.57 -6.48 -33.82
CA LYS F 51 76.51 -6.05 -34.85
C LYS F 51 76.59 -4.53 -34.93
N VAL F 52 75.44 -3.85 -34.90
CA VAL F 52 75.46 -2.39 -35.04
C VAL F 52 76.02 -1.74 -33.79
N GLU F 53 75.76 -2.31 -32.60
CA GLU F 53 76.33 -1.73 -31.39
C GLU F 53 77.83 -1.95 -31.33
N GLY F 54 78.31 -3.10 -31.83
CA GLY F 54 79.75 -3.30 -31.92
C GLY F 54 80.41 -2.37 -32.92
N ASP F 55 79.73 -2.12 -34.05
CA ASP F 55 80.28 -1.18 -35.02
C ASP F 55 80.31 0.24 -34.47
N MET F 56 79.31 0.62 -33.68
CA MET F 56 79.31 1.94 -33.06
C MET F 56 80.36 2.05 -31.96
N TYR F 57 80.62 0.94 -31.25
CA TYR F 57 81.63 0.97 -30.20
C TYR F 57 83.04 1.03 -30.79
N GLU F 58 83.28 0.31 -31.88
CA GLU F 58 84.58 0.33 -32.51
C GLU F 58 84.89 1.67 -33.15
N SER F 59 83.88 2.45 -33.51
CA SER F 59 84.05 3.77 -34.12
C SER F 59 83.56 4.88 -33.19
N ALA F 60 84.09 4.93 -31.98
CA ALA F 60 83.71 5.94 -31.00
C ALA F 60 84.93 6.64 -30.44
N ASN F 61 84.69 7.74 -29.72
CA ASN F 61 85.76 8.51 -29.11
C ASN F 61 85.77 8.34 -27.60
N SER F 62 84.77 8.90 -26.93
CA SER F 62 84.69 8.83 -25.47
C SER F 62 83.52 7.94 -25.03
N ARG F 63 82.78 8.40 -24.03
CA ARG F 63 81.67 7.64 -23.48
C ARG F 63 80.32 8.30 -23.71
N ASP F 64 80.21 9.62 -23.53
CA ASP F 64 78.93 10.29 -23.69
C ASP F 64 78.49 10.36 -25.16
N GLU F 65 79.43 10.62 -26.06
CA GLU F 65 79.08 10.70 -27.49
C GLU F 65 78.62 9.36 -28.02
N TYR F 66 79.20 8.26 -27.54
CA TYR F 66 78.76 6.94 -27.97
C TYR F 66 77.32 6.67 -27.51
N TYR F 67 77.00 7.03 -26.27
CA TYR F 67 75.64 6.85 -25.77
C TYR F 67 74.67 7.73 -26.54
N HIS F 68 75.07 8.97 -26.86
CA HIS F 68 74.20 9.84 -27.64
C HIS F 68 73.94 9.27 -29.03
N LEU F 69 75.00 8.76 -29.68
CA LEU F 69 74.83 8.16 -31.01
C LEU F 69 73.96 6.91 -30.95
N LEU F 70 74.11 6.11 -29.89
CA LEU F 70 73.26 4.93 -29.74
C LEU F 70 71.80 5.32 -29.55
N ALA F 71 71.54 6.35 -28.74
CA ALA F 71 70.17 6.82 -28.55
C ALA F 71 69.60 7.37 -29.85
N GLU F 72 70.41 8.10 -30.63
CA GLU F 72 69.94 8.61 -31.91
C GLU F 72 69.63 7.47 -32.87
N LYS F 73 70.46 6.42 -32.87
CA LYS F 73 70.20 5.27 -33.72
C LYS F 73 68.93 4.55 -33.31
N ILE F 74 68.70 4.41 -32.00
CA ILE F 74 67.46 3.80 -31.52
C ILE F 74 66.25 4.62 -31.95
N TYR F 75 66.34 5.95 -31.83
CA TYR F 75 65.25 6.81 -32.28
C TYR F 75 65.00 6.66 -33.77
N LYS F 76 66.07 6.64 -34.58
CA LYS F 76 65.90 6.53 -36.02
C LYS F 76 65.31 5.19 -36.40
N ILE F 77 65.66 4.13 -35.68
CA ILE F 77 65.05 2.82 -35.95
C ILE F 77 63.58 2.82 -35.55
N GLN F 78 63.25 3.46 -34.43
CA GLN F 78 61.85 3.56 -34.03
C GLN F 78 61.04 4.51 -34.89
N LYS F 79 61.69 5.32 -35.72
CA LYS F 79 60.96 6.22 -36.60
C LYS F 79 60.11 5.47 -37.62
N GLU F 80 60.56 4.29 -38.05
CA GLU F 80 59.79 3.52 -39.02
C GLU F 80 58.72 2.67 -38.34
N LEU F 81 59.12 1.83 -37.38
CA LEU F 81 58.19 0.95 -36.67
C LEU F 81 57.38 1.76 -35.66
N GLU F 82 56.35 2.43 -36.17
CA GLU F 82 55.46 3.24 -35.36
C GLU F 82 54.03 2.70 -35.35
N GLU F 83 53.53 2.27 -36.51
CA GLU F 83 52.16 1.77 -36.65
C GLU F 83 51.15 2.77 -36.13
N LYS F 84 50.88 3.82 -36.91
CA LYS F 84 49.95 4.85 -36.50
C LYS F 84 48.52 4.31 -36.43
N SER F 85 47.75 4.88 -35.51
CA SER F 85 46.37 4.44 -35.32
C SER F 85 45.49 4.95 -36.46
N GLN F 86 44.49 4.14 -36.81
CA GLN F 86 43.56 4.52 -37.87
C GLN F 86 42.57 5.59 -37.42
N VAL F 87 42.43 5.80 -36.11
CA VAL F 87 41.53 6.83 -35.59
C VAL F 87 42.21 8.18 -35.44
N ARG F 88 43.52 8.26 -35.70
CA ARG F 88 44.24 9.52 -35.59
C ARG F 88 43.89 10.43 -36.75
N GLN F 89 43.36 11.62 -36.45
CA GLN F 89 42.98 12.58 -37.47
C GLN F 89 43.28 13.98 -36.95
N ASN F 90 44.18 14.68 -37.64
CA ASN F 90 44.58 16.04 -37.27
C ASN F 90 45.11 16.08 -35.83
N TYR F 91 46.35 15.68 -35.63
CA TYR F 91 46.96 15.68 -34.30
C TYR F 91 48.46 15.78 -34.46
N HIS F 92 49.07 16.75 -33.81
CA HIS F 92 50.50 16.99 -33.92
C HIS F 92 51.24 16.44 -32.70
N GLN F 93 52.56 16.25 -32.87
CA GLN F 93 53.37 15.71 -31.79
C GLN F 93 53.51 16.71 -30.64
N ASP F 94 53.42 18.01 -30.93
CA ASP F 94 53.46 19.01 -29.87
C ASP F 94 52.25 18.88 -28.96
N ALA F 95 51.07 18.61 -29.53
CA ALA F 95 49.89 18.36 -28.72
C ALA F 95 50.06 17.12 -27.86
N GLU F 96 50.70 16.08 -28.40
CA GLU F 96 50.96 14.88 -27.61
C GLU F 96 51.89 15.16 -26.45
N ALA F 97 52.96 15.94 -26.69
CA ALA F 97 53.88 16.30 -25.62
C ALA F 97 53.18 17.15 -24.56
N ALA F 98 52.30 18.06 -24.99
CA ALA F 98 51.56 18.89 -24.04
C ALA F 98 50.61 18.04 -23.20
N ILE F 99 49.94 17.06 -23.83
CA ILE F 99 49.06 16.17 -23.08
C ILE F 99 49.85 15.32 -22.09
N ASN F 100 51.05 14.88 -22.49
CA ASN F 100 51.90 14.11 -21.58
C ASN F 100 52.33 14.95 -20.39
N ARG F 101 52.72 16.21 -20.63
CA ARG F 101 53.09 17.09 -19.53
C ARG F 101 51.91 17.39 -18.63
N GLN F 102 50.72 17.54 -19.21
CA GLN F 102 49.53 17.76 -18.39
C GLN F 102 49.21 16.53 -17.54
N ILE F 103 49.39 15.34 -18.10
CA ILE F 103 49.16 14.10 -17.34
C ILE F 103 50.18 14.00 -16.20
N ASN F 104 51.44 14.34 -16.46
CA ASN F 104 52.44 14.32 -15.41
C ASN F 104 52.10 15.31 -14.31
N LEU F 105 51.64 16.51 -14.67
CA LEU F 105 51.27 17.50 -13.67
C LEU F 105 50.05 17.05 -12.87
N GLU F 106 49.09 16.39 -13.52
CA GLU F 106 47.93 15.87 -12.80
C GLU F 106 48.34 14.77 -11.82
N LEU F 107 49.27 13.90 -12.23
CA LEU F 107 49.75 12.87 -11.31
C LEU F 107 50.50 13.49 -10.14
N TYR F 108 51.30 14.53 -10.40
CA TYR F 108 52.00 15.21 -9.31
C TYR F 108 51.01 15.87 -8.36
N ALA F 109 49.95 16.48 -8.90
CA ALA F 109 48.94 17.11 -8.05
C ALA F 109 48.20 16.07 -7.22
N SER F 110 47.89 14.92 -7.81
CA SER F 110 47.25 13.85 -7.06
C SER F 110 48.14 13.33 -5.94
N TYR F 111 49.44 13.21 -6.23
CA TYR F 111 50.39 12.78 -5.19
C TYR F 111 50.47 13.80 -4.06
N VAL F 112 50.50 15.09 -4.41
CA VAL F 112 50.56 16.13 -3.39
C VAL F 112 49.29 16.13 -2.54
N TYR F 113 48.14 15.94 -3.17
CA TYR F 113 46.88 15.91 -2.41
C TYR F 113 46.80 14.67 -1.53
N LEU F 114 47.34 13.53 -2.00
CA LEU F 114 47.39 12.34 -1.16
C LEU F 114 48.30 12.55 0.04
N SER F 115 49.45 13.20 -0.18
CA SER F 115 50.35 13.51 0.93
C SER F 115 49.69 14.45 1.94
N MET F 116 48.93 15.44 1.44
CA MET F 116 48.22 16.34 2.34
C MET F 116 47.15 15.60 3.13
N SER F 117 46.44 14.68 2.48
CA SER F 117 45.41 13.91 3.18
C SER F 117 46.03 12.99 4.23
N CYS F 118 47.20 12.43 3.94
CA CYS F 118 47.88 11.57 4.89
C CYS F 118 48.67 12.33 5.94
N TYR F 119 48.81 13.65 5.79
CA TYR F 119 49.52 14.45 6.78
C TYR F 119 48.60 15.02 7.85
N PHE F 120 47.32 15.22 7.52
CA PHE F 120 46.37 15.83 8.45
C PHE F 120 45.63 14.81 9.30
N ASP F 121 45.54 13.56 8.87
CA ASP F 121 44.83 12.53 9.61
C ASP F 121 45.70 11.86 10.69
N ARG F 122 46.82 12.48 11.05
CA ARG F 122 47.70 11.93 12.07
C ARG F 122 47.17 12.29 13.45
N ASP F 123 47.99 12.04 14.49
CA ASP F 123 47.60 12.36 15.85
C ASP F 123 48.02 13.75 16.28
N ASP F 124 49.10 14.29 15.69
CA ASP F 124 49.57 15.63 16.02
C ASP F 124 48.80 16.72 15.30
N VAL F 125 47.86 16.36 14.43
CA VAL F 125 47.04 17.32 13.69
C VAL F 125 45.58 17.24 14.11
N ALA F 126 45.00 16.05 14.11
CA ALA F 126 43.63 15.79 14.55
C ALA F 126 42.64 16.64 13.75
N LEU F 127 42.69 16.49 12.43
CA LEU F 127 41.80 17.18 11.50
C LEU F 127 41.29 16.14 10.51
N LYS F 128 40.16 15.51 10.84
CA LYS F 128 39.61 14.46 9.97
C LYS F 128 38.88 15.05 8.77
N ASN F 129 38.23 16.21 8.95
CA ASN F 129 37.51 16.82 7.83
C ASN F 129 38.47 17.34 6.78
N PHE F 130 39.61 17.91 7.19
CA PHE F 130 40.62 18.33 6.23
C PHE F 130 41.17 17.13 5.46
N ALA F 131 41.41 16.02 6.15
CA ALA F 131 41.88 14.81 5.48
C ALA F 131 40.85 14.28 4.48
N LYS F 132 39.57 14.32 4.86
CA LYS F 132 38.53 13.85 3.95
C LYS F 132 38.43 14.76 2.73
N TYR F 133 38.53 16.08 2.93
CA TYR F 133 38.48 17.00 1.81
C TYR F 133 39.67 16.81 0.88
N PHE F 134 40.86 16.61 1.44
CA PHE F 134 42.04 16.38 0.61
C PHE F 134 41.95 15.06 -0.13
N LEU F 135 41.38 14.03 0.50
CA LEU F 135 41.20 12.75 -0.18
C LEU F 135 40.19 12.88 -1.32
N HIS F 136 39.12 13.65 -1.10
CA HIS F 136 38.14 13.88 -2.17
C HIS F 136 38.78 14.64 -3.33
N GLN F 137 39.61 15.63 -3.02
CA GLN F 137 40.30 16.37 -4.08
C GLN F 137 41.26 15.48 -4.84
N SER F 138 41.97 14.59 -4.12
CA SER F 138 42.87 13.65 -4.79
C SER F 138 42.10 12.70 -5.68
N HIS F 139 40.94 12.22 -5.22
CA HIS F 139 40.11 11.36 -6.05
C HIS F 139 39.62 12.08 -7.30
N GLU F 140 39.23 13.35 -7.15
CA GLU F 140 38.79 14.13 -8.30
C GLU F 140 39.92 14.32 -9.30
N GLU F 141 41.12 14.63 -8.81
CA GLU F 141 42.26 14.78 -9.72
C GLU F 141 42.60 13.47 -10.40
N ARG F 142 42.49 12.35 -9.67
CA ARG F 142 42.75 11.05 -10.27
CA ARG F 142 42.73 11.05 -10.26
C ARG F 142 41.73 10.73 -11.37
N GLU F 143 40.46 11.05 -11.12
CA GLU F 143 39.44 10.82 -12.14
C GLU F 143 39.65 11.71 -13.35
N HIS F 144 40.08 12.96 -13.12
CA HIS F 144 40.36 13.85 -14.24
C HIS F 144 41.54 13.35 -15.05
N ALA F 145 42.57 12.84 -14.38
CA ALA F 145 43.72 12.27 -15.10
C ALA F 145 43.32 11.04 -15.89
N GLU F 146 42.49 10.18 -15.32
CA GLU F 146 42.02 9.01 -16.05
C GLU F 146 41.18 9.40 -17.25
N LYS F 147 40.36 10.44 -17.10
CA LYS F 147 39.55 10.91 -18.23
C LYS F 147 40.44 11.50 -19.33
N LEU F 148 41.49 12.22 -18.94
CA LEU F 148 42.43 12.73 -19.94
C LEU F 148 43.14 11.59 -20.66
N MET F 149 43.55 10.56 -19.92
CA MET F 149 44.19 9.41 -20.54
C MET F 149 43.25 8.70 -21.51
N LYS F 150 41.98 8.56 -21.12
CA LYS F 150 41.00 7.92 -22.00
C LYS F 150 40.76 8.76 -23.25
N LEU F 151 40.68 10.08 -23.10
CA LEU F 151 40.50 10.96 -24.25
C LEU F 151 41.69 10.90 -25.19
N GLN F 152 42.90 10.81 -24.63
CA GLN F 152 44.08 10.67 -25.48
C GLN F 152 44.10 9.33 -26.20
N ASN F 153 43.66 8.26 -25.51
CA ASN F 153 43.61 6.95 -26.15
C ASN F 153 42.55 6.89 -27.24
N GLN F 154 41.45 7.64 -27.08
CA GLN F 154 40.42 7.64 -28.12
C GLN F 154 40.90 8.38 -29.37
N ARG F 155 41.72 9.42 -29.19
CA ARG F 155 42.23 10.16 -30.34
C ARG F 155 43.35 9.41 -31.06
N GLY F 156 44.00 8.48 -30.39
CA GLY F 156 45.07 7.70 -30.99
C GLY F 156 46.47 8.11 -30.57
N GLY F 157 46.61 9.10 -29.68
CA GLY F 157 47.92 9.52 -29.26
C GLY F 157 48.53 8.57 -28.24
N ARG F 158 49.85 8.43 -28.32
CA ARG F 158 50.58 7.56 -27.41
C ARG F 158 50.75 8.22 -26.05
N ILE F 159 50.79 7.39 -25.01
CA ILE F 159 50.96 7.85 -23.63
C ILE F 159 52.21 7.19 -23.07
N PHE F 160 53.20 8.00 -22.70
CA PHE F 160 54.45 7.53 -22.13
C PHE F 160 54.49 7.95 -20.65
N LEU F 161 54.05 7.06 -19.78
CA LEU F 161 54.04 7.34 -18.35
C LEU F 161 55.47 7.28 -17.79
N GLN F 162 55.89 8.36 -17.14
CA GLN F 162 57.21 8.48 -16.56
C GLN F 162 57.12 8.45 -15.04
N ASP F 163 58.20 8.88 -14.38
CA ASP F 163 58.22 8.90 -12.92
C ASP F 163 57.39 10.05 -12.38
N ILE F 164 56.82 9.85 -11.20
CA ILE F 164 56.02 10.87 -10.54
C ILE F 164 56.87 11.55 -9.48
N LYS F 165 57.00 12.87 -9.57
CA LYS F 165 57.82 13.61 -8.63
C LYS F 165 57.14 13.68 -7.26
N LYS F 166 57.97 13.81 -6.22
CA LYS F 166 57.49 13.90 -4.86
C LYS F 166 57.39 15.36 -4.42
N PRO F 167 56.50 15.65 -3.46
CA PRO F 167 56.41 17.03 -2.96
C PRO F 167 57.72 17.48 -2.32
N ASP F 168 58.14 18.69 -2.65
CA ASP F 168 59.39 19.23 -2.10
C ASP F 168 59.28 19.55 -0.63
N ARG F 169 58.07 19.71 -0.10
CA ARG F 169 57.85 20.02 1.31
C ARG F 169 57.12 18.84 1.95
N ASP F 170 57.88 17.95 2.58
CA ASP F 170 57.27 16.81 3.26
C ASP F 170 56.45 17.24 4.47
N ASP F 171 56.93 18.24 5.21
CA ASP F 171 56.19 18.80 6.34
C ASP F 171 55.48 20.05 5.87
N TRP F 172 54.15 19.96 5.74
CA TRP F 172 53.33 21.06 5.24
C TRP F 172 53.03 22.11 6.31
N CYS F 173 53.97 22.35 7.23
CA CYS F 173 53.82 23.35 8.29
C CYS F 173 52.54 23.12 9.08
N SER F 174 51.47 23.80 8.69
CA SER F 174 50.18 23.69 9.37
C SER F 174 49.05 23.58 8.37
N GLY F 175 48.12 24.53 8.40
CA GLY F 175 46.99 24.51 7.49
C GLY F 175 47.04 25.64 6.47
N LEU F 176 47.46 26.83 6.91
CA LEU F 176 47.52 27.97 6.00
C LEU F 176 48.57 27.74 4.91
N ASN F 177 49.73 27.22 5.28
CA ASN F 177 50.76 26.94 4.28
C ASN F 177 50.31 25.85 3.31
N ALA F 178 49.60 24.85 3.81
CA ALA F 178 49.07 23.81 2.93
C ALA F 178 48.04 24.38 1.96
N MET F 179 47.18 25.27 2.44
CA MET F 179 46.20 25.90 1.56
C MET F 179 46.87 26.78 0.52
N GLU F 180 47.92 27.50 0.91
CA GLU F 180 48.64 28.34 -0.05
C GLU F 180 49.34 27.48 -1.09
N SER F 181 49.92 26.35 -0.68
CA SER F 181 50.57 25.45 -1.63
C SER F 181 49.55 24.84 -2.59
N ALA F 182 48.37 24.48 -2.07
CA ALA F 182 47.33 23.95 -2.95
C ALA F 182 46.84 25.00 -3.93
N LEU F 183 46.73 26.25 -3.48
CA LEU F 183 46.32 27.33 -4.38
C LEU F 183 47.36 27.57 -5.46
N HIS F 184 48.64 27.55 -5.09
CA HIS F 184 49.70 27.71 -6.09
C HIS F 184 49.71 26.55 -7.08
N LEU F 185 49.45 25.33 -6.59
CA LEU F 185 49.39 24.18 -7.48
C LEU F 185 48.21 24.29 -8.44
N GLU F 186 47.06 24.75 -7.96
CA GLU F 186 45.90 24.94 -8.84
C GLU F 186 46.16 26.03 -9.86
N LYS F 187 46.85 27.10 -9.46
CA LYS F 187 47.21 28.15 -10.41
C LYS F 187 48.17 27.62 -11.48
N SER F 188 49.13 26.79 -11.08
CA SER F 188 50.03 26.19 -12.06
C SER F 188 49.30 25.27 -13.01
N VAL F 189 48.33 24.50 -12.49
CA VAL F 189 47.53 23.63 -13.36
C VAL F 189 46.71 24.46 -14.33
N ASN F 190 46.15 25.58 -13.87
CA ASN F 190 45.38 26.45 -14.75
C ASN F 190 46.27 27.07 -15.82
N GLN F 191 47.49 27.46 -15.45
CA GLN F 191 48.41 28.00 -16.43
C GLN F 191 48.79 26.94 -17.47
N SER F 192 49.01 25.70 -17.02
CA SER F 192 49.32 24.63 -17.96
C SER F 192 48.14 24.36 -18.89
N LEU F 193 46.91 24.42 -18.37
CA LEU F 193 45.74 24.24 -19.22
C LEU F 193 45.60 25.36 -20.23
N LEU F 194 45.90 26.60 -19.82
CA LEU F 194 45.86 27.72 -20.76
C LEU F 194 46.92 27.56 -21.85
N GLU F 195 48.12 27.10 -21.48
CA GLU F 195 49.15 26.86 -22.47
C GLU F 195 48.75 25.74 -23.43
N LEU F 196 48.12 24.69 -22.91
CA LEU F 196 47.64 23.61 -23.76
C LEU F 196 46.57 24.11 -24.73
N HIS F 197 45.65 24.95 -24.25
CA HIS F 197 44.62 25.51 -25.12
C HIS F 197 45.24 26.38 -26.20
N LYS F 198 46.23 27.20 -25.83
CA LYS F 198 46.89 28.05 -26.83
C LYS F 198 47.62 27.21 -27.87
N LEU F 199 48.30 26.15 -27.43
CA LEU F 199 49.02 25.29 -28.37
C LEU F 199 48.06 24.55 -29.28
N ALA F 200 46.92 24.11 -28.76
CA ALA F 200 45.92 23.44 -29.60
C ALA F 200 45.28 24.40 -30.59
N THR F 201 45.10 25.67 -30.19
CA THR F 201 44.55 26.65 -31.10
C THR F 201 45.55 27.01 -32.20
N ASP F 202 46.84 27.11 -31.85
CA ASP F 202 47.85 27.45 -32.84
C ASP F 202 48.15 26.28 -33.77
N LYS F 203 47.96 25.05 -33.31
CA LYS F 203 48.24 23.86 -34.11
C LYS F 203 46.98 23.24 -34.69
N ASN F 204 45.90 24.01 -34.83
CA ASN F 204 44.66 23.54 -35.42
C ASN F 204 44.10 22.33 -34.69
N ASP F 205 43.57 22.54 -33.49
CA ASP F 205 42.97 21.47 -32.69
C ASP F 205 41.82 22.05 -31.88
N PRO F 206 40.66 22.24 -32.50
CA PRO F 206 39.55 22.86 -31.76
C PRO F 206 38.87 21.91 -30.78
N HIS F 207 38.79 20.62 -31.12
CA HIS F 207 38.07 19.68 -30.26
C HIS F 207 38.75 19.53 -28.91
N LEU F 208 40.06 19.31 -28.90
CA LEU F 208 40.77 19.08 -27.64
C LEU F 208 40.74 20.33 -26.77
N CYS F 209 41.04 21.49 -27.35
CA CYS F 209 41.04 22.72 -26.57
C CYS F 209 39.65 23.06 -26.06
N ASP F 210 38.62 22.82 -26.87
CA ASP F 210 37.25 23.06 -26.43
C ASP F 210 36.88 22.14 -25.27
N PHE F 211 37.23 20.86 -25.37
CA PHE F 211 36.94 19.93 -24.29
C PHE F 211 37.68 20.32 -23.01
N ILE F 212 38.92 20.79 -23.14
CA ILE F 212 39.70 21.20 -21.98
C ILE F 212 39.06 22.43 -21.33
N GLU F 213 38.69 23.42 -22.14
CA GLU F 213 38.13 24.65 -21.59
C GLU F 213 36.69 24.47 -21.11
N THR F 214 36.03 23.39 -21.51
CA THR F 214 34.65 23.17 -21.08
C THR F 214 34.56 22.26 -19.86
N TYR F 215 35.19 21.09 -19.91
CA TYR F 215 35.02 20.08 -18.87
C TYR F 215 36.21 20.01 -17.91
N TYR F 216 37.01 21.07 -17.81
CA TYR F 216 38.15 21.07 -16.90
C TYR F 216 38.39 22.44 -16.27
N LEU F 217 38.30 23.50 -17.08
CA LEU F 217 38.60 24.83 -16.56
C LEU F 217 37.57 25.29 -15.52
N SER F 218 36.32 24.85 -15.65
CA SER F 218 35.30 25.24 -14.68
C SER F 218 35.61 24.66 -13.30
N GLU F 219 35.97 23.38 -13.24
CA GLU F 219 36.33 22.77 -11.97
C GLU F 219 37.58 23.41 -11.39
N GLN F 220 38.54 23.78 -12.25
CA GLN F 220 39.75 24.44 -11.76
C GLN F 220 39.42 25.80 -11.16
N VAL F 221 38.55 26.57 -11.82
CA VAL F 221 38.17 27.87 -11.30
C VAL F 221 37.42 27.72 -9.98
N LYS F 222 36.53 26.72 -9.89
CA LYS F 222 35.81 26.49 -8.65
C LYS F 222 36.76 26.11 -7.52
N SER F 223 37.74 25.25 -7.81
CA SER F 223 38.71 24.87 -6.79
C SER F 223 39.57 26.04 -6.35
N ILE F 224 39.97 26.89 -7.30
CA ILE F 224 40.76 28.07 -6.95
C ILE F 224 39.95 29.02 -6.08
N LYS F 225 38.67 29.21 -6.41
CA LYS F 225 37.82 30.08 -5.60
C LYS F 225 37.62 29.51 -4.20
N GLU F 226 37.42 28.20 -4.10
CA GLU F 226 37.25 27.58 -2.78
C GLU F 226 38.52 27.69 -1.95
N LEU F 227 39.68 27.47 -2.56
CA LEU F 227 40.93 27.60 -1.83
C LEU F 227 41.18 29.05 -1.41
N GLY F 228 40.82 30.01 -2.26
CA GLY F 228 40.95 31.40 -1.88
C GLY F 228 40.04 31.76 -0.71
N ASP F 229 38.81 31.26 -0.73
CA ASP F 229 37.90 31.49 0.40
C ASP F 229 38.45 30.85 1.67
N HIS F 230 39.02 29.65 1.57
CA HIS F 230 39.59 29.00 2.74
C HIS F 230 40.78 29.79 3.29
N VAL F 231 41.64 30.30 2.40
CA VAL F 231 42.78 31.11 2.84
C VAL F 231 42.30 32.38 3.51
N THR F 232 41.29 33.03 2.94
CA THR F 232 40.74 34.24 3.54
C THR F 232 40.17 33.96 4.91
N ASN F 233 39.45 32.84 5.06
CA ASN F 233 38.90 32.48 6.37
C ASN F 233 40.00 32.21 7.38
N LEU F 234 41.05 31.49 6.96
CA LEU F 234 42.15 31.19 7.87
C LEU F 234 42.92 32.45 8.26
N ARG F 235 43.00 33.44 7.37
CA ARG F 235 43.69 34.68 7.69
C ARG F 235 42.84 35.60 8.56
N LYS F 236 41.52 35.60 8.39
CA LYS F 236 40.67 36.45 9.20
C LYS F 236 40.44 35.87 10.59
N MET F 237 40.21 34.56 10.69
CA MET F 237 39.96 33.95 11.98
C MET F 237 41.23 33.92 12.84
N GLY F 238 42.33 33.44 12.27
CA GLY F 238 43.58 33.39 13.01
C GLY F 238 44.25 32.04 12.96
N ALA F 239 44.82 31.69 11.80
CA ALA F 239 45.50 30.43 11.60
C ALA F 239 46.77 30.67 10.79
N PRO F 240 47.89 30.03 11.16
CA PRO F 240 48.01 29.12 12.32
C PRO F 240 48.37 29.85 13.60
N CYS F 241 47.93 31.11 13.75
CA CYS F 241 48.24 31.88 14.94
C CYS F 241 47.50 31.38 16.16
N ALA F 242 46.45 30.57 15.98
CA ALA F 242 45.70 30.03 17.09
C ALA F 242 45.01 28.74 16.63
N GLY F 243 45.10 27.70 17.47
CA GLY F 243 44.49 26.42 17.14
C GLY F 243 42.97 26.43 17.19
N MET F 244 42.36 27.48 17.73
CA MET F 244 40.91 27.55 17.79
C MET F 244 40.31 27.75 16.40
N ALA F 245 40.95 28.58 15.58
CA ALA F 245 40.45 28.86 14.24
C ALA F 245 40.45 27.61 13.37
N GLU F 246 41.54 26.82 13.44
CA GLU F 246 41.60 25.59 12.66
C GLU F 246 40.53 24.61 13.10
N TYR F 247 40.32 24.46 14.40
CA TYR F 247 39.29 23.55 14.89
C TYR F 247 37.90 24.00 14.46
N LEU F 248 37.63 25.30 14.52
CA LEU F 248 36.31 25.78 14.13
C LEU F 248 36.08 25.65 12.63
N PHE F 249 37.13 25.90 11.83
CA PHE F 249 37.00 25.72 10.39
C PHE F 249 36.86 24.24 10.03
N ASP F 250 37.41 23.35 10.85
CA ASP F 250 37.25 21.92 10.62
C ASP F 250 35.85 21.46 10.98
N LYS F 251 35.31 21.96 12.09
CA LYS F 251 34.00 21.52 12.57
C LYS F 251 32.83 22.26 11.95
N HIS F 252 33.08 23.35 11.22
CA HIS F 252 32.01 24.13 10.60
C HIS F 252 32.02 24.01 9.08
N THR F 253 33.08 24.47 8.42
CA THR F 253 33.14 24.48 6.96
C THR F 253 33.20 23.06 6.42
N LEU F 254 34.31 22.36 6.65
CA LEU F 254 34.49 21.00 6.14
C LEU F 254 33.80 19.96 7.00
N GLY F 255 33.13 20.37 8.07
CA GLY F 255 32.43 19.43 8.93
C GLY F 255 31.09 18.99 8.39
N THR G 13 -9.08 -65.86 -50.25
CA THR G 13 -9.88 -64.77 -50.79
C THR G 13 -11.18 -64.60 -50.00
N GLN G 14 -11.30 -65.36 -48.91
CA GLN G 14 -12.51 -65.27 -48.09
C GLN G 14 -12.49 -64.04 -47.19
N ASP G 15 -11.35 -63.76 -46.56
CA ASP G 15 -11.25 -62.59 -45.69
C ASP G 15 -11.40 -61.29 -46.48
N LEU G 16 -10.84 -61.26 -47.70
CA LEU G 16 -10.97 -60.06 -48.52
C LEU G 16 -12.43 -59.81 -48.90
N ARG G 17 -13.14 -60.86 -49.31
CA ARG G 17 -14.56 -60.70 -49.65
C ARG G 17 -15.37 -60.32 -48.42
N SER G 18 -15.04 -60.89 -47.26
CA SER G 18 -15.75 -60.53 -46.03
C SER G 18 -15.54 -59.07 -45.68
N HIS G 19 -14.30 -58.57 -45.81
CA HIS G 19 -14.04 -57.16 -45.53
C HIS G 19 -14.75 -56.26 -46.54
N LEU G 20 -14.77 -56.67 -47.82
CA LEU G 20 -15.43 -55.86 -48.84
C LEU G 20 -16.94 -55.81 -48.61
N VAL G 21 -17.54 -56.91 -48.14
CA VAL G 21 -18.97 -56.92 -47.91
C VAL G 21 -19.34 -56.30 -46.56
N HIS G 22 -18.39 -56.21 -45.62
CA HIS G 22 -18.66 -55.54 -44.35
C HIS G 22 -18.38 -54.05 -44.38
N LYS G 23 -17.56 -53.58 -45.33
CA LYS G 23 -17.29 -52.15 -45.41
C LYS G 23 -18.33 -51.40 -46.21
N LEU G 24 -19.05 -52.08 -47.13
CA LEU G 24 -20.03 -51.39 -47.95
C LEU G 24 -21.27 -51.00 -47.15
N VAL G 25 -21.64 -51.82 -46.15
CA VAL G 25 -22.81 -51.49 -45.33
C VAL G 25 -22.57 -50.24 -44.49
N GLN G 26 -21.30 -49.89 -44.24
CA GLN G 26 -20.96 -48.65 -43.54
C GLN G 26 -20.68 -47.50 -44.50
N ALA G 27 -20.13 -47.79 -45.68
CA ALA G 27 -19.87 -46.74 -46.65
C ALA G 27 -21.16 -46.20 -47.27
N ILE G 28 -22.15 -47.08 -47.48
CA ILE G 28 -23.42 -46.63 -48.06
C ILE G 28 -24.23 -45.84 -47.04
N PHE G 29 -24.59 -46.49 -45.94
CA PHE G 29 -25.37 -45.85 -44.88
C PHE G 29 -24.52 -45.67 -43.63
N PRO G 30 -24.64 -44.52 -42.95
CA PRO G 30 -23.85 -44.31 -41.73
C PRO G 30 -24.28 -45.22 -40.58
N CYS G 31 -25.10 -44.68 -39.66
CA CYS G 31 -25.52 -45.43 -38.50
C CYS G 31 -27.03 -45.31 -38.30
N PRO G 32 -27.71 -46.42 -38.03
CA PRO G 32 -29.17 -46.35 -37.81
C PRO G 32 -29.51 -45.83 -36.41
N ASP G 33 -30.77 -45.99 -36.01
CA ASP G 33 -31.22 -45.55 -34.69
C ASP G 33 -32.34 -46.46 -34.20
N PRO G 34 -32.10 -47.26 -33.17
CA PRO G 34 -33.13 -48.19 -32.70
C PRO G 34 -34.28 -47.52 -31.97
N CYS G 35 -33.97 -46.67 -31.00
CA CYS G 35 -34.97 -46.01 -30.17
C CYS G 35 -35.79 -44.98 -30.95
N ALA G 36 -35.16 -44.23 -31.86
CA ALA G 36 -35.89 -43.23 -32.61
C ALA G 36 -36.79 -43.85 -33.66
N LEU G 37 -36.25 -44.73 -34.49
CA LEU G 37 -37.01 -45.40 -35.55
C LEU G 37 -37.32 -46.83 -35.12
N LYS G 38 -37.10 -47.77 -36.03
CA LYS G 38 -37.34 -49.18 -35.75
C LYS G 38 -36.07 -49.99 -35.92
N ASP G 39 -36.11 -51.02 -36.75
CA ASP G 39 -34.95 -51.87 -36.99
C ASP G 39 -35.05 -52.55 -38.35
N ARG G 40 -36.25 -52.59 -38.93
CA ARG G 40 -36.45 -53.25 -40.21
C ARG G 40 -35.84 -52.46 -41.37
N ARG G 41 -35.59 -51.16 -41.18
CA ARG G 41 -35.04 -50.36 -42.26
C ARG G 41 -33.59 -50.73 -42.54
N MET G 42 -32.78 -50.90 -41.49
CA MET G 42 -31.40 -51.33 -41.69
C MET G 42 -31.36 -52.74 -42.27
N GLU G 43 -32.29 -53.61 -41.87
CA GLU G 43 -32.34 -54.95 -42.44
C GLU G 43 -32.68 -54.91 -43.92
N ASN G 44 -33.65 -54.08 -44.31
CA ASN G 44 -33.97 -53.95 -45.73
C ASN G 44 -32.81 -53.35 -46.51
N LEU G 45 -32.08 -52.41 -45.90
CA LEU G 45 -30.96 -51.79 -46.58
C LEU G 45 -29.84 -52.80 -46.81
N VAL G 46 -29.50 -53.58 -45.79
CA VAL G 46 -28.44 -54.57 -45.95
C VAL G 46 -28.88 -55.69 -46.89
N ALA G 47 -30.18 -56.00 -46.91
CA ALA G 47 -30.66 -57.00 -47.86
C ALA G 47 -30.55 -56.49 -49.29
N TYR G 48 -30.90 -55.22 -49.53
CA TYR G 48 -30.75 -54.65 -50.86
C TYR G 48 -29.28 -54.57 -51.26
N ALA G 49 -28.40 -54.29 -50.30
CA ALA G 49 -26.97 -54.26 -50.58
C ALA G 49 -26.46 -55.64 -50.98
N LYS G 50 -26.88 -56.68 -50.23
CA LYS G 50 -26.49 -58.04 -50.60
C LYS G 50 -27.04 -58.41 -51.98
N LYS G 51 -28.28 -58.02 -52.26
CA LYS G 51 -28.86 -58.33 -53.57
C LYS G 51 -28.09 -57.66 -54.70
N VAL G 52 -27.75 -56.38 -54.54
CA VAL G 52 -27.08 -55.68 -55.63
C VAL G 52 -25.65 -56.16 -55.78
N GLU G 53 -24.98 -56.52 -54.68
CA GLU G 53 -23.62 -57.04 -54.80
C GLU G 53 -23.62 -58.43 -55.44
N GLY G 54 -24.64 -59.24 -55.13
CA GLY G 54 -24.75 -60.53 -55.80
C GLY G 54 -25.05 -60.38 -57.28
N ASP G 55 -25.90 -59.41 -57.64
CA ASP G 55 -26.19 -59.17 -59.05
C ASP G 55 -24.95 -58.67 -59.79
N MET G 56 -24.12 -57.85 -59.13
CA MET G 56 -22.89 -57.39 -59.75
C MET G 56 -21.86 -58.50 -59.85
N TYR G 57 -21.85 -59.43 -58.89
CA TYR G 57 -20.90 -60.54 -58.95
C TYR G 57 -21.29 -61.54 -60.02
N GLU G 58 -22.59 -61.80 -60.17
CA GLU G 58 -23.05 -62.74 -61.20
C GLU G 58 -22.84 -62.20 -62.61
N SER G 59 -22.77 -60.87 -62.78
CA SER G 59 -22.56 -60.25 -64.07
C SER G 59 -21.21 -59.54 -64.14
N ALA G 60 -20.13 -60.28 -63.88
CA ALA G 60 -18.79 -59.72 -63.90
C ALA G 60 -17.87 -60.58 -64.77
N ASN G 61 -16.68 -60.04 -65.06
CA ASN G 61 -15.70 -60.74 -65.88
C ASN G 61 -14.53 -61.21 -65.04
N SER G 62 -13.70 -60.27 -64.57
CA SER G 62 -12.53 -60.63 -63.78
C SER G 62 -12.69 -60.16 -62.33
N ARG G 63 -11.64 -59.58 -61.77
CA ARG G 63 -11.65 -59.14 -60.37
C ARG G 63 -11.55 -57.64 -60.21
N ASP G 64 -10.69 -56.98 -60.99
CA ASP G 64 -10.52 -55.54 -60.85
C ASP G 64 -11.73 -54.76 -61.37
N GLU G 65 -12.30 -55.20 -62.49
CA GLU G 65 -13.46 -54.48 -63.04
C GLU G 65 -14.68 -54.60 -62.12
N TYR G 66 -14.84 -55.73 -61.44
CA TYR G 66 -15.94 -55.87 -60.48
C TYR G 66 -15.76 -54.91 -59.31
N TYR G 67 -14.54 -54.79 -58.79
CA TYR G 67 -14.29 -53.86 -57.70
C TYR G 67 -14.49 -52.42 -58.15
N HIS G 68 -14.08 -52.09 -59.38
CA HIS G 68 -14.30 -50.74 -59.89
C HIS G 68 -15.78 -50.44 -60.04
N LEU G 69 -16.56 -51.40 -60.55
CA LEU G 69 -18.00 -51.20 -60.69
C LEU G 69 -18.67 -51.07 -59.32
N LEU G 70 -18.21 -51.84 -58.33
CA LEU G 70 -18.77 -51.72 -57.00
C LEU G 70 -18.46 -50.36 -56.39
N ALA G 71 -17.24 -49.87 -56.58
CA ALA G 71 -16.89 -48.55 -56.08
C ALA G 71 -17.71 -47.46 -56.77
N GLU G 72 -17.93 -47.60 -58.08
CA GLU G 72 -18.75 -46.63 -58.80
C GLU G 72 -20.19 -46.67 -58.31
N LYS G 73 -20.71 -47.87 -58.02
CA LYS G 73 -22.07 -47.97 -57.50
C LYS G 73 -22.17 -47.33 -56.11
N ILE G 74 -21.17 -47.54 -55.27
CA ILE G 74 -21.16 -46.92 -53.94
C ILE G 74 -21.13 -45.40 -54.08
N TYR G 75 -20.30 -44.88 -54.99
CA TYR G 75 -20.25 -43.45 -55.21
C TYR G 75 -21.61 -42.92 -55.69
N LYS G 76 -22.23 -43.61 -56.65
CA LYS G 76 -23.51 -43.15 -57.17
C LYS G 76 -24.60 -43.19 -56.10
N ILE G 77 -24.55 -44.17 -55.20
CA ILE G 77 -25.51 -44.21 -54.10
C ILE G 77 -25.25 -43.07 -53.13
N GLN G 78 -23.98 -42.77 -52.85
CA GLN G 78 -23.65 -41.67 -51.98
C GLN G 78 -23.90 -40.31 -52.61
N LYS G 79 -24.12 -40.25 -53.93
CA LYS G 79 -24.40 -38.98 -54.58
C LYS G 79 -25.71 -38.36 -54.08
N GLU G 80 -26.69 -39.19 -53.71
CA GLU G 80 -27.96 -38.65 -53.23
C GLU G 80 -27.90 -38.33 -51.75
N LEU G 81 -27.53 -39.31 -50.92
CA LEU G 81 -27.46 -39.12 -49.46
C LEU G 81 -26.21 -38.33 -49.11
N GLU G 82 -26.32 -37.01 -49.27
CA GLU G 82 -25.24 -36.07 -48.95
C GLU G 82 -25.60 -35.13 -47.82
N GLU G 83 -26.83 -34.61 -47.80
CA GLU G 83 -27.29 -33.66 -46.79
C GLU G 83 -26.35 -32.47 -46.71
N LYS G 84 -26.46 -31.55 -47.65
CA LYS G 84 -25.59 -30.39 -47.68
C LYS G 84 -25.89 -29.46 -46.51
N SER G 85 -24.85 -28.77 -46.03
CA SER G 85 -25.00 -27.87 -44.90
C SER G 85 -25.72 -26.59 -45.33
N GLN G 86 -26.49 -26.04 -44.40
CA GLN G 86 -27.22 -24.80 -44.67
C GLN G 86 -26.31 -23.58 -44.67
N VAL G 87 -25.10 -23.70 -44.11
CA VAL G 87 -24.16 -22.59 -44.09
C VAL G 87 -23.27 -22.56 -45.32
N ARG G 88 -23.37 -23.56 -46.21
CA ARG G 88 -22.56 -23.60 -47.41
C ARG G 88 -23.07 -22.57 -48.42
N GLN G 89 -22.19 -21.65 -48.81
CA GLN G 89 -22.54 -20.61 -49.76
C GLN G 89 -21.34 -20.33 -50.64
N ASN G 90 -21.48 -20.58 -51.95
CA ASN G 90 -20.42 -20.37 -52.93
C ASN G 90 -19.16 -21.16 -52.54
N TYR G 91 -19.16 -22.46 -52.84
CA TYR G 91 -18.02 -23.31 -52.53
C TYR G 91 -18.02 -24.50 -53.48
N HIS G 92 -16.91 -24.71 -54.17
CA HIS G 92 -16.81 -25.77 -55.16
C HIS G 92 -16.06 -26.98 -54.59
N GLN G 93 -16.24 -28.13 -55.24
CA GLN G 93 -15.57 -29.34 -54.79
C GLN G 93 -14.07 -29.28 -55.00
N ASP G 94 -13.61 -28.53 -56.00
CA ASP G 94 -12.18 -28.35 -56.21
C ASP G 94 -11.54 -27.63 -55.02
N ALA G 95 -12.23 -26.63 -54.48
CA ALA G 95 -11.74 -25.95 -53.29
C ALA G 95 -11.68 -26.91 -52.10
N GLU G 96 -12.67 -27.80 -51.98
CA GLU G 96 -12.65 -28.79 -50.91
C GLU G 96 -11.47 -29.75 -51.06
N ALA G 97 -11.20 -30.20 -52.27
CA ALA G 97 -10.06 -31.08 -52.50
C ALA G 97 -8.74 -30.37 -52.21
N ALA G 98 -8.65 -29.08 -52.58
CA ALA G 98 -7.45 -28.32 -52.30
C ALA G 98 -7.26 -28.14 -50.80
N ILE G 99 -8.34 -27.88 -50.06
CA ILE G 99 -8.23 -27.75 -48.61
C ILE G 99 -7.83 -29.07 -47.99
N ASN G 100 -8.35 -30.19 -48.51
CA ASN G 100 -7.96 -31.50 -47.98
C ASN G 100 -6.48 -31.77 -48.23
N ARG G 101 -5.99 -31.44 -49.43
CA ARG G 101 -4.57 -31.62 -49.72
C ARG G 101 -3.71 -30.73 -48.85
N GLN G 102 -4.17 -29.50 -48.59
CA GLN G 102 -3.42 -28.61 -47.71
C GLN G 102 -3.39 -29.13 -46.28
N ILE G 103 -4.50 -29.70 -45.82
CA ILE G 103 -4.53 -30.29 -44.49
C ILE G 103 -3.59 -31.49 -44.40
N ASN G 104 -3.57 -32.33 -45.44
CA ASN G 104 -2.65 -33.45 -45.46
C ASN G 104 -1.20 -32.99 -45.44
N LEU G 105 -0.88 -31.93 -46.20
CA LEU G 105 0.48 -31.40 -46.21
C LEU G 105 0.85 -30.81 -44.86
N GLU G 106 -0.11 -30.14 -44.20
CA GLU G 106 0.16 -29.59 -42.86
C GLU G 106 0.41 -30.70 -41.86
N LEU G 107 -0.36 -31.79 -41.93
CA LEU G 107 -0.13 -32.92 -41.05
C LEU G 107 1.23 -33.57 -41.31
N TYR G 108 1.61 -33.68 -42.58
CA TYR G 108 2.93 -34.23 -42.92
C TYR G 108 4.05 -33.33 -42.38
N ALA G 109 3.87 -32.01 -42.50
CA ALA G 109 4.87 -31.08 -41.98
C ALA G 109 4.97 -31.17 -40.47
N SER G 110 3.83 -31.29 -39.79
CA SER G 110 3.85 -31.46 -38.33
C SER G 110 4.55 -32.75 -37.93
N TYR G 111 4.31 -33.82 -38.68
CA TYR G 111 4.98 -35.09 -38.38
C TYR G 111 6.50 -34.97 -38.60
N VAL G 112 6.91 -34.29 -39.67
CA VAL G 112 8.33 -34.11 -39.94
C VAL G 112 8.98 -33.27 -38.85
N TYR G 113 8.29 -32.22 -38.40
CA TYR G 113 8.84 -31.37 -37.34
C TYR G 113 8.91 -32.13 -36.02
N LEU G 114 7.93 -32.98 -35.74
CA LEU G 114 7.98 -33.81 -34.53
C LEU G 114 9.15 -34.78 -34.60
N SER G 115 9.38 -35.39 -35.77
CA SER G 115 10.51 -36.29 -35.93
C SER G 115 11.83 -35.55 -35.74
N MET G 116 11.92 -34.31 -36.26
CA MET G 116 13.13 -33.53 -36.08
C MET G 116 13.35 -33.17 -34.61
N SER G 117 12.26 -32.84 -33.91
CA SER G 117 12.38 -32.51 -32.49
C SER G 117 12.80 -33.74 -31.68
N CYS G 118 12.31 -34.92 -32.05
CA CYS G 118 12.66 -36.14 -31.36
C CYS G 118 13.99 -36.73 -31.80
N TYR G 119 14.59 -36.19 -32.87
CA TYR G 119 15.89 -36.66 -33.33
C TYR G 119 17.05 -35.88 -32.72
N PHE G 120 16.82 -34.62 -32.34
CA PHE G 120 17.89 -33.78 -31.80
C PHE G 120 18.01 -33.86 -30.28
N ASP G 121 16.96 -34.27 -29.58
CA ASP G 121 17.00 -34.34 -28.12
C ASP G 121 17.57 -35.67 -27.61
N ARG G 122 18.26 -36.41 -28.47
CA ARG G 122 18.87 -37.68 -28.08
C ARG G 122 20.21 -37.42 -27.38
N ASP G 123 20.96 -38.49 -27.14
CA ASP G 123 22.26 -38.37 -26.50
C ASP G 123 23.40 -38.17 -27.50
N ASP G 124 23.25 -38.67 -28.71
CA ASP G 124 24.27 -38.53 -29.74
C ASP G 124 24.23 -37.17 -30.43
N VAL G 125 23.26 -36.32 -30.11
CA VAL G 125 23.12 -35.00 -30.68
C VAL G 125 23.37 -33.91 -29.64
N ALA G 126 22.68 -33.99 -28.51
CA ALA G 126 22.86 -33.06 -27.38
C ALA G 126 22.59 -31.62 -27.82
N LEU G 127 21.41 -31.40 -28.38
CA LEU G 127 20.96 -30.08 -28.82
C LEU G 127 19.54 -29.88 -28.30
N LYS G 128 19.42 -29.32 -27.09
CA LYS G 128 18.10 -29.12 -26.49
C LYS G 128 17.39 -27.93 -27.09
N ASN G 129 18.12 -26.87 -27.46
CA ASN G 129 17.49 -25.69 -28.03
C ASN G 129 16.93 -25.98 -29.42
N PHE G 130 17.64 -26.78 -30.23
CA PHE G 130 17.10 -27.19 -31.52
C PHE G 130 15.84 -28.01 -31.35
N ALA G 131 15.82 -28.92 -30.37
CA ALA G 131 14.62 -29.72 -30.12
C ALA G 131 13.47 -28.84 -29.68
N LYS G 132 13.74 -27.85 -28.82
CA LYS G 132 12.67 -26.94 -28.38
C LYS G 132 12.13 -26.12 -29.54
N TYR G 133 13.01 -25.63 -30.42
CA TYR G 133 12.58 -24.87 -31.57
C TYR G 133 11.74 -25.73 -32.53
N PHE G 134 12.17 -26.96 -32.75
CA PHE G 134 11.41 -27.86 -33.63
C PHE G 134 10.06 -28.21 -33.01
N LEU G 135 10.01 -28.37 -31.69
CA LEU G 135 8.73 -28.65 -31.03
C LEU G 135 7.80 -27.45 -31.12
N HIS G 136 8.35 -26.24 -30.98
CA HIS G 136 7.52 -25.03 -31.13
C HIS G 136 7.00 -24.90 -32.55
N GLN G 137 7.84 -25.21 -33.54
CA GLN G 137 7.39 -25.17 -34.93
C GLN G 137 6.31 -26.22 -35.18
N SER G 138 6.47 -27.41 -34.61
CA SER G 138 5.44 -28.44 -34.77
C SER G 138 4.13 -28.02 -34.12
N HIS G 139 4.20 -27.38 -32.95
CA HIS G 139 2.99 -26.88 -32.30
C HIS G 139 2.33 -25.79 -33.14
N GLU G 140 3.12 -24.91 -33.73
CA GLU G 140 2.56 -23.87 -34.60
C GLU G 140 1.88 -24.47 -35.81
N GLU G 141 2.51 -25.47 -36.44
CA GLU G 141 1.89 -26.12 -37.60
C GLU G 141 0.62 -26.86 -37.19
N ARG G 142 0.62 -27.48 -36.00
CA ARG G 142 -0.57 -28.16 -35.52
CA ARG G 142 -0.58 -28.15 -35.51
C ARG G 142 -1.71 -27.17 -35.29
N GLU G 143 -1.40 -26.01 -34.70
CA GLU G 143 -2.43 -24.99 -34.48
C GLU G 143 -2.94 -24.44 -35.80
N HIS G 144 -2.05 -24.26 -36.78
CA HIS G 144 -2.49 -23.80 -38.09
C HIS G 144 -3.40 -24.82 -38.77
N ALA G 145 -3.06 -26.10 -38.64
CA ALA G 145 -3.92 -27.15 -39.21
C ALA G 145 -5.27 -27.19 -38.53
N GLU G 146 -5.29 -27.05 -37.20
CA GLU G 146 -6.57 -27.02 -36.49
C GLU G 146 -7.40 -25.81 -36.89
N LYS G 147 -6.75 -24.67 -37.10
CA LYS G 147 -7.48 -23.47 -37.53
C LYS G 147 -8.04 -23.66 -38.94
N LEU G 148 -7.27 -24.30 -39.82
CA LEU G 148 -7.78 -24.60 -41.16
C LEU G 148 -8.98 -25.55 -41.09
N MET G 149 -8.90 -26.57 -40.24
CA MET G 149 -10.01 -27.50 -40.09
C MET G 149 -11.25 -26.78 -39.55
N LYS G 150 -11.06 -25.89 -38.58
CA LYS G 150 -12.19 -25.14 -38.04
C LYS G 150 -12.80 -24.21 -39.10
N LEU G 151 -11.96 -23.56 -39.90
CA LEU G 151 -12.46 -22.69 -40.96
C LEU G 151 -13.22 -23.48 -42.01
N GLN G 152 -12.74 -24.69 -42.33
CA GLN G 152 -13.47 -25.53 -43.27
C GLN G 152 -14.80 -26.01 -42.69
N ASN G 153 -14.83 -26.31 -41.39
CA ASN G 153 -16.07 -26.72 -40.76
C ASN G 153 -17.07 -25.57 -40.67
N GLN G 154 -16.59 -24.34 -40.53
CA GLN G 154 -17.50 -23.19 -40.48
C GLN G 154 -18.13 -22.93 -41.84
N ARG G 155 -17.38 -23.17 -42.92
CA ARG G 155 -17.92 -22.96 -44.26
C ARG G 155 -18.87 -24.07 -44.69
N GLY G 156 -18.78 -25.24 -44.06
CA GLY G 156 -19.66 -26.35 -44.39
C GLY G 156 -19.02 -27.44 -45.22
N GLY G 157 -17.73 -27.32 -45.55
CA GLY G 157 -17.08 -28.34 -46.35
C GLY G 157 -16.71 -29.57 -45.53
N ARG G 158 -16.79 -30.72 -46.18
CA ARG G 158 -16.47 -31.98 -45.52
C ARG G 158 -14.96 -32.16 -45.43
N ILE G 159 -14.53 -32.86 -44.38
CA ILE G 159 -13.13 -33.13 -44.12
C ILE G 159 -12.95 -34.65 -44.07
N PHE G 160 -12.14 -35.19 -44.97
CA PHE G 160 -11.87 -36.62 -45.05
C PHE G 160 -10.41 -36.83 -44.66
N LEU G 161 -10.18 -37.12 -43.38
CA LEU G 161 -8.82 -37.34 -42.89
C LEU G 161 -8.33 -38.71 -43.34
N GLN G 162 -7.17 -38.72 -44.00
CA GLN G 162 -6.56 -39.93 -44.52
C GLN G 162 -5.30 -40.26 -43.73
N ASP G 163 -4.46 -41.15 -44.28
CA ASP G 163 -3.23 -41.53 -43.61
C ASP G 163 -2.19 -40.42 -43.70
N ILE G 164 -1.33 -40.34 -42.69
CA ILE G 164 -0.27 -39.35 -42.65
C ILE G 164 1.04 -40.03 -43.07
N LYS G 165 1.68 -39.48 -44.10
CA LYS G 165 2.91 -40.07 -44.60
C LYS G 165 4.06 -39.82 -43.63
N LYS G 166 5.04 -40.72 -43.66
CA LYS G 166 6.21 -40.63 -42.81
C LYS G 166 7.36 -39.96 -43.56
N PRO G 167 8.29 -39.34 -42.83
CA PRO G 167 9.46 -38.73 -43.49
C PRO G 167 10.29 -39.78 -44.20
N ASP G 168 10.70 -39.47 -45.43
CA ASP G 168 11.50 -40.41 -46.21
C ASP G 168 12.91 -40.56 -45.66
N ARG G 169 13.39 -39.60 -44.88
CA ARG G 169 14.73 -39.63 -44.30
C ARG G 169 14.59 -39.75 -42.78
N ASP G 170 14.67 -40.97 -42.26
CA ASP G 170 14.59 -41.16 -40.83
C ASP G 170 15.79 -40.58 -40.09
N ASP G 171 16.98 -40.71 -40.69
CA ASP G 171 18.20 -40.12 -40.14
C ASP G 171 18.45 -38.79 -40.86
N TRP G 172 18.24 -37.69 -40.14
CA TRP G 172 18.37 -36.34 -40.71
C TRP G 172 19.82 -35.87 -40.78
N CYS G 173 20.77 -36.79 -40.98
CA CYS G 173 22.19 -36.46 -41.09
C CYS G 173 22.68 -35.70 -39.87
N SER G 174 22.66 -34.37 -39.96
CA SER G 174 23.11 -33.52 -38.86
C SER G 174 22.15 -32.35 -38.66
N GLY G 175 22.65 -31.13 -38.79
CA GLY G 175 21.82 -29.95 -38.62
C GLY G 175 21.58 -29.20 -39.92
N LEU G 176 22.61 -29.11 -40.76
CA LEU G 176 22.48 -28.39 -42.02
C LEU G 176 21.50 -29.08 -42.95
N ASN G 177 21.57 -30.41 -43.03
CA ASN G 177 20.63 -31.16 -43.87
C ASN G 177 19.21 -31.03 -43.34
N ALA G 178 19.05 -31.04 -42.02
CA ALA G 178 17.71 -30.86 -41.44
C ALA G 178 17.16 -29.48 -41.75
N MET G 179 18.02 -28.45 -41.67
CA MET G 179 17.57 -27.10 -42.00
C MET G 179 17.20 -26.98 -43.47
N GLU G 180 17.98 -27.61 -44.35
CA GLU G 180 17.66 -27.59 -45.78
C GLU G 180 16.35 -28.32 -46.06
N SER G 181 16.12 -29.45 -45.39
CA SER G 181 14.86 -30.17 -45.57
C SER G 181 13.68 -29.35 -45.06
N ALA G 182 13.86 -28.67 -43.93
CA ALA G 182 12.79 -27.80 -43.41
C ALA G 182 12.51 -26.65 -44.36
N LEU G 183 13.56 -26.07 -44.95
CA LEU G 183 13.37 -24.99 -45.92
C LEU G 183 12.64 -25.48 -47.16
N HIS G 184 13.00 -26.67 -47.65
CA HIS G 184 12.30 -27.23 -48.81
C HIS G 184 10.84 -27.51 -48.48
N LEU G 185 10.58 -28.01 -47.27
CA LEU G 185 9.21 -28.26 -46.86
C LEU G 185 8.40 -26.97 -46.77
N GLU G 186 9.00 -25.91 -46.23
CA GLU G 186 8.31 -24.62 -46.17
C GLU G 186 8.07 -24.05 -47.56
N LYS G 187 9.02 -24.24 -48.48
CA LYS G 187 8.81 -23.80 -49.86
C LYS G 187 7.67 -24.58 -50.51
N SER G 188 7.60 -25.89 -50.26
CA SER G 188 6.49 -26.68 -50.80
C SER G 188 5.15 -26.24 -50.22
N VAL G 189 5.13 -25.93 -48.92
CA VAL G 189 3.89 -25.44 -48.30
C VAL G 189 3.49 -24.11 -48.90
N ASN G 190 4.46 -23.22 -49.15
CA ASN G 190 4.16 -21.94 -49.77
C ASN G 190 3.63 -22.12 -51.19
N GLN G 191 4.21 -23.04 -51.94
CA GLN G 191 3.72 -23.33 -53.30
C GLN G 191 2.30 -23.88 -53.25
N SER G 192 2.02 -24.75 -52.30
CA SER G 192 0.66 -25.28 -52.16
C SER G 192 -0.32 -24.18 -51.80
N LEU G 193 0.09 -23.26 -50.93
CA LEU G 193 -0.78 -22.14 -50.58
C LEU G 193 -1.02 -21.22 -51.78
N LEU G 194 0.00 -21.01 -52.59
CA LEU G 194 -0.18 -20.20 -53.80
C LEU G 194 -1.13 -20.87 -54.78
N GLU G 195 -1.00 -22.20 -54.93
CA GLU G 195 -1.92 -22.93 -55.80
C GLU G 195 -3.35 -22.87 -55.27
N LEU G 196 -3.51 -22.97 -53.94
CA LEU G 196 -4.84 -22.85 -53.35
C LEU G 196 -5.43 -21.47 -53.58
N HIS G 197 -4.61 -20.42 -53.43
CA HIS G 197 -5.09 -19.07 -53.69
C HIS G 197 -5.50 -18.90 -55.15
N LYS G 198 -4.70 -19.43 -56.08
CA LYS G 198 -5.04 -19.33 -57.49
C LYS G 198 -6.33 -20.08 -57.80
N LEU G 199 -6.50 -21.27 -57.22
CA LEU G 199 -7.72 -22.04 -57.45
C LEU G 199 -8.95 -21.34 -56.87
N ALA G 200 -8.80 -20.72 -55.69
CA ALA G 200 -9.91 -19.99 -55.11
C ALA G 200 -10.24 -18.73 -55.90
N THR G 201 -9.24 -18.09 -56.49
CA THR G 201 -9.49 -16.92 -57.33
C THR G 201 -10.17 -17.31 -58.63
N ASP G 202 -9.76 -18.44 -59.22
CA ASP G 202 -10.35 -18.87 -60.48
C ASP G 202 -11.75 -19.45 -60.28
N LYS G 203 -12.04 -19.98 -59.09
CA LYS G 203 -13.34 -20.57 -58.80
C LYS G 203 -14.24 -19.66 -57.98
N ASN G 204 -13.99 -18.34 -58.00
CA ASN G 204 -14.80 -17.35 -57.29
C ASN G 204 -14.87 -17.66 -55.79
N ASP G 205 -13.76 -17.42 -55.08
CA ASP G 205 -13.71 -17.64 -53.64
C ASP G 205 -12.77 -16.60 -53.04
N PRO G 206 -13.24 -15.37 -52.84
CA PRO G 206 -12.34 -14.33 -52.32
C PRO G 206 -12.07 -14.46 -50.83
N HIS G 207 -13.05 -14.92 -50.05
CA HIS G 207 -12.88 -14.97 -48.60
C HIS G 207 -11.78 -15.96 -48.21
N LEU G 208 -11.85 -17.18 -48.75
CA LEU G 208 -10.88 -18.21 -48.37
C LEU G 208 -9.47 -17.82 -48.81
N CYS G 209 -9.31 -17.36 -50.05
CA CYS G 209 -7.98 -16.99 -50.53
C CYS G 209 -7.44 -15.79 -49.78
N ASP G 210 -8.31 -14.83 -49.45
CA ASP G 210 -7.86 -13.68 -48.66
C ASP G 210 -7.42 -14.10 -47.27
N PHE G 211 -8.18 -14.97 -46.62
CA PHE G 211 -7.78 -15.44 -45.30
C PHE G 211 -6.47 -16.21 -45.35
N ILE G 212 -6.27 -17.01 -46.41
CA ILE G 212 -5.03 -17.76 -46.55
C ILE G 212 -3.85 -16.82 -46.75
N GLU G 213 -4.00 -15.82 -47.63
CA GLU G 213 -2.90 -14.91 -47.92
C GLU G 213 -2.67 -13.91 -46.79
N THR G 214 -3.62 -13.76 -45.88
CA THR G 214 -3.45 -12.81 -44.78
C THR G 214 -2.92 -13.48 -43.52
N TYR G 215 -3.56 -14.55 -43.06
CA TYR G 215 -3.25 -15.16 -41.77
C TYR G 215 -2.43 -16.44 -41.90
N TYR G 216 -1.73 -16.64 -43.02
CA TYR G 216 -0.91 -17.84 -43.19
C TYR G 216 0.37 -17.55 -43.97
N LEU G 217 0.27 -16.77 -45.05
CA LEU G 217 1.44 -16.52 -45.88
C LEU G 217 2.50 -15.71 -45.15
N SER G 218 2.10 -14.83 -44.24
CA SER G 218 3.07 -14.03 -43.50
C SER G 218 3.93 -14.93 -42.60
N GLU G 219 3.30 -15.85 -41.88
CA GLU G 219 4.05 -16.76 -41.03
C GLU G 219 4.95 -17.67 -41.87
N GLN G 220 4.48 -18.09 -43.05
CA GLN G 220 5.29 -18.92 -43.92
C GLN G 220 6.52 -18.15 -44.41
N VAL G 221 6.35 -16.89 -44.79
CA VAL G 221 7.48 -16.08 -45.24
C VAL G 221 8.46 -15.86 -44.09
N LYS G 222 7.95 -15.61 -42.89
CA LYS G 222 8.83 -15.42 -41.74
C LYS G 222 9.63 -16.70 -41.44
N SER G 223 8.96 -17.86 -41.51
CA SER G 223 9.65 -19.12 -41.28
C SER G 223 10.70 -19.40 -42.34
N ILE G 224 10.39 -19.09 -43.60
CA ILE G 224 11.35 -19.29 -44.68
C ILE G 224 12.55 -18.38 -44.48
N LYS G 225 12.33 -17.13 -44.09
CA LYS G 225 13.43 -16.21 -43.85
C LYS G 225 14.30 -16.67 -42.68
N GLU G 226 13.66 -17.16 -41.60
CA GLU G 226 14.41 -17.64 -40.46
C GLU G 226 15.23 -18.88 -40.81
N LEU G 227 14.66 -19.80 -41.58
CA LEU G 227 15.40 -20.99 -41.99
C LEU G 227 16.55 -20.62 -42.93
N GLY G 228 16.34 -19.64 -43.81
CA GLY G 228 17.43 -19.18 -44.65
C GLY G 228 18.56 -18.55 -43.86
N ASP G 229 18.21 -17.75 -42.85
CA ASP G 229 19.23 -17.17 -41.99
C ASP G 229 19.99 -18.25 -41.23
N HIS G 230 19.28 -19.28 -40.76
CA HIS G 230 19.93 -20.37 -40.05
C HIS G 230 20.87 -21.14 -40.97
N VAL G 231 20.45 -21.39 -42.22
CA VAL G 231 21.30 -22.09 -43.17
C VAL G 231 22.53 -21.25 -43.49
N THR G 232 22.35 -19.94 -43.66
CA THR G 232 23.49 -19.07 -43.92
C THR G 232 24.47 -19.07 -42.76
N ASN G 233 23.95 -19.04 -41.53
CA ASN G 233 24.82 -19.08 -40.35
C ASN G 233 25.58 -20.40 -40.27
N LEU G 234 24.88 -21.51 -40.54
CA LEU G 234 25.54 -22.81 -40.48
C LEU G 234 26.59 -22.97 -41.58
N ARG G 235 26.37 -22.33 -42.73
CA ARG G 235 27.35 -22.41 -43.81
C ARG G 235 28.54 -21.49 -43.57
N LYS G 236 28.33 -20.33 -42.95
CA LYS G 236 29.43 -19.42 -42.70
C LYS G 236 30.27 -19.86 -41.51
N MET G 237 29.64 -20.32 -40.43
CA MET G 237 30.38 -20.73 -39.25
C MET G 237 31.15 -22.02 -39.49
N GLY G 238 30.46 -23.04 -40.03
CA GLY G 238 31.11 -24.30 -40.31
C GLY G 238 30.36 -25.50 -39.75
N ALA G 239 29.23 -25.84 -40.38
CA ALA G 239 28.42 -26.96 -39.96
C ALA G 239 27.92 -27.71 -41.19
N PRO G 240 27.94 -29.05 -41.17
CA PRO G 240 28.42 -29.87 -40.05
C PRO G 240 29.91 -30.17 -40.13
N CYS G 241 30.69 -29.24 -40.70
CA CYS G 241 32.13 -29.45 -40.83
C CYS G 241 32.86 -29.37 -39.49
N ALA G 242 32.20 -28.83 -38.46
CA ALA G 242 32.80 -28.74 -37.15
C ALA G 242 31.69 -28.65 -36.11
N GLY G 243 31.83 -29.43 -35.03
CA GLY G 243 30.83 -29.43 -33.98
C GLY G 243 30.80 -28.17 -33.14
N MET G 244 31.80 -27.29 -33.28
CA MET G 244 31.82 -26.05 -32.53
C MET G 244 30.73 -25.09 -33.01
N ALA G 245 30.53 -25.03 -34.33
CA ALA G 245 29.53 -24.13 -34.89
C ALA G 245 28.12 -24.50 -34.44
N GLU G 246 27.81 -25.80 -34.44
CA GLU G 246 26.49 -26.24 -34.00
C GLU G 246 26.27 -25.91 -32.53
N TYR G 247 27.27 -26.14 -31.69
CA TYR G 247 27.14 -25.83 -30.27
C TYR G 247 26.96 -24.34 -30.04
N LEU G 248 27.70 -23.51 -30.77
CA LEU G 248 27.58 -22.07 -30.59
C LEU G 248 26.23 -21.55 -31.10
N PHE G 249 25.75 -22.10 -32.21
CA PHE G 249 24.43 -21.71 -32.71
C PHE G 249 23.32 -22.20 -31.78
N ASP G 250 23.56 -23.30 -31.06
CA ASP G 250 22.58 -23.78 -30.10
C ASP G 250 22.56 -22.91 -28.85
N LYS G 251 23.74 -22.50 -28.38
CA LYS G 251 23.84 -21.74 -27.14
C LYS G 251 23.67 -20.24 -27.32
N HIS G 252 23.66 -19.74 -28.56
CA HIS G 252 23.51 -18.32 -28.82
C HIS G 252 22.17 -17.99 -29.49
N THR G 253 21.92 -18.50 -30.68
CA THR G 253 20.71 -18.17 -31.41
C THR G 253 19.48 -18.74 -30.73
N LEU G 254 19.35 -20.07 -30.74
CA LEU G 254 18.19 -20.73 -30.13
C LEU G 254 18.32 -20.87 -28.62
N GLY G 255 19.40 -20.39 -28.02
CA GLY G 255 19.58 -20.47 -26.59
C GLY G 255 18.83 -19.39 -25.83
N THR H 13 -78.31 -10.49 26.47
CA THR H 13 -78.21 -9.17 25.89
C THR H 13 -77.52 -8.19 26.85
N GLN H 14 -77.03 -8.73 27.96
CA GLN H 14 -76.35 -7.89 28.95
C GLN H 14 -74.93 -7.55 28.51
N ASP H 15 -74.19 -8.54 28.00
CA ASP H 15 -72.82 -8.29 27.56
C ASP H 15 -72.78 -7.37 26.36
N LEU H 16 -73.76 -7.50 25.46
CA LEU H 16 -73.81 -6.61 24.29
C LEU H 16 -74.06 -5.16 24.72
N ARG H 17 -75.01 -4.95 25.63
CA ARG H 17 -75.27 -3.60 26.13
C ARG H 17 -74.07 -3.05 26.89
N SER H 18 -73.39 -3.91 27.66
CA SER H 18 -72.20 -3.45 28.39
C SER H 18 -71.11 -3.02 27.42
N HIS H 19 -70.88 -3.80 26.35
CA HIS H 19 -69.87 -3.42 25.36
C HIS H 19 -70.26 -2.14 24.64
N LEU H 20 -71.55 -1.99 24.31
CA LEU H 20 -71.99 -0.79 23.62
C LEU H 20 -71.86 0.45 24.50
N VAL H 21 -72.08 0.31 25.81
CA VAL H 21 -71.97 1.45 26.70
C VAL H 21 -70.52 1.71 27.11
N HIS H 22 -69.64 0.72 26.99
CA HIS H 22 -68.23 0.93 27.28
C HIS H 22 -67.42 1.40 26.08
N LYS H 23 -67.93 1.19 24.86
CA LYS H 23 -67.21 1.65 23.68
C LYS H 23 -67.52 3.10 23.34
N LEU H 24 -68.68 3.60 23.75
CA LEU H 24 -69.04 4.97 23.41
C LEU H 24 -68.23 5.99 24.20
N VAL H 25 -67.85 5.68 25.44
CA VAL H 25 -67.04 6.59 26.22
C VAL H 25 -65.65 6.76 25.63
N GLN H 26 -65.19 5.80 24.82
CA GLN H 26 -63.92 5.91 24.13
C GLN H 26 -64.08 6.47 22.71
N ALA H 27 -65.20 6.18 22.05
CA ALA H 27 -65.43 6.71 20.72
C ALA H 27 -65.72 8.20 20.75
N ILE H 28 -66.42 8.68 21.77
CA ILE H 28 -66.72 10.10 21.87
C ILE H 28 -65.48 10.89 22.25
N PHE H 29 -64.92 10.61 23.42
CA PHE H 29 -63.73 11.31 23.89
C PHE H 29 -62.54 10.36 23.92
N PRO H 30 -61.36 10.81 23.51
CA PRO H 30 -60.17 9.93 23.53
C PRO H 30 -59.72 9.57 24.94
N CYS H 31 -58.71 10.27 25.44
CA CYS H 31 -58.15 9.97 26.76
C CYS H 31 -58.00 11.25 27.56
N PRO H 32 -58.40 11.23 28.84
CA PRO H 32 -58.24 12.43 29.68
C PRO H 32 -56.81 12.61 30.17
N ASP H 33 -56.62 13.50 31.14
CA ASP H 33 -55.30 13.74 31.71
C ASP H 33 -55.43 14.13 33.18
N PRO H 34 -54.99 13.28 34.11
CA PRO H 34 -55.16 13.59 35.54
C PRO H 34 -54.24 14.69 36.03
N CYS H 35 -52.94 14.58 35.74
CA CYS H 35 -51.94 15.52 36.22
C CYS H 35 -52.06 16.90 35.57
N ALA H 36 -52.39 16.95 34.28
CA ALA H 36 -52.52 18.24 33.61
C ALA H 36 -53.78 18.98 34.02
N LEU H 37 -54.93 18.32 33.94
CA LEU H 37 -56.21 18.91 34.29
C LEU H 37 -56.64 18.39 35.67
N LYS H 38 -57.91 18.00 35.77
CA LYS H 38 -58.45 17.46 37.02
C LYS H 38 -58.97 16.04 36.82
N ASP H 39 -60.23 15.81 37.15
CA ASP H 39 -60.84 14.49 37.00
C ASP H 39 -62.35 14.60 36.88
N ARG H 40 -62.91 15.75 37.27
CA ARG H 40 -64.36 15.94 37.22
C ARG H 40 -64.87 16.09 35.78
N ARG H 41 -64.00 16.45 34.84
CA ARG H 41 -64.44 16.64 33.47
C ARG H 41 -64.80 15.32 32.82
N MET H 42 -63.99 14.28 33.00
CA MET H 42 -64.31 12.97 32.48
C MET H 42 -65.56 12.42 33.13
N GLU H 43 -65.74 12.69 34.43
CA GLU H 43 -66.95 12.25 35.12
C GLU H 43 -68.18 12.93 34.56
N ASN H 44 -68.11 14.24 34.33
CA ASN H 44 -69.24 14.94 33.73
C ASN H 44 -69.52 14.44 32.32
N LEU H 45 -68.46 14.13 31.56
CA LEU H 45 -68.64 13.64 30.20
C LEU H 45 -69.33 12.28 30.19
N VAL H 46 -68.88 11.36 31.05
CA VAL H 46 -69.50 10.04 31.08
C VAL H 46 -70.92 10.13 31.65
N ALA H 47 -71.17 11.07 32.56
CA ALA H 47 -72.53 11.27 33.05
C ALA H 47 -73.45 11.77 31.95
N TYR H 48 -72.98 12.73 31.15
CA TYR H 48 -73.77 13.22 30.02
C TYR H 48 -73.99 12.11 28.99
N ALA H 49 -72.98 11.26 28.78
CA ALA H 49 -73.15 10.15 27.86
C ALA H 49 -74.21 9.16 28.36
N LYS H 50 -74.17 8.84 29.65
CA LYS H 50 -75.19 7.96 30.22
C LYS H 50 -76.57 8.59 30.11
N LYS H 51 -76.66 9.91 30.36
CA LYS H 51 -77.96 10.59 30.27
C LYS H 51 -78.50 10.54 28.85
N VAL H 52 -77.66 10.82 27.86
CA VAL H 52 -78.15 10.87 26.48
C VAL H 52 -78.48 9.47 25.98
N GLU H 53 -77.72 8.46 26.40
CA GLU H 53 -78.03 7.10 25.96
C GLU H 53 -79.32 6.61 26.62
N GLY H 54 -79.56 7.00 27.88
CA GLY H 54 -80.82 6.66 28.52
C GLY H 54 -82.00 7.36 27.87
N ASP H 55 -81.81 8.63 27.47
CA ASP H 55 -82.87 9.35 26.78
C ASP H 55 -83.17 8.74 25.41
N MET H 56 -82.13 8.25 24.72
CA MET H 56 -82.34 7.60 23.44
C MET H 56 -82.98 6.23 23.61
N TYR H 57 -82.68 5.53 24.71
CA TYR H 57 -83.28 4.22 24.94
C TYR H 57 -84.75 4.35 25.34
N GLU H 58 -85.07 5.37 26.15
CA GLU H 58 -86.46 5.59 26.54
C GLU H 58 -87.34 6.03 25.38
N SER H 59 -86.76 6.63 24.35
CA SER H 59 -87.50 7.09 23.18
C SER H 59 -87.11 6.29 21.93
N ALA H 60 -87.24 4.97 21.99
CA ALA H 60 -86.89 4.10 20.88
C ALA H 60 -88.04 3.16 20.55
N ASN H 61 -87.93 2.48 19.40
CA ASN H 61 -88.96 1.54 18.97
C ASN H 61 -88.46 0.11 19.08
N SER H 62 -87.51 -0.27 18.21
CA SER H 62 -86.97 -1.62 18.20
C SER H 62 -85.52 -1.65 18.67
N ARG H 63 -84.68 -2.39 17.97
CA ARG H 63 -83.29 -2.56 18.33
C ARG H 63 -82.33 -1.96 17.31
N ASP H 64 -82.58 -2.16 16.02
CA ASP H 64 -81.66 -1.67 14.99
C ASP H 64 -81.74 -0.16 14.86
N GLU H 65 -82.94 0.42 14.93
CA GLU H 65 -83.07 1.86 14.80
C GLU H 65 -82.41 2.60 15.96
N TYR H 66 -82.47 2.03 17.17
CA TYR H 66 -81.79 2.64 18.30
C TYR H 66 -80.29 2.64 18.11
N TYR H 67 -79.73 1.54 17.62
CA TYR H 67 -78.30 1.48 17.36
C TYR H 67 -77.89 2.46 16.26
N HIS H 68 -78.73 2.58 15.22
CA HIS H 68 -78.44 3.53 14.16
C HIS H 68 -78.47 4.97 14.67
N LEU H 69 -79.46 5.29 15.52
CA LEU H 69 -79.53 6.63 16.08
C LEU H 69 -78.35 6.91 16.99
N LEU H 70 -77.92 5.91 17.76
CA LEU H 70 -76.76 6.08 18.63
C LEU H 70 -75.50 6.31 17.81
N ALA H 71 -75.33 5.57 16.71
CA ALA H 71 -74.18 5.77 15.84
C ALA H 71 -74.20 7.16 15.21
N GLU H 72 -75.39 7.61 14.79
CA GLU H 72 -75.51 8.94 14.22
C GLU H 72 -75.19 10.01 15.25
N LYS H 73 -75.62 9.82 16.49
CA LYS H 73 -75.30 10.78 17.54
C LYS H 73 -73.80 10.81 17.82
N ILE H 74 -73.15 9.63 17.83
CA ILE H 74 -71.70 9.59 18.03
C ILE H 74 -70.99 10.31 16.90
N TYR H 75 -71.44 10.09 15.66
CA TYR H 75 -70.84 10.79 14.52
C TYR H 75 -71.02 12.31 14.65
N LYS H 76 -72.22 12.75 15.02
CA LYS H 76 -72.47 14.18 15.14
C LYS H 76 -71.65 14.80 16.26
N ILE H 77 -71.43 14.06 17.34
CA ILE H 77 -70.58 14.57 18.41
C ILE H 77 -69.13 14.64 17.95
N GLN H 78 -68.67 13.64 17.20
CA GLN H 78 -67.33 13.66 16.66
C GLN H 78 -67.13 14.68 15.55
N LYS H 79 -68.22 15.23 15.00
CA LYS H 79 -68.08 16.24 13.95
C LYS H 79 -67.40 17.50 14.46
N GLU H 80 -67.58 17.84 15.74
CA GLU H 80 -66.95 19.04 16.28
C GLU H 80 -65.52 18.75 16.73
N LEU H 81 -65.34 17.76 17.61
CA LEU H 81 -64.02 17.43 18.15
C LEU H 81 -63.23 16.65 17.09
N GLU H 82 -62.66 17.41 16.16
CA GLU H 82 -61.83 16.87 15.08
C GLU H 82 -60.38 17.31 15.17
N GLU H 83 -60.15 18.60 15.48
CA GLU H 83 -58.80 19.16 15.56
C GLU H 83 -58.04 18.91 14.26
N LYS H 84 -58.34 19.69 13.22
CA LYS H 84 -57.69 19.51 11.93
C LYS H 84 -56.21 19.89 12.02
N SER H 85 -55.40 19.23 11.20
CA SER H 85 -53.97 19.49 11.20
C SER H 85 -53.66 20.81 10.49
N GLN H 86 -52.62 21.48 10.98
CA GLN H 86 -52.22 22.75 10.38
C GLN H 86 -51.51 22.56 9.04
N VAL H 87 -51.04 21.34 8.75
CA VAL H 87 -50.38 21.06 7.47
C VAL H 87 -51.36 20.65 6.38
N ARG H 88 -52.64 20.49 6.71
CA ARG H 88 -53.64 20.09 5.73
C ARG H 88 -53.95 21.27 4.80
N GLN H 89 -53.73 21.07 3.50
CA GLN H 89 -53.99 22.10 2.51
C GLN H 89 -54.51 21.45 1.25
N ASN H 90 -55.75 21.79 0.88
CA ASN H 90 -56.40 21.24 -0.30
C ASN H 90 -56.45 19.71 -0.25
N TYR H 91 -57.41 19.17 0.50
CA TYR H 91 -57.56 17.73 0.64
C TYR H 91 -59.00 17.42 1.00
N HIS H 92 -59.64 16.55 0.22
CA HIS H 92 -61.04 16.23 0.43
C HIS H 92 -61.18 14.87 1.14
N GLN H 93 -62.36 14.65 1.72
CA GLN H 93 -62.61 13.40 2.43
C GLN H 93 -62.68 12.22 1.47
N ASP H 94 -63.09 12.45 0.23
CA ASP H 94 -63.10 11.37 -0.75
C ASP H 94 -61.68 10.87 -1.04
N ALA H 95 -60.72 11.79 -1.10
CA ALA H 95 -59.33 11.38 -1.26
C ALA H 95 -58.85 10.57 -0.06
N GLU H 96 -59.28 10.96 1.14
CA GLU H 96 -58.91 10.20 2.34
C GLU H 96 -59.50 8.79 2.30
N ALA H 97 -60.76 8.66 1.89
CA ALA H 97 -61.37 7.34 1.78
C ALA H 97 -60.68 6.50 0.71
N ALA H 98 -60.29 7.12 -0.41
CA ALA H 98 -59.58 6.39 -1.44
C ALA H 98 -58.21 5.93 -0.96
N ILE H 99 -57.51 6.78 -0.20
CA ILE H 99 -56.22 6.37 0.35
C ILE H 99 -56.39 5.24 1.36
N ASN H 100 -57.45 5.29 2.16
CA ASN H 100 -57.71 4.21 3.10
C ASN H 100 -57.99 2.90 2.39
N ARG H 101 -58.80 2.95 1.32
CA ARG H 101 -59.07 1.75 0.54
C ARG H 101 -57.82 1.21 -0.12
N GLN H 102 -56.95 2.12 -0.61
CA GLN H 102 -55.69 1.68 -1.21
C GLN H 102 -54.78 1.04 -0.17
N ILE H 103 -54.76 1.58 1.04
CA ILE H 103 -53.96 0.98 2.12
C ILE H 103 -54.49 -0.40 2.47
N ASN H 104 -55.82 -0.54 2.55
CA ASN H 104 -56.40 -1.84 2.82
C ASN H 104 -56.06 -2.85 1.73
N LEU H 105 -56.11 -2.42 0.47
CA LEU H 105 -55.77 -3.32 -0.63
C LEU H 105 -54.29 -3.69 -0.60
N GLU H 106 -53.42 -2.74 -0.23
CA GLU H 106 -51.99 -3.05 -0.11
C GLU H 106 -51.74 -4.05 1.01
N LEU H 107 -52.43 -3.89 2.14
CA LEU H 107 -52.30 -4.85 3.23
C LEU H 107 -52.79 -6.23 2.82
N TYR H 108 -53.91 -6.28 2.08
CA TYR H 108 -54.42 -7.56 1.60
C TYR H 108 -53.43 -8.22 0.63
N ALA H 109 -52.83 -7.42 -0.25
CA ALA H 109 -51.84 -7.96 -1.18
C ALA H 109 -50.60 -8.47 -0.45
N SER H 110 -50.16 -7.75 0.58
CA SER H 110 -49.03 -8.21 1.37
C SER H 110 -49.36 -9.52 2.09
N TYR H 111 -50.59 -9.63 2.61
CA TYR H 111 -50.99 -10.87 3.27
C TYR H 111 -51.04 -12.03 2.27
N VAL H 112 -51.55 -11.78 1.07
CA VAL H 112 -51.61 -12.83 0.04
C VAL H 112 -50.20 -13.26 -0.36
N TYR H 113 -49.29 -12.30 -0.51
CA TYR H 113 -47.92 -12.64 -0.88
C TYR H 113 -47.22 -13.39 0.24
N LEU H 114 -47.49 -13.04 1.50
CA LEU H 114 -46.92 -13.79 2.61
C LEU H 114 -47.46 -15.22 2.65
N SER H 115 -48.76 -15.39 2.38
CA SER H 115 -49.32 -16.73 2.31
C SER H 115 -48.70 -17.54 1.18
N MET H 116 -48.47 -16.90 0.03
CA MET H 116 -47.83 -17.60 -1.08
C MET H 116 -46.40 -17.99 -0.74
N SER H 117 -45.67 -17.10 -0.06
CA SER H 117 -44.30 -17.42 0.35
C SER H 117 -44.27 -18.55 1.36
N CYS H 118 -45.25 -18.60 2.26
CA CYS H 118 -45.31 -19.65 3.26
C CYS H 118 -45.94 -20.94 2.73
N TYR H 119 -46.51 -20.91 1.52
CA TYR H 119 -47.09 -22.11 0.93
C TYR H 119 -46.10 -22.88 0.06
N PHE H 120 -45.11 -22.19 -0.51
CA PHE H 120 -44.15 -22.83 -1.40
C PHE H 120 -42.91 -23.36 -0.69
N ASP H 121 -42.59 -22.85 0.50
CA ASP H 121 -41.41 -23.29 1.23
C ASP H 121 -41.67 -24.54 2.08
N ARG H 122 -42.76 -25.25 1.83
CA ARG H 122 -43.10 -26.46 2.57
C ARG H 122 -42.31 -27.64 2.01
N ASP H 123 -42.66 -28.84 2.45
CA ASP H 123 -41.98 -30.05 1.98
C ASP H 123 -42.66 -30.66 0.76
N ASP H 124 -43.96 -30.46 0.60
CA ASP H 124 -44.69 -30.99 -0.54
C ASP H 124 -44.54 -30.12 -1.79
N VAL H 125 -43.85 -28.99 -1.70
CA VAL H 125 -43.62 -28.10 -2.83
C VAL H 125 -42.14 -28.07 -3.21
N ALA H 126 -41.27 -27.82 -2.25
CA ALA H 126 -39.82 -27.81 -2.44
C ALA H 126 -39.40 -26.80 -3.52
N LEU H 127 -39.81 -25.55 -3.30
CA LEU H 127 -39.49 -24.44 -4.19
C LEU H 127 -39.02 -23.28 -3.31
N LYS H 128 -37.71 -23.23 -3.05
CA LYS H 128 -37.16 -22.17 -2.20
C LYS H 128 -37.05 -20.85 -2.94
N ASN H 129 -36.75 -20.88 -4.24
CA ASN H 129 -36.61 -19.64 -4.99
C ASN H 129 -37.96 -18.95 -5.15
N PHE H 130 -39.03 -19.71 -5.38
CA PHE H 130 -40.36 -19.13 -5.43
C PHE H 130 -40.74 -18.49 -4.09
N ALA H 131 -40.40 -19.16 -2.99
CA ALA H 131 -40.68 -18.59 -1.67
C ALA H 131 -39.90 -17.31 -1.44
N LYS H 132 -38.63 -17.29 -1.87
CA LYS H 132 -37.82 -16.08 -1.71
C LYS H 132 -38.37 -14.94 -2.55
N TYR H 133 -38.79 -15.23 -3.79
CA TYR H 133 -39.37 -14.20 -4.63
C TYR H 133 -40.66 -13.65 -4.05
N PHE H 134 -41.52 -14.54 -3.52
CA PHE H 134 -42.77 -14.10 -2.92
C PHE H 134 -42.51 -13.29 -1.66
N LEU H 135 -41.49 -13.66 -0.88
CA LEU H 135 -41.15 -12.89 0.32
C LEU H 135 -40.62 -11.51 -0.06
N HIS H 136 -39.82 -11.43 -1.13
CA HIS H 136 -39.33 -10.14 -1.60
C HIS H 136 -40.48 -9.27 -2.09
N GLN H 137 -41.43 -9.87 -2.80
CA GLN H 137 -42.60 -9.10 -3.25
C GLN H 137 -43.43 -8.63 -2.07
N SER H 138 -43.59 -9.47 -1.05
CA SER H 138 -44.32 -9.05 0.14
C SER H 138 -43.62 -7.92 0.87
N HIS H 139 -42.28 -7.98 0.94
CA HIS H 139 -41.53 -6.89 1.55
C HIS H 139 -41.67 -5.60 0.76
N GLU H 140 -41.66 -5.69 -0.57
CA GLU H 140 -41.84 -4.51 -1.40
C GLU H 140 -43.22 -3.90 -1.20
N GLU H 141 -44.26 -4.74 -1.15
CA GLU H 141 -45.61 -4.23 -0.92
C GLU H 141 -45.73 -3.61 0.46
N ARG H 142 -45.07 -4.21 1.47
CA ARG H 142 -45.09 -3.65 2.81
CA ARG H 142 -45.08 -3.65 2.81
C ARG H 142 -44.41 -2.28 2.85
N GLU H 143 -43.28 -2.15 2.15
CA GLU H 143 -42.59 -0.86 2.10
C GLU H 143 -43.42 0.18 1.36
N HIS H 144 -44.11 -0.24 0.29
CA HIS H 144 -44.97 0.69 -0.42
C HIS H 144 -46.14 1.14 0.45
N ALA H 145 -46.71 0.22 1.22
CA ALA H 145 -47.80 0.59 2.12
C ALA H 145 -47.32 1.54 3.22
N GLU H 146 -46.13 1.28 3.76
CA GLU H 146 -45.57 2.18 4.77
C GLU H 146 -45.29 3.56 4.19
N LYS H 147 -44.82 3.61 2.94
CA LYS H 147 -44.57 4.90 2.30
C LYS H 147 -45.87 5.65 2.05
N LEU H 148 -46.93 4.92 1.66
CA LEU H 148 -48.23 5.56 1.50
C LEU H 148 -48.76 6.09 2.82
N MET H 149 -48.59 5.33 3.90
CA MET H 149 -49.02 5.79 5.22
C MET H 149 -48.24 7.04 5.64
N LYS H 150 -46.93 7.05 5.39
CA LYS H 150 -46.12 8.22 5.73
C LYS H 150 -46.53 9.44 4.90
N LEU H 151 -46.81 9.24 3.62
CA LEU H 151 -47.26 10.35 2.77
C LEU H 151 -48.60 10.89 3.23
N GLN H 152 -49.50 10.00 3.66
CA GLN H 152 -50.78 10.46 4.18
C GLN H 152 -50.62 11.20 5.50
N ASN H 153 -49.69 10.75 6.35
CA ASN H 153 -49.44 11.44 7.61
C ASN H 153 -48.80 12.80 7.38
N GLN H 154 -47.98 12.94 6.34
CA GLN H 154 -47.36 14.23 6.07
C GLN H 154 -48.39 15.24 5.55
N ARG H 155 -49.39 14.78 4.81
CA ARG H 155 -50.42 15.67 4.30
C ARG H 155 -51.43 16.06 5.37
N GLY H 156 -51.54 15.28 6.44
CA GLY H 156 -52.46 15.57 7.53
C GLY H 156 -53.72 14.73 7.54
N GLY H 157 -53.87 13.79 6.61
CA GLY H 157 -55.07 12.97 6.59
C GLY H 157 -55.02 11.86 7.62
N ARG H 158 -56.19 11.56 8.17
CA ARG H 158 -56.31 10.52 9.19
C ARG H 158 -56.25 9.14 8.55
N ILE H 159 -55.73 8.17 9.30
CA ILE H 159 -55.61 6.78 8.87
C ILE H 159 -56.38 5.92 9.85
N PHE H 160 -57.39 5.22 9.36
CA PHE H 160 -58.22 4.33 10.17
C PHE H 160 -57.93 2.90 9.72
N LEU H 161 -57.00 2.24 10.41
CA LEU H 161 -56.65 0.86 10.08
C LEU H 161 -57.74 -0.09 10.54
N GLN H 162 -58.25 -0.90 9.61
CA GLN H 162 -59.31 -1.85 9.88
C GLN H 162 -58.77 -3.27 9.80
N ASP H 163 -59.67 -4.26 9.70
CA ASP H 163 -59.25 -5.64 9.64
C ASP H 163 -58.69 -5.98 8.26
N ILE H 164 -57.75 -6.91 8.24
CA ILE H 164 -57.13 -7.36 6.99
C ILE H 164 -57.79 -8.67 6.57
N LYS H 165 -58.33 -8.68 5.35
CA LYS H 165 -59.00 -9.87 4.85
C LYS H 165 -58.01 -10.98 4.53
N LYS H 166 -58.47 -12.22 4.62
CA LYS H 166 -57.65 -13.38 4.33
C LYS H 166 -57.86 -13.84 2.89
N PRO H 167 -56.87 -14.52 2.31
CA PRO H 167 -57.04 -15.04 0.95
C PRO H 167 -58.16 -16.07 0.89
N ASP H 168 -59.01 -15.94 -0.14
CA ASP H 168 -60.13 -16.86 -0.29
C ASP H 168 -59.68 -18.26 -0.68
N ARG H 169 -58.49 -18.41 -1.22
CA ARG H 169 -57.95 -19.70 -1.65
C ARG H 169 -56.75 -20.03 -0.76
N ASP H 170 -56.98 -20.82 0.29
CA ASP H 170 -55.88 -21.21 1.17
C ASP H 170 -54.90 -22.13 0.47
N ASP H 171 -55.40 -23.04 -0.38
CA ASP H 171 -54.56 -23.93 -1.17
C ASP H 171 -54.43 -23.34 -2.58
N TRP H 172 -53.25 -22.82 -2.88
CA TRP H 172 -52.99 -22.14 -4.16
C TRP H 172 -52.71 -23.12 -5.29
N CYS H 173 -53.35 -24.30 -5.27
CA CYS H 173 -53.19 -25.32 -6.30
C CYS H 173 -51.73 -25.69 -6.51
N SER H 174 -51.08 -25.02 -7.47
CA SER H 174 -49.68 -25.28 -7.77
C SER H 174 -48.93 -23.97 -7.97
N GLY H 175 -48.35 -23.78 -9.15
CA GLY H 175 -47.60 -22.58 -9.44
C GLY H 175 -48.29 -21.69 -10.47
N LEU H 176 -48.89 -22.29 -11.49
CA LEU H 176 -49.57 -21.51 -12.51
C LEU H 176 -50.77 -20.77 -11.95
N ASN H 177 -51.56 -21.45 -11.10
CA ASN H 177 -52.71 -20.79 -10.49
C ASN H 177 -52.27 -19.67 -9.57
N ALA H 178 -51.17 -19.88 -8.83
CA ALA H 178 -50.65 -18.82 -7.96
C ALA H 178 -50.19 -17.62 -8.77
N MET H 179 -49.52 -17.87 -9.91
CA MET H 179 -49.09 -16.77 -10.76
C MET H 179 -50.28 -16.03 -11.35
N GLU H 180 -51.32 -16.75 -11.76
CA GLU H 180 -52.52 -16.10 -12.28
C GLU H 180 -53.21 -15.27 -11.21
N SER H 181 -53.28 -15.78 -9.98
CA SER H 181 -53.88 -15.02 -8.89
C SER H 181 -53.06 -13.77 -8.59
N ALA H 182 -51.73 -13.88 -8.61
CA ALA H 182 -50.89 -12.71 -8.39
C ALA H 182 -51.06 -11.69 -9.50
N LEU H 183 -51.20 -12.14 -10.75
CA LEU H 183 -51.42 -11.23 -11.86
C LEU H 183 -52.77 -10.52 -11.72
N HIS H 184 -53.81 -11.26 -11.33
CA HIS H 184 -55.12 -10.64 -11.12
C HIS H 184 -55.07 -9.63 -9.98
N LEU H 185 -54.34 -9.95 -8.92
CA LEU H 185 -54.19 -9.01 -7.80
C LEU H 185 -53.46 -7.76 -8.23
N GLU H 186 -52.40 -7.89 -9.03
CA GLU H 186 -51.68 -6.72 -9.52
C GLU H 186 -52.55 -5.89 -10.45
N LYS H 187 -53.38 -6.54 -11.27
CA LYS H 187 -54.31 -5.80 -12.12
C LYS H 187 -55.33 -5.04 -11.29
N SER H 188 -55.82 -5.66 -10.22
CA SER H 188 -56.77 -4.97 -9.34
C SER H 188 -56.10 -3.78 -8.65
N VAL H 189 -54.85 -3.95 -8.22
CA VAL H 189 -54.13 -2.83 -7.61
C VAL H 189 -53.92 -1.71 -8.60
N ASN H 190 -53.61 -2.05 -9.86
CA ASN H 190 -53.44 -1.02 -10.88
C ASN H 190 -54.75 -0.30 -11.16
N GLN H 191 -55.86 -1.04 -11.18
CA GLN H 191 -57.17 -0.40 -11.38
C GLN H 191 -57.51 0.52 -10.21
N SER H 192 -57.19 0.10 -9.00
CA SER H 192 -57.42 0.96 -7.83
C SER H 192 -56.57 2.22 -7.90
N LEU H 193 -55.32 2.08 -8.34
CA LEU H 193 -54.46 3.26 -8.49
C LEU H 193 -54.98 4.19 -9.56
N LEU H 194 -55.50 3.65 -10.66
CA LEU H 194 -56.08 4.49 -11.70
C LEU H 194 -57.31 5.23 -11.19
N GLU H 195 -58.15 4.53 -10.42
CA GLU H 195 -59.33 5.19 -9.84
C GLU H 195 -58.91 6.28 -8.85
N LEU H 196 -57.86 6.03 -8.06
CA LEU H 196 -57.37 7.05 -7.14
C LEU H 196 -56.84 8.26 -7.90
N HIS H 197 -56.11 8.02 -9.00
CA HIS H 197 -55.61 9.13 -9.80
C HIS H 197 -56.75 9.94 -10.40
N LYS H 198 -57.79 9.25 -10.90
CA LYS H 198 -58.94 9.95 -11.47
C LYS H 198 -59.66 10.76 -10.40
N LEU H 199 -59.83 10.20 -9.21
CA LEU H 199 -60.50 10.92 -8.13
C LEU H 199 -59.69 12.14 -7.69
N ALA H 200 -58.36 11.99 -7.63
CA ALA H 200 -57.53 13.13 -7.26
C ALA H 200 -57.53 14.20 -8.34
N THR H 201 -57.62 13.82 -9.60
CA THR H 201 -57.70 14.79 -10.67
C THR H 201 -59.04 15.52 -10.67
N ASP H 202 -60.13 14.80 -10.38
CA ASP H 202 -61.45 15.41 -10.37
C ASP H 202 -61.65 16.27 -9.13
N LYS H 203 -60.97 15.96 -8.04
CA LYS H 203 -61.11 16.70 -6.79
C LYS H 203 -59.96 17.67 -6.54
N ASN H 204 -59.25 18.08 -7.60
CA ASN H 204 -58.16 19.05 -7.51
C ASN H 204 -57.08 18.58 -6.55
N ASP H 205 -56.29 17.58 -6.97
CA ASP H 205 -55.20 17.06 -6.15
C ASP H 205 -54.09 16.60 -7.08
N PRO H 206 -53.28 17.53 -7.59
CA PRO H 206 -52.23 17.13 -8.55
C PRO H 206 -51.04 16.46 -7.89
N HIS H 207 -50.69 16.87 -6.67
CA HIS H 207 -49.49 16.33 -6.02
C HIS H 207 -49.65 14.83 -5.74
N LEU H 208 -50.77 14.45 -5.12
CA LEU H 208 -50.97 13.04 -4.74
C LEU H 208 -51.05 12.15 -5.98
N CYS H 209 -51.83 12.56 -6.97
CA CYS H 209 -51.97 11.74 -8.17
C CYS H 209 -50.66 11.66 -8.94
N ASP H 210 -49.90 12.75 -8.98
CA ASP H 210 -48.60 12.72 -9.65
C ASP H 210 -47.64 11.79 -8.93
N PHE H 211 -47.60 11.85 -7.60
CA PHE H 211 -46.73 10.95 -6.85
C PHE H 211 -47.13 9.50 -7.04
N ILE H 212 -48.44 9.22 -7.11
CA ILE H 212 -48.91 7.86 -7.32
C ILE H 212 -48.51 7.36 -8.70
N GLU H 213 -48.72 8.19 -9.73
CA GLU H 213 -48.41 7.76 -11.09
C GLU H 213 -46.91 7.76 -11.37
N THR H 214 -46.10 8.39 -10.53
CA THR H 214 -44.66 8.41 -10.74
C THR H 214 -43.94 7.32 -9.96
N TYR H 215 -44.17 7.24 -8.66
CA TYR H 215 -43.41 6.36 -7.78
C TYR H 215 -44.18 5.09 -7.39
N TYR H 216 -45.18 4.70 -8.17
CA TYR H 216 -45.94 3.49 -7.86
C TYR H 216 -46.38 2.75 -9.11
N LEU H 217 -46.87 3.48 -10.12
CA LEU H 217 -47.37 2.82 -11.33
C LEU H 217 -46.26 2.12 -12.11
N SER H 218 -45.04 2.64 -12.07
CA SER H 218 -43.94 2.01 -12.78
C SER H 218 -43.64 0.63 -12.19
N GLU H 219 -43.56 0.54 -10.87
CA GLU H 219 -43.31 -0.74 -10.23
C GLU H 219 -44.46 -1.72 -10.48
N GLN H 220 -45.70 -1.21 -10.50
CA GLN H 220 -46.83 -2.07 -10.79
C GLN H 220 -46.78 -2.61 -12.21
N VAL H 221 -46.42 -1.77 -13.18
CA VAL H 221 -46.30 -2.23 -14.56
C VAL H 221 -45.18 -3.25 -14.69
N LYS H 222 -44.05 -3.01 -14.01
CA LYS H 222 -42.95 -3.96 -14.06
C LYS H 222 -43.35 -5.30 -13.46
N SER H 223 -44.07 -5.28 -12.33
CA SER H 223 -44.53 -6.52 -11.71
C SER H 223 -45.52 -7.26 -12.60
N ILE H 224 -46.43 -6.52 -13.24
CA ILE H 224 -47.40 -7.15 -14.14
C ILE H 224 -46.67 -7.79 -15.32
N LYS H 225 -45.68 -7.10 -15.87
CA LYS H 225 -44.93 -7.66 -17.00
C LYS H 225 -44.16 -8.91 -16.57
N GLU H 226 -43.55 -8.88 -15.38
CA GLU H 226 -42.81 -10.04 -14.90
C GLU H 226 -43.74 -11.23 -14.66
N LEU H 227 -44.91 -10.98 -14.07
CA LEU H 227 -45.87 -12.06 -13.84
C LEU H 227 -46.40 -12.61 -15.16
N GLY H 228 -46.62 -11.74 -16.15
CA GLY H 228 -47.02 -12.23 -17.46
C GLY H 228 -45.97 -13.08 -18.12
N ASP H 229 -44.70 -12.67 -18.01
CA ASP H 229 -43.61 -13.48 -18.55
C ASP H 229 -43.53 -14.83 -17.84
N HIS H 230 -43.72 -14.83 -16.51
CA HIS H 230 -43.69 -16.08 -15.76
C HIS H 230 -44.84 -17.00 -16.17
N VAL H 231 -46.03 -16.43 -16.37
CA VAL H 231 -47.17 -17.24 -16.80
C VAL H 231 -46.93 -17.80 -18.20
N THR H 232 -46.37 -16.99 -19.10
CA THR H 232 -46.06 -17.47 -20.44
C THR H 232 -45.04 -18.60 -20.41
N ASN H 233 -44.01 -18.46 -19.56
CA ASN H 233 -43.01 -19.52 -19.43
C ASN H 233 -43.62 -20.80 -18.88
N LEU H 234 -44.48 -20.67 -17.86
CA LEU H 234 -45.11 -21.86 -17.28
C LEU H 234 -46.06 -22.53 -18.27
N ARG H 235 -46.70 -21.75 -19.14
CA ARG H 235 -47.59 -22.33 -20.13
C ARG H 235 -46.84 -22.96 -21.30
N LYS H 236 -45.70 -22.39 -21.68
CA LYS H 236 -44.95 -22.96 -22.80
C LYS H 236 -44.14 -24.19 -22.37
N MET H 237 -43.51 -24.14 -21.19
CA MET H 237 -42.71 -25.27 -20.74
C MET H 237 -43.59 -26.45 -20.37
N GLY H 238 -44.61 -26.23 -19.55
CA GLY H 238 -45.51 -27.30 -19.16
C GLY H 238 -45.73 -27.38 -17.65
N ALA H 239 -46.49 -26.42 -17.12
CA ALA H 239 -46.79 -26.38 -15.69
C ALA H 239 -48.25 -25.99 -15.50
N PRO H 240 -48.96 -26.64 -14.57
CA PRO H 240 -48.45 -27.73 -13.73
C PRO H 240 -48.60 -29.11 -14.36
N CYS H 241 -48.54 -29.18 -15.69
CA CYS H 241 -48.69 -30.45 -16.38
C CYS H 241 -47.49 -31.37 -16.18
N ALA H 242 -46.36 -30.84 -15.72
CA ALA H 242 -45.18 -31.64 -15.47
C ALA H 242 -44.32 -30.93 -14.43
N GLY H 243 -43.83 -31.69 -13.45
CA GLY H 243 -42.99 -31.12 -12.42
C GLY H 243 -41.61 -30.72 -12.87
N MET H 244 -41.20 -31.11 -14.07
CA MET H 244 -39.89 -30.72 -14.58
C MET H 244 -39.84 -29.23 -14.90
N ALA H 245 -40.92 -28.69 -15.47
CA ALA H 245 -40.94 -27.28 -15.84
C ALA H 245 -40.84 -26.39 -14.60
N GLU H 246 -41.56 -26.74 -13.53
CA GLU H 246 -41.49 -25.95 -12.30
C GLU H 246 -40.09 -25.98 -11.71
N TYR H 247 -39.46 -27.16 -11.69
CA TYR H 247 -38.11 -27.26 -11.14
C TYR H 247 -37.12 -26.46 -11.98
N LEU H 248 -37.24 -26.51 -13.31
CA LEU H 248 -36.31 -25.77 -14.15
C LEU H 248 -36.52 -24.26 -14.03
N PHE H 249 -37.77 -23.82 -13.92
CA PHE H 249 -38.04 -22.40 -13.72
C PHE H 249 -37.57 -21.94 -12.35
N ASP H 250 -37.57 -22.84 -11.36
CA ASP H 250 -37.07 -22.50 -10.04
C ASP H 250 -35.55 -22.39 -10.04
N LYS H 251 -34.87 -23.31 -10.73
CA LYS H 251 -33.42 -23.36 -10.72
C LYS H 251 -32.77 -22.45 -11.76
N HIS H 252 -33.54 -21.89 -12.69
CA HIS H 252 -32.99 -21.02 -13.73
C HIS H 252 -33.42 -19.58 -13.56
N THR H 253 -34.72 -19.29 -13.65
CA THR H 253 -35.21 -17.93 -13.57
C THR H 253 -35.01 -17.34 -12.18
N LEU H 254 -35.74 -17.85 -11.19
CA LEU H 254 -35.65 -17.35 -9.83
C LEU H 254 -34.44 -17.91 -9.07
N GLY H 255 -33.64 -18.75 -9.70
CA GLY H 255 -32.47 -19.31 -9.05
C GLY H 255 -31.29 -18.36 -9.03
N THR I 13 28.76 78.08 -4.56
CA THR I 13 29.86 77.17 -4.86
C THR I 13 30.42 76.55 -3.58
N GLN I 14 29.75 76.81 -2.46
CA GLN I 14 30.20 76.26 -1.19
C GLN I 14 29.81 74.79 -1.03
N ASP I 15 28.58 74.45 -1.41
CA ASP I 15 28.13 73.06 -1.29
C ASP I 15 28.89 72.16 -2.25
N LEU I 16 29.21 72.65 -3.44
CA LEU I 16 29.98 71.86 -4.39
C LEU I 16 31.38 71.57 -3.86
N ARG I 17 32.04 72.59 -3.32
CA ARG I 17 33.37 72.38 -2.75
C ARG I 17 33.32 71.46 -1.54
N SER I 18 32.26 71.58 -0.72
CA SER I 18 32.11 70.70 0.43
C SER I 18 31.94 69.24 -0.01
N HIS I 19 31.12 69.01 -1.04
CA HIS I 19 30.94 67.66 -1.54
C HIS I 19 32.24 67.12 -2.14
N LEU I 20 32.97 67.96 -2.87
CA LEU I 20 34.22 67.51 -3.48
C LEU I 20 35.27 67.18 -2.43
N VAL I 21 35.29 67.93 -1.32
CA VAL I 21 36.28 67.66 -0.28
C VAL I 21 35.83 66.53 0.65
N HIS I 22 34.53 66.22 0.70
CA HIS I 22 34.05 65.10 1.49
C HIS I 22 34.05 63.78 0.72
N LYS I 23 34.06 63.82 -0.61
CA LYS I 23 34.08 62.57 -1.37
C LYS I 23 35.50 62.05 -1.57
N LEU I 24 36.51 62.92 -1.52
CA LEU I 24 37.88 62.46 -1.75
C LEU I 24 38.40 61.64 -0.58
N VAL I 25 37.99 61.96 0.65
CA VAL I 25 38.43 61.18 1.80
C VAL I 25 37.90 59.76 1.77
N GLN I 26 36.82 59.52 1.04
CA GLN I 26 36.30 58.17 0.86
C GLN I 26 36.81 57.52 -0.42
N ALA I 27 37.07 58.30 -1.46
CA ALA I 27 37.60 57.74 -2.70
C ALA I 27 39.06 57.31 -2.54
N ILE I 28 39.84 58.05 -1.76
CA ILE I 28 41.25 57.69 -1.57
C ILE I 28 41.35 56.47 -0.66
N PHE I 29 40.89 56.60 0.58
CA PHE I 29 40.93 55.50 1.54
C PHE I 29 39.53 54.98 1.83
N PRO I 30 39.36 53.66 1.94
CA PRO I 30 38.03 53.12 2.24
C PRO I 30 37.54 53.44 3.64
N CYS I 31 37.69 52.51 4.57
CA CYS I 31 37.20 52.69 5.93
C CYS I 31 38.29 52.30 6.93
N PRO I 32 38.51 53.12 7.97
CA PRO I 32 39.51 52.77 8.98
C PRO I 32 39.00 51.72 9.96
N ASP I 33 39.72 51.54 11.07
CA ASP I 33 39.33 50.58 12.09
C ASP I 33 39.78 51.07 13.46
N PRO I 34 38.84 51.45 14.34
CA PRO I 34 39.24 52.00 15.65
C PRO I 34 39.80 50.94 16.60
N CYS I 35 39.07 49.84 16.76
CA CYS I 35 39.44 48.78 17.70
C CYS I 35 40.69 48.03 17.28
N ALA I 36 40.86 47.77 15.98
CA ALA I 36 42.02 47.03 15.51
C ALA I 36 43.28 47.88 15.56
N LEU I 37 43.24 49.08 15.00
CA LEU I 37 44.38 49.98 14.97
C LEU I 37 44.18 51.09 16.00
N LYS I 38 44.43 52.33 15.59
CA LYS I 38 44.26 53.48 16.47
C LYS I 38 43.25 54.46 15.88
N ASP I 39 43.67 55.71 15.71
CA ASP I 39 42.78 56.73 15.16
C ASP I 39 43.60 57.86 14.53
N ARG I 40 44.88 57.95 14.88
CA ARG I 40 45.72 59.01 14.36
C ARG I 40 46.06 58.81 12.88
N ARG I 41 45.93 57.58 12.37
CA ARG I 41 46.27 57.33 10.97
C ARG I 41 45.26 57.98 10.03
N MET I 42 43.96 57.84 10.33
CA MET I 42 42.94 58.51 9.52
C MET I 42 43.07 60.02 9.61
N GLU I 43 43.44 60.53 10.80
CA GLU I 43 43.64 61.97 10.94
C GLU I 43 44.82 62.44 10.09
N ASN I 44 45.92 61.70 10.11
CA ASN I 44 47.07 62.08 9.27
C ASN I 44 46.71 61.99 7.79
N LEU I 45 45.91 60.99 7.41
CA LEU I 45 45.52 60.82 6.01
C LEU I 45 44.65 61.99 5.55
N VAL I 46 43.65 62.37 6.36
CA VAL I 46 42.79 63.48 5.97
C VAL I 46 43.55 64.80 6.01
N ALA I 47 44.54 64.92 6.91
CA ALA I 47 45.37 66.13 6.92
C ALA I 47 46.22 66.22 5.66
N TYR I 48 46.81 65.10 5.23
CA TYR I 48 47.58 65.10 3.99
C TYR I 48 46.68 65.38 2.79
N ALA I 49 45.45 64.87 2.81
CA ALA I 49 44.51 65.15 1.73
C ALA I 49 44.16 66.63 1.67
N LYS I 50 43.89 67.25 2.82
CA LYS I 50 43.64 68.69 2.86
C LYS I 50 44.85 69.47 2.37
N LYS I 51 46.05 69.05 2.78
CA LYS I 51 47.26 69.76 2.35
C LYS I 51 47.44 69.67 0.84
N VAL I 52 47.25 68.49 0.26
CA VAL I 52 47.48 68.33 -1.18
C VAL I 52 46.40 69.04 -1.98
N GLU I 53 45.14 69.04 -1.48
CA GLU I 53 44.09 69.74 -2.20
C GLU I 53 44.29 71.25 -2.12
N GLY I 54 44.79 71.75 -0.97
CA GLY I 54 45.12 73.16 -0.89
C GLY I 54 46.26 73.55 -1.79
N ASP I 55 47.28 72.68 -1.89
CA ASP I 55 48.39 72.95 -2.79
C ASP I 55 47.95 72.95 -4.25
N MET I 56 47.02 72.05 -4.60
CA MET I 56 46.50 72.04 -5.96
C MET I 56 45.60 73.23 -6.24
N TYR I 57 44.87 73.72 -5.23
CA TYR I 57 44.02 74.89 -5.43
C TYR I 57 44.85 76.16 -5.55
N GLU I 58 45.92 76.28 -4.76
CA GLU I 58 46.78 77.46 -4.84
C GLU I 58 47.55 77.53 -6.16
N SER I 59 47.76 76.39 -6.82
CA SER I 59 48.48 76.33 -8.08
C SER I 59 47.56 75.89 -9.23
N ALA I 60 46.46 76.62 -9.43
CA ALA I 60 45.50 76.30 -10.47
C ALA I 60 45.20 77.54 -11.31
N ASN I 61 44.52 77.32 -12.44
CA ASN I 61 44.17 78.40 -13.35
C ASN I 61 42.67 78.68 -13.29
N SER I 62 41.86 77.75 -13.83
CA SER I 62 40.42 77.93 -13.86
C SER I 62 39.72 76.94 -12.92
N ARG I 63 38.64 76.34 -13.40
CA ARG I 63 37.85 75.41 -12.59
C ARG I 63 37.89 73.99 -13.11
N ASP I 64 37.79 73.79 -14.43
CA ASP I 64 37.76 72.44 -14.97
C ASP I 64 39.12 71.76 -14.89
N GLU I 65 40.20 72.50 -15.15
CA GLU I 65 41.52 71.90 -15.09
C GLU I 65 41.89 71.49 -13.67
N TYR I 66 41.46 72.25 -12.67
CA TYR I 66 41.72 71.87 -11.28
C TYR I 66 40.99 70.57 -10.94
N TYR I 67 39.73 70.43 -11.36
CA TYR I 67 39.01 69.20 -11.11
C TYR I 67 39.64 68.02 -11.85
N HIS I 68 40.11 68.24 -13.07
CA HIS I 68 40.78 67.17 -13.81
C HIS I 68 42.06 66.75 -13.12
N LEU I 69 42.85 67.72 -12.63
CA LEU I 69 44.08 67.39 -11.93
C LEU I 69 43.79 66.67 -10.63
N LEU I 70 42.73 67.05 -9.92
CA LEU I 70 42.36 66.37 -8.69
C LEU I 70 41.95 64.93 -8.97
N ALA I 71 41.17 64.72 -10.04
CA ALA I 71 40.77 63.37 -10.40
C ALA I 71 41.98 62.52 -10.79
N GLU I 72 42.93 63.11 -11.53
CA GLU I 72 44.15 62.39 -11.89
C GLU I 72 44.97 62.04 -10.66
N LYS I 73 45.04 62.96 -9.69
CA LYS I 73 45.76 62.66 -8.45
C LYS I 73 45.08 61.55 -7.67
N ILE I 74 43.75 61.56 -7.61
CA ILE I 74 43.02 60.49 -6.94
C ILE I 74 43.29 59.15 -7.61
N TYR I 75 43.27 59.14 -8.95
CA TYR I 75 43.56 57.91 -9.68
C TYR I 75 44.98 57.42 -9.39
N LYS I 76 45.96 58.33 -9.40
CA LYS I 76 47.34 57.94 -9.15
C LYS I 76 47.53 57.41 -7.75
N ILE I 77 46.81 57.99 -6.78
CA ILE I 77 46.89 57.48 -5.41
C ILE I 77 46.25 56.10 -5.32
N GLN I 78 45.13 55.89 -6.01
CA GLN I 78 44.48 54.59 -6.03
C GLN I 78 45.25 53.56 -6.83
N LYS I 79 46.24 53.98 -7.63
CA LYS I 79 47.03 53.02 -8.40
C LYS I 79 47.83 52.09 -7.49
N GLU I 80 48.25 52.57 -6.32
CA GLU I 80 49.02 51.73 -5.41
C GLU I 80 48.11 50.88 -4.54
N LEU I 81 47.18 51.51 -3.82
CA LEU I 81 46.28 50.80 -2.91
C LEU I 81 45.18 50.10 -3.74
N GLU I 82 45.56 48.94 -4.27
CA GLU I 82 44.65 48.12 -5.06
C GLU I 82 44.36 46.77 -4.42
N GLU I 83 45.38 46.13 -3.85
CA GLU I 83 45.25 44.81 -3.22
C GLU I 83 44.62 43.81 -4.19
N LYS I 84 45.42 43.32 -5.13
CA LYS I 84 44.91 42.37 -6.12
C LYS I 84 44.55 41.05 -5.46
N SER I 85 43.55 40.38 -6.03
CA SER I 85 43.10 39.10 -5.51
C SER I 85 44.09 37.99 -5.84
N GLN I 86 44.20 37.03 -4.93
CA GLN I 86 45.11 35.90 -5.14
C GLN I 86 44.57 34.91 -6.16
N VAL I 87 43.26 34.97 -6.45
CA VAL I 87 42.66 34.07 -7.44
C VAL I 87 42.73 34.64 -8.85
N ARG I 88 43.21 35.86 -9.03
CA ARG I 88 43.30 36.47 -10.35
C ARG I 88 44.45 35.85 -11.12
N GLN I 89 44.14 35.27 -12.28
CA GLN I 89 45.13 34.62 -13.13
C GLN I 89 44.77 34.87 -14.58
N ASN I 90 45.64 35.58 -15.30
CA ASN I 90 45.43 35.90 -16.71
C ASN I 90 44.11 36.64 -16.91
N TYR I 91 44.11 37.95 -16.63
CA TYR I 91 42.92 38.76 -16.78
C TYR I 91 43.35 40.21 -17.01
N HIS I 92 42.86 40.82 -18.08
CA HIS I 92 43.24 42.18 -18.42
C HIS I 92 42.14 43.16 -18.04
N GLN I 93 42.52 44.43 -17.93
CA GLN I 93 41.57 45.47 -17.57
C GLN I 93 40.53 45.70 -18.66
N ASP I 94 40.89 45.45 -19.92
CA ASP I 94 39.91 45.57 -21.00
C ASP I 94 38.79 44.54 -20.84
N ALA I 95 39.13 43.33 -20.42
CA ALA I 95 38.12 42.32 -20.14
C ALA I 95 37.22 42.76 -18.99
N GLU I 96 37.79 43.40 -17.98
CA GLU I 96 37.00 43.89 -16.86
C GLU I 96 36.03 44.99 -17.32
N ALA I 97 36.51 45.90 -18.16
CA ALA I 97 35.63 46.95 -18.68
C ALA I 97 34.53 46.36 -19.55
N ALA I 98 34.85 45.34 -20.35
CA ALA I 98 33.85 44.70 -21.18
C ALA I 98 32.80 43.99 -20.32
N ILE I 99 33.23 43.34 -19.24
CA ILE I 99 32.28 42.67 -18.35
C ILE I 99 31.40 43.71 -17.65
N ASN I 100 31.98 44.85 -17.28
CA ASN I 100 31.17 45.90 -16.65
C ASN I 100 30.14 46.45 -17.63
N ARG I 101 30.53 46.67 -18.89
CA ARG I 101 29.57 47.14 -19.89
C ARG I 101 28.49 46.11 -20.14
N GLN I 102 28.86 44.82 -20.16
CA GLN I 102 27.86 43.78 -20.34
C GLN I 102 26.90 43.72 -19.16
N ILE I 103 27.40 43.92 -17.94
CA ILE I 103 26.53 43.94 -16.76
C ILE I 103 25.58 45.13 -16.83
N ASN I 104 26.09 46.30 -17.25
CA ASN I 104 25.22 47.47 -17.40
C ASN I 104 24.14 47.22 -18.45
N LEU I 105 24.51 46.59 -19.56
CA LEU I 105 23.52 46.30 -20.60
C LEU I 105 22.49 45.29 -20.12
N GLU I 106 22.92 44.30 -19.32
CA GLU I 106 21.98 43.33 -18.77
C GLU I 106 21.01 44.00 -17.80
N LEU I 107 21.52 44.92 -16.97
CA LEU I 107 20.64 45.66 -16.06
C LEU I 107 19.65 46.52 -16.83
N TYR I 108 20.12 47.17 -17.91
CA TYR I 108 19.21 47.96 -18.74
C TYR I 108 18.14 47.10 -19.38
N ALA I 109 18.53 45.91 -19.86
CA ALA I 109 17.56 45.01 -20.46
C ALA I 109 16.54 44.51 -19.43
N SER I 110 17.00 44.22 -18.22
CA SER I 110 16.08 43.82 -17.16
C SER I 110 15.11 44.95 -16.82
N TYR I 111 15.61 46.19 -16.78
CA TYR I 111 14.73 47.32 -16.51
C TYR I 111 13.70 47.50 -17.62
N VAL I 112 14.13 47.35 -18.88
CA VAL I 112 13.20 47.47 -20.00
C VAL I 112 12.14 46.38 -19.95
N TYR I 113 12.55 45.15 -19.62
CA TYR I 113 11.59 44.05 -19.54
C TYR I 113 10.63 44.25 -18.38
N LEU I 114 11.11 44.80 -17.25
CA LEU I 114 10.22 45.10 -16.14
C LEU I 114 9.21 46.19 -16.52
N SER I 115 9.66 47.20 -17.25
CA SER I 115 8.75 48.24 -17.72
C SER I 115 7.71 47.68 -18.67
N MET I 116 8.13 46.76 -19.55
CA MET I 116 7.18 46.13 -20.46
C MET I 116 6.17 45.28 -19.70
N SER I 117 6.62 44.55 -18.68
CA SER I 117 5.71 43.74 -17.88
C SER I 117 4.73 44.61 -17.11
N CYS I 118 5.18 45.77 -16.62
CA CYS I 118 4.31 46.68 -15.90
C CYS I 118 3.46 47.57 -16.80
N TYR I 119 3.72 47.55 -18.11
CA TYR I 119 2.92 48.34 -19.04
C TYR I 119 1.75 47.54 -19.62
N PHE I 120 1.86 46.21 -19.69
CA PHE I 120 0.81 45.40 -20.29
C PHE I 120 -0.22 44.90 -19.28
N ASP I 121 0.12 44.86 -17.98
CA ASP I 121 -0.80 44.40 -16.96
C ASP I 121 -1.75 45.49 -16.47
N ARG I 122 -1.87 46.59 -17.20
CA ARG I 122 -2.75 47.68 -16.81
C ARG I 122 -4.18 47.37 -17.23
N ASP I 123 -5.06 48.36 -17.14
CA ASP I 123 -6.46 48.18 -17.53
C ASP I 123 -6.71 48.54 -18.99
N ASP I 124 -5.91 49.44 -19.56
CA ASP I 124 -6.07 49.83 -20.96
C ASP I 124 -5.42 48.84 -21.92
N VAL I 125 -4.75 47.81 -21.41
CA VAL I 125 -4.12 46.79 -22.24
C VAL I 125 -4.79 45.43 -22.08
N ALA I 126 -4.97 44.99 -20.83
CA ALA I 126 -5.65 43.74 -20.50
C ALA I 126 -4.99 42.54 -21.21
N LEU I 127 -3.69 42.39 -20.96
CA LEU I 127 -2.89 41.29 -21.48
C LEU I 127 -2.07 40.72 -20.32
N LYS I 128 -2.64 39.73 -19.64
CA LYS I 128 -1.95 39.15 -18.48
C LYS I 128 -0.86 38.18 -18.91
N ASN I 129 -1.07 37.46 -20.02
CA ASN I 129 -0.06 36.51 -20.47
C ASN I 129 1.18 37.22 -20.98
N PHE I 130 1.00 38.34 -21.69
CA PHE I 130 2.15 39.14 -22.11
C PHE I 130 2.93 39.66 -20.90
N ALA I 131 2.22 40.11 -19.87
CA ALA I 131 2.89 40.59 -18.66
C ALA I 131 3.65 39.46 -17.97
N LYS I 132 3.06 38.26 -17.92
CA LYS I 132 3.74 37.13 -17.31
C LYS I 132 4.98 36.74 -18.10
N TYR I 133 4.89 36.75 -19.44
CA TYR I 133 6.04 36.42 -20.26
C TYR I 133 7.15 37.45 -20.09
N PHE I 134 6.79 38.74 -20.04
CA PHE I 134 7.80 39.78 -19.85
C PHE I 134 8.43 39.68 -18.47
N LEU I 135 7.64 39.33 -17.45
CA LEU I 135 8.19 39.16 -16.11
C LEU I 135 9.13 37.96 -16.06
N HIS I 136 8.79 36.87 -16.75
CA HIS I 136 9.68 35.73 -16.81
C HIS I 136 10.98 36.07 -17.52
N GLN I 137 10.89 36.84 -18.62
CA GLN I 137 12.10 37.27 -19.32
C GLN I 137 12.95 38.17 -18.44
N SER I 138 12.32 39.07 -17.69
CA SER I 138 13.07 39.93 -16.78
C SER I 138 13.75 39.13 -15.69
N HIS I 139 13.07 38.10 -15.16
CA HIS I 139 13.68 37.24 -14.16
C HIS I 139 14.86 36.47 -14.75
N GLU I 140 14.74 35.99 -15.99
CA GLU I 140 15.83 35.28 -16.63
C GLU I 140 17.03 36.21 -16.84
N GLU I 141 16.79 37.45 -17.28
CA GLU I 141 17.88 38.38 -17.46
C GLU I 141 18.52 38.75 -16.12
N ARG I 142 17.72 38.86 -15.07
CA ARG I 142 18.27 39.14 -13.75
CA ARG I 142 18.26 39.13 -13.74
C ARG I 142 19.15 37.98 -13.27
N GLU I 143 18.70 36.75 -13.48
CA GLU I 143 19.50 35.60 -13.09
C GLU I 143 20.79 35.52 -13.90
N HIS I 144 20.72 35.84 -15.19
CA HIS I 144 21.93 35.86 -16.02
C HIS I 144 22.91 36.93 -15.55
N ALA I 145 22.39 38.10 -15.18
CA ALA I 145 23.26 39.16 -14.67
C ALA I 145 23.90 38.76 -13.34
N GLU I 146 23.13 38.11 -12.46
CA GLU I 146 23.68 37.65 -11.20
C GLU I 146 24.74 36.58 -11.42
N LYS I 147 24.53 35.69 -12.40
CA LYS I 147 25.52 34.67 -12.71
C LYS I 147 26.79 35.30 -13.28
N LEU I 148 26.65 36.33 -14.12
CA LEU I 148 27.82 37.04 -14.62
C LEU I 148 28.59 37.72 -13.50
N MET I 149 27.86 38.35 -12.56
CA MET I 149 28.52 38.98 -11.42
C MET I 149 29.25 37.95 -10.57
N LYS I 150 28.64 36.78 -10.34
CA LYS I 150 29.28 35.74 -9.56
C LYS I 150 30.52 35.21 -10.27
N LEU I 151 30.45 35.05 -11.60
CA LEU I 151 31.60 34.57 -12.36
C LEU I 151 32.73 35.59 -12.32
N GLN I 152 32.40 36.89 -12.38
CA GLN I 152 33.43 37.92 -12.28
C GLN I 152 34.04 37.95 -10.89
N ASN I 153 33.22 37.73 -9.85
CA ASN I 153 33.75 37.70 -8.49
C ASN I 153 34.64 36.48 -8.26
N GLN I 154 34.34 35.35 -8.91
CA GLN I 154 35.18 34.17 -8.76
C GLN I 154 36.53 34.35 -9.42
N ARG I 155 36.57 35.09 -10.54
CA ARG I 155 37.84 35.32 -11.22
C ARG I 155 38.69 36.37 -10.52
N GLY I 156 38.09 37.22 -9.69
CA GLY I 156 38.81 38.25 -8.98
C GLY I 156 38.68 39.64 -9.53
N GLY I 157 37.89 39.84 -10.59
CA GLY I 157 37.73 41.16 -11.16
C GLY I 157 36.77 42.02 -10.35
N ARG I 158 37.08 43.31 -10.30
CA ARG I 158 36.25 44.26 -9.57
C ARG I 158 34.99 44.59 -10.35
N ILE I 159 33.92 44.89 -9.62
CA ILE I 159 32.64 45.25 -10.20
C ILE I 159 32.26 46.63 -9.69
N PHE I 160 32.12 47.58 -10.61
CA PHE I 160 31.75 48.96 -10.29
C PHE I 160 30.34 49.21 -10.84
N LEU I 161 29.34 49.01 -9.98
CA LEU I 161 27.96 49.21 -10.37
C LEU I 161 27.65 50.70 -10.48
N GLN I 162 27.15 51.12 -11.64
CA GLN I 162 26.83 52.51 -11.91
C GLN I 162 25.31 52.68 -12.00
N ASP I 163 24.88 53.81 -12.56
CA ASP I 163 23.46 54.08 -12.70
C ASP I 163 22.85 53.24 -13.82
N ILE I 164 21.57 52.90 -13.66
CA ILE I 164 20.84 52.13 -14.66
C ILE I 164 20.00 53.09 -15.50
N LYS I 165 20.20 53.07 -16.81
CA LYS I 165 19.47 53.95 -17.69
C LYS I 165 18.01 53.52 -17.81
N LYS I 166 17.14 54.49 -18.09
CA LYS I 166 15.72 54.24 -18.24
C LYS I 166 15.37 54.06 -19.72
N PRO I 167 14.28 53.35 -20.02
CA PRO I 167 13.86 53.20 -21.42
C PRO I 167 13.49 54.54 -22.02
N ASP I 168 13.97 54.78 -23.24
CA ASP I 168 13.69 56.05 -23.92
C ASP I 168 12.23 56.16 -24.34
N ARG I 169 11.51 55.06 -24.45
CA ARG I 169 10.11 55.04 -24.86
C ARG I 169 9.28 54.56 -23.66
N ASP I 170 8.73 55.49 -22.89
CA ASP I 170 7.90 55.12 -21.76
C ASP I 170 6.59 54.48 -22.22
N ASP I 171 6.00 54.97 -23.31
CA ASP I 171 4.80 54.39 -23.89
C ASP I 171 5.21 53.48 -25.04
N TRP I 172 5.11 52.17 -24.84
CA TRP I 172 5.53 51.18 -25.82
C TRP I 172 4.50 50.96 -26.92
N CYS I 173 3.77 52.01 -27.30
CA CYS I 173 2.76 51.95 -28.36
C CYS I 173 1.74 50.85 -28.11
N SER I 174 1.99 49.66 -28.65
CA SER I 174 1.08 48.53 -28.48
C SER I 174 1.87 47.26 -28.20
N GLY I 175 1.72 46.26 -29.06
CA GLY I 175 2.43 45.00 -28.89
C GLY I 175 3.50 44.77 -29.93
N LEU I 176 3.23 45.14 -31.18
CA LEU I 176 4.19 44.95 -32.25
C LEU I 176 5.43 45.80 -32.03
N ASN I 177 5.25 47.05 -31.63
CA ASN I 177 6.39 47.93 -31.35
C ASN I 177 7.19 47.42 -30.18
N ALA I 178 6.51 46.90 -29.15
CA ALA I 178 7.23 46.34 -28.00
C ALA I 178 8.04 45.12 -28.40
N MET I 179 7.46 44.26 -29.25
CA MET I 179 8.20 43.09 -29.73
C MET I 179 9.40 43.49 -30.57
N GLU I 180 9.24 44.50 -31.42
CA GLU I 180 10.37 44.98 -32.23
C GLU I 180 11.46 45.57 -31.35
N SER I 181 11.07 46.32 -30.31
CA SER I 181 12.06 46.89 -29.39
C SER I 181 12.79 45.77 -28.64
N ALA I 182 12.06 44.74 -28.21
CA ALA I 182 12.70 43.62 -27.52
C ALA I 182 13.64 42.88 -28.45
N LEU I 183 13.27 42.72 -29.72
CA LEU I 183 14.15 42.06 -30.68
C LEU I 183 15.41 42.88 -30.93
N HIS I 184 15.27 44.20 -31.04
CA HIS I 184 16.44 45.06 -31.21
C HIS I 184 17.34 45.00 -29.98
N LEU I 185 16.74 44.96 -28.78
CA LEU I 185 17.53 44.85 -27.56
C LEU I 185 18.28 43.53 -27.50
N GLU I 186 17.63 42.44 -27.90
CA GLU I 186 18.30 41.14 -27.92
C GLU I 186 19.43 41.12 -28.95
N LYS I 187 19.21 41.76 -30.10
CA LYS I 187 20.28 41.85 -31.09
C LYS I 187 21.45 42.66 -30.57
N SER I 188 21.18 43.74 -29.85
CA SER I 188 22.27 44.53 -29.26
C SER I 188 23.02 43.73 -28.20
N VAL I 189 22.29 42.94 -27.39
CA VAL I 189 22.94 42.10 -26.40
C VAL I 189 23.81 41.04 -27.07
N ASN I 190 23.32 40.46 -28.18
CA ASN I 190 24.11 39.47 -28.91
C ASN I 190 25.36 40.11 -29.51
N GLN I 191 25.23 41.33 -30.04
CA GLN I 191 26.41 42.02 -30.57
C GLN I 191 27.42 42.32 -29.47
N SER I 192 26.94 42.72 -28.30
CA SER I 192 27.84 42.97 -27.17
C SER I 192 28.54 41.69 -26.73
N LEU I 193 27.81 40.57 -26.74
CA LEU I 193 28.43 39.29 -26.38
C LEU I 193 29.47 38.87 -27.41
N LEU I 194 29.20 39.12 -28.69
CA LEU I 194 30.19 38.81 -29.73
C LEU I 194 31.43 39.68 -29.57
N GLU I 195 31.25 40.97 -29.25
CA GLU I 195 32.39 41.84 -29.02
C GLU I 195 33.19 41.39 -27.80
N LEU I 196 32.50 40.95 -26.75
CA LEU I 196 33.19 40.45 -25.56
C LEU I 196 33.97 39.18 -25.89
N HIS I 197 33.39 38.28 -26.69
CA HIS I 197 34.11 37.08 -27.09
C HIS I 197 35.33 37.42 -27.92
N LYS I 198 35.20 38.36 -28.84
CA LYS I 198 36.35 38.76 -29.66
C LYS I 198 37.44 39.39 -28.81
N LEU I 199 37.07 40.23 -27.85
CA LEU I 199 38.05 40.85 -26.98
C LEU I 199 38.75 39.83 -26.09
N ALA I 200 38.00 38.84 -25.60
CA ALA I 200 38.61 37.80 -24.79
C ALA I 200 39.52 36.90 -25.61
N THR I 201 39.18 36.67 -26.88
CA THR I 201 40.05 35.89 -27.74
C THR I 201 41.33 36.64 -28.10
N ASP I 202 41.21 37.95 -28.32
CA ASP I 202 42.38 38.75 -28.67
C ASP I 202 43.28 39.00 -27.47
N LYS I 203 42.71 39.01 -26.26
CA LYS I 203 43.47 39.26 -25.05
C LYS I 203 43.78 38.00 -24.27
N ASN I 204 43.78 36.83 -24.94
CA ASN I 204 44.11 35.55 -24.32
C ASN I 204 43.21 35.25 -23.12
N ASP I 205 41.96 34.91 -23.39
CA ASP I 205 41.00 34.57 -22.34
C ASP I 205 40.04 33.53 -22.88
N PRO I 206 40.46 32.26 -22.93
CA PRO I 206 39.57 31.23 -23.50
C PRO I 206 38.45 30.82 -22.58
N HIS I 207 38.67 30.82 -21.26
CA HIS I 207 37.65 30.34 -20.33
C HIS I 207 36.42 31.25 -20.36
N LEU I 208 36.62 32.57 -20.24
CA LEU I 208 35.51 33.49 -20.18
C LEU I 208 34.72 33.49 -21.48
N CYS I 209 35.41 33.57 -22.62
CA CYS I 209 34.73 33.58 -23.91
C CYS I 209 34.00 32.28 -24.17
N ASP I 210 34.61 31.15 -23.77
CA ASP I 210 33.94 29.86 -23.94
C ASP I 210 32.68 29.77 -23.09
N PHE I 211 32.77 30.23 -21.83
CA PHE I 211 31.58 30.21 -20.97
C PHE I 211 30.49 31.12 -21.52
N ILE I 212 30.87 32.27 -22.08
CA ILE I 212 29.88 33.19 -22.64
C ILE I 212 29.22 32.56 -23.86
N GLU I 213 30.00 31.96 -24.75
CA GLU I 213 29.44 31.39 -25.97
C GLU I 213 28.72 30.07 -25.71
N THR I 214 28.92 29.45 -24.55
CA THR I 214 28.25 28.20 -24.25
C THR I 214 26.97 28.39 -23.44
N TYR I 215 27.05 29.13 -22.32
CA TYR I 215 25.93 29.25 -21.38
C TYR I 215 25.20 30.58 -21.49
N TYR I 216 25.31 31.27 -22.63
CA TYR I 216 24.61 32.54 -22.78
C TYR I 216 24.13 32.75 -24.21
N LEU I 217 24.97 32.43 -25.20
CA LEU I 217 24.59 32.68 -26.60
C LEU I 217 23.43 31.80 -27.03
N SER I 218 23.31 30.59 -26.49
CA SER I 218 22.21 29.71 -26.86
C SER I 218 20.87 30.32 -26.43
N GLU I 219 20.79 30.79 -25.19
CA GLU I 219 19.57 31.42 -24.71
C GLU I 219 19.25 32.69 -25.50
N GLN I 220 20.28 33.45 -25.87
CA GLN I 220 20.06 34.65 -26.67
C GLN I 220 19.51 34.31 -28.05
N VAL I 221 20.05 33.27 -28.69
CA VAL I 221 19.54 32.85 -30.00
C VAL I 221 18.11 32.36 -29.88
N LYS I 222 17.80 31.59 -28.82
CA LYS I 222 16.45 31.11 -28.63
C LYS I 222 15.48 32.27 -28.43
N SER I 223 15.87 33.27 -27.63
CA SER I 223 15.02 34.43 -27.41
C SER I 223 14.81 35.23 -28.69
N ILE I 224 15.87 35.39 -29.49
CA ILE I 224 15.75 36.10 -30.74
C ILE I 224 14.80 35.36 -31.69
N LYS I 225 14.92 34.03 -31.74
CA LYS I 225 14.03 33.26 -32.61
C LYS I 225 12.58 33.36 -32.14
N GLU I 226 12.36 33.30 -30.83
CA GLU I 226 11.00 33.42 -30.30
C GLU I 226 10.41 34.79 -30.58
N LEU I 227 11.21 35.85 -30.42
CA LEU I 227 10.72 37.19 -30.71
C LEU I 227 10.44 37.36 -32.19
N GLY I 228 11.27 36.78 -33.05
CA GLY I 228 10.99 36.82 -34.48
C GLY I 228 9.73 36.10 -34.86
N ASP I 229 9.50 34.94 -34.25
CA ASP I 229 8.24 34.22 -34.48
C ASP I 229 7.04 35.03 -34.01
N HIS I 230 7.17 35.69 -32.86
CA HIS I 230 6.08 36.51 -32.35
C HIS I 230 5.81 37.69 -33.27
N VAL I 231 6.86 38.33 -33.79
CA VAL I 231 6.68 39.44 -34.71
C VAL I 231 6.02 38.97 -35.99
N THR I 232 6.44 37.81 -36.51
CA THR I 232 5.84 37.26 -37.72
C THR I 232 4.35 36.96 -37.50
N ASN I 233 4.02 36.39 -36.34
CA ASN I 233 2.62 36.10 -36.04
C ASN I 233 1.80 37.39 -35.94
N LEU I 234 2.35 38.42 -35.27
CA LEU I 234 1.62 39.67 -35.14
C LEU I 234 1.45 40.37 -36.49
N ARG I 235 2.41 40.20 -37.41
CA ARG I 235 2.29 40.81 -38.73
C ARG I 235 1.34 40.05 -39.63
N LYS I 236 1.29 38.72 -39.51
CA LYS I 236 0.40 37.93 -40.35
C LYS I 236 -1.05 38.00 -39.87
N MET I 237 -1.26 37.92 -38.55
CA MET I 237 -2.62 37.95 -38.02
C MET I 237 -3.24 39.33 -38.17
N GLY I 238 -2.53 40.38 -37.74
CA GLY I 238 -3.03 41.73 -37.85
C GLY I 238 -2.95 42.52 -36.57
N ALA I 239 -1.73 42.90 -36.18
CA ALA I 239 -1.50 43.66 -34.96
C ALA I 239 -0.46 44.74 -35.24
N PRO I 240 -0.67 45.97 -34.73
CA PRO I 240 -1.85 46.36 -33.93
C PRO I 240 -3.00 46.88 -34.79
N CYS I 241 -3.14 46.34 -36.01
CA CYS I 241 -4.20 46.77 -36.90
C CYS I 241 -5.58 46.29 -36.44
N ALA I 242 -5.62 45.33 -35.54
CA ALA I 242 -6.89 44.81 -35.01
C ALA I 242 -6.63 44.19 -33.64
N GLY I 243 -7.51 44.52 -32.68
CA GLY I 243 -7.38 43.99 -31.34
C GLY I 243 -7.68 42.51 -31.21
N MET I 244 -8.26 41.90 -32.26
CA MET I 244 -8.56 40.47 -32.21
C MET I 244 -7.29 39.64 -32.25
N ALA I 245 -6.32 40.05 -33.07
CA ALA I 245 -5.07 39.30 -33.19
C ALA I 245 -4.31 39.29 -31.88
N GLU I 246 -4.23 40.44 -31.20
CA GLU I 246 -3.53 40.49 -29.92
C GLU I 246 -4.20 39.59 -28.88
N TYR I 247 -5.55 39.62 -28.82
CA TYR I 247 -6.26 38.79 -27.86
C TYR I 247 -6.05 37.31 -28.16
N LEU I 248 -6.08 36.93 -29.44
CA LEU I 248 -5.89 35.52 -29.78
C LEU I 248 -4.47 35.06 -29.51
N PHE I 249 -3.48 35.92 -29.78
CA PHE I 249 -2.10 35.57 -29.47
C PHE I 249 -1.87 35.51 -27.96
N ASP I 250 -2.63 36.29 -27.19
CA ASP I 250 -2.52 36.23 -25.73
C ASP I 250 -3.15 34.96 -25.19
N LYS I 251 -4.30 34.56 -25.73
CA LYS I 251 -5.05 33.41 -25.23
C LYS I 251 -4.58 32.08 -25.82
N HIS I 252 -3.76 32.10 -26.86
CA HIS I 252 -3.28 30.87 -27.49
C HIS I 252 -1.80 30.63 -27.26
N THR I 253 -0.94 31.52 -27.76
CA THR I 253 0.51 31.33 -27.65
C THR I 253 0.97 31.43 -26.19
N LEU I 254 0.89 32.63 -25.61
CA LEU I 254 1.33 32.85 -24.25
C LEU I 254 0.30 32.41 -23.22
N GLY I 255 -0.84 31.90 -23.64
CA GLY I 255 -1.87 31.46 -22.72
C GLY I 255 -1.60 30.08 -22.14
N THR J 13 43.60 -11.04 70.15
CA THR J 13 44.06 -12.03 69.17
C THR J 13 43.07 -13.18 69.06
N GLN J 14 41.92 -13.05 69.73
CA GLN J 14 40.91 -14.10 69.68
C GLN J 14 40.11 -14.05 68.39
N ASP J 15 39.71 -12.85 67.96
CA ASP J 15 38.94 -12.73 66.72
C ASP J 15 39.78 -13.12 65.51
N LEU J 16 41.07 -12.79 65.52
CA LEU J 16 41.94 -13.17 64.41
C LEU J 16 42.07 -14.69 64.31
N ARG J 17 42.28 -15.35 65.45
CA ARG J 17 42.37 -16.81 65.43
C ARG J 17 41.05 -17.45 65.03
N SER J 18 39.93 -16.86 65.47
CA SER J 18 38.62 -17.38 65.08
C SER J 18 38.41 -17.26 63.58
N HIS J 19 38.78 -16.12 62.99
CA HIS J 19 38.65 -15.95 61.56
C HIS J 19 39.57 -16.91 60.80
N LEU J 20 40.79 -17.10 61.30
CA LEU J 20 41.73 -18.00 60.63
C LEU J 20 41.25 -19.45 60.69
N VAL J 21 40.61 -19.84 61.80
CA VAL J 21 40.13 -21.22 61.91
C VAL J 21 38.78 -21.41 61.22
N HIS J 22 38.03 -20.34 60.98
CA HIS J 22 36.78 -20.44 60.24
C HIS J 22 36.96 -20.31 58.73
N LYS J 23 38.06 -19.72 58.27
CA LYS J 23 38.27 -19.60 56.83
C LYS J 23 38.92 -20.84 56.24
N LEU J 24 39.65 -21.62 57.04
CA LEU J 24 40.33 -22.79 56.50
C LEU J 24 39.35 -23.91 56.17
N VAL J 25 38.26 -24.04 56.93
CA VAL J 25 37.27 -25.06 56.63
C VAL J 25 36.56 -24.80 55.31
N GLN J 26 36.57 -23.56 54.84
CA GLN J 26 36.02 -23.23 53.53
C GLN J 26 37.08 -23.23 52.44
N ALA J 27 38.31 -22.86 52.77
CA ALA J 27 39.38 -22.87 51.78
C ALA J 27 39.80 -24.29 51.40
N ILE J 28 39.78 -25.21 52.37
CA ILE J 28 40.16 -26.60 52.08
C ILE J 28 39.06 -27.29 51.28
N PHE J 29 37.87 -27.40 51.87
CA PHE J 29 36.74 -28.05 51.21
C PHE J 29 35.67 -27.02 50.86
N PRO J 30 35.05 -27.13 49.68
CA PRO J 30 34.00 -26.17 49.31
C PRO J 30 32.73 -26.31 50.15
N CYS J 31 31.73 -27.00 49.62
CA CYS J 31 30.45 -27.15 50.31
C CYS J 31 30.02 -28.61 50.30
N PRO J 32 29.55 -29.13 51.43
CA PRO J 32 29.08 -30.52 51.47
C PRO J 32 27.69 -30.68 50.87
N ASP J 33 27.06 -31.83 51.10
CA ASP J 33 25.72 -32.09 50.60
C ASP J 33 24.98 -33.02 51.55
N PRO J 34 23.95 -32.53 52.25
CA PRO J 34 23.26 -33.37 53.23
C PRO J 34 22.39 -34.45 52.60
N CYS J 35 21.54 -34.05 51.65
CA CYS J 35 20.59 -34.97 51.01
C CYS J 35 21.27 -35.99 50.12
N ALA J 36 22.32 -35.60 49.40
CA ALA J 36 23.00 -36.55 48.52
C ALA J 36 23.84 -37.55 49.29
N LEU J 37 24.69 -37.07 50.20
CA LEU J 37 25.55 -37.92 51.00
C LEU J 37 24.99 -38.02 52.42
N LYS J 38 25.86 -37.87 53.41
CA LYS J 38 25.45 -37.93 54.81
C LYS J 38 25.78 -36.62 55.52
N ASP J 39 26.54 -36.71 56.61
CA ASP J 39 26.93 -35.53 57.37
C ASP J 39 28.20 -35.79 58.17
N ARG J 40 28.55 -37.07 58.35
CA ARG J 40 29.73 -37.41 59.13
C ARG J 40 31.02 -37.08 58.38
N ARG J 41 30.97 -36.93 57.06
CA ARG J 41 32.18 -36.65 56.29
C ARG J 41 32.68 -35.24 56.56
N MET J 42 31.78 -34.26 56.58
CA MET J 42 32.19 -32.89 56.91
C MET J 42 32.68 -32.81 58.36
N GLU J 43 32.07 -33.57 59.26
CA GLU J 43 32.53 -33.59 60.64
C GLU J 43 33.94 -34.18 60.74
N ASN J 44 34.20 -35.27 60.04
CA ASN J 44 35.54 -35.86 60.05
C ASN J 44 36.55 -34.90 59.42
N LEU J 45 36.14 -34.18 58.37
CA LEU J 45 37.05 -33.24 57.71
C LEU J 45 37.41 -32.08 58.64
N VAL J 46 36.41 -31.50 59.32
CA VAL J 46 36.69 -30.39 60.21
C VAL J 46 37.46 -30.88 61.44
N ALA J 47 37.24 -32.13 61.87
CA ALA J 47 38.03 -32.67 62.97
C ALA J 47 39.48 -32.85 62.57
N TYR J 48 39.73 -33.36 61.37
CA TYR J 48 41.11 -33.48 60.88
C TYR J 48 41.76 -32.12 60.72
N ALA J 49 40.98 -31.12 60.28
CA ALA J 49 41.52 -29.76 60.15
C ALA J 49 41.90 -29.20 61.51
N LYS J 50 41.05 -29.38 62.51
CA LYS J 50 41.39 -28.94 63.87
C LYS J 50 42.61 -29.66 64.40
N LYS J 51 42.71 -30.98 64.13
CA LYS J 51 43.86 -31.74 64.60
C LYS J 51 45.16 -31.24 63.95
N VAL J 52 45.13 -31.01 62.65
CA VAL J 52 46.36 -30.60 61.96
C VAL J 52 46.75 -29.17 62.34
N GLU J 53 45.75 -28.28 62.55
CA GLU J 53 46.08 -26.93 62.96
C GLU J 53 46.61 -26.90 64.39
N GLY J 54 46.09 -27.77 65.27
CA GLY J 54 46.65 -27.87 66.61
C GLY J 54 48.06 -28.42 66.60
N ASP J 55 48.32 -29.41 65.74
CA ASP J 55 49.66 -29.96 65.63
C ASP J 55 50.64 -28.92 65.09
N MET J 56 50.19 -28.08 64.15
CA MET J 56 51.05 -27.02 63.64
C MET J 56 51.26 -25.92 64.67
N TYR J 57 50.26 -25.65 65.51
CA TYR J 57 50.41 -24.62 66.54
C TYR J 57 51.33 -25.09 67.66
N GLU J 58 51.24 -26.37 68.04
CA GLU J 58 52.10 -26.91 69.08
C GLU J 58 53.56 -26.99 68.64
N SER J 59 53.81 -27.07 67.34
CA SER J 59 55.17 -27.15 66.80
C SER J 59 55.52 -25.90 65.99
N ALA J 60 55.41 -24.73 66.61
CA ALA J 60 55.70 -23.47 65.95
C ALA J 60 56.66 -22.63 66.79
N ASN J 61 57.18 -21.57 66.18
CA ASN J 61 58.11 -20.68 66.85
C ASN J 61 57.47 -19.34 67.16
N SER J 62 57.21 -18.55 66.12
CA SER J 62 56.61 -17.23 66.31
C SER J 62 55.19 -17.18 65.75
N ARG J 63 54.86 -16.12 65.03
CA ARG J 63 53.52 -15.92 64.49
C ARG J 63 53.48 -15.95 62.97
N ASP J 64 54.44 -15.30 62.30
CA ASP J 64 54.41 -15.24 60.86
C ASP J 64 54.76 -16.59 60.22
N GLU J 65 55.73 -17.30 60.79
CA GLU J 65 56.11 -18.60 60.23
C GLU J 65 54.99 -19.62 60.37
N TYR J 66 54.22 -19.56 61.45
CA TYR J 66 53.08 -20.46 61.60
C TYR J 66 52.02 -20.19 60.54
N TYR J 67 51.73 -18.91 60.29
CA TYR J 67 50.77 -18.57 59.25
C TYR J 67 51.26 -19.00 57.87
N HIS J 68 52.56 -18.82 57.61
CA HIS J 68 53.12 -19.25 56.33
C HIS J 68 53.02 -20.76 56.17
N LEU J 69 53.32 -21.52 57.23
CA LEU J 69 53.22 -22.97 57.16
C LEU J 69 51.77 -23.41 56.98
N LEU J 70 50.83 -22.72 57.63
CA LEU J 70 49.41 -23.05 57.46
C LEU J 70 48.96 -22.79 56.03
N ALA J 71 49.40 -21.66 55.45
CA ALA J 71 49.05 -21.36 54.06
C ALA J 71 49.65 -22.39 53.12
N GLU J 72 50.90 -22.80 53.36
CA GLU J 72 51.53 -23.83 52.54
C GLU J 72 50.78 -25.16 52.65
N LYS J 73 50.35 -25.51 53.86
CA LYS J 73 49.57 -26.74 54.04
C LYS J 73 48.24 -26.66 53.31
N ILE J 74 47.57 -25.51 53.36
CA ILE J 74 46.31 -25.34 52.64
C ILE J 74 46.54 -25.48 51.14
N TYR J 75 47.62 -24.87 50.63
CA TYR J 75 47.93 -25.01 49.21
C TYR J 75 48.20 -26.46 48.84
N LYS J 76 48.98 -27.17 49.65
CA LYS J 76 49.30 -28.56 49.36
C LYS J 76 48.06 -29.44 49.38
N ILE J 77 47.13 -29.15 50.30
CA ILE J 77 45.88 -29.90 50.33
C ILE J 77 45.04 -29.59 49.10
N GLN J 78 45.00 -28.33 48.67
CA GLN J 78 44.27 -27.95 47.47
C GLN J 78 44.94 -28.45 46.20
N LYS J 79 46.20 -28.89 46.27
CA LYS J 79 46.87 -29.40 45.07
C LYS J 79 46.19 -30.65 44.54
N GLU J 80 45.61 -31.47 45.41
CA GLU J 80 44.94 -32.69 44.94
C GLU J 80 43.51 -32.42 44.50
N LEU J 81 42.70 -31.80 45.37
CA LEU J 81 41.30 -31.52 45.07
C LEU J 81 41.22 -30.30 44.14
N GLU J 82 41.44 -30.57 42.85
CA GLU J 82 41.38 -29.55 41.82
C GLU J 82 40.26 -29.80 40.81
N GLU J 83 40.06 -31.05 40.40
CA GLU J 83 39.04 -31.42 39.42
C GLU J 83 39.20 -30.60 38.14
N LYS J 84 40.17 -30.96 37.32
CA LYS J 84 40.43 -30.22 36.09
C LYS J 84 39.27 -30.40 35.11
N SER J 85 39.04 -29.38 34.30
CA SER J 85 37.96 -29.41 33.32
C SER J 85 38.33 -30.31 32.14
N GLN J 86 37.31 -30.97 31.59
CA GLN J 86 37.54 -31.85 30.44
C GLN J 86 37.78 -31.08 29.16
N VAL J 87 37.42 -29.78 29.13
CA VAL J 87 37.64 -28.95 27.94
C VAL J 87 39.01 -28.29 27.93
N ARG J 88 39.80 -28.46 29.01
CA ARG J 88 41.12 -27.86 29.07
C ARG J 88 42.09 -28.62 28.18
N GLN J 89 42.69 -27.92 27.22
CA GLN J 89 43.63 -28.52 26.29
C GLN J 89 44.72 -27.52 25.98
N ASN J 90 45.96 -27.86 26.35
CA ASN J 90 47.12 -27.00 26.13
C ASN J 90 46.91 -25.63 26.78
N TYR J 91 47.12 -25.55 28.09
CA TYR J 91 46.96 -24.30 28.82
C TYR J 91 47.83 -24.35 30.06
N HIS J 92 48.69 -23.35 30.24
CA HIS J 92 49.61 -23.32 31.37
C HIS J 92 49.11 -22.36 32.44
N GLN J 93 49.63 -22.55 33.67
CA GLN J 93 49.23 -21.70 34.78
C GLN J 93 49.71 -20.26 34.61
N ASP J 94 50.82 -20.06 33.90
CA ASP J 94 51.28 -18.71 33.63
C ASP J 94 50.28 -17.95 32.76
N ALA J 95 49.69 -18.63 31.78
CA ALA J 95 48.64 -18.01 30.98
C ALA J 95 47.43 -17.66 31.82
N GLU J 96 47.08 -18.52 32.78
CA GLU J 96 45.97 -18.23 33.67
C GLU J 96 46.26 -17.00 34.54
N ALA J 97 47.48 -16.90 35.07
CA ALA J 97 47.84 -15.74 35.86
C ALA J 97 47.84 -14.47 35.01
N ALA J 98 48.29 -14.56 33.77
CA ALA J 98 48.28 -13.41 32.88
C ALA J 98 46.85 -12.98 32.57
N ILE J 99 45.95 -13.94 32.35
CA ILE J 99 44.56 -13.61 32.09
C ILE J 99 43.92 -12.98 33.33
N ASN J 100 44.27 -13.47 34.52
CA ASN J 100 43.74 -12.87 35.74
C ASN J 100 44.24 -11.44 35.91
N ARG J 101 45.52 -11.19 35.63
CA ARG J 101 46.04 -9.83 35.73
C ARG J 101 45.39 -8.92 34.70
N GLN J 102 45.15 -9.45 33.49
CA GLN J 102 44.47 -8.65 32.47
C GLN J 102 43.03 -8.33 32.88
N ILE J 103 42.34 -9.28 33.51
CA ILE J 103 40.98 -9.03 33.98
C ILE J 103 40.99 -7.98 35.08
N ASN J 104 41.96 -8.06 35.99
CA ASN J 104 42.07 -7.04 37.04
C ASN J 104 42.34 -5.67 36.45
N LEU J 105 43.21 -5.59 35.44
CA LEU J 105 43.49 -4.31 34.80
C LEU J 105 42.27 -3.77 34.07
N GLU J 106 41.48 -4.66 33.44
CA GLU J 106 40.27 -4.23 32.77
C GLU J 106 39.25 -3.70 33.77
N LEU J 107 39.12 -4.37 34.92
CA LEU J 107 38.22 -3.88 35.96
C LEU J 107 38.67 -2.53 36.50
N TYR J 108 39.99 -2.36 36.68
CA TYR J 108 40.51 -1.08 37.14
C TYR J 108 40.23 0.02 36.11
N ALA J 109 40.40 -0.29 34.82
CA ALA J 109 40.14 0.69 33.78
C ALA J 109 38.65 1.05 33.73
N SER J 110 37.78 0.06 33.90
CA SER J 110 36.34 0.34 33.94
C SER J 110 35.99 1.22 35.14
N TYR J 111 36.62 0.96 36.29
CA TYR J 111 36.36 1.80 37.46
C TYR J 111 36.85 3.22 37.24
N VAL J 112 38.02 3.38 36.62
CA VAL J 112 38.54 4.72 36.34
C VAL J 112 37.63 5.45 35.36
N TYR J 113 37.14 4.76 34.34
CA TYR J 113 36.25 5.39 33.37
C TYR J 113 34.92 5.76 34.01
N LEU J 114 34.41 4.92 34.92
CA LEU J 114 33.19 5.26 35.63
C LEU J 114 33.39 6.49 36.52
N SER J 115 34.54 6.58 37.19
CA SER J 115 34.84 7.74 37.99
C SER J 115 34.94 9.00 37.14
N MET J 116 35.55 8.88 35.95
CA MET J 116 35.63 10.02 35.05
C MET J 116 34.25 10.44 34.57
N SER J 117 33.38 9.47 34.26
CA SER J 117 32.03 9.79 33.82
C SER J 117 31.23 10.46 34.94
N CYS J 118 31.44 10.03 36.19
CA CYS J 118 30.74 10.61 37.32
C CYS J 118 31.38 11.90 37.82
N TYR J 119 32.56 12.26 37.31
CA TYR J 119 33.21 13.50 37.71
C TYR J 119 32.86 14.66 36.79
N PHE J 120 32.52 14.38 35.52
CA PHE J 120 32.24 15.44 34.57
C PHE J 120 30.77 15.83 34.51
N ASP J 121 29.86 14.95 34.95
CA ASP J 121 28.43 15.23 34.91
C ASP J 121 27.96 16.02 36.13
N ARG J 122 28.87 16.63 36.88
CA ARG J 122 28.51 17.40 38.06
C ARG J 122 28.07 18.80 37.64
N ASP J 123 27.91 19.69 38.62
CA ASP J 123 27.51 21.07 38.34
C ASP J 123 28.70 22.00 38.13
N ASP J 124 29.84 21.69 38.74
CA ASP J 124 31.05 22.51 38.58
C ASP J 124 31.80 22.21 37.29
N VAL J 125 31.35 21.23 36.51
CA VAL J 125 31.98 20.88 35.25
C VAL J 125 31.08 21.19 34.06
N ALA J 126 29.83 20.72 34.11
CA ALA J 126 28.81 20.98 33.09
C ALA J 126 29.30 20.52 31.70
N LEU J 127 29.65 19.24 31.63
CA LEU J 127 30.09 18.59 30.39
C LEU J 127 29.34 17.26 30.28
N LYS J 128 28.17 17.31 29.63
CA LYS J 128 27.36 16.10 29.50
C LYS J 128 27.90 15.17 28.42
N ASN J 129 28.46 15.73 27.35
CA ASN J 129 28.98 14.90 26.27
C ASN J 129 30.22 14.14 26.71
N PHE J 130 31.09 14.79 27.50
CA PHE J 130 32.24 14.09 28.06
C PHE J 130 31.80 12.95 28.97
N ALA J 131 30.78 13.18 29.79
CA ALA J 131 30.27 12.14 30.67
C ALA J 131 29.69 10.98 29.86
N LYS J 132 28.97 11.29 28.78
CA LYS J 132 28.40 10.24 27.95
C LYS J 132 29.50 9.43 27.26
N TYR J 133 30.55 10.11 26.77
CA TYR J 133 31.65 9.40 26.14
C TYR J 133 32.38 8.51 27.13
N PHE J 134 32.61 9.02 28.35
CA PHE J 134 33.27 8.20 29.37
C PHE J 134 32.41 7.02 29.78
N LEU J 135 31.10 7.21 29.85
CA LEU J 135 30.20 6.10 30.17
C LEU J 135 30.20 5.05 29.06
N HIS J 136 30.24 5.49 27.80
CA HIS J 136 30.32 4.55 26.70
C HIS J 136 31.63 3.78 26.73
N GLN J 137 32.73 4.46 27.03
CA GLN J 137 34.02 3.78 27.14
C GLN J 137 34.01 2.78 28.29
N SER J 138 33.40 3.14 29.42
CA SER J 138 33.31 2.21 30.54
C SER J 138 32.46 1.00 30.18
N HIS J 139 31.37 1.21 29.44
CA HIS J 139 30.55 0.08 29.00
C HIS J 139 31.32 -0.81 28.04
N GLU J 140 32.11 -0.23 27.15
CA GLU J 140 32.92 -1.02 26.22
C GLU J 140 33.96 -1.84 26.97
N GLU J 141 34.63 -1.23 27.97
CA GLU J 141 35.61 -1.98 28.75
C GLU J 141 34.94 -3.08 29.57
N ARG J 142 33.74 -2.82 30.08
CA ARG J 142 33.01 -3.85 30.82
CA ARG J 142 33.00 -3.84 30.82
C ARG J 142 32.65 -5.02 29.91
N GLU J 143 32.19 -4.72 28.70
CA GLU J 143 31.86 -5.78 27.75
C GLU J 143 33.11 -6.57 27.35
N HIS J 144 34.23 -5.89 27.17
CA HIS J 144 35.48 -6.58 26.85
C HIS J 144 35.92 -7.48 28.00
N ALA J 145 35.77 -7.01 29.24
CA ALA J 145 36.12 -7.84 30.39
C ALA J 145 35.21 -9.05 30.50
N GLU J 146 33.91 -8.87 30.24
CA GLU J 146 32.98 -9.99 30.27
C GLU J 146 33.30 -10.99 29.17
N LYS J 147 33.70 -10.51 27.99
CA LYS J 147 34.07 -11.40 26.91
C LYS J 147 35.34 -12.18 27.25
N LEU J 148 36.31 -11.51 27.90
CA LEU J 148 37.51 -12.21 28.34
C LEU J 148 37.19 -13.28 29.37
N MET J 149 36.29 -12.96 30.32
CA MET J 149 35.89 -13.95 31.32
C MET J 149 35.19 -15.13 30.66
N LYS J 150 34.32 -14.87 29.68
CA LYS J 150 33.64 -15.96 28.99
C LYS J 150 34.62 -16.82 28.20
N LEU J 151 35.61 -16.19 27.56
CA LEU J 151 36.61 -16.94 26.82
C LEU J 151 37.46 -17.80 27.75
N GLN J 152 37.78 -17.27 28.94
CA GLN J 152 38.54 -18.06 29.91
C GLN J 152 37.70 -19.21 30.44
N ASN J 153 36.40 -18.99 30.64
CA ASN J 153 35.53 -20.06 31.11
C ASN J 153 35.35 -21.14 30.05
N GLN J 154 35.36 -20.76 28.76
CA GLN J 154 35.23 -21.76 27.70
C GLN J 154 36.47 -22.63 27.60
N ARG J 155 37.65 -22.05 27.86
CA ARG J 155 38.88 -22.83 27.80
C ARG J 155 39.07 -23.73 29.01
N GLY J 156 38.39 -23.43 30.12
CA GLY J 156 38.49 -24.22 31.33
C GLY J 156 39.35 -23.65 32.42
N GLY J 157 39.91 -22.45 32.22
CA GLY J 157 40.74 -21.84 33.24
C GLY J 157 39.93 -21.22 34.36
N ARG J 158 40.47 -21.31 35.57
CA ARG J 158 39.80 -20.76 36.74
C ARG J 158 39.96 -19.24 36.79
N ILE J 159 38.96 -18.58 37.36
CA ILE J 159 38.95 -17.13 37.50
C ILE J 159 38.82 -16.81 38.99
N PHE J 160 39.83 -16.12 39.52
CA PHE J 160 39.86 -15.72 40.94
C PHE J 160 39.72 -14.20 40.99
N LEU J 161 38.49 -13.73 41.15
CA LEU J 161 38.22 -12.30 41.22
C LEU J 161 38.66 -11.75 42.57
N GLN J 162 39.51 -10.73 42.53
CA GLN J 162 40.05 -10.10 43.73
C GLN J 162 39.47 -8.70 43.88
N ASP J 163 40.11 -7.89 44.73
CA ASP J 163 39.64 -6.53 44.96
C ASP J 163 39.99 -5.64 43.78
N ILE J 164 39.14 -4.63 43.56
CA ILE J 164 39.36 -3.66 42.48
C ILE J 164 39.96 -2.40 43.08
N LYS J 165 41.11 -1.99 42.56
CA LYS J 165 41.78 -0.81 43.08
C LYS J 165 41.05 0.45 42.66
N LYS J 166 41.20 1.49 43.47
CA LYS J 166 40.58 2.78 43.22
C LYS J 166 41.56 3.72 42.51
N PRO J 167 41.05 4.69 41.76
CA PRO J 167 41.94 5.66 41.11
C PRO J 167 42.71 6.47 42.15
N ASP J 168 44.01 6.63 41.90
CA ASP J 168 44.86 7.38 42.83
C ASP J 168 44.55 8.87 42.81
N ARG J 169 43.93 9.38 41.76
CA ARG J 169 43.59 10.79 41.62
C ARG J 169 42.07 10.92 41.64
N ASP J 170 41.50 11.21 42.80
CA ASP J 170 40.06 11.38 42.89
C ASP J 170 39.60 12.63 42.15
N ASP J 171 40.38 13.72 42.22
CA ASP J 171 40.09 14.95 41.49
C ASP J 171 40.92 14.95 40.21
N TRP J 172 40.26 14.74 39.07
CA TRP J 172 40.92 14.65 37.78
C TRP J 172 41.26 16.02 37.19
N CYS J 173 41.58 16.99 38.03
CA CYS J 173 41.95 18.34 37.60
C CYS J 173 40.89 18.95 36.70
N SER J 174 41.05 18.79 35.39
CA SER J 174 40.10 19.34 34.43
C SER J 174 39.82 18.32 33.33
N GLY J 175 40.11 18.67 32.09
CA GLY J 175 39.89 17.78 30.97
C GLY J 175 41.15 17.25 30.35
N LEU J 176 42.17 18.10 30.23
CA LEU J 176 43.43 17.70 29.63
C LEU J 176 44.13 16.64 30.49
N ASN J 177 44.14 16.83 31.80
CA ASN J 177 44.74 15.84 32.68
C ASN J 177 43.99 14.52 32.64
N ALA J 178 42.65 14.58 32.56
CA ALA J 178 41.86 13.36 32.45
C ALA J 178 42.16 12.63 31.14
N MET J 179 42.30 13.38 30.04
CA MET J 179 42.63 12.75 28.76
C MET J 179 44.02 12.13 28.79
N GLU J 180 44.98 12.81 29.42
CA GLU J 180 46.33 12.25 29.54
C GLU J 180 46.33 10.99 30.39
N SER J 181 45.55 10.99 31.49
CA SER J 181 45.47 9.80 32.33
C SER J 181 44.81 8.64 31.56
N ALA J 182 43.78 8.94 30.78
CA ALA J 182 43.13 7.89 29.97
C ALA J 182 44.09 7.36 28.92
N LEU J 183 44.89 8.23 28.31
CA LEU J 183 45.87 7.77 27.33
C LEU J 183 46.94 6.89 27.97
N HIS J 184 47.41 7.28 29.16
CA HIS J 184 48.39 6.46 29.87
C HIS J 184 47.79 5.11 30.25
N LEU J 185 46.52 5.10 30.66
CA LEU J 185 45.86 3.84 31.00
C LEU J 185 45.72 2.95 29.78
N GLU J 186 45.36 3.52 28.63
CA GLU J 186 45.26 2.74 27.41
C GLU J 186 46.62 2.20 26.97
N LYS J 187 47.68 3.00 27.15
CA LYS J 187 49.01 2.51 26.84
C LYS J 187 49.42 1.37 27.76
N SER J 188 49.06 1.46 29.04
CA SER J 188 49.36 0.37 29.97
C SER J 188 48.58 -0.89 29.60
N VAL J 189 47.31 -0.73 29.19
CA VAL J 189 46.53 -1.88 28.76
C VAL J 189 47.12 -2.52 27.51
N ASN J 190 47.60 -1.69 26.57
CA ASN J 190 48.24 -2.21 25.37
C ASN J 190 49.53 -2.95 25.71
N GLN J 191 50.31 -2.41 26.65
CA GLN J 191 51.53 -3.10 27.06
C GLN J 191 51.21 -4.43 27.73
N SER J 192 50.17 -4.47 28.55
CA SER J 192 49.76 -5.72 29.18
C SER J 192 49.29 -6.74 28.14
N LEU J 193 48.58 -6.27 27.11
CA LEU J 193 48.14 -7.17 26.05
C LEU J 193 49.33 -7.70 25.25
N LEU J 194 50.34 -6.85 25.01
CA LEU J 194 51.54 -7.31 24.32
C LEU J 194 52.29 -8.34 25.16
N GLU J 195 52.38 -8.11 26.47
CA GLU J 195 53.02 -9.09 27.34
C GLU J 195 52.25 -10.41 27.36
N LEU J 196 50.92 -10.34 27.36
CA LEU J 196 50.11 -11.55 27.32
C LEU J 196 50.32 -12.30 26.01
N HIS J 197 50.39 -11.57 24.89
CA HIS J 197 50.65 -12.22 23.61
C HIS J 197 52.01 -12.88 23.59
N LYS J 198 53.03 -12.20 24.13
CA LYS J 198 54.37 -12.79 24.16
C LYS J 198 54.40 -14.03 25.04
N LEU J 199 53.72 -13.99 26.19
CA LEU J 199 53.69 -15.15 27.07
C LEU J 199 52.95 -16.32 26.43
N ALA J 200 51.86 -16.03 25.72
CA ALA J 200 51.14 -17.10 25.03
C ALA J 200 51.93 -17.67 23.88
N THR J 201 52.73 -16.85 23.20
CA THR J 201 53.58 -17.36 22.13
C THR J 201 54.72 -18.20 22.68
N ASP J 202 55.30 -17.80 23.81
CA ASP J 202 56.40 -18.55 24.39
C ASP J 202 55.93 -19.83 25.06
N LYS J 203 54.68 -19.87 25.53
CA LYS J 203 54.13 -21.03 26.19
C LYS J 203 53.21 -21.86 25.30
N ASN J 204 53.36 -21.74 23.97
CA ASN J 204 52.58 -22.51 23.00
C ASN J 204 51.08 -22.30 23.20
N ASP J 205 50.60 -21.12 22.80
CA ASP J 205 49.17 -20.80 22.90
C ASP J 205 48.81 -19.88 21.75
N PRO J 206 48.62 -20.43 20.55
CA PRO J 206 48.32 -19.55 19.40
C PRO J 206 46.90 -19.03 19.38
N HIS J 207 45.93 -19.81 19.87
CA HIS J 207 44.53 -19.40 19.79
C HIS J 207 44.28 -18.16 20.65
N LEU J 208 44.73 -18.19 21.92
CA LEU J 208 44.47 -17.08 22.82
C LEU J 208 45.15 -15.81 22.35
N CYS J 209 46.43 -15.90 21.99
CA CYS J 209 47.17 -14.73 21.54
C CYS J 209 46.60 -14.18 20.24
N ASP J 210 46.18 -15.06 19.33
CA ASP J 210 45.56 -14.61 18.08
C ASP J 210 44.25 -13.89 18.35
N PHE J 211 43.42 -14.44 19.24
CA PHE J 211 42.15 -13.79 19.57
C PHE J 211 42.40 -12.44 20.23
N ILE J 212 43.42 -12.34 21.08
CA ILE J 212 43.72 -11.07 21.74
C ILE J 212 44.19 -10.05 20.72
N GLU J 213 45.09 -10.44 19.82
CA GLU J 213 45.61 -9.49 18.84
C GLU J 213 44.63 -9.18 17.74
N THR J 214 43.56 -9.97 17.59
CA THR J 214 42.58 -9.71 16.55
C THR J 214 41.38 -8.91 17.06
N TYR J 215 40.75 -9.36 18.15
CA TYR J 215 39.51 -8.77 18.64
C TYR J 215 39.70 -7.87 19.85
N TYR J 216 40.91 -7.35 20.06
CA TYR J 216 41.14 -6.47 21.20
C TYR J 216 42.15 -5.38 20.87
N LEU J 217 43.24 -5.73 20.20
CA LEU J 217 44.28 -4.74 19.91
C LEU J 217 43.80 -3.65 18.96
N SER J 218 42.89 -3.98 18.04
CA SER J 218 42.38 -2.98 17.11
C SER J 218 41.60 -1.89 17.86
N GLU J 219 40.71 -2.31 18.77
CA GLU J 219 39.96 -1.33 19.55
C GLU J 219 40.88 -0.50 20.45
N GLN J 220 41.92 -1.14 20.99
CA GLN J 220 42.88 -0.39 21.81
C GLN J 220 43.63 0.65 20.99
N VAL J 221 44.05 0.30 19.78
CA VAL J 221 44.74 1.26 18.91
C VAL J 221 43.80 2.39 18.53
N LYS J 222 42.54 2.07 18.22
CA LYS J 222 41.58 3.11 17.88
C LYS J 222 41.35 4.06 19.05
N SER J 223 41.22 3.51 20.27
CA SER J 223 41.03 4.35 21.44
C SER J 223 42.25 5.22 21.71
N ILE J 224 43.45 4.67 21.54
CA ILE J 224 44.67 5.45 21.74
C ILE J 224 44.73 6.58 20.72
N LYS J 225 44.39 6.30 19.47
CA LYS J 225 44.41 7.34 18.44
C LYS J 225 43.38 8.43 18.74
N GLU J 226 42.19 8.03 19.18
CA GLU J 226 41.16 9.01 19.51
C GLU J 226 41.57 9.88 20.69
N LEU J 227 42.17 9.27 21.71
CA LEU J 227 42.63 10.04 22.86
C LEU J 227 43.77 10.98 22.48
N GLY J 228 44.66 10.53 21.60
CA GLY J 228 45.71 11.41 21.13
C GLY J 228 45.18 12.59 20.33
N ASP J 229 44.18 12.34 19.48
CA ASP J 229 43.54 13.43 18.76
C ASP J 229 42.86 14.41 19.71
N HIS J 230 42.21 13.89 20.75
CA HIS J 230 41.55 14.75 21.73
C HIS J 230 42.58 15.59 22.48
N VAL J 231 43.71 14.99 22.87
CA VAL J 231 44.76 15.74 23.56
C VAL J 231 45.33 16.81 22.66
N THR J 232 45.56 16.49 21.38
CA THR J 232 46.07 17.47 20.43
C THR J 232 45.09 18.63 20.26
N ASN J 233 43.80 18.32 20.18
CA ASN J 233 42.80 19.38 20.05
C ASN J 233 42.76 20.26 21.30
N LEU J 234 42.83 19.64 22.49
CA LEU J 234 42.80 20.42 23.72
C LEU J 234 44.05 21.28 23.87
N ARG J 235 45.20 20.81 23.35
CA ARG J 235 46.43 21.59 23.43
C ARG J 235 46.46 22.72 22.40
N LYS J 236 45.88 22.50 21.21
CA LYS J 236 45.88 23.54 20.19
C LYS J 236 44.84 24.61 20.47
N MET J 237 43.63 24.21 20.88
CA MET J 237 42.57 25.17 21.14
C MET J 237 42.87 26.01 22.38
N GLY J 238 43.20 25.35 23.49
CA GLY J 238 43.52 26.05 24.72
C GLY J 238 42.77 25.53 25.92
N ALA J 239 43.16 24.35 26.40
CA ALA J 239 42.53 23.73 27.55
C ALA J 239 43.61 23.11 28.43
N PRO J 240 43.50 23.26 29.77
CA PRO J 240 42.44 24.00 30.45
C PRO J 240 42.77 25.48 30.63
N CYS J 241 43.52 26.05 29.68
CA CYS J 241 43.89 27.46 29.78
C CYS J 241 42.71 28.39 29.54
N ALA J 242 41.62 27.88 28.97
CA ALA J 242 40.43 28.67 28.72
C ALA J 242 39.23 27.76 28.65
N GLY J 243 38.14 28.15 29.32
CA GLY J 243 36.93 27.36 29.33
C GLY J 243 36.18 27.33 28.01
N MET J 244 36.55 28.21 27.07
CA MET J 244 35.89 28.23 25.77
C MET J 244 36.24 26.99 24.95
N ALA J 245 37.50 26.57 25.01
CA ALA J 245 37.93 25.40 24.24
C ALA J 245 37.22 24.14 24.70
N GLU J 246 37.09 23.96 26.02
CA GLU J 246 36.39 22.78 26.53
C GLU J 246 34.93 22.77 26.10
N TYR J 247 34.26 23.93 26.18
CA TYR J 247 32.86 24.00 25.78
C TYR J 247 32.70 23.71 24.29
N LEU J 248 33.60 24.25 23.45
CA LEU J 248 33.49 24.02 22.01
C LEU J 248 33.79 22.57 21.67
N PHE J 249 34.77 21.95 22.33
CA PHE J 249 35.04 20.54 22.10
C PHE J 249 33.90 19.66 22.60
N ASP J 250 33.18 20.12 23.63
CA ASP J 250 32.02 19.37 24.11
C ASP J 250 30.85 19.48 23.15
N LYS J 251 30.62 20.67 22.60
CA LYS J 251 29.47 20.91 21.73
C LYS J 251 29.72 20.56 20.27
N HIS J 252 30.96 20.30 19.88
CA HIS J 252 31.29 19.96 18.50
C HIS J 252 31.71 18.52 18.33
N THR J 253 32.83 18.12 18.95
CA THR J 253 33.35 16.76 18.79
C THR J 253 32.42 15.73 19.41
N LEU J 254 32.32 15.73 20.74
CA LEU J 254 31.48 14.77 21.44
C LEU J 254 30.01 15.15 21.44
N GLY J 255 29.65 16.26 20.83
CA GLY J 255 28.25 16.70 20.79
C GLY J 255 27.45 15.99 19.72
N THR K 13 -40.38 -71.36 14.90
CA THR K 13 -39.71 -71.48 13.61
C THR K 13 -40.47 -70.73 12.52
N GLN K 14 -41.52 -70.01 12.92
CA GLN K 14 -42.31 -69.26 11.95
C GLN K 14 -41.61 -67.97 11.53
N ASP K 15 -41.05 -67.23 12.49
CA ASP K 15 -40.35 -65.99 12.16
C ASP K 15 -39.10 -66.25 11.33
N LEU K 16 -38.40 -67.35 11.61
CA LEU K 16 -37.21 -67.68 10.83
C LEU K 16 -37.58 -67.98 9.38
N ARG K 17 -38.63 -68.78 9.18
CA ARG K 17 -39.07 -69.09 7.82
C ARG K 17 -39.58 -67.83 7.12
N SER K 18 -40.27 -66.96 7.84
CA SER K 18 -40.74 -65.70 7.24
C SER K 18 -39.57 -64.83 6.80
N HIS K 19 -38.54 -64.72 7.64
CA HIS K 19 -37.37 -63.94 7.25
C HIS K 19 -36.65 -64.57 6.07
N LEU K 20 -36.54 -65.90 6.05
CA LEU K 20 -35.86 -66.57 4.95
C LEU K 20 -36.62 -66.40 3.64
N VAL K 21 -37.96 -66.39 3.69
CA VAL K 21 -38.74 -66.24 2.48
C VAL K 21 -38.88 -64.77 2.07
N HIS K 22 -38.67 -63.83 2.99
CA HIS K 22 -38.69 -62.42 2.64
C HIS K 22 -37.34 -61.88 2.20
N LYS K 23 -36.24 -62.56 2.55
CA LYS K 23 -34.94 -62.09 2.13
C LYS K 23 -34.56 -62.59 0.73
N LEU K 24 -35.14 -63.71 0.30
CA LEU K 24 -34.77 -64.25 -1.01
C LEU K 24 -35.33 -63.42 -2.15
N VAL K 25 -36.51 -62.82 -1.96
CA VAL K 25 -37.08 -61.97 -3.01
C VAL K 25 -36.24 -60.72 -3.23
N GLN K 26 -35.44 -60.32 -2.25
CA GLN K 26 -34.53 -59.20 -2.42
C GLN K 26 -33.14 -59.64 -2.85
N ALA K 27 -32.70 -60.83 -2.41
CA ALA K 27 -31.39 -61.33 -2.82
C ALA K 27 -31.37 -61.76 -4.28
N ILE K 28 -32.48 -62.31 -4.78
CA ILE K 28 -32.53 -62.73 -6.18
C ILE K 28 -32.63 -61.52 -7.09
N PHE K 29 -33.71 -60.75 -6.96
CA PHE K 29 -33.92 -59.57 -7.77
C PHE K 29 -33.80 -58.30 -6.93
N PRO K 30 -33.17 -57.25 -7.46
CA PRO K 30 -33.03 -56.01 -6.69
C PRO K 30 -34.36 -55.29 -6.47
N CYS K 31 -34.64 -54.28 -7.29
CA CYS K 31 -35.84 -53.49 -7.14
C CYS K 31 -36.53 -53.32 -8.49
N PRO K 32 -37.86 -53.50 -8.54
CA PRO K 32 -38.57 -53.31 -9.81
C PRO K 32 -38.79 -51.85 -10.14
N ASP K 33 -39.67 -51.58 -11.12
CA ASP K 33 -39.97 -50.21 -11.51
C ASP K 33 -41.41 -50.13 -12.00
N PRO K 34 -42.31 -49.46 -11.27
CA PRO K 34 -43.72 -49.42 -11.67
C PRO K 34 -43.96 -48.53 -12.89
N CYS K 35 -43.46 -47.30 -12.86
CA CYS K 35 -43.70 -46.33 -13.91
C CYS K 35 -43.01 -46.69 -15.22
N ALA K 36 -41.78 -47.24 -15.15
CA ALA K 36 -41.07 -47.58 -16.36
C ALA K 36 -41.64 -48.84 -17.02
N LEU K 37 -41.81 -49.91 -16.26
CA LEU K 37 -42.35 -51.17 -16.77
C LEU K 37 -43.80 -51.30 -16.33
N LYS K 38 -44.15 -52.49 -15.83
CA LYS K 38 -45.50 -52.76 -15.36
C LYS K 38 -45.48 -53.17 -13.89
N ASP K 39 -46.05 -54.34 -13.59
CA ASP K 39 -46.09 -54.83 -12.21
C ASP K 39 -46.23 -56.34 -12.18
N ARG K 40 -46.64 -56.94 -13.31
CA ARG K 40 -46.82 -58.38 -13.37
C ARG K 40 -45.51 -59.14 -13.38
N ARG K 41 -44.40 -58.47 -13.73
CA ARG K 41 -43.11 -59.15 -13.77
C ARG K 41 -42.63 -59.51 -12.37
N MET K 42 -42.73 -58.56 -11.43
CA MET K 42 -42.34 -58.85 -10.05
C MET K 42 -43.26 -59.92 -9.45
N GLU K 43 -44.54 -59.90 -9.81
CA GLU K 43 -45.46 -60.92 -9.33
C GLU K 43 -45.08 -62.30 -9.85
N ASN K 44 -44.75 -62.39 -11.15
CA ASN K 44 -44.32 -63.67 -11.71
C ASN K 44 -43.01 -64.13 -11.08
N LEU K 45 -42.11 -63.19 -10.79
CA LEU K 45 -40.83 -63.55 -10.18
C LEU K 45 -41.03 -64.09 -8.77
N VAL K 46 -41.85 -63.42 -7.97
CA VAL K 46 -42.08 -63.90 -6.60
C VAL K 46 -42.87 -65.20 -6.61
N ALA K 47 -43.75 -65.39 -7.61
CA ALA K 47 -44.46 -66.65 -7.72
C ALA K 47 -43.50 -67.79 -8.06
N TYR K 48 -42.58 -67.55 -9.00
CA TYR K 48 -41.58 -68.57 -9.32
C TYR K 48 -40.68 -68.86 -8.13
N ALA K 49 -40.35 -67.82 -7.35
CA ALA K 49 -39.53 -68.03 -6.15
C ALA K 49 -40.28 -68.89 -5.13
N LYS K 50 -41.56 -68.60 -4.89
CA LYS K 50 -42.35 -69.43 -4.00
C LYS K 50 -42.45 -70.86 -4.50
N LYS K 51 -42.63 -71.04 -5.81
CA LYS K 51 -42.72 -72.37 -6.39
C LYS K 51 -41.43 -73.16 -6.17
N VAL K 52 -40.29 -72.52 -6.45
CA VAL K 52 -39.01 -73.23 -6.34
C VAL K 52 -38.67 -73.52 -4.88
N GLU K 53 -39.00 -72.59 -3.98
CA GLU K 53 -38.72 -72.85 -2.57
C GLU K 53 -39.63 -73.95 -2.02
N GLY K 54 -40.88 -74.01 -2.50
CA GLY K 54 -41.75 -75.11 -2.10
C GLY K 54 -41.28 -76.44 -2.65
N ASP K 55 -40.77 -76.45 -3.88
CA ASP K 55 -40.23 -77.67 -4.46
C ASP K 55 -38.98 -78.13 -3.72
N MET K 56 -38.15 -77.18 -3.27
CA MET K 56 -36.97 -77.55 -2.51
C MET K 56 -37.33 -78.02 -1.10
N TYR K 57 -38.40 -77.47 -0.52
CA TYR K 57 -38.82 -77.89 0.81
C TYR K 57 -39.46 -79.28 0.76
N GLU K 58 -40.24 -79.57 -0.27
CA GLU K 58 -40.87 -80.88 -0.40
C GLU K 58 -39.85 -81.98 -0.68
N SER K 59 -38.70 -81.64 -1.24
CA SER K 59 -37.64 -82.61 -1.54
C SER K 59 -36.41 -82.36 -0.68
N ALA K 60 -36.56 -82.35 0.63
CA ALA K 60 -35.46 -82.12 1.55
C ALA K 60 -35.41 -83.21 2.62
N ASN K 61 -34.31 -83.23 3.36
CA ASN K 61 -34.12 -84.21 4.42
C ASN K 61 -34.22 -83.56 5.79
N SER K 62 -33.22 -82.75 6.15
CA SER K 62 -33.22 -82.10 7.46
C SER K 62 -33.41 -80.59 7.32
N ARG K 63 -32.63 -79.82 8.05
CA ARG K 63 -32.75 -78.36 8.06
C ARG K 63 -31.55 -77.65 7.48
N ASP K 64 -30.33 -78.10 7.80
CA ASP K 64 -29.14 -77.42 7.31
C ASP K 64 -28.91 -77.66 5.82
N GLU K 65 -29.17 -78.88 5.35
CA GLU K 65 -28.96 -79.17 3.93
C GLU K 65 -29.95 -78.40 3.06
N TYR K 66 -31.17 -78.20 3.53
CA TYR K 66 -32.14 -77.40 2.78
C TYR K 66 -31.68 -75.96 2.66
N TYR K 67 -31.18 -75.39 3.76
CA TYR K 67 -30.68 -74.01 3.71
C TYR K 67 -29.46 -73.91 2.80
N HIS K 68 -28.58 -74.91 2.82
CA HIS K 68 -27.42 -74.90 1.93
C HIS K 68 -27.84 -74.98 0.48
N LEU K 69 -28.82 -75.83 0.16
CA LEU K 69 -29.30 -75.94 -1.21
C LEU K 69 -29.98 -74.66 -1.65
N LEU K 70 -30.72 -74.01 -0.74
CA LEU K 70 -31.36 -72.74 -1.09
C LEU K 70 -30.32 -71.66 -1.36
N ALA K 71 -29.26 -71.61 -0.54
CA ALA K 71 -28.19 -70.64 -0.77
C ALA K 71 -27.48 -70.92 -2.09
N GLU K 72 -27.25 -72.18 -2.41
CA GLU K 72 -26.62 -72.53 -3.69
C GLU K 72 -27.51 -72.14 -4.85
N LYS K 73 -28.82 -72.34 -4.72
CA LYS K 73 -29.74 -71.94 -5.78
C LYS K 73 -29.75 -70.42 -5.96
N ILE K 74 -29.72 -69.67 -4.85
CA ILE K 74 -29.67 -68.22 -4.93
C ILE K 74 -28.39 -67.78 -5.63
N TYR K 75 -27.26 -68.40 -5.28
CA TYR K 75 -25.99 -68.08 -5.94
C TYR K 75 -26.05 -68.37 -7.43
N LYS K 76 -26.59 -69.54 -7.80
CA LYS K 76 -26.67 -69.90 -9.22
C LYS K 76 -27.58 -68.95 -9.99
N ILE K 77 -28.66 -68.49 -9.36
CA ILE K 77 -29.53 -67.53 -10.02
C ILE K 77 -28.82 -66.19 -10.17
N GLN K 78 -28.06 -65.78 -9.15
CA GLN K 78 -27.30 -64.53 -9.24
C GLN K 78 -26.10 -64.63 -10.19
N LYS K 79 -25.72 -65.84 -10.60
CA LYS K 79 -24.61 -65.99 -11.53
C LYS K 79 -24.91 -65.35 -12.88
N GLU K 80 -26.18 -65.35 -13.30
CA GLU K 80 -26.52 -64.75 -14.59
C GLU K 80 -26.74 -63.25 -14.46
N LEU K 81 -27.62 -62.83 -13.56
CA LEU K 81 -27.94 -61.41 -13.38
C LEU K 81 -26.81 -60.73 -12.59
N GLU K 82 -25.74 -60.40 -13.33
CA GLU K 82 -24.59 -59.72 -12.77
C GLU K 82 -24.38 -58.33 -13.34
N GLU K 83 -24.57 -58.17 -14.65
CA GLU K 83 -24.36 -56.89 -15.34
C GLU K 83 -22.97 -56.34 -15.05
N LYS K 84 -21.97 -56.89 -15.71
CA LYS K 84 -20.59 -56.44 -15.49
C LYS K 84 -20.40 -55.02 -16.00
N SER K 85 -19.50 -54.29 -15.35
CA SER K 85 -19.22 -52.92 -15.71
C SER K 85 -18.39 -52.86 -17.00
N GLN K 86 -18.64 -51.82 -17.80
CA GLN K 86 -17.90 -51.65 -19.04
C GLN K 86 -16.48 -51.16 -18.81
N VAL K 87 -16.18 -50.63 -17.61
CA VAL K 87 -14.83 -50.17 -17.29
C VAL K 87 -13.96 -51.27 -16.71
N ARG K 88 -14.52 -52.46 -16.47
CA ARG K 88 -13.76 -53.57 -15.92
C ARG K 88 -12.82 -54.14 -16.98
N GLN K 89 -11.52 -54.14 -16.71
CA GLN K 89 -10.52 -54.64 -17.63
C GLN K 89 -9.42 -55.32 -16.84
N ASN K 90 -9.25 -56.63 -17.04
CA ASN K 90 -8.24 -57.42 -16.35
C ASN K 90 -8.40 -57.31 -14.83
N TYR K 91 -9.34 -58.06 -14.27
CA TYR K 91 -9.58 -58.04 -12.84
C TYR K 91 -10.21 -59.38 -12.45
N HIS K 92 -9.62 -60.05 -11.47
CA HIS K 92 -10.09 -61.36 -11.04
C HIS K 92 -10.89 -61.24 -9.74
N GLN K 93 -11.68 -62.28 -9.47
CA GLN K 93 -12.51 -62.29 -8.26
C GLN K 93 -11.66 -62.41 -7.00
N ASP K 94 -10.48 -63.04 -7.10
CA ASP K 94 -9.59 -63.11 -5.95
C ASP K 94 -9.10 -61.72 -5.55
N ALA K 95 -8.81 -60.87 -6.53
CA ALA K 95 -8.43 -59.49 -6.23
C ALA K 95 -9.58 -58.75 -5.57
N GLU K 96 -10.82 -59.00 -6.01
CA GLU K 96 -11.96 -58.37 -5.38
C GLU K 96 -12.11 -58.82 -3.93
N ALA K 97 -11.95 -60.11 -3.67
CA ALA K 97 -12.03 -60.60 -2.29
C ALA K 97 -10.91 -60.02 -1.43
N ALA K 98 -9.72 -59.89 -1.99
CA ALA K 98 -8.61 -59.30 -1.25
C ALA K 98 -8.88 -57.83 -0.93
N ILE K 99 -9.45 -57.09 -1.89
CA ILE K 99 -9.79 -55.70 -1.65
C ILE K 99 -10.88 -55.58 -0.59
N ASN K 100 -11.85 -56.50 -0.62
CA ASN K 100 -12.89 -56.48 0.40
C ASN K 100 -12.32 -56.77 1.79
N ARG K 101 -11.41 -57.73 1.89
CA ARG K 101 -10.77 -58.02 3.17
C ARG K 101 -9.93 -56.85 3.64
N GLN K 102 -9.23 -56.17 2.72
CA GLN K 102 -8.46 -55.00 3.09
C GLN K 102 -9.36 -53.87 3.58
N ILE K 103 -10.51 -53.69 2.93
CA ILE K 103 -11.46 -52.66 3.37
C ILE K 103 -12.00 -52.99 4.76
N ASN K 104 -12.31 -54.27 5.01
CA ASN K 104 -12.77 -54.67 6.33
C ASN K 104 -11.70 -54.42 7.39
N LEU K 105 -10.44 -54.73 7.06
CA LEU K 105 -9.35 -54.49 8.01
C LEU K 105 -9.16 -53.01 8.26
N GLU K 106 -9.31 -52.18 7.23
CA GLU K 106 -9.19 -50.73 7.40
C GLU K 106 -10.31 -50.19 8.28
N LEU K 107 -11.53 -50.70 8.09
CA LEU K 107 -12.64 -50.29 8.95
C LEU K 107 -12.40 -50.72 10.40
N TYR K 108 -11.88 -51.93 10.59
CA TYR K 108 -11.58 -52.39 11.94
C TYR K 108 -10.50 -51.52 12.59
N ALA K 109 -9.47 -51.15 11.82
CA ALA K 109 -8.42 -50.29 12.34
C ALA K 109 -8.95 -48.91 12.70
N SER K 110 -9.84 -48.37 11.85
CA SER K 110 -10.45 -47.07 12.16
C SER K 110 -11.30 -47.16 13.43
N TYR K 111 -12.03 -48.26 13.60
CA TYR K 111 -12.83 -48.43 14.81
C TYR K 111 -11.93 -48.53 16.05
N VAL K 112 -10.82 -49.26 15.94
CA VAL K 112 -9.89 -49.39 17.07
C VAL K 112 -9.28 -48.04 17.40
N TYR K 113 -8.90 -47.26 16.38
CA TYR K 113 -8.32 -45.94 16.64
C TYR K 113 -9.35 -44.99 17.24
N LEU K 114 -10.61 -45.08 16.81
CA LEU K 114 -11.65 -44.27 17.43
C LEU K 114 -11.87 -44.65 18.88
N SER K 115 -11.85 -45.95 19.19
CA SER K 115 -11.97 -46.39 20.57
C SER K 115 -10.80 -45.90 21.42
N MET K 116 -9.58 -45.92 20.85
CA MET K 116 -8.43 -45.41 21.57
C MET K 116 -8.53 -43.91 21.81
N SER K 117 -9.02 -43.17 20.82
CA SER K 117 -9.19 -41.73 20.99
C SER K 117 -10.25 -41.42 22.04
N CYS K 118 -11.32 -42.22 22.09
CA CYS K 118 -12.38 -42.02 23.07
C CYS K 118 -12.05 -42.60 24.44
N TYR K 119 -10.96 -43.37 24.56
CA TYR K 119 -10.56 -43.92 25.84
C TYR K 119 -9.57 -43.02 26.58
N PHE K 120 -8.80 -42.21 25.87
CA PHE K 120 -7.80 -41.36 26.50
C PHE K 120 -8.31 -39.97 26.87
N ASP K 121 -9.39 -39.50 26.24
CA ASP K 121 -9.94 -38.19 26.52
C ASP K 121 -10.89 -38.18 27.70
N ARG K 122 -10.88 -39.22 28.53
CA ARG K 122 -11.74 -39.31 29.70
C ARG K 122 -11.13 -38.52 30.85
N ASP K 123 -11.70 -38.66 32.04
CA ASP K 123 -11.20 -37.97 33.22
C ASP K 123 -10.15 -38.78 33.98
N ASP K 124 -10.21 -40.11 33.89
CA ASP K 124 -9.24 -40.97 34.57
C ASP K 124 -7.94 -41.11 33.80
N VAL K 125 -7.84 -40.53 32.61
CA VAL K 125 -6.63 -40.58 31.79
C VAL K 125 -5.99 -39.20 31.67
N ALA K 126 -6.78 -38.19 31.27
CA ALA K 126 -6.33 -36.81 31.16
C ALA K 126 -5.13 -36.68 30.21
N LEU K 127 -5.34 -37.18 28.99
CA LEU K 127 -4.34 -37.11 27.92
C LEU K 127 -5.05 -36.61 26.66
N LYS K 128 -5.06 -35.29 26.47
CA LYS K 128 -5.75 -34.70 25.32
C LYS K 128 -4.92 -34.84 24.05
N ASN K 129 -3.59 -34.76 24.16
CA ASN K 129 -2.75 -34.88 22.97
C ASN K 129 -2.78 -36.30 22.42
N PHE K 130 -2.80 -37.30 23.28
CA PHE K 130 -2.94 -38.68 22.82
C PHE K 130 -4.28 -38.87 22.11
N ALA K 131 -5.35 -38.30 22.65
CA ALA K 131 -6.66 -38.41 22.02
C ALA K 131 -6.67 -37.72 20.66
N LYS K 132 -6.03 -36.55 20.57
CA LYS K 132 -5.96 -35.85 19.29
C LYS K 132 -5.16 -36.64 18.26
N TYR K 133 -4.03 -37.24 18.68
CA TYR K 133 -3.24 -38.04 17.77
C TYR K 133 -4.01 -39.27 17.30
N PHE K 134 -4.73 -39.93 18.21
CA PHE K 134 -5.52 -41.10 17.82
C PHE K 134 -6.66 -40.71 16.89
N LEU K 135 -7.27 -39.55 17.12
CA LEU K 135 -8.32 -39.08 16.23
C LEU K 135 -7.77 -38.75 14.85
N HIS K 136 -6.59 -38.15 14.78
CA HIS K 136 -5.96 -37.88 13.50
C HIS K 136 -5.63 -39.17 12.77
N GLN K 137 -5.13 -40.17 13.49
CA GLN K 137 -4.84 -41.47 12.87
C GLN K 137 -6.12 -42.13 12.37
N SER K 138 -7.20 -42.03 13.14
CA SER K 138 -8.47 -42.59 12.70
C SER K 138 -8.99 -41.88 11.45
N HIS K 139 -8.83 -40.55 11.39
CA HIS K 139 -9.24 -39.81 10.21
C HIS K 139 -8.39 -40.21 9.00
N GLU K 140 -7.10 -40.42 9.21
CA GLU K 140 -6.23 -40.85 8.10
C GLU K 140 -6.63 -42.23 7.59
N GLU K 141 -6.92 -43.16 8.51
CA GLU K 141 -7.36 -44.49 8.11
C GLU K 141 -8.70 -44.43 7.39
N ARG K 142 -9.60 -43.56 7.85
CA ARG K 142 -10.89 -43.41 7.18
CA ARG K 142 -10.89 -43.40 7.19
C ARG K 142 -10.71 -42.87 5.78
N GLU K 143 -9.84 -41.88 5.60
CA GLU K 143 -9.58 -41.34 4.27
C GLU K 143 -8.94 -42.38 3.36
N HIS K 144 -8.03 -43.19 3.92
CA HIS K 144 -7.41 -44.26 3.12
C HIS K 144 -8.45 -45.30 2.70
N ALA K 145 -9.37 -45.64 3.60
CA ALA K 145 -10.42 -46.59 3.25
C ALA K 145 -11.35 -46.02 2.19
N GLU K 146 -11.69 -44.73 2.30
CA GLU K 146 -12.53 -44.10 1.28
C GLU K 146 -11.82 -44.06 -0.06
N LYS K 147 -10.50 -43.80 -0.06
CA LYS K 147 -9.75 -43.79 -1.30
C LYS K 147 -9.69 -45.20 -1.92
N LEU K 148 -9.54 -46.23 -1.09
CA LEU K 148 -9.57 -47.60 -1.60
C LEU K 148 -10.93 -47.93 -2.20
N MET K 149 -12.01 -47.52 -1.53
CA MET K 149 -13.35 -47.76 -2.07
C MET K 149 -13.55 -47.04 -3.38
N LYS K 150 -13.07 -45.81 -3.50
CA LYS K 150 -13.19 -45.05 -4.75
C LYS K 150 -12.37 -45.71 -5.86
N LEU K 151 -11.17 -46.20 -5.54
CA LEU K 151 -10.35 -46.87 -6.54
C LEU K 151 -11.00 -48.17 -7.00
N GLN K 152 -11.64 -48.90 -6.08
CA GLN K 152 -12.34 -50.12 -6.46
C GLN K 152 -13.56 -49.80 -7.32
N ASN K 153 -14.26 -48.70 -7.01
CA ASN K 153 -15.41 -48.31 -7.81
C ASN K 153 -14.99 -47.85 -9.21
N GLN K 154 -13.81 -47.23 -9.33
CA GLN K 154 -13.35 -46.80 -10.64
C GLN K 154 -12.97 -47.99 -11.52
N ARG K 155 -12.44 -49.05 -10.91
CA ARG K 155 -12.07 -50.23 -11.68
C ARG K 155 -13.28 -51.08 -12.06
N GLY K 156 -14.40 -50.93 -11.37
CA GLY K 156 -15.60 -51.68 -11.66
C GLY K 156 -15.89 -52.83 -10.73
N GLY K 157 -15.06 -53.05 -9.71
CA GLY K 157 -15.30 -54.14 -8.78
C GLY K 157 -16.38 -53.82 -7.77
N ARG K 158 -17.14 -54.85 -7.42
CA ARG K 158 -18.22 -54.69 -6.45
C ARG K 158 -17.68 -54.61 -5.04
N ILE K 159 -18.39 -53.88 -4.18
CA ILE K 159 -18.02 -53.70 -2.79
C ILE K 159 -19.18 -54.20 -1.93
N PHE K 160 -18.92 -55.22 -1.12
CA PHE K 160 -19.92 -55.81 -0.22
C PHE K 160 -19.51 -55.47 1.21
N LEU K 161 -20.07 -54.38 1.73
CA LEU K 161 -19.77 -53.95 3.09
C LEU K 161 -20.47 -54.86 4.10
N GLN K 162 -19.70 -55.43 5.02
CA GLN K 162 -20.21 -56.34 6.03
C GLN K 162 -20.13 -55.68 7.41
N ASP K 163 -20.25 -56.48 8.45
CA ASP K 163 -20.20 -55.96 9.81
C ASP K 163 -18.77 -55.60 10.20
N ILE K 164 -18.64 -54.61 11.06
CA ILE K 164 -17.34 -54.16 11.54
C ILE K 164 -17.12 -54.75 12.94
N LYS K 165 -16.02 -55.48 13.09
CA LYS K 165 -15.72 -56.12 14.37
C LYS K 165 -15.30 -55.09 15.41
N LYS K 166 -15.54 -55.42 16.67
CA LYS K 166 -15.19 -54.55 17.79
C LYS K 166 -13.84 -54.94 18.37
N PRO K 167 -13.14 -54.01 19.00
CA PRO K 167 -11.86 -54.36 19.64
C PRO K 167 -12.08 -55.37 20.77
N ASP K 168 -11.21 -56.38 20.79
CA ASP K 168 -11.31 -57.43 21.80
C ASP K 168 -10.93 -56.92 23.20
N ARG K 169 -10.20 -55.82 23.28
CA ARG K 169 -9.77 -55.24 24.56
C ARG K 169 -10.45 -53.88 24.71
N ASP K 170 -11.57 -53.85 25.43
CA ASP K 170 -12.27 -52.58 25.65
C ASP K 170 -11.46 -51.66 26.55
N ASP K 171 -10.78 -52.20 27.56
CA ASP K 171 -9.91 -51.43 28.43
C ASP K 171 -8.48 -51.60 27.94
N TRP K 172 -7.93 -50.53 27.35
CA TRP K 172 -6.60 -50.56 26.77
C TRP K 172 -5.49 -50.39 27.80
N CYS K 173 -5.70 -50.89 29.03
CA CYS K 173 -4.71 -50.82 30.11
C CYS K 173 -4.28 -49.38 30.36
N SER K 174 -3.19 -48.97 29.73
CA SER K 174 -2.66 -47.62 29.89
C SER K 174 -2.25 -47.04 28.55
N GLY K 175 -0.98 -46.69 28.41
CA GLY K 175 -0.48 -46.13 27.16
C GLY K 175 0.45 -47.06 26.41
N LEU K 176 1.31 -47.77 27.15
CA LEU K 176 2.26 -48.68 26.51
C LEU K 176 1.55 -49.84 25.83
N ASN K 177 0.53 -50.40 26.50
CA ASN K 177 -0.23 -51.49 25.89
C ASN K 177 -1.01 -51.01 24.67
N ALA K 178 -1.54 -49.79 24.72
CA ALA K 178 -2.23 -49.24 23.57
C ALA K 178 -1.27 -49.03 22.40
N MET K 179 -0.06 -48.54 22.68
CA MET K 179 0.92 -48.37 21.62
C MET K 179 1.34 -49.70 21.02
N GLU K 180 1.51 -50.72 21.87
CA GLU K 180 1.86 -52.05 21.36
C GLU K 180 0.74 -52.63 20.51
N SER K 181 -0.51 -52.44 20.93
CA SER K 181 -1.64 -52.92 20.13
C SER K 181 -1.72 -52.19 18.80
N ALA K 182 -1.47 -50.87 18.80
CA ALA K 182 -1.47 -50.11 17.55
C ALA K 182 -0.35 -50.57 16.64
N LEU K 183 0.83 -50.87 17.20
CA LEU K 183 1.93 -51.37 16.39
C LEU K 183 1.62 -52.74 15.79
N HIS K 184 1.00 -53.62 16.58
CA HIS K 184 0.61 -54.93 16.06
C HIS K 184 -0.44 -54.78 14.96
N LEU K 185 -1.38 -53.85 15.14
CA LEU K 185 -2.39 -53.61 14.11
C LEU K 185 -1.76 -53.09 12.83
N GLU K 186 -0.80 -52.17 12.95
CA GLU K 186 -0.12 -51.66 11.76
C GLU K 186 0.70 -52.75 11.08
N LYS K 187 1.32 -53.64 11.86
CA LYS K 187 2.04 -54.76 11.26
C LYS K 187 1.09 -55.70 10.54
N SER K 188 -0.09 -55.94 11.10
CA SER K 188 -1.08 -56.79 10.43
C SER K 188 -1.56 -56.13 9.14
N VAL K 189 -1.78 -54.81 9.16
CA VAL K 189 -2.18 -54.11 7.95
C VAL K 189 -1.10 -54.18 6.89
N ASN K 190 0.17 -54.05 7.30
CA ASN K 190 1.27 -54.16 6.35
C ASN K 190 1.36 -55.56 5.76
N GLN K 191 1.15 -56.59 6.59
CA GLN K 191 1.15 -57.96 6.08
C GLN K 191 0.00 -58.18 5.10
N SER K 192 -1.17 -57.63 5.40
CA SER K 192 -2.29 -57.75 4.47
C SER K 192 -2.00 -57.03 3.16
N LEU K 193 -1.36 -55.87 3.22
CA LEU K 193 -0.99 -55.17 1.99
C LEU K 193 0.03 -55.94 1.19
N LEU K 194 0.99 -56.59 1.86
CA LEU K 194 1.96 -57.41 1.15
C LEU K 194 1.29 -58.61 0.49
N GLU K 195 0.34 -59.23 1.19
CA GLU K 195 -0.40 -60.35 0.59
C GLU K 195 -1.22 -59.88 -0.61
N LEU K 196 -1.83 -58.69 -0.51
CA LEU K 196 -2.58 -58.14 -1.63
C LEU K 196 -1.67 -57.88 -2.82
N HIS K 197 -0.48 -57.32 -2.56
CA HIS K 197 0.47 -57.08 -3.64
C HIS K 197 0.90 -58.38 -4.30
N LYS K 198 1.17 -59.41 -3.49
CA LYS K 198 1.57 -60.70 -4.05
C LYS K 198 0.45 -61.31 -4.88
N LEU K 199 -0.79 -61.21 -4.40
CA LEU K 199 -1.91 -61.76 -5.14
C LEU K 199 -2.14 -61.01 -6.45
N ALA K 200 -1.97 -59.69 -6.43
CA ALA K 200 -2.11 -58.91 -7.66
C ALA K 200 -0.99 -59.19 -8.64
N THR K 201 0.22 -59.47 -8.14
CA THR K 201 1.31 -59.81 -9.03
C THR K 201 1.12 -61.20 -9.64
N ASP K 202 0.61 -62.15 -8.85
CA ASP K 202 0.40 -63.50 -9.35
C ASP K 202 -0.80 -63.58 -10.29
N LYS K 203 -1.78 -62.69 -10.11
CA LYS K 203 -2.98 -62.68 -10.94
C LYS K 203 -2.96 -61.60 -12.02
N ASN K 204 -1.76 -61.14 -12.41
CA ASN K 204 -1.60 -60.14 -13.46
C ASN K 204 -2.39 -58.86 -13.16
N ASP K 205 -1.90 -58.08 -12.20
CA ASP K 205 -2.54 -56.82 -11.85
C ASP K 205 -1.46 -55.84 -11.40
N PRO K 206 -0.77 -55.22 -12.36
CA PRO K 206 0.33 -54.31 -11.97
C PRO K 206 -0.15 -52.97 -11.46
N HIS K 207 -1.27 -52.45 -11.99
CA HIS K 207 -1.72 -51.13 -11.59
C HIS K 207 -2.13 -51.09 -10.12
N LEU K 208 -2.95 -52.04 -9.69
CA LEU K 208 -3.44 -52.05 -8.32
C LEU K 208 -2.31 -52.24 -7.32
N CYS K 209 -1.44 -53.22 -7.58
CA CYS K 209 -0.33 -53.48 -6.67
C CYS K 209 0.65 -52.32 -6.63
N ASP K 210 0.89 -51.69 -7.78
CA ASP K 210 1.77 -50.52 -7.81
C ASP K 210 1.18 -49.36 -7.02
N PHE K 211 -0.13 -49.11 -7.18
CA PHE K 211 -0.77 -48.04 -6.43
C PHE K 211 -0.72 -48.33 -4.92
N ILE K 212 -0.92 -49.60 -4.54
CA ILE K 212 -0.88 -49.96 -3.13
C ILE K 212 0.52 -49.76 -2.56
N GLU K 213 1.54 -50.21 -3.29
CA GLU K 213 2.90 -50.10 -2.78
C GLU K 213 3.44 -48.68 -2.87
N THR K 214 2.79 -47.80 -3.64
CA THR K 214 3.27 -46.44 -3.77
C THR K 214 2.55 -45.47 -2.80
N TYR K 215 1.22 -45.48 -2.81
CA TYR K 215 0.44 -44.51 -2.06
C TYR K 215 -0.16 -45.07 -0.77
N TYR K 216 0.42 -46.15 -0.23
CA TYR K 216 -0.10 -46.71 1.00
C TYR K 216 1.01 -47.29 1.87
N LEU K 217 1.96 -48.00 1.27
CA LEU K 217 3.01 -48.64 2.05
C LEU K 217 3.92 -47.63 2.73
N SER K 218 4.13 -46.47 2.10
CA SER K 218 4.98 -45.45 2.70
C SER K 218 4.38 -44.92 3.99
N GLU K 219 3.08 -44.61 3.97
CA GLU K 219 2.42 -44.14 5.18
C GLU K 219 2.40 -45.22 6.26
N GLN K 220 2.24 -46.47 5.86
CA GLN K 220 2.27 -47.56 6.83
C GLN K 220 3.65 -47.69 7.48
N VAL K 221 4.71 -47.59 6.69
CA VAL K 221 6.06 -47.66 7.24
C VAL K 221 6.31 -46.49 8.17
N LYS K 222 5.87 -45.29 7.79
CA LYS K 222 6.04 -44.12 8.65
C LYS K 222 5.29 -44.29 9.97
N SER K 223 4.07 -44.81 9.91
CA SER K 223 3.30 -45.03 11.13
C SER K 223 3.94 -46.08 12.02
N ILE K 224 4.47 -47.15 11.41
CA ILE K 224 5.14 -48.19 12.18
C ILE K 224 6.38 -47.62 12.86
N LYS K 225 7.15 -46.80 12.13
CA LYS K 225 8.35 -46.21 12.72
C LYS K 225 7.99 -45.26 13.86
N GLU K 226 6.93 -44.46 13.68
CA GLU K 226 6.51 -43.55 14.74
C GLU K 226 6.03 -44.30 15.97
N LEU K 227 5.28 -45.38 15.78
CA LEU K 227 4.81 -46.17 16.91
C LEU K 227 5.97 -46.86 17.61
N GLY K 228 6.97 -47.33 16.85
CA GLY K 228 8.15 -47.90 17.47
C GLY K 228 8.94 -46.89 18.27
N ASP K 229 9.08 -45.67 17.75
CA ASP K 229 9.73 -44.61 18.51
C ASP K 229 8.96 -44.28 19.79
N HIS K 230 7.63 -44.25 19.70
CA HIS K 230 6.82 -43.98 20.88
C HIS K 230 6.97 -45.08 21.92
N VAL K 231 6.99 -46.34 21.48
CA VAL K 231 7.17 -47.46 22.41
C VAL K 231 8.54 -47.39 23.05
N THR K 232 9.57 -47.07 22.27
CA THR K 232 10.92 -46.96 22.83
C THR K 232 10.99 -45.83 23.86
N ASN K 233 10.35 -44.70 23.57
CA ASN K 233 10.33 -43.60 24.52
C ASN K 233 9.60 -43.98 25.80
N LEU K 234 8.45 -44.66 25.67
CA LEU K 234 7.71 -45.07 26.86
C LEU K 234 8.46 -46.11 27.68
N ARG K 235 9.26 -46.96 27.03
CA ARG K 235 10.04 -47.95 27.76
C ARG K 235 11.27 -47.35 28.42
N LYS K 236 11.89 -46.34 27.79
CA LYS K 236 13.08 -45.73 28.37
C LYS K 236 12.72 -44.76 29.49
N MET K 237 11.68 -43.95 29.30
CA MET K 237 11.30 -42.97 30.31
C MET K 237 10.71 -43.65 31.54
N GLY K 238 9.73 -44.55 31.34
CA GLY K 238 9.12 -45.26 32.44
C GLY K 238 7.61 -45.21 32.42
N ALA K 239 7.00 -45.95 31.49
CA ALA K 239 5.56 -46.01 31.35
C ALA K 239 5.15 -47.46 31.09
N PRO K 240 4.06 -47.94 31.72
CA PRO K 240 3.25 -47.18 32.68
C PRO K 240 3.76 -47.31 34.12
N CYS K 241 5.08 -47.46 34.29
CA CYS K 241 5.65 -47.61 35.62
C CYS K 241 5.61 -46.31 36.42
N ALA K 242 5.38 -45.18 35.76
CA ALA K 242 5.29 -43.90 36.43
C ALA K 242 4.47 -42.95 35.57
N GLY K 243 3.54 -42.23 36.22
CA GLY K 243 2.70 -41.28 35.50
C GLY K 243 3.42 -40.05 35.01
N MET K 244 4.65 -39.81 35.46
CA MET K 244 5.41 -38.65 35.01
C MET K 244 5.82 -38.79 33.56
N ALA K 245 6.22 -40.00 33.15
CA ALA K 245 6.67 -40.23 31.78
C ALA K 245 5.53 -40.00 30.79
N GLU K 246 4.33 -40.49 31.11
CA GLU K 246 3.19 -40.29 30.23
C GLU K 246 2.85 -38.82 30.09
N TYR K 247 2.85 -38.08 31.21
CA TYR K 247 2.55 -36.66 31.16
C TYR K 247 3.60 -35.90 30.35
N LEU K 248 4.87 -36.24 30.51
CA LEU K 248 5.92 -35.54 29.76
C LEU K 248 5.85 -35.87 28.28
N PHE K 249 5.56 -37.12 27.94
CA PHE K 249 5.40 -37.48 26.53
C PHE K 249 4.16 -36.84 25.93
N ASP K 250 3.14 -36.59 26.74
CA ASP K 250 1.95 -35.90 26.25
C ASP K 250 2.22 -34.42 26.02
N LYS K 251 2.96 -33.78 26.93
CA LYS K 251 3.20 -32.35 26.86
C LYS K 251 4.39 -31.98 25.99
N HIS K 252 5.21 -32.94 25.57
CA HIS K 252 6.38 -32.66 24.73
C HIS K 252 6.23 -33.19 23.32
N THR K 253 6.11 -34.51 23.16
CA THR K 253 6.03 -35.12 21.84
C THR K 253 4.74 -34.73 21.12
N LEU K 254 3.61 -35.24 21.62
CA LEU K 254 2.31 -34.97 21.00
C LEU K 254 1.75 -33.60 21.40
N GLY K 255 2.46 -32.84 22.22
CA GLY K 255 1.99 -31.53 22.63
C GLY K 255 2.23 -30.45 21.59
N THR L 13 -55.23 17.77 -59.81
CA THR L 13 -53.90 17.73 -60.43
C THR L 13 -53.12 19.00 -60.12
N GLN L 14 -53.69 19.86 -59.28
CA GLN L 14 -53.02 21.10 -58.93
C GLN L 14 -51.92 20.88 -57.90
N ASP L 15 -52.19 20.07 -56.87
CA ASP L 15 -51.18 19.80 -55.85
C ASP L 15 -49.99 19.03 -56.43
N LEU L 16 -50.26 18.11 -57.36
CA LEU L 16 -49.18 17.35 -57.99
C LEU L 16 -48.28 18.27 -58.80
N ARG L 17 -48.87 19.17 -59.59
CA ARG L 17 -48.08 20.11 -60.38
C ARG L 17 -47.32 21.07 -59.46
N SER L 18 -47.93 21.49 -58.36
CA SER L 18 -47.25 22.37 -57.42
C SER L 18 -46.05 21.67 -56.80
N HIS L 19 -46.21 20.41 -56.41
CA HIS L 19 -45.08 19.67 -55.84
C HIS L 19 -43.99 19.46 -56.88
N LEU L 20 -44.36 19.16 -58.12
CA LEU L 20 -43.37 18.95 -59.17
C LEU L 20 -42.61 20.23 -59.48
N VAL L 21 -43.28 21.38 -59.43
CA VAL L 21 -42.60 22.65 -59.72
C VAL L 21 -41.84 23.17 -58.51
N HIS L 22 -42.17 22.72 -57.30
CA HIS L 22 -41.43 23.12 -56.12
C HIS L 22 -40.25 22.21 -55.81
N LYS L 23 -40.25 20.98 -56.33
CA LYS L 23 -39.13 20.09 -56.08
C LYS L 23 -37.98 20.30 -57.08
N LEU L 24 -38.28 20.82 -58.26
CA LEU L 24 -37.23 21.00 -59.26
C LEU L 24 -36.28 22.13 -58.90
N VAL L 25 -36.78 23.18 -58.24
CA VAL L 25 -35.92 24.29 -57.84
C VAL L 25 -34.91 23.84 -56.78
N GLN L 26 -35.20 22.76 -56.06
CA GLN L 26 -34.24 22.21 -55.10
C GLN L 26 -33.40 21.10 -55.70
N ALA L 27 -33.95 20.34 -56.65
CA ALA L 27 -33.17 19.28 -57.29
C ALA L 27 -32.12 19.84 -58.23
N ILE L 28 -32.41 20.95 -58.91
CA ILE L 28 -31.44 21.56 -59.82
C ILE L 28 -30.33 22.24 -59.03
N PHE L 29 -30.69 23.25 -58.24
CA PHE L 29 -29.73 23.99 -57.44
C PHE L 29 -29.93 23.70 -55.96
N PRO L 30 -28.85 23.55 -55.20
CA PRO L 30 -28.99 23.28 -53.76
C PRO L 30 -29.55 24.47 -52.98
N CYS L 31 -28.67 25.23 -52.34
CA CYS L 31 -29.10 26.35 -51.53
C CYS L 31 -28.27 27.59 -51.86
N PRO L 32 -28.90 28.76 -52.02
CA PRO L 32 -28.14 29.98 -52.30
C PRO L 32 -27.48 30.56 -51.06
N ASP L 33 -27.01 31.80 -51.16
CA ASP L 33 -26.37 32.46 -50.02
C ASP L 33 -26.62 33.96 -50.10
N PRO L 34 -27.41 34.52 -49.18
CA PRO L 34 -27.73 35.96 -49.27
C PRO L 34 -26.56 36.86 -48.89
N CYS L 35 -25.93 36.59 -47.75
CA CYS L 35 -24.85 37.43 -47.23
C CYS L 35 -23.58 37.33 -48.07
N ALA L 36 -23.26 36.14 -48.58
CA ALA L 36 -22.04 35.99 -49.37
C ALA L 36 -22.20 36.59 -50.76
N LEU L 37 -23.26 36.24 -51.47
CA LEU L 37 -23.53 36.74 -52.81
C LEU L 37 -24.61 37.81 -52.75
N LYS L 38 -25.58 37.71 -53.65
CA LYS L 38 -26.69 38.65 -53.70
C LYS L 38 -28.03 37.91 -53.53
N ASP L 39 -28.93 38.09 -54.50
CA ASP L 39 -30.24 37.44 -54.43
C ASP L 39 -30.84 37.31 -55.83
N ARG L 40 -30.31 38.08 -56.79
CA ARG L 40 -30.83 38.05 -58.14
C ARG L 40 -30.47 36.76 -58.88
N ARG L 41 -29.43 36.05 -58.42
CA ARG L 41 -29.02 34.82 -59.10
C ARG L 41 -30.06 33.72 -58.91
N MET L 42 -30.55 33.54 -57.68
CA MET L 42 -31.59 32.54 -57.45
C MET L 42 -32.87 32.91 -58.19
N GLU L 43 -33.17 34.21 -58.28
CA GLU L 43 -34.35 34.64 -59.03
C GLU L 43 -34.20 34.33 -60.51
N ASN L 44 -33.02 34.59 -61.08
CA ASN L 44 -32.80 34.26 -62.49
C ASN L 44 -32.85 32.76 -62.71
N LEU L 45 -32.35 31.98 -61.75
CA LEU L 45 -32.36 30.53 -61.89
C LEU L 45 -33.78 29.99 -61.86
N VAL L 46 -34.60 30.46 -60.92
CA VAL L 46 -35.98 29.98 -60.85
C VAL L 46 -36.78 30.49 -62.05
N ALA L 47 -36.45 31.67 -62.57
CA ALA L 47 -37.12 32.15 -63.78
C ALA L 47 -36.77 31.28 -64.98
N TYR L 48 -35.50 30.91 -65.13
CA TYR L 48 -35.11 30.01 -66.21
C TYR L 48 -35.75 28.64 -66.05
N ALA L 49 -35.88 28.17 -64.81
CA ALA L 49 -36.55 26.89 -64.57
C ALA L 49 -38.02 26.95 -64.97
N LYS L 50 -38.71 28.02 -64.60
CA LYS L 50 -40.10 28.20 -65.01
C LYS L 50 -40.22 28.28 -66.52
N LYS L 51 -39.29 28.99 -67.18
CA LYS L 51 -39.33 29.11 -68.63
C LYS L 51 -39.15 27.76 -69.30
N VAL L 52 -38.18 26.97 -68.84
CA VAL L 52 -37.90 25.70 -69.48
C VAL L 52 -39.02 24.70 -69.21
N GLU L 53 -39.61 24.73 -68.01
CA GLU L 53 -40.71 23.83 -67.74
C GLU L 53 -41.96 24.20 -68.53
N GLY L 54 -42.18 25.51 -68.74
CA GLY L 54 -43.28 25.93 -69.59
C GLY L 54 -43.06 25.54 -71.05
N ASP L 55 -41.82 25.65 -71.52
CA ASP L 55 -41.51 25.23 -72.88
C ASP L 55 -41.68 23.73 -73.06
N MET L 56 -41.32 22.95 -72.03
CA MET L 56 -41.52 21.50 -72.11
C MET L 56 -42.99 21.13 -72.02
N TYR L 57 -43.79 21.90 -71.26
CA TYR L 57 -45.22 21.61 -71.16
C TYR L 57 -45.95 21.98 -72.44
N GLU L 58 -45.56 23.09 -73.08
CA GLU L 58 -46.20 23.49 -74.33
C GLU L 58 -45.87 22.54 -75.48
N SER L 59 -44.75 21.82 -75.40
CA SER L 59 -44.33 20.88 -76.42
C SER L 59 -44.36 19.45 -75.90
N ALA L 60 -45.51 19.00 -75.41
CA ALA L 60 -45.66 17.66 -74.87
C ALA L 60 -46.87 16.97 -75.49
N ASN L 61 -46.97 15.66 -75.26
CA ASN L 61 -48.08 14.87 -75.78
C ASN L 61 -49.03 14.45 -74.67
N SER L 62 -48.58 13.54 -73.80
CA SER L 62 -49.41 13.06 -72.71
C SER L 62 -48.89 13.54 -71.36
N ARG L 63 -48.85 12.63 -70.38
CA ARG L 63 -48.43 12.97 -69.03
C ARG L 63 -47.15 12.28 -68.61
N ASP L 64 -46.99 10.98 -68.94
CA ASP L 64 -45.80 10.26 -68.51
C ASP L 64 -44.56 10.69 -69.29
N GLU L 65 -44.71 10.92 -70.59
CA GLU L 65 -43.55 11.33 -71.39
C GLU L 65 -43.04 12.71 -70.98
N TYR L 66 -43.94 13.61 -70.59
CA TYR L 66 -43.51 14.93 -70.12
C TYR L 66 -42.71 14.80 -68.82
N TYR L 67 -43.17 13.96 -67.89
CA TYR L 67 -42.44 13.75 -66.65
C TYR L 67 -41.09 13.10 -66.92
N HIS L 68 -41.03 12.15 -67.86
CA HIS L 68 -39.76 11.53 -68.21
C HIS L 68 -38.79 12.53 -68.81
N LEU L 69 -39.29 13.40 -69.70
CA LEU L 69 -38.43 14.42 -70.30
C LEU L 69 -37.96 15.42 -69.26
N LEU L 70 -38.82 15.78 -68.30
CA LEU L 70 -38.42 16.68 -67.24
C LEU L 70 -37.34 16.06 -66.36
N ALA L 71 -37.49 14.77 -66.03
CA ALA L 71 -36.48 14.08 -65.25
C ALA L 71 -35.15 14.00 -66.00
N GLU L 72 -35.22 13.73 -67.30
CA GLU L 72 -34.00 13.69 -68.11
C GLU L 72 -33.33 15.06 -68.16
N LYS L 73 -34.13 16.12 -68.28
CA LYS L 73 -33.55 17.47 -68.27
C LYS L 73 -32.90 17.79 -66.93
N ILE L 74 -33.54 17.40 -65.83
CA ILE L 74 -32.95 17.61 -64.51
C ILE L 74 -31.64 16.86 -64.39
N TYR L 75 -31.61 15.61 -64.86
CA TYR L 75 -30.36 14.84 -64.83
C TYR L 75 -29.27 15.50 -65.66
N LYS L 76 -29.62 15.97 -66.86
CA LYS L 76 -28.63 16.60 -67.73
C LYS L 76 -28.11 17.89 -67.12
N ILE L 77 -28.97 18.65 -66.43
CA ILE L 77 -28.52 19.86 -65.76
C ILE L 77 -27.60 19.51 -64.59
N GLN L 78 -27.94 18.45 -63.84
CA GLN L 78 -27.09 18.01 -62.74
C GLN L 78 -25.79 17.37 -63.21
N LYS L 79 -25.69 17.02 -64.50
CA LYS L 79 -24.45 16.43 -65.00
C LYS L 79 -23.28 17.40 -64.90
N GLU L 80 -23.53 18.69 -65.02
CA GLU L 80 -22.44 19.67 -64.95
C GLU L 80 -22.13 20.05 -63.50
N LEU L 81 -23.14 20.49 -62.76
CA LEU L 81 -22.96 20.91 -61.37
C LEU L 81 -22.85 19.67 -60.47
N GLU L 82 -21.63 19.11 -60.46
CA GLU L 82 -21.32 17.95 -59.65
C GLU L 82 -20.28 18.24 -58.57
N GLU L 83 -19.25 19.01 -58.91
CA GLU L 83 -18.16 19.34 -57.98
C GLU L 83 -17.55 18.07 -57.39
N LYS L 84 -16.73 17.39 -58.16
CA LYS L 84 -16.11 16.15 -57.70
C LYS L 84 -15.12 16.43 -56.58
N SER L 85 -14.99 15.46 -55.68
CA SER L 85 -14.08 15.60 -54.54
C SER L 85 -12.63 15.44 -54.98
N GLN L 86 -11.75 16.18 -54.31
CA GLN L 86 -10.33 16.11 -54.63
C GLN L 86 -9.69 14.83 -54.12
N VAL L 87 -10.35 14.12 -53.19
CA VAL L 87 -9.82 12.86 -52.67
C VAL L 87 -10.25 11.65 -53.50
N ARG L 88 -11.10 11.86 -54.50
CA ARG L 88 -11.57 10.76 -55.34
C ARG L 88 -10.46 10.32 -56.29
N GLN L 89 -10.07 9.05 -56.21
CA GLN L 89 -9.02 8.50 -57.04
C GLN L 89 -9.37 7.06 -57.39
N ASN L 90 -9.57 6.80 -58.69
CA ASN L 90 -9.92 5.48 -59.19
C ASN L 90 -11.20 4.96 -58.52
N TYR L 91 -12.35 5.43 -58.99
CA TYR L 91 -13.63 5.01 -58.43
C TYR L 91 -14.70 5.18 -59.51
N HIS L 92 -15.44 4.12 -59.79
CA HIS L 92 -16.46 4.14 -60.83
C HIS L 92 -17.85 4.28 -60.23
N GLN L 93 -18.79 4.70 -61.07
CA GLN L 93 -20.17 4.89 -60.61
C GLN L 93 -20.84 3.56 -60.27
N ASP L 94 -20.42 2.47 -60.92
CA ASP L 94 -20.96 1.16 -60.58
C ASP L 94 -20.59 0.77 -59.15
N ALA L 95 -19.36 1.09 -58.73
CA ALA L 95 -18.96 0.83 -57.35
C ALA L 95 -19.79 1.67 -56.39
N GLU L 96 -20.10 2.91 -56.76
CA GLU L 96 -20.94 3.75 -55.91
C GLU L 96 -22.35 3.16 -55.79
N ALA L 97 -22.92 2.69 -56.89
CA ALA L 97 -24.24 2.08 -56.84
C ALA L 97 -24.22 0.81 -56.00
N ALA L 98 -23.16 0.02 -56.11
CA ALA L 98 -23.04 -1.19 -55.31
C ALA L 98 -22.93 -0.86 -53.82
N ILE L 99 -22.17 0.18 -53.49
CA ILE L 99 -22.05 0.59 -52.09
C ILE L 99 -23.39 1.10 -51.57
N ASN L 100 -24.14 1.83 -52.41
CA ASN L 100 -25.46 2.29 -51.99
C ASN L 100 -26.41 1.13 -51.75
N ARG L 101 -26.39 0.13 -52.63
CA ARG L 101 -27.23 -1.05 -52.44
C ARG L 101 -26.83 -1.82 -51.19
N GLN L 102 -25.52 -1.91 -50.93
CA GLN L 102 -25.06 -2.57 -49.71
C GLN L 102 -25.50 -1.82 -48.46
N ILE L 103 -25.46 -0.49 -48.51
CA ILE L 103 -25.92 0.32 -47.37
C ILE L 103 -27.41 0.12 -47.15
N ASN L 104 -28.19 0.09 -48.24
CA ASN L 104 -29.62 -0.16 -48.11
C ASN L 104 -29.89 -1.53 -47.51
N LEU L 105 -29.14 -2.55 -47.94
CA LEU L 105 -29.32 -3.89 -47.40
C LEU L 105 -28.93 -3.94 -45.93
N GLU L 106 -27.87 -3.22 -45.55
CA GLU L 106 -27.48 -3.17 -44.13
C GLU L 106 -28.54 -2.49 -43.28
N LEU L 107 -29.13 -1.41 -43.80
CA LEU L 107 -30.22 -0.75 -43.07
C LEU L 107 -31.43 -1.67 -42.94
N TYR L 108 -31.75 -2.40 -44.00
CA TYR L 108 -32.86 -3.35 -43.93
C TYR L 108 -32.59 -4.44 -42.91
N ALA L 109 -31.35 -4.95 -42.87
CA ALA L 109 -31.00 -5.97 -41.91
C ALA L 109 -31.07 -5.45 -40.48
N SER L 110 -30.62 -4.20 -40.27
CA SER L 110 -30.72 -3.60 -38.94
C SER L 110 -32.18 -3.43 -38.53
N TYR L 111 -33.04 -3.03 -39.47
CA TYR L 111 -34.46 -2.89 -39.16
C TYR L 111 -35.07 -4.25 -38.81
N VAL L 112 -34.71 -5.29 -39.56
CA VAL L 112 -35.23 -6.63 -39.28
C VAL L 112 -34.76 -7.11 -37.91
N TYR L 113 -33.49 -6.87 -37.58
CA TYR L 113 -32.99 -7.28 -36.27
C TYR L 113 -33.64 -6.50 -35.14
N LEU L 114 -33.92 -5.21 -35.36
CA LEU L 114 -34.63 -4.43 -34.36
C LEU L 114 -36.04 -4.95 -34.16
N SER L 115 -36.72 -5.31 -35.26
CA SER L 115 -38.06 -5.89 -35.15
C SER L 115 -38.02 -7.21 -34.40
N MET L 116 -37.01 -8.04 -34.66
CA MET L 116 -36.88 -9.30 -33.94
C MET L 116 -36.61 -9.08 -32.46
N SER L 117 -35.79 -8.09 -32.13
CA SER L 117 -35.52 -7.78 -30.73
C SER L 117 -36.76 -7.26 -30.02
N CYS L 118 -37.58 -6.47 -30.73
CA CYS L 118 -38.81 -5.94 -30.15
C CYS L 118 -39.97 -6.93 -30.19
N TYR L 119 -39.81 -8.06 -30.88
CA TYR L 119 -40.85 -9.07 -30.92
C TYR L 119 -40.70 -10.13 -29.84
N PHE L 120 -39.47 -10.37 -29.36
CA PHE L 120 -39.23 -11.40 -28.36
C PHE L 120 -39.30 -10.89 -26.92
N ASP L 121 -39.14 -9.59 -26.71
CA ASP L 121 -39.18 -9.02 -25.37
C ASP L 121 -40.59 -8.71 -24.90
N ARG L 122 -41.61 -9.25 -25.56
CA ARG L 122 -43.00 -9.02 -25.19
C ARG L 122 -43.39 -9.95 -24.04
N ASP L 123 -44.68 -9.99 -23.72
CA ASP L 123 -45.17 -10.85 -22.64
C ASP L 123 -45.56 -12.24 -23.14
N ASP L 124 -45.97 -12.36 -24.40
CA ASP L 124 -46.36 -13.65 -24.97
C ASP L 124 -45.16 -14.48 -25.42
N VAL L 125 -43.95 -13.95 -25.32
CA VAL L 125 -42.74 -14.65 -25.69
C VAL L 125 -41.87 -14.95 -24.48
N ALA L 126 -41.57 -13.92 -23.67
CA ALA L 126 -40.81 -14.05 -22.44
C ALA L 126 -39.42 -14.66 -22.70
N LEU L 127 -38.69 -14.02 -23.61
CA LEU L 127 -37.32 -14.41 -23.97
C LEU L 127 -36.46 -13.15 -23.95
N LYS L 128 -35.87 -12.85 -22.80
CA LYS L 128 -35.06 -11.64 -22.67
C LYS L 128 -33.68 -11.83 -23.29
N ASN L 129 -33.12 -13.04 -23.20
CA ASN L 129 -31.80 -13.28 -23.77
C ASN L 129 -31.83 -13.22 -25.29
N PHE L 130 -32.89 -13.75 -25.90
CA PHE L 130 -33.04 -13.63 -27.35
C PHE L 130 -33.16 -12.16 -27.76
N ALA L 131 -33.91 -11.37 -27.01
CA ALA L 131 -34.04 -9.95 -27.31
C ALA L 131 -32.71 -9.23 -27.18
N LYS L 132 -31.94 -9.58 -26.14
CA LYS L 132 -30.62 -8.95 -25.97
C LYS L 132 -29.68 -9.33 -27.10
N TYR L 133 -29.70 -10.60 -27.53
CA TYR L 133 -28.85 -11.02 -28.63
C TYR L 133 -29.24 -10.33 -29.93
N PHE L 134 -30.55 -10.21 -30.18
CA PHE L 134 -30.99 -9.52 -31.40
C PHE L 134 -30.64 -8.04 -31.35
N LEU L 135 -30.73 -7.42 -30.18
CA LEU L 135 -30.34 -6.02 -30.05
C LEU L 135 -28.85 -5.84 -30.27
N HIS L 136 -28.03 -6.77 -29.77
CA HIS L 136 -26.60 -6.71 -30.00
C HIS L 136 -26.28 -6.87 -31.48
N GLN L 137 -26.97 -7.80 -32.15
CA GLN L 137 -26.76 -7.98 -33.59
C GLN L 137 -27.18 -6.73 -34.36
N SER L 138 -28.28 -6.10 -33.97
CA SER L 138 -28.71 -4.87 -34.62
C SER L 138 -27.70 -3.75 -34.42
N HIS L 139 -27.13 -3.66 -33.21
CA HIS L 139 -26.10 -2.66 -32.95
C HIS L 139 -24.86 -2.93 -33.79
N GLU L 140 -24.48 -4.20 -33.94
CA GLU L 140 -23.32 -4.54 -34.76
C GLU L 140 -23.56 -4.17 -36.23
N GLU L 141 -24.76 -4.47 -36.74
CA GLU L 141 -25.08 -4.13 -38.11
C GLU L 141 -25.11 -2.61 -38.30
N ARG L 142 -25.61 -1.88 -37.30
CA ARG L 142 -25.63 -0.42 -37.38
CA ARG L 142 -25.64 -0.43 -37.37
C ARG L 142 -24.21 0.13 -37.41
N GLU L 143 -23.33 -0.41 -36.58
CA GLU L 143 -21.94 0.04 -36.57
C GLU L 143 -21.25 -0.29 -37.89
N HIS L 144 -21.55 -1.46 -38.46
CA HIS L 144 -20.96 -1.82 -39.76
C HIS L 144 -21.46 -0.88 -40.86
N ALA L 145 -22.75 -0.52 -40.82
CA ALA L 145 -23.28 0.41 -41.80
C ALA L 145 -22.65 1.79 -41.65
N GLU L 146 -22.47 2.24 -40.41
CA GLU L 146 -21.82 3.53 -40.19
C GLU L 146 -20.38 3.51 -40.66
N LYS L 147 -19.67 2.39 -40.45
CA LYS L 147 -18.30 2.28 -40.92
C LYS L 147 -18.25 2.28 -42.45
N LEU L 148 -19.20 1.61 -43.10
CA LEU L 148 -19.26 1.65 -44.56
C LEU L 148 -19.53 3.06 -45.07
N MET L 149 -20.44 3.79 -44.41
CA MET L 149 -20.71 5.17 -44.80
C MET L 149 -19.48 6.04 -44.63
N LYS L 150 -18.75 5.85 -43.52
CA LYS L 150 -17.54 6.64 -43.30
C LYS L 150 -16.47 6.31 -44.34
N LEU L 151 -16.33 5.03 -44.69
CA LEU L 151 -15.36 4.64 -45.71
C LEU L 151 -15.73 5.22 -47.07
N GLN L 152 -17.02 5.26 -47.39
CA GLN L 152 -17.45 5.86 -48.65
C GLN L 152 -17.22 7.36 -48.65
N ASN L 153 -17.44 8.02 -47.50
CA ASN L 153 -17.18 9.45 -47.41
C ASN L 153 -15.70 9.77 -47.51
N GLN L 154 -14.83 8.89 -47.00
CA GLN L 154 -13.40 9.13 -47.10
C GLN L 154 -12.91 9.00 -48.54
N ARG L 155 -13.51 8.09 -49.31
CA ARG L 155 -13.11 7.92 -50.70
C ARG L 155 -13.64 9.02 -51.61
N GLY L 156 -14.70 9.72 -51.18
CA GLY L 156 -15.28 10.79 -51.96
C GLY L 156 -16.56 10.46 -52.68
N GLY L 157 -17.07 9.23 -52.52
CA GLY L 157 -18.31 8.86 -53.18
C GLY L 157 -19.53 9.42 -52.49
N ARG L 158 -20.53 9.77 -53.29
CA ARG L 158 -21.77 10.32 -52.76
C ARG L 158 -22.64 9.23 -52.18
N ILE L 159 -23.43 9.59 -51.16
CA ILE L 159 -24.33 8.67 -50.49
C ILE L 159 -25.74 9.24 -50.61
N PHE L 160 -26.63 8.48 -51.25
CA PHE L 160 -28.03 8.88 -51.45
C PHE L 160 -28.89 7.93 -50.61
N LEU L 161 -29.21 8.36 -49.39
CA LEU L 161 -30.03 7.56 -48.50
C LEU L 161 -31.49 7.59 -48.95
N GLN L 162 -32.07 6.41 -49.16
CA GLN L 162 -33.44 6.28 -49.61
C GLN L 162 -34.30 5.70 -48.49
N ASP L 163 -35.48 5.21 -48.84
CA ASP L 163 -36.39 4.65 -47.85
C ASP L 163 -35.92 3.27 -47.41
N ILE L 164 -36.21 2.94 -46.16
CA ILE L 164 -35.85 1.64 -45.60
C ILE L 164 -37.08 0.73 -45.64
N LYS L 165 -36.93 -0.42 -46.28
CA LYS L 165 -38.04 -1.35 -46.40
C LYS L 165 -38.35 -2.02 -45.07
N LYS L 166 -39.61 -2.43 -44.90
CA LYS L 166 -40.06 -3.09 -43.68
C LYS L 166 -40.03 -4.59 -43.87
N PRO L 167 -39.90 -5.36 -42.78
CA PRO L 167 -39.94 -6.82 -42.89
C PRO L 167 -41.30 -7.29 -43.41
N ASP L 168 -41.25 -8.23 -44.35
CA ASP L 168 -42.48 -8.75 -44.94
C ASP L 168 -43.27 -9.62 -43.97
N ARG L 169 -42.62 -10.14 -42.92
CA ARG L 169 -43.27 -10.98 -41.93
C ARG L 169 -43.24 -10.24 -40.59
N ASP L 170 -44.35 -9.56 -40.28
CA ASP L 170 -44.44 -8.85 -39.00
C ASP L 170 -44.47 -9.82 -37.82
N ASP L 171 -45.16 -10.94 -37.98
CA ASP L 171 -45.20 -11.99 -36.95
C ASP L 171 -44.18 -13.05 -37.31
N TRP L 172 -43.08 -13.11 -36.56
CA TRP L 172 -41.99 -14.03 -36.83
C TRP L 172 -42.26 -15.44 -36.31
N CYS L 173 -43.52 -15.88 -36.32
CA CYS L 173 -43.91 -17.21 -35.87
C CYS L 173 -43.43 -17.48 -34.45
N SER L 174 -42.26 -18.10 -34.32
CA SER L 174 -41.69 -18.43 -33.02
C SER L 174 -40.21 -18.10 -32.99
N GLY L 175 -39.38 -19.10 -32.75
CA GLY L 175 -37.94 -18.90 -32.70
C GLY L 175 -37.20 -19.53 -33.86
N LEU L 176 -37.63 -20.74 -34.27
CA LEU L 176 -36.98 -21.43 -35.37
C LEU L 176 -37.16 -20.67 -36.68
N ASN L 177 -38.36 -20.18 -36.93
CA ASN L 177 -38.60 -19.40 -38.15
C ASN L 177 -37.80 -18.10 -38.14
N ALA L 178 -37.68 -17.46 -36.98
CA ALA L 178 -36.88 -16.25 -36.88
C ALA L 178 -35.41 -16.54 -37.15
N MET L 179 -34.90 -17.66 -36.61
CA MET L 179 -33.51 -18.03 -36.87
C MET L 179 -33.28 -18.35 -38.34
N GLU L 180 -34.24 -19.03 -38.97
CA GLU L 180 -34.10 -19.32 -40.40
C GLU L 180 -34.13 -18.05 -41.23
N SER L 181 -35.00 -17.10 -40.87
CA SER L 181 -35.04 -15.83 -41.59
C SER L 181 -33.75 -15.05 -41.40
N ALA L 182 -33.19 -15.07 -40.19
CA ALA L 182 -31.92 -14.39 -39.95
C ALA L 182 -30.79 -15.05 -40.74
N LEU L 183 -30.80 -16.38 -40.83
CA LEU L 183 -29.79 -17.08 -41.62
C LEU L 183 -29.91 -16.74 -43.10
N HIS L 184 -31.14 -16.69 -43.62
CA HIS L 184 -31.34 -16.32 -45.02
C HIS L 184 -30.89 -14.88 -45.27
N LEU L 185 -31.16 -13.99 -44.32
CA LEU L 185 -30.72 -12.60 -44.45
C LEU L 185 -29.20 -12.50 -44.46
N GLU L 186 -28.54 -13.26 -43.58
CA GLU L 186 -27.08 -13.26 -43.57
C GLU L 186 -26.50 -13.84 -44.85
N LYS L 187 -27.15 -14.88 -45.40
CA LYS L 187 -26.70 -15.42 -46.68
C LYS L 187 -26.87 -14.41 -47.80
N SER L 188 -27.97 -13.66 -47.79
CA SER L 188 -28.17 -12.62 -48.80
C SER L 188 -27.13 -11.51 -48.66
N VAL L 189 -26.80 -11.13 -47.42
CA VAL L 189 -25.77 -10.13 -47.21
C VAL L 189 -24.42 -10.62 -47.70
N ASN L 190 -24.11 -11.91 -47.45
CA ASN L 190 -22.85 -12.47 -47.93
C ASN L 190 -22.81 -12.51 -49.45
N GLN L 191 -23.93 -12.85 -50.09
CA GLN L 191 -23.98 -12.84 -51.55
C GLN L 191 -23.79 -11.43 -52.10
N SER L 192 -24.40 -10.44 -51.45
CA SER L 192 -24.21 -9.06 -51.88
C SER L 192 -22.76 -8.61 -51.72
N LEU L 193 -22.12 -9.04 -50.63
CA LEU L 193 -20.71 -8.70 -50.43
C LEU L 193 -19.83 -9.37 -51.47
N LEU L 194 -20.15 -10.61 -51.84
CA LEU L 194 -19.39 -11.29 -52.90
C LEU L 194 -19.57 -10.59 -54.24
N GLU L 195 -20.80 -10.16 -54.54
CA GLU L 195 -21.03 -9.42 -55.78
C GLU L 195 -20.29 -8.09 -55.77
N LEU L 196 -20.25 -7.41 -54.62
CA LEU L 196 -19.51 -6.16 -54.51
C LEU L 196 -18.01 -6.39 -54.73
N HIS L 197 -17.48 -7.47 -54.14
CA HIS L 197 -16.07 -7.79 -54.34
C HIS L 197 -15.77 -8.08 -55.79
N LYS L 198 -16.65 -8.84 -56.46
CA LYS L 198 -16.44 -9.15 -57.87
C LYS L 198 -16.50 -7.89 -58.72
N LEU L 199 -17.44 -6.99 -58.43
CA LEU L 199 -17.55 -5.76 -59.19
C LEU L 199 -16.34 -4.86 -58.97
N ALA L 200 -15.83 -4.81 -57.74
CA ALA L 200 -14.63 -4.01 -57.47
C ALA L 200 -13.40 -4.61 -58.12
N THR L 201 -13.33 -5.95 -58.22
CA THR L 201 -12.20 -6.57 -58.90
C THR L 201 -12.27 -6.35 -60.41
N ASP L 202 -13.47 -6.40 -60.98
CA ASP L 202 -13.62 -6.20 -62.42
C ASP L 202 -13.45 -4.75 -62.81
N LYS L 203 -13.74 -3.82 -61.90
CA LYS L 203 -13.63 -2.39 -62.18
C LYS L 203 -12.38 -1.77 -61.58
N ASN L 204 -11.35 -2.57 -61.31
CA ASN L 204 -10.08 -2.08 -60.79
C ASN L 204 -10.26 -1.32 -59.47
N ASP L 205 -10.55 -2.05 -58.40
CA ASP L 205 -10.71 -1.45 -57.07
C ASP L 205 -10.24 -2.44 -56.03
N PRO L 206 -8.92 -2.53 -55.83
CA PRO L 206 -8.42 -3.53 -54.86
C PRO L 206 -8.61 -3.13 -53.42
N HIS L 207 -8.52 -1.83 -53.10
CA HIS L 207 -8.61 -1.39 -51.72
C HIS L 207 -9.99 -1.68 -51.13
N LEU L 208 -11.05 -1.29 -51.84
CA LEU L 208 -12.40 -1.47 -51.32
C LEU L 208 -12.74 -2.94 -51.16
N CYS L 209 -12.46 -3.75 -52.18
CA CYS L 209 -12.77 -5.18 -52.11
C CYS L 209 -11.95 -5.87 -51.03
N ASP L 210 -10.68 -5.47 -50.88
CA ASP L 210 -9.85 -6.05 -49.83
C ASP L 210 -10.38 -5.70 -48.44
N PHE L 211 -10.78 -4.43 -48.24
CA PHE L 211 -11.33 -4.04 -46.96
C PHE L 211 -12.64 -4.79 -46.67
N ILE L 212 -13.46 -4.99 -47.70
CA ILE L 212 -14.73 -5.70 -47.51
C ILE L 212 -14.46 -7.16 -47.15
N GLU L 213 -13.54 -7.81 -47.85
CA GLU L 213 -13.27 -9.22 -47.59
C GLU L 213 -12.46 -9.43 -46.32
N THR L 214 -11.85 -8.38 -45.77
CA THR L 214 -11.06 -8.53 -44.57
C THR L 214 -11.86 -8.17 -43.30
N TYR L 215 -12.49 -6.99 -43.28
CA TYR L 215 -13.14 -6.49 -42.08
C TYR L 215 -14.66 -6.62 -42.11
N TYR L 216 -15.18 -7.54 -42.93
CA TYR L 216 -16.63 -7.72 -42.98
C TYR L 216 -17.01 -9.17 -43.22
N LEU L 217 -16.31 -9.85 -44.12
CA LEU L 217 -16.68 -11.24 -44.45
C LEU L 217 -16.45 -12.17 -43.27
N SER L 218 -15.44 -11.90 -42.43
CA SER L 218 -15.18 -12.75 -41.29
C SER L 218 -16.35 -12.71 -40.30
N GLU L 219 -16.84 -11.51 -39.99
CA GLU L 219 -17.98 -11.38 -39.09
C GLU L 219 -19.23 -12.02 -39.69
N GLN L 220 -19.41 -11.90 -41.00
CA GLN L 220 -20.55 -12.53 -41.65
C GLN L 220 -20.48 -14.05 -41.56
N VAL L 221 -19.30 -14.62 -41.78
CA VAL L 221 -19.14 -16.07 -41.67
C VAL L 221 -19.38 -16.52 -40.24
N LYS L 222 -18.87 -15.76 -39.26
CA LYS L 222 -19.10 -16.11 -37.86
C LYS L 222 -20.58 -16.07 -37.51
N SER L 223 -21.29 -15.05 -37.99
CA SER L 223 -22.72 -14.94 -37.72
C SER L 223 -23.49 -16.07 -38.38
N ILE L 224 -23.11 -16.44 -39.61
CA ILE L 224 -23.77 -17.53 -40.31
C ILE L 224 -23.55 -18.84 -39.55
N LYS L 225 -22.33 -19.07 -39.08
CA LYS L 225 -22.03 -20.29 -38.33
C LYS L 225 -22.81 -20.33 -37.02
N GLU L 226 -22.90 -19.19 -36.32
CA GLU L 226 -23.65 -19.14 -35.07
C GLU L 226 -25.13 -19.39 -35.30
N LEU L 227 -25.69 -18.80 -36.37
CA LEU L 227 -27.10 -19.03 -36.67
C LEU L 227 -27.36 -20.47 -37.07
N GLY L 228 -26.43 -21.08 -37.81
CA GLY L 228 -26.57 -22.49 -38.13
C GLY L 228 -26.52 -23.38 -36.92
N ASP L 229 -25.62 -23.08 -35.99
CA ASP L 229 -25.56 -23.83 -34.73
C ASP L 229 -26.86 -23.67 -33.93
N HIS L 230 -27.40 -22.45 -33.91
CA HIS L 230 -28.65 -22.21 -33.19
C HIS L 230 -29.81 -22.99 -33.84
N VAL L 231 -29.86 -23.00 -35.17
CA VAL L 231 -30.91 -23.75 -35.87
C VAL L 231 -30.78 -25.24 -35.60
N THR L 232 -29.54 -25.75 -35.61
CA THR L 232 -29.32 -27.16 -35.33
C THR L 232 -29.75 -27.51 -33.90
N ASN L 233 -29.43 -26.63 -32.94
CA ASN L 233 -29.84 -26.87 -31.56
C ASN L 233 -31.36 -26.85 -31.43
N LEU L 234 -32.03 -25.89 -32.08
CA LEU L 234 -33.48 -25.82 -32.01
C LEU L 234 -34.14 -27.02 -32.68
N ARG L 235 -33.52 -27.57 -33.73
CA ARG L 235 -34.09 -28.73 -34.40
C ARG L 235 -33.84 -30.02 -33.62
N LYS L 236 -32.70 -30.13 -32.93
CA LYS L 236 -32.41 -31.34 -32.17
C LYS L 236 -33.16 -31.36 -30.85
N MET L 237 -33.22 -30.23 -30.14
CA MET L 237 -33.90 -30.19 -28.85
C MET L 237 -35.40 -30.33 -29.01
N GLY L 238 -36.00 -29.52 -29.90
CA GLY L 238 -37.42 -29.58 -30.13
C GLY L 238 -38.11 -28.23 -30.07
N ALA L 239 -37.89 -27.40 -31.09
CA ALA L 239 -38.48 -26.08 -31.17
C ALA L 239 -38.94 -25.82 -32.59
N PRO L 240 -40.13 -25.22 -32.78
CA PRO L 240 -41.03 -24.81 -31.70
C PRO L 240 -42.02 -25.92 -31.30
N CYS L 241 -41.59 -27.18 -31.41
CA CYS L 241 -42.45 -28.29 -31.06
C CYS L 241 -42.68 -28.40 -29.56
N ALA L 242 -41.87 -27.74 -28.75
CA ALA L 242 -42.03 -27.76 -27.31
C ALA L 242 -41.39 -26.50 -26.73
N GLY L 243 -42.11 -25.86 -25.80
CA GLY L 243 -41.60 -24.64 -25.18
C GLY L 243 -40.45 -24.87 -24.22
N MET L 244 -40.16 -26.13 -23.87
CA MET L 244 -39.05 -26.41 -22.97
C MET L 244 -37.71 -26.14 -23.65
N ALA L 245 -37.60 -26.51 -24.93
CA ALA L 245 -36.35 -26.33 -25.66
C ALA L 245 -36.00 -24.85 -25.79
N GLU L 246 -36.99 -24.01 -26.10
CA GLU L 246 -36.74 -22.58 -26.22
C GLU L 246 -36.29 -21.99 -24.89
N TYR L 247 -36.95 -22.37 -23.80
CA TYR L 247 -36.57 -21.86 -22.49
C TYR L 247 -35.16 -22.30 -22.11
N LEU L 248 -34.81 -23.55 -22.39
CA LEU L 248 -33.47 -24.03 -22.05
C LEU L 248 -32.40 -23.37 -22.90
N PHE L 249 -32.69 -23.15 -24.18
CA PHE L 249 -31.73 -22.45 -25.04
C PHE L 249 -31.61 -20.99 -24.64
N ASP L 250 -32.67 -20.41 -24.08
CA ASP L 250 -32.60 -19.03 -23.60
C ASP L 250 -31.78 -18.94 -22.32
N LYS L 251 -31.96 -19.89 -21.40
CA LYS L 251 -31.30 -19.84 -20.11
C LYS L 251 -29.91 -20.45 -20.11
N HIS L 252 -29.51 -21.14 -21.18
CA HIS L 252 -28.18 -21.76 -21.25
C HIS L 252 -27.29 -21.09 -22.27
N THR L 253 -27.65 -21.11 -23.55
CA THR L 253 -26.81 -20.55 -24.60
C THR L 253 -26.72 -19.04 -24.49
N LEU L 254 -27.82 -18.34 -24.74
CA LEU L 254 -27.83 -16.88 -24.69
C LEU L 254 -27.96 -16.34 -23.27
N GLY L 255 -28.04 -17.20 -22.27
CA GLY L 255 -28.15 -16.77 -20.89
C GLY L 255 -26.83 -16.34 -20.28
N THR M 13 78.43 25.73 -11.41
CA THR M 13 78.33 25.16 -10.07
C THR M 13 77.67 26.13 -9.11
N GLN M 14 77.17 27.25 -9.64
CA GLN M 14 76.51 28.24 -8.82
C GLN M 14 75.08 27.83 -8.46
N ASP M 15 74.34 27.32 -9.44
CA ASP M 15 72.96 26.89 -9.17
C ASP M 15 72.93 25.69 -8.23
N LEU M 16 73.89 24.78 -8.36
CA LEU M 16 73.94 23.63 -7.46
C LEU M 16 74.20 24.07 -6.02
N ARG M 17 75.16 24.98 -5.83
CA ARG M 17 75.43 25.48 -4.48
C ARG M 17 74.25 26.26 -3.93
N SER M 18 73.57 27.02 -4.78
CA SER M 18 72.39 27.75 -4.34
C SER M 18 71.28 26.81 -3.89
N HIS M 19 71.05 25.73 -4.65
CA HIS M 19 70.04 24.76 -4.26
C HIS M 19 70.44 24.05 -2.96
N LEU M 20 71.72 23.71 -2.82
CA LEU M 20 72.17 23.03 -1.61
C LEU M 20 72.04 23.92 -0.38
N VAL M 21 72.29 25.23 -0.55
CA VAL M 21 72.18 26.13 0.60
C VAL M 21 70.74 26.56 0.86
N HIS M 22 69.85 26.44 -0.12
CA HIS M 22 68.45 26.74 0.09
C HIS M 22 67.64 25.54 0.58
N LYS M 23 68.13 24.32 0.37
CA LYS M 23 67.39 23.15 0.86
C LYS M 23 67.72 22.83 2.31
N LEU M 24 68.89 23.23 2.80
CA LEU M 24 69.26 22.90 4.17
C LEU M 24 68.45 23.71 5.18
N VAL M 25 68.09 24.95 4.86
CA VAL M 25 67.29 25.75 5.77
C VAL M 25 65.89 25.17 5.96
N GLN M 26 65.43 24.36 5.01
CA GLN M 26 64.15 23.67 5.15
C GLN M 26 64.30 22.27 5.71
N ALA M 27 65.42 21.60 5.42
CA ALA M 27 65.64 20.26 5.96
C ALA M 27 65.94 20.31 7.45
N ILE M 28 66.65 21.34 7.92
CA ILE M 28 66.97 21.44 9.34
C ILE M 28 65.73 21.83 10.13
N PHE M 29 65.18 23.01 9.85
CA PHE M 29 64.00 23.50 10.54
C PHE M 29 62.80 23.52 9.59
N PRO M 30 61.61 23.13 10.07
CA PRO M 30 60.43 23.15 9.20
C PRO M 30 59.98 24.56 8.83
N CYS M 31 58.98 25.08 9.53
CA CYS M 31 58.43 26.39 9.22
C CYS M 31 58.30 27.22 10.49
N PRO M 32 58.71 28.49 10.46
CA PRO M 32 58.57 29.34 11.65
C PRO M 32 57.14 29.84 11.83
N ASP M 33 56.96 30.83 12.71
CA ASP M 33 55.65 31.41 12.95
C ASP M 33 55.80 32.88 13.33
N PRO M 34 55.35 33.80 12.47
CA PRO M 34 55.54 35.23 12.76
C PRO M 34 54.63 35.74 13.87
N CYS M 35 53.34 35.46 13.77
CA CYS M 35 52.34 35.97 14.71
C CYS M 35 52.47 35.33 16.09
N ALA M 36 52.79 34.04 16.16
CA ALA M 36 52.91 33.38 17.45
C ALA M 36 54.19 33.78 18.17
N LEU M 37 55.33 33.69 17.51
CA LEU M 37 56.62 34.05 18.08
C LEU M 37 57.06 35.41 17.55
N LYS M 38 58.32 35.49 17.14
CA LYS M 38 58.87 36.73 16.59
C LYS M 38 59.37 36.51 15.17
N ASP M 39 60.64 36.83 14.92
CA ASP M 39 61.23 36.66 13.61
C ASP M 39 62.75 36.53 13.71
N ARG M 40 63.32 36.93 14.85
CA ARG M 40 64.76 36.87 15.01
C ARG M 40 65.26 35.44 15.18
N ARG M 41 64.39 34.50 15.56
CA ARG M 41 64.82 33.12 15.77
C ARG M 41 65.17 32.46 14.44
N MET M 42 64.35 32.64 13.41
CA MET M 42 64.66 32.09 12.10
C MET M 42 65.91 32.75 11.53
N GLU M 43 66.11 34.04 11.79
CA GLU M 43 67.31 34.72 11.33
C GLU M 43 68.55 34.15 12.02
N ASN M 44 68.48 33.93 13.32
CA ASN M 44 69.62 33.33 14.03
C ASN M 44 69.88 31.92 13.54
N LEU M 45 68.81 31.16 13.25
CA LEU M 45 68.98 29.79 12.77
C LEU M 45 69.66 29.76 11.40
N VAL M 46 69.21 30.61 10.47
CA VAL M 46 69.82 30.62 9.15
C VAL M 46 71.23 31.18 9.22
N ALA M 47 71.51 32.10 10.16
CA ALA M 47 72.87 32.58 10.33
C ALA M 47 73.78 31.48 10.84
N TYR M 48 73.32 30.70 11.81
CA TYR M 48 74.11 29.57 12.31
C TYR M 48 74.31 28.53 11.21
N ALA M 49 73.29 28.32 10.37
CA ALA M 49 73.44 27.37 9.26
C ALA M 49 74.49 27.86 8.27
N LYS M 50 74.46 29.14 7.92
CA LYS M 50 75.49 29.70 7.04
C LYS M 50 76.87 29.59 7.66
N LYS M 51 76.98 29.85 8.97
CA LYS M 51 78.28 29.76 9.62
C LYS M 51 78.81 28.33 9.61
N VAL M 52 77.95 27.34 9.90
CA VAL M 52 78.43 25.97 9.96
C VAL M 52 78.75 25.45 8.57
N GLU M 53 77.98 25.86 7.55
CA GLU M 53 78.29 25.41 6.20
C GLU M 53 79.57 26.06 5.69
N GLY M 54 79.83 27.32 6.07
CA GLY M 54 81.09 27.93 5.72
C GLY M 54 82.27 27.28 6.41
N ASP M 55 82.09 26.90 7.68
CA ASP M 55 83.15 26.21 8.40
C ASP M 55 83.43 24.84 7.80
N MET M 56 82.37 24.15 7.34
CA MET M 56 82.58 22.86 6.69
C MET M 56 83.21 23.01 5.32
N TYR M 57 82.91 24.10 4.61
CA TYR M 57 83.51 24.32 3.29
C TYR M 57 84.97 24.70 3.41
N GLU M 58 85.32 25.52 4.41
CA GLU M 58 86.71 25.91 4.61
C GLU M 58 87.58 24.74 5.05
N SER M 59 87.00 23.72 5.67
CA SER M 59 87.73 22.55 6.14
C SER M 59 87.32 21.29 5.37
N ALA M 60 87.45 21.33 4.04
CA ALA M 60 87.08 20.22 3.19
C ALA M 60 88.22 19.88 2.24
N ASN M 61 88.11 18.72 1.57
CA ASN M 61 89.11 18.27 0.62
C ASN M 61 88.60 18.36 -0.80
N SER M 62 87.64 17.50 -1.15
CA SER M 62 87.10 17.48 -2.50
C SER M 62 85.65 17.96 -2.53
N ARG M 63 84.80 17.25 -3.26
CA ARG M 63 83.40 17.63 -3.41
C ARG M 63 82.44 16.63 -2.79
N ASP M 64 82.68 15.33 -2.99
CA ASP M 64 81.77 14.32 -2.48
C ASP M 64 81.84 14.19 -0.96
N GLU M 65 83.05 14.27 -0.41
CA GLU M 65 83.19 14.14 1.05
C GLU M 65 82.55 15.32 1.78
N TYR M 66 82.61 16.52 1.19
CA TYR M 66 81.95 17.68 1.80
C TYR M 66 80.44 17.49 1.81
N TYR M 67 79.87 17.00 0.71
CA TYR M 67 78.44 16.74 0.68
C TYR M 67 78.03 15.65 1.67
N HIS M 68 78.87 14.61 1.79
CA HIS M 68 78.58 13.56 2.76
C HIS M 68 78.62 14.09 4.18
N LEU M 69 79.61 14.93 4.49
CA LEU M 69 79.71 15.50 5.83
C LEU M 69 78.53 16.44 6.10
N LEU M 70 78.10 17.20 5.10
CA LEU M 70 76.94 18.07 5.28
C LEU M 70 75.68 17.27 5.53
N ALA M 71 75.50 16.17 4.78
CA ALA M 71 74.34 15.31 5.00
C ALA M 71 74.37 14.69 6.40
N GLU M 72 75.56 14.25 6.85
CA GLU M 72 75.69 13.70 8.19
C GLU M 72 75.37 14.75 9.26
N LYS M 73 75.82 15.99 9.03
CA LYS M 73 75.51 17.05 9.99
C LYS M 73 74.01 17.34 10.02
N ILE M 74 73.36 17.34 8.86
CA ILE M 74 71.92 17.56 8.82
C ILE M 74 71.20 16.44 9.56
N TYR M 75 71.63 15.19 9.36
CA TYR M 75 71.03 14.07 10.07
C TYR M 75 71.22 14.21 11.57
N LYS M 76 72.43 14.57 12.01
CA LYS M 76 72.70 14.71 13.44
C LYS M 76 71.88 15.83 14.05
N ILE M 77 71.67 16.91 13.31
CA ILE M 77 70.83 18.00 13.81
C ILE M 77 69.38 17.55 13.89
N GLN M 78 68.91 16.78 12.91
CA GLN M 78 67.55 16.26 12.93
C GLN M 78 67.36 15.17 13.97
N LYS M 79 68.45 14.61 14.52
CA LYS M 79 68.32 13.58 15.54
C LYS M 79 67.64 14.11 16.80
N GLU M 80 67.84 15.39 17.13
CA GLU M 80 67.22 15.94 18.33
C GLU M 80 65.79 16.41 18.06
N LEU M 81 65.61 17.27 17.05
CA LEU M 81 64.29 17.82 16.72
C LEU M 81 63.48 16.75 15.96
N GLU M 82 62.90 15.84 16.74
CA GLU M 82 62.08 14.77 16.21
C GLU M 82 60.63 14.86 16.67
N GLU M 83 60.41 15.20 17.94
CA GLU M 83 59.06 15.28 18.53
C GLU M 83 58.29 13.99 18.29
N LYS M 84 58.60 12.96 19.08
CA LYS M 84 57.93 11.67 18.92
C LYS M 84 56.46 11.78 19.31
N SER M 85 55.63 10.97 18.67
CA SER M 85 54.20 10.97 18.93
C SER M 85 53.90 10.28 20.26
N GLN M 86 52.86 10.78 20.94
CA GLN M 86 52.47 10.19 22.22
C GLN M 86 51.75 8.87 22.05
N VAL M 87 51.27 8.56 20.83
CA VAL M 87 50.59 7.29 20.57
C VAL M 87 51.56 6.19 20.16
N ARG M 88 52.84 6.50 19.99
CA ARG M 88 53.83 5.51 19.60
C ARG M 88 54.15 4.60 20.78
N GLN M 89 53.92 3.29 20.60
CA GLN M 89 54.17 2.31 21.64
C GLN M 89 54.68 1.04 20.99
N ASN M 90 55.93 0.66 21.33
CA ASN M 90 56.57 -0.53 20.79
C ASN M 90 56.60 -0.49 19.26
N TYR M 91 57.55 0.25 18.70
CA TYR M 91 57.69 0.37 17.26
C TYR M 91 59.14 0.71 16.94
N HIS M 92 59.76 -0.08 16.07
CA HIS M 92 61.16 0.12 15.73
C HIS M 92 61.29 0.80 14.37
N GLN M 93 62.47 1.38 14.13
CA GLN M 93 62.72 2.07 12.87
C GLN M 93 62.78 1.10 11.70
N ASP M 94 63.18 -0.15 11.94
CA ASP M 94 63.17 -1.14 10.88
C ASP M 94 61.75 -1.41 10.39
N ALA M 95 60.79 -1.46 11.31
CA ALA M 95 59.39 -1.62 10.91
C ALA M 95 58.92 -0.42 10.10
N GLU M 96 59.36 0.79 10.47
CA GLU M 96 59.01 1.97 9.70
C GLU M 96 59.57 1.91 8.28
N ALA M 97 60.84 1.49 8.16
CA ALA M 97 61.44 1.36 6.83
C ALA M 97 60.73 0.29 6.01
N ALA M 98 60.33 -0.81 6.64
CA ALA M 98 59.61 -1.86 5.93
C ALA M 98 58.24 -1.36 5.47
N ILE M 99 57.56 -0.59 6.31
CA ILE M 99 56.26 -0.04 5.92
C ILE M 99 56.43 0.96 4.78
N ASN M 100 57.50 1.75 4.81
CA ASN M 100 57.75 2.69 3.71
C ASN M 100 58.03 1.95 2.41
N ARG M 101 58.82 0.87 2.47
CA ARG M 101 59.09 0.09 1.26
C ARG M 101 57.81 -0.57 0.75
N GLN M 102 56.96 -1.05 1.66
CA GLN M 102 55.70 -1.64 1.25
C GLN M 102 54.79 -0.60 0.60
N ILE M 103 54.77 0.62 1.13
CA ILE M 103 53.97 1.69 0.53
C ILE M 103 54.49 2.03 -0.86
N ASN M 104 55.82 2.09 -1.01
CA ASN M 104 56.40 2.35 -2.33
C ASN M 104 56.04 1.25 -3.31
N LEU M 105 56.09 -0.01 -2.87
CA LEU M 105 55.73 -1.11 -3.75
C LEU M 105 54.26 -1.07 -4.12
N GLU M 106 53.39 -0.68 -3.17
CA GLU M 106 51.97 -0.57 -3.47
C GLU M 106 51.71 0.55 -4.48
N LEU M 107 52.42 1.67 -4.34
CA LEU M 107 52.28 2.76 -5.31
C LEU M 107 52.76 2.32 -6.69
N TYR M 108 53.87 1.58 -6.74
CA TYR M 108 54.37 1.07 -8.02
C TYR M 108 53.37 0.11 -8.65
N ALA M 109 52.76 -0.76 -7.84
CA ALA M 109 51.77 -1.69 -8.36
C ALA M 109 50.53 -0.95 -8.87
N SER M 110 50.10 0.09 -8.16
CA SER M 110 48.97 0.89 -8.62
C SER M 110 49.30 1.59 -9.94
N TYR M 111 50.53 2.09 -10.07
CA TYR M 111 50.92 2.73 -11.32
C TYR M 111 50.95 1.73 -12.47
N VAL M 112 51.46 0.52 -12.21
CA VAL M 112 51.50 -0.51 -13.24
C VAL M 112 50.09 -0.91 -13.66
N TYR M 113 49.18 -1.04 -12.69
CA TYR M 113 47.81 -1.41 -13.01
C TYR M 113 47.11 -0.29 -13.77
N LEU M 114 47.40 0.98 -13.44
CA LEU M 114 46.83 2.09 -14.19
C LEU M 114 47.35 2.10 -15.63
N SER M 115 48.64 1.81 -15.81
CA SER M 115 49.20 1.73 -17.15
C SER M 115 48.57 0.60 -17.94
N MET M 116 48.33 -0.54 -17.29
CA MET M 116 47.68 -1.66 -17.97
C MET M 116 46.24 -1.30 -18.35
N SER M 117 45.53 -0.61 -17.46
CA SER M 117 44.16 -0.20 -17.77
C SER M 117 44.13 0.80 -18.92
N CYS M 118 45.11 1.70 -18.98
CA CYS M 118 45.18 2.68 -20.05
C CYS M 118 45.79 2.13 -21.34
N TYR M 119 46.35 0.92 -21.30
CA TYR M 119 46.91 0.31 -22.50
C TYR M 119 45.91 -0.56 -23.24
N PHE M 120 44.91 -1.11 -22.55
CA PHE M 120 43.96 -2.00 -23.17
C PHE M 120 42.72 -1.29 -23.71
N ASP M 121 42.40 -0.09 -23.20
CA ASP M 121 41.23 0.65 -23.64
C ASP M 121 41.50 1.48 -24.89
N ARG M 122 42.57 1.20 -25.62
CA ARG M 122 42.90 1.94 -26.83
C ARG M 122 42.10 1.37 -28.00
N ASP M 123 42.45 1.80 -29.22
CA ASP M 123 41.76 1.32 -30.42
C ASP M 123 42.42 0.08 -31.01
N ASP M 124 43.73 -0.08 -30.81
CA ASP M 124 44.44 -1.24 -31.34
C ASP M 124 44.29 -2.48 -30.46
N VAL M 125 43.60 -2.36 -29.32
CA VAL M 125 43.37 -3.48 -28.43
C VAL M 125 41.89 -3.86 -28.37
N ALA M 126 41.03 -2.88 -28.13
CA ALA M 126 39.58 -3.06 -28.10
C ALA M 126 39.17 -4.13 -27.08
N LEU M 127 39.59 -3.90 -25.83
CA LEU M 127 39.26 -4.77 -24.70
C LEU M 127 38.81 -3.88 -23.56
N LYS M 128 37.50 -3.62 -23.50
CA LYS M 128 36.97 -2.74 -22.45
C LYS M 128 36.86 -3.46 -21.11
N ASN M 129 36.55 -4.76 -21.14
CA ASN M 129 36.42 -5.50 -19.88
C ASN M 129 37.77 -5.66 -19.20
N PHE M 130 38.83 -5.90 -19.97
CA PHE M 130 40.17 -5.96 -19.40
C PHE M 130 40.55 -4.62 -18.77
N ALA M 131 40.22 -3.52 -19.45
CA ALA M 131 40.52 -2.20 -18.91
C ALA M 131 39.74 -1.95 -17.62
N LYS M 132 38.47 -2.36 -17.58
CA LYS M 132 37.68 -2.19 -16.37
C LYS M 132 38.23 -3.03 -15.23
N TYR M 133 38.65 -4.27 -15.51
CA TYR M 133 39.22 -5.10 -14.47
C TYR M 133 40.53 -4.52 -13.94
N PHE M 134 41.37 -4.02 -14.85
CA PHE M 134 42.63 -3.41 -14.41
C PHE M 134 42.39 -2.14 -13.61
N LEU M 135 41.38 -1.36 -13.99
CA LEU M 135 41.05 -0.16 -13.23
C LEU M 135 40.52 -0.52 -11.84
N HIS M 136 39.71 -1.58 -11.75
CA HIS M 136 39.23 -2.02 -10.45
C HIS M 136 40.39 -2.51 -9.58
N GLN M 137 41.33 -3.24 -10.17
CA GLN M 137 42.50 -3.69 -9.41
C GLN M 137 43.34 -2.51 -8.95
N SER M 138 43.51 -1.50 -9.80
CA SER M 138 44.25 -0.32 -9.41
C SER M 138 43.55 0.42 -8.28
N HIS M 139 42.22 0.51 -8.33
CA HIS M 139 41.48 1.15 -7.25
C HIS M 139 41.62 0.36 -5.95
N GLU M 140 41.61 -0.97 -6.02
CA GLU M 140 41.78 -1.79 -4.83
C GLU M 140 43.17 -1.60 -4.24
N GLU M 141 44.21 -1.56 -5.09
CA GLU M 141 45.56 -1.34 -4.59
C GLU M 141 45.70 0.06 -3.99
N ARG M 142 45.04 1.06 -4.59
CA ARG M 142 45.09 2.41 -4.04
CA ARG M 142 45.07 2.41 -4.05
C ARG M 142 44.41 2.45 -2.67
N GLU M 143 43.27 1.79 -2.53
CA GLU M 143 42.59 1.75 -1.24
C GLU M 143 43.43 1.02 -0.19
N HIS M 144 44.10 -0.06 -0.60
CA HIS M 144 44.98 -0.78 0.33
C HIS M 144 46.15 0.08 0.77
N ALA M 145 46.72 0.85 -0.17
CA ALA M 145 47.82 1.74 0.18
C ALA M 145 47.35 2.85 1.12
N GLU M 146 46.15 3.40 0.88
CA GLU M 146 45.62 4.42 1.76
C GLU M 146 45.35 3.86 3.14
N LYS M 147 44.85 2.61 3.22
CA LYS M 147 44.61 1.99 4.51
C LYS M 147 45.93 1.74 5.25
N LEU M 148 46.97 1.33 4.53
CA LEU M 148 48.29 1.17 5.15
C LEU M 148 48.82 2.49 5.68
N MET M 149 48.66 3.57 4.89
CA MET M 149 49.10 4.88 5.35
C MET M 149 48.33 5.32 6.59
N LYS M 150 47.01 5.08 6.62
CA LYS M 150 46.22 5.44 7.79
C LYS M 150 46.63 4.63 9.01
N LEU M 151 46.91 3.34 8.82
CA LEU M 151 47.35 2.50 9.93
C LEU M 151 48.70 2.96 10.46
N GLN M 152 49.60 3.37 9.56
CA GLN M 152 50.90 3.88 10.00
C GLN M 152 50.74 5.20 10.74
N ASN M 153 49.82 6.06 10.27
CA ASN M 153 49.59 7.33 10.95
C ASN M 153 48.96 7.13 12.33
N GLN M 154 48.12 6.09 12.48
CA GLN M 154 47.52 5.83 13.78
C GLN M 154 48.55 5.33 14.79
N ARG M 155 49.54 4.56 14.32
CA ARG M 155 50.57 4.06 15.22
C ARG M 155 51.59 5.14 15.58
N GLY M 156 51.70 6.19 14.79
CA GLY M 156 52.63 7.27 15.06
C GLY M 156 53.89 7.27 14.22
N GLY M 157 54.02 6.33 13.28
CA GLY M 157 55.21 6.28 12.45
C GLY M 157 55.16 7.31 11.33
N ARG M 158 56.33 7.84 11.01
CA ARG M 158 56.45 8.84 9.97
C ARG M 158 56.39 8.19 8.59
N ILE M 159 55.86 8.95 7.63
CA ILE M 159 55.73 8.49 6.25
C ILE M 159 56.49 9.46 5.36
N PHE M 160 57.50 8.95 4.66
CA PHE M 160 58.33 9.75 3.75
C PHE M 160 58.03 9.28 2.32
N LEU M 161 57.10 9.97 1.67
CA LEU M 161 56.73 9.63 0.31
C LEU M 161 57.82 10.07 -0.66
N GLN M 162 58.31 9.12 -1.47
CA GLN M 162 59.37 9.38 -2.43
C GLN M 162 58.81 9.30 -3.85
N ASP M 163 59.70 9.17 -4.83
CA ASP M 163 59.28 9.10 -6.22
C ASP M 163 58.70 7.73 -6.53
N ILE M 164 57.75 7.70 -7.47
CA ILE M 164 57.12 6.45 -7.90
C ILE M 164 57.77 6.00 -9.20
N LYS M 165 58.30 4.78 -9.21
CA LYS M 165 58.96 4.27 -10.39
C LYS M 165 57.95 3.95 -11.49
N LYS M 166 58.41 4.01 -12.73
CA LYS M 166 57.58 3.72 -13.89
C LYS M 166 57.77 2.27 -14.33
N PRO M 167 56.77 1.69 -15.00
CA PRO M 167 56.93 0.32 -15.51
C PRO M 167 58.03 0.24 -16.54
N ASP M 168 58.88 -0.78 -16.41
CA ASP M 168 59.99 -0.96 -17.34
C ASP M 168 59.53 -1.36 -18.73
N ARG M 169 58.33 -1.90 -18.86
CA ARG M 169 57.78 -2.33 -20.15
C ARG M 169 56.58 -1.43 -20.48
N ASP M 170 56.81 -0.39 -21.28
CA ASP M 170 55.72 0.49 -21.66
C ASP M 170 54.73 -0.22 -22.58
N ASP M 171 55.21 -1.08 -23.48
CA ASP M 171 54.36 -1.87 -24.36
C ASP M 171 54.22 -3.26 -23.74
N TRP M 172 53.04 -3.56 -23.20
CA TRP M 172 52.78 -4.82 -22.53
C TRP M 172 52.49 -5.96 -23.49
N CYS M 173 53.11 -5.96 -24.67
CA CYS M 173 52.94 -7.00 -25.68
C CYS M 173 51.47 -7.21 -26.03
N SER M 174 50.82 -8.14 -25.35
CA SER M 174 49.41 -8.43 -25.60
C SER M 174 48.67 -8.62 -24.28
N GLY M 175 48.08 -9.79 -24.07
CA GLY M 175 47.35 -10.08 -22.86
C GLY M 175 48.03 -11.08 -21.96
N LEU M 176 48.63 -12.12 -22.55
CA LEU M 176 49.30 -13.15 -21.77
C LEU M 176 50.51 -12.59 -21.06
N ASN M 177 51.30 -11.75 -21.73
CA ASN M 177 52.45 -11.14 -21.10
C ASN M 177 52.03 -10.20 -19.99
N ALA M 178 50.94 -9.46 -20.19
CA ALA M 178 50.44 -8.57 -19.13
C ALA M 178 49.97 -9.37 -17.92
N MET M 179 49.30 -10.50 -18.16
CA MET M 179 48.87 -11.34 -17.04
C MET M 179 50.06 -11.94 -16.30
N GLU M 180 51.09 -12.35 -17.04
CA GLU M 180 52.29 -12.89 -16.39
C GLU M 180 53.00 -11.81 -15.57
N SER M 181 53.06 -10.58 -16.10
CA SER M 181 53.69 -9.49 -15.36
C SER M 181 52.88 -9.17 -14.10
N ALA M 182 51.55 -9.18 -14.20
CA ALA M 182 50.71 -8.94 -13.03
C ALA M 182 50.89 -10.04 -11.99
N LEU M 183 51.01 -11.29 -12.44
CA LEU M 183 51.24 -12.39 -11.50
C LEU M 183 52.59 -12.26 -10.81
N HIS M 184 53.63 -11.89 -11.56
CA HIS M 184 54.94 -11.68 -10.96
C HIS M 184 54.91 -10.53 -9.96
N LEU M 185 54.17 -9.46 -10.29
CA LEU M 185 54.05 -8.34 -9.37
C LEU M 185 53.33 -8.74 -8.10
N GLU M 186 52.26 -9.54 -8.22
CA GLU M 186 51.55 -10.01 -7.04
C GLU M 186 52.42 -10.94 -6.19
N LYS M 187 53.23 -11.78 -6.85
CA LYS M 187 54.15 -12.63 -6.10
C LYS M 187 55.20 -11.80 -5.37
N SER M 188 55.69 -10.73 -6.00
CA SER M 188 56.65 -9.85 -5.32
C SER M 188 56.00 -9.14 -4.14
N VAL M 189 54.75 -8.71 -4.29
CA VAL M 189 54.04 -8.07 -3.19
C VAL M 189 53.83 -9.05 -2.04
N ASN M 190 53.50 -10.31 -2.37
CA ASN M 190 53.34 -11.33 -1.33
C ASN M 190 54.66 -11.60 -0.62
N GLN M 191 55.76 -11.65 -1.37
CA GLN M 191 57.07 -11.85 -0.74
C GLN M 191 57.42 -10.67 0.17
N SER M 192 57.11 -9.46 -0.26
CA SER M 192 57.37 -8.29 0.58
C SER M 192 56.52 -8.32 1.85
N LEU M 193 55.27 -8.77 1.73
CA LEU M 193 54.41 -8.89 2.91
C LEU M 193 54.93 -9.96 3.86
N LEU M 194 55.43 -11.07 3.32
CA LEU M 194 56.01 -12.11 4.17
C LEU M 194 57.26 -11.59 4.88
N GLU M 195 58.10 -10.83 4.18
CA GLU M 195 59.28 -10.25 4.81
C GLU M 195 58.88 -9.26 5.90
N LEU M 196 57.84 -8.47 5.65
CA LEU M 196 57.36 -7.52 6.66
C LEU M 196 56.83 -8.27 7.89
N HIS M 197 56.09 -9.36 7.67
CA HIS M 197 55.60 -10.15 8.79
C HIS M 197 56.75 -10.75 9.59
N LYS M 198 57.77 -11.26 8.90
CA LYS M 198 58.92 -11.84 9.60
C LYS M 198 59.66 -10.77 10.40
N LEU M 199 59.83 -9.58 9.82
CA LEU M 199 60.51 -8.51 10.53
C LEU M 199 59.72 -8.03 11.74
N ALA M 200 58.39 -7.97 11.61
CA ALA M 200 57.56 -7.58 12.74
C ALA M 200 57.56 -8.64 13.83
N THR M 201 57.65 -9.92 13.45
CA THR M 201 57.72 -10.98 14.45
C THR M 201 59.08 -10.98 15.16
N ASP M 202 60.15 -10.71 14.43
CA ASP M 202 61.47 -10.70 15.04
C ASP M 202 61.70 -9.45 15.88
N LYS M 203 61.03 -8.35 15.56
CA LYS M 203 61.18 -7.10 16.28
C LYS M 203 60.03 -6.83 17.26
N ASN M 204 59.32 -7.89 17.69
CA ASN M 204 58.24 -7.78 18.66
C ASN M 204 57.16 -6.80 18.19
N ASP M 205 56.37 -7.23 17.21
CA ASP M 205 55.27 -6.41 16.68
C ASP M 205 54.16 -7.34 16.24
N PRO M 206 53.35 -7.84 17.19
CA PRO M 206 52.29 -8.78 16.80
C PRO M 206 51.10 -8.12 16.14
N HIS M 207 50.76 -6.89 16.53
CA HIS M 207 49.56 -6.24 15.99
C HIS M 207 49.71 -5.97 14.49
N LEU M 208 50.83 -5.37 14.09
CA LEU M 208 51.03 -5.02 12.69
C LEU M 208 51.09 -6.25 11.80
N CYS M 209 51.87 -7.26 12.22
CA CYS M 209 51.99 -8.47 11.41
C CYS M 209 50.68 -9.22 11.34
N ASP M 210 49.93 -9.25 12.45
CA ASP M 210 48.62 -9.90 12.44
C ASP M 210 47.65 -9.19 11.50
N PHE M 211 47.64 -7.85 11.54
CA PHE M 211 46.75 -7.10 10.65
C PHE M 211 47.15 -7.33 9.19
N ILE M 212 48.45 -7.40 8.91
CA ILE M 212 48.91 -7.62 7.54
C ILE M 212 48.50 -9.01 7.07
N GLU M 213 48.70 -10.03 7.90
CA GLU M 213 48.37 -11.39 7.49
C GLU M 213 46.88 -11.67 7.50
N THR M 214 46.08 -10.81 8.14
CA THR M 214 44.65 -11.02 8.17
C THR M 214 43.91 -10.24 7.08
N TYR M 215 44.15 -8.93 6.97
CA TYR M 215 43.40 -8.06 6.08
C TYR M 215 44.16 -7.70 4.82
N TYR M 216 45.15 -8.49 4.43
CA TYR M 216 45.90 -8.19 3.21
C TYR M 216 46.32 -9.46 2.48
N LEU M 217 46.80 -10.46 3.21
CA LEU M 217 47.30 -11.68 2.56
C LEU M 217 46.18 -12.45 1.87
N SER M 218 44.96 -12.40 2.41
CA SER M 218 43.85 -13.11 1.79
C SER M 218 43.54 -12.54 0.41
N GLU M 219 43.47 -11.21 0.31
CA GLU M 219 43.22 -10.58 -0.98
C GLU M 219 44.36 -10.86 -1.96
N GLN M 220 45.59 -10.88 -1.47
CA GLN M 220 46.73 -11.19 -2.33
C GLN M 220 46.66 -12.62 -2.86
N VAL M 221 46.30 -13.57 -2.00
CA VAL M 221 46.17 -14.96 -2.45
C VAL M 221 45.03 -15.09 -3.46
N LYS M 222 43.91 -14.40 -3.21
CA LYS M 222 42.80 -14.45 -4.15
C LYS M 222 43.20 -13.87 -5.51
N SER M 223 43.93 -12.74 -5.50
CA SER M 223 44.38 -12.14 -6.75
C SER M 223 45.36 -13.04 -7.49
N ILE M 224 46.27 -13.69 -6.75
CA ILE M 224 47.22 -14.60 -7.37
C ILE M 224 46.49 -15.78 -8.00
N LYS M 225 45.49 -16.31 -7.30
CA LYS M 225 44.73 -17.44 -7.84
C LYS M 225 43.95 -17.02 -9.09
N GLU M 226 43.35 -15.83 -9.06
CA GLU M 226 42.61 -15.35 -10.23
C GLU M 226 43.53 -15.13 -11.42
N LEU M 227 44.72 -14.55 -11.18
CA LEU M 227 45.66 -14.34 -12.28
C LEU M 227 46.17 -15.67 -12.82
N GLY M 228 46.39 -16.65 -11.95
CA GLY M 228 46.79 -17.98 -12.41
C GLY M 228 45.71 -18.63 -13.26
N ASP M 229 44.46 -18.51 -12.83
CA ASP M 229 43.35 -19.04 -13.63
C ASP M 229 43.26 -18.34 -14.99
N HIS M 230 43.47 -17.03 -15.00
CA HIS M 230 43.44 -16.29 -16.27
C HIS M 230 44.57 -16.72 -17.18
N VAL M 231 45.77 -16.92 -16.64
CA VAL M 231 46.90 -17.37 -17.44
C VAL M 231 46.64 -18.77 -17.99
N THR M 232 46.08 -19.66 -17.16
CA THR M 232 45.76 -21.00 -17.62
C THR M 232 44.72 -20.97 -18.74
N ASN M 233 43.71 -20.11 -18.60
CA ASN M 233 42.70 -19.99 -19.65
C ASN M 233 43.30 -19.46 -20.94
N LEU M 234 44.17 -18.44 -20.84
CA LEU M 234 44.79 -17.88 -22.03
C LEU M 234 45.73 -18.88 -22.70
N ARG M 235 46.37 -19.76 -21.92
CA ARG M 235 47.26 -20.76 -22.50
C ARG M 235 46.50 -21.92 -23.11
N LYS M 236 45.35 -22.30 -22.53
CA LYS M 236 44.57 -23.40 -23.08
C LYS M 236 43.77 -22.99 -24.30
N MET M 237 43.15 -21.80 -24.26
CA MET M 237 42.34 -21.35 -25.39
C MET M 237 43.21 -21.00 -26.59
N GLY M 238 44.25 -20.18 -26.38
CA GLY M 238 45.14 -19.81 -27.46
C GLY M 238 45.37 -18.32 -27.55
N ALA M 239 46.14 -17.77 -26.61
CA ALA M 239 46.45 -16.35 -26.58
C ALA M 239 47.91 -16.17 -26.21
N PRO M 240 48.63 -15.25 -26.87
CA PRO M 240 48.11 -14.41 -27.97
C PRO M 240 48.26 -15.06 -29.34
N CYS M 241 48.17 -16.39 -29.40
CA CYS M 241 48.32 -17.10 -30.66
C CYS M 241 47.11 -16.91 -31.57
N ALA M 242 46.00 -16.42 -31.04
CA ALA M 242 44.80 -16.18 -31.83
C ALA M 242 43.96 -15.12 -31.13
N GLY M 243 43.47 -14.15 -31.89
CA GLY M 243 42.64 -13.09 -31.34
C GLY M 243 41.26 -13.53 -30.90
N MET M 244 40.85 -14.74 -31.28
CA MET M 244 39.53 -15.24 -30.88
C MET M 244 39.49 -15.54 -29.39
N ALA M 245 40.57 -16.11 -28.86
CA ALA M 245 40.59 -16.46 -27.44
C ALA M 245 40.51 -15.21 -26.56
N GLU M 246 41.24 -14.16 -26.93
CA GLU M 246 41.19 -12.92 -26.15
C GLU M 246 39.79 -12.31 -26.17
N TYR M 247 39.14 -12.30 -27.34
CA TYR M 247 37.80 -11.74 -27.45
C TYR M 247 36.81 -12.56 -26.63
N LEU M 248 36.92 -13.89 -26.67
CA LEU M 248 35.99 -14.72 -25.91
C LEU M 248 36.22 -14.58 -24.41
N PHE M 249 37.48 -14.49 -23.98
CA PHE M 249 37.75 -14.27 -22.56
C PHE M 249 37.30 -12.89 -22.11
N ASP M 250 37.30 -11.91 -23.03
CA ASP M 250 36.81 -10.58 -22.69
C ASP M 250 35.29 -10.57 -22.57
N LYS M 251 34.60 -11.26 -23.48
CA LYS M 251 33.14 -11.24 -23.52
C LYS M 251 32.50 -12.27 -22.59
N HIS M 252 33.26 -13.19 -22.03
CA HIS M 252 32.71 -14.22 -21.15
C HIS M 252 33.16 -14.04 -19.70
N THR M 253 34.46 -14.14 -19.43
CA THR M 253 34.97 -14.05 -18.06
C THR M 253 34.77 -12.65 -17.49
N LEU M 254 35.51 -11.68 -18.02
CA LEU M 254 35.43 -10.31 -17.54
C LEU M 254 34.23 -9.55 -18.08
N GLY M 255 33.41 -10.18 -18.91
CA GLY M 255 32.24 -9.52 -19.48
C GLY M 255 31.06 -9.48 -18.53
N THR N 13 -11.84 62.65 53.67
CA THR N 13 -12.07 61.40 54.37
C THR N 13 -13.45 60.83 54.02
N GLN N 14 -14.12 61.46 53.06
CA GLN N 14 -15.44 60.99 52.64
C GLN N 14 -15.34 59.78 51.72
N ASP N 15 -14.42 59.80 50.76
CA ASP N 15 -14.27 58.68 49.85
C ASP N 15 -13.77 57.44 50.58
N LEU N 16 -12.88 57.62 51.56
CA LEU N 16 -12.39 56.48 52.33
C LEU N 16 -13.52 55.83 53.13
N ARG N 17 -14.34 56.64 53.79
CA ARG N 17 -15.47 56.10 54.54
C ARG N 17 -16.48 55.44 53.61
N SER N 18 -16.71 56.02 52.43
CA SER N 18 -17.62 55.42 51.46
C SER N 18 -17.12 54.07 51.00
N HIS N 19 -15.81 53.96 50.71
CA HIS N 19 -15.25 52.68 50.31
C HIS N 19 -15.32 51.66 51.44
N LEU N 20 -15.06 52.10 52.67
CA LEU N 20 -15.11 51.18 53.81
C LEU N 20 -16.52 50.68 54.07
N VAL N 21 -17.52 51.53 53.84
CA VAL N 21 -18.90 51.11 54.08
C VAL N 21 -19.47 50.35 52.88
N HIS N 22 -18.88 50.50 51.70
CA HIS N 22 -19.32 49.73 50.54
C HIS N 22 -18.62 48.39 50.41
N LYS N 23 -17.45 48.22 51.03
CA LYS N 23 -16.76 46.93 50.96
C LYS N 23 -17.25 45.94 52.00
N LEU N 24 -17.80 46.42 53.12
CA LEU N 24 -18.24 45.52 54.18
C LEU N 24 -19.50 44.76 53.78
N VAL N 25 -20.39 45.37 52.99
CA VAL N 25 -21.60 44.68 52.56
C VAL N 25 -21.27 43.53 51.63
N GLN N 26 -20.10 43.54 50.98
CA GLN N 26 -19.66 42.43 50.16
C GLN N 26 -18.77 41.46 50.92
N ALA N 27 -17.99 41.95 51.88
CA ALA N 27 -17.15 41.06 52.67
C ALA N 27 -17.96 40.21 53.63
N ILE N 28 -19.05 40.76 54.19
CA ILE N 28 -19.89 40.00 55.11
C ILE N 28 -20.70 38.96 54.35
N PHE N 29 -21.56 39.41 53.45
CA PHE N 29 -22.40 38.53 52.66
C PHE N 29 -21.97 38.54 51.20
N PRO N 30 -21.96 37.39 50.53
CA PRO N 30 -21.56 37.35 49.12
C PRO N 30 -22.57 38.04 48.21
N CYS N 31 -23.44 37.25 47.57
CA CYS N 31 -24.40 37.79 46.62
C CYS N 31 -25.78 37.23 46.90
N PRO N 32 -26.82 38.06 46.90
CA PRO N 32 -28.18 37.56 47.13
C PRO N 32 -28.77 36.91 45.89
N ASP N 33 -30.08 36.67 45.92
CA ASP N 33 -30.76 36.06 44.78
C ASP N 33 -32.20 36.58 44.71
N PRO N 34 -32.54 37.36 43.69
CA PRO N 34 -33.89 37.93 43.61
C PRO N 34 -34.95 36.92 43.24
N CYS N 35 -34.73 36.15 42.18
CA CYS N 35 -35.70 35.18 41.67
C CYS N 35 -35.91 34.00 42.61
N ALA N 36 -34.83 33.52 43.24
CA ALA N 36 -34.97 32.37 44.13
C ALA N 36 -35.63 32.76 45.45
N LEU N 37 -35.15 33.80 46.12
CA LEU N 37 -35.69 34.27 47.38
C LEU N 37 -36.54 35.52 47.14
N LYS N 38 -36.32 36.53 47.98
CA LYS N 38 -37.04 37.79 47.85
C LYS N 38 -36.07 38.95 47.66
N ASP N 39 -36.15 39.96 48.52
CA ASP N 39 -35.27 41.12 48.43
C ASP N 39 -35.14 41.81 49.78
N ARG N 40 -36.07 41.51 50.69
CA ARG N 40 -36.03 42.15 52.01
C ARG N 40 -34.90 41.63 52.88
N ARG N 41 -34.35 40.45 52.56
CA ARG N 41 -33.28 39.88 53.38
C ARG N 41 -31.99 40.69 53.22
N MET N 42 -31.63 41.03 51.98
CA MET N 42 -30.45 41.86 51.76
C MET N 42 -30.63 43.25 52.36
N GLU N 43 -31.86 43.78 52.31
CA GLU N 43 -32.13 45.07 52.93
C GLU N 43 -31.95 45.00 54.45
N ASN N 44 -32.47 43.96 55.08
CA ASN N 44 -32.29 43.79 56.52
C ASN N 44 -30.82 43.60 56.87
N LEU N 45 -30.08 42.88 56.02
CA LEU N 45 -28.66 42.65 56.29
C LEU N 45 -27.88 43.95 56.20
N VAL N 46 -28.12 44.76 55.16
CA VAL N 46 -27.40 46.01 55.04
C VAL N 46 -27.84 47.00 56.11
N ALA N 47 -29.09 46.93 56.56
CA ALA N 47 -29.53 47.77 57.66
C ALA N 47 -28.83 47.40 58.96
N TYR N 48 -28.71 46.09 59.23
CA TYR N 48 -27.99 45.65 60.42
C TYR N 48 -26.51 46.03 60.33
N ALA N 49 -25.93 45.95 59.14
CA ALA N 49 -24.54 46.37 58.97
C ALA N 49 -24.36 47.86 59.25
N LYS N 50 -25.26 48.69 58.73
CA LYS N 50 -25.20 50.12 59.01
C LYS N 50 -25.38 50.38 60.51
N LYS N 51 -26.29 49.66 61.15
CA LYS N 51 -26.52 49.84 62.59
C LYS N 51 -25.27 49.49 63.38
N VAL N 52 -24.64 48.35 63.08
CA VAL N 52 -23.48 47.92 63.86
C VAL N 52 -22.29 48.81 63.59
N GLU N 53 -22.13 49.30 62.35
CA GLU N 53 -21.01 50.20 62.07
C GLU N 53 -21.22 51.56 62.74
N GLY N 54 -22.47 52.02 62.80
CA GLY N 54 -22.74 53.25 63.54
C GLY N 54 -22.51 53.09 65.03
N ASP N 55 -22.88 51.93 65.58
CA ASP N 55 -22.64 51.68 67.00
C ASP N 55 -21.14 51.61 67.29
N MET N 56 -20.36 51.03 66.38
CA MET N 56 -18.92 50.97 66.57
C MET N 56 -18.27 52.35 66.39
N TYR N 57 -18.84 53.19 65.52
CA TYR N 57 -18.28 54.53 65.34
C TYR N 57 -18.61 55.43 66.52
N GLU N 58 -19.81 55.31 67.08
CA GLU N 58 -20.17 56.11 68.24
C GLU N 58 -19.39 55.71 69.49
N SER N 59 -18.89 54.49 69.56
CA SER N 59 -18.11 54.00 70.69
C SER N 59 -16.66 53.74 70.31
N ALA N 60 -15.98 54.74 69.76
CA ALA N 60 -14.60 54.61 69.34
C ALA N 60 -13.75 55.72 69.93
N ASN N 61 -12.43 55.57 69.81
CA ASN N 61 -11.49 56.57 70.31
C ASN N 61 -10.83 57.32 69.17
N SER N 62 -9.95 56.65 68.43
CA SER N 62 -9.24 57.28 67.33
C SER N 62 -9.70 56.74 65.98
N ARG N 63 -8.75 56.45 65.09
CA ARG N 63 -9.06 55.97 63.75
C ARG N 63 -8.58 54.55 63.50
N ASP N 64 -7.37 54.20 63.94
CA ASP N 64 -6.84 52.87 63.68
C ASP N 64 -7.55 51.80 64.50
N GLU N 65 -7.85 52.10 65.77
CA GLU N 65 -8.52 51.11 66.61
C GLU N 65 -9.94 50.82 66.13
N TYR N 66 -10.62 51.83 65.58
CA TYR N 66 -11.96 51.58 65.03
C TYR N 66 -11.88 50.67 63.81
N TYR N 67 -10.90 50.89 62.93
CA TYR N 67 -10.74 50.02 61.78
C TYR N 67 -10.37 48.60 62.21
N HIS N 68 -9.52 48.47 63.22
CA HIS N 68 -9.17 47.14 63.71
C HIS N 68 -10.37 46.43 64.29
N LEU N 69 -11.20 47.15 65.06
CA LEU N 69 -12.40 46.54 65.63
C LEU N 69 -13.39 46.16 64.54
N LEU N 70 -13.50 46.98 63.50
CA LEU N 70 -14.39 46.64 62.39
C LEU N 70 -13.91 45.40 61.66
N ALA N 71 -12.59 45.30 61.43
CA ALA N 71 -12.04 44.10 60.80
C ALA N 71 -12.27 42.87 61.64
N GLU N 72 -12.09 42.99 62.97
CA GLU N 72 -12.33 41.87 63.86
C GLU N 72 -13.79 41.46 63.85
N LYS N 73 -14.70 42.43 63.80
CA LYS N 73 -16.13 42.11 63.71
C LYS N 73 -16.46 41.41 62.40
N ILE N 74 -15.87 41.86 61.29
CA ILE N 74 -16.09 41.21 60.01
C ILE N 74 -15.59 39.77 60.05
N TYR N 75 -14.40 39.56 60.64
CA TYR N 75 -13.87 38.21 60.77
C TYR N 75 -14.79 37.33 61.62
N LYS N 76 -15.27 37.85 62.74
CA LYS N 76 -16.14 37.08 63.62
C LYS N 76 -17.45 36.73 62.94
N ILE N 77 -17.98 37.65 62.12
CA ILE N 77 -19.20 37.37 61.38
C ILE N 77 -18.93 36.30 60.32
N GLN N 78 -17.78 36.37 59.65
CA GLN N 78 -17.42 35.37 58.66
C GLN N 78 -17.07 34.03 59.28
N LYS N 79 -16.84 33.97 60.60
CA LYS N 79 -16.52 32.70 61.24
C LYS N 79 -17.68 31.71 61.15
N GLU N 80 -18.92 32.20 61.14
CA GLU N 80 -20.06 31.29 61.05
C GLU N 80 -20.37 30.93 59.60
N LEU N 81 -20.58 31.94 58.75
CA LEU N 81 -20.92 31.71 57.34
C LEU N 81 -19.65 31.29 56.57
N GLU N 82 -19.33 30.01 56.70
CA GLU N 82 -18.18 29.42 56.02
C GLU N 82 -18.58 28.36 55.00
N GLU N 83 -19.55 27.51 55.34
CA GLU N 83 -20.00 26.42 54.47
C GLU N 83 -18.82 25.55 54.05
N LYS N 84 -18.36 24.68 54.95
CA LYS N 84 -17.22 23.82 54.64
C LYS N 84 -17.59 22.80 53.58
N SER N 85 -16.60 22.42 52.78
CA SER N 85 -16.81 21.46 51.71
C SER N 85 -16.96 20.05 52.26
N GLN N 86 -17.79 19.25 51.59
CA GLN N 86 -18.01 17.87 52.02
C GLN N 86 -16.83 16.98 51.69
N VAL N 87 -15.94 17.41 50.78
CA VAL N 87 -14.77 16.63 50.41
C VAL N 87 -13.57 16.92 51.31
N ARG N 88 -13.68 17.87 52.23
CA ARG N 88 -12.59 18.21 53.12
C ARG N 88 -12.43 17.13 54.18
N GLN N 89 -11.26 16.52 54.25
CA GLN N 89 -10.97 15.47 55.21
C GLN N 89 -9.52 15.60 55.65
N ASN N 90 -9.32 15.86 56.95
CA ASN N 90 -8.00 16.02 57.54
C ASN N 90 -7.22 17.11 56.84
N TYR N 91 -7.50 18.38 57.17
CA TYR N 91 -6.81 19.50 56.56
C TYR N 91 -6.86 20.68 57.53
N HIS N 92 -5.71 21.25 57.85
CA HIS N 92 -5.62 22.33 58.81
C HIS N 92 -5.46 23.67 58.08
N GLN N 93 -5.77 24.75 58.81
CA GLN N 93 -5.66 26.09 58.24
C GLN N 93 -4.21 26.48 57.98
N ASP N 94 -3.27 25.94 58.75
CA ASP N 94 -1.86 26.20 58.49
C ASP N 94 -1.44 25.64 57.13
N ALA N 95 -1.94 24.45 56.78
CA ALA N 95 -1.66 23.89 55.46
C ALA N 95 -2.25 24.77 54.37
N GLU N 96 -3.45 25.32 54.60
CA GLU N 96 -4.05 26.22 53.62
C GLU N 96 -3.21 27.49 53.44
N ALA N 97 -2.73 28.07 54.54
CA ALA N 97 -1.88 29.24 54.45
C ALA N 97 -0.58 28.93 53.72
N ALA N 98 0.00 27.75 53.99
CA ALA N 98 1.22 27.36 53.31
C ALA N 98 0.99 27.17 51.81
N ILE N 99 -0.15 26.58 51.44
CA ILE N 99 -0.47 26.42 50.02
C ILE N 99 -0.68 27.77 49.36
N ASN N 100 -1.32 28.70 50.08
CA ASN N 100 -1.50 30.04 49.52
C ASN N 100 -0.17 30.75 49.31
N ARG N 101 0.74 30.63 50.28
CA ARG N 101 2.06 31.24 50.13
C ARG N 101 2.83 30.59 48.99
N GLN N 102 2.70 29.27 48.83
CA GLN N 102 3.37 28.60 47.72
C GLN N 102 2.80 29.04 46.38
N ILE N 103 1.48 29.24 46.31
CA ILE N 103 0.86 29.72 45.08
C ILE N 103 1.34 31.14 44.76
N ASN N 104 1.44 31.99 45.79
CA ASN N 104 1.96 33.34 45.57
C ASN N 104 3.39 33.31 45.07
N LEU N 105 4.22 32.44 45.65
CA LEU N 105 5.60 32.33 45.22
C LEU N 105 5.70 31.81 43.79
N GLU N 106 4.83 30.86 43.43
CA GLU N 106 4.81 30.35 42.05
C GLU N 106 4.40 31.44 41.06
N LEU N 107 3.41 32.26 41.44
CA LEU N 107 3.02 33.37 40.58
C LEU N 107 4.15 34.39 40.43
N TYR N 108 4.85 34.67 41.53
CA TYR N 108 5.98 35.59 41.46
C TYR N 108 7.09 35.03 40.57
N ALA N 109 7.35 33.73 40.68
CA ALA N 109 8.37 33.11 39.83
C ALA N 109 7.96 33.15 38.36
N SER N 110 6.68 32.90 38.07
CA SER N 110 6.20 32.99 36.70
C SER N 110 6.34 34.41 36.16
N TYR N 111 6.04 35.41 36.99
CA TYR N 111 6.18 36.80 36.56
C TYR N 111 7.65 37.13 36.29
N VAL N 112 8.55 36.66 37.16
CA VAL N 112 9.98 36.91 36.96
C VAL N 112 10.47 36.25 35.68
N TYR N 113 10.02 35.02 35.41
CA TYR N 113 10.44 34.33 34.20
C TYR N 113 9.87 35.00 32.96
N LEU N 114 8.64 35.52 33.04
CA LEU N 114 8.08 36.27 31.92
C LEU N 114 8.87 37.54 31.67
N SER N 115 9.26 38.24 32.74
CA SER N 115 10.08 39.44 32.58
C SER N 115 11.43 39.11 31.95
N MET N 116 12.03 37.99 32.37
CA MET N 116 13.30 37.58 31.78
C MET N 116 13.14 37.22 30.31
N SER N 117 12.04 36.56 29.96
CA SER N 117 11.81 36.22 28.55
C SER N 117 11.57 37.47 27.72
N CYS N 118 10.89 38.48 28.27
CA CYS N 118 10.65 39.72 27.56
C CYS N 118 11.82 40.68 27.60
N TYR N 119 12.85 40.39 28.40
CA TYR N 119 14.03 41.24 28.46
C TYR N 119 15.12 40.81 27.49
N PHE N 120 15.16 39.52 27.13
CA PHE N 120 16.21 39.01 26.25
C PHE N 120 15.82 39.04 24.77
N ASP N 121 14.53 39.09 24.45
CA ASP N 121 14.09 39.11 23.06
C ASP N 121 14.07 40.51 22.47
N ARG N 122 14.74 41.47 23.09
CA ARG N 122 14.79 42.84 22.60
C ARG N 122 15.87 42.95 21.51
N ASP N 123 16.17 44.18 21.10
CA ASP N 123 17.18 44.42 20.08
C ASP N 123 18.57 44.61 20.67
N ASP N 124 18.67 45.10 21.90
CA ASP N 124 19.96 45.30 22.55
C ASP N 124 20.52 44.03 23.16
N VAL N 125 19.80 42.92 23.10
CA VAL N 125 20.24 41.64 23.62
C VAL N 125 20.46 40.62 22.52
N ALA N 126 19.45 40.45 21.65
CA ALA N 126 19.54 39.56 20.48
C ALA N 126 19.85 38.13 20.91
N LEU N 127 19.02 37.60 21.80
CA LEU N 127 19.14 36.22 22.29
C LEU N 127 17.75 35.59 22.23
N LYS N 128 17.43 34.97 21.10
CA LYS N 128 16.11 34.37 20.92
C LYS N 128 15.99 33.05 21.66
N ASN N 129 17.08 32.27 21.73
CA ASN N 129 17.03 30.98 22.40
C ASN N 129 16.87 31.16 23.92
N PHE N 130 17.53 32.16 24.50
CA PHE N 130 17.33 32.46 25.91
C PHE N 130 15.89 32.87 26.18
N ALA N 131 15.30 33.69 25.30
CA ALA N 131 13.91 34.09 25.47
C ALA N 131 12.98 32.89 25.37
N LYS N 132 13.25 31.98 24.42
CA LYS N 132 12.42 30.79 24.30
C LYS N 132 12.53 29.90 25.53
N TYR N 133 13.75 29.74 26.05
CA TYR N 133 13.92 28.92 27.26
C TYR N 133 13.22 29.54 28.45
N PHE N 134 13.31 30.87 28.60
CA PHE N 134 12.63 31.54 29.71
C PHE N 134 11.12 31.45 29.56
N LEU N 135 10.62 31.54 28.33
CA LEU N 135 9.18 31.40 28.11
C LEU N 135 8.71 29.98 28.43
N HIS N 136 9.51 28.97 28.07
CA HIS N 136 9.18 27.60 28.40
C HIS N 136 9.17 27.39 29.91
N GLN N 137 10.16 27.97 30.61
CA GLN N 137 10.18 27.86 32.07
C GLN N 137 8.98 28.56 32.69
N SER N 138 8.59 29.72 32.16
CA SER N 138 7.42 30.41 32.67
C SER N 138 6.15 29.60 32.44
N HIS N 139 6.05 28.94 31.27
CA HIS N 139 4.89 28.09 31.01
C HIS N 139 4.86 26.90 31.96
N GLU N 140 6.03 26.32 32.25
CA GLU N 140 6.09 25.20 33.19
C GLU N 140 5.67 25.63 34.58
N GLU N 141 6.15 26.80 35.03
CA GLU N 141 5.76 27.29 36.35
C GLU N 141 4.26 27.61 36.38
N ARG N 142 3.72 28.14 35.29
CA ARG N 142 2.29 28.42 35.24
CA ARG N 142 2.28 28.42 35.22
C ARG N 142 1.48 27.13 35.32
N GLU N 143 1.91 26.09 34.61
CA GLU N 143 1.21 24.81 34.67
C GLU N 143 1.31 24.19 36.06
N HIS N 144 2.48 24.33 36.71
CA HIS N 144 2.62 23.81 38.07
C HIS N 144 1.71 24.56 39.04
N ALA N 145 1.60 25.88 38.87
CA ALA N 145 0.71 26.65 39.73
C ALA N 145 -0.75 26.27 39.51
N GLU N 146 -1.13 26.06 38.25
CA GLU N 146 -2.50 25.64 37.96
C GLU N 146 -2.78 24.26 38.53
N LYS N 147 -1.80 23.35 38.48
CA LYS N 147 -1.96 22.02 39.06
C LYS N 147 -2.09 22.11 40.58
N LEU N 148 -1.31 22.99 41.22
CA LEU N 148 -1.45 23.19 42.66
C LEU N 148 -2.82 23.74 43.02
N MET N 149 -3.31 24.70 42.23
CA MET N 149 -4.65 25.25 42.47
C MET N 149 -5.71 24.18 42.31
N LYS N 150 -5.59 23.34 41.29
CA LYS N 150 -6.56 22.25 41.09
C LYS N 150 -6.51 21.25 42.23
N LEU N 151 -5.31 20.92 42.71
CA LEU N 151 -5.18 19.99 43.82
C LEU N 151 -5.78 20.57 45.09
N GLN N 152 -5.61 21.88 45.31
CA GLN N 152 -6.21 22.52 46.48
C GLN N 152 -7.73 22.55 46.36
N ASN N 153 -8.24 22.78 45.14
CA ASN N 153 -9.69 22.77 44.94
C ASN N 153 -10.28 21.39 45.12
N GLN N 154 -9.54 20.33 44.77
CA GLN N 154 -10.04 18.98 44.95
C GLN N 154 -10.11 18.61 46.42
N ARG N 155 -9.17 19.11 47.23
CA ARG N 155 -9.18 18.81 48.66
C ARG N 155 -10.23 19.61 49.42
N GLY N 156 -10.69 20.72 48.85
CA GLY N 156 -11.69 21.54 49.49
C GLY N 156 -11.19 22.81 50.14
N GLY N 157 -9.88 23.09 50.05
CA GLY N 157 -9.34 24.29 50.65
C GLY N 157 -9.61 25.53 49.81
N ARG N 158 -9.84 26.64 50.50
CA ARG N 158 -10.11 27.90 49.84
C ARG N 158 -8.83 28.52 49.29
N ILE N 159 -8.97 29.26 48.19
CA ILE N 159 -7.85 29.93 47.53
C ILE N 159 -8.16 31.42 47.49
N PHE N 160 -7.31 32.21 48.14
CA PHE N 160 -7.45 33.66 48.20
C PHE N 160 -6.30 34.27 47.38
N LEU N 161 -6.58 34.55 46.11
CA LEU N 161 -5.58 35.13 45.23
C LEU N 161 -5.37 36.60 45.57
N GLN N 162 -4.13 36.99 45.84
CA GLN N 162 -3.77 38.34 46.20
C GLN N 162 -2.97 38.99 45.07
N ASP N 163 -2.31 40.10 45.38
CA ASP N 163 -1.51 40.80 44.37
C ASP N 163 -0.21 40.05 44.09
N ILE N 164 0.27 40.18 42.86
CA ILE N 164 1.51 39.54 42.45
C ILE N 164 2.62 40.59 42.47
N LYS N 165 3.68 40.30 43.23
CA LYS N 165 4.79 41.24 43.35
C LYS N 165 5.60 41.30 42.06
N LYS N 166 6.23 42.44 41.83
CA LYS N 166 7.06 42.66 40.66
C LYS N 166 8.52 42.39 40.98
N PRO N 167 9.32 42.03 39.97
CA PRO N 167 10.75 41.82 40.21
C PRO N 167 11.43 43.12 40.66
N ASP N 168 12.26 42.99 41.70
CA ASP N 168 12.96 44.15 42.23
C ASP N 168 14.03 44.69 41.29
N ARG N 169 14.49 43.87 40.34
CA ARG N 169 15.51 44.26 39.38
C ARG N 169 14.88 44.25 37.99
N ASP N 170 14.44 45.42 37.53
CA ASP N 170 13.86 45.52 36.19
C ASP N 170 14.90 45.28 35.11
N ASP N 171 16.12 45.77 35.31
CA ASP N 171 17.22 45.54 34.39
C ASP N 171 18.05 44.38 34.91
N TRP N 172 17.97 43.23 34.25
CA TRP N 172 18.66 42.02 34.68
C TRP N 172 20.12 41.98 34.28
N CYS N 173 20.78 43.15 34.23
CA CYS N 173 22.20 43.26 33.88
C CYS N 173 22.47 42.61 32.53
N SER N 174 22.88 41.35 32.54
CA SER N 174 23.19 40.62 31.32
C SER N 174 22.60 39.20 31.37
N GLY N 175 23.46 38.20 31.29
CA GLY N 175 23.00 36.82 31.33
C GLY N 175 23.40 36.09 32.59
N LEU N 176 24.63 36.34 33.08
CA LEU N 176 25.11 35.67 34.28
C LEU N 176 24.30 36.10 35.50
N ASN N 177 24.01 37.39 35.61
CA ASN N 177 23.20 37.87 36.74
C ASN N 177 21.78 37.31 36.67
N ALA N 178 21.22 37.20 35.47
CA ALA N 178 19.89 36.62 35.32
C ALA N 178 19.89 35.15 35.72
N MET N 179 20.93 34.41 35.33
CA MET N 179 21.02 33.00 35.72
C MET N 179 21.18 32.86 37.23
N GLU N 180 21.98 33.74 37.86
CA GLU N 180 22.13 33.68 39.30
C GLU N 180 20.82 34.00 40.01
N SER N 181 20.08 35.00 39.50
CA SER N 181 18.79 35.32 40.09
C SER N 181 17.80 34.16 39.94
N ALA N 182 17.81 33.51 38.78
CA ALA N 182 16.93 32.35 38.57
C ALA N 182 17.31 31.21 39.50
N LEU N 183 18.61 31.00 39.71
CA LEU N 183 19.05 29.96 40.64
C LEU N 183 18.64 30.26 42.07
N HIS N 184 18.77 31.53 42.48
CA HIS N 184 18.34 31.91 43.83
C HIS N 184 16.83 31.74 43.98
N LEU N 185 16.07 32.08 42.94
CA LEU N 185 14.62 31.91 42.97
C LEU N 185 14.25 30.44 43.09
N GLU N 186 14.93 29.57 42.33
CA GLU N 186 14.67 28.14 42.43
C GLU N 186 15.04 27.59 43.80
N LYS N 187 16.13 28.09 44.38
CA LYS N 187 16.49 27.67 45.74
C LYS N 187 15.45 28.11 46.75
N SER N 188 14.91 29.33 46.59
CA SER N 188 13.85 29.80 47.49
C SER N 188 12.59 28.96 47.33
N VAL N 189 12.25 28.58 46.09
CA VAL N 189 11.09 27.74 45.86
C VAL N 189 11.29 26.36 46.50
N ASN N 190 12.51 25.82 46.38
CA ASN N 190 12.80 24.53 47.01
C ASN N 190 12.71 24.62 48.52
N GLN N 191 13.21 25.71 49.11
CA GLN N 191 13.09 25.90 50.55
C GLN N 191 11.64 26.00 50.99
N SER N 192 10.83 26.72 50.20
CA SER N 192 9.41 26.82 50.52
C SER N 192 8.72 25.46 50.42
N LEU N 193 9.09 24.66 49.43
CA LEU N 193 8.52 23.32 49.31
C LEU N 193 8.94 22.43 50.48
N LEU N 194 10.19 22.56 50.93
CA LEU N 194 10.63 21.79 52.09
C LEU N 194 9.88 22.21 53.35
N GLU N 195 9.66 23.52 53.52
CA GLU N 195 8.88 23.99 54.66
C GLU N 195 7.44 23.49 54.59
N LEU N 196 6.86 23.47 53.39
CA LEU N 196 5.51 22.95 53.23
C LEU N 196 5.45 21.47 53.57
N HIS N 197 6.45 20.70 53.13
CA HIS N 197 6.49 19.28 53.46
C HIS N 197 6.63 19.06 54.96
N LYS N 198 7.47 19.85 55.62
CA LYS N 198 7.63 19.73 57.06
C LYS N 198 6.34 20.08 57.79
N LEU N 199 5.66 21.14 57.35
CA LEU N 199 4.40 21.52 57.98
C LEU N 199 3.32 20.47 57.78
N ALA N 200 3.27 19.87 56.59
CA ALA N 200 2.29 18.81 56.34
C ALA N 200 2.60 17.56 57.13
N THR N 201 3.89 17.26 57.36
CA THR N 201 4.25 16.11 58.16
C THR N 201 3.94 16.34 59.63
N ASP N 202 4.16 17.57 60.12
CA ASP N 202 3.88 17.88 61.52
C ASP N 202 2.39 18.01 61.80
N LYS N 203 1.61 18.37 60.79
CA LYS N 203 0.16 18.54 60.94
C LYS N 203 -0.63 17.37 60.39
N ASN N 204 -0.02 16.20 60.27
CA ASN N 204 -0.68 14.99 59.80
C ASN N 204 -1.29 15.17 58.42
N ASP N 205 -0.45 15.24 57.39
CA ASP N 205 -0.91 15.39 56.01
C ASP N 205 0.06 14.65 55.09
N PRO N 206 -0.08 13.32 55.00
CA PRO N 206 0.88 12.57 54.18
C PRO N 206 0.62 12.70 52.69
N HIS N 207 -0.64 12.81 52.26
CA HIS N 207 -0.95 12.86 50.84
C HIS N 207 -0.37 14.11 50.18
N LEU N 208 -0.61 15.27 50.77
CA LEU N 208 -0.15 16.52 50.17
C LEU N 208 1.37 16.58 50.11
N CYS N 209 2.04 16.25 51.23
CA CYS N 209 3.49 16.30 51.26
C CYS N 209 4.10 15.28 50.31
N ASP N 210 3.50 14.09 50.21
CA ASP N 210 3.99 13.08 49.29
C ASP N 210 3.84 13.54 47.84
N PHE N 211 2.70 14.12 47.50
CA PHE N 211 2.50 14.63 46.15
C PHE N 211 3.49 15.74 45.83
N ILE N 212 3.76 16.62 46.81
CA ILE N 212 4.71 17.71 46.60
C ILE N 212 6.12 17.16 46.38
N GLU N 213 6.53 16.21 47.21
CA GLU N 213 7.89 15.68 47.09
C GLU N 213 8.04 14.73 45.92
N THR N 214 6.94 14.26 45.33
CA THR N 214 7.03 13.36 44.20
C THR N 214 6.93 14.08 42.85
N TYR N 215 5.89 14.91 42.67
CA TYR N 215 5.60 15.53 41.38
C TYR N 215 6.00 17.00 41.31
N TYR N 216 6.93 17.42 42.16
CA TYR N 216 7.37 18.82 42.13
C TYR N 216 8.85 18.95 42.46
N LEU N 217 9.33 18.24 43.47
CA LEU N 217 10.71 18.37 43.90
C LEU N 217 11.69 17.89 42.83
N SER N 218 11.30 16.87 42.05
CA SER N 218 12.17 16.37 41.00
C SER N 218 12.42 17.43 39.94
N GLU N 219 11.35 18.09 39.49
CA GLU N 219 11.51 19.15 38.49
C GLU N 219 12.32 20.32 39.05
N GLN N 220 12.13 20.63 40.33
CA GLN N 220 12.90 21.70 40.95
C GLN N 220 14.39 21.35 41.00
N VAL N 221 14.71 20.11 41.36
CA VAL N 221 16.12 19.69 41.39
C VAL N 221 16.71 19.72 39.99
N LYS N 222 15.95 19.27 38.99
CA LYS N 222 16.44 19.30 37.61
C LYS N 222 16.69 20.73 37.15
N SER N 223 15.78 21.65 37.48
CA SER N 223 15.96 23.05 37.10
C SER N 223 17.16 23.66 37.80
N ILE N 224 17.36 23.34 39.08
CA ILE N 224 18.50 23.86 39.82
C ILE N 224 19.80 23.34 39.21
N LYS N 225 19.83 22.05 38.85
CA LYS N 225 21.03 21.49 38.24
C LYS N 225 21.31 22.13 36.88
N GLU N 226 20.26 22.35 36.08
CA GLU N 226 20.45 22.98 34.78
C GLU N 226 20.94 24.42 34.92
N LEU N 227 20.39 25.17 35.87
CA LEU N 227 20.84 26.54 36.09
C LEU N 227 22.28 26.56 36.60
N GLY N 228 22.65 25.61 37.46
CA GLY N 228 24.02 25.54 37.91
C GLY N 228 24.99 25.22 36.77
N ASP N 229 24.60 24.30 35.88
CA ASP N 229 25.42 24.00 34.72
C ASP N 229 25.56 25.23 33.81
N HIS N 230 24.46 25.98 33.63
CA HIS N 230 24.51 27.18 32.81
C HIS N 230 25.43 28.23 33.44
N VAL N 231 25.36 28.40 34.76
CA VAL N 231 26.23 29.37 35.43
C VAL N 231 27.68 28.94 35.31
N THR N 232 27.96 27.65 35.47
CA THR N 232 29.33 27.15 35.33
C THR N 232 29.85 27.39 33.91
N ASN N 233 29.01 27.14 32.91
CA ASN N 233 29.42 27.38 31.53
C ASN N 233 29.69 28.87 31.27
N LEU N 234 28.82 29.74 31.79
CA LEU N 234 29.02 31.18 31.59
C LEU N 234 30.26 31.67 32.32
N ARG N 235 30.61 31.06 33.46
CA ARG N 235 31.80 31.47 34.19
C ARG N 235 33.08 30.94 33.54
N LYS N 236 33.03 29.74 32.96
CA LYS N 236 34.22 29.17 32.34
C LYS N 236 34.48 29.78 30.97
N MET N 237 33.44 29.97 30.16
CA MET N 237 33.62 30.53 28.82
C MET N 237 34.01 32.00 28.89
N GLY N 238 33.26 32.80 29.65
CA GLY N 238 33.57 34.21 29.78
C GLY N 238 32.38 35.11 29.54
N ALA N 239 31.44 35.13 30.49
CA ALA N 239 30.24 35.94 30.41
C ALA N 239 29.96 36.57 31.77
N PRO N 240 29.58 37.86 31.81
CA PRO N 240 29.43 38.73 30.63
C PRO N 240 30.73 39.46 30.27
N CYS N 241 31.88 38.83 30.52
CA CYS N 241 33.15 39.44 30.21
C CYS N 241 33.41 39.51 28.71
N ALA N 242 32.67 38.76 27.91
CA ALA N 242 32.83 38.78 26.46
C ALA N 242 31.53 38.33 25.82
N GLY N 243 31.09 39.07 24.80
CA GLY N 243 29.86 38.73 24.10
C GLY N 243 29.95 37.47 23.26
N MET N 244 31.14 36.93 23.04
CA MET N 244 31.28 35.71 22.25
C MET N 244 30.74 34.50 23.01
N ALA N 245 30.98 34.45 24.32
CA ALA N 245 30.51 33.33 25.11
C ALA N 245 28.99 33.25 25.14
N GLU N 246 28.33 34.41 25.30
CA GLU N 246 26.87 34.41 25.32
C GLU N 246 26.31 33.96 23.98
N TYR N 247 26.89 34.44 22.87
CA TYR N 247 26.41 34.03 21.55
C TYR N 247 26.62 32.54 21.32
N LEU N 248 27.76 32.01 21.74
CA LEU N 248 28.01 30.59 21.54
C LEU N 248 27.10 29.72 22.41
N PHE N 249 26.84 30.16 23.65
CA PHE N 249 25.92 29.42 24.51
C PHE N 249 24.49 29.52 23.99
N ASP N 250 24.16 30.61 23.30
CA ASP N 250 22.84 30.74 22.70
C ASP N 250 22.69 29.84 21.48
N LYS N 251 23.72 29.77 20.65
CA LYS N 251 23.66 29.02 19.40
C LYS N 251 24.00 27.54 19.56
N HIS N 252 24.52 27.12 20.72
CA HIS N 252 24.87 25.73 20.94
C HIS N 252 23.97 25.05 21.97
N THR N 253 23.96 25.53 23.21
CA THR N 253 23.19 24.89 24.27
C THR N 253 21.69 25.05 24.02
N LEU N 254 21.19 26.28 24.14
CA LEU N 254 19.77 26.55 23.95
C LEU N 254 19.37 26.64 22.48
N GLY N 255 20.31 26.47 21.56
CA GLY N 255 20.01 26.53 20.14
C GLY N 255 19.40 25.26 19.60
N THR O 13 -82.13 -14.08 -0.33
CA THR O 13 -81.47 -15.30 0.11
C THR O 13 -80.86 -16.06 -1.04
N GLN O 14 -80.91 -15.46 -2.23
CA GLN O 14 -80.36 -16.11 -3.42
C GLN O 14 -78.84 -16.00 -3.47
N ASP O 15 -78.30 -14.81 -3.16
CA ASP O 15 -76.85 -14.64 -3.18
C ASP O 15 -76.18 -15.45 -2.09
N LEU O 16 -76.82 -15.57 -0.93
CA LEU O 16 -76.25 -16.38 0.15
C LEU O 16 -76.18 -17.85 -0.24
N ARG O 17 -77.25 -18.37 -0.83
CA ARG O 17 -77.25 -19.76 -1.29
C ARG O 17 -76.24 -19.98 -2.41
N SER O 18 -76.11 -19.00 -3.31
CA SER O 18 -75.13 -19.11 -4.38
C SER O 18 -73.71 -19.16 -3.82
N HIS O 19 -73.41 -18.30 -2.85
CA HIS O 19 -72.09 -18.31 -2.24
C HIS O 19 -71.84 -19.63 -1.50
N LEU O 20 -72.86 -20.13 -0.79
CA LEU O 20 -72.69 -21.38 -0.05
C LEU O 20 -72.47 -22.56 -0.99
N VAL O 21 -73.13 -22.55 -2.15
CA VAL O 21 -72.97 -23.66 -3.09
C VAL O 21 -71.72 -23.50 -3.94
N HIS O 22 -71.17 -22.29 -4.06
CA HIS O 22 -69.93 -22.08 -4.78
C HIS O 22 -68.69 -22.24 -3.91
N LYS O 23 -68.83 -22.12 -2.59
CA LYS O 23 -67.67 -22.30 -1.71
C LYS O 23 -67.42 -23.76 -1.36
N LEU O 24 -68.45 -24.61 -1.42
CA LEU O 24 -68.27 -26.01 -1.04
C LEU O 24 -67.48 -26.78 -2.09
N VAL O 25 -67.62 -26.43 -3.37
CA VAL O 25 -66.86 -27.10 -4.41
C VAL O 25 -65.36 -26.83 -4.29
N GLN O 26 -64.99 -25.73 -3.62
CA GLN O 26 -63.59 -25.45 -3.36
C GLN O 26 -63.13 -25.95 -2.00
N ALA O 27 -64.03 -25.97 -1.01
CA ALA O 27 -63.66 -26.48 0.31
C ALA O 27 -63.50 -28.00 0.30
N ILE O 28 -64.31 -28.71 -0.48
CA ILE O 28 -64.20 -30.16 -0.54
C ILE O 28 -62.95 -30.57 -1.32
N PHE O 29 -62.90 -30.20 -2.60
CA PHE O 29 -61.77 -30.52 -3.46
C PHE O 29 -60.98 -29.26 -3.80
N PRO O 30 -59.65 -29.35 -3.81
CA PRO O 30 -58.84 -28.16 -4.15
C PRO O 30 -58.97 -27.75 -5.61
N CYS O 31 -58.01 -28.15 -6.44
CA CYS O 31 -58.00 -27.76 -7.84
C CYS O 31 -57.74 -28.97 -8.71
N PRO O 32 -58.50 -29.15 -9.80
CA PRO O 32 -58.27 -30.27 -10.70
C PRO O 32 -57.07 -30.05 -11.62
N ASP O 33 -56.95 -30.89 -12.66
CA ASP O 33 -55.85 -30.76 -13.61
C ASP O 33 -56.32 -31.24 -14.98
N PRO O 34 -56.46 -30.34 -15.96
CA PRO O 34 -56.97 -30.76 -17.27
C PRO O 34 -55.96 -31.56 -18.08
N CYS O 35 -54.73 -31.06 -18.20
CA CYS O 35 -53.69 -31.70 -19.01
C CYS O 35 -53.21 -33.02 -18.43
N ALA O 36 -53.09 -33.10 -17.11
CA ALA O 36 -52.61 -34.34 -16.49
C ALA O 36 -53.67 -35.43 -16.51
N LEU O 37 -54.87 -35.13 -16.06
CA LEU O 37 -55.98 -36.09 -16.04
C LEU O 37 -56.94 -35.78 -17.18
N LYS O 38 -58.23 -35.78 -16.85
CA LYS O 38 -59.26 -35.48 -17.85
C LYS O 38 -60.09 -34.26 -17.42
N ASP O 39 -61.41 -34.44 -17.34
CA ASP O 39 -62.28 -33.34 -16.95
C ASP O 39 -63.59 -33.89 -16.37
N ARG O 40 -63.88 -35.17 -16.62
CA ARG O 40 -65.11 -35.76 -16.13
C ARG O 40 -65.09 -36.00 -14.62
N ARG O 41 -63.90 -36.04 -14.01
CA ARG O 41 -63.82 -36.28 -12.58
C ARG O 41 -64.35 -35.09 -11.78
N MET O 42 -63.95 -33.87 -12.17
CA MET O 42 -64.47 -32.69 -11.49
C MET O 42 -65.98 -32.56 -11.71
N GLU O 43 -66.46 -32.94 -12.90
CA GLU O 43 -67.89 -32.90 -13.16
C GLU O 43 -68.64 -33.88 -12.28
N ASN O 44 -68.11 -35.11 -12.14
CA ASN O 44 -68.75 -36.08 -11.26
C ASN O 44 -68.71 -35.62 -9.80
N LEU O 45 -67.61 -34.97 -9.40
CA LEU O 45 -67.49 -34.49 -8.03
C LEU O 45 -68.50 -33.39 -7.74
N VAL O 46 -68.63 -32.42 -8.65
CA VAL O 46 -69.59 -31.35 -8.43
C VAL O 46 -71.02 -31.87 -8.53
N ALA O 47 -71.25 -32.89 -9.36
CA ALA O 47 -72.59 -33.49 -9.42
C ALA O 47 -72.92 -34.20 -8.11
N TYR O 48 -71.97 -34.94 -7.54
CA TYR O 48 -72.20 -35.57 -6.25
C TYR O 48 -72.40 -34.54 -5.15
N ALA O 49 -71.67 -33.42 -5.22
CA ALA O 49 -71.86 -32.35 -4.24
C ALA O 49 -73.26 -31.76 -4.34
N LYS O 50 -73.71 -31.48 -5.57
CA LYS O 50 -75.08 -30.98 -5.74
C LYS O 50 -76.11 -31.98 -5.24
N LYS O 51 -75.89 -33.27 -5.52
CA LYS O 51 -76.83 -34.30 -5.06
C LYS O 51 -76.89 -34.35 -3.54
N VAL O 52 -75.75 -34.32 -2.87
CA VAL O 52 -75.74 -34.45 -1.42
C VAL O 52 -76.30 -33.18 -0.77
N GLU O 53 -76.03 -32.01 -1.35
CA GLU O 53 -76.58 -30.78 -0.78
C GLU O 53 -78.09 -30.71 -0.99
N GLY O 54 -78.58 -31.23 -2.12
CA GLY O 54 -80.02 -31.30 -2.32
C GLY O 54 -80.68 -32.29 -1.37
N ASP O 55 -80.02 -33.42 -1.12
CA ASP O 55 -80.56 -34.38 -0.16
C ASP O 55 -80.58 -33.82 1.25
N MET O 56 -79.55 -33.03 1.61
CA MET O 56 -79.55 -32.40 2.93
C MET O 56 -80.58 -31.28 3.03
N TYR O 57 -80.85 -30.58 1.93
CA TYR O 57 -81.85 -29.52 1.96
C TYR O 57 -83.26 -30.09 2.02
N GLU O 58 -83.51 -31.19 1.31
CA GLU O 58 -84.83 -31.82 1.35
C GLU O 58 -85.14 -32.45 2.71
N SER O 59 -84.12 -32.80 3.48
CA SER O 59 -84.28 -33.40 4.80
C SER O 59 -83.77 -32.47 5.90
N ALA O 60 -84.30 -31.25 5.95
CA ALA O 60 -83.89 -30.27 6.94
C ALA O 60 -85.11 -29.69 7.65
N ASN O 61 -84.86 -28.96 8.74
CA ASN O 61 -85.92 -28.33 9.51
C ASN O 61 -85.91 -26.82 9.32
N SER O 62 -84.91 -26.15 9.87
CA SER O 62 -84.81 -24.70 9.78
C SER O 62 -83.65 -24.27 8.89
N ARG O 63 -82.89 -23.27 9.33
CA ARG O 63 -81.79 -22.74 8.55
C ARG O 63 -80.43 -22.97 9.20
N ASP O 64 -80.32 -22.79 10.52
CA ASP O 64 -79.02 -22.95 11.18
C ASP O 64 -78.60 -24.41 11.27
N GLU O 65 -79.55 -25.31 11.54
CA GLU O 65 -79.20 -26.72 11.63
C GLU O 65 -78.76 -27.30 10.29
N TYR O 66 -79.34 -26.82 9.19
CA TYR O 66 -78.91 -27.27 7.87
C TYR O 66 -77.48 -26.81 7.59
N TYR O 67 -77.15 -25.57 7.93
CA TYR O 67 -75.79 -25.09 7.73
C TYR O 67 -74.80 -25.85 8.62
N HIS O 68 -75.20 -26.16 9.85
CA HIS O 68 -74.33 -26.94 10.72
C HIS O 68 -74.09 -28.34 10.18
N LEU O 69 -75.15 -28.98 9.67
CA LEU O 69 -75.01 -30.31 9.09
C LEU O 69 -74.14 -30.27 7.84
N LEU O 70 -74.28 -29.22 7.02
CA LEU O 70 -73.45 -29.09 5.84
C LEU O 70 -71.98 -28.91 6.21
N ALA O 71 -71.71 -28.09 7.24
CA ALA O 71 -70.34 -27.91 7.70
C ALA O 71 -69.76 -29.21 8.24
N GLU O 72 -70.57 -29.97 8.99
CA GLU O 72 -70.11 -31.25 9.50
C GLU O 72 -69.83 -32.23 8.37
N LYS O 73 -70.66 -32.23 7.34
CA LYS O 73 -70.41 -33.10 6.19
C LYS O 73 -69.14 -32.70 5.46
N ILE O 74 -68.90 -31.39 5.30
CA ILE O 74 -67.68 -30.93 4.67
C ILE O 74 -66.46 -31.37 5.49
N TYR O 75 -66.54 -31.23 6.82
CA TYR O 75 -65.45 -31.67 7.68
C TYR O 75 -65.21 -33.18 7.54
N LYS O 76 -66.27 -33.96 7.54
CA LYS O 76 -66.12 -35.42 7.44
C LYS O 76 -65.54 -35.81 6.09
N ILE O 77 -65.90 -35.10 5.02
CA ILE O 77 -65.31 -35.39 3.72
C ILE O 77 -63.84 -35.01 3.70
N GLN O 78 -63.48 -33.88 4.33
CA GLN O 78 -62.09 -33.47 4.41
C GLN O 78 -61.27 -34.35 5.36
N LYS O 79 -61.92 -35.16 6.19
CA LYS O 79 -61.19 -36.04 7.10
C LYS O 79 -60.36 -37.06 6.34
N GLU O 80 -60.82 -37.50 5.17
CA GLU O 80 -60.06 -38.49 4.40
C GLU O 80 -59.00 -37.83 3.54
N LEU O 81 -59.40 -36.88 2.70
CA LEU O 81 -58.46 -36.19 1.80
C LEU O 81 -57.64 -35.16 2.59
N GLU O 82 -56.61 -35.69 3.26
CA GLU O 82 -55.70 -34.87 4.05
C GLU O 82 -54.28 -34.88 3.51
N GLU O 83 -53.79 -36.04 3.07
CA GLU O 83 -52.42 -36.20 2.56
C GLU O 83 -51.40 -35.68 3.57
N LYS O 84 -51.14 -36.46 4.60
CA LYS O 84 -50.19 -36.03 5.64
C LYS O 84 -48.78 -35.98 5.08
N SER O 85 -47.98 -35.06 5.62
CA SER O 85 -46.61 -34.89 5.18
C SER O 85 -45.72 -36.02 5.69
N GLN O 86 -44.74 -36.39 4.88
CA GLN O 86 -43.81 -37.45 5.26
C GLN O 86 -42.82 -37.00 6.32
N VAL O 87 -42.66 -35.69 6.52
CA VAL O 87 -41.74 -35.17 7.53
C VAL O 87 -42.42 -35.01 8.88
N ARG O 88 -43.73 -35.25 8.98
CA ARG O 88 -44.43 -35.12 10.24
C ARG O 88 -44.09 -36.28 11.16
N GLN O 89 -43.55 -35.97 12.34
CA GLN O 89 -43.16 -36.98 13.31
C GLN O 89 -43.44 -36.45 14.70
N ASN O 90 -44.35 -37.12 15.42
CA ASN O 90 -44.74 -36.73 16.77
C ASN O 90 -45.24 -35.30 16.81
N TYR O 91 -46.50 -35.08 16.41
CA TYR O 91 -47.09 -33.76 16.40
C TYR O 91 -48.60 -33.91 16.52
N HIS O 92 -49.19 -33.23 17.50
CA HIS O 92 -50.62 -33.33 17.75
C HIS O 92 -51.35 -32.11 17.19
N GLN O 93 -52.66 -32.28 17.01
CA GLN O 93 -53.48 -31.18 16.48
C GLN O 93 -53.60 -30.03 17.46
N ASP O 94 -53.51 -30.31 18.76
CA ASP O 94 -53.53 -29.24 19.75
C ASP O 94 -52.31 -28.33 19.60
N ALA O 95 -51.15 -28.92 19.32
CA ALA O 95 -49.95 -28.12 19.06
C ALA O 95 -50.13 -27.26 17.81
N GLU O 96 -50.78 -27.81 16.78
CA GLU O 96 -51.05 -27.04 15.57
C GLU O 96 -51.98 -25.87 15.86
N ALA O 97 -53.02 -26.09 16.65
CA ALA O 97 -53.93 -25.00 17.00
C ALA O 97 -53.22 -23.95 17.84
N ALA O 98 -52.34 -24.37 18.74
CA ALA O 98 -51.58 -23.42 19.55
C ALA O 98 -50.63 -22.60 18.68
N ILE O 99 -49.99 -23.24 17.71
CA ILE O 99 -49.11 -22.51 16.80
C ILE O 99 -49.90 -21.52 15.95
N ASN O 100 -51.10 -21.92 15.52
CA ASN O 100 -51.94 -21.01 14.75
C ASN O 100 -52.36 -19.80 15.59
N ARG O 101 -52.74 -20.04 16.85
CA ARG O 101 -53.10 -18.93 17.73
C ARG O 101 -51.91 -18.02 17.99
N GLN O 102 -50.72 -18.61 18.15
CA GLN O 102 -49.52 -17.80 18.34
C GLN O 102 -49.21 -16.96 17.11
N ILE O 103 -49.40 -17.54 15.92
CA ILE O 103 -49.18 -16.79 14.68
C ILE O 103 -50.17 -15.64 14.57
N ASN O 104 -51.44 -15.89 14.92
CA ASN O 104 -52.44 -14.83 14.91
C ASN O 104 -52.08 -13.72 15.88
N LEU O 105 -51.61 -14.08 17.07
CA LEU O 105 -51.22 -13.08 18.05
C LEU O 105 -50.01 -12.29 17.58
N GLU O 106 -49.07 -12.95 16.92
CA GLU O 106 -47.90 -12.25 16.38
C GLU O 106 -48.31 -11.27 15.29
N LEU O 107 -49.24 -11.68 14.42
CA LEU O 107 -49.74 -10.77 13.39
C LEU O 107 -50.46 -9.58 14.00
N TYR O 108 -51.25 -9.83 15.05
CA TYR O 108 -51.94 -8.73 15.73
C TYR O 108 -50.93 -7.77 16.37
N ALA O 109 -49.88 -8.32 16.98
CA ALA O 109 -48.86 -7.47 17.59
C ALA O 109 -48.12 -6.65 16.53
N SER O 110 -47.82 -7.26 15.39
CA SER O 110 -47.18 -6.52 14.30
C SER O 110 -48.09 -5.41 13.79
N TYR O 111 -49.39 -5.68 13.68
CA TYR O 111 -50.32 -4.65 13.24
C TYR O 111 -50.39 -3.50 14.25
N VAL O 112 -50.41 -3.84 15.55
CA VAL O 112 -50.45 -2.80 16.58
C VAL O 112 -49.18 -1.97 16.55
N TYR O 113 -48.02 -2.60 16.36
CA TYR O 113 -46.77 -1.87 16.31
C TYR O 113 -46.70 -0.99 15.06
N LEU O 114 -47.24 -1.47 13.93
CA LEU O 114 -47.29 -0.64 12.74
C LEU O 114 -48.20 0.57 12.94
N SER O 115 -49.34 0.37 13.60
CA SER O 115 -50.22 1.48 13.90
C SER O 115 -49.55 2.49 14.82
N MET O 116 -48.79 2.00 15.82
CA MET O 116 -48.07 2.91 16.71
C MET O 116 -47.00 3.68 15.95
N SER O 117 -46.29 3.01 15.04
CA SER O 117 -45.27 3.69 14.25
C SER O 117 -45.88 4.74 13.33
N CYS O 118 -47.07 4.46 12.78
CA CYS O 118 -47.74 5.40 11.91
C CYS O 118 -48.52 6.47 12.66
N TYR O 119 -48.66 6.33 13.98
CA TYR O 119 -49.35 7.34 14.78
C TYR O 119 -48.40 8.40 15.34
N PHE O 120 -47.13 8.06 15.53
CA PHE O 120 -46.17 9.00 16.12
C PHE O 120 -45.43 9.84 15.09
N ASP O 121 -45.36 9.39 13.84
CA ASP O 121 -44.65 10.11 12.79
C ASP O 121 -45.51 11.18 12.13
N ARG O 122 -46.63 11.56 12.74
CA ARG O 122 -47.51 12.58 12.19
C ARG O 122 -46.97 13.97 12.54
N ASP O 123 -47.78 15.00 12.28
CA ASP O 123 -47.37 16.37 12.58
C ASP O 123 -47.78 16.81 13.98
N ASP O 124 -48.85 16.24 14.53
CA ASP O 124 -49.31 16.58 15.87
C ASP O 124 -48.54 15.87 16.96
N VAL O 125 -47.61 14.98 16.60
CA VAL O 125 -46.80 14.26 17.56
C VAL O 125 -45.32 14.67 17.48
N ALA O 126 -44.76 14.64 16.27
CA ALA O 126 -43.38 15.06 16.00
C ALA O 126 -42.39 14.27 16.85
N LEU O 127 -42.46 12.95 16.71
CA LEU O 127 -41.56 12.02 17.40
C LEU O 127 -41.07 11.01 16.37
N LYS O 128 -39.95 11.33 15.72
CA LYS O 128 -39.41 10.45 14.68
C LYS O 128 -38.69 9.25 15.28
N ASN O 129 -38.03 9.43 16.42
CA ASN O 129 -37.31 8.32 17.04
C ASN O 129 -38.28 7.27 17.58
N PHE O 130 -39.40 7.71 18.16
CA PHE O 130 -40.42 6.76 18.59
C PHE O 130 -40.98 5.98 17.40
N ALA O 131 -41.22 6.66 16.29
CA ALA O 131 -41.72 5.98 15.10
C ALA O 131 -40.70 4.97 14.57
N LYS O 132 -39.42 5.34 14.58
CA LYS O 132 -38.38 4.41 14.13
C LYS O 132 -38.29 3.20 15.04
N TYR O 133 -38.37 3.41 16.36
CA TYR O 133 -38.33 2.30 17.29
C TYR O 133 -39.53 1.38 17.12
N PHE O 134 -40.72 1.95 16.92
CA PHE O 134 -41.91 1.13 16.71
C PHE O 134 -41.83 0.37 15.40
N LEU O 135 -41.26 0.99 14.36
CA LEU O 135 -41.09 0.30 13.09
C LEU O 135 -40.08 -0.84 13.21
N HIS O 136 -39.01 -0.64 13.97
CA HIS O 136 -38.05 -1.70 14.20
C HIS O 136 -38.68 -2.85 14.98
N GLN O 137 -39.50 -2.53 15.99
CA GLN O 137 -40.19 -3.58 16.74
C GLN O 137 -41.17 -4.33 15.85
N SER O 138 -41.88 -3.63 14.97
CA SER O 138 -42.79 -4.29 14.05
C SER O 138 -42.04 -5.20 13.09
N HIS O 139 -40.87 -4.76 12.61
CA HIS O 139 -40.07 -5.60 11.74
C HIS O 139 -39.57 -6.83 12.48
N GLU O 140 -39.17 -6.69 13.74
CA GLU O 140 -38.73 -7.84 14.53
C GLU O 140 -39.87 -8.82 14.74
N GLU O 141 -41.07 -8.33 15.05
CA GLU O 141 -42.21 -9.22 15.22
C GLU O 141 -42.57 -9.90 13.91
N ARG O 142 -42.46 -9.19 12.79
CA ARG O 142 -42.74 -9.80 11.50
CA ARG O 142 -42.72 -9.79 11.49
C ARG O 142 -41.73 -10.91 11.19
N GLU O 143 -40.45 -10.67 11.48
CA GLU O 143 -39.43 -11.69 11.26
C GLU O 143 -39.66 -12.89 12.17
N HIS O 144 -40.06 -12.65 13.41
CA HIS O 144 -40.36 -13.76 14.33
C HIS O 144 -41.54 -14.58 13.83
N ALA O 145 -42.58 -13.89 13.32
CA ALA O 145 -43.73 -14.61 12.79
C ALA O 145 -43.36 -15.42 11.56
N GLU O 146 -42.51 -14.86 10.68
CA GLU O 146 -42.07 -15.60 9.51
C GLU O 146 -41.23 -16.80 9.91
N LYS O 147 -40.40 -16.67 10.94
CA LYS O 147 -39.60 -17.79 11.42
C LYS O 147 -40.49 -18.87 12.01
N LEU O 148 -41.54 -18.47 12.75
CA LEU O 148 -42.48 -19.45 13.28
C LEU O 148 -43.21 -20.19 12.15
N MET O 149 -43.62 -19.46 11.12
CA MET O 149 -44.27 -20.09 9.97
C MET O 149 -43.34 -21.06 9.28
N LYS O 150 -42.07 -20.68 9.11
CA LYS O 150 -41.10 -21.58 8.48
C LYS O 150 -40.86 -22.82 9.33
N LEU O 151 -40.78 -22.65 10.65
CA LEU O 151 -40.59 -23.80 11.53
C LEU O 151 -41.79 -24.73 11.49
N GLN O 152 -43.00 -24.17 11.40
CA GLN O 152 -44.19 -25.01 11.29
C GLN O 152 -44.23 -25.73 9.95
N ASN O 153 -43.79 -25.06 8.88
CA ASN O 153 -43.75 -25.70 7.57
C ASN O 153 -42.71 -26.81 7.52
N GLN O 154 -41.59 -26.66 8.24
CA GLN O 154 -40.57 -27.70 8.26
C GLN O 154 -41.05 -28.93 9.00
N ARG O 155 -41.86 -28.74 10.05
CA ARG O 155 -42.38 -29.88 10.81
C ARG O 155 -43.51 -30.60 10.09
N GLY O 156 -44.17 -29.93 9.14
CA GLY O 156 -45.25 -30.53 8.39
C GLY O 156 -46.64 -30.10 8.79
N GLY O 157 -46.76 -29.21 9.78
CA GLY O 157 -48.07 -28.76 10.21
C GLY O 157 -48.68 -27.75 9.26
N ARG O 158 -50.00 -27.82 9.12
CA ARG O 158 -50.72 -26.91 8.24
C ARG O 158 -50.88 -25.54 8.89
N ILE O 159 -50.92 -24.51 8.06
CA ILE O 159 -51.08 -23.13 8.51
C ILE O 159 -52.33 -22.56 7.85
N PHE O 160 -53.30 -22.18 8.67
CA PHE O 160 -54.57 -21.60 8.20
C PHE O 160 -54.59 -20.13 8.61
N LEU O 161 -54.15 -19.26 7.70
CA LEU O 161 -54.12 -17.83 7.97
C LEU O 161 -55.53 -17.26 7.91
N GLN O 162 -55.95 -16.59 8.99
CA GLN O 162 -57.27 -16.01 9.11
C GLN O 162 -57.16 -14.48 9.07
N ASP O 163 -58.23 -13.81 9.50
CA ASP O 163 -58.25 -12.36 9.50
C ASP O 163 -57.40 -11.81 10.64
N ILE O 164 -56.82 -10.64 10.43
CA ILE O 164 -56.01 -9.97 11.44
C ILE O 164 -56.85 -8.89 12.11
N LYS O 165 -56.97 -8.98 13.43
CA LYS O 165 -57.77 -8.02 14.17
C LYS O 165 -57.09 -6.65 14.22
N LYS O 166 -57.90 -5.61 14.34
CA LYS O 166 -57.41 -4.24 14.42
C LYS O 166 -57.29 -3.80 15.87
N PRO O 167 -56.41 -2.83 16.15
CA PRO O 167 -56.29 -2.32 17.52
C PRO O 167 -57.59 -1.67 17.97
N ASP O 168 -58.00 -1.98 19.20
CA ASP O 168 -59.24 -1.43 19.74
C ASP O 168 -59.13 0.06 20.04
N ARG O 169 -57.91 0.58 20.19
CA ARG O 169 -57.67 1.99 20.48
C ARG O 169 -56.95 2.61 19.29
N ASP O 170 -57.71 3.25 18.40
CA ASP O 170 -57.11 3.90 17.24
C ASP O 170 -56.28 5.10 17.66
N ASP O 171 -56.73 5.86 18.65
CA ASP O 171 -55.99 7.00 19.19
C ASP O 171 -55.26 6.53 20.44
N TRP O 172 -53.94 6.39 20.35
CA TRP O 172 -53.12 5.89 21.45
C TRP O 172 -52.80 6.97 22.48
N CYS O 173 -53.72 7.90 22.71
CA CYS O 173 -53.56 8.97 23.69
C CYS O 173 -52.27 9.75 23.46
N SER O 174 -51.21 9.36 24.14
CA SER O 174 -49.91 10.03 23.99
C SER O 174 -48.79 9.00 23.89
N GLY O 175 -47.85 9.05 24.83
CA GLY O 175 -46.73 8.12 24.82
C GLY O 175 -46.78 7.12 25.95
N LEU O 176 -47.19 7.57 27.15
CA LEU O 176 -47.25 6.68 28.29
C LEU O 176 -48.30 5.60 28.09
N ASN O 177 -49.46 5.97 27.57
CA ASN O 177 -50.50 4.97 27.30
C ASN O 177 -50.07 3.99 26.23
N ALA O 178 -49.36 4.47 25.21
CA ALA O 178 -48.85 3.57 24.18
C ALA O 178 -47.83 2.60 24.74
N MET O 179 -46.95 3.09 25.63
CA MET O 179 -45.97 2.20 26.26
C MET O 179 -46.64 1.17 27.15
N GLU O 180 -47.67 1.59 27.89
CA GLU O 180 -48.40 0.64 28.73
C GLU O 180 -49.12 -0.41 27.89
N SER O 181 -49.71 0.01 26.76
CA SER O 181 -50.37 -0.95 25.88
C SER O 181 -49.36 -1.93 25.28
N ALA O 182 -48.18 -1.43 24.90
CA ALA O 182 -47.14 -2.31 24.36
C ALA O 182 -46.66 -3.28 25.42
N LEU O 183 -46.53 -2.83 26.67
CA LEU O 183 -46.13 -3.72 27.75
C LEU O 183 -47.18 -4.79 28.01
N HIS O 184 -48.45 -4.41 28.00
CA HIS O 184 -49.52 -5.39 28.17
C HIS O 184 -49.53 -6.39 27.02
N LEU O 185 -49.29 -5.93 25.80
CA LEU O 185 -49.24 -6.83 24.65
C LEU O 185 -48.08 -7.80 24.77
N GLU O 186 -46.91 -7.32 25.21
CA GLU O 186 -45.77 -8.20 25.40
C GLU O 186 -46.02 -9.21 26.51
N LYS O 187 -46.71 -8.79 27.58
CA LYS O 187 -47.05 -9.74 28.64
C LYS O 187 -48.03 -10.79 28.13
N SER O 188 -48.98 -10.40 27.29
CA SER O 188 -49.91 -11.37 26.72
C SER O 188 -49.18 -12.35 25.80
N VAL O 189 -48.22 -11.85 25.01
CA VAL O 189 -47.44 -12.72 24.15
C VAL O 189 -46.61 -13.70 24.98
N ASN O 190 -46.03 -13.22 26.09
CA ASN O 190 -45.27 -14.10 26.96
C ASN O 190 -46.16 -15.16 27.60
N GLN O 191 -47.37 -14.78 28.01
CA GLN O 191 -48.30 -15.76 28.56
C GLN O 191 -48.70 -16.79 27.51
N SER O 192 -48.92 -16.36 26.28
CA SER O 192 -49.25 -17.30 25.21
C SER O 192 -48.08 -18.26 24.94
N LEU O 193 -46.85 -17.73 24.99
CA LEU O 193 -45.69 -18.60 24.80
C LEU O 193 -45.54 -19.60 25.93
N LEU O 194 -45.84 -19.17 27.17
CA LEU O 194 -45.79 -20.10 28.30
C LEU O 194 -46.85 -21.18 28.15
N GLU O 195 -48.05 -20.80 27.72
CA GLU O 195 -49.11 -21.79 27.49
C GLU O 195 -48.72 -22.77 26.38
N LEU O 196 -48.08 -22.26 25.32
CA LEU O 196 -47.63 -23.13 24.24
C LEU O 196 -46.55 -24.10 24.74
N HIS O 197 -45.63 -23.61 25.57
CA HIS O 197 -44.60 -24.49 26.12
C HIS O 197 -45.22 -25.55 27.01
N LYS O 198 -46.20 -25.18 27.83
CA LYS O 198 -46.86 -26.16 28.70
C LYS O 198 -47.61 -27.19 27.88
N LEU O 199 -48.29 -26.76 26.82
CA LEU O 199 -49.02 -27.70 25.97
C LEU O 199 -48.08 -28.64 25.23
N ALA O 200 -46.93 -28.13 24.78
CA ALA O 200 -45.96 -28.98 24.11
C ALA O 200 -45.31 -29.96 25.07
N THR O 201 -45.12 -29.56 26.34
CA THR O 201 -44.57 -30.46 27.33
C THR O 201 -45.58 -31.55 27.71
N ASP O 202 -46.85 -31.19 27.81
CA ASP O 202 -47.87 -32.16 28.17
C ASP O 202 -48.20 -33.10 27.02
N LYS O 203 -48.00 -32.65 25.78
CA LYS O 203 -48.30 -33.46 24.61
C LYS O 203 -47.05 -34.07 23.97
N ASN O 204 -45.96 -34.20 24.74
CA ASN O 204 -44.72 -34.81 24.26
C ASN O 204 -44.18 -34.09 23.03
N ASP O 205 -43.63 -32.89 23.24
CA ASP O 205 -43.05 -32.12 22.15
C ASP O 205 -41.88 -31.30 22.71
N PRO O 206 -40.73 -31.93 22.90
CA PRO O 206 -39.60 -31.20 23.50
C PRO O 206 -38.92 -30.24 22.54
N HIS O 207 -38.86 -30.58 21.25
CA HIS O 207 -38.14 -29.75 20.29
C HIS O 207 -38.81 -28.38 20.14
N LEU O 208 -40.12 -28.37 19.92
CA LEU O 208 -40.83 -27.11 19.69
C LEU O 208 -40.78 -26.22 20.92
N CYS O 209 -41.07 -26.79 22.11
CA CYS O 209 -41.05 -25.99 23.32
C CYS O 209 -39.66 -25.49 23.65
N ASP O 210 -38.64 -26.32 23.40
CA ASP O 210 -37.26 -25.88 23.63
C ASP O 210 -36.89 -24.73 22.70
N PHE O 211 -37.25 -24.85 21.41
CA PHE O 211 -36.95 -23.77 20.47
C PHE O 211 -37.69 -22.49 20.86
N ILE O 212 -38.93 -22.61 21.34
CA ILE O 212 -39.68 -21.43 21.75
C ILE O 212 -39.04 -20.78 22.96
N GLU O 213 -38.66 -21.57 23.96
CA GLU O 213 -38.09 -21.01 25.17
C GLU O 213 -36.65 -20.56 24.98
N THR O 214 -35.99 -20.97 23.90
CA THR O 214 -34.62 -20.56 23.66
C THR O 214 -34.52 -19.34 22.74
N TYR O 215 -35.16 -19.39 21.57
CA TYR O 215 -35.01 -18.36 20.55
C TYR O 215 -36.19 -17.40 20.49
N TYR O 216 -36.97 -17.28 21.56
CA TYR O 216 -38.10 -16.36 21.54
C TYR O 216 -38.33 -15.73 22.91
N LEU O 217 -38.24 -16.51 23.98
CA LEU O 217 -38.52 -15.98 25.32
C LEU O 217 -37.48 -14.95 25.74
N SER O 218 -36.23 -15.09 25.30
CA SER O 218 -35.20 -14.13 25.67
C SER O 218 -35.51 -12.76 25.08
N GLU O 219 -35.87 -12.71 23.80
CA GLU O 219 -36.23 -11.44 23.18
C GLU O 219 -37.48 -10.83 23.83
N GLN O 220 -38.43 -11.67 24.20
CA GLN O 220 -39.63 -11.18 24.88
C GLN O 220 -39.30 -10.57 26.23
N VAL O 221 -38.43 -11.23 27.00
CA VAL O 221 -38.02 -10.69 28.30
C VAL O 221 -37.27 -9.38 28.12
N LYS O 222 -36.38 -9.31 27.12
CA LYS O 222 -35.65 -8.08 26.86
C LYS O 222 -36.60 -6.94 26.48
N SER O 223 -37.59 -7.23 25.64
CA SER O 223 -38.55 -6.21 25.23
C SER O 223 -39.40 -5.75 26.43
N ILE O 224 -39.80 -6.69 27.29
CA ILE O 224 -40.58 -6.33 28.46
C ILE O 224 -39.75 -5.45 29.39
N LYS O 225 -38.47 -5.79 29.58
CA LYS O 225 -37.61 -4.98 30.44
C LYS O 225 -37.41 -3.58 29.86
N GLU O 226 -37.22 -3.49 28.54
CA GLU O 226 -37.04 -2.19 27.91
C GLU O 226 -38.30 -1.34 28.02
N LEU O 227 -39.47 -1.95 27.83
CA LEU O 227 -40.72 -1.21 27.95
C LEU O 227 -40.95 -0.77 29.39
N GLY O 228 -40.59 -1.61 30.36
CA GLY O 228 -40.70 -1.21 31.75
C GLY O 228 -39.78 -0.05 32.09
N ASP O 229 -38.55 -0.08 31.58
CA ASP O 229 -37.64 1.03 31.78
C ASP O 229 -38.17 2.31 31.15
N HIS O 230 -38.76 2.19 29.96
CA HIS O 230 -39.33 3.36 29.29
C HIS O 230 -40.51 3.92 30.08
N VAL O 231 -41.37 3.05 30.62
CA VAL O 231 -42.49 3.50 31.42
C VAL O 231 -42.01 4.18 32.69
N THR O 232 -40.98 3.61 33.33
CA THR O 232 -40.43 4.22 34.54
C THR O 232 -39.84 5.60 34.24
N ASN O 233 -39.14 5.72 33.11
CA ASN O 233 -38.58 7.02 32.73
C ASN O 233 -39.68 8.03 32.46
N LEU O 234 -40.74 7.62 31.75
CA LEU O 234 -41.82 8.54 31.45
C LEU O 234 -42.58 8.95 32.71
N ARG O 235 -42.66 8.06 33.71
CA ARG O 235 -43.33 8.39 34.95
C ARG O 235 -42.48 9.28 35.84
N LYS O 236 -41.16 9.09 35.85
CA LYS O 236 -40.29 9.90 36.68
C LYS O 236 -40.06 11.28 36.09
N MET O 237 -39.84 11.37 34.78
CA MET O 237 -39.58 12.66 34.14
C MET O 237 -40.83 13.52 34.13
N GLY O 238 -41.96 12.97 33.65
CA GLY O 238 -43.20 13.71 33.61
C GLY O 238 -43.89 13.65 32.27
N ALA O 239 -44.46 12.49 31.93
CA ALA O 239 -45.15 12.29 30.68
C ALA O 239 -46.42 11.49 30.93
N PRO O 240 -47.56 11.86 30.30
CA PRO O 240 -47.66 13.01 29.38
C PRO O 240 -48.02 14.31 30.11
N CYS O 241 -47.56 14.45 31.35
CA CYS O 241 -47.86 15.66 32.12
C CYS O 241 -47.10 16.87 31.60
N ALA O 242 -46.08 16.67 30.79
CA ALA O 242 -45.31 17.77 30.22
C ALA O 242 -44.65 17.30 28.94
N GLY O 243 -44.73 18.12 27.89
CA GLY O 243 -44.13 17.78 26.61
C GLY O 243 -42.62 17.81 26.60
N MET O 244 -41.99 18.36 27.64
CA MET O 244 -40.54 18.41 27.69
C MET O 244 -39.95 17.01 27.91
N ALA O 245 -40.60 16.21 28.76
CA ALA O 245 -40.10 14.87 29.04
C ALA O 245 -40.12 13.99 27.80
N GLU O 246 -41.21 14.06 27.02
CA GLU O 246 -41.29 13.27 25.80
C GLU O 246 -40.22 13.67 24.80
N TYR O 247 -40.00 14.98 24.63
CA TYR O 247 -38.98 15.45 23.71
C TYR O 247 -37.59 15.02 24.15
N LEU O 248 -37.31 15.09 25.45
CA LEU O 248 -35.99 14.69 25.94
C LEU O 248 -35.78 13.19 25.81
N PHE O 249 -36.81 12.40 26.08
CA PHE O 249 -36.70 10.95 25.90
C PHE O 249 -36.58 10.58 24.43
N ASP O 250 -37.14 11.40 23.54
CA ASP O 250 -36.99 11.16 22.11
C ASP O 250 -35.59 11.50 21.63
N LYS O 251 -35.03 12.61 22.12
CA LYS O 251 -33.73 13.08 21.66
C LYS O 251 -32.56 12.45 22.40
N HIS O 252 -32.80 11.74 23.50
CA HIS O 252 -31.73 11.11 24.28
C HIS O 252 -31.74 9.60 24.18
N THR O 253 -32.81 8.95 24.66
CA THR O 253 -32.88 7.49 24.67
C THR O 253 -32.96 6.93 23.25
N LEU O 254 -34.08 7.16 22.57
CA LEU O 254 -34.27 6.64 21.22
C LEU O 254 -33.58 7.49 20.16
N GLY O 255 -32.90 8.56 20.54
CA GLY O 255 -32.20 9.41 19.59
C GLY O 255 -30.87 8.85 19.16
N THR P 13 8.14 -51.01 -65.39
CA THR P 13 8.95 -51.53 -64.30
C THR P 13 10.25 -50.76 -64.16
N GLN P 14 10.38 -49.68 -64.93
CA GLN P 14 11.58 -48.86 -64.86
C GLN P 14 11.59 -47.95 -63.64
N ASP P 15 10.45 -47.31 -63.35
CA ASP P 15 10.38 -46.42 -62.20
C ASP P 15 10.52 -47.20 -60.89
N LEU P 16 9.96 -48.41 -60.83
CA LEU P 16 10.09 -49.23 -59.64
C LEU P 16 11.55 -49.61 -59.39
N ARG P 17 12.25 -50.04 -60.44
CA ARG P 17 13.66 -50.39 -60.29
C ARG P 17 14.50 -49.16 -59.93
N SER P 18 14.16 -48.00 -60.51
CA SER P 18 14.88 -46.78 -60.17
C SER P 18 14.68 -46.41 -58.71
N HIS P 19 13.46 -46.52 -58.19
CA HIS P 19 13.21 -46.23 -56.79
C HIS P 19 13.92 -47.24 -55.89
N LEU P 20 13.92 -48.51 -56.28
CA LEU P 20 14.59 -49.53 -55.46
C LEU P 20 16.09 -49.32 -55.42
N VAL P 21 16.68 -48.86 -56.54
CA VAL P 21 18.13 -48.64 -56.56
C VAL P 21 18.50 -47.30 -55.96
N HIS P 22 17.58 -46.35 -55.87
CA HIS P 22 17.85 -45.07 -55.23
C HIS P 22 17.57 -45.09 -53.72
N LYS P 23 16.76 -46.02 -53.24
CA LYS P 23 16.49 -46.09 -51.81
C LYS P 23 17.55 -46.88 -51.05
N LEU P 24 18.24 -47.81 -51.73
CA LEU P 24 19.23 -48.63 -51.03
C LEU P 24 20.48 -47.83 -50.67
N VAL P 25 20.86 -46.85 -51.50
CA VAL P 25 22.03 -46.04 -51.19
C VAL P 25 21.79 -45.19 -49.94
N GLN P 26 20.54 -44.92 -49.59
CA GLN P 26 20.22 -44.21 -48.36
C GLN P 26 19.94 -45.15 -47.20
N ALA P 27 19.38 -46.33 -47.47
CA ALA P 27 19.12 -47.28 -46.40
C ALA P 27 20.41 -47.91 -45.87
N ILE P 28 21.39 -48.14 -46.75
CA ILE P 28 22.65 -48.72 -46.31
C ILE P 28 23.47 -47.70 -45.53
N PHE P 29 23.85 -46.61 -46.20
CA PHE P 29 24.64 -45.55 -45.57
C PHE P 29 23.80 -44.29 -45.40
N PRO P 30 23.94 -43.60 -44.27
CA PRO P 30 23.16 -42.36 -44.06
C PRO P 30 23.59 -41.23 -44.98
N CYS P 31 24.42 -40.32 -44.47
CA CYS P 31 24.83 -39.16 -45.24
C CYS P 31 26.34 -38.99 -45.12
N PRO P 32 27.03 -38.72 -46.24
CA PRO P 32 28.48 -38.50 -46.18
C PRO P 32 28.84 -37.11 -45.68
N ASP P 33 30.10 -36.73 -45.86
CA ASP P 33 30.56 -35.40 -45.43
C ASP P 33 31.67 -34.94 -46.35
N PRO P 34 31.44 -33.90 -47.17
CA PRO P 34 32.47 -33.46 -48.12
C PRO P 34 33.63 -32.74 -47.45
N CYS P 35 33.33 -31.75 -46.61
CA CYS P 35 34.35 -30.92 -45.97
C CYS P 35 35.17 -31.68 -44.94
N ALA P 36 34.54 -32.59 -44.18
CA ALA P 36 35.27 -33.33 -43.17
C ALA P 36 36.16 -34.41 -43.79
N LEU P 37 35.60 -35.23 -44.66
CA LEU P 37 36.34 -36.31 -45.33
C LEU P 37 36.65 -35.89 -46.76
N LYS P 38 36.41 -36.81 -47.69
CA LYS P 38 36.65 -36.55 -49.11
C LYS P 38 35.36 -36.71 -49.91
N ASP P 39 35.40 -37.57 -50.93
CA ASP P 39 34.22 -37.81 -51.76
C ASP P 39 34.30 -39.17 -52.43
N ARG P 40 35.51 -39.75 -52.46
CA ARG P 40 35.68 -41.04 -53.12
C ARG P 40 35.07 -42.18 -52.31
N ARG P 41 34.84 -41.98 -51.01
CA ARG P 41 34.29 -43.05 -50.19
C ARG P 41 32.83 -43.33 -50.55
N MET P 42 32.03 -42.27 -50.72
CA MET P 42 30.64 -42.46 -51.15
C MET P 42 30.58 -43.06 -52.55
N GLU P 43 31.51 -42.67 -53.42
CA GLU P 43 31.55 -43.25 -54.76
C GLU P 43 31.87 -44.75 -54.70
N ASN P 44 32.84 -45.13 -53.88
CA ASN P 44 33.17 -46.55 -53.74
C ASN P 44 32.00 -47.31 -53.13
N LEU P 45 31.29 -46.70 -52.18
CA LEU P 45 30.16 -47.36 -51.55
C LEU P 45 29.03 -47.59 -52.54
N VAL P 46 28.69 -46.56 -53.34
CA VAL P 46 27.62 -46.73 -54.31
C VAL P 46 28.05 -47.68 -55.43
N ALA P 47 29.35 -47.72 -55.76
CA ALA P 47 29.82 -48.69 -56.74
C ALA P 47 29.69 -50.11 -56.22
N TYR P 48 30.06 -50.34 -54.95
CA TYR P 48 29.90 -51.66 -54.36
C TYR P 48 28.42 -52.04 -54.27
N ALA P 49 27.56 -51.08 -53.98
CA ALA P 49 26.12 -51.35 -53.94
C ALA P 49 25.59 -51.75 -55.32
N LYS P 50 26.00 -51.03 -56.36
CA LYS P 50 25.61 -51.40 -57.72
C LYS P 50 26.14 -52.79 -58.07
N LYS P 51 27.38 -53.09 -57.70
CA LYS P 51 27.96 -54.40 -58.00
C LYS P 51 27.18 -55.52 -57.31
N VAL P 52 26.86 -55.34 -56.04
CA VAL P 52 26.18 -56.41 -55.30
C VAL P 52 24.75 -56.56 -55.78
N GLU P 53 24.08 -55.45 -56.14
CA GLU P 53 22.72 -55.57 -56.64
C GLU P 53 22.70 -56.22 -58.03
N GLY P 54 23.72 -55.93 -58.86
CA GLY P 54 23.82 -56.62 -60.13
C GLY P 54 24.10 -58.10 -59.97
N ASP P 55 24.95 -58.45 -59.00
CA ASP P 55 25.23 -59.86 -58.75
C ASP P 55 23.99 -60.59 -58.24
N MET P 56 23.18 -59.92 -57.41
CA MET P 56 21.95 -60.52 -56.94
C MET P 56 20.90 -60.63 -58.04
N TYR P 57 20.89 -59.68 -58.97
CA TYR P 57 19.93 -59.74 -60.07
C TYR P 57 20.31 -60.82 -61.08
N GLU P 58 21.61 -60.99 -61.35
CA GLU P 58 22.05 -62.03 -62.27
C GLU P 58 21.84 -63.43 -61.72
N SER P 59 21.77 -63.57 -60.40
CA SER P 59 21.56 -64.86 -59.75
C SER P 59 20.22 -64.92 -59.03
N ALA P 60 19.13 -64.66 -59.76
CA ALA P 60 17.79 -64.67 -59.20
C ALA P 60 16.87 -65.54 -60.03
N ASN P 61 15.67 -65.81 -59.48
CA ASN P 61 14.69 -66.63 -60.16
C ASN P 61 13.52 -65.79 -60.64
N SER P 62 12.70 -65.30 -59.70
CA SER P 62 11.53 -64.51 -60.05
C SER P 62 11.70 -63.05 -59.61
N ARG P 63 10.66 -62.48 -59.02
CA ARG P 63 10.68 -61.08 -58.60
C ARG P 63 10.60 -60.91 -57.09
N ASP P 64 9.74 -61.67 -56.41
CA ASP P 64 9.59 -61.51 -54.97
C ASP P 64 10.79 -62.02 -54.20
N GLU P 65 11.36 -63.16 -54.63
CA GLU P 65 12.51 -63.70 -53.93
C GLU P 65 13.73 -62.79 -54.05
N TYR P 66 13.89 -62.13 -55.20
CA TYR P 66 15.00 -61.19 -55.35
C TYR P 66 14.84 -60.00 -54.41
N TYR P 67 13.63 -59.46 -54.29
CA TYR P 67 13.39 -58.37 -53.36
C TYR P 67 13.61 -58.80 -51.91
N HIS P 68 13.19 -60.02 -51.57
CA HIS P 68 13.41 -60.52 -50.22
C HIS P 68 14.90 -60.68 -49.93
N LEU P 69 15.66 -61.20 -50.89
CA LEU P 69 17.10 -61.35 -50.70
C LEU P 69 17.78 -59.99 -50.59
N LEU P 70 17.32 -59.01 -51.37
CA LEU P 70 17.89 -57.67 -51.27
C LEU P 70 17.61 -57.05 -49.92
N ALA P 71 16.38 -57.23 -49.40
CA ALA P 71 16.05 -56.72 -48.08
C ALA P 71 16.88 -57.40 -47.00
N GLU P 72 17.08 -58.71 -47.12
CA GLU P 72 17.91 -59.43 -46.16
C GLU P 72 19.35 -58.95 -46.21
N LYS P 73 19.86 -58.68 -47.41
CA LYS P 73 21.22 -58.16 -47.54
C LYS P 73 21.34 -56.77 -46.91
N ILE P 74 20.34 -55.92 -47.12
CA ILE P 74 20.34 -54.59 -46.52
C ILE P 74 20.33 -54.71 -45.00
N TYR P 75 19.50 -55.61 -44.46
CA TYR P 75 19.46 -55.82 -43.02
C TYR P 75 20.81 -56.30 -42.50
N LYS P 76 21.42 -57.26 -43.19
CA LYS P 76 22.71 -57.79 -42.74
C LYS P 76 23.80 -56.73 -42.78
N ILE P 77 23.75 -55.85 -43.79
CA ILE P 77 24.72 -54.76 -43.85
C ILE P 77 24.48 -53.77 -42.72
N GLN P 78 23.21 -53.48 -42.41
CA GLN P 78 22.89 -52.59 -41.30
C GLN P 78 23.16 -53.21 -39.94
N LYS P 79 23.37 -54.53 -39.88
CA LYS P 79 23.65 -55.17 -38.60
C LYS P 79 24.97 -54.68 -38.00
N GLU P 80 25.94 -54.32 -38.84
CA GLU P 80 27.22 -53.84 -38.32
C GLU P 80 27.17 -52.36 -38.01
N LEU P 81 26.79 -51.53 -38.99
CA LEU P 81 26.75 -50.08 -38.82
C LEU P 81 25.50 -49.71 -38.01
N GLU P 82 25.63 -49.85 -36.70
CA GLU P 82 24.56 -49.52 -35.76
C GLU P 82 24.93 -48.38 -34.83
N GLU P 83 26.17 -48.37 -34.32
CA GLU P 83 26.64 -47.34 -33.38
C GLU P 83 25.71 -47.24 -32.18
N LYS P 84 25.82 -48.18 -31.26
CA LYS P 84 24.96 -48.19 -30.08
C LYS P 84 25.28 -47.00 -29.18
N SER P 85 24.25 -46.52 -28.48
CA SER P 85 24.40 -45.38 -27.59
C SER P 85 25.13 -45.79 -26.31
N GLN P 86 25.93 -44.87 -25.78
CA GLN P 86 26.66 -45.13 -24.55
C GLN P 86 25.76 -45.11 -23.32
N VAL P 87 24.55 -44.54 -23.43
CA VAL P 87 23.62 -44.51 -22.32
C VAL P 87 22.72 -45.73 -22.27
N ARG P 88 22.82 -46.63 -23.26
CA ARG P 88 21.99 -47.82 -23.28
C ARG P 88 22.50 -48.82 -22.25
N GLN P 89 21.63 -49.20 -21.31
CA GLN P 89 21.97 -50.14 -20.26
C GLN P 89 20.77 -51.01 -19.96
N ASN P 90 20.90 -52.32 -20.21
CA ASN P 90 19.83 -53.29 -19.98
C ASN P 90 18.58 -52.90 -20.76
N TYR P 91 18.56 -53.21 -22.06
CA TYR P 91 17.41 -52.90 -22.90
C TYR P 91 17.40 -53.88 -24.07
N HIS P 92 16.28 -54.55 -24.27
CA HIS P 92 16.16 -55.55 -25.33
C HIS P 92 15.41 -54.99 -26.53
N GLN P 93 15.57 -55.64 -27.67
CA GLN P 93 14.90 -55.21 -28.89
C GLN P 93 13.39 -55.41 -28.81
N ASP P 94 12.94 -56.40 -28.04
CA ASP P 94 11.51 -56.59 -27.86
C ASP P 94 10.88 -55.39 -27.14
N ALA P 95 11.58 -54.84 -26.15
CA ALA P 95 11.11 -53.64 -25.49
C ALA P 95 11.04 -52.46 -26.45
N GLU P 96 12.02 -52.36 -27.35
CA GLU P 96 12.01 -51.30 -28.35
C GLU P 96 10.82 -51.44 -29.30
N ALA P 97 10.54 -52.67 -29.74
CA ALA P 97 9.39 -52.90 -30.61
C ALA P 97 8.09 -52.59 -29.88
N ALA P 98 8.00 -52.94 -28.60
CA ALA P 98 6.81 -52.64 -27.82
C ALA P 98 6.62 -51.14 -27.66
N ILE P 99 7.71 -50.41 -27.42
CA ILE P 99 7.62 -48.96 -27.29
C ILE P 99 7.21 -48.34 -28.63
N ASN P 100 7.72 -48.87 -29.74
CA ASN P 100 7.32 -48.36 -31.05
C ASN P 100 5.84 -48.61 -31.31
N ARG P 101 5.34 -49.80 -30.96
CA ARG P 101 3.92 -50.08 -31.14
C ARG P 101 3.07 -49.18 -30.24
N GLN P 102 3.54 -48.93 -29.02
CA GLN P 102 2.81 -48.03 -28.12
C GLN P 102 2.78 -46.61 -28.67
N ILE P 103 3.89 -46.16 -29.26
CA ILE P 103 3.93 -44.82 -29.85
C ILE P 103 2.98 -44.75 -31.04
N ASN P 104 2.95 -45.80 -31.87
CA ASN P 104 2.01 -45.82 -32.99
C ASN P 104 0.57 -45.78 -32.51
N LEU P 105 0.26 -46.53 -31.45
CA LEU P 105 -1.10 -46.52 -30.91
C LEU P 105 -1.45 -45.16 -30.32
N GLU P 106 -0.50 -44.50 -29.68
CA GLU P 106 -0.74 -43.17 -29.14
C GLU P 106 -1.00 -42.16 -30.26
N LEU P 107 -0.23 -42.27 -31.35
CA LEU P 107 -0.47 -41.39 -32.50
C LEU P 107 -1.83 -41.64 -33.11
N TYR P 108 -2.23 -42.92 -33.22
CA TYR P 108 -3.55 -43.24 -33.74
C TYR P 108 -4.65 -42.69 -32.84
N ALA P 109 -4.47 -42.80 -31.52
CA ALA P 109 -5.46 -42.27 -30.60
C ALA P 109 -5.55 -40.74 -30.69
N SER P 110 -4.41 -40.08 -30.84
CA SER P 110 -4.42 -38.63 -31.01
C SER P 110 -5.12 -38.23 -32.31
N TYR P 111 -4.90 -39.00 -33.38
CA TYR P 111 -5.58 -38.71 -34.64
C TYR P 111 -7.09 -38.91 -34.50
N VAL P 112 -7.50 -39.97 -33.82
CA VAL P 112 -8.93 -40.23 -33.62
C VAL P 112 -9.56 -39.12 -32.78
N TYR P 113 -8.86 -38.66 -31.74
CA TYR P 113 -9.40 -37.60 -30.90
C TYR P 113 -9.46 -36.28 -31.67
N LEU P 114 -8.48 -36.02 -32.54
CA LEU P 114 -8.54 -34.82 -33.37
C LEU P 114 -9.71 -34.88 -34.35
N SER P 115 -9.96 -36.06 -34.93
CA SER P 115 -11.10 -36.22 -35.81
C SER P 115 -12.41 -36.02 -35.07
N MET P 116 -12.49 -36.52 -33.83
CA MET P 116 -13.69 -36.33 -33.04
C MET P 116 -13.89 -34.85 -32.70
N SER P 117 -12.80 -34.15 -32.37
CA SER P 117 -12.91 -32.73 -32.07
C SER P 117 -13.33 -31.93 -33.29
N CYS P 118 -12.85 -32.32 -34.48
CA CYS P 118 -13.21 -31.64 -35.71
C CYS P 118 -14.55 -32.08 -36.28
N TYR P 119 -15.16 -33.13 -35.71
CA TYR P 119 -16.46 -33.59 -36.18
C TYR P 119 -17.60 -32.96 -35.38
N PHE P 120 -17.37 -32.56 -34.13
CA PHE P 120 -18.43 -32.01 -33.30
C PHE P 120 -18.54 -30.49 -33.39
N ASP P 121 -17.49 -29.80 -33.81
CA ASP P 121 -17.50 -28.34 -33.91
C ASP P 121 -18.09 -27.85 -35.22
N ARG P 122 -18.80 -28.70 -35.96
CA ARG P 122 -19.40 -28.32 -37.23
C ARG P 122 -20.73 -27.61 -36.97
N ASP P 123 -21.50 -27.38 -38.03
CA ASP P 123 -22.80 -26.72 -37.91
C ASP P 123 -23.94 -27.71 -37.69
N ASP P 124 -23.80 -28.94 -38.18
CA ASP P 124 -24.83 -29.96 -38.01
C ASP P 124 -24.78 -30.63 -36.65
N VAL P 125 -23.79 -30.30 -35.81
CA VAL P 125 -23.66 -30.86 -34.48
C VAL P 125 -23.89 -29.81 -33.40
N ALA P 126 -23.19 -28.68 -33.50
CA ALA P 126 -23.34 -27.55 -32.58
C ALA P 126 -23.08 -27.97 -31.13
N LEU P 127 -21.89 -28.54 -30.92
CA LEU P 127 -21.43 -28.97 -29.60
C LEU P 127 -20.01 -28.46 -29.42
N LYS P 128 -19.88 -27.25 -28.87
CA LYS P 128 -18.55 -26.65 -28.70
C LYS P 128 -17.83 -27.25 -27.49
N ASN P 129 -18.56 -27.60 -26.44
CA ASN P 129 -17.92 -28.16 -25.25
C ASN P 129 -17.37 -29.55 -25.53
N PHE P 130 -18.10 -30.36 -26.31
CA PHE P 130 -17.59 -31.66 -26.71
C PHE P 130 -16.32 -31.51 -27.55
N ALA P 131 -16.30 -30.54 -28.46
CA ALA P 131 -15.12 -30.31 -29.28
C ALA P 131 -13.94 -29.87 -28.42
N LYS P 132 -14.19 -29.00 -27.43
CA LYS P 132 -13.12 -28.56 -26.54
C LYS P 132 -12.58 -29.72 -25.71
N TYR P 133 -13.47 -30.58 -25.20
CA TYR P 133 -13.03 -31.73 -24.43
C TYR P 133 -12.22 -32.69 -25.28
N PHE P 134 -12.66 -32.93 -26.52
CA PHE P 134 -11.91 -33.82 -27.41
C PHE P 134 -10.56 -33.22 -27.77
N LEU P 135 -10.50 -31.91 -27.96
CA LEU P 135 -9.23 -31.26 -28.25
C LEU P 135 -8.28 -31.33 -27.05
N HIS P 136 -8.82 -31.18 -25.83
CA HIS P 136 -7.99 -31.32 -24.65
C HIS P 136 -7.47 -32.75 -24.51
N GLN P 137 -8.32 -33.74 -24.79
CA GLN P 137 -7.87 -35.13 -24.74
C GLN P 137 -6.81 -35.40 -25.79
N SER P 138 -6.96 -34.84 -26.99
CA SER P 138 -5.96 -35.01 -28.02
C SER P 138 -4.63 -34.37 -27.63
N HIS P 139 -4.70 -33.19 -26.99
CA HIS P 139 -3.48 -32.55 -26.52
C HIS P 139 -2.81 -33.37 -25.42
N GLU P 140 -3.60 -33.97 -24.53
CA GLU P 140 -3.03 -34.81 -23.48
C GLU P 140 -2.36 -36.05 -24.08
N GLU P 141 -3.01 -36.68 -25.07
CA GLU P 141 -2.41 -37.83 -25.70
C GLU P 141 -1.14 -37.45 -26.46
N ARG P 142 -1.13 -36.28 -27.09
CA ARG P 142 0.06 -35.82 -27.78
CA ARG P 142 0.06 -35.80 -27.78
C ARG P 142 1.21 -35.58 -26.80
N GLU P 143 0.91 -34.97 -25.66
CA GLU P 143 1.94 -34.75 -24.65
C GLU P 143 2.46 -36.07 -24.09
N HIS P 144 1.57 -37.04 -23.89
CA HIS P 144 2.00 -38.36 -23.41
C HIS P 144 2.89 -39.05 -24.43
N ALA P 145 2.54 -38.93 -25.72
CA ALA P 145 3.38 -39.52 -26.76
C ALA P 145 4.74 -38.85 -26.83
N GLU P 146 4.78 -37.52 -26.69
CA GLU P 146 6.04 -36.81 -26.69
C GLU P 146 6.89 -37.20 -25.48
N LYS P 147 6.26 -37.40 -24.32
CA LYS P 147 6.98 -37.82 -23.14
C LYS P 147 7.54 -39.24 -23.31
N LEU P 148 6.75 -40.13 -23.94
CA LEU P 148 7.25 -41.47 -24.23
C LEU P 148 8.44 -41.43 -25.18
N MET P 149 8.36 -40.58 -26.22
CA MET P 149 9.48 -40.45 -27.15
C MET P 149 10.71 -39.91 -26.46
N LYS P 150 10.54 -38.94 -25.56
CA LYS P 150 11.68 -38.39 -24.82
C LYS P 150 12.28 -39.44 -23.89
N LEU P 151 11.44 -40.24 -23.24
CA LEU P 151 11.94 -41.28 -22.36
C LEU P 151 12.69 -42.35 -23.15
N GLN P 152 12.21 -42.68 -24.35
CA GLN P 152 12.92 -43.65 -25.18
C GLN P 152 14.24 -43.08 -25.67
N ASN P 153 14.27 -41.77 -25.99
CA ASN P 153 15.52 -41.15 -26.42
C ASN P 153 16.53 -41.07 -25.28
N GLN P 154 16.06 -40.90 -24.04
CA GLN P 154 16.98 -40.85 -22.91
C GLN P 154 17.60 -42.21 -22.63
N ARG P 155 16.84 -43.29 -22.86
CA ARG P 155 17.37 -44.62 -22.63
C ARG P 155 18.31 -45.07 -23.75
N GLY P 156 18.23 -44.46 -24.92
CA GLY P 156 19.08 -44.81 -26.04
C GLY P 156 18.44 -45.65 -27.12
N GLY P 157 17.14 -45.97 -26.98
CA GLY P 157 16.47 -46.77 -27.99
C GLY P 157 16.10 -45.96 -29.21
N ARG P 158 16.18 -46.62 -30.37
CA ARG P 158 15.84 -45.97 -31.63
C ARG P 158 14.34 -45.87 -31.80
N ILE P 159 13.91 -44.82 -32.50
CA ILE P 159 12.50 -44.57 -32.78
C ILE P 159 12.32 -44.52 -34.29
N PHE P 160 11.51 -45.43 -34.81
CA PHE P 160 11.21 -45.52 -36.25
C PHE P 160 9.75 -45.12 -36.44
N LEU P 161 9.53 -43.84 -36.74
CA LEU P 161 8.18 -43.34 -36.96
C LEU P 161 7.66 -43.80 -38.31
N GLN P 162 6.50 -44.45 -38.31
CA GLN P 162 5.88 -44.98 -39.51
C GLN P 162 4.61 -44.18 -39.84
N ASP P 163 3.77 -44.73 -40.70
CA ASP P 163 2.55 -44.06 -41.09
C ASP P 163 1.52 -44.13 -39.97
N ILE P 164 0.67 -43.11 -39.90
CA ILE P 164 -0.40 -43.05 -38.90
C ILE P 164 -1.71 -43.48 -39.56
N LYS P 165 -2.35 -44.50 -39.00
CA LYS P 165 -3.59 -44.99 -39.56
C LYS P 165 -4.73 -44.01 -39.32
N LYS P 166 -5.72 -44.04 -40.22
CA LYS P 166 -6.88 -43.18 -40.12
C LYS P 166 -8.04 -43.91 -39.43
N PRO P 167 -8.96 -43.17 -38.81
CA PRO P 167 -10.12 -43.83 -38.19
C PRO P 167 -10.98 -44.52 -39.23
N ASP P 168 -11.39 -45.75 -38.90
CA ASP P 168 -12.21 -46.53 -39.82
C ASP P 168 -13.62 -45.98 -39.97
N ARG P 169 -14.07 -45.19 -39.01
CA ARG P 169 -15.40 -44.59 -39.03
C ARG P 169 -15.25 -43.08 -39.17
N ASP P 170 -15.35 -42.57 -40.40
CA ASP P 170 -15.25 -41.14 -40.61
C ASP P 170 -16.45 -40.40 -40.03
N ASP P 171 -17.64 -40.98 -40.12
CA ASP P 171 -18.85 -40.41 -39.54
C ASP P 171 -19.10 -41.11 -38.20
N TRP P 172 -18.86 -40.39 -37.11
CA TRP P 172 -18.99 -40.94 -35.76
C TRP P 172 -20.44 -40.99 -35.28
N CYS P 173 -21.39 -41.21 -36.18
CA CYS P 173 -22.81 -41.29 -35.85
C CYS P 173 -23.29 -40.06 -35.08
N SER P 174 -23.26 -40.14 -33.76
CA SER P 174 -23.69 -39.02 -32.92
C SER P 174 -22.72 -38.82 -31.76
N GLY P 175 -23.21 -38.93 -30.54
CA GLY P 175 -22.38 -38.77 -29.36
C GLY P 175 -22.15 -40.05 -28.60
N LEU P 176 -23.18 -40.89 -28.49
CA LEU P 176 -23.04 -42.14 -27.75
C LEU P 176 -22.08 -43.08 -28.45
N ASN P 177 -22.16 -43.18 -29.78
CA ASN P 177 -21.24 -44.02 -30.52
C ASN P 177 -19.82 -43.51 -30.41
N ALA P 178 -19.64 -42.18 -30.44
CA ALA P 178 -18.29 -41.62 -30.28
C ALA P 178 -17.73 -41.91 -28.90
N MET P 179 -18.58 -41.82 -27.86
CA MET P 179 -18.12 -42.15 -26.51
C MET P 179 -17.77 -43.62 -26.38
N GLU P 180 -18.56 -44.49 -27.00
CA GLU P 180 -18.25 -45.93 -26.96
C GLU P 180 -16.94 -46.23 -27.69
N SER P 181 -16.72 -45.56 -28.84
CA SER P 181 -15.47 -45.76 -29.57
C SER P 181 -14.28 -45.26 -28.75
N ALA P 182 -14.44 -44.12 -28.08
CA ALA P 182 -13.36 -43.60 -27.24
C ALA P 182 -13.08 -44.53 -26.07
N LEU P 183 -14.13 -45.11 -25.48
CA LEU P 183 -13.93 -46.06 -24.39
C LEU P 183 -13.22 -47.32 -24.87
N HIS P 184 -13.60 -47.83 -26.05
CA HIS P 184 -12.92 -48.99 -26.61
C HIS P 184 -11.46 -48.67 -26.91
N LEU P 185 -11.18 -47.47 -27.42
CA LEU P 185 -9.81 -47.07 -27.69
C LEU P 185 -9.00 -46.98 -26.41
N GLU P 186 -9.58 -46.43 -25.35
CA GLU P 186 -8.88 -46.36 -24.07
C GLU P 186 -8.64 -47.74 -23.48
N LYS P 187 -9.60 -48.66 -23.66
CA LYS P 187 -9.39 -50.03 -23.19
C LYS P 187 -8.28 -50.70 -23.98
N SER P 188 -8.20 -50.46 -25.29
CA SER P 188 -7.12 -51.02 -26.09
C SER P 188 -5.77 -50.45 -25.67
N VAL P 189 -5.72 -49.14 -25.37
CA VAL P 189 -4.48 -48.53 -24.90
C VAL P 189 -4.07 -49.12 -23.56
N ASN P 190 -5.04 -49.35 -22.66
CA ASN P 190 -4.73 -49.96 -21.37
C ASN P 190 -4.22 -51.39 -21.55
N GLN P 191 -4.82 -52.14 -22.47
CA GLN P 191 -4.33 -53.50 -22.73
C GLN P 191 -2.91 -53.48 -23.29
N SER P 192 -2.63 -52.53 -24.18
CA SER P 192 -1.28 -52.41 -24.73
C SER P 192 -0.28 -52.04 -23.64
N LEU P 193 -0.68 -51.16 -22.71
CA LEU P 193 0.20 -50.80 -21.61
C LEU P 193 0.44 -51.99 -20.68
N LEU P 194 -0.59 -52.80 -20.44
CA LEU P 194 -0.41 -54.00 -19.63
C LEU P 194 0.53 -54.99 -20.31
N GLU P 195 0.39 -55.17 -21.62
CA GLU P 195 1.29 -56.04 -22.36
C GLU P 195 2.73 -55.52 -22.31
N LEU P 196 2.90 -54.20 -22.42
CA LEU P 196 4.23 -53.61 -22.33
C LEU P 196 4.83 -53.84 -20.94
N HIS P 197 4.02 -53.67 -19.90
CA HIS P 197 4.51 -53.92 -18.54
C HIS P 197 4.90 -55.38 -18.36
N LYS P 198 4.10 -56.30 -18.88
CA LYS P 198 4.43 -57.72 -18.76
C LYS P 198 5.70 -58.05 -19.52
N LEU P 199 5.88 -57.48 -20.71
CA LEU P 199 7.09 -57.73 -21.49
C LEU P 199 8.32 -57.15 -20.81
N ALA P 200 8.19 -55.97 -20.20
CA ALA P 200 9.31 -55.38 -19.49
C ALA P 200 9.65 -56.16 -18.22
N THR P 201 8.64 -56.74 -17.57
CA THR P 201 8.90 -57.57 -16.39
C THR P 201 9.56 -58.89 -16.77
N ASP P 202 9.14 -59.48 -17.89
CA ASP P 202 9.73 -60.74 -18.32
C ASP P 202 11.12 -60.57 -18.90
N LYS P 203 11.42 -59.39 -19.46
CA LYS P 203 12.71 -59.12 -20.05
C LYS P 203 13.62 -58.28 -19.16
N ASN P 204 13.38 -58.29 -17.84
CA ASN P 204 14.20 -57.57 -16.87
C ASN P 204 14.28 -56.08 -17.19
N ASP P 205 13.19 -55.37 -16.95
CA ASP P 205 13.14 -53.91 -17.18
C ASP P 205 12.21 -53.30 -16.15
N PRO P 206 12.70 -53.09 -14.91
CA PRO P 206 11.81 -52.55 -13.88
C PRO P 206 11.55 -51.07 -14.01
N HIS P 207 12.53 -50.30 -14.50
CA HIS P 207 12.38 -48.85 -14.57
C HIS P 207 11.27 -48.46 -15.55
N LEU P 208 11.32 -49.01 -16.76
CA LEU P 208 10.34 -48.65 -17.79
C LEU P 208 8.94 -49.05 -17.38
N CYS P 209 8.77 -50.30 -16.91
CA CYS P 209 7.45 -50.76 -16.52
C CYS P 209 6.91 -49.99 -15.33
N ASP P 210 7.79 -49.66 -14.37
CA ASP P 210 7.37 -48.86 -13.22
C ASP P 210 6.92 -47.47 -13.65
N PHE P 211 7.69 -46.82 -14.55
CA PHE P 211 7.30 -45.51 -15.02
C PHE P 211 5.97 -45.57 -15.78
N ILE P 212 5.76 -46.63 -16.56
CA ILE P 212 4.51 -46.76 -17.31
C ILE P 212 3.34 -46.95 -16.35
N GLU P 213 3.50 -47.82 -15.35
CA GLU P 213 2.40 -48.08 -14.43
C GLU P 213 2.18 -46.96 -13.44
N THR P 214 3.15 -46.04 -13.29
CA THR P 214 2.99 -44.94 -12.37
C THR P 214 2.47 -43.67 -13.04
N TYR P 215 3.10 -43.23 -14.13
CA TYR P 215 2.79 -41.95 -14.75
C TYR P 215 1.96 -42.08 -16.03
N TYR P 216 1.25 -43.21 -16.19
CA TYR P 216 0.43 -43.37 -17.39
C TYR P 216 -0.85 -44.14 -17.08
N LEU P 217 -0.76 -45.21 -16.29
CA LEU P 217 -1.93 -46.03 -16.02
C LEU P 217 -2.99 -45.28 -15.22
N SER P 218 -2.57 -44.37 -14.34
CA SER P 218 -3.53 -43.60 -13.55
C SER P 218 -4.39 -42.72 -14.44
N GLU P 219 -3.76 -42.01 -15.37
CA GLU P 219 -4.51 -41.17 -16.30
C GLU P 219 -5.43 -42.01 -17.19
N GLN P 220 -4.96 -43.19 -17.60
CA GLN P 220 -5.81 -44.07 -18.40
C GLN P 220 -7.02 -44.54 -17.63
N VAL P 221 -6.84 -44.91 -16.36
CA VAL P 221 -7.97 -45.34 -15.53
C VAL P 221 -8.94 -44.19 -15.33
N LYS P 222 -8.42 -42.98 -15.09
CA LYS P 222 -9.29 -41.82 -14.91
C LYS P 222 -10.09 -41.54 -16.18
N SER P 223 -9.44 -41.62 -17.35
CA SER P 223 -10.13 -41.38 -18.61
C SER P 223 -11.20 -42.46 -18.86
N ILE P 224 -10.89 -43.71 -18.55
CA ILE P 224 -11.86 -44.78 -18.73
C ILE P 224 -13.06 -44.56 -17.81
N LYS P 225 -12.81 -44.16 -16.56
CA LYS P 225 -13.91 -43.91 -15.64
C LYS P 225 -14.76 -42.73 -16.10
N GLU P 226 -14.13 -41.67 -16.60
CA GLU P 226 -14.88 -40.52 -17.10
C GLU P 226 -15.72 -40.88 -18.32
N LEU P 227 -15.15 -41.67 -19.24
CA LEU P 227 -15.91 -42.08 -20.42
C LEU P 227 -17.06 -43.00 -20.03
N GLY P 228 -16.85 -43.88 -19.04
CA GLY P 228 -17.94 -44.72 -18.56
C GLY P 228 -19.06 -43.90 -17.94
N ASP P 229 -18.70 -42.90 -17.14
CA ASP P 229 -19.70 -42.01 -16.57
C ASP P 229 -20.47 -41.26 -17.66
N HIS P 230 -19.76 -40.81 -18.69
CA HIS P 230 -20.41 -40.10 -19.79
C HIS P 230 -21.36 -41.03 -20.54
N VAL P 231 -20.96 -42.27 -20.78
CA VAL P 231 -21.82 -43.23 -21.45
C VAL P 231 -23.05 -43.53 -20.61
N THR P 232 -22.86 -43.68 -19.29
CA THR P 232 -24.00 -43.94 -18.41
C THR P 232 -24.97 -42.76 -18.42
N ASN P 233 -24.44 -41.53 -18.40
CA ASN P 233 -25.30 -40.36 -18.45
C ASN P 233 -26.06 -40.28 -19.76
N LEU P 234 -25.38 -40.56 -20.88
CA LEU P 234 -26.05 -40.51 -22.17
C LEU P 234 -27.11 -41.61 -22.31
N ARG P 235 -26.89 -42.75 -21.66
CA ARG P 235 -27.88 -43.82 -21.72
C ARG P 235 -29.06 -43.57 -20.80
N LYS P 236 -28.83 -42.93 -19.64
CA LYS P 236 -29.93 -42.67 -18.73
C LYS P 236 -30.77 -41.47 -19.17
N MET P 237 -30.12 -40.41 -19.64
CA MET P 237 -30.86 -39.22 -20.07
C MET P 237 -31.64 -39.47 -21.35
N GLY P 238 -30.97 -40.02 -22.37
CA GLY P 238 -31.63 -40.31 -23.63
C GLY P 238 -30.88 -39.78 -24.83
N ALA P 239 -29.76 -40.41 -25.17
CA ALA P 239 -28.95 -40.01 -26.31
C ALA P 239 -28.47 -41.26 -27.04
N PRO P 240 -28.50 -41.25 -28.38
CA PRO P 240 -28.99 -40.13 -29.22
C PRO P 240 -30.48 -40.22 -29.50
N CYS P 241 -31.25 -40.76 -28.56
CA CYS P 241 -32.69 -40.88 -28.75
C CYS P 241 -33.41 -39.54 -28.68
N ALA P 242 -32.75 -38.51 -28.15
CA ALA P 242 -33.34 -37.18 -28.06
C ALA P 242 -32.21 -36.15 -28.01
N GLY P 243 -32.35 -35.09 -28.79
CA GLY P 243 -31.35 -34.04 -28.82
C GLY P 243 -31.29 -33.19 -27.56
N MET P 244 -32.29 -33.32 -26.68
CA MET P 244 -32.29 -32.54 -25.44
C MET P 244 -31.20 -33.03 -24.49
N ALA P 245 -31.01 -34.35 -24.42
CA ALA P 245 -30.01 -34.90 -23.50
C ALA P 245 -28.60 -34.48 -23.91
N GLU P 246 -28.30 -34.49 -25.21
CA GLU P 246 -26.98 -34.07 -25.66
C GLU P 246 -26.74 -32.59 -25.34
N TYR P 247 -27.74 -31.74 -25.57
CA TYR P 247 -27.59 -30.32 -25.29
C TYR P 247 -27.39 -30.08 -23.80
N LEU P 248 -28.14 -30.79 -22.95
CA LEU P 248 -28.00 -30.60 -21.51
C LEU P 248 -26.66 -31.11 -21.01
N PHE P 249 -26.18 -32.24 -21.54
CA PHE P 249 -24.87 -32.73 -21.17
C PHE P 249 -23.76 -31.82 -21.67
N ASP P 250 -23.99 -31.11 -22.78
CA ASP P 250 -23.01 -30.16 -23.28
C ASP P 250 -22.98 -28.91 -22.42
N LYS P 251 -24.15 -28.42 -22.00
CA LYS P 251 -24.25 -27.17 -21.25
C LYS P 251 -24.06 -27.35 -19.76
N HIS P 252 -24.05 -28.58 -19.25
CA HIS P 252 -23.89 -28.83 -17.82
C HIS P 252 -22.56 -29.49 -17.49
N THR P 253 -22.33 -30.70 -17.99
CA THR P 253 -21.10 -31.44 -17.66
C THR P 253 -19.88 -30.77 -18.26
N LEU P 254 -19.76 -30.79 -19.59
CA LEU P 254 -18.61 -30.20 -20.27
C LEU P 254 -18.72 -28.69 -20.41
N GLY P 255 -19.79 -28.08 -19.93
CA GLY P 255 -19.96 -26.64 -20.03
C GLY P 255 -19.20 -25.88 -18.97
N THR Q 13 -28.17 -3.51 78.35
CA THR Q 13 -29.28 -3.81 77.46
C THR Q 13 -29.83 -2.54 76.82
N GLN Q 14 -29.15 -1.42 77.07
CA GLN Q 14 -29.60 -0.14 76.51
C GLN Q 14 -29.21 -0.02 75.04
N ASP Q 15 -27.98 -0.39 74.69
CA ASP Q 15 -27.54 -0.30 73.30
C ASP Q 15 -28.33 -1.26 72.41
N LEU Q 16 -28.65 -2.45 72.92
CA LEU Q 16 -29.43 -3.40 72.14
C LEU Q 16 -30.83 -2.87 71.86
N ARG Q 17 -31.48 -2.31 72.88
CA ARG Q 17 -32.81 -1.73 72.68
C ARG Q 17 -32.75 -0.53 71.74
N SER Q 18 -31.70 0.28 71.85
CA SER Q 18 -31.55 1.43 70.95
C SER Q 18 -31.39 0.97 69.50
N HIS Q 19 -30.57 -0.06 69.28
CA HIS Q 19 -30.41 -0.58 67.92
C HIS Q 19 -31.71 -1.19 67.39
N LEU Q 20 -32.45 -1.90 68.26
CA LEU Q 20 -33.71 -2.50 67.83
C LEU Q 20 -34.75 -1.44 67.49
N VAL Q 21 -34.76 -0.32 68.23
CA VAL Q 21 -35.74 0.72 67.95
C VAL Q 21 -35.28 1.63 66.81
N HIS Q 22 -33.99 1.66 66.49
CA HIS Q 22 -33.51 2.44 65.35
C HIS Q 22 -33.53 1.67 64.04
N LYS Q 23 -33.55 0.33 64.10
CA LYS Q 23 -33.59 -0.45 62.86
C LYS Q 23 -35.01 -0.64 62.35
N LEU Q 24 -36.02 -0.57 63.23
CA LEU Q 24 -37.39 -0.80 62.79
C LEU Q 24 -37.92 0.37 61.96
N VAL Q 25 -37.48 1.60 62.25
CA VAL Q 25 -37.93 2.75 61.48
C VAL Q 25 -37.41 2.69 60.05
N GLN Q 26 -36.33 1.95 59.80
CA GLN Q 26 -35.82 1.75 58.45
C GLN Q 26 -36.35 0.47 57.81
N ALA Q 27 -36.61 -0.56 58.62
CA ALA Q 27 -37.15 -1.80 58.06
C ALA Q 27 -38.61 -1.64 57.64
N ILE Q 28 -39.38 -0.84 58.39
CA ILE Q 28 -40.80 -0.63 58.04
C ILE Q 28 -40.91 0.26 56.81
N PHE Q 29 -40.42 1.49 56.92
CA PHE Q 29 -40.48 2.45 55.82
C PHE Q 29 -39.08 2.72 55.29
N PRO Q 30 -38.92 2.82 53.96
CA PRO Q 30 -37.58 3.09 53.40
C PRO Q 30 -37.09 4.49 53.71
N CYS Q 31 -37.24 5.42 52.76
CA CYS Q 31 -36.74 6.77 52.93
C CYS Q 31 -37.82 7.78 52.54
N PRO Q 32 -38.02 8.82 53.34
CA PRO Q 32 -39.02 9.84 52.99
C PRO Q 32 -38.51 10.81 51.94
N ASP Q 33 -39.22 11.92 51.75
CA ASP Q 33 -38.83 12.93 50.77
C ASP Q 33 -39.26 14.31 51.25
N PRO Q 34 -38.33 15.19 51.62
CA PRO Q 34 -38.72 16.50 52.15
C PRO Q 34 -39.26 17.45 51.09
N CYS Q 35 -38.54 17.60 49.97
CA CYS Q 35 -38.91 18.53 48.92
C CYS Q 35 -40.17 18.10 48.17
N ALA Q 36 -40.35 16.80 47.93
CA ALA Q 36 -41.52 16.34 47.21
C ALA Q 36 -42.78 16.41 48.06
N LEU Q 37 -42.74 15.85 49.27
CA LEU Q 37 -43.88 15.84 50.19
C LEU Q 37 -43.65 16.88 51.27
N LYS Q 38 -43.89 16.49 52.52
CA LYS Q 38 -43.70 17.38 53.66
C LYS Q 38 -42.69 16.79 54.64
N ASP Q 39 -43.10 16.64 55.90
CA ASP Q 39 -42.21 16.09 56.92
C ASP Q 39 -43.02 15.48 58.06
N ARG Q 40 -44.30 15.84 58.15
CA ARG Q 40 -45.14 15.33 59.23
C ARG Q 40 -45.49 13.85 59.04
N ARG Q 41 -45.38 13.33 57.82
CA ARG Q 41 -45.72 11.93 57.59
C ARG Q 41 -44.71 11.00 58.23
N MET Q 42 -43.42 11.29 58.09
CA MET Q 42 -42.41 10.47 58.74
C MET Q 42 -42.52 10.58 60.26
N GLU Q 43 -42.88 11.77 60.77
CA GLU Q 43 -43.07 11.93 62.20
C GLU Q 43 -44.24 11.10 62.70
N ASN Q 44 -45.35 11.11 61.97
CA ASN Q 44 -46.49 10.29 62.36
C ASN Q 44 -46.15 8.80 62.28
N LEU Q 45 -45.36 8.41 61.28
CA LEU Q 45 -44.99 7.01 61.13
C LEU Q 45 -44.11 6.56 62.29
N VAL Q 46 -43.11 7.36 62.66
CA VAL Q 46 -42.23 6.97 63.76
C VAL Q 46 -42.99 7.03 65.08
N ALA Q 47 -43.96 7.94 65.20
CA ALA Q 47 -44.78 7.97 66.42
C ALA Q 47 -45.64 6.71 66.52
N TYR Q 48 -46.25 6.28 65.42
CA TYR Q 48 -47.03 5.05 65.44
C TYR Q 48 -46.14 3.84 65.72
N ALA Q 49 -44.91 3.85 65.20
CA ALA Q 49 -43.97 2.77 65.49
C ALA Q 49 -43.62 2.71 66.97
N LYS Q 50 -43.34 3.88 67.57
CA LYS Q 50 -43.06 3.92 69.00
C LYS Q 50 -44.27 3.45 69.80
N LYS Q 51 -45.47 3.86 69.39
CA LYS Q 51 -46.68 3.44 70.11
C LYS Q 51 -46.87 1.94 70.04
N VAL Q 52 -46.70 1.34 68.86
CA VAL Q 52 -46.94 -0.09 68.73
C VAL Q 52 -45.85 -0.89 69.43
N GLU Q 53 -44.60 -0.40 69.42
CA GLU Q 53 -43.55 -1.12 70.12
C GLU Q 53 -43.73 -1.02 71.64
N GLY Q 54 -44.21 0.13 72.12
CA GLY Q 54 -44.53 0.23 73.53
C GLY Q 54 -45.69 -0.66 73.94
N ASP Q 55 -46.70 -0.76 73.08
CA ASP Q 55 -47.83 -1.65 73.37
C ASP Q 55 -47.39 -3.10 73.37
N MET Q 56 -46.47 -3.48 72.48
CA MET Q 56 -45.96 -4.84 72.47
C MET Q 56 -45.06 -5.11 73.66
N TYR Q 57 -44.33 -4.10 74.14
CA TYR Q 57 -43.47 -4.30 75.30
C TYR Q 57 -44.27 -4.40 76.58
N GLU Q 58 -45.34 -3.60 76.69
CA GLU Q 58 -46.19 -3.66 77.88
C GLU Q 58 -46.97 -4.97 77.97
N SER Q 59 -47.20 -5.64 76.84
CA SER Q 59 -47.92 -6.90 76.80
C SER Q 59 -47.02 -8.05 76.37
N ALA Q 60 -45.92 -8.26 77.09
CA ALA Q 60 -44.96 -9.30 76.78
C ALA Q 60 -44.67 -10.14 78.02
N ASN Q 61 -44.00 -11.28 77.81
CA ASN Q 61 -43.63 -12.17 78.90
C ASN Q 61 -42.14 -12.13 79.16
N SER Q 62 -41.35 -12.68 78.24
CA SER Q 62 -39.90 -12.71 78.40
C SER Q 62 -39.20 -11.80 77.39
N ARG Q 63 -38.13 -12.29 76.78
CA ARG Q 63 -37.35 -11.50 75.85
C ARG Q 63 -37.39 -12.03 74.43
N ASP Q 64 -37.30 -13.34 74.24
CA ASP Q 64 -37.29 -13.91 72.90
C ASP Q 64 -38.65 -13.83 72.22
N GLU Q 65 -39.72 -14.07 72.98
CA GLU Q 65 -41.06 -14.01 72.39
C GLU Q 65 -41.43 -12.59 71.97
N TYR Q 66 -40.98 -11.58 72.71
CA TYR Q 66 -41.22 -10.20 72.32
C TYR Q 66 -40.51 -9.88 71.01
N TYR Q 67 -39.25 -10.31 70.87
CA TYR Q 67 -38.53 -10.08 69.63
C TYR Q 67 -39.18 -10.81 68.47
N HIS Q 68 -39.66 -12.04 68.70
CA HIS Q 68 -40.34 -12.78 67.64
C HIS Q 68 -41.63 -12.09 67.22
N LEU Q 69 -42.40 -11.59 68.19
CA LEU Q 69 -43.63 -10.88 67.87
C LEU Q 69 -43.34 -9.58 67.13
N LEU Q 70 -42.26 -8.88 67.50
CA LEU Q 70 -41.89 -7.67 66.80
C LEU Q 70 -41.49 -7.96 65.37
N ALA Q 71 -40.72 -9.04 65.16
CA ALA Q 71 -40.34 -9.42 63.80
C ALA Q 71 -41.56 -9.80 62.97
N GLU Q 72 -42.51 -10.52 63.58
CA GLU Q 72 -43.74 -10.89 62.87
C GLU Q 72 -44.55 -9.65 62.52
N LYS Q 73 -44.60 -8.67 63.42
CA LYS Q 73 -45.32 -7.44 63.13
C LYS Q 73 -44.64 -6.67 61.99
N ILE Q 74 -43.32 -6.62 61.99
CA ILE Q 74 -42.59 -5.96 60.90
C ILE Q 74 -42.87 -6.65 59.58
N TYR Q 75 -42.86 -7.99 59.58
CA TYR Q 75 -43.17 -8.73 58.36
C TYR Q 75 -44.59 -8.43 57.88
N LYS Q 76 -45.57 -8.43 58.80
CA LYS Q 76 -46.95 -8.18 58.41
C LYS Q 76 -47.13 -6.77 57.88
N ILE Q 77 -46.40 -5.80 58.43
CA ILE Q 77 -46.47 -4.44 57.91
C ILE Q 77 -45.83 -4.37 56.53
N GLN Q 78 -44.72 -5.07 56.32
CA GLN Q 78 -44.09 -5.11 55.02
C GLN Q 78 -44.87 -5.91 53.99
N LYS Q 79 -45.86 -6.70 54.43
CA LYS Q 79 -46.67 -7.47 53.48
C LYS Q 79 -47.46 -6.57 52.55
N GLU Q 80 -47.88 -5.39 53.03
CA GLU Q 80 -48.65 -4.48 52.18
C GLU Q 80 -47.74 -3.63 51.31
N LEU Q 81 -46.81 -2.91 51.93
CA LEU Q 81 -45.89 -2.02 51.20
C LEU Q 81 -44.81 -2.85 50.51
N GLU Q 82 -45.20 -3.41 49.36
CA GLU Q 82 -44.30 -4.21 48.53
C GLU Q 82 -44.02 -3.57 47.18
N GLU Q 83 -45.04 -3.01 46.53
CA GLU Q 83 -44.91 -2.39 45.21
C GLU Q 83 -44.31 -3.38 44.22
N LYS Q 84 -45.11 -4.32 43.74
CA LYS Q 84 -44.63 -5.33 42.80
C LYS Q 84 -44.27 -4.69 41.46
N SER Q 85 -43.27 -5.27 40.79
CA SER Q 85 -42.83 -4.75 39.51
C SER Q 85 -43.83 -5.09 38.41
N GLN Q 86 -43.95 -4.19 37.44
CA GLN Q 86 -44.87 -4.41 36.33
C GLN Q 86 -44.33 -5.44 35.34
N VAL Q 87 -43.04 -5.75 35.39
CA VAL Q 87 -42.45 -6.75 34.50
C VAL Q 87 -42.52 -8.15 35.08
N ARG Q 88 -42.99 -8.31 36.31
CA ARG Q 88 -43.10 -9.62 36.93
C ARG Q 88 -44.25 -10.40 36.32
N GLN Q 89 -43.95 -11.57 35.75
CA GLN Q 89 -44.96 -12.41 35.13
C GLN Q 89 -44.60 -13.86 35.38
N ASN Q 90 -45.47 -14.57 36.11
CA ASN Q 90 -45.28 -15.98 36.44
C ASN Q 90 -43.95 -16.18 37.18
N TYR Q 91 -43.94 -15.88 38.48
CA TYR Q 91 -42.74 -16.04 39.29
C TYR Q 91 -43.15 -16.24 40.74
N HIS Q 92 -42.67 -17.31 41.35
CA HIS Q 92 -43.05 -17.64 42.72
C HIS Q 92 -41.94 -17.25 43.70
N GLN Q 93 -42.31 -17.14 44.98
CA GLN Q 93 -41.34 -16.77 45.99
C GLN Q 93 -40.31 -17.86 46.23
N ASP Q 94 -40.68 -19.12 45.99
CA ASP Q 94 -39.71 -20.21 46.11
C ASP Q 94 -38.60 -20.07 45.07
N ALA Q 95 -38.95 -19.66 43.86
CA ALA Q 95 -37.94 -19.40 42.84
C ALA Q 95 -37.02 -18.25 43.26
N GLU Q 96 -37.59 -17.21 43.89
CA GLU Q 96 -36.77 -16.11 44.37
C GLU Q 96 -35.81 -16.56 45.46
N ALA Q 97 -36.27 -17.39 46.39
CA ALA Q 97 -35.40 -17.91 47.43
C ALA Q 97 -34.30 -18.79 46.85
N ALA Q 98 -34.65 -19.60 45.84
CA ALA Q 98 -33.65 -20.44 45.20
C ALA Q 98 -32.61 -19.60 44.47
N ILE Q 99 -33.04 -18.52 43.80
CA ILE Q 99 -32.09 -17.64 43.13
C ILE Q 99 -31.19 -16.95 44.14
N ASN Q 100 -31.76 -16.56 45.29
CA ASN Q 100 -30.94 -15.93 46.33
C ASN Q 100 -29.90 -16.90 46.88
N ARG Q 101 -30.30 -18.15 47.11
CA ARG Q 101 -29.35 -19.16 47.58
C ARG Q 101 -28.28 -19.43 46.55
N GLN Q 102 -28.66 -19.45 45.27
CA GLN Q 102 -27.67 -19.65 44.21
C GLN Q 102 -26.69 -18.48 44.14
N ILE Q 103 -27.19 -17.26 44.32
CA ILE Q 103 -26.31 -16.10 44.34
C ILE Q 103 -25.35 -16.15 45.52
N ASN Q 104 -25.85 -16.56 46.69
CA ASN Q 104 -24.98 -16.70 47.85
C ASN Q 104 -23.91 -17.76 47.62
N LEU Q 105 -24.28 -18.88 47.00
CA LEU Q 105 -23.31 -19.93 46.70
C LEU Q 105 -22.28 -19.46 45.68
N GLU Q 106 -22.72 -18.68 44.68
CA GLU Q 106 -21.78 -18.13 43.71
C GLU Q 106 -20.81 -17.16 44.36
N LEU Q 107 -21.29 -16.32 45.28
CA LEU Q 107 -20.40 -15.42 45.99
C LEU Q 107 -19.41 -16.19 46.87
N TYR Q 108 -19.88 -17.25 47.52
CA TYR Q 108 -18.98 -18.08 48.32
C TYR Q 108 -17.91 -18.74 47.44
N ALA Q 109 -18.32 -19.23 46.27
CA ALA Q 109 -17.36 -19.85 45.36
C ALA Q 109 -16.34 -18.83 44.86
N SER Q 110 -16.79 -17.62 44.55
CA SER Q 110 -15.86 -16.56 44.13
C SER Q 110 -14.88 -16.22 45.25
N TYR Q 111 -15.37 -16.17 46.49
CA TYR Q 111 -14.48 -15.89 47.61
C TYR Q 111 -13.45 -17.01 47.79
N VAL Q 112 -13.89 -18.27 47.66
CA VAL Q 112 -12.97 -19.40 47.79
C VAL Q 112 -11.93 -19.37 46.68
N TYR Q 113 -12.34 -19.04 45.46
CA TYR Q 113 -11.39 -18.98 44.35
C TYR Q 113 -10.41 -17.82 44.53
N LEU Q 114 -10.88 -16.69 45.06
CA LEU Q 114 -9.98 -15.58 45.35
C LEU Q 114 -8.97 -15.96 46.43
N SER Q 115 -9.42 -16.67 47.47
CA SER Q 115 -8.51 -17.13 48.50
C SER Q 115 -7.47 -18.10 47.93
N MET Q 116 -7.91 -18.99 47.03
CA MET Q 116 -6.97 -19.92 46.40
C MET Q 116 -5.95 -19.18 45.54
N SER Q 117 -6.42 -18.15 44.81
CA SER Q 117 -5.50 -17.38 43.97
C SER Q 117 -4.50 -16.60 44.84
N CYS Q 118 -4.94 -16.10 45.99
CA CYS Q 118 -4.06 -15.36 46.87
C CYS Q 118 -3.21 -16.27 47.76
N TYR Q 119 -3.48 -17.58 47.77
CA TYR Q 119 -2.68 -18.51 48.56
C TYR Q 119 -1.52 -19.10 47.77
N PHE Q 120 -1.65 -19.19 46.44
CA PHE Q 120 -0.61 -19.80 45.61
C PHE Q 120 0.42 -18.80 45.10
N ASP Q 121 0.10 -17.51 45.06
CA ASP Q 121 1.02 -16.50 44.57
C ASP Q 121 1.98 -15.99 45.65
N ARG Q 122 2.11 -16.72 46.75
CA ARG Q 122 2.99 -16.33 47.84
C ARG Q 122 4.43 -16.77 47.51
N ASP Q 123 5.32 -16.66 48.49
CA ASP Q 123 6.70 -17.06 48.31
C ASP Q 123 6.95 -18.52 48.67
N ASP Q 124 6.15 -19.07 49.59
CA ASP Q 124 6.30 -20.47 50.00
C ASP Q 124 5.65 -21.44 49.02
N VAL Q 125 4.98 -20.94 47.99
CA VAL Q 125 4.32 -21.77 46.99
C VAL Q 125 4.99 -21.63 45.63
N ALA Q 126 5.16 -20.39 45.16
CA ALA Q 126 5.85 -20.09 43.91
C ALA Q 126 5.17 -20.78 42.72
N LEU Q 127 3.87 -20.53 42.59
CA LEU Q 127 3.06 -21.06 41.49
C LEU Q 127 2.24 -19.91 40.91
N LYS Q 128 2.80 -19.22 39.92
CA LYS Q 128 2.12 -18.08 39.32
C LYS Q 128 1.02 -18.51 38.37
N ASN Q 129 1.21 -19.62 37.65
CA ASN Q 129 0.20 -20.09 36.72
C ASN Q 129 -1.04 -20.58 37.44
N PHE Q 130 -0.87 -21.27 38.58
CA PHE Q 130 -2.02 -21.67 39.39
C PHE Q 130 -2.77 -20.46 39.90
N ALA Q 131 -2.05 -19.42 40.34
CA ALA Q 131 -2.71 -18.20 40.81
C ALA Q 131 -3.47 -17.53 39.68
N LYS Q 132 -2.89 -17.49 38.48
CA LYS Q 132 -3.58 -16.88 37.34
C LYS Q 132 -4.83 -17.67 36.96
N TYR Q 133 -4.75 -19.00 36.99
CA TYR Q 133 -5.91 -19.82 36.68
C TYR Q 133 -7.01 -19.63 37.72
N PHE Q 134 -6.64 -19.57 39.00
CA PHE Q 134 -7.63 -19.36 40.05
C PHE Q 134 -8.25 -17.98 39.94
N LEU Q 135 -7.46 -16.97 39.57
CA LEU Q 135 -8.01 -15.62 39.39
C LEU Q 135 -8.96 -15.58 38.20
N HIS Q 136 -8.63 -16.29 37.12
CA HIS Q 136 -9.54 -16.36 35.98
C HIS Q 136 -10.83 -17.06 36.34
N GLN Q 137 -10.74 -18.13 37.12
CA GLN Q 137 -11.95 -18.83 37.56
C GLN Q 137 -12.80 -17.94 38.47
N SER Q 138 -12.14 -17.18 39.35
CA SER Q 138 -12.88 -16.25 40.21
C SER Q 138 -13.56 -15.16 39.40
N HIS Q 139 -12.89 -14.65 38.37
CA HIS Q 139 -13.51 -13.66 37.50
C HIS Q 139 -14.69 -14.24 36.74
N GLU Q 140 -14.57 -15.49 36.28
CA GLU Q 140 -15.69 -16.13 35.59
C GLU Q 140 -16.87 -16.32 36.52
N GLU Q 141 -16.62 -16.75 37.76
CA GLU Q 141 -17.71 -16.92 38.72
C GLU Q 141 -18.34 -15.57 39.06
N ARG Q 142 -17.53 -14.51 39.16
CA ARG Q 142 -18.06 -13.19 39.43
CA ARG Q 142 -18.06 -13.18 39.42
C ARG Q 142 -18.95 -12.71 38.28
N GLU Q 143 -18.52 -12.95 37.04
CA GLU Q 143 -19.33 -12.56 35.89
C GLU Q 143 -20.62 -13.36 35.83
N HIS Q 144 -20.55 -14.66 36.17
CA HIS Q 144 -21.77 -15.46 36.20
C HIS Q 144 -22.73 -14.98 37.28
N ALA Q 145 -22.21 -14.60 38.44
CA ALA Q 145 -23.07 -14.06 39.50
C ALA Q 145 -23.69 -12.74 39.09
N GLU Q 146 -22.92 -11.87 38.44
CA GLU Q 146 -23.48 -10.61 37.96
C GLU Q 146 -24.55 -10.84 36.90
N LYS Q 147 -24.34 -11.83 36.03
CA LYS Q 147 -25.35 -12.14 35.01
C LYS Q 147 -26.61 -12.69 35.65
N LEU Q 148 -26.46 -13.52 36.69
CA LEU Q 148 -27.64 -14.01 37.41
C LEU Q 148 -28.38 -12.88 38.09
N MET Q 149 -27.65 -11.94 38.70
CA MET Q 149 -28.29 -10.79 39.33
C MET Q 149 -29.03 -9.93 38.30
N LYS Q 150 -28.42 -9.72 37.13
CA LYS Q 150 -29.08 -8.95 36.09
C LYS Q 150 -30.33 -9.67 35.57
N LEU Q 151 -30.26 -10.99 35.41
CA LEU Q 151 -31.43 -11.74 34.96
C LEU Q 151 -32.54 -11.69 35.99
N GLN Q 152 -32.20 -11.74 37.28
CA GLN Q 152 -33.21 -11.61 38.31
C GLN Q 152 -33.82 -10.21 38.34
N ASN Q 153 -33.00 -9.18 38.10
CA ASN Q 153 -33.52 -7.82 38.06
C ASN Q 153 -34.42 -7.60 36.84
N GLN Q 154 -34.13 -8.27 35.73
CA GLN Q 154 -34.98 -8.12 34.54
C GLN Q 154 -36.34 -8.77 34.75
N ARG Q 155 -36.38 -9.88 35.50
CA ARG Q 155 -37.65 -10.55 35.75
C ARG Q 155 -38.49 -9.83 36.80
N GLY Q 156 -37.87 -9.01 37.63
CA GLY Q 156 -38.58 -8.27 38.66
C GLY Q 156 -38.44 -8.81 40.06
N GLY Q 157 -37.66 -9.87 40.25
CA GLY Q 157 -37.49 -10.43 41.59
C GLY Q 157 -36.52 -9.62 42.43
N ARG Q 158 -36.81 -9.56 43.72
CA ARG Q 158 -35.98 -8.82 44.65
C ARG Q 158 -34.72 -9.61 44.99
N ILE Q 159 -33.64 -8.88 45.27
CA ILE Q 159 -32.35 -9.48 45.62
C ILE Q 159 -31.96 -8.95 47.00
N PHE Q 160 -31.82 -9.86 47.96
CA PHE Q 160 -31.44 -9.53 49.32
C PHE Q 160 -30.03 -10.08 49.56
N LEU Q 161 -29.03 -9.23 49.35
CA LEU Q 161 -27.64 -9.63 49.55
C LEU Q 161 -27.33 -9.72 51.04
N GLN Q 162 -26.83 -10.88 51.46
CA GLN Q 162 -26.51 -11.14 52.85
C GLN Q 162 -24.98 -11.25 53.01
N ASP Q 163 -24.54 -11.80 54.15
CA ASP Q 163 -23.12 -11.94 54.40
C ASP Q 163 -22.53 -13.08 53.57
N ILE Q 164 -21.26 -12.93 53.21
CA ILE Q 164 -20.55 -13.95 52.45
C ILE Q 164 -19.69 -14.78 53.40
N LYS Q 165 -19.91 -16.09 53.40
CA LYS Q 165 -19.17 -16.97 54.29
C LYS Q 165 -17.71 -17.10 53.85
N LYS Q 166 -16.84 -17.37 54.81
CA LYS Q 166 -15.42 -17.55 54.55
C LYS Q 166 -15.09 -19.03 54.39
N PRO Q 167 -14.01 -19.34 53.67
CA PRO Q 167 -13.60 -20.74 53.53
C PRO Q 167 -13.22 -21.33 54.88
N ASP Q 168 -13.71 -22.55 55.13
CA ASP Q 168 -13.43 -23.22 56.41
C ASP Q 168 -11.97 -23.66 56.53
N ARG Q 169 -11.26 -23.78 55.40
CA ARG Q 169 -9.86 -24.18 55.38
C ARG Q 169 -9.02 -23.01 54.88
N ASP Q 170 -8.46 -22.24 55.81
CA ASP Q 170 -7.61 -21.11 55.41
C ASP Q 170 -6.32 -21.59 54.76
N ASP Q 171 -5.75 -22.68 55.26
CA ASP Q 171 -4.55 -23.27 54.67
C ASP Q 171 -4.99 -24.43 53.79
N TRP Q 172 -4.87 -24.24 52.47
CA TRP Q 172 -5.32 -25.23 51.49
C TRP Q 172 -4.30 -26.35 51.28
N CYS Q 173 -3.56 -26.72 52.32
CA CYS Q 173 -2.57 -27.79 52.26
C CYS Q 173 -1.55 -27.55 51.16
N SER Q 174 -1.81 -28.11 49.98
CA SER Q 174 -0.91 -27.95 48.84
C SER Q 174 -1.70 -27.68 47.57
N GLY Q 175 -1.58 -28.56 46.57
CA GLY Q 175 -2.29 -28.38 45.32
C GLY Q 175 -3.38 -29.42 45.11
N LEU Q 176 -3.11 -30.67 45.49
CA LEU Q 176 -4.09 -31.73 45.31
C LEU Q 176 -5.32 -31.50 46.18
N ASN Q 177 -5.11 -31.08 47.43
CA ASN Q 177 -6.25 -30.80 48.30
C ASN Q 177 -7.05 -29.61 47.80
N ALA Q 178 -6.37 -28.59 47.26
CA ALA Q 178 -7.07 -27.44 46.69
C ALA Q 178 -7.89 -27.86 45.48
N MET Q 179 -7.34 -28.73 44.62
CA MET Q 179 -8.08 -29.20 43.47
C MET Q 179 -9.28 -30.03 43.89
N GLU Q 180 -9.13 -30.87 44.91
CA GLU Q 180 -10.25 -31.66 45.40
C GLU Q 180 -11.34 -30.77 45.99
N SER Q 181 -10.94 -29.73 46.73
CA SER Q 181 -11.92 -28.80 47.29
C SER Q 181 -12.64 -28.04 46.18
N ALA Q 182 -11.92 -27.64 45.14
CA ALA Q 182 -12.56 -26.96 44.01
C ALA Q 182 -13.52 -27.89 43.29
N LEU Q 183 -13.16 -29.17 43.13
CA LEU Q 183 -14.05 -30.13 42.50
C LEU Q 183 -15.30 -30.34 43.33
N HIS Q 184 -15.15 -30.45 44.66
CA HIS Q 184 -16.32 -30.60 45.52
C HIS Q 184 -17.21 -29.37 45.46
N LEU Q 185 -16.60 -28.18 45.40
CA LEU Q 185 -17.38 -26.95 45.28
C LEU Q 185 -18.14 -26.90 43.97
N GLU Q 186 -17.50 -27.31 42.87
CA GLU Q 186 -18.19 -27.34 41.58
C GLU Q 186 -19.32 -28.36 41.57
N LYS Q 187 -19.11 -29.51 42.23
CA LYS Q 187 -20.18 -30.49 42.34
C LYS Q 187 -21.35 -29.95 43.15
N SER Q 188 -21.06 -29.22 44.23
CA SER Q 188 -22.14 -28.61 45.01
C SER Q 188 -22.89 -27.55 44.20
N VAL Q 189 -22.16 -26.76 43.41
CA VAL Q 189 -22.81 -25.77 42.56
C VAL Q 189 -23.69 -26.45 41.52
N ASN Q 190 -23.21 -27.57 40.94
CA ASN Q 190 -24.02 -28.30 39.97
C ASN Q 190 -25.27 -28.88 40.62
N GLN Q 191 -25.13 -29.39 41.84
CA GLN Q 191 -26.31 -29.92 42.56
C GLN Q 191 -27.31 -28.81 42.85
N SER Q 192 -26.81 -27.64 43.24
CA SER Q 192 -27.71 -26.50 43.47
C SER Q 192 -28.42 -26.07 42.20
N LEU Q 193 -27.69 -26.08 41.07
CA LEU Q 193 -28.32 -25.74 39.80
C LEU Q 193 -29.37 -26.77 39.40
N LEU Q 194 -29.11 -28.05 39.66
CA LEU Q 194 -30.11 -29.08 39.37
C LEU Q 194 -31.35 -28.91 40.24
N GLU Q 195 -31.14 -28.58 41.52
CA GLU Q 195 -32.28 -28.33 42.41
C GLU Q 195 -33.07 -27.11 41.95
N LEU Q 196 -32.37 -26.06 41.50
CA LEU Q 196 -33.07 -24.88 40.98
C LEU Q 196 -33.86 -25.22 39.73
N HIS Q 197 -33.29 -26.02 38.83
CA HIS Q 197 -34.02 -26.43 37.64
C HIS Q 197 -35.26 -27.24 37.99
N LYS Q 198 -35.13 -28.16 38.95
CA LYS Q 198 -36.27 -28.96 39.37
C LYS Q 198 -37.35 -28.09 39.99
N LEU Q 199 -36.96 -27.13 40.83
CA LEU Q 199 -37.93 -26.24 41.45
C LEU Q 199 -38.63 -25.37 40.42
N ALA Q 200 -37.89 -24.89 39.42
CA ALA Q 200 -38.50 -24.08 38.37
C ALA Q 200 -39.43 -24.92 37.49
N THR Q 201 -39.10 -26.18 37.27
CA THR Q 201 -39.98 -27.05 36.50
C THR Q 201 -41.25 -27.38 37.28
N ASP Q 202 -41.13 -27.60 38.59
CA ASP Q 202 -42.30 -27.94 39.40
C ASP Q 202 -43.18 -26.72 39.64
N LYS Q 203 -42.60 -25.52 39.63
CA LYS Q 203 -43.34 -24.29 39.88
C LYS Q 203 -43.67 -23.52 38.61
N ASN Q 204 -43.67 -24.20 37.45
CA ASN Q 204 -44.02 -23.60 36.16
C ASN Q 204 -43.11 -22.42 35.85
N ASP Q 205 -41.85 -22.69 35.50
CA ASP Q 205 -40.90 -21.65 35.14
C ASP Q 205 -39.95 -22.21 34.09
N PRO Q 206 -40.37 -22.26 32.83
CA PRO Q 206 -39.51 -22.86 31.79
C PRO Q 206 -38.37 -21.95 31.37
N HIS Q 207 -38.59 -20.64 31.35
CA HIS Q 207 -37.56 -19.72 30.86
C HIS Q 207 -36.33 -19.74 31.76
N LEU Q 208 -36.52 -19.61 33.07
CA LEU Q 208 -35.39 -19.55 34.00
C LEU Q 208 -34.62 -20.86 34.00
N CYS Q 209 -35.32 -21.99 34.09
CA CYS Q 209 -34.65 -23.27 34.12
C CYS Q 209 -33.93 -23.56 32.80
N ASP Q 210 -34.54 -23.17 31.68
CA ASP Q 210 -33.89 -23.35 30.39
C ASP Q 210 -32.63 -22.50 30.28
N PHE Q 211 -32.69 -21.25 30.73
CA PHE Q 211 -31.51 -20.40 30.69
C PHE Q 211 -30.41 -20.95 31.59
N ILE Q 212 -30.78 -21.49 32.76
CA ILE Q 212 -29.79 -22.06 33.66
C ILE Q 212 -29.14 -23.28 33.04
N GLU Q 213 -29.95 -24.18 32.46
CA GLU Q 213 -29.39 -25.41 31.90
C GLU Q 213 -28.68 -25.16 30.57
N THR Q 214 -28.87 -24.01 29.95
CA THR Q 214 -28.21 -23.72 28.68
C THR Q 214 -26.93 -22.92 28.87
N TYR Q 215 -26.99 -21.80 29.58
CA TYR Q 215 -25.87 -20.87 29.67
C TYR Q 215 -25.13 -20.97 31.00
N TYR Q 216 -25.24 -22.09 31.71
CA TYR Q 216 -24.53 -22.24 32.98
C TYR Q 216 -24.05 -23.68 33.20
N LEU Q 217 -24.90 -24.66 32.90
CA LEU Q 217 -24.54 -26.05 33.15
C LEU Q 217 -23.39 -26.51 32.27
N SER Q 218 -23.27 -25.98 31.06
CA SER Q 218 -22.18 -26.37 30.18
C SER Q 218 -20.83 -25.94 30.76
N GLU Q 219 -20.74 -24.70 31.23
CA GLU Q 219 -19.51 -24.22 31.84
C GLU Q 219 -19.19 -25.00 33.11
N GLN Q 220 -20.21 -25.36 33.89
CA GLN Q 220 -19.99 -26.14 35.09
C GLN Q 220 -19.45 -27.53 34.76
N VAL Q 221 -20.00 -28.17 33.73
CA VAL Q 221 -19.51 -29.49 33.32
C VAL Q 221 -18.08 -29.39 32.81
N LYS Q 222 -17.78 -28.34 32.04
CA LYS Q 222 -16.41 -28.16 31.55
C LYS Q 222 -15.43 -27.95 32.70
N SER Q 223 -15.82 -27.15 33.69
CA SER Q 223 -14.95 -26.92 34.84
C SER Q 223 -14.75 -28.20 35.65
N ILE Q 224 -15.82 -28.98 35.82
CA ILE Q 224 -15.70 -30.24 36.56
C ILE Q 224 -14.77 -31.19 35.81
N LYS Q 225 -14.89 -31.27 34.49
CA LYS Q 225 -14.02 -32.14 33.71
C LYS Q 225 -12.57 -31.69 33.79
N GLU Q 226 -12.33 -30.37 33.73
CA GLU Q 226 -10.97 -29.86 33.82
C GLU Q 226 -10.37 -30.13 35.20
N LEU Q 227 -11.16 -29.94 36.26
CA LEU Q 227 -10.66 -30.23 37.60
C LEU Q 227 -10.39 -31.72 37.78
N GLY Q 228 -11.24 -32.57 37.21
CA GLY Q 228 -10.98 -34.00 37.28
C GLY Q 228 -9.70 -34.39 36.54
N ASP Q 229 -9.47 -33.80 35.37
CA ASP Q 229 -8.23 -34.05 34.65
C ASP Q 229 -7.02 -33.58 35.44
N HIS Q 230 -7.14 -32.42 36.09
CA HIS Q 230 -6.04 -31.91 36.90
C HIS Q 230 -5.76 -32.82 38.09
N VAL Q 231 -6.81 -33.32 38.74
CA VAL Q 231 -6.63 -34.23 39.86
C VAL Q 231 -5.99 -35.53 39.40
N THR Q 232 -6.42 -36.04 38.25
CA THR Q 232 -5.83 -37.27 37.71
C THR Q 232 -4.35 -37.07 37.39
N ASN Q 233 -4.01 -35.91 36.81
CA ASN Q 233 -2.61 -35.63 36.51
C ASN Q 233 -1.78 -35.52 37.78
N LEU Q 234 -2.31 -34.83 38.80
CA LEU Q 234 -1.58 -34.71 40.05
C LEU Q 234 -1.42 -36.05 40.76
N ARG Q 235 -2.38 -36.95 40.61
CA ARG Q 235 -2.27 -38.26 41.23
C ARG Q 235 -1.34 -39.19 40.47
N LYS Q 236 -1.29 -39.07 39.14
CA LYS Q 236 -0.41 -39.94 38.36
C LYS Q 236 1.04 -39.46 38.41
N MET Q 237 1.27 -38.16 38.32
CA MET Q 237 2.63 -37.64 38.33
C MET Q 237 3.26 -37.78 39.71
N GLY Q 238 2.55 -37.33 40.75
CA GLY Q 238 3.07 -37.44 42.10
C GLY Q 238 3.00 -36.13 42.87
N ALA Q 239 1.79 -35.74 43.27
CA ALA Q 239 1.58 -34.51 44.02
C ALA Q 239 0.55 -34.77 45.11
N PRO Q 240 0.77 -34.24 46.33
CA PRO Q 240 1.95 -33.46 46.70
C PRO Q 240 3.11 -34.31 47.21
N CYS Q 241 3.23 -35.54 46.69
CA CYS Q 241 4.30 -36.43 47.13
C CYS Q 241 5.67 -35.99 46.63
N ALA Q 242 5.71 -35.09 45.65
CA ALA Q 242 6.97 -34.59 45.13
C ALA Q 242 6.73 -33.22 44.50
N GLY Q 243 7.61 -32.27 44.80
CA GLY Q 243 7.48 -30.92 44.26
C GLY Q 243 7.78 -30.82 42.78
N MET Q 244 8.35 -31.87 42.17
CA MET Q 244 8.64 -31.84 40.75
C MET Q 244 7.36 -31.88 39.92
N ALA Q 245 6.38 -32.68 40.35
CA ALA Q 245 5.13 -32.81 39.61
C ALA Q 245 4.37 -31.49 39.58
N GLU Q 246 4.32 -30.79 40.72
CA GLU Q 246 3.63 -29.51 40.77
C GLU Q 246 4.30 -28.49 39.87
N TYR Q 247 5.63 -28.44 39.89
CA TYR Q 247 6.35 -27.50 39.03
C TYR Q 247 6.13 -27.80 37.56
N LEU Q 248 6.14 -29.09 37.19
CA LEU Q 248 5.94 -29.44 35.79
C LEU Q 248 4.51 -29.17 35.33
N PHE Q 249 3.53 -29.42 36.20
CA PHE Q 249 2.15 -29.10 35.85
C PHE Q 249 1.93 -27.59 35.79
N ASP Q 250 2.71 -26.83 36.55
CA ASP Q 250 2.61 -25.37 36.48
C ASP Q 250 3.23 -24.84 35.19
N LYS Q 251 4.38 -25.40 34.79
CA LYS Q 251 5.11 -24.90 33.63
C LYS Q 251 4.64 -25.51 32.31
N HIS Q 252 3.80 -26.54 32.34
CA HIS Q 252 3.31 -27.18 31.13
C HIS Q 252 1.82 -26.95 30.91
N THR Q 253 0.97 -27.41 31.81
CA THR Q 253 -0.47 -27.30 31.62
C THR Q 253 -0.92 -25.85 31.71
N LEU Q 254 -0.83 -25.26 32.91
CA LEU Q 254 -1.26 -23.89 33.12
C LEU Q 254 -0.23 -22.86 32.67
N GLY Q 255 0.92 -23.31 32.14
CA GLY Q 255 1.95 -22.40 31.68
C GLY Q 255 1.67 -21.83 30.30
N THR R 13 -43.14 70.38 -11.43
CA THR R 13 -43.60 69.40 -12.40
C THR R 13 -42.63 69.26 -13.56
N GLN R 14 -41.48 69.93 -13.45
CA GLN R 14 -40.47 69.87 -14.51
C GLN R 14 -39.68 68.56 -14.45
N ASP R 15 -39.28 68.14 -13.24
CA ASP R 15 -38.52 66.90 -13.12
C ASP R 15 -39.36 65.69 -13.49
N LEU R 16 -40.65 65.72 -13.15
CA LEU R 16 -41.54 64.61 -13.51
C LEU R 16 -41.68 64.49 -15.02
N ARG R 17 -41.89 65.62 -15.70
CA ARG R 17 -41.99 65.61 -17.16
C ARG R 17 -40.67 65.18 -17.80
N SER R 18 -39.54 65.62 -17.22
CA SER R 18 -38.25 65.22 -17.75
C SER R 18 -38.05 63.71 -17.63
N HIS R 19 -38.41 63.14 -16.47
CA HIS R 19 -38.29 61.69 -16.28
C HIS R 19 -39.22 60.94 -17.23
N LEU R 20 -40.45 61.45 -17.41
CA LEU R 20 -41.39 60.78 -18.30
C LEU R 20 -40.93 60.83 -19.75
N VAL R 21 -40.29 61.91 -20.16
CA VAL R 21 -39.81 62.01 -21.54
C VAL R 21 -38.47 61.30 -21.74
N HIS R 22 -37.72 61.07 -20.67
CA HIS R 22 -36.48 60.32 -20.77
C HIS R 22 -36.66 58.83 -20.63
N LYS R 23 -37.76 58.37 -20.02
CA LYS R 23 -37.99 56.93 -19.89
C LYS R 23 -38.65 56.33 -21.12
N LEU R 24 -39.38 57.14 -21.90
CA LEU R 24 -40.07 56.59 -23.06
C LEU R 24 -39.10 56.24 -24.19
N VAL R 25 -38.01 56.98 -24.32
CA VAL R 25 -37.03 56.67 -25.36
C VAL R 25 -36.33 55.34 -25.09
N GLN R 26 -36.33 54.88 -23.84
CA GLN R 26 -35.78 53.58 -23.50
C GLN R 26 -36.85 52.49 -23.47
N ALA R 27 -38.09 52.83 -23.11
CA ALA R 27 -39.16 51.85 -23.10
C ALA R 27 -39.59 51.47 -24.50
N ILE R 28 -39.57 52.42 -25.44
CA ILE R 28 -39.96 52.13 -26.82
C ILE R 28 -38.87 51.31 -27.51
N PHE R 29 -37.68 51.89 -27.64
CA PHE R 29 -36.57 51.21 -28.30
C PHE R 29 -35.49 50.87 -27.27
N PRO R 30 -34.88 49.68 -27.37
CA PRO R 30 -33.82 49.31 -26.41
C PRO R 30 -32.56 50.14 -26.58
N CYS R 31 -31.57 49.60 -27.27
CA CYS R 31 -30.28 50.27 -27.44
C CYS R 31 -29.86 50.24 -28.90
N PRO R 32 -29.39 51.37 -29.44
CA PRO R 32 -28.93 51.38 -30.83
C PRO R 32 -27.54 50.78 -30.99
N ASP R 33 -26.92 50.98 -32.15
CA ASP R 33 -25.59 50.47 -32.42
C ASP R 33 -24.85 51.41 -33.36
N PRO R 34 -23.81 52.11 -32.89
CA PRO R 34 -23.12 53.08 -33.75
C PRO R 34 -22.26 52.42 -34.83
N CYS R 35 -21.42 51.47 -34.43
CA CYS R 35 -20.48 50.81 -35.34
C CYS R 35 -21.18 49.92 -36.36
N ALA R 36 -22.23 49.21 -35.95
CA ALA R 36 -22.92 48.32 -36.87
C ALA R 36 -23.77 49.10 -37.87
N LEU R 37 -24.61 50.00 -37.40
CA LEU R 37 -25.46 50.82 -38.26
C LEU R 37 -24.89 52.22 -38.38
N LYS R 38 -25.76 53.22 -38.22
CA LYS R 38 -25.33 54.62 -38.29
C LYS R 38 -25.65 55.35 -37.00
N ASP R 39 -26.40 56.44 -37.09
CA ASP R 39 -26.77 57.22 -35.91
C ASP R 39 -28.04 58.02 -36.17
N ARG R 40 -28.40 58.19 -37.45
CA ARG R 40 -29.58 58.97 -37.80
C ARG R 40 -30.87 58.24 -37.45
N ARG R 41 -30.82 56.92 -37.29
CA ARG R 41 -32.04 56.17 -36.99
C ARG R 41 -32.53 56.46 -35.57
N MET R 42 -31.63 56.48 -34.60
CA MET R 42 -32.01 56.83 -33.23
C MET R 42 -32.50 58.28 -33.16
N GLU R 43 -31.88 59.16 -33.94
CA GLU R 43 -32.33 60.56 -33.97
C GLU R 43 -33.75 60.66 -34.54
N ASN R 44 -34.02 59.95 -35.63
CA ASN R 44 -35.37 59.96 -36.19
C ASN R 44 -36.38 59.34 -35.23
N LEU R 45 -35.97 58.30 -34.50
CA LEU R 45 -36.87 57.66 -33.55
C LEU R 45 -37.21 58.61 -32.40
N VAL R 46 -36.20 59.28 -31.84
CA VAL R 46 -36.47 60.19 -30.73
C VAL R 46 -37.23 61.42 -31.23
N ALA R 47 -37.01 61.83 -32.48
CA ALA R 47 -37.80 62.93 -33.03
C ALA R 47 -39.26 62.54 -33.18
N TYR R 48 -39.52 61.33 -33.68
CA TYR R 48 -40.90 60.85 -33.79
C TYR R 48 -41.54 60.71 -32.42
N ALA R 49 -40.77 60.29 -31.42
CA ALA R 49 -41.29 60.18 -30.07
C ALA R 49 -41.67 61.55 -29.51
N LYS R 50 -40.80 62.54 -29.71
CA LYS R 50 -41.12 63.90 -29.27
C LYS R 50 -42.35 64.43 -29.99
N LYS R 51 -42.46 64.15 -31.30
CA LYS R 51 -43.61 64.61 -32.07
C LYS R 51 -44.90 63.99 -31.54
N VAL R 52 -44.90 62.68 -31.29
CA VAL R 52 -46.13 62.02 -30.87
C VAL R 52 -46.49 62.42 -29.44
N GLU R 53 -45.49 62.63 -28.58
CA GLU R 53 -45.81 63.05 -27.22
C GLU R 53 -46.33 64.48 -27.20
N GLY R 54 -45.80 65.34 -28.08
CA GLY R 54 -46.35 66.68 -28.20
C GLY R 54 -47.76 66.69 -28.74
N ASP R 55 -48.04 65.82 -29.70
CA ASP R 55 -49.39 65.71 -30.24
C ASP R 55 -50.37 65.19 -29.19
N MET R 56 -49.91 64.26 -28.34
CA MET R 56 -50.78 63.77 -27.27
C MET R 56 -50.97 64.81 -26.18
N TYR R 57 -49.96 65.65 -25.92
CA TYR R 57 -50.09 66.69 -24.91
C TYR R 57 -51.00 67.81 -25.39
N GLU R 58 -50.91 68.18 -26.66
CA GLU R 58 -51.78 69.22 -27.21
C GLU R 58 -53.24 68.79 -27.27
N SER R 59 -53.50 67.49 -27.34
CA SER R 59 -54.87 66.96 -27.40
C SER R 59 -55.21 66.17 -26.14
N ALA R 60 -55.08 66.80 -24.97
CA ALA R 60 -55.37 66.16 -23.70
C ALA R 60 -56.33 67.01 -22.87
N ASN R 61 -56.83 66.41 -21.79
CA ASN R 61 -57.76 67.11 -20.91
C ASN R 61 -57.09 67.42 -19.58
N SER R 62 -56.84 66.39 -18.77
CA SER R 62 -56.23 66.58 -17.45
C SER R 62 -54.81 66.02 -17.42
N ARG R 63 -54.48 65.31 -16.35
CA ARG R 63 -53.14 64.76 -16.16
C ARG R 63 -53.11 63.24 -16.17
N ASP R 64 -54.07 62.59 -15.51
CA ASP R 64 -54.05 61.12 -15.44
C ASP R 64 -54.41 60.49 -16.78
N GLU R 65 -55.39 61.06 -17.49
CA GLU R 65 -55.78 60.49 -18.77
C GLU R 65 -54.68 60.60 -19.80
N TYR R 66 -53.90 61.69 -19.76
CA TYR R 66 -52.77 61.82 -20.67
C TYR R 66 -51.70 60.76 -20.40
N TYR R 67 -51.41 60.50 -19.13
CA TYR R 67 -50.45 59.47 -18.78
C TYR R 67 -50.96 58.09 -19.18
N HIS R 68 -52.25 57.84 -19.00
CA HIS R 68 -52.82 56.56 -19.41
C HIS R 68 -52.74 56.37 -20.92
N LEU R 69 -53.04 57.44 -21.68
CA LEU R 69 -52.95 57.35 -23.14
C LEU R 69 -51.51 57.15 -23.59
N LEU R 70 -50.56 57.80 -22.91
CA LEU R 70 -49.15 57.61 -23.25
C LEU R 70 -48.71 56.19 -22.97
N ALA R 71 -49.14 55.62 -21.84
CA ALA R 71 -48.80 54.24 -21.53
C ALA R 71 -49.42 53.28 -22.54
N GLU R 72 -50.66 53.54 -22.95
CA GLU R 72 -51.30 52.71 -23.96
C GLU R 72 -50.57 52.80 -25.29
N LYS R 73 -50.12 54.00 -25.66
CA LYS R 73 -49.37 54.16 -26.90
C LYS R 73 -48.03 53.41 -26.83
N ILE R 74 -47.36 53.49 -25.68
CA ILE R 74 -46.11 52.75 -25.52
C ILE R 74 -46.34 51.25 -25.64
N TYR R 75 -47.42 50.75 -25.02
CA TYR R 75 -47.76 49.34 -25.13
C TYR R 75 -48.04 48.95 -26.58
N LYS R 76 -48.81 49.77 -27.30
CA LYS R 76 -49.15 49.45 -28.68
C LYS R 76 -47.91 49.47 -29.57
N ILE R 77 -46.97 50.37 -29.30
CA ILE R 77 -45.72 50.39 -30.05
C ILE R 77 -44.89 49.15 -29.74
N GLN R 78 -44.85 48.74 -28.47
CA GLN R 78 -44.13 47.54 -28.10
C GLN R 78 -44.81 46.26 -28.57
N LYS R 79 -46.08 46.34 -29.00
CA LYS R 79 -46.76 45.15 -29.50
C LYS R 79 -46.09 44.58 -30.75
N GLU R 80 -45.51 45.44 -31.58
CA GLU R 80 -44.86 44.96 -32.80
C GLU R 80 -43.43 44.51 -32.52
N LEU R 81 -42.61 45.39 -31.94
CA LEU R 81 -41.21 45.07 -31.65
C LEU R 81 -41.12 44.16 -30.44
N GLU R 82 -41.36 42.87 -30.69
CA GLU R 82 -41.30 41.84 -29.66
C GLU R 82 -40.18 40.84 -29.90
N GLU R 83 -40.00 40.40 -31.16
CA GLU R 83 -38.99 39.41 -31.51
C GLU R 83 -39.15 38.15 -30.68
N LYS R 84 -40.14 37.32 -31.02
CA LYS R 84 -40.39 36.10 -30.27
C LYS R 84 -39.25 35.11 -30.46
N SER R 85 -39.02 34.31 -29.43
CA SER R 85 -37.95 33.32 -29.46
C SER R 85 -38.33 32.13 -30.34
N GLN R 86 -37.32 31.57 -31.00
CA GLN R 86 -37.56 30.42 -31.87
C GLN R 86 -37.80 29.14 -31.07
N VAL R 87 -37.44 29.12 -29.79
CA VAL R 87 -37.67 27.94 -28.95
C VAL R 87 -39.03 27.96 -28.28
N ARG R 88 -39.81 29.03 -28.44
CA ARG R 88 -41.12 29.12 -27.83
C ARG R 88 -42.10 28.22 -28.58
N GLN R 89 -42.70 27.27 -27.86
CA GLN R 89 -43.66 26.34 -28.45
C GLN R 89 -44.74 26.05 -27.43
N ASN R 90 -45.99 26.43 -27.76
CA ASN R 90 -47.13 26.23 -26.89
C ASN R 90 -46.93 26.89 -25.53
N TYR R 91 -47.11 28.21 -25.46
CA TYR R 91 -46.95 28.94 -24.21
C TYR R 91 -47.79 30.20 -24.28
N HIS R 92 -48.64 30.40 -23.28
CA HIS R 92 -49.56 31.52 -23.24
C HIS R 92 -49.03 32.62 -22.31
N GLN R 93 -49.56 33.83 -22.50
CA GLN R 93 -49.13 34.95 -21.66
C GLN R 93 -49.61 34.80 -20.23
N ASP R 94 -50.72 34.10 -20.00
CA ASP R 94 -51.17 33.85 -18.64
C ASP R 94 -50.16 32.98 -17.88
N ALA R 95 -49.59 31.98 -18.56
CA ALA R 95 -48.55 31.18 -17.94
C ALA R 95 -47.33 32.02 -17.61
N GLU R 96 -46.98 32.97 -18.48
CA GLU R 96 -45.85 33.86 -18.21
C GLU R 96 -46.13 34.73 -16.99
N ALA R 97 -47.34 35.27 -16.89
CA ALA R 97 -47.69 36.09 -15.72
C ALA R 97 -47.68 35.25 -14.45
N ALA R 98 -48.15 34.00 -14.53
CA ALA R 98 -48.12 33.14 -13.36
C ALA R 98 -46.70 32.81 -12.95
N ILE R 99 -45.81 32.57 -13.91
CA ILE R 99 -44.41 32.31 -13.59
C ILE R 99 -43.76 33.55 -12.97
N ASN R 100 -44.11 34.74 -13.47
CA ASN R 100 -43.57 35.96 -12.89
C ASN R 100 -44.04 36.15 -11.45
N ARG R 101 -45.32 35.89 -11.20
CA ARG R 101 -45.84 35.99 -9.84
C ARG R 101 -45.19 34.97 -8.92
N GLN R 102 -44.96 33.76 -9.43
CA GLN R 102 -44.27 32.74 -8.63
C GLN R 102 -42.84 33.14 -8.32
N ILE R 103 -42.15 33.74 -9.30
CA ILE R 103 -40.79 34.22 -9.07
C ILE R 103 -40.78 35.33 -8.02
N ASN R 104 -41.74 36.25 -8.10
CA ASN R 104 -41.84 37.31 -7.10
C ASN R 104 -42.09 36.73 -5.70
N LEU R 105 -42.97 35.73 -5.61
CA LEU R 105 -43.24 35.11 -4.32
C LEU R 105 -42.02 34.37 -3.79
N GLU R 106 -41.26 33.72 -4.68
CA GLU R 106 -40.03 33.05 -4.25
C GLU R 106 -39.00 34.05 -3.75
N LEU R 107 -38.88 35.19 -4.42
CA LEU R 107 -37.96 36.23 -3.95
C LEU R 107 -38.40 36.78 -2.60
N TYR R 108 -39.71 36.98 -2.43
CA TYR R 108 -40.22 37.46 -1.14
C TYR R 108 -39.94 36.44 -0.03
N ALA R 109 -40.13 35.15 -0.33
CA ALA R 109 -39.85 34.11 0.65
C ALA R 109 -38.37 34.06 1.01
N SER R 110 -37.50 34.21 0.01
CA SER R 110 -36.07 34.25 0.27
C SER R 110 -35.70 35.44 1.14
N TYR R 111 -36.31 36.59 0.87
CA TYR R 111 -36.04 37.78 1.69
C TYR R 111 -36.52 37.57 3.13
N VAL R 112 -37.69 36.96 3.30
CA VAL R 112 -38.21 36.70 4.64
C VAL R 112 -37.30 35.72 5.38
N TYR R 113 -36.82 34.69 4.69
CA TYR R 113 -35.94 33.72 5.33
C TYR R 113 -34.59 34.35 5.68
N LEU R 114 -34.09 35.25 4.83
CA LEU R 114 -32.85 35.96 5.14
C LEU R 114 -33.04 36.86 6.37
N SER R 115 -34.19 37.54 6.45
CA SER R 115 -34.47 38.36 7.62
C SER R 115 -34.56 37.52 8.88
N MET R 116 -35.18 36.33 8.78
CA MET R 116 -35.26 35.44 9.94
C MET R 116 -33.88 34.95 10.35
N SER R 117 -33.03 34.63 9.38
CA SER R 117 -31.68 34.18 9.69
C SER R 117 -30.86 35.31 10.34
N CYS R 118 -31.06 36.55 9.90
CA CYS R 118 -30.35 37.68 10.46
C CYS R 118 -30.97 38.20 11.75
N TYR R 119 -32.16 37.71 12.12
CA TYR R 119 -32.80 38.12 13.36
C TYR R 119 -32.44 37.21 14.54
N PHE R 120 -32.12 35.94 14.26
CA PHE R 120 -31.83 34.99 15.33
C PHE R 120 -30.35 34.92 15.71
N ASP R 121 -29.45 35.34 14.82
CA ASP R 121 -28.02 35.30 15.09
C ASP R 121 -27.52 36.52 15.86
N ARG R 122 -28.43 37.29 16.46
CA ARG R 122 -28.05 38.47 17.22
C ARG R 122 -27.61 38.06 18.63
N ASP R 123 -27.43 39.05 19.50
CA ASP R 123 -27.02 38.78 20.88
C ASP R 123 -28.21 38.59 21.82
N ASP R 124 -29.34 39.20 21.51
CA ASP R 124 -30.54 39.07 22.35
C ASP R 124 -31.30 37.78 22.07
N VAL R 125 -30.88 36.99 21.10
CA VAL R 125 -31.52 35.72 20.75
C VAL R 125 -30.61 34.53 21.08
N ALA R 126 -29.38 34.56 20.59
CA ALA R 126 -28.37 33.54 20.86
C ALA R 126 -28.86 32.16 20.42
N LEU R 127 -29.23 32.07 19.14
CA LEU R 127 -29.68 30.83 18.51
C LEU R 127 -28.95 30.69 17.18
N LYS R 128 -27.78 30.05 17.21
CA LYS R 128 -26.98 29.89 15.99
C LYS R 128 -27.54 28.80 15.09
N ASN R 129 -28.10 27.74 15.67
CA ASN R 129 -28.64 26.65 14.85
C ASN R 129 -29.89 27.10 14.10
N PHE R 130 -30.74 27.90 14.74
CA PHE R 130 -31.89 28.46 14.04
C PHE R 130 -31.46 29.36 12.90
N ALA R 131 -30.42 30.18 13.12
CA ALA R 131 -29.92 31.03 12.05
C ALA R 131 -29.36 30.22 10.90
N LYS R 132 -28.63 29.14 11.22
CA LYS R 132 -28.09 28.28 10.17
C LYS R 132 -29.20 27.60 9.38
N TYR R 133 -30.24 27.12 10.07
CA TYR R 133 -31.36 26.49 9.38
C TYR R 133 -32.08 27.48 8.48
N PHE R 134 -32.29 28.71 8.97
CA PHE R 134 -32.97 29.73 8.16
C PHE R 134 -32.11 30.12 6.96
N LEU R 135 -30.79 30.17 7.14
CA LEU R 135 -29.90 30.48 6.01
C LEU R 135 -29.92 29.36 4.98
N HIS R 136 -29.97 28.11 5.44
CA HIS R 136 -30.06 26.98 4.51
C HIS R 136 -31.38 27.02 3.75
N GLN R 137 -32.48 27.34 4.44
CA GLN R 137 -33.77 27.46 3.76
C GLN R 137 -33.76 28.59 2.75
N SER R 138 -33.14 29.72 3.10
CA SER R 138 -33.04 30.83 2.15
C SER R 138 -32.21 30.46 0.94
N HIS R 139 -31.12 29.71 1.14
CA HIS R 139 -30.32 29.25 0.01
C HIS R 139 -31.11 28.29 -0.87
N GLU R 140 -31.90 27.40 -0.26
CA GLU R 140 -32.72 26.48 -1.04
C GLU R 140 -33.76 27.24 -1.86
N GLU R 141 -34.41 28.24 -1.25
CA GLU R 141 -35.40 29.02 -1.99
C GLU R 141 -34.72 29.82 -3.11
N ARG R 142 -33.51 30.32 -2.87
CA ARG R 142 -32.79 31.05 -3.91
CA ARG R 142 -32.79 31.04 -3.91
C ARG R 142 -32.44 30.12 -5.08
N GLU R 143 -32.00 28.90 -4.77
CA GLU R 143 -31.69 27.95 -5.83
C GLU R 143 -32.94 27.55 -6.60
N HIS R 144 -34.07 27.39 -5.90
CA HIS R 144 -35.32 27.07 -6.58
C HIS R 144 -35.76 28.21 -7.49
N ALA R 145 -35.60 29.45 -7.03
CA ALA R 145 -35.94 30.60 -7.87
C ALA R 145 -35.03 30.68 -9.09
N GLU R 146 -33.74 30.43 -8.91
CA GLU R 146 -32.82 30.43 -10.05
C GLU R 146 -33.16 29.33 -11.04
N LYS R 147 -33.56 28.16 -10.53
CA LYS R 147 -33.95 27.06 -11.42
C LYS R 147 -35.23 27.41 -12.18
N LEU R 148 -36.18 28.07 -11.51
CA LEU R 148 -37.39 28.51 -12.21
C LEU R 148 -37.06 29.54 -13.28
N MET R 149 -36.16 30.47 -12.99
CA MET R 149 -35.75 31.46 -13.98
C MET R 149 -35.07 30.80 -15.17
N LYS R 150 -34.21 29.81 -14.91
CA LYS R 150 -33.55 29.10 -16.00
C LYS R 150 -34.55 28.31 -16.84
N LEU R 151 -35.53 27.67 -16.20
CA LEU R 151 -36.55 26.94 -16.93
C LEU R 151 -37.39 27.88 -17.79
N GLN R 152 -37.70 29.07 -17.27
CA GLN R 152 -38.45 30.04 -18.07
C GLN R 152 -37.62 30.55 -19.23
N ASN R 153 -36.31 30.74 -19.03
CA ASN R 153 -35.45 31.18 -20.11
C ASN R 153 -35.28 30.10 -21.18
N GLN R 154 -35.30 28.84 -20.78
CA GLN R 154 -35.18 27.76 -21.77
C GLN R 154 -36.44 27.66 -22.63
N ARG R 155 -37.61 27.94 -22.05
CA ARG R 155 -38.85 27.88 -22.81
C ARG R 155 -39.03 29.09 -23.72
N GLY R 156 -38.35 30.18 -23.44
CA GLY R 156 -38.45 31.39 -24.25
C GLY R 156 -39.29 32.49 -23.67
N GLY R 157 -39.85 32.31 -22.47
CA GLY R 157 -40.67 33.35 -21.87
C GLY R 157 -39.83 34.46 -21.26
N ARG R 158 -40.37 35.67 -21.36
CA ARG R 158 -39.68 36.84 -20.83
C ARG R 158 -39.83 36.92 -19.31
N ILE R 159 -38.82 37.48 -18.66
CA ILE R 159 -38.79 37.64 -17.20
C ILE R 159 -38.65 39.12 -16.90
N PHE R 160 -39.64 39.68 -16.22
CA PHE R 160 -39.66 41.09 -15.83
C PHE R 160 -39.51 41.15 -14.31
N LEU R 161 -38.27 41.32 -13.85
CA LEU R 161 -37.99 41.40 -12.42
C LEU R 161 -38.42 42.76 -11.89
N GLN R 162 -39.26 42.75 -10.86
CA GLN R 162 -39.79 43.95 -10.24
C GLN R 162 -39.19 44.12 -8.84
N ASP R 163 -39.82 44.98 -8.04
CA ASP R 163 -39.34 45.22 -6.68
C ASP R 163 -39.68 44.05 -5.77
N ILE R 164 -38.84 43.82 -4.77
CA ILE R 164 -39.05 42.76 -3.80
C ILE R 164 -39.63 43.37 -2.53
N LYS R 165 -40.79 42.87 -2.12
CA LYS R 165 -41.45 43.40 -0.93
C LYS R 165 -40.71 43.00 0.34
N LYS R 166 -40.84 43.83 1.37
CA LYS R 166 -40.20 43.57 2.65
C LYS R 166 -41.18 42.88 3.60
N PRO R 167 -40.67 42.14 4.58
CA PRO R 167 -41.56 41.51 5.57
C PRO R 167 -42.32 42.55 6.38
N ASP R 168 -43.61 42.32 6.54
CA ASP R 168 -44.45 43.26 7.29
C ASP R 168 -44.14 43.26 8.78
N ARG R 169 -43.51 42.21 9.29
CA ARG R 169 -43.16 42.09 10.70
C ARG R 169 -41.64 42.09 10.81
N ASP R 170 -41.06 43.25 11.09
CA ASP R 170 -39.61 43.34 11.26
C ASP R 170 -39.15 42.61 12.51
N ASP R 171 -39.92 42.69 13.59
CA ASP R 171 -39.63 41.97 14.82
C ASP R 171 -40.47 40.69 14.85
N TRP R 172 -39.81 39.56 14.66
CA TRP R 172 -40.49 38.26 14.58
C TRP R 172 -40.83 37.69 15.95
N CYS R 173 -41.13 38.55 16.93
CA CYS R 173 -41.50 38.13 18.28
C CYS R 173 -40.43 37.23 18.90
N SER R 174 -40.61 35.92 18.75
CA SER R 174 -39.66 34.96 19.29
C SER R 174 -39.40 33.85 18.28
N GLY R 175 -39.70 32.61 18.65
CA GLY R 175 -39.47 31.48 17.77
C GLY R 175 -40.76 30.86 17.26
N LEU R 176 -41.77 30.76 18.13
CA LEU R 176 -43.04 30.17 17.73
C LEU R 176 -43.74 31.01 16.67
N ASN R 177 -43.73 32.33 16.85
CA ASN R 177 -44.35 33.20 15.86
C ASN R 177 -43.60 33.14 14.53
N ALA R 178 -42.27 33.05 14.59
CA ALA R 178 -41.49 32.92 13.35
C ALA R 178 -41.80 31.61 12.64
N MET R 179 -41.94 30.52 13.40
CA MET R 179 -42.29 29.24 12.79
C MET R 179 -43.68 29.28 12.19
N GLU R 180 -44.63 29.92 12.86
CA GLU R 180 -45.98 30.05 12.31
C GLU R 180 -45.98 30.89 11.04
N SER R 181 -45.21 31.97 11.02
CA SER R 181 -45.12 32.79 9.82
C SER R 181 -44.48 32.02 8.67
N ALA R 182 -43.45 31.23 8.97
CA ALA R 182 -42.83 30.40 7.92
C ALA R 182 -43.79 29.36 7.40
N LEU R 183 -44.59 28.76 8.29
CA LEU R 183 -45.59 27.78 7.85
C LEU R 183 -46.65 28.43 6.98
N HIS R 184 -47.11 29.62 7.35
CA HIS R 184 -48.09 30.32 6.53
C HIS R 184 -47.50 30.69 5.18
N LEU R 185 -46.23 31.10 5.15
CA LEU R 185 -45.57 31.41 3.88
C LEU R 185 -45.45 30.18 3.00
N GLU R 186 -45.10 29.04 3.59
CA GLU R 186 -45.01 27.80 2.81
C GLU R 186 -46.38 27.37 2.29
N LYS R 187 -47.43 27.57 3.10
CA LYS R 187 -48.78 27.27 2.63
C LYS R 187 -49.18 28.17 1.47
N SER R 188 -48.82 29.46 1.55
CA SER R 188 -49.11 30.37 0.45
C SER R 188 -48.34 29.98 -0.81
N VAL R 189 -47.09 29.57 -0.66
CA VAL R 189 -46.31 29.12 -1.81
C VAL R 189 -46.93 27.87 -2.42
N ASN R 190 -47.40 26.94 -1.58
CA ASN R 190 -48.05 25.74 -2.09
C ASN R 190 -49.34 26.08 -2.82
N GLN R 191 -50.11 27.03 -2.29
CA GLN R 191 -51.34 27.45 -2.96
C GLN R 191 -51.02 28.10 -4.31
N SER R 192 -49.97 28.91 -4.36
CA SER R 192 -49.56 29.52 -5.63
C SER R 192 -49.13 28.47 -6.63
N LEU R 193 -48.41 27.44 -6.16
CA LEU R 193 -48.00 26.36 -7.06
C LEU R 193 -49.20 25.58 -7.56
N LEU R 194 -50.19 25.35 -6.70
CA LEU R 194 -51.41 24.67 -7.15
C LEU R 194 -52.15 25.50 -8.18
N GLU R 195 -52.24 26.81 -7.97
CA GLU R 195 -52.88 27.68 -8.95
C GLU R 195 -52.12 27.68 -10.27
N LEU R 196 -50.79 27.67 -10.21
CA LEU R 196 -49.99 27.60 -11.43
C LEU R 196 -50.22 26.29 -12.16
N HIS R 197 -50.29 25.18 -11.42
CA HIS R 197 -50.56 23.89 -12.05
C HIS R 197 -51.94 23.87 -12.70
N LYS R 198 -52.93 24.43 -12.02
CA LYS R 198 -54.28 24.47 -12.60
C LYS R 198 -54.31 25.34 -13.85
N LEU R 199 -53.63 26.48 -13.83
CA LEU R 199 -53.60 27.35 -15.00
C LEU R 199 -52.87 26.70 -16.16
N ALA R 200 -51.78 25.97 -15.88
CA ALA R 200 -51.08 25.27 -16.94
C ALA R 200 -51.89 24.11 -17.50
N THR R 201 -52.69 23.45 -16.67
CA THR R 201 -53.54 22.39 -17.15
C THR R 201 -54.69 22.93 -18.00
N ASP R 202 -55.25 24.07 -17.60
CA ASP R 202 -56.36 24.66 -18.34
C ASP R 202 -55.89 25.30 -19.64
N LYS R 203 -54.64 25.76 -19.70
CA LYS R 203 -54.09 26.41 -20.86
C LYS R 203 -53.20 25.50 -21.69
N ASN R 204 -53.36 24.19 -21.56
CA ASN R 204 -52.59 23.20 -22.32
C ASN R 204 -51.09 23.38 -22.12
N ASP R 205 -50.59 23.00 -20.95
CA ASP R 205 -49.16 23.08 -20.64
C ASP R 205 -48.80 21.94 -19.71
N PRO R 206 -48.62 20.73 -20.24
CA PRO R 206 -48.33 19.58 -19.37
C PRO R 206 -46.90 19.57 -18.85
N HIS R 207 -45.94 20.03 -19.65
CA HIS R 207 -44.53 19.95 -19.24
C HIS R 207 -44.27 20.82 -18.02
N LEU R 208 -44.70 22.08 -18.06
CA LEU R 208 -44.43 23.00 -16.96
C LEU R 208 -45.10 22.56 -15.67
N CYS R 209 -46.40 22.20 -15.76
CA CYS R 209 -47.12 21.77 -14.57
C CYS R 209 -46.56 20.47 -14.01
N ASP R 210 -46.15 19.55 -14.89
CA ASP R 210 -45.54 18.30 -14.43
C ASP R 210 -44.21 18.57 -13.73
N PHE R 211 -43.38 19.44 -14.30
CA PHE R 211 -42.11 19.77 -13.65
C PHE R 211 -42.33 20.44 -12.31
N ILE R 212 -43.35 21.31 -12.21
CA ILE R 212 -43.64 21.98 -10.96
C ILE R 212 -44.10 20.97 -9.91
N GLU R 213 -45.02 20.08 -10.29
CA GLU R 213 -45.55 19.11 -9.32
C GLU R 213 -44.55 18.00 -9.00
N THR R 214 -43.51 17.84 -9.80
CA THR R 214 -42.52 16.80 -9.54
C THR R 214 -41.32 17.31 -8.76
N TYR R 215 -40.69 18.40 -9.22
CA TYR R 215 -39.43 18.86 -8.65
C TYR R 215 -39.60 20.08 -7.76
N TYR R 216 -40.81 20.32 -7.23
CA TYR R 216 -41.02 21.47 -6.36
C TYR R 216 -42.03 21.16 -5.25
N LEU R 217 -43.12 20.49 -5.59
CA LEU R 217 -44.16 20.22 -4.60
C LEU R 217 -43.68 19.27 -3.50
N SER R 218 -42.78 18.35 -3.82
CA SER R 218 -42.26 17.43 -2.82
C SER R 218 -41.47 18.18 -1.75
N GLU R 219 -40.58 19.08 -2.17
CA GLU R 219 -39.81 19.87 -1.23
C GLU R 219 -40.72 20.77 -0.39
N GLN R 220 -41.77 21.32 -1.01
CA GLN R 220 -42.70 22.15 -0.27
C GLN R 220 -43.45 21.35 0.78
N VAL R 221 -43.89 20.14 0.44
CA VAL R 221 -44.57 19.29 1.42
C VAL R 221 -43.63 18.91 2.55
N LYS R 222 -42.37 18.59 2.22
CA LYS R 222 -41.41 18.24 3.25
C LYS R 222 -41.15 19.43 4.19
N SER R 223 -41.03 20.64 3.63
CA SER R 223 -40.82 21.83 4.45
C SER R 223 -42.03 22.11 5.33
N ILE R 224 -43.23 21.94 4.79
CA ILE R 224 -44.44 22.16 5.58
C ILE R 224 -44.51 21.15 6.72
N LYS R 225 -44.18 19.89 6.45
CA LYS R 225 -44.20 18.88 7.50
C LYS R 225 -43.16 19.17 8.58
N GLU R 226 -41.96 19.61 8.17
CA GLU R 226 -40.92 19.94 9.14
C GLU R 226 -41.32 21.13 10.00
N LEU R 227 -41.91 22.16 9.38
CA LEU R 227 -42.36 23.32 10.14
C LEU R 227 -43.49 22.95 11.09
N GLY R 228 -44.40 22.07 10.66
CA GLY R 228 -45.44 21.61 11.56
C GLY R 228 -44.90 20.83 12.74
N ASP R 229 -43.91 19.97 12.49
CA ASP R 229 -43.27 19.25 13.58
C ASP R 229 -42.58 20.21 14.55
N HIS R 230 -41.91 21.24 14.00
CA HIS R 230 -41.25 22.22 14.86
C HIS R 230 -42.26 23.00 15.70
N VAL R 231 -43.39 23.37 15.10
CA VAL R 231 -44.42 24.09 15.85
C VAL R 231 -45.01 23.20 16.93
N THR R 232 -45.24 21.92 16.62
CA THR R 232 -45.75 21.00 17.63
C THR R 232 -44.77 20.82 18.78
N ASN R 233 -43.47 20.73 18.46
CA ASN R 233 -42.47 20.61 19.51
C ASN R 233 -42.41 21.86 20.37
N LEU R 234 -42.47 23.03 19.74
CA LEU R 234 -42.44 24.28 20.52
C LEU R 234 -43.68 24.45 21.38
N ARG R 235 -44.82 23.93 20.93
CA ARG R 235 -46.04 24.03 21.72
C ARG R 235 -46.08 23.01 22.86
N LYS R 236 -45.51 21.82 22.64
CA LYS R 236 -45.52 20.82 23.70
C LYS R 236 -44.45 21.09 24.75
N MET R 237 -43.26 21.49 24.33
CA MET R 237 -42.18 21.75 25.29
C MET R 237 -42.47 23.00 26.11
N GLY R 238 -42.79 24.10 25.45
CA GLY R 238 -43.10 25.34 26.14
C GLY R 238 -42.34 26.54 25.60
N ALA R 239 -42.74 27.01 24.42
CA ALA R 239 -42.11 28.15 23.78
C ALA R 239 -43.18 29.03 23.16
N PRO R 240 -43.07 30.36 23.29
CA PRO R 240 -42.00 31.05 24.02
C PRO R 240 -42.30 31.24 25.50
N CYS R 241 -43.05 30.31 26.09
CA CYS R 241 -43.41 30.43 27.50
C CYS R 241 -42.23 30.18 28.43
N ALA R 242 -41.14 29.60 27.91
CA ALA R 242 -39.95 29.35 28.70
C ALA R 242 -38.75 29.26 27.76
N GLY R 243 -37.66 29.93 28.14
CA GLY R 243 -36.46 29.91 27.34
C GLY R 243 -35.72 28.59 27.33
N MET R 244 -36.09 27.66 28.21
CA MET R 244 -35.43 26.36 28.24
C MET R 244 -35.80 25.53 27.02
N ALA R 245 -37.07 25.60 26.60
CA ALA R 245 -37.52 24.81 25.46
C ALA R 245 -36.82 25.25 24.17
N GLU R 246 -36.67 26.57 23.97
CA GLU R 246 -35.98 27.06 22.79
C GLU R 246 -34.52 26.62 22.78
N TYR R 247 -33.85 26.70 23.93
CA TYR R 247 -32.45 26.29 23.98
C TYR R 247 -32.31 24.80 23.72
N LEU R 248 -33.21 23.99 24.26
CA LEU R 248 -33.11 22.54 24.06
C LEU R 248 -33.42 22.17 22.60
N PHE R 249 -34.39 22.85 21.99
CA PHE R 249 -34.68 22.59 20.58
C PHE R 249 -33.55 23.08 19.69
N ASP R 250 -32.81 24.10 20.13
CA ASP R 250 -31.66 24.57 19.36
C ASP R 250 -30.50 23.59 19.47
N LYS R 251 -30.26 23.06 20.67
CA LYS R 251 -29.11 22.19 20.91
C LYS R 251 -29.38 20.73 20.58
N HIS R 252 -30.63 20.34 20.33
CA HIS R 252 -30.97 18.96 20.01
C HIS R 252 -31.40 18.77 18.57
N THR R 253 -32.52 19.41 18.17
CA THR R 253 -33.05 19.24 16.83
C THR R 253 -32.13 19.84 15.78
N LEU R 254 -32.02 21.17 15.77
CA LEU R 254 -31.18 21.85 14.78
C LEU R 254 -29.70 21.85 15.16
N GLY R 255 -29.34 21.25 16.29
CA GLY R 255 -27.95 21.19 16.70
C GLY R 255 -27.15 20.11 15.99
N THR S 13 39.93 13.81 -71.83
CA THR S 13 39.24 12.53 -71.93
C THR S 13 39.99 11.44 -71.18
N GLN S 14 41.05 11.84 -70.47
CA GLN S 14 41.84 10.87 -69.72
C GLN S 14 41.15 10.48 -68.42
N ASP S 15 40.60 11.45 -67.69
CA ASP S 15 39.92 11.14 -66.44
C ASP S 15 38.66 10.31 -66.68
N LEU S 16 37.94 10.59 -67.77
CA LEU S 16 36.75 9.82 -68.08
C LEU S 16 37.10 8.36 -68.38
N ARG S 17 38.14 8.15 -69.18
CA ARG S 17 38.57 6.78 -69.48
C ARG S 17 39.08 6.08 -68.23
N SER S 18 39.79 6.80 -67.36
CA SER S 18 40.27 6.21 -66.11
C SER S 18 39.11 5.79 -65.22
N HIS S 19 38.08 6.64 -65.11
CA HIS S 19 36.91 6.27 -64.32
C HIS S 19 36.17 5.09 -64.92
N LEU S 20 36.06 5.05 -66.25
CA LEU S 20 35.36 3.95 -66.91
C LEU S 20 36.11 2.64 -66.74
N VAL S 21 37.45 2.68 -66.73
CA VAL S 21 38.22 1.46 -66.58
C VAL S 21 38.37 1.07 -65.11
N HIS S 22 38.17 2.00 -64.17
CA HIS S 22 38.21 1.67 -62.75
C HIS S 22 36.85 1.24 -62.20
N LYS S 23 35.75 1.60 -62.87
CA LYS S 23 34.44 1.19 -62.39
C LYS S 23 34.05 -0.21 -62.87
N LEU S 24 34.62 -0.67 -64.00
CA LEU S 24 34.24 -1.97 -64.53
C LEU S 24 34.80 -3.10 -63.69
N VAL S 25 35.99 -2.92 -63.08
CA VAL S 25 36.56 -3.95 -62.24
C VAL S 25 35.72 -4.17 -60.98
N GLN S 26 34.93 -3.18 -60.58
CA GLN S 26 34.02 -3.33 -59.45
C GLN S 26 32.62 -3.75 -59.88
N ALA S 27 32.19 -3.32 -61.07
CA ALA S 27 30.86 -3.71 -61.55
C ALA S 27 30.83 -5.19 -61.96
N ILE S 28 31.93 -5.69 -62.53
CA ILE S 28 31.97 -7.10 -62.94
C ILE S 28 32.07 -8.01 -61.72
N PHE S 29 33.15 -7.87 -60.94
CA PHE S 29 33.37 -8.68 -59.76
C PHE S 29 33.27 -7.82 -58.50
N PRO S 30 32.63 -8.33 -57.44
CA PRO S 30 32.52 -7.54 -56.20
C PRO S 30 33.85 -7.34 -55.51
N CYS S 31 34.13 -8.15 -54.48
CA CYS S 31 35.34 -8.00 -53.71
C CYS S 31 36.03 -9.35 -53.53
N PRO S 32 37.34 -9.42 -53.72
CA PRO S 32 38.05 -10.70 -53.53
C PRO S 32 38.29 -11.01 -52.06
N ASP S 33 39.15 -11.98 -51.78
CA ASP S 33 39.47 -12.37 -50.42
C ASP S 33 40.90 -12.87 -50.35
N PRO S 34 41.80 -12.14 -49.69
CA PRO S 34 43.22 -12.56 -49.65
C PRO S 34 43.47 -13.76 -48.76
N CYS S 35 42.97 -13.72 -47.52
CA CYS S 35 43.20 -14.77 -46.54
C CYS S 35 42.49 -16.07 -46.87
N ALA S 36 41.27 -16.00 -47.42
CA ALA S 36 40.54 -17.20 -47.76
C ALA S 36 41.10 -17.88 -49.00
N LEU S 37 41.27 -17.14 -50.08
CA LEU S 37 41.79 -17.67 -51.34
C LEU S 37 43.25 -17.23 -51.50
N LYS S 38 43.59 -16.75 -52.69
CA LYS S 38 44.94 -16.29 -52.97
C LYS S 38 44.93 -14.83 -53.40
N ASP S 39 45.49 -14.54 -54.57
CA ASP S 39 45.54 -13.17 -55.07
C ASP S 39 45.67 -13.16 -56.59
N ARG S 40 46.07 -14.29 -57.18
CA ARG S 40 46.24 -14.37 -58.62
C ARG S 40 44.91 -14.37 -59.37
N ARG S 41 43.81 -14.71 -58.69
CA ARG S 41 42.52 -14.75 -59.37
C ARG S 41 42.04 -13.35 -59.72
N MET S 42 42.16 -12.40 -58.79
CA MET S 42 41.78 -11.02 -59.09
C MET S 42 42.69 -10.44 -60.17
N GLU S 43 43.97 -10.81 -60.16
CA GLU S 43 44.89 -10.34 -61.19
C GLU S 43 44.49 -10.88 -62.56
N ASN S 44 44.15 -12.17 -62.64
CA ASN S 44 43.70 -12.74 -63.90
C ASN S 44 42.39 -12.10 -64.36
N LEU S 45 41.50 -11.80 -63.41
CA LEU S 45 40.23 -11.18 -63.77
C LEU S 45 40.43 -9.78 -64.34
N VAL S 46 41.26 -8.97 -63.68
CA VAL S 46 41.50 -7.62 -64.17
C VAL S 46 42.28 -7.65 -65.48
N ALA S 47 43.15 -8.66 -65.66
CA ALA S 47 43.85 -8.78 -66.93
C ALA S 47 42.88 -9.13 -68.06
N TYR S 48 41.95 -10.05 -67.81
CA TYR S 48 40.95 -10.38 -68.81
C TYR S 48 40.04 -9.18 -69.10
N ALA S 49 39.73 -8.39 -68.08
CA ALA S 49 38.94 -7.18 -68.29
C ALA S 49 39.67 -6.19 -69.16
N LYS S 50 40.96 -5.96 -68.88
CA LYS S 50 41.75 -5.06 -69.73
C LYS S 50 41.83 -5.60 -71.16
N LYS S 51 42.00 -6.91 -71.31
CA LYS S 51 42.07 -7.48 -72.66
C LYS S 51 40.77 -7.28 -73.42
N VAL S 52 39.63 -7.54 -72.78
CA VAL S 52 38.37 -7.44 -73.48
C VAL S 52 38.02 -5.97 -73.77
N GLU S 53 38.38 -5.05 -72.87
CA GLU S 53 38.11 -3.65 -73.14
C GLU S 53 39.02 -3.13 -74.25
N GLY S 54 40.26 -3.60 -74.31
CA GLY S 54 41.12 -3.23 -75.43
C GLY S 54 40.62 -3.79 -76.75
N ASP S 55 40.11 -5.02 -76.73
CA ASP S 55 39.56 -5.60 -77.96
C ASP S 55 38.31 -4.85 -78.41
N MET S 56 37.49 -4.40 -77.46
CA MET S 56 36.31 -3.62 -77.82
C MET S 56 36.69 -2.22 -78.31
N TYR S 57 37.77 -1.65 -77.77
CA TYR S 57 38.19 -0.32 -78.21
C TYR S 57 38.82 -0.39 -79.61
N GLU S 58 39.60 -1.44 -79.89
CA GLU S 58 40.21 -1.58 -81.20
C GLU S 58 39.18 -1.85 -82.29
N SER S 59 38.02 -2.40 -81.93
CA SER S 59 36.96 -2.71 -82.88
C SER S 59 35.73 -1.84 -82.63
N ALA S 60 35.89 -0.53 -82.65
CA ALA S 60 34.81 0.41 -82.41
C ALA S 60 34.75 1.45 -83.52
N ASN S 61 33.66 2.21 -83.53
CA ASN S 61 33.47 3.27 -84.53
C ASN S 61 33.60 4.65 -83.90
N SER S 62 32.61 5.01 -83.08
CA SER S 62 32.61 6.33 -82.44
C SER S 62 32.82 6.20 -80.94
N ARG S 63 32.04 6.95 -80.16
CA ARG S 63 32.18 6.97 -78.70
C ARG S 63 30.98 6.40 -77.98
N ASP S 64 29.76 6.74 -78.42
CA ASP S 64 28.57 6.26 -77.73
C ASP S 64 28.33 4.78 -77.95
N GLU S 65 28.56 4.29 -79.17
CA GLU S 65 28.35 2.87 -79.44
C GLU S 65 29.33 2.00 -78.67
N TYR S 66 30.57 2.46 -78.49
CA TYR S 66 31.53 1.71 -77.69
C TYR S 66 31.08 1.61 -76.23
N TYR S 67 30.59 2.72 -75.67
CA TYR S 67 30.11 2.68 -74.29
C TYR S 67 28.88 1.78 -74.17
N HIS S 68 27.99 1.81 -75.17
CA HIS S 68 26.82 0.93 -75.14
C HIS S 68 27.23 -0.53 -75.21
N LEU S 69 28.20 -0.86 -76.07
CA LEU S 69 28.67 -2.24 -76.17
C LEU S 69 29.36 -2.68 -74.87
N LEU S 70 30.12 -1.77 -74.24
CA LEU S 70 30.75 -2.10 -72.98
C LEU S 70 29.72 -2.36 -71.89
N ALA S 71 28.67 -1.52 -71.84
CA ALA S 71 27.61 -1.74 -70.86
C ALA S 71 26.89 -3.06 -71.11
N GLU S 72 26.64 -3.39 -72.38
CA GLU S 72 26.00 -4.66 -72.71
C GLU S 72 26.88 -5.84 -72.31
N LYS S 73 28.19 -5.71 -72.52
CA LYS S 73 29.10 -6.77 -72.12
C LYS S 73 29.12 -6.94 -70.60
N ILE S 74 29.12 -5.83 -69.87
CA ILE S 74 29.07 -5.89 -68.40
C ILE S 74 27.78 -6.57 -67.95
N TYR S 75 26.65 -6.22 -68.57
CA TYR S 75 25.39 -6.85 -68.23
C TYR S 75 25.44 -8.36 -68.51
N LYS S 76 25.97 -8.75 -69.67
CA LYS S 76 26.02 -10.16 -70.02
C LYS S 76 26.93 -10.94 -69.08
N ILE S 77 28.02 -10.31 -68.63
CA ILE S 77 28.89 -10.96 -67.66
C ILE S 77 28.19 -11.10 -66.32
N GLN S 78 27.44 -10.07 -65.90
CA GLN S 78 26.70 -10.15 -64.66
C GLN S 78 25.49 -11.07 -64.74
N LYS S 79 25.10 -11.50 -65.94
CA LYS S 79 23.98 -12.42 -66.08
C LYS S 79 24.27 -13.76 -65.42
N GLU S 80 25.53 -14.20 -65.42
CA GLU S 80 25.87 -15.48 -64.81
C GLU S 80 26.10 -15.34 -63.32
N LEU S 81 27.00 -14.45 -62.92
CA LEU S 81 27.33 -14.25 -61.49
C LEU S 81 26.21 -13.45 -60.83
N GLU S 82 25.15 -14.17 -60.47
CA GLU S 82 24.00 -13.59 -59.80
C GLU S 82 23.80 -14.15 -58.40
N GLU S 83 23.97 -15.46 -58.22
CA GLU S 83 23.77 -16.13 -56.93
C GLU S 83 22.39 -15.83 -56.37
N LYS S 84 21.37 -16.49 -56.90
CA LYS S 84 20.01 -16.25 -56.46
C LYS S 84 19.81 -16.75 -55.03
N SER S 85 18.93 -16.07 -54.29
CA SER S 85 18.66 -16.43 -52.91
C SER S 85 17.82 -17.71 -52.84
N GLN S 86 18.07 -18.49 -51.79
CA GLN S 86 17.32 -19.73 -51.60
C GLN S 86 15.90 -19.48 -51.10
N VAL S 87 15.62 -18.28 -50.59
CA VAL S 87 14.28 -17.94 -50.12
C VAL S 87 13.41 -17.36 -51.22
N ARG S 88 13.95 -17.14 -52.42
CA ARG S 88 13.18 -16.60 -53.53
C ARG S 88 12.24 -17.66 -54.08
N GLN S 89 10.94 -17.37 -54.06
CA GLN S 89 9.93 -18.29 -54.56
C GLN S 89 8.83 -17.49 -55.22
N ASN S 90 8.65 -17.71 -56.53
CA ASN S 90 7.63 -17.02 -57.32
C ASN S 90 7.80 -15.50 -57.22
N TYR S 91 8.75 -14.96 -57.99
CA TYR S 91 9.01 -13.52 -57.99
C TYR S 91 9.63 -13.14 -59.33
N HIS S 92 9.04 -12.17 -60.01
CA HIS S 92 9.50 -11.76 -61.33
C HIS S 92 10.31 -10.47 -61.23
N GLN S 93 11.11 -10.22 -62.28
CA GLN S 93 11.92 -9.01 -62.31
C GLN S 93 11.09 -7.75 -62.43
N ASP S 94 9.91 -7.84 -63.05
CA ASP S 94 9.02 -6.69 -63.13
C ASP S 94 8.55 -6.27 -61.74
N ALA S 95 8.26 -7.24 -60.88
CA ALA S 95 7.90 -6.93 -59.50
C ALA S 95 9.05 -6.26 -58.77
N GLU S 96 10.29 -6.72 -59.03
CA GLU S 96 11.45 -6.09 -58.41
C GLU S 96 11.61 -4.65 -58.87
N ALA S 97 11.43 -4.39 -60.17
CA ALA S 97 11.51 -3.03 -60.68
C ALA S 97 10.41 -2.15 -60.10
N ALA S 98 9.20 -2.70 -59.95
CA ALA S 98 8.12 -1.94 -59.35
C ALA S 98 8.40 -1.62 -57.90
N ILE S 99 8.97 -2.57 -57.15
CA ILE S 99 9.32 -2.31 -55.76
C ILE S 99 10.42 -1.27 -55.66
N ASN S 100 11.38 -1.30 -56.59
CA ASN S 100 12.43 -0.29 -56.59
C ASN S 100 11.87 1.10 -56.88
N ARG S 101 10.95 1.19 -57.85
CA ARG S 101 10.32 2.48 -58.14
C ARG S 101 9.49 2.97 -56.97
N GLN S 102 8.81 2.05 -56.27
CA GLN S 102 8.04 2.45 -55.10
C GLN S 102 8.95 2.93 -53.98
N ILE S 103 10.10 2.28 -53.80
CA ILE S 103 11.06 2.72 -52.80
C ILE S 103 11.61 4.11 -53.14
N ASN S 104 11.90 4.34 -54.42
CA ASN S 104 12.38 5.65 -54.84
C ASN S 104 11.32 6.72 -54.60
N LEU S 105 10.05 6.41 -54.89
CA LEU S 105 8.97 7.36 -54.65
C LEU S 105 8.79 7.63 -53.16
N GLU S 106 8.93 6.60 -52.33
CA GLU S 106 8.84 6.79 -50.88
C GLU S 106 9.97 7.66 -50.37
N LEU S 107 11.19 7.46 -50.88
CA LEU S 107 12.30 8.31 -50.49
C LEU S 107 12.08 9.76 -50.93
N TYR S 108 11.55 9.95 -52.14
CA TYR S 108 11.25 11.30 -52.61
C TYR S 108 10.19 11.96 -51.74
N ALA S 109 9.16 11.20 -51.35
CA ALA S 109 8.11 11.74 -50.49
C ALA S 109 8.67 12.10 -49.11
N SER S 110 9.54 11.26 -48.57
CA SER S 110 10.17 11.58 -47.29
C SER S 110 11.02 12.84 -47.39
N TYR S 111 11.75 13.00 -48.50
CA TYR S 111 12.55 14.20 -48.68
C TYR S 111 11.66 15.44 -48.79
N VAL S 112 10.55 15.33 -49.51
CA VAL S 112 9.64 16.46 -49.65
C VAL S 112 9.03 16.82 -48.29
N TYR S 113 8.66 15.82 -47.50
CA TYR S 113 8.08 16.09 -46.18
C TYR S 113 9.12 16.69 -45.24
N LEU S 114 10.38 16.25 -45.34
CA LEU S 114 11.44 16.86 -44.54
C LEU S 114 11.66 18.31 -44.94
N SER S 115 11.63 18.61 -46.24
CA SER S 115 11.76 19.98 -46.70
C SER S 115 10.60 20.84 -46.20
N MET S 116 9.38 20.28 -46.21
CA MET S 116 8.23 21.02 -45.70
C MET S 116 8.36 21.28 -44.20
N SER S 117 8.85 20.28 -43.46
CA SER S 117 9.03 20.47 -42.02
C SER S 117 10.10 21.51 -41.73
N CYS S 118 11.16 21.55 -42.54
CA CYS S 118 12.22 22.52 -42.35
C CYS S 118 11.90 23.88 -42.94
N TYR S 119 10.81 24.00 -43.71
CA TYR S 119 10.41 25.29 -44.27
C TYR S 119 9.45 26.05 -43.37
N PHE S 120 8.67 25.34 -42.54
CA PHE S 120 7.68 25.99 -41.69
C PHE S 120 8.21 26.37 -40.31
N ASP S 121 9.29 25.73 -39.85
CA ASP S 121 9.85 26.02 -38.54
C ASP S 121 10.82 27.21 -38.55
N ARG S 122 10.79 28.02 -39.60
CA ARG S 122 11.67 29.17 -39.71
C ARG S 122 11.07 30.35 -38.92
N ASP S 123 11.65 31.53 -39.09
CA ASP S 123 11.17 32.72 -38.40
C ASP S 123 10.11 33.48 -39.21
N ASP S 124 10.17 33.38 -40.54
CA ASP S 124 9.21 34.06 -41.40
C ASP S 124 7.89 33.30 -41.52
N VAL S 125 7.78 32.12 -40.92
CA VAL S 125 6.57 31.31 -40.95
C VAL S 125 5.94 31.20 -39.57
N ALA S 126 6.73 30.80 -38.57
CA ALA S 126 6.29 30.72 -37.18
C ALA S 126 5.09 29.77 -37.03
N LEU S 127 5.28 28.55 -37.52
CA LEU S 127 4.27 27.49 -37.42
C LEU S 127 4.97 26.23 -36.92
N LYS S 128 5.00 26.06 -35.59
CA LYS S 128 5.67 24.90 -35.00
C LYS S 128 4.84 23.64 -35.12
N ASN S 129 3.51 23.76 -35.04
CA ASN S 129 2.65 22.58 -35.14
C ASN S 129 2.67 22.00 -36.54
N PHE S 130 2.69 22.86 -37.57
CA PHE S 130 2.82 22.38 -38.93
C PHE S 130 4.15 21.66 -39.14
N ALA S 131 5.23 22.21 -38.58
CA ALA S 131 6.53 21.55 -38.69
C ALA S 131 6.53 20.20 -37.98
N LYS S 132 5.90 20.13 -36.81
CA LYS S 132 5.83 18.85 -36.09
C LYS S 132 5.01 17.83 -36.86
N TYR S 133 3.88 18.25 -37.46
CA TYR S 133 3.08 17.34 -38.25
C TYR S 133 3.83 16.85 -39.49
N PHE S 134 4.56 17.74 -40.15
CA PHE S 134 5.33 17.34 -41.33
C PHE S 134 6.46 16.41 -40.93
N LEU S 135 7.09 16.64 -39.78
CA LEU S 135 8.15 15.74 -39.31
C LEU S 135 7.59 14.37 -38.97
N HIS S 136 6.40 14.33 -38.36
CA HIS S 136 5.76 13.04 -38.07
C HIS S 136 5.41 12.30 -39.35
N GLN S 137 4.92 13.02 -40.36
CA GLN S 137 4.61 12.39 -41.64
C GLN S 137 5.88 11.87 -42.31
N SER S 138 6.97 12.64 -42.22
CA SER S 138 8.24 12.18 -42.79
C SER S 138 8.74 10.93 -42.07
N HIS S 139 8.60 10.89 -40.74
CA HIS S 139 9.00 9.70 -40.00
C HIS S 139 8.14 8.50 -40.38
N GLU S 140 6.84 8.71 -40.57
CA GLU S 140 5.97 7.62 -40.98
C GLU S 140 6.35 7.10 -42.36
N GLU S 141 6.64 8.00 -43.30
CA GLU S 141 7.06 7.57 -44.63
C GLU S 141 8.39 6.85 -44.58
N ARG S 142 9.31 7.31 -43.71
CA ARG S 142 10.59 6.64 -43.57
CA ARG S 142 10.60 6.63 -43.56
C ARG S 142 10.41 5.23 -43.02
N GLU S 143 9.54 5.07 -42.02
CA GLU S 143 9.28 3.75 -41.46
C GLU S 143 8.61 2.84 -42.49
N HIS S 144 7.71 3.39 -43.31
CA HIS S 144 7.08 2.59 -44.35
C HIS S 144 8.10 2.15 -45.39
N ALA S 145 9.02 3.04 -45.75
CA ALA S 145 10.07 2.67 -46.71
C ALA S 145 10.99 1.61 -46.13
N GLU S 146 11.35 1.73 -44.86
CA GLU S 146 12.18 0.71 -44.22
C GLU S 146 11.46 -0.63 -44.16
N LYS S 147 10.15 -0.61 -43.89
CA LYS S 147 9.38 -1.85 -43.86
C LYS S 147 9.30 -2.48 -45.25
N LEU S 148 9.15 -1.65 -46.29
CA LEU S 148 9.16 -2.18 -47.66
C LEU S 148 10.52 -2.79 -48.00
N MET S 149 11.61 -2.13 -47.60
CA MET S 149 12.94 -2.67 -47.84
C MET S 149 13.14 -4.00 -47.12
N LYS S 150 12.67 -4.08 -45.87
CA LYS S 150 12.78 -5.33 -45.12
C LYS S 150 11.95 -6.44 -45.76
N LEU S 151 10.75 -6.12 -46.23
CA LEU S 151 9.91 -7.11 -46.90
C LEU S 151 10.54 -7.59 -48.19
N GLN S 152 11.18 -6.68 -48.93
CA GLN S 152 11.88 -7.09 -50.15
C GLN S 152 13.09 -7.96 -49.84
N ASN S 153 13.81 -7.64 -48.75
CA ASN S 153 14.95 -8.46 -48.36
C ASN S 153 14.52 -9.84 -47.87
N GLN S 154 13.35 -9.94 -47.25
CA GLN S 154 12.88 -11.25 -46.80
C GLN S 154 12.49 -12.13 -47.98
N ARG S 155 11.95 -11.54 -49.04
CA ARG S 155 11.57 -12.31 -50.22
C ARG S 155 12.76 -12.71 -51.07
N GLY S 156 13.88 -12.02 -50.93
CA GLY S 156 15.08 -12.34 -51.69
C GLY S 156 15.37 -11.41 -52.85
N GLY S 157 14.54 -10.38 -53.07
CA GLY S 157 14.78 -9.48 -54.17
C GLY S 157 15.88 -8.48 -53.87
N ARG S 158 16.63 -8.13 -54.91
CA ARG S 158 17.72 -7.18 -54.78
C ARG S 158 17.19 -5.76 -54.71
N ILE S 159 17.92 -4.90 -53.99
CA ILE S 159 17.56 -3.50 -53.82
C ILE S 159 18.72 -2.66 -54.33
N PHE S 160 18.46 -1.85 -55.36
CA PHE S 160 19.46 -0.97 -55.96
C PHE S 160 19.07 0.47 -55.64
N LEU S 161 19.63 0.99 -54.56
CA LEU S 161 19.35 2.37 -54.14
C LEU S 161 20.06 3.35 -55.07
N GLN S 162 19.29 4.27 -55.64
CA GLN S 162 19.80 5.26 -56.57
C GLN S 162 19.74 6.65 -55.92
N ASP S 163 19.87 7.69 -56.73
CA ASP S 163 19.83 9.06 -56.22
C ASP S 163 18.41 9.46 -55.86
N ILE S 164 18.29 10.34 -54.87
CA ILE S 164 17.00 10.83 -54.42
C ILE S 164 16.78 12.22 -55.02
N LYS S 165 15.67 12.38 -55.74
CA LYS S 165 15.38 13.65 -56.40
C LYS S 165 14.98 14.71 -55.37
N LYS S 166 15.23 15.96 -55.70
CA LYS S 166 14.90 17.08 -54.84
C LYS S 166 13.55 17.67 -55.25
N PRO S 167 12.86 18.33 -54.31
CA PRO S 167 11.59 18.98 -54.65
C PRO S 167 11.80 20.08 -55.67
N ASP S 168 10.92 20.10 -56.69
CA ASP S 168 11.02 21.11 -57.74
C ASP S 168 10.67 22.51 -57.24
N ARG S 169 9.94 22.62 -56.13
CA ARG S 169 9.53 23.89 -55.57
C ARG S 169 10.22 24.06 -54.22
N ASP S 170 11.35 24.77 -54.20
CA ASP S 170 12.06 25.01 -52.95
C ASP S 170 11.27 25.91 -52.01
N ASP S 171 10.59 26.91 -52.57
CA ASP S 171 9.73 27.81 -51.80
C ASP S 171 8.29 27.33 -51.95
N TRP S 172 7.75 26.76 -50.88
CA TRP S 172 6.40 26.18 -50.89
C TRP S 172 5.31 27.23 -50.72
N CYS S 173 5.53 28.45 -51.23
CA CYS S 173 4.55 29.53 -51.16
C CYS S 173 4.14 29.81 -49.73
N SER S 174 3.03 29.18 -49.30
CA SER S 174 2.52 29.37 -47.94
C SER S 174 2.10 28.03 -47.35
N GLY S 175 0.83 27.90 -46.99
CA GLY S 175 0.33 26.67 -46.41
C GLY S 175 -0.62 25.92 -47.33
N LEU S 176 -1.47 26.65 -48.03
CA LEU S 176 -2.43 26.01 -48.93
C LEU S 176 -1.73 25.32 -50.09
N ASN S 177 -0.72 25.97 -50.66
CA ASN S 177 0.03 25.35 -51.75
C ASN S 177 0.79 24.12 -51.26
N ALA S 178 1.34 24.19 -50.05
CA ALA S 178 2.03 23.03 -49.49
C ALA S 178 1.07 21.87 -49.26
N MET S 179 -0.15 22.17 -48.77
CA MET S 179 -1.13 21.12 -48.58
C MET S 179 -1.57 20.52 -49.91
N GLU S 180 -1.74 21.35 -50.93
CA GLU S 180 -2.10 20.83 -52.25
C GLU S 180 -0.99 19.96 -52.83
N SER S 181 0.27 20.37 -52.65
CA SER S 181 1.38 19.57 -53.13
C SER S 181 1.46 18.24 -52.38
N ALA S 182 1.22 18.26 -51.07
CA ALA S 182 1.21 17.01 -50.30
C ALA S 182 0.07 16.10 -50.75
N LEU S 183 -1.10 16.67 -51.04
CA LEU S 183 -2.22 15.87 -51.53
C LEU S 183 -1.91 15.26 -52.88
N HIS S 184 -1.30 16.03 -53.78
CA HIS S 184 -0.92 15.49 -55.08
C HIS S 184 0.12 14.39 -54.93
N LEU S 185 1.07 14.56 -54.02
CA LEU S 185 2.07 13.54 -53.78
C LEU S 185 1.44 12.26 -53.23
N GLU S 186 0.49 12.39 -52.31
CA GLU S 186 -0.20 11.22 -51.78
C GLU S 186 -1.03 10.52 -52.86
N LYS S 187 -1.65 11.31 -53.75
CA LYS S 187 -2.39 10.71 -54.86
C LYS S 187 -1.46 9.96 -55.80
N SER S 188 -0.27 10.52 -56.06
CA SER S 188 0.70 9.82 -56.90
C SER S 188 1.19 8.54 -56.24
N VAL S 189 1.41 8.58 -54.92
CA VAL S 189 1.81 7.36 -54.20
C VAL S 189 0.71 6.32 -54.26
N ASN S 190 -0.55 6.74 -54.12
CA ASN S 190 -1.66 5.79 -54.22
C ASN S 190 -1.76 5.19 -55.61
N GLN S 191 -1.55 6.01 -56.64
CA GLN S 191 -1.57 5.49 -58.01
C GLN S 191 -0.44 4.49 -58.24
N SER S 192 0.74 4.79 -57.69
CA SER S 192 1.86 3.85 -57.81
C SER S 192 1.57 2.54 -57.09
N LEU S 193 0.93 2.63 -55.92
CA LEU S 193 0.56 1.41 -55.20
C LEU S 193 -0.48 0.60 -55.96
N LEU S 194 -1.43 1.29 -56.60
CA LEU S 194 -2.42 0.58 -57.41
C LEU S 194 -1.76 -0.11 -58.60
N GLU S 195 -0.81 0.58 -59.25
CA GLU S 195 -0.09 -0.04 -60.36
C GLU S 195 0.73 -1.24 -59.89
N LEU S 196 1.35 -1.13 -58.70
CA LEU S 196 2.10 -2.26 -58.16
C LEU S 196 1.17 -3.44 -57.86
N HIS S 197 -0.01 -3.17 -57.30
CA HIS S 197 -0.96 -4.23 -57.04
C HIS S 197 -1.42 -4.90 -58.33
N LYS S 198 -1.69 -4.10 -59.37
CA LYS S 198 -2.10 -4.66 -60.65
C LYS S 198 -0.99 -5.50 -61.26
N LEU S 199 0.25 -5.04 -61.18
CA LEU S 199 1.37 -5.80 -61.73
C LEU S 199 1.58 -7.10 -60.96
N ALA S 200 1.42 -7.07 -59.64
CA ALA S 200 1.57 -8.28 -58.85
C ALA S 200 0.43 -9.27 -59.11
N THR S 201 -0.77 -8.76 -59.38
CA THR S 201 -1.88 -9.64 -59.72
C THR S 201 -1.70 -10.26 -61.10
N ASP S 202 -1.19 -9.49 -62.05
CA ASP S 202 -1.00 -10.01 -63.41
C ASP S 202 0.20 -10.95 -63.48
N LYS S 203 1.18 -10.79 -62.60
CA LYS S 203 2.38 -11.61 -62.60
C LYS S 203 2.36 -12.68 -61.52
N ASN S 204 1.17 -13.05 -61.02
CA ASN S 204 1.00 -14.10 -60.02
C ASN S 204 1.80 -13.80 -58.76
N ASP S 205 1.34 -12.83 -57.98
CA ASP S 205 1.99 -12.46 -56.72
C ASP S 205 0.92 -12.00 -55.74
N PRO S 206 0.21 -12.93 -55.10
CA PRO S 206 -0.87 -12.53 -54.19
C PRO S 206 -0.37 -12.01 -52.86
N HIS S 207 0.73 -12.54 -52.35
CA HIS S 207 1.21 -12.14 -51.02
C HIS S 207 1.62 -10.67 -51.01
N LEU S 208 2.45 -10.26 -51.97
CA LEU S 208 2.95 -8.89 -51.98
C LEU S 208 1.81 -7.89 -52.19
N CYS S 209 0.94 -8.15 -53.15
CA CYS S 209 -0.16 -7.22 -53.42
C CYS S 209 -1.13 -7.17 -52.25
N ASP S 210 -1.37 -8.31 -51.60
CA ASP S 210 -2.25 -8.32 -50.43
C ASP S 210 -1.63 -7.52 -49.28
N PHE S 211 -0.33 -7.70 -49.04
CA PHE S 211 0.32 -6.93 -47.99
C PHE S 211 0.30 -5.44 -48.29
N ILE S 212 0.48 -5.07 -49.56
CA ILE S 212 0.45 -3.66 -49.93
C ILE S 212 -0.94 -3.08 -49.73
N GLU S 213 -1.98 -3.80 -50.17
CA GLU S 213 -3.34 -3.28 -50.05
C GLU S 213 -3.86 -3.36 -48.62
N THR S 214 -3.22 -4.12 -47.75
CA THR S 214 -3.67 -4.23 -46.37
C THR S 214 -2.95 -3.26 -45.44
N TYR S 215 -1.61 -3.28 -45.45
CA TYR S 215 -0.82 -2.53 -44.48
C TYR S 215 -0.22 -1.25 -45.06
N TYR S 216 -0.79 -0.72 -46.15
CA TYR S 216 -0.26 0.52 -46.73
C TYR S 216 -1.38 1.39 -47.31
N LEU S 217 -2.33 0.79 -48.01
CA LEU S 217 -3.38 1.57 -48.65
C LEU S 217 -4.29 2.25 -47.62
N SER S 218 -4.49 1.65 -46.46
CA SER S 218 -5.34 2.26 -45.44
C SER S 218 -4.71 3.56 -44.93
N GLU S 219 -3.41 3.53 -44.63
CA GLU S 219 -2.72 4.73 -44.18
C GLU S 219 -2.72 5.80 -45.26
N GLN S 220 -2.56 5.39 -46.53
CA GLN S 220 -2.60 6.35 -47.61
C GLN S 220 -3.97 7.01 -47.74
N VAL S 221 -5.04 6.23 -47.62
CA VAL S 221 -6.39 6.79 -47.69
C VAL S 221 -6.62 7.73 -46.52
N LYS S 222 -6.17 7.36 -45.32
CA LYS S 222 -6.33 8.23 -44.16
C LYS S 222 -5.57 9.55 -44.35
N SER S 223 -4.34 9.47 -44.88
CA SER S 223 -3.57 10.69 -45.11
C SER S 223 -4.22 11.56 -46.17
N ILE S 224 -4.76 10.95 -47.23
CA ILE S 224 -5.43 11.72 -48.28
C ILE S 224 -6.66 12.41 -47.70
N LYS S 225 -7.43 11.70 -46.87
CA LYS S 225 -8.62 12.30 -46.27
C LYS S 225 -8.24 13.45 -45.33
N GLU S 226 -7.17 13.28 -44.54
CA GLU S 226 -6.74 14.33 -43.64
C GLU S 226 -6.26 15.55 -44.42
N LEU S 227 -5.50 15.34 -45.50
CA LEU S 227 -5.04 16.47 -46.31
C LEU S 227 -6.21 17.16 -46.99
N GLY S 228 -7.21 16.41 -47.44
CA GLY S 228 -8.39 17.03 -48.01
C GLY S 228 -9.16 17.86 -47.01
N ASP S 229 -9.29 17.35 -45.78
CA ASP S 229 -9.94 18.12 -44.72
C ASP S 229 -9.16 19.39 -44.42
N HIS S 230 -7.83 19.30 -44.39
CA HIS S 230 -7.01 20.47 -44.14
C HIS S 230 -7.15 21.50 -45.25
N VAL S 231 -7.19 21.06 -46.51
CA VAL S 231 -7.36 21.97 -47.62
C VAL S 231 -8.73 22.63 -47.56
N THR S 232 -9.77 21.85 -47.23
CA THR S 232 -11.11 22.43 -47.10
C THR S 232 -11.17 23.47 -45.99
N ASN S 233 -10.51 23.19 -44.86
CA ASN S 233 -10.48 24.15 -43.77
C ASN S 233 -9.74 25.42 -44.17
N LEU S 234 -8.61 25.27 -44.86
CA LEU S 234 -7.85 26.45 -45.28
C LEU S 234 -8.61 27.26 -46.32
N ARG S 235 -9.42 26.61 -47.15
CA ARG S 235 -10.20 27.34 -48.14
C ARG S 235 -11.42 28.01 -47.54
N LYS S 236 -12.04 27.39 -46.53
CA LYS S 236 -13.21 28.00 -45.92
C LYS S 236 -12.84 29.13 -44.96
N MET S 237 -11.79 28.93 -44.15
CA MET S 237 -11.39 29.96 -43.19
C MET S 237 -10.80 31.17 -43.89
N GLY S 238 -9.84 30.94 -44.79
CA GLY S 238 -9.23 32.04 -45.52
C GLY S 238 -7.71 32.00 -45.48
N ALA S 239 -7.12 31.06 -46.22
CA ALA S 239 -5.68 30.92 -46.29
C ALA S 239 -5.27 30.63 -47.73
N PRO S 240 -4.19 31.25 -48.22
CA PRO S 240 -3.37 32.22 -47.49
C PRO S 240 -3.86 33.65 -47.63
N CYS S 241 -5.17 33.83 -47.77
CA CYS S 241 -5.74 35.17 -47.93
C CYS S 241 -5.68 35.98 -46.64
N ALA S 242 -5.45 35.32 -45.50
CA ALA S 242 -5.34 36.01 -44.23
C ALA S 242 -4.52 35.16 -43.27
N GLY S 243 -3.58 35.80 -42.57
CA GLY S 243 -2.74 35.08 -41.63
C GLY S 243 -3.45 34.62 -40.38
N MET S 244 -4.68 35.08 -40.14
CA MET S 244 -5.43 34.65 -38.97
C MET S 244 -5.86 33.19 -39.08
N ALA S 245 -6.27 32.78 -40.29
CA ALA S 245 -6.73 31.41 -40.49
C ALA S 245 -5.60 30.41 -40.27
N GLU S 246 -4.40 30.72 -40.77
CA GLU S 246 -3.26 29.83 -40.57
C GLU S 246 -2.91 29.71 -39.10
N TYR S 247 -2.91 30.83 -38.38
CA TYR S 247 -2.60 30.79 -36.95
C TYR S 247 -3.64 29.99 -36.18
N LEU S 248 -4.92 30.16 -36.51
CA LEU S 248 -5.96 29.43 -35.80
C LEU S 248 -5.91 27.94 -36.11
N PHE S 249 -5.62 27.59 -37.37
CA PHE S 249 -5.49 26.17 -37.72
C PHE S 249 -4.25 25.57 -37.08
N ASP S 250 -3.22 26.38 -36.83
CA ASP S 250 -2.03 25.88 -36.15
C ASP S 250 -2.29 25.67 -34.67
N LYS S 251 -3.02 26.59 -34.04
CA LYS S 251 -3.24 26.53 -32.60
C LYS S 251 -4.44 25.68 -32.21
N HIS S 252 -5.27 25.25 -33.16
CA HIS S 252 -6.44 24.44 -32.86
C HIS S 252 -6.31 23.02 -33.39
N THR S 253 -6.19 22.83 -34.71
CA THR S 253 -6.14 21.51 -35.29
C THR S 253 -4.85 20.79 -34.92
N LEU S 254 -3.72 21.27 -35.43
CA LEU S 254 -2.43 20.65 -35.16
C LEU S 254 -1.84 21.05 -33.82
N GLY S 255 -2.54 21.89 -33.04
CA GLY S 255 -2.06 22.30 -31.74
C GLY S 255 -2.30 21.27 -30.65
N THR T 13 54.89 -60.07 17.95
CA THR T 13 53.57 -60.67 17.93
C THR T 13 52.79 -60.35 19.20
N GLN T 14 53.38 -59.50 20.05
CA GLN T 14 52.73 -59.13 21.30
C GLN T 14 51.62 -58.10 21.07
N ASP T 15 51.89 -57.08 20.25
CA ASP T 15 50.89 -56.06 19.98
C ASP T 15 49.70 -56.64 19.23
N LEU T 16 49.96 -57.57 18.31
CA LEU T 16 48.85 -58.20 17.57
C LEU T 16 47.95 -59.00 18.50
N ARG T 17 48.55 -59.78 19.40
CA ARG T 17 47.76 -60.54 20.36
C ARG T 17 47.01 -59.62 21.31
N SER T 18 47.65 -58.53 21.72
CA SER T 18 46.97 -57.57 22.60
C SER T 18 45.77 -56.94 21.91
N HIS T 19 45.92 -56.56 20.64
CA HIS T 19 44.79 -56.00 19.89
C HIS T 19 43.69 -57.03 19.71
N LEU T 20 44.06 -58.28 19.41
CA LEU T 20 43.06 -59.32 19.22
C LEU T 20 42.30 -59.62 20.52
N VAL T 21 42.97 -59.55 21.66
CA VAL T 21 42.31 -59.82 22.93
C VAL T 21 41.55 -58.60 23.45
N HIS T 22 41.90 -57.40 22.99
CA HIS T 22 41.16 -56.21 23.38
C HIS T 22 39.98 -55.90 22.48
N LYS T 23 39.97 -56.44 21.25
CA LYS T 23 38.83 -56.19 20.36
C LYS T 23 37.69 -57.17 20.59
N LEU T 24 37.99 -58.36 21.13
CA LEU T 24 36.92 -59.35 21.32
C LEU T 24 35.99 -58.96 22.46
N VAL T 25 36.51 -58.30 23.49
CA VAL T 25 35.65 -57.88 24.60
C VAL T 25 34.65 -56.82 24.16
N GLN T 26 34.93 -56.11 23.06
CA GLN T 26 33.98 -55.15 22.50
C GLN T 26 33.12 -55.76 21.41
N ALA T 27 33.66 -56.72 20.65
CA ALA T 27 32.87 -57.36 19.61
C ALA T 27 31.81 -58.28 20.20
N ILE T 28 32.12 -58.96 21.31
CA ILE T 28 31.14 -59.85 21.93
C ILE T 28 30.04 -59.06 22.61
N PHE T 29 30.41 -58.25 23.61
CA PHE T 29 29.46 -57.44 24.35
C PHE T 29 29.68 -55.97 24.05
N PRO T 30 28.59 -55.19 23.89
CA PRO T 30 28.76 -53.75 23.60
C PRO T 30 29.32 -52.97 24.79
N CYS T 31 28.45 -52.32 25.56
CA CYS T 31 28.90 -51.49 26.67
C CYS T 31 28.07 -51.80 27.90
N PRO T 32 28.71 -51.96 29.06
CA PRO T 32 27.97 -52.22 30.30
C PRO T 32 27.32 -50.97 30.87
N ASP T 33 26.85 -51.04 32.11
CA ASP T 33 26.23 -49.91 32.77
C ASP T 33 26.49 -49.97 34.27
N PRO T 34 27.29 -49.06 34.82
CA PRO T 34 27.62 -49.12 36.25
C PRO T 34 26.47 -48.73 37.16
N CYS T 35 25.84 -47.58 36.89
CA CYS T 35 24.77 -47.06 37.72
C CYS T 35 23.49 -47.88 37.64
N ALA T 36 23.16 -48.40 36.47
CA ALA T 36 21.94 -49.19 36.33
C ALA T 36 22.08 -50.57 36.95
N LEU T 37 23.14 -51.29 36.59
CA LEU T 37 23.39 -52.63 37.10
C LEU T 37 24.50 -52.56 38.16
N LYS T 38 25.45 -53.48 38.06
CA LYS T 38 26.57 -53.53 38.99
C LYS T 38 27.89 -53.38 38.25
N ASP T 39 28.80 -54.33 38.43
CA ASP T 39 30.10 -54.30 37.77
C ASP T 39 30.69 -55.70 37.65
N ARG T 40 30.16 -56.65 38.43
CA ARG T 40 30.68 -58.01 38.41
C ARG T 40 30.29 -58.75 37.13
N ARG T 41 29.26 -58.29 36.42
CA ARG T 41 28.83 -58.98 35.21
C ARG T 41 29.85 -58.81 34.09
N MET T 42 30.36 -57.59 33.90
CA MET T 42 31.39 -57.37 32.89
C MET T 42 32.67 -58.12 33.26
N GLU T 43 32.98 -58.20 34.55
CA GLU T 43 34.16 -58.96 34.98
C GLU T 43 33.99 -60.43 34.68
N ASN T 44 32.81 -61.00 34.97
CA ASN T 44 32.58 -62.40 34.65
C ASN T 44 32.62 -62.64 33.14
N LEU T 45 32.11 -61.68 32.36
CA LEU T 45 32.11 -61.83 30.91
C LEU T 45 33.53 -61.82 30.36
N VAL T 46 34.37 -60.89 30.82
CA VAL T 46 35.74 -60.84 30.33
C VAL T 46 36.54 -62.03 30.84
N ALA T 47 36.21 -62.53 32.03
CA ALA T 47 36.87 -63.74 32.51
C ALA T 47 36.51 -64.95 31.66
N TYR T 48 35.23 -65.09 31.30
CA TYR T 48 34.82 -66.18 30.42
C TYR T 48 35.46 -66.04 29.04
N ALA T 49 35.60 -64.80 28.56
CA ALA T 49 36.26 -64.59 27.27
C ALA T 49 37.73 -65.01 27.32
N LYS T 50 38.42 -64.62 28.40
CA LYS T 50 39.81 -65.04 28.55
C LYS T 50 39.92 -66.55 28.65
N LYS T 51 38.99 -67.19 29.38
CA LYS T 51 39.02 -68.64 29.51
C LYS T 51 38.82 -69.32 28.17
N VAL T 52 37.85 -68.86 27.38
CA VAL T 52 37.55 -69.53 26.11
C VAL T 52 38.67 -69.27 25.11
N GLU T 53 39.27 -68.08 25.13
CA GLU T 53 40.37 -67.82 24.21
C GLU T 53 41.60 -68.61 24.59
N GLY T 54 41.84 -68.81 25.89
CA GLY T 54 42.93 -69.68 26.30
C GLY T 54 42.70 -71.13 25.93
N ASP T 55 41.45 -71.59 26.06
CA ASP T 55 41.14 -72.96 25.66
C ASP T 55 41.29 -73.15 24.16
N MET T 56 40.94 -72.13 23.36
CA MET T 56 41.12 -72.22 21.92
C MET T 56 42.59 -72.14 21.54
N TYR T 57 43.40 -71.39 22.30
CA TYR T 57 44.83 -71.30 21.99
C TYR T 57 45.55 -72.59 22.36
N GLU T 58 45.17 -73.20 23.49
CA GLU T 58 45.80 -74.46 23.89
C GLU T 58 45.45 -75.61 22.96
N SER T 59 44.33 -75.53 22.25
CA SER T 59 43.89 -76.56 21.32
C SER T 59 43.92 -76.06 19.88
N ALA T 60 45.06 -75.58 19.42
CA ALA T 60 45.21 -75.05 18.08
C ALA T 60 46.41 -75.69 17.38
N ASN T 61 46.50 -75.47 16.07
CA ASN T 61 47.60 -76.01 15.27
C ASN T 61 48.56 -74.91 14.84
N SER T 62 48.11 -74.04 13.92
CA SER T 62 48.94 -72.97 13.43
C SER T 62 48.44 -71.60 13.89
N ARG T 63 48.40 -70.64 12.98
CA ARG T 63 47.99 -69.27 13.31
C ARG T 63 46.69 -68.86 12.62
N ASP T 64 46.53 -69.19 11.34
CA ASP T 64 45.34 -68.77 10.61
C ASP T 64 44.10 -69.53 11.06
N GLU T 65 44.23 -70.84 11.30
CA GLU T 65 43.08 -71.62 11.73
C GLU T 65 42.58 -71.20 13.10
N TYR T 66 43.49 -70.80 14.00
CA TYR T 66 43.07 -70.30 15.30
C TYR T 66 42.29 -69.01 15.17
N TYR T 67 42.75 -68.10 14.32
CA TYR T 67 42.02 -66.85 14.11
C TYR T 67 40.66 -67.11 13.47
N HIS T 68 40.60 -68.06 12.54
CA HIS T 68 39.31 -68.41 11.92
C HIS T 68 38.35 -68.99 12.94
N LEU T 69 38.85 -69.87 13.82
CA LEU T 69 37.99 -70.46 14.84
C LEU T 69 37.53 -69.40 15.84
N LEU T 70 38.41 -68.44 16.18
CA LEU T 70 38.02 -67.37 17.08
C LEU T 70 36.95 -66.49 16.45
N ALA T 71 37.09 -66.18 15.16
CA ALA T 71 36.07 -65.39 14.47
C ALA T 71 34.74 -66.14 14.41
N GLU T 72 34.80 -67.45 14.16
CA GLU T 72 33.57 -68.24 14.13
C GLU T 72 32.92 -68.28 15.50
N LYS T 73 33.71 -68.38 16.56
CA LYS T 73 33.16 -68.37 17.91
C LYS T 73 32.51 -67.01 18.23
N ILE T 74 33.16 -65.93 17.82
CA ILE T 74 32.58 -64.59 18.02
C ILE T 74 31.26 -64.47 17.28
N TYR T 75 31.22 -64.95 16.03
CA TYR T 75 29.97 -64.92 15.27
C TYR T 75 28.88 -65.74 15.96
N LYS T 76 29.22 -66.95 16.43
CA LYS T 76 28.23 -67.79 17.08
C LYS T 76 27.71 -67.17 18.37
N ILE T 77 28.59 -66.47 19.10
CA ILE T 77 28.16 -65.78 20.32
C ILE T 77 27.25 -64.61 19.96
N GLN T 78 27.57 -63.88 18.89
CA GLN T 78 26.74 -62.78 18.45
C GLN T 78 25.43 -63.24 17.82
N LYS T 79 25.30 -64.53 17.49
CA LYS T 79 24.06 -65.03 16.91
C LYS T 79 22.90 -64.91 17.88
N GLU T 80 23.16 -65.03 19.18
CA GLU T 80 22.08 -64.93 20.16
C GLU T 80 21.79 -63.48 20.52
N LEU T 81 22.81 -62.74 20.96
CA LEU T 81 22.64 -61.34 21.37
C LEU T 81 22.52 -60.46 20.12
N GLU T 82 21.31 -60.44 19.58
CA GLU T 82 20.99 -59.63 18.39
C GLU T 82 19.97 -58.55 18.69
N GLU T 83 18.93 -58.87 19.47
CA GLU T 83 17.85 -57.93 19.80
C GLU T 83 17.25 -57.35 18.54
N LYS T 84 16.40 -58.12 17.86
CA LYS T 84 15.78 -57.67 16.62
C LYS T 84 14.80 -56.53 16.90
N SER T 85 14.67 -55.64 15.92
CA SER T 85 13.78 -54.50 16.06
C SER T 85 12.32 -54.93 15.92
N GLN T 86 11.45 -54.25 16.65
CA GLN T 86 10.02 -54.55 16.60
C GLN T 86 9.37 -54.05 15.31
N VAL T 87 10.04 -53.14 14.59
CA VAL T 87 9.50 -52.63 13.33
C VAL T 87 9.92 -53.47 12.13
N ARG T 88 10.77 -54.48 12.33
CA ARG T 88 11.21 -55.34 11.24
C ARG T 88 10.09 -56.27 10.82
N GLN T 89 9.69 -56.20 9.55
CA GLN T 89 8.63 -57.04 9.02
C GLN T 89 8.98 -57.41 7.58
N ASN T 90 9.16 -58.70 7.34
CA ASN T 90 9.50 -59.21 6.02
C ASN T 90 10.77 -58.56 5.48
N TYR T 91 11.92 -59.04 5.94
CA TYR T 91 13.21 -58.50 5.51
C TYR T 91 14.27 -59.58 5.68
N HIS T 92 15.00 -59.87 4.62
CA HIS T 92 16.00 -60.93 4.64
C HIS T 92 17.41 -60.33 4.77
N GLN T 93 18.35 -61.18 5.19
CA GLN T 93 19.73 -60.72 5.36
C GLN T 93 20.38 -60.41 4.02
N ASP T 94 19.95 -61.06 2.94
CA ASP T 94 20.48 -60.74 1.62
C ASP T 94 20.12 -59.31 1.22
N ALA T 95 18.90 -58.88 1.54
CA ALA T 95 18.51 -57.50 1.28
C ALA T 95 19.35 -56.53 2.09
N GLU T 96 19.67 -56.90 3.35
CA GLU T 96 20.53 -56.05 4.17
C GLU T 96 21.93 -55.94 3.57
N ALA T 97 22.49 -57.05 3.10
CA ALA T 97 23.81 -57.01 2.48
C ALA T 97 23.79 -56.19 1.20
N ALA T 98 22.71 -56.30 0.42
CA ALA T 98 22.60 -55.51 -0.80
C ALA T 98 22.49 -54.03 -0.48
N ILE T 99 21.74 -53.67 0.57
CA ILE T 99 21.65 -52.27 0.96
C ILE T 99 22.99 -51.76 1.45
N ASN T 100 23.73 -52.59 2.17
CA ASN T 100 25.06 -52.18 2.63
C ASN T 100 26.01 -51.95 1.45
N ARG T 101 25.97 -52.85 0.46
CA ARG T 101 26.80 -52.67 -0.72
C ARG T 101 26.41 -51.43 -1.50
N GLN T 102 25.10 -51.15 -1.57
CA GLN T 102 24.64 -49.94 -2.25
C GLN T 102 25.09 -48.69 -1.51
N ILE T 103 25.06 -48.72 -0.18
CA ILE T 103 25.54 -47.59 0.61
C ILE T 103 27.04 -47.38 0.40
N ASN T 104 27.81 -48.46 0.37
CA ASN T 104 29.23 -48.35 0.11
C ASN T 104 29.51 -47.77 -1.27
N LEU T 105 28.74 -48.20 -2.28
CA LEU T 105 28.91 -47.67 -3.63
C LEU T 105 28.53 -46.20 -3.69
N GLU T 106 27.48 -45.80 -2.97
CA GLU T 106 27.10 -44.39 -2.93
C GLU T 106 28.18 -43.54 -2.26
N LEU T 107 28.77 -44.05 -1.18
CA LEU T 107 29.86 -43.33 -0.54
C LEU T 107 31.08 -43.21 -1.46
N TYR T 108 31.38 -44.28 -2.19
CA TYR T 108 32.49 -44.23 -3.14
C TYR T 108 32.21 -43.22 -4.26
N ALA T 109 30.97 -43.18 -4.74
CA ALA T 109 30.61 -42.22 -5.78
C ALA T 109 30.69 -40.79 -5.25
N SER T 110 30.26 -40.56 -4.02
CA SER T 110 30.38 -39.23 -3.42
C SER T 110 31.84 -38.82 -3.28
N TYR T 111 32.69 -39.77 -2.88
CA TYR T 111 34.12 -39.47 -2.76
C TYR T 111 34.73 -39.14 -4.12
N VAL T 112 34.35 -39.89 -5.15
CA VAL T 112 34.86 -39.63 -6.50
C VAL T 112 34.40 -38.26 -6.99
N TYR T 113 33.14 -37.91 -6.73
CA TYR T 113 32.63 -36.61 -7.17
C TYR T 113 33.30 -35.48 -6.40
N LEU T 114 33.59 -35.69 -5.10
CA LEU T 114 34.31 -34.68 -4.34
C LEU T 114 35.73 -34.50 -4.87
N SER T 115 36.40 -35.61 -5.23
CA SER T 115 37.72 -35.52 -5.81
C SER T 115 37.69 -34.78 -7.15
N MET T 116 36.65 -35.04 -7.97
CA MET T 116 36.53 -34.34 -9.24
C MET T 116 36.28 -32.85 -9.02
N SER T 117 35.46 -32.51 -8.02
CA SER T 117 35.20 -31.09 -7.74
C SER T 117 36.46 -30.40 -7.23
N CYS T 118 37.28 -31.10 -6.45
CA CYS T 118 38.51 -30.52 -5.93
C CYS T 118 39.66 -30.58 -6.93
N TYR T 119 39.49 -31.29 -8.05
CA TYR T 119 40.53 -31.35 -9.07
C TYR T 119 40.37 -30.27 -10.13
N PHE T 120 39.15 -29.79 -10.37
CA PHE T 120 38.90 -28.79 -11.41
C PHE T 120 38.99 -27.36 -10.91
N ASP T 121 38.84 -27.12 -9.61
CA ASP T 121 38.90 -25.77 -9.06
C ASP T 121 40.32 -25.31 -8.76
N ARG T 122 41.32 -25.99 -9.31
CA ARG T 122 42.72 -25.63 -9.09
C ARG T 122 43.11 -24.49 -10.04
N ASP T 123 44.40 -24.18 -10.10
CA ASP T 123 44.89 -23.12 -10.97
C ASP T 123 45.27 -23.63 -12.35
N ASP T 124 45.67 -24.89 -12.46
CA ASP T 124 46.04 -25.48 -13.75
C ASP T 124 44.84 -25.92 -14.56
N VAL T 125 43.64 -25.81 -14.02
CA VAL T 125 42.41 -26.18 -14.72
C VAL T 125 41.55 -24.96 -15.02
N ALA T 126 41.26 -24.15 -14.00
CA ALA T 126 40.51 -22.91 -14.13
C ALA T 126 39.12 -23.16 -14.73
N LEU T 127 38.38 -24.06 -14.07
CA LEU T 127 37.01 -24.41 -14.45
C LEU T 127 36.16 -24.38 -13.18
N LYS T 128 35.58 -23.21 -12.88
CA LYS T 128 34.77 -23.07 -11.68
C LYS T 128 33.39 -23.68 -11.85
N ASN T 129 32.82 -23.60 -13.05
CA ASN T 129 31.49 -24.16 -13.28
C ASN T 129 31.51 -25.68 -13.20
N PHE T 130 32.57 -26.32 -13.73
CA PHE T 130 32.70 -27.76 -13.60
C PHE T 130 32.83 -28.16 -12.13
N ALA T 131 33.61 -27.40 -11.35
CA ALA T 131 33.74 -27.69 -9.93
C ALA T 131 32.41 -27.54 -9.21
N LYS T 132 31.65 -26.50 -9.55
CA LYS T 132 30.34 -26.31 -8.92
C LYS T 132 29.38 -27.44 -9.28
N TYR T 133 29.38 -27.87 -10.55
CA TYR T 133 28.53 -28.97 -10.95
C TYR T 133 28.92 -30.28 -10.24
N PHE T 134 30.21 -30.53 -10.13
CA PHE T 134 30.66 -31.75 -9.44
C PHE T 134 30.32 -31.69 -7.96
N LEU T 135 30.42 -30.50 -7.34
CA LEU T 135 30.04 -30.36 -5.93
C LEU T 135 28.55 -30.57 -5.74
N HIS T 136 27.73 -30.07 -6.68
CA HIS T 136 26.29 -30.29 -6.60
C HIS T 136 25.96 -31.77 -6.76
N GLN T 137 26.65 -32.45 -7.67
CA GLN T 137 26.43 -33.89 -7.84
C GLN T 137 26.84 -34.66 -6.59
N SER T 138 27.96 -34.26 -5.97
CA SER T 138 28.39 -34.90 -4.74
C SER T 138 27.40 -34.68 -3.61
N HIS T 139 26.83 -33.47 -3.52
CA HIS T 139 25.81 -33.20 -2.51
C HIS T 139 24.56 -34.03 -2.77
N GLU T 140 24.16 -34.18 -4.03
CA GLU T 140 23.01 -35.00 -4.35
C GLU T 140 23.24 -36.46 -3.98
N GLU T 141 24.43 -36.98 -4.28
CA GLU T 141 24.73 -38.36 -3.92
C GLU T 141 24.78 -38.53 -2.41
N ARG T 142 25.30 -37.53 -1.69
CA ARG T 142 25.33 -37.59 -0.24
CA ARG T 142 25.32 -37.58 -0.24
C ARG T 142 23.92 -37.61 0.34
N GLU T 143 23.02 -36.77 -0.21
CA GLU T 143 21.64 -36.76 0.25
C GLU T 143 20.94 -38.07 -0.06
N HIS T 144 21.22 -38.65 -1.23
CA HIS T 144 20.63 -39.94 -1.56
C HIS T 144 21.12 -41.04 -0.62
N ALA T 145 22.41 -41.01 -0.28
CA ALA T 145 22.95 -41.99 0.67
C ALA T 145 22.33 -41.82 2.05
N GLU T 146 22.16 -40.58 2.49
CA GLU T 146 21.53 -40.34 3.78
C GLU T 146 20.07 -40.80 3.78
N LYS T 147 19.37 -40.59 2.66
CA LYS T 147 17.99 -41.05 2.57
C LYS T 147 17.92 -42.58 2.58
N LEU T 148 18.87 -43.24 1.91
CA LEU T 148 18.91 -44.70 1.96
C LEU T 148 19.19 -45.19 3.38
N MET T 149 20.11 -44.54 4.09
CA MET T 149 20.40 -44.92 5.47
C MET T 149 19.18 -44.73 6.36
N LYS T 150 18.45 -43.62 6.17
CA LYS T 150 17.25 -43.38 6.96
C LYS T 150 16.17 -44.42 6.64
N LEU T 151 16.01 -44.78 5.37
CA LEU T 151 15.03 -45.80 5.00
C LEU T 151 15.39 -47.15 5.58
N GLN T 152 16.69 -47.48 5.61
CA GLN T 152 17.11 -48.73 6.23
C GLN T 152 16.89 -48.71 7.74
N ASN T 153 17.11 -47.56 8.38
CA ASN T 153 16.88 -47.46 9.81
C ASN T 153 15.39 -47.54 10.15
N GLN T 154 14.53 -47.04 9.26
CA GLN T 154 13.09 -47.13 9.52
C GLN T 154 12.59 -48.56 9.40
N ARG T 155 13.18 -49.35 8.50
CA ARG T 155 12.77 -50.74 8.34
C ARG T 155 13.31 -51.63 9.45
N GLY T 156 14.36 -51.21 10.13
CA GLY T 156 14.94 -51.98 11.22
C GLY T 156 16.22 -52.71 10.87
N GLY T 157 16.73 -52.56 9.64
CA GLY T 157 17.95 -53.25 9.28
C GLY T 157 19.19 -52.55 9.81
N ARG T 158 20.18 -53.36 10.16
CA ARG T 158 21.43 -52.84 10.70
C ARG T 158 22.30 -52.28 9.59
N ILE T 159 23.09 -51.26 9.93
CA ILE T 159 24.00 -50.59 9.01
C ILE T 159 25.41 -50.73 9.56
N PHE T 160 26.29 -51.38 8.80
CA PHE T 160 27.68 -51.58 9.19
C PHE T 160 28.54 -50.76 8.23
N LEU T 161 28.88 -49.54 8.65
CA LEU T 161 29.71 -48.66 7.83
C LEU T 161 31.15 -49.13 7.86
N GLN T 162 31.73 -49.35 6.68
CA GLN T 162 33.09 -49.81 6.53
C GLN T 162 33.96 -48.71 5.93
N ASP T 163 35.14 -49.08 5.44
CA ASP T 163 36.05 -48.10 4.86
C ASP T 163 35.56 -47.66 3.48
N ILE T 164 35.87 -46.43 3.13
CA ILE T 164 35.50 -45.87 1.83
C ILE T 164 36.72 -45.93 0.92
N LYS T 165 36.56 -46.58 -0.23
CA LYS T 165 37.67 -46.72 -1.17
C LYS T 165 37.97 -45.40 -1.85
N LYS T 166 39.22 -45.23 -2.26
CA LYS T 166 39.68 -44.03 -2.94
C LYS T 166 39.64 -44.24 -4.45
N PRO T 167 39.52 -43.15 -5.22
CA PRO T 167 39.54 -43.28 -6.68
C PRO T 167 40.88 -43.81 -7.16
N ASP T 168 40.83 -44.77 -8.09
CA ASP T 168 42.05 -45.37 -8.62
C ASP T 168 42.83 -44.40 -9.50
N ARG T 169 42.20 -43.37 -10.02
CA ARG T 169 42.83 -42.38 -10.88
C ARG T 169 42.84 -41.04 -10.15
N ASP T 170 43.95 -40.72 -9.49
CA ASP T 170 44.06 -39.44 -8.79
C ASP T 170 44.09 -38.27 -9.76
N ASP T 171 44.76 -38.44 -10.90
CA ASP T 171 44.80 -37.43 -11.95
C ASP T 171 43.78 -37.81 -13.01
N TRP T 172 42.69 -37.04 -13.06
CA TRP T 172 41.57 -37.31 -13.98
C TRP T 172 41.84 -36.80 -15.39
N CYS T 173 43.10 -36.82 -15.84
CA CYS T 173 43.48 -36.40 -17.18
C CYS T 173 43.02 -34.97 -17.47
N SER T 174 41.83 -34.85 -18.07
CA SER T 174 41.27 -33.54 -18.40
C SER T 174 39.79 -33.50 -18.07
N GLY T 175 38.95 -33.26 -19.07
CA GLY T 175 37.52 -33.20 -18.85
C GLY T 175 36.77 -34.37 -19.47
N LEU T 176 37.19 -34.78 -20.67
CA LEU T 176 36.52 -35.88 -21.35
C LEU T 176 36.69 -37.19 -20.58
N ASN T 177 37.90 -37.44 -20.08
CA ASN T 177 38.13 -38.66 -19.30
C ASN T 177 37.34 -38.62 -18.00
N ALA T 178 37.24 -37.45 -17.37
CA ALA T 178 36.45 -37.34 -16.14
C ALA T 178 34.97 -37.60 -16.43
N MET T 179 34.46 -37.08 -17.55
CA MET T 179 33.07 -37.32 -17.91
C MET T 179 32.83 -38.79 -18.21
N GLU T 180 33.77 -39.45 -18.89
CA GLU T 180 33.63 -40.87 -19.17
C GLU T 180 33.66 -41.69 -17.88
N SER T 181 34.53 -41.32 -16.94
CA SER T 181 34.59 -42.03 -15.66
C SER T 181 33.29 -41.82 -14.88
N ALA T 182 32.75 -40.61 -14.90
CA ALA T 182 31.47 -40.36 -14.22
C ALA T 182 30.34 -41.14 -14.86
N LEU T 183 30.34 -41.25 -16.19
CA LEU T 183 29.32 -42.04 -16.88
C LEU T 183 29.43 -43.51 -16.52
N HIS T 184 30.66 -44.04 -16.48
CA HIS T 184 30.85 -45.44 -16.09
C HIS T 184 30.41 -45.66 -14.65
N LEU T 185 30.70 -44.71 -13.77
CA LEU T 185 30.27 -44.83 -12.38
C LEU T 185 28.75 -44.82 -12.26
N GLU T 186 28.08 -43.95 -13.02
CA GLU T 186 26.62 -43.92 -13.01
C GLU T 186 26.03 -45.21 -13.58
N LYS T 187 26.66 -45.77 -14.61
CA LYS T 187 26.21 -47.05 -15.15
C LYS T 187 26.37 -48.16 -14.12
N SER T 188 27.48 -48.16 -13.39
CA SER T 188 27.68 -49.16 -12.33
C SER T 188 26.65 -49.00 -11.22
N VAL T 189 26.34 -47.76 -10.85
CA VAL T 189 25.31 -47.52 -9.83
C VAL T 189 23.95 -48.01 -10.32
N ASN T 190 23.64 -47.77 -11.60
CA ASN T 190 22.37 -48.25 -12.16
C ASN T 190 22.31 -49.76 -12.17
N GLN T 191 23.43 -50.41 -12.51
CA GLN T 191 23.47 -51.88 -12.50
C GLN T 191 23.29 -52.41 -11.07
N SER T 192 23.90 -51.76 -10.10
CA SER T 192 23.73 -52.16 -8.70
C SER T 192 22.28 -52.00 -8.26
N LEU T 193 21.65 -50.90 -8.68
CA LEU T 193 20.24 -50.69 -8.34
C LEU T 193 19.35 -51.73 -8.99
N LEU T 194 19.66 -52.12 -10.23
CA LEU T 194 18.88 -53.17 -10.89
C LEU T 194 19.06 -54.50 -10.17
N GLU T 195 20.28 -54.81 -9.76
CA GLU T 195 20.52 -56.04 -9.00
C GLU T 195 19.78 -56.02 -7.66
N LEU T 196 19.76 -54.86 -7.00
CA LEU T 196 19.02 -54.75 -5.74
C LEU T 196 17.53 -54.94 -5.97
N HIS T 197 16.98 -54.36 -7.04
CA HIS T 197 15.58 -54.55 -7.35
C HIS T 197 15.26 -56.02 -7.64
N LYS T 198 16.13 -56.69 -8.39
CA LYS T 198 15.91 -58.10 -8.68
C LYS T 198 15.98 -58.94 -7.42
N LEU T 199 16.93 -58.65 -6.53
CA LEU T 199 17.03 -59.39 -5.28
C LEU T 199 15.83 -59.16 -4.38
N ALA T 200 15.33 -57.92 -4.33
CA ALA T 200 14.15 -57.63 -3.54
C ALA T 200 12.90 -58.29 -4.12
N THR T 201 12.82 -58.39 -5.44
CA THR T 201 11.69 -59.07 -6.06
C THR T 201 11.74 -60.57 -5.82
N ASP T 202 12.94 -61.16 -5.87
CA ASP T 202 13.08 -62.59 -5.66
C ASP T 202 12.91 -62.97 -4.20
N LYS T 203 13.22 -62.06 -3.28
CA LYS T 203 13.13 -62.32 -1.85
C LYS T 203 11.88 -61.71 -1.22
N ASN T 204 10.84 -61.43 -2.02
CA ASN T 204 9.58 -60.89 -1.53
C ASN T 204 9.77 -59.58 -0.78
N ASP T 205 10.07 -58.51 -1.53
CA ASP T 205 10.25 -57.18 -0.94
C ASP T 205 9.77 -56.15 -1.94
N PRO T 206 8.46 -55.93 -2.03
CA PRO T 206 7.95 -54.97 -3.03
C PRO T 206 8.16 -53.52 -2.64
N HIS T 207 8.09 -53.21 -1.35
CA HIS T 207 8.19 -51.81 -0.92
C HIS T 207 9.57 -51.24 -1.23
N LEU T 208 10.62 -51.95 -0.84
CA LEU T 208 11.99 -51.44 -1.04
C LEU T 208 12.31 -51.30 -2.52
N CYS T 209 12.00 -52.32 -3.31
CA CYS T 209 12.32 -52.27 -4.73
C CYS T 209 11.49 -51.20 -5.44
N ASP T 210 10.24 -51.02 -5.03
CA ASP T 210 9.41 -49.97 -5.61
C ASP T 210 9.95 -48.59 -5.27
N PHE T 211 10.36 -48.38 -4.02
CA PHE T 211 10.92 -47.10 -3.64
C PHE T 211 12.23 -46.83 -4.39
N ILE T 212 13.05 -47.86 -4.60
CA ILE T 212 14.29 -47.69 -5.32
C ILE T 212 14.02 -47.34 -6.78
N GLU T 213 13.09 -48.05 -7.42
CA GLU T 213 12.82 -47.80 -8.83
C GLU T 213 12.01 -46.52 -9.04
N THR T 214 11.41 -45.97 -8.00
CA THR T 214 10.64 -44.74 -8.14
C THR T 214 11.45 -43.49 -7.81
N TYR T 215 12.08 -43.46 -6.65
CA TYR T 215 12.74 -42.25 -6.15
C TYR T 215 14.26 -42.30 -6.30
N TYR T 216 14.78 -43.13 -7.20
CA TYR T 216 16.23 -43.20 -7.39
C TYR T 216 16.60 -43.45 -8.85
N LEU T 217 15.89 -44.36 -9.52
CA LEU T 217 16.23 -44.70 -10.90
C LEU T 217 16.00 -43.53 -11.85
N SER T 218 15.01 -42.68 -11.58
CA SER T 218 14.76 -41.54 -12.44
C SER T 218 15.93 -40.56 -12.42
N GLU T 219 16.43 -40.25 -11.22
CA GLU T 219 17.57 -39.35 -11.11
C GLU T 219 18.81 -39.97 -11.76
N GLN T 220 18.99 -41.29 -11.62
CA GLN T 220 20.12 -41.95 -12.25
C GLN T 220 20.03 -41.87 -13.77
N VAL T 221 18.84 -42.09 -14.33
CA VAL T 221 18.67 -41.99 -15.78
C VAL T 221 18.92 -40.57 -16.25
N LYS T 222 18.43 -39.58 -15.49
CA LYS T 222 18.65 -38.19 -15.87
C LYS T 222 20.14 -37.85 -15.84
N SER T 223 20.86 -38.31 -14.81
CA SER T 223 22.30 -38.06 -14.72
C SER T 223 23.05 -38.74 -15.86
N ILE T 224 22.66 -39.97 -16.20
CA ILE T 224 23.32 -40.68 -17.30
C ILE T 224 23.08 -39.94 -18.61
N LYS T 225 21.86 -39.46 -18.83
CA LYS T 225 21.56 -38.72 -20.06
C LYS T 225 22.35 -37.41 -20.12
N GLU T 226 22.45 -36.70 -18.99
CA GLU T 226 23.21 -35.46 -18.96
C GLU T 226 24.69 -35.71 -19.21
N LEU T 227 25.26 -36.76 -18.62
CA LEU T 227 26.66 -37.08 -18.85
C LEU T 227 26.89 -37.50 -20.30
N GLY T 228 25.95 -38.24 -20.89
CA GLY T 228 26.08 -38.58 -22.30
C GLY T 228 26.04 -37.37 -23.20
N ASP T 229 25.14 -36.42 -22.90
CA ASP T 229 25.09 -35.19 -23.67
C ASP T 229 26.39 -34.40 -23.52
N HIS T 230 26.95 -34.36 -22.31
CA HIS T 230 28.21 -33.66 -22.09
C HIS T 230 29.35 -34.31 -22.86
N VAL T 231 29.39 -35.65 -22.87
CA VAL T 231 30.43 -36.35 -23.61
C VAL T 231 30.28 -36.11 -25.10
N THR T 232 29.04 -36.12 -25.60
CA THR T 232 28.82 -35.84 -27.02
C THR T 232 29.25 -34.43 -27.38
N ASN T 233 28.95 -33.45 -26.51
CA ASN T 233 29.38 -32.08 -26.77
C ASN T 233 30.89 -31.96 -26.77
N LEU T 234 31.56 -32.61 -25.81
CA LEU T 234 33.01 -32.54 -25.74
C LEU T 234 33.66 -33.23 -26.94
N ARG T 235 33.03 -34.27 -27.47
CA ARG T 235 33.58 -34.95 -28.64
C ARG T 235 33.32 -34.19 -29.92
N LYS T 236 32.19 -33.50 -30.03
CA LYS T 236 31.90 -32.75 -31.25
C LYS T 236 32.65 -31.43 -31.30
N MET T 237 32.74 -30.72 -30.17
CA MET T 237 33.42 -29.44 -30.16
C MET T 237 34.92 -29.62 -30.30
N GLY T 238 35.52 -30.50 -29.49
CA GLY T 238 36.94 -30.74 -29.56
C GLY T 238 37.63 -30.66 -28.21
N ALA T 239 37.41 -31.68 -27.37
CA ALA T 239 38.01 -31.74 -26.05
C ALA T 239 38.47 -33.17 -25.78
N PRO T 240 39.66 -33.36 -25.18
CA PRO T 240 40.58 -32.29 -24.80
C PRO T 240 41.55 -31.90 -25.91
N CYS T 241 41.11 -32.02 -27.17
CA CYS T 241 41.97 -31.69 -28.30
C CYS T 241 42.21 -30.19 -28.43
N ALA T 242 41.41 -29.37 -27.76
CA ALA T 242 41.58 -27.92 -27.80
C ALA T 242 40.96 -27.33 -26.54
N GLY T 243 41.69 -26.40 -25.91
CA GLY T 243 41.19 -25.76 -24.71
C GLY T 243 40.05 -24.80 -24.93
N MET T 244 39.75 -24.45 -26.18
CA MET T 244 38.65 -23.55 -26.47
C MET T 244 37.30 -24.22 -26.19
N ALA T 245 37.18 -25.50 -26.54
CA ALA T 245 35.93 -26.22 -26.34
C ALA T 245 35.58 -26.33 -24.86
N GLU T 246 36.58 -26.64 -24.02
CA GLU T 246 36.34 -26.75 -22.59
C GLU T 246 35.91 -25.41 -22.01
N TYR T 247 36.57 -24.33 -22.41
CA TYR T 247 36.21 -23.01 -21.91
C TYR T 247 34.79 -22.62 -22.34
N LEU T 248 34.43 -22.92 -23.59
CA LEU T 248 33.10 -22.56 -24.06
C LEU T 248 32.02 -23.40 -23.38
N PHE T 249 32.30 -24.69 -23.16
CA PHE T 249 31.34 -25.53 -22.43
C PHE T 249 31.23 -25.12 -20.97
N ASP T 250 32.30 -24.55 -20.41
CA ASP T 250 32.25 -24.06 -19.04
C ASP T 250 31.44 -22.77 -18.95
N LYS T 251 31.62 -21.87 -19.91
CA LYS T 251 30.97 -20.56 -19.88
C LYS T 251 29.57 -20.56 -20.47
N HIS T 252 29.16 -21.63 -21.14
CA HIS T 252 27.83 -21.71 -21.75
C HIS T 252 26.93 -22.72 -21.06
N THR T 253 27.28 -23.99 -21.08
CA THR T 253 26.44 -25.03 -20.49
C THR T 253 26.36 -24.90 -18.98
N LEU T 254 27.47 -25.16 -18.29
CA LEU T 254 27.49 -25.09 -16.83
C LEU T 254 27.64 -23.66 -16.31
N GLY T 255 27.71 -22.67 -17.19
CA GLY T 255 27.84 -21.29 -16.76
C GLY T 255 26.52 -20.67 -16.34
N THR U 13 50.22 -65.97 -8.30
CA THR U 13 51.04 -64.78 -8.32
C THR U 13 50.97 -64.08 -9.68
N GLN U 14 50.09 -64.59 -10.55
CA GLN U 14 49.94 -63.99 -11.87
C GLN U 14 49.11 -62.71 -11.82
N ASP U 15 48.01 -62.72 -11.07
CA ASP U 15 47.16 -61.53 -10.98
C ASP U 15 47.89 -60.40 -10.26
N LEU U 16 48.69 -60.72 -9.24
CA LEU U 16 49.45 -59.70 -8.54
C LEU U 16 50.48 -59.04 -9.46
N ARG U 17 51.20 -59.83 -10.24
CA ARG U 17 52.16 -59.28 -11.18
C ARG U 17 51.47 -58.47 -12.28
N SER U 18 50.30 -58.94 -12.73
CA SER U 18 49.55 -58.19 -13.73
C SER U 18 49.11 -56.83 -13.19
N HIS U 19 48.61 -56.80 -11.95
CA HIS U 19 48.21 -55.53 -11.35
C HIS U 19 49.41 -54.62 -11.16
N LEU U 20 50.55 -55.17 -10.73
CA LEU U 20 51.74 -54.35 -10.52
C LEU U 20 52.26 -53.78 -11.83
N VAL U 21 52.16 -54.54 -12.92
CA VAL U 21 52.65 -54.04 -14.21
C VAL U 21 51.63 -53.14 -14.89
N HIS U 22 50.35 -53.22 -14.52
CA HIS U 22 49.34 -52.33 -15.07
C HIS U 22 49.19 -51.03 -14.28
N LYS U 23 49.62 -51.01 -13.02
CA LYS U 23 49.52 -49.78 -12.25
C LYS U 23 50.71 -48.85 -12.48
N LEU U 24 51.86 -49.38 -12.88
CA LEU U 24 53.03 -48.53 -13.06
C LEU U 24 52.91 -47.65 -14.29
N VAL U 25 52.25 -48.14 -15.35
CA VAL U 25 52.07 -47.33 -16.55
C VAL U 25 51.18 -46.12 -16.27
N GLN U 26 50.35 -46.17 -15.24
CA GLN U 26 49.55 -45.02 -14.84
C GLN U 26 50.22 -44.19 -13.76
N ALA U 27 51.00 -44.81 -12.88
CA ALA U 27 51.70 -44.06 -11.85
C ALA U 27 52.85 -43.24 -12.42
N ILE U 28 53.53 -43.75 -13.45
CA ILE U 28 54.63 -43.01 -14.05
C ILE U 28 54.10 -41.85 -14.89
N PHE U 29 53.32 -42.17 -15.93
CA PHE U 29 52.75 -41.15 -16.81
C PHE U 29 51.24 -41.08 -16.62
N PRO U 30 50.67 -39.88 -16.61
CA PRO U 30 49.22 -39.75 -16.45
C PRO U 30 48.43 -40.28 -17.65
N CYS U 31 48.01 -39.38 -18.54
CA CYS U 31 47.20 -39.77 -19.67
C CYS U 31 47.75 -39.13 -20.94
N PRO U 32 47.87 -39.89 -22.04
CA PRO U 32 48.36 -39.31 -23.29
C PRO U 32 47.29 -38.51 -24.02
N ASP U 33 47.54 -38.19 -25.28
CA ASP U 33 46.59 -37.42 -26.09
C ASP U 33 46.72 -37.83 -27.54
N PRO U 34 45.71 -38.51 -28.12
CA PRO U 34 45.83 -38.97 -29.50
C PRO U 34 45.72 -37.85 -30.52
N CYS U 35 44.69 -37.01 -30.41
CA CYS U 35 44.43 -35.94 -31.37
C CYS U 35 45.47 -34.83 -31.31
N ALA U 36 45.94 -34.49 -30.12
CA ALA U 36 46.93 -33.41 -30.01
C ALA U 36 48.30 -33.86 -30.48
N LEU U 37 48.79 -34.98 -29.98
CA LEU U 37 50.10 -35.52 -30.36
C LEU U 37 49.92 -36.68 -31.34
N LYS U 38 50.63 -37.77 -31.07
CA LYS U 38 50.54 -38.96 -31.90
C LYS U 38 50.09 -40.17 -31.08
N ASP U 39 50.89 -41.24 -31.11
CA ASP U 39 50.56 -42.44 -30.35
C ASP U 39 51.82 -43.25 -30.07
N ARG U 40 52.90 -42.97 -30.81
CA ARG U 40 54.14 -43.72 -30.61
C ARG U 40 54.85 -43.35 -29.32
N ARG U 41 54.52 -42.19 -28.73
CA ARG U 41 55.18 -41.79 -27.50
C ARG U 41 54.76 -42.66 -26.32
N MET U 42 53.45 -42.93 -26.20
CA MET U 42 52.97 -43.81 -25.14
C MET U 42 53.50 -45.23 -25.34
N GLU U 43 53.62 -45.66 -26.60
CA GLU U 43 54.18 -46.98 -26.87
C GLU U 43 55.64 -47.06 -26.45
N ASN U 44 56.43 -46.03 -26.77
CA ASN U 44 57.82 -46.01 -26.35
C ASN U 44 57.94 -45.96 -24.83
N LEU U 45 57.03 -45.22 -24.18
CA LEU U 45 57.07 -45.12 -22.72
C LEU U 45 56.76 -46.46 -22.07
N VAL U 46 55.73 -47.15 -22.55
CA VAL U 46 55.38 -48.44 -21.96
C VAL U 46 56.45 -49.48 -22.31
N ALA U 47 57.10 -49.35 -23.46
CA ALA U 47 58.20 -50.26 -23.79
C ALA U 47 59.38 -50.05 -22.86
N TYR U 48 59.73 -48.78 -22.59
CA TYR U 48 60.80 -48.50 -21.65
C TYR U 48 60.45 -48.97 -20.24
N ALA U 49 59.18 -48.84 -19.86
CA ALA U 49 58.74 -49.33 -18.55
C ALA U 49 58.89 -50.85 -18.45
N LYS U 50 58.46 -51.57 -19.50
CA LYS U 50 58.64 -53.02 -19.51
C LYS U 50 60.11 -53.39 -19.47
N LYS U 51 60.95 -52.67 -20.20
CA LYS U 51 62.39 -52.96 -20.21
C LYS U 51 62.99 -52.77 -18.82
N VAL U 52 62.66 -51.65 -18.16
CA VAL U 52 63.26 -51.37 -16.86
C VAL U 52 62.73 -52.32 -15.80
N GLU U 53 61.45 -52.71 -15.88
CA GLU U 53 60.92 -53.65 -14.91
C GLU U 53 61.51 -55.05 -15.12
N GLY U 54 61.77 -55.43 -16.38
CA GLY U 54 62.44 -56.69 -16.64
C GLY U 54 63.87 -56.68 -16.15
N ASP U 55 64.57 -55.55 -16.33
CA ASP U 55 65.94 -55.44 -15.83
C ASP U 55 65.98 -55.50 -14.31
N MET U 56 64.99 -54.90 -13.64
CA MET U 56 64.94 -54.96 -12.19
C MET U 56 64.56 -56.37 -11.70
N TYR U 57 63.74 -57.08 -12.46
CA TYR U 57 63.36 -58.44 -12.06
C TYR U 57 64.52 -59.41 -12.27
N GLU U 58 65.28 -59.25 -13.35
CA GLU U 58 66.42 -60.12 -13.59
C GLU U 58 67.55 -59.90 -12.59
N SER U 59 67.62 -58.72 -11.98
CA SER U 59 68.64 -58.40 -10.99
C SER U 59 68.04 -58.20 -9.60
N ALA U 60 67.32 -59.19 -9.11
CA ALA U 60 66.68 -59.13 -7.80
C ALA U 60 67.04 -60.34 -6.97
N ASN U 61 66.69 -60.28 -5.67
CA ASN U 61 66.98 -61.38 -4.76
C ASN U 61 65.69 -62.08 -4.36
N SER U 62 64.85 -61.41 -3.55
CA SER U 62 63.61 -62.00 -3.09
C SER U 62 62.40 -61.31 -3.71
N ARG U 63 61.39 -61.01 -2.90
CA ARG U 63 60.15 -60.40 -3.37
C ARG U 63 59.93 -59.00 -2.83
N ASP U 64 60.19 -58.78 -1.53
CA ASP U 64 59.94 -57.47 -0.95
C ASP U 64 60.94 -56.43 -1.41
N GLU U 65 62.22 -56.81 -1.53
CA GLU U 65 63.23 -55.86 -1.97
C GLU U 65 63.01 -55.42 -3.41
N TYR U 66 62.52 -56.33 -4.26
CA TYR U 66 62.22 -55.95 -5.64
C TYR U 66 61.07 -54.94 -5.69
N TYR U 67 60.02 -55.15 -4.89
CA TYR U 67 58.93 -54.20 -4.84
C TYR U 67 59.39 -52.85 -4.29
N HIS U 68 60.25 -52.87 -3.28
CA HIS U 68 60.77 -51.62 -2.74
C HIS U 68 61.60 -50.87 -3.77
N LEU U 69 62.44 -51.59 -4.52
CA LEU U 69 63.25 -50.95 -5.55
C LEU U 69 62.37 -50.41 -6.67
N LEU U 70 61.31 -51.13 -7.02
CA LEU U 70 60.39 -50.63 -8.04
C LEU U 70 59.68 -49.37 -7.58
N ALA U 71 59.25 -49.34 -6.32
CA ALA U 71 58.61 -48.14 -5.78
C ALA U 71 59.58 -46.97 -5.75
N GLU U 72 60.83 -47.22 -5.37
CA GLU U 72 61.83 -46.16 -5.38
C GLU U 72 62.09 -45.65 -6.78
N LYS U 73 62.13 -46.54 -7.77
CA LYS U 73 62.31 -46.12 -9.15
C LYS U 73 61.12 -45.28 -9.64
N ILE U 74 59.90 -45.68 -9.27
CA ILE U 74 58.72 -44.91 -9.64
C ILE U 74 58.79 -43.52 -9.02
N TYR U 75 59.18 -43.45 -7.74
CA TYR U 75 59.32 -42.15 -7.07
C TYR U 75 60.37 -41.28 -7.77
N LYS U 76 61.52 -41.87 -8.10
CA LYS U 76 62.58 -41.11 -8.74
C LYS U 76 62.15 -40.61 -10.12
N ILE U 77 61.38 -41.42 -10.85
CA ILE U 77 60.87 -40.98 -12.14
C ILE U 77 59.86 -39.85 -11.97
N GLN U 78 59.01 -39.95 -10.94
CA GLN U 78 58.04 -38.89 -10.67
C GLN U 78 58.69 -37.64 -10.10
N LYS U 79 59.95 -37.72 -9.66
CA LYS U 79 60.62 -36.53 -9.14
C LYS U 79 60.79 -35.46 -10.20
N GLU U 80 60.96 -35.85 -11.47
CA GLU U 80 61.13 -34.86 -12.53
C GLU U 80 59.79 -34.35 -13.04
N LEU U 81 58.91 -35.26 -13.46
CA LEU U 81 57.60 -34.90 -14.00
C LEU U 81 56.66 -34.50 -12.85
N GLU U 82 56.83 -33.26 -12.40
CA GLU U 82 56.01 -32.70 -11.33
C GLU U 82 55.15 -31.53 -11.79
N GLU U 83 55.71 -30.64 -12.62
CA GLU U 83 55.01 -29.46 -13.10
C GLU U 83 54.46 -28.63 -11.95
N LYS U 84 55.33 -27.89 -11.27
CA LYS U 84 54.89 -27.09 -10.14
C LYS U 84 53.99 -25.95 -10.58
N SER U 85 53.06 -25.58 -9.71
CA SER U 85 52.11 -24.52 -10.00
C SER U 85 52.78 -23.15 -9.94
N GLN U 86 52.33 -22.25 -10.81
CA GLN U 86 52.88 -20.89 -10.82
C GLN U 86 52.42 -20.06 -9.64
N VAL U 87 51.34 -20.48 -8.96
CA VAL U 87 50.85 -19.75 -7.79
C VAL U 87 51.51 -20.20 -6.50
N ARG U 88 52.36 -21.23 -6.54
CA ARG U 88 53.03 -21.72 -5.35
C ARG U 88 54.13 -20.75 -4.94
N GLN U 89 54.03 -20.23 -3.71
CA GLN U 89 55.01 -19.28 -3.18
C GLN U 89 55.20 -19.56 -1.70
N ASN U 90 56.42 -19.95 -1.32
CA ASN U 90 56.77 -20.24 0.06
C ASN U 90 55.86 -21.33 0.64
N TYR U 91 56.14 -22.59 0.30
CA TYR U 91 55.35 -23.72 0.78
C TYR U 91 56.23 -24.95 0.78
N HIS U 92 56.30 -25.63 1.93
CA HIS U 92 57.15 -26.80 2.07
C HIS U 92 56.32 -28.08 2.00
N GLN U 93 57.00 -29.20 1.73
CA GLN U 93 56.33 -30.48 1.62
C GLN U 93 55.79 -30.95 2.97
N ASP U 94 56.44 -30.54 4.07
CA ASP U 94 55.92 -30.89 5.39
C ASP U 94 54.56 -30.24 5.63
N ALA U 95 54.38 -29.00 5.18
CA ALA U 95 53.08 -28.36 5.30
C ALA U 95 52.04 -29.09 4.45
N GLU U 96 52.43 -29.58 3.28
CA GLU U 96 51.51 -30.34 2.44
C GLU U 96 51.10 -31.63 3.13
N ALA U 97 52.06 -32.34 3.74
CA ALA U 97 51.73 -33.57 4.45
C ALA U 97 50.83 -33.29 5.65
N ALA U 98 51.08 -32.18 6.35
CA ALA U 98 50.23 -31.82 7.48
C ALA U 98 48.81 -31.49 7.03
N ILE U 99 48.68 -30.79 5.90
CA ILE U 99 47.35 -30.47 5.38
C ILE U 99 46.64 -31.75 4.94
N ASN U 100 47.38 -32.70 4.35
CA ASN U 100 46.77 -33.96 3.96
C ASN U 100 46.29 -34.75 5.18
N ARG U 101 47.10 -34.78 6.24
CA ARG U 101 46.68 -35.47 7.46
C ARG U 101 45.48 -34.78 8.09
N GLN U 102 45.45 -33.44 8.05
CA GLN U 102 44.29 -32.72 8.58
C GLN U 102 43.04 -33.01 7.77
N ILE U 103 43.18 -33.11 6.45
CA ILE U 103 42.02 -33.44 5.60
C ILE U 103 41.54 -34.85 5.90
N ASN U 104 42.46 -35.80 6.08
CA ASN U 104 42.06 -37.16 6.44
C ASN U 104 41.34 -37.19 7.78
N LEU U 105 41.84 -36.43 8.76
CA LEU U 105 41.18 -36.39 10.06
C LEU U 105 39.80 -35.74 9.96
N GLU U 106 39.66 -34.72 9.13
CA GLU U 106 38.35 -34.09 8.94
C GLU U 106 37.37 -35.06 8.29
N LEU U 107 37.84 -35.83 7.30
CA LEU U 107 36.98 -36.84 6.68
C LEU U 107 36.58 -37.91 7.67
N TYR U 108 37.52 -38.34 8.52
CA TYR U 108 37.19 -39.33 9.55
C TYR U 108 36.17 -38.78 10.53
N ALA U 109 36.32 -37.51 10.93
CA ALA U 109 35.37 -36.90 11.84
C ALA U 109 33.98 -36.77 11.20
N SER U 110 33.94 -36.42 9.92
CA SER U 110 32.66 -36.36 9.22
C SER U 110 32.01 -37.73 9.14
N TYR U 111 32.81 -38.77 8.90
CA TYR U 111 32.26 -40.13 8.85
C TYR U 111 31.72 -40.54 10.22
N VAL U 112 32.45 -40.21 11.29
CA VAL U 112 32.00 -40.55 12.64
C VAL U 112 30.71 -39.81 12.97
N TYR U 113 30.61 -38.54 12.59
CA TYR U 113 29.40 -37.78 12.86
C TYR U 113 28.23 -38.30 12.05
N LEU U 114 28.47 -38.73 10.80
CA LEU U 114 27.41 -39.33 10.01
C LEU U 114 26.94 -40.65 10.63
N SER U 115 27.87 -41.46 11.13
CA SER U 115 27.49 -42.69 11.81
C SER U 115 26.68 -42.41 13.06
N MET U 116 27.06 -41.37 13.82
CA MET U 116 26.30 -41.01 15.01
C MET U 116 24.90 -40.52 14.64
N SER U 117 24.79 -39.74 13.56
CA SER U 117 23.47 -39.28 13.12
C SER U 117 22.60 -40.43 12.66
N CYS U 118 23.20 -41.43 12.00
CA CYS U 118 22.45 -42.58 11.54
C CYS U 118 22.22 -43.63 12.62
N TYR U 119 22.86 -43.48 13.78
CA TYR U 119 22.65 -44.42 14.88
C TYR U 119 21.54 -43.98 15.83
N PHE U 120 21.27 -42.67 15.92
CA PHE U 120 20.28 -42.17 16.85
C PHE U 120 18.88 -42.04 16.23
N ASP U 121 18.78 -41.97 14.91
CA ASP U 121 17.49 -41.84 14.24
C ASP U 121 16.80 -43.18 14.02
N ARG U 122 17.24 -44.24 14.70
CA ARG U 122 16.64 -45.56 14.55
C ARG U 122 15.39 -45.65 15.41
N ASP U 123 14.85 -46.87 15.54
CA ASP U 123 13.65 -47.08 16.36
C ASP U 123 13.98 -47.42 17.80
N ASP U 124 15.14 -48.03 18.05
CA ASP U 124 15.55 -48.37 19.41
C ASP U 124 16.15 -47.20 20.17
N VAL U 125 16.29 -46.04 19.53
CA VAL U 125 16.83 -44.85 20.17
C VAL U 125 15.77 -43.75 20.29
N ALA U 126 15.10 -43.44 19.18
CA ALA U 126 14.01 -42.46 19.14
C ALA U 126 14.47 -41.09 19.66
N LEU U 127 15.53 -40.58 19.02
CA LEU U 127 16.09 -39.27 19.33
C LEU U 127 16.31 -38.54 18.00
N LYS U 128 15.30 -37.80 17.57
CA LYS U 128 15.39 -37.09 16.29
C LYS U 128 16.23 -35.82 16.41
N ASN U 129 16.17 -35.15 17.56
CA ASN U 129 16.94 -33.92 17.72
C ASN U 129 18.43 -34.21 17.79
N PHE U 130 18.82 -35.31 18.46
CA PHE U 130 20.22 -35.71 18.46
C PHE U 130 20.70 -36.04 17.05
N ALA U 131 19.87 -36.73 16.27
CA ALA U 131 20.25 -37.05 14.90
C ALA U 131 20.39 -35.78 14.06
N LYS U 132 19.49 -34.82 14.25
CA LYS U 132 19.59 -33.56 13.51
C LYS U 132 20.84 -32.79 13.90
N TYR U 133 21.17 -32.75 15.19
CA TYR U 133 22.38 -32.07 15.63
C TYR U 133 23.63 -32.74 15.08
N PHE U 134 23.66 -34.07 15.08
CA PHE U 134 24.82 -34.78 14.53
C PHE U 134 24.93 -34.57 13.03
N LEU U 135 23.80 -34.52 12.33
CA LEU U 135 23.83 -34.25 10.90
C LEU U 135 24.32 -32.83 10.61
N HIS U 136 23.91 -31.87 11.42
CA HIS U 136 24.40 -30.51 11.26
C HIS U 136 25.90 -30.43 11.52
N GLN U 137 26.38 -31.13 12.54
CA GLN U 137 27.81 -31.15 12.82
C GLN U 137 28.58 -31.81 11.68
N SER U 138 28.03 -32.89 11.11
CA SER U 138 28.68 -33.53 9.98
C SER U 138 28.73 -32.62 8.77
N HIS U 139 27.65 -31.86 8.53
CA HIS U 139 27.64 -30.91 7.43
C HIS U 139 28.66 -29.80 7.66
N GLU U 140 28.79 -29.33 8.89
CA GLU U 140 29.78 -28.30 9.20
C GLU U 140 31.20 -28.82 8.98
N GLU U 141 31.48 -30.06 9.42
CA GLU U 141 32.80 -30.62 9.21
C GLU U 141 33.07 -30.84 7.72
N ARG U 142 32.05 -31.24 6.96
CA ARG U 142 32.22 -31.41 5.52
CA ARG U 142 32.20 -31.40 5.52
C ARG U 142 32.52 -30.07 4.85
N GLU U 143 31.83 -29.01 5.25
CA GLU U 143 32.10 -27.70 4.68
C GLU U 143 33.49 -27.21 5.06
N HIS U 144 33.92 -27.48 6.30
CA HIS U 144 35.28 -27.10 6.70
C HIS U 144 36.33 -27.85 5.89
N ALA U 145 36.09 -29.15 5.65
CA ALA U 145 37.02 -29.92 4.85
C ALA U 145 37.07 -29.42 3.41
N GLU U 146 35.91 -29.07 2.85
CA GLU U 146 35.89 -28.53 1.49
C GLU U 146 36.60 -27.19 1.43
N LYS U 147 36.46 -26.35 2.46
CA LYS U 147 37.15 -25.07 2.50
C LYS U 147 38.66 -25.28 2.61
N LEU U 148 39.09 -26.26 3.41
CA LEU U 148 40.51 -26.57 3.49
C LEU U 148 41.06 -27.05 2.15
N MET U 149 40.30 -27.90 1.46
CA MET U 149 40.72 -28.37 0.14
C MET U 149 40.82 -27.22 -0.84
N LYS U 150 39.85 -26.30 -0.81
CA LYS U 150 39.90 -25.14 -1.71
C LYS U 150 41.08 -24.24 -1.39
N LEU U 151 41.37 -24.05 -0.10
CA LEU U 151 42.51 -23.22 0.28
C LEU U 151 43.82 -23.87 -0.15
N GLN U 152 43.91 -25.20 -0.06
CA GLN U 152 45.12 -25.89 -0.51
C GLN U 152 45.25 -25.80 -2.03
N ASN U 153 44.12 -25.88 -2.75
CA ASN U 153 44.17 -25.76 -4.20
C ASN U 153 44.55 -24.35 -4.64
N GLN U 154 44.15 -23.33 -3.88
CA GLN U 154 44.51 -21.96 -4.22
C GLN U 154 46.00 -21.71 -4.03
N ARG U 155 46.60 -22.35 -3.01
CA ARG U 155 48.02 -22.18 -2.76
C ARG U 155 48.89 -22.95 -3.74
N GLY U 156 48.33 -23.98 -4.38
CA GLY U 156 49.06 -24.79 -5.34
C GLY U 156 49.52 -26.14 -4.84
N GLY U 157 49.20 -26.49 -3.60
CA GLY U 157 49.61 -27.78 -3.07
C GLY U 157 48.75 -28.92 -3.58
N ARG U 158 49.38 -30.07 -3.78
CA ARG U 158 48.68 -31.25 -4.27
C ARG U 158 47.88 -31.90 -3.15
N ILE U 159 46.77 -32.53 -3.53
CA ILE U 159 45.89 -33.22 -2.59
C ILE U 159 45.80 -34.68 -3.03
N PHE U 160 46.23 -35.58 -2.15
CA PHE U 160 46.20 -37.03 -2.41
C PHE U 160 45.17 -37.64 -1.46
N LEU U 161 43.94 -37.79 -1.96
CA LEU U 161 42.87 -38.36 -1.17
C LEU U 161 43.06 -39.88 -1.04
N GLN U 162 43.09 -40.36 0.20
CA GLN U 162 43.29 -41.77 0.48
C GLN U 162 41.99 -42.38 1.04
N ASP U 163 42.10 -43.55 1.65
CA ASP U 163 40.94 -44.22 2.21
C ASP U 163 40.50 -43.54 3.50
N ILE U 164 39.20 -43.59 3.76
CA ILE U 164 38.62 -43.01 4.98
C ILE U 164 38.39 -44.14 5.98
N LYS U 165 38.98 -44.00 7.17
CA LYS U 165 38.84 -45.02 8.19
C LYS U 165 37.43 -45.02 8.77
N LYS U 166 37.02 -46.19 9.26
CA LYS U 166 35.71 -46.36 9.87
C LYS U 166 35.80 -46.23 11.39
N PRO U 167 34.70 -45.85 12.04
CA PRO U 167 34.71 -45.76 13.50
C PRO U 167 34.95 -47.12 14.13
N ASP U 168 35.83 -47.15 15.13
CA ASP U 168 36.15 -48.41 15.80
C ASP U 168 35.00 -48.94 16.66
N ARG U 169 34.06 -48.08 17.02
CA ARG U 169 32.91 -48.45 17.84
C ARG U 169 31.66 -48.29 17.00
N ASP U 170 31.19 -49.38 16.39
CA ASP U 170 29.98 -49.32 15.59
C ASP U 170 28.75 -49.06 16.46
N ASP U 171 28.70 -49.65 17.66
CA ASP U 171 27.62 -49.43 18.61
C ASP U 171 28.09 -48.38 19.62
N TRP U 172 27.55 -47.17 19.52
CA TRP U 172 27.94 -46.05 20.36
C TRP U 172 27.29 -46.10 21.74
N CYS U 173 27.05 -47.29 22.28
CA CYS U 173 26.46 -47.47 23.60
C CYS U 173 25.13 -46.73 23.73
N SER U 174 25.18 -45.50 24.22
CA SER U 174 23.97 -44.70 24.39
C SER U 174 24.23 -43.26 23.95
N GLY U 175 24.07 -42.31 24.86
CA GLY U 175 24.29 -40.91 24.54
C GLY U 175 25.51 -40.32 25.20
N LEU U 176 25.76 -40.71 26.46
CA LEU U 176 26.91 -40.18 27.17
C LEU U 176 28.22 -40.64 26.55
N ASN U 177 28.29 -41.92 26.17
CA ASN U 177 29.49 -42.43 25.51
C ASN U 177 29.70 -41.77 24.17
N ALA U 178 28.62 -41.52 23.42
CA ALA U 178 28.74 -40.83 22.13
C ALA U 178 29.24 -39.41 22.32
N MET U 179 28.74 -38.71 23.36
CA MET U 179 29.21 -37.36 23.63
C MET U 179 30.67 -37.35 24.04
N GLU U 180 31.09 -38.33 24.85
CA GLU U 180 32.50 -38.41 25.24
C GLU U 180 33.39 -38.70 24.04
N SER U 181 32.94 -39.58 23.14
CA SER U 181 33.72 -39.87 21.94
C SER U 181 33.81 -38.63 21.04
N ALA U 182 32.72 -37.88 20.92
CA ALA U 182 32.75 -36.66 20.12
C ALA U 182 33.68 -35.63 20.74
N LEU U 183 33.69 -35.53 22.08
CA LEU U 183 34.60 -34.60 22.75
C LEU U 183 36.05 -35.00 22.54
N HIS U 184 36.35 -36.30 22.64
CA HIS U 184 37.70 -36.77 22.39
C HIS U 184 38.12 -36.51 20.94
N LEU U 185 37.20 -36.70 20.00
CA LEU U 185 37.50 -36.42 18.60
C LEU U 185 37.77 -34.95 18.37
N GLU U 186 36.99 -34.07 19.00
CA GLU U 186 37.22 -32.64 18.88
C GLU U 186 38.55 -32.23 19.51
N LYS U 187 38.91 -32.86 20.64
CA LYS U 187 40.20 -32.58 21.24
C LYS U 187 41.34 -33.04 20.34
N SER U 188 41.19 -34.19 19.69
CA SER U 188 42.22 -34.65 18.75
C SER U 188 42.33 -33.71 17.56
N VAL U 189 41.20 -33.22 17.05
CA VAL U 189 41.23 -32.27 15.95
C VAL U 189 41.91 -30.97 16.36
N ASN U 190 41.64 -30.51 17.59
CA ASN U 190 42.30 -29.30 18.09
C ASN U 190 43.80 -29.52 18.24
N GLN U 191 44.20 -30.69 18.72
CA GLN U 191 45.64 -30.98 18.84
C GLN U 191 46.30 -31.03 17.46
N SER U 192 45.62 -31.60 16.48
CA SER U 192 46.15 -31.64 15.12
C SER U 192 46.28 -30.23 14.54
N LEU U 193 45.30 -29.37 14.83
CA LEU U 193 45.37 -27.99 14.36
C LEU U 193 46.51 -27.24 15.03
N LEU U 194 46.74 -27.49 16.32
CA LEU U 194 47.86 -26.86 17.01
C LEU U 194 49.19 -27.34 16.44
N GLU U 195 49.29 -28.63 16.14
CA GLU U 195 50.52 -29.14 15.52
C GLU U 195 50.73 -28.53 14.13
N LEU U 196 49.65 -28.37 13.37
CA LEU U 196 49.75 -27.75 12.06
C LEU U 196 50.20 -26.29 12.18
N HIS U 197 49.66 -25.57 13.16
CA HIS U 197 50.08 -24.18 13.37
C HIS U 197 51.55 -24.11 13.76
N LYS U 198 51.99 -25.01 14.64
CA LYS U 198 53.40 -25.02 15.05
C LYS U 198 54.31 -25.34 13.87
N LEU U 199 53.91 -26.30 13.03
CA LEU U 199 54.72 -26.65 11.87
C LEU U 199 54.77 -25.51 10.86
N ALA U 200 53.66 -24.80 10.66
CA ALA U 200 53.65 -23.67 9.76
C ALA U 200 54.47 -22.51 10.30
N THR U 201 54.50 -22.33 11.63
CA THR U 201 55.32 -21.28 12.21
C THR U 201 56.80 -21.62 12.11
N ASP U 202 57.15 -22.89 12.30
CA ASP U 202 58.55 -23.29 12.24
C ASP U 202 59.06 -23.33 10.80
N LYS U 203 58.17 -23.56 9.83
CA LYS U 203 58.55 -23.64 8.43
C LYS U 203 58.23 -22.37 7.65
N ASN U 204 58.09 -21.23 8.35
CA ASN U 204 57.83 -19.94 7.71
C ASN U 204 56.56 -19.98 6.87
N ASP U 205 55.40 -20.00 7.53
CA ASP U 205 54.12 -20.00 6.84
C ASP U 205 53.11 -19.26 7.70
N PRO U 206 53.13 -17.92 7.68
CA PRO U 206 52.22 -17.17 8.56
C PRO U 206 50.78 -17.15 8.04
N HIS U 207 50.57 -17.15 6.73
CA HIS U 207 49.22 -17.04 6.19
C HIS U 207 48.38 -18.26 6.54
N LEU U 208 48.92 -19.47 6.31
CA LEU U 208 48.16 -20.68 6.55
C LEU U 208 47.85 -20.85 8.04
N CYS U 209 48.86 -20.66 8.90
CA CYS U 209 48.63 -20.82 10.33
C CYS U 209 47.68 -19.77 10.86
N ASP U 210 47.77 -18.53 10.35
CA ASP U 210 46.85 -17.48 10.77
C ASP U 210 45.42 -17.81 10.36
N PHE U 211 45.24 -18.29 9.13
CA PHE U 211 43.90 -18.65 8.67
C PHE U 211 43.35 -19.81 9.49
N ILE U 212 44.20 -20.77 9.85
CA ILE U 212 43.74 -21.91 10.65
C ILE U 212 43.34 -21.45 12.04
N GLU U 213 44.15 -20.60 12.67
CA GLU U 213 43.85 -20.16 14.03
C GLU U 213 42.73 -19.13 14.07
N THR U 214 42.38 -18.53 12.93
CA THR U 214 41.31 -17.55 12.91
C THR U 214 39.96 -18.14 12.53
N TYR U 215 39.89 -18.87 11.41
CA TYR U 215 38.63 -19.36 10.87
C TYR U 215 38.39 -20.84 11.13
N TYR U 216 39.05 -21.41 12.14
CA TYR U 216 38.83 -22.82 12.44
C TYR U 216 38.90 -23.09 13.94
N LEU U 217 39.87 -22.50 14.63
CA LEU U 217 40.04 -22.78 16.07
C LEU U 217 38.86 -22.27 16.89
N SER U 218 38.23 -21.16 16.46
CA SER U 218 37.10 -20.63 17.20
C SER U 218 35.92 -21.61 17.18
N GLU U 219 35.62 -22.16 16.00
CA GLU U 219 34.54 -23.13 15.90
C GLU U 219 34.87 -24.40 16.69
N GLN U 220 36.13 -24.81 16.68
CA GLN U 220 36.53 -25.98 17.46
C GLN U 220 36.36 -25.75 18.95
N VAL U 221 36.75 -24.57 19.44
CA VAL U 221 36.57 -24.26 20.86
C VAL U 221 35.10 -24.21 21.21
N LYS U 222 34.27 -23.62 20.34
CA LYS U 222 32.83 -23.57 20.60
C LYS U 222 32.23 -24.97 20.65
N SER U 223 32.64 -25.84 19.73
CA SER U 223 32.14 -27.20 19.72
C SER U 223 32.58 -27.97 20.97
N ILE U 224 33.83 -27.78 21.39
CA ILE U 224 34.32 -28.44 22.59
C ILE U 224 33.54 -27.96 23.81
N LYS U 225 33.28 -26.65 23.89
CA LYS U 225 32.52 -26.13 25.02
C LYS U 225 31.09 -26.67 25.03
N GLU U 226 30.47 -26.74 23.85
CA GLU U 226 29.11 -27.27 23.77
C GLU U 226 29.05 -28.74 24.16
N LEU U 227 30.04 -29.53 23.70
CA LEU U 227 30.07 -30.95 24.06
C LEU U 227 30.33 -31.12 25.55
N GLY U 228 31.18 -30.27 26.14
CA GLY U 228 31.39 -30.33 27.57
C GLY U 228 30.14 -30.00 28.36
N ASP U 229 29.40 -28.97 27.92
CA ASP U 229 28.14 -28.64 28.56
C ASP U 229 27.14 -29.79 28.44
N HIS U 230 27.10 -30.44 27.27
CA HIS U 230 26.19 -31.57 27.09
C HIS U 230 26.57 -32.73 28.00
N VAL U 231 27.87 -33.01 28.13
CA VAL U 231 28.31 -34.09 29.00
C VAL U 231 27.99 -33.76 30.45
N THR U 232 28.19 -32.50 30.86
CA THR U 232 27.85 -32.11 32.22
C THR U 232 26.36 -32.25 32.49
N ASN U 233 25.53 -31.87 31.52
CA ASN U 233 24.09 -32.01 31.68
C ASN U 233 23.69 -33.48 31.78
N LEU U 234 24.28 -34.34 30.94
CA LEU U 234 23.94 -35.76 30.98
C LEU U 234 24.41 -36.41 32.27
N ARG U 235 25.52 -35.91 32.85
CA ARG U 235 25.99 -36.48 34.11
C ARG U 235 25.20 -35.98 35.30
N LYS U 236 24.71 -34.73 35.26
CA LYS U 236 23.95 -34.20 36.38
C LYS U 236 22.51 -34.71 36.37
N MET U 237 21.88 -34.76 35.19
CA MET U 237 20.50 -35.22 35.11
C MET U 237 20.39 -36.71 35.38
N GLY U 238 21.20 -37.52 34.70
CA GLY U 238 21.18 -38.95 34.90
C GLY U 238 21.08 -39.73 33.61
N ALA U 239 22.17 -39.77 32.85
CA ALA U 239 22.23 -40.49 31.59
C ALA U 239 23.57 -41.21 31.48
N PRO U 240 23.57 -42.46 30.99
CA PRO U 240 22.38 -43.22 30.59
C PRO U 240 21.76 -44.01 31.74
N CYS U 241 21.85 -43.47 32.96
CA CYS U 241 21.29 -44.16 34.12
C CYS U 241 19.77 -44.12 34.13
N ALA U 242 19.15 -43.24 33.33
CA ALA U 242 17.70 -43.16 33.25
C ALA U 242 17.33 -42.56 31.90
N GLY U 243 16.34 -43.17 31.24
CA GLY U 243 15.88 -42.69 29.96
C GLY U 243 15.14 -41.37 30.00
N MET U 244 14.76 -40.91 31.20
CA MET U 244 14.05 -39.64 31.31
C MET U 244 14.98 -38.46 31.00
N ALA U 245 16.23 -38.54 31.45
CA ALA U 245 17.16 -37.45 31.22
C ALA U 245 17.46 -37.27 29.74
N GLU U 246 17.64 -38.39 29.01
CA GLU U 246 17.90 -38.29 27.58
C GLU U 246 16.71 -37.68 26.84
N TYR U 247 15.48 -38.10 27.20
CA TYR U 247 14.30 -37.56 26.55
C TYR U 247 14.15 -36.07 26.84
N LEU U 248 14.40 -35.65 28.08
CA LEU U 248 14.26 -34.24 28.41
C LEU U 248 15.34 -33.40 27.74
N PHE U 249 16.57 -33.92 27.65
CA PHE U 249 17.62 -33.19 26.94
C PHE U 249 17.34 -33.14 25.44
N ASP U 250 16.64 -34.14 24.91
CA ASP U 250 16.27 -34.12 23.49
C ASP U 250 15.16 -33.11 23.23
N LYS U 251 14.17 -33.05 24.12
CA LYS U 251 13.02 -32.19 23.92
C LYS U 251 13.22 -30.76 24.41
N HIS U 252 14.30 -30.48 25.14
CA HIS U 252 14.57 -29.14 25.65
C HIS U 252 15.77 -28.49 24.98
N THR U 253 16.96 -29.07 25.15
CA THR U 253 18.18 -28.46 24.60
C THR U 253 18.17 -28.50 23.07
N LEU U 254 18.28 -29.70 22.49
CA LEU U 254 18.32 -29.85 21.05
C LEU U 254 16.94 -29.77 20.41
N GLY U 255 15.88 -29.60 21.19
CA GLY U 255 14.53 -29.52 20.66
C GLY U 255 14.20 -28.15 20.08
N THR V 13 14.46 19.93 -79.61
CA THR V 13 14.89 21.06 -78.77
C THR V 13 13.69 21.88 -78.31
N GLN V 14 12.49 21.38 -78.60
CA GLN V 14 11.28 22.09 -78.19
C GLN V 14 10.97 21.87 -76.71
N ASP V 15 11.09 20.63 -76.24
CA ASP V 15 10.81 20.35 -74.83
C ASP V 15 11.84 21.02 -73.92
N LEU V 16 13.10 21.08 -74.34
CA LEU V 16 14.12 21.75 -73.55
C LEU V 16 13.82 23.25 -73.42
N ARG V 17 13.47 23.89 -74.53
CA ARG V 17 13.13 25.31 -74.48
C ARG V 17 11.87 25.55 -73.65
N SER V 18 10.89 24.64 -73.75
CA SER V 18 9.68 24.78 -72.95
C SER V 18 9.99 24.67 -71.47
N HIS V 19 10.84 23.72 -71.08
CA HIS V 19 11.22 23.59 -69.68
C HIS V 19 12.00 24.81 -69.20
N LEU V 20 12.90 25.32 -70.05
CA LEU V 20 13.69 26.49 -69.66
C LEU V 20 12.81 27.72 -69.50
N VAL V 21 11.78 27.86 -70.33
CA VAL V 21 10.90 29.03 -70.23
C VAL V 21 9.85 28.85 -69.15
N HIS V 22 9.56 27.62 -68.73
CA HIS V 22 8.62 27.39 -67.64
C HIS V 22 9.28 27.38 -66.27
N LYS V 23 10.60 27.17 -66.21
CA LYS V 23 11.28 27.18 -64.90
C LYS V 23 11.69 28.59 -64.49
N LEU V 24 11.87 29.51 -65.44
CA LEU V 24 12.31 30.85 -65.08
C LEU V 24 11.20 31.65 -64.40
N VAL V 25 9.94 31.42 -64.78
CA VAL V 25 8.83 32.12 -64.14
C VAL V 25 8.68 31.73 -62.68
N GLN V 26 9.20 30.57 -62.29
CA GLN V 26 9.19 30.15 -60.90
C GLN V 26 10.50 30.51 -60.19
N ALA V 27 11.62 30.51 -60.90
CA ALA V 27 12.89 30.88 -60.29
C ALA V 27 12.96 32.37 -60.00
N ILE V 28 12.38 33.20 -60.87
CA ILE V 28 12.41 34.64 -60.64
C ILE V 28 11.46 35.02 -59.51
N PHE V 29 10.17 34.76 -59.70
CA PHE V 29 9.17 35.08 -58.69
C PHE V 29 8.61 33.80 -58.07
N PRO V 30 8.38 33.77 -56.76
CA PRO V 30 7.82 32.58 -56.13
C PRO V 30 6.38 32.30 -56.52
N CYS V 31 5.44 32.70 -55.68
CA CYS V 31 4.02 32.43 -55.93
C CYS V 31 3.20 33.69 -55.71
N PRO V 32 2.28 34.01 -56.63
CA PRO V 32 1.44 35.19 -56.44
C PRO V 32 0.32 34.97 -55.43
N ASP V 33 -0.66 35.86 -55.41
CA ASP V 33 -1.80 35.75 -54.50
C ASP V 33 -3.03 36.37 -55.13
N PRO V 34 -4.03 35.58 -55.49
CA PRO V 34 -5.21 36.13 -56.18
C PRO V 34 -6.11 36.93 -55.26
N CYS V 35 -6.48 36.36 -54.11
CA CYS V 35 -7.41 36.98 -53.17
C CYS V 35 -6.81 38.20 -52.48
N ALA V 36 -5.52 38.18 -52.14
CA ALA V 36 -4.91 39.31 -51.47
C ALA V 36 -4.68 40.47 -52.42
N LEU V 37 -4.05 40.23 -53.56
CA LEU V 37 -3.77 41.25 -54.55
C LEU V 37 -4.76 41.12 -55.72
N LYS V 38 -4.23 41.18 -56.93
CA LYS V 38 -5.05 41.05 -58.13
C LYS V 38 -4.58 39.86 -58.98
N ASP V 39 -4.27 40.12 -60.25
CA ASP V 39 -3.81 39.06 -61.14
C ASP V 39 -2.99 39.65 -62.28
N ARG V 40 -3.09 40.96 -62.50
CA ARG V 40 -2.36 41.60 -63.58
C ARG V 40 -0.87 41.70 -63.29
N ARG V 41 -0.46 41.60 -62.03
CA ARG V 41 0.95 41.72 -61.69
C ARG V 41 1.74 40.50 -62.18
N MET V 42 1.20 39.30 -61.96
CA MET V 42 1.87 38.10 -62.47
C MET V 42 1.90 38.10 -63.99
N GLU V 43 0.83 38.61 -64.62
CA GLU V 43 0.81 38.70 -66.08
C GLU V 43 1.88 39.66 -66.58
N ASN V 44 2.02 40.82 -65.94
CA ASN V 44 3.07 41.77 -66.34
C ASN V 44 4.44 41.18 -66.10
N LEU V 45 4.62 40.42 -65.02
CA LEU V 45 5.91 39.81 -64.71
C LEU V 45 6.28 38.77 -65.76
N VAL V 46 5.34 37.90 -66.12
CA VAL V 46 5.65 36.88 -67.11
C VAL V 46 5.82 37.50 -68.49
N ALA V 47 5.12 38.61 -68.77
CA ALA V 47 5.34 39.31 -70.03
C ALA V 47 6.72 39.92 -70.10
N TYR V 48 7.18 40.54 -69.01
CA TYR V 48 8.53 41.09 -68.97
C TYR V 48 9.57 39.98 -69.08
N ALA V 49 9.30 38.82 -68.47
CA ALA V 49 10.22 37.69 -68.58
C ALA V 49 10.31 37.20 -70.02
N LYS V 50 9.17 37.07 -70.70
CA LYS V 50 9.18 36.68 -72.11
C LYS V 50 9.92 37.71 -72.95
N LYS V 51 9.71 39.00 -72.67
CA LYS V 51 10.38 40.05 -73.43
C LYS V 51 11.89 39.97 -73.25
N VAL V 52 12.36 39.81 -72.02
CA VAL V 52 13.79 39.80 -71.76
C VAL V 52 14.43 38.53 -72.32
N GLU V 53 13.73 37.40 -72.24
CA GLU V 53 14.30 36.18 -72.80
C GLU V 53 14.35 36.24 -74.32
N GLY V 54 13.34 36.87 -74.95
CA GLY V 54 13.40 37.07 -76.39
C GLY V 54 14.52 38.01 -76.79
N ASP V 55 14.73 39.07 -76.01
CA ASP V 55 15.83 39.98 -76.30
C ASP V 55 17.19 39.31 -76.14
N MET V 56 17.31 38.42 -75.15
CA MET V 56 18.56 37.68 -74.98
C MET V 56 18.75 36.64 -76.08
N TYR V 57 17.66 36.05 -76.58
CA TYR V 57 17.78 35.06 -77.65
C TYR V 57 18.13 35.73 -78.97
N GLU V 58 17.55 36.91 -79.24
CA GLU V 58 17.86 37.62 -80.48
C GLU V 58 19.29 38.15 -80.51
N SER V 59 19.90 38.36 -79.35
CA SER V 59 21.27 38.85 -79.25
C SER V 59 22.20 37.80 -78.65
N ALA V 60 22.25 36.62 -79.26
CA ALA V 60 23.08 35.53 -78.78
C ALA V 60 23.94 34.98 -79.92
N ASN V 61 24.92 34.14 -79.55
CA ASN V 61 25.81 33.53 -80.53
C ASN V 61 25.52 32.05 -80.68
N SER V 62 25.84 31.26 -79.66
CA SER V 62 25.63 29.83 -79.70
C SER V 62 24.52 29.39 -78.74
N ARG V 63 24.76 28.31 -78.01
CA ARG V 63 23.77 27.75 -77.09
C ARG V 63 24.19 27.85 -75.63
N ASP V 64 25.46 27.54 -75.32
CA ASP V 64 25.90 27.54 -73.94
C ASP V 64 26.02 28.96 -73.38
N GLU V 65 26.51 29.90 -74.19
CA GLU V 65 26.65 31.27 -73.71
C GLU V 65 25.30 31.91 -73.44
N TYR V 66 24.28 31.59 -74.24
CA TYR V 66 22.94 32.11 -73.99
C TYR V 66 22.39 31.58 -72.67
N TYR V 67 22.58 30.29 -72.39
CA TYR V 67 22.13 29.74 -71.13
C TYR V 67 22.88 30.34 -69.96
N HIS V 68 24.19 30.58 -70.12
CA HIS V 68 24.96 31.21 -69.05
C HIS V 68 24.48 32.63 -68.79
N LEU V 69 24.20 33.39 -69.86
CA LEU V 69 23.71 34.75 -69.69
C LEU V 69 22.33 34.76 -69.05
N LEU V 70 21.47 33.79 -69.41
CA LEU V 70 20.16 33.70 -68.80
C LEU V 70 20.27 33.39 -67.31
N ALA V 71 21.17 32.46 -66.95
CA ALA V 71 21.37 32.14 -65.54
C ALA V 71 21.91 33.35 -64.77
N GLU V 72 22.83 34.09 -65.38
CA GLU V 72 23.36 35.30 -64.74
C GLU V 72 22.27 36.35 -64.55
N LYS V 73 21.39 36.49 -65.55
CA LYS V 73 20.28 37.44 -65.42
C LYS V 73 19.32 37.01 -64.31
N ILE V 74 19.04 35.71 -64.21
CA ILE V 74 18.17 35.22 -63.14
C ILE V 74 18.81 35.49 -61.79
N TYR V 75 20.11 35.24 -61.67
CA TYR V 75 20.80 35.54 -60.41
C TYR V 75 20.74 37.02 -60.07
N LYS V 76 20.98 37.89 -61.05
CA LYS V 76 20.95 39.32 -60.80
C LYS V 76 19.57 39.79 -60.40
N ILE V 77 18.53 39.20 -60.99
CA ILE V 77 17.16 39.55 -60.61
C ILE V 77 16.88 39.07 -59.19
N GLN V 78 17.35 37.88 -58.83
CA GLN V 78 17.17 37.36 -57.48
C GLN V 78 18.02 38.09 -56.45
N LYS V 79 19.01 38.88 -56.89
CA LYS V 79 19.84 39.62 -55.94
C LYS V 79 19.03 40.64 -55.16
N GLU V 80 17.99 41.21 -55.77
CA GLU V 80 17.18 42.20 -55.06
C GLU V 80 16.10 41.54 -54.21
N LEU V 81 15.28 40.68 -54.82
CA LEU V 81 14.18 40.02 -54.11
C LEU V 81 14.76 38.87 -53.26
N GLU V 82 15.27 39.26 -52.10
CA GLU V 82 15.84 38.32 -51.14
C GLU V 82 15.06 38.27 -49.83
N GLU V 83 14.64 39.43 -49.32
CA GLU V 83 13.92 39.53 -48.05
C GLU V 83 14.70 38.85 -46.93
N LYS V 84 15.74 39.52 -46.43
CA LYS V 84 16.55 38.95 -45.37
C LYS V 84 15.77 38.83 -44.08
N SER V 85 16.11 37.82 -43.28
CA SER V 85 15.43 37.59 -42.01
C SER V 85 15.86 38.60 -40.97
N GLN V 86 14.92 38.98 -40.10
CA GLN V 86 15.22 39.92 -39.04
C GLN V 86 16.06 39.32 -37.93
N VAL V 87 16.13 37.98 -37.85
CA VAL V 87 16.94 37.31 -36.83
C VAL V 87 18.37 37.09 -37.29
N ARG V 88 18.70 37.42 -38.53
CA ARG V 88 20.05 37.22 -39.04
C ARG V 88 20.98 38.28 -38.46
N GLN V 89 22.02 37.83 -37.76
CA GLN V 89 22.99 38.72 -37.14
C GLN V 89 24.37 38.10 -37.24
N ASN V 90 25.28 38.77 -37.96
CA ASN V 90 26.64 38.29 -38.15
C ASN V 90 26.66 36.90 -38.76
N TYR V 91 26.47 36.82 -40.08
CA TYR V 91 26.46 35.54 -40.78
C TYR V 91 26.84 35.78 -42.23
N HIS V 92 27.85 35.07 -42.72
CA HIS V 92 28.35 35.26 -44.07
C HIS V 92 27.84 34.15 -44.99
N GLN V 93 27.88 34.41 -46.29
CA GLN V 93 27.42 33.44 -47.27
C GLN V 93 28.32 32.21 -47.32
N ASP V 94 29.61 32.38 -47.00
CA ASP V 94 30.51 31.23 -46.95
C ASP V 94 30.09 30.26 -45.85
N ALA V 95 29.65 30.78 -44.70
CA ALA V 95 29.14 29.92 -43.65
C ALA V 95 27.89 29.19 -44.09
N GLU V 96 27.02 29.87 -44.85
CA GLU V 96 25.82 29.22 -45.37
C GLU V 96 26.17 28.10 -46.34
N ALA V 97 27.15 28.33 -47.22
CA ALA V 97 27.57 27.29 -48.15
C ALA V 97 28.19 26.11 -47.40
N ALA V 98 28.97 26.40 -46.35
CA ALA V 98 29.56 25.33 -45.56
C ALA V 98 28.50 24.51 -44.84
N ILE V 99 27.47 25.19 -44.31
CA ILE V 99 26.38 24.48 -43.65
C ILE V 99 25.61 23.63 -44.65
N ASN V 100 25.41 24.14 -45.87
CA ASN V 100 24.73 23.36 -46.90
C ASN V 100 25.54 22.12 -47.28
N ARG V 101 26.86 22.28 -47.42
CA ARG V 101 27.70 21.12 -47.74
C ARG V 101 27.69 20.11 -46.60
N GLN V 102 27.69 20.60 -45.36
CA GLN V 102 27.63 19.69 -44.21
C GLN V 102 26.30 18.95 -44.17
N ILE V 103 25.20 19.63 -44.51
CA ILE V 103 23.90 18.97 -44.55
C ILE V 103 23.88 17.92 -45.64
N ASN V 104 24.45 18.23 -46.81
CA ASN V 104 24.52 17.24 -47.89
C ASN V 104 25.34 16.03 -47.47
N LEU V 105 26.46 16.26 -46.79
CA LEU V 105 27.29 15.15 -46.33
C LEU V 105 26.56 14.32 -45.28
N GLU V 106 25.80 14.97 -44.40
CA GLU V 106 25.03 14.23 -43.40
C GLU V 106 23.95 13.38 -44.07
N LEU V 107 23.29 13.93 -45.09
CA LEU V 107 22.29 13.15 -45.82
C LEU V 107 22.93 11.97 -46.53
N TYR V 108 24.11 12.18 -47.12
CA TYR V 108 24.81 11.07 -47.78
C TYR V 108 25.20 10.00 -46.77
N ALA V 109 25.66 10.41 -45.58
CA ALA V 109 26.03 9.45 -44.56
C ALA V 109 24.81 8.67 -44.07
N SER V 110 23.68 9.35 -43.92
CA SER V 110 22.45 8.66 -43.52
C SER V 110 22.02 7.67 -44.59
N TYR V 111 22.15 8.04 -45.86
CA TYR V 111 21.80 7.12 -46.94
C TYR V 111 22.72 5.90 -46.94
N VAL V 112 24.02 6.12 -46.73
CA VAL V 112 24.97 5.01 -46.68
C VAL V 112 24.67 4.09 -45.51
N TYR V 113 24.33 4.66 -44.35
CA TYR V 113 24.02 3.84 -43.19
C TYR V 113 22.72 3.07 -43.40
N LEU V 114 21.73 3.68 -44.07
CA LEU V 114 20.50 2.96 -44.38
C LEU V 114 20.77 1.81 -45.35
N SER V 115 21.63 2.03 -46.34
CA SER V 115 21.99 0.96 -47.25
C SER V 115 22.71 -0.17 -46.53
N MET V 116 23.59 0.18 -45.58
CA MET V 116 24.28 -0.85 -44.81
C MET V 116 23.31 -1.63 -43.94
N SER V 117 22.33 -0.94 -43.34
CA SER V 117 21.34 -1.62 -42.52
C SER V 117 20.47 -2.54 -43.36
N CYS V 118 20.14 -2.13 -44.59
CA CYS V 118 19.33 -2.94 -45.48
C CYS V 118 20.13 -4.01 -46.21
N TYR V 119 21.46 -3.98 -46.11
CA TYR V 119 22.29 -5.00 -46.75
C TYR V 119 22.59 -6.17 -45.82
N PHE V 120 22.61 -5.95 -44.51
CA PHE V 120 22.95 -6.99 -43.56
C PHE V 120 21.75 -7.79 -43.07
N ASP V 121 20.54 -7.24 -43.16
CA ASP V 121 19.34 -7.92 -42.69
C ASP V 121 18.76 -8.87 -43.74
N ARG V 122 19.52 -9.22 -44.77
CA ARG V 122 19.06 -10.11 -45.81
C ARG V 122 19.20 -11.56 -45.34
N ASP V 123 19.01 -12.51 -46.27
CA ASP V 123 19.14 -13.93 -45.94
C ASP V 123 20.56 -14.45 -46.15
N ASP V 124 21.31 -13.85 -47.07
CA ASP V 124 22.68 -14.28 -47.33
C ASP V 124 23.68 -13.71 -46.33
N VAL V 125 23.23 -12.87 -45.40
CA VAL V 125 24.09 -12.30 -44.38
C VAL V 125 23.73 -12.80 -42.99
N ALA V 126 22.45 -12.71 -42.63
CA ALA V 126 21.93 -13.21 -41.35
C ALA V 126 22.65 -12.56 -40.17
N LEU V 127 22.63 -11.23 -40.15
CA LEU V 127 23.22 -10.43 -39.07
C LEU V 127 22.19 -9.38 -38.68
N LYS V 128 21.35 -9.72 -37.70
CA LYS V 128 20.30 -8.79 -37.27
C LYS V 128 20.85 -7.70 -36.36
N ASN V 129 21.85 -8.03 -35.54
CA ASN V 129 22.42 -7.03 -34.64
C ASN V 129 23.18 -5.96 -35.41
N PHE V 130 23.91 -6.36 -36.46
CA PHE V 130 24.58 -5.38 -37.31
C PHE V 130 23.56 -4.47 -37.99
N ALA V 131 22.45 -5.03 -38.46
CA ALA V 131 21.41 -4.22 -39.09
C ALA V 131 20.80 -3.25 -38.09
N LYS V 132 20.56 -3.71 -36.85
CA LYS V 132 20.01 -2.82 -35.83
C LYS V 132 20.98 -1.70 -35.49
N TYR V 133 22.28 -2.02 -35.38
CA TYR V 133 23.27 -0.99 -35.09
C TYR V 133 23.36 0.02 -36.21
N PHE V 134 23.33 -0.45 -37.47
CA PHE V 134 23.38 0.48 -38.60
C PHE V 134 22.13 1.34 -38.67
N LEU V 135 20.98 0.77 -38.33
CA LEU V 135 19.74 1.55 -38.31
C LEU V 135 19.78 2.60 -37.20
N HIS V 136 20.33 2.25 -36.04
CA HIS V 136 20.47 3.22 -34.97
C HIS V 136 21.43 4.35 -35.37
N GLN V 137 22.53 4.00 -36.03
CA GLN V 137 23.46 5.03 -36.51
C GLN V 137 22.81 5.92 -37.55
N SER V 138 22.01 5.35 -38.45
CA SER V 138 21.31 6.15 -39.43
C SER V 138 20.30 7.08 -38.78
N HIS V 139 19.60 6.60 -37.74
CA HIS V 139 18.67 7.45 -37.02
C HIS V 139 19.40 8.58 -36.31
N GLU V 140 20.56 8.29 -35.73
CA GLU V 140 21.35 9.33 -35.06
C GLU V 140 21.82 10.39 -36.07
N GLU V 141 22.29 9.95 -37.24
CA GLU V 141 22.71 10.90 -38.25
C GLU V 141 21.54 11.73 -38.77
N ARG V 142 20.37 11.11 -38.90
CA ARG V 142 19.18 11.84 -39.33
CA ARG V 142 19.17 11.83 -39.32
C ARG V 142 18.79 12.89 -38.29
N GLU V 143 18.85 12.54 -37.01
CA GLU V 143 18.53 13.50 -35.96
C GLU V 143 19.55 14.64 -35.93
N HIS V 144 20.82 14.32 -36.14
CA HIS V 144 21.85 15.36 -36.19
C HIS V 144 21.62 16.30 -37.37
N ALA V 145 21.24 15.74 -38.53
CA ALA V 145 20.96 16.57 -39.69
C ALA V 145 19.75 17.47 -39.45
N GLU V 146 18.70 16.92 -38.81
CA GLU V 146 17.53 17.72 -38.50
C GLU V 146 17.87 18.83 -37.51
N LYS V 147 18.74 18.54 -36.53
CA LYS V 147 19.15 19.55 -35.58
C LYS V 147 19.96 20.65 -36.26
N LEU V 148 20.83 20.27 -37.20
CA LEU V 148 21.58 21.26 -37.97
C LEU V 148 20.66 22.14 -38.80
N MET V 149 19.65 21.52 -39.43
CA MET V 149 18.68 22.30 -40.21
C MET V 149 17.91 23.26 -39.32
N LYS V 150 17.50 22.81 -38.12
CA LYS V 150 16.78 23.68 -37.20
C LYS V 150 17.67 24.82 -36.72
N LEU V 151 18.95 24.54 -36.45
CA LEU V 151 19.86 25.59 -36.02
C LEU V 151 20.09 26.61 -37.13
N GLN V 152 20.17 26.15 -38.38
CA GLN V 152 20.32 27.07 -39.50
C GLN V 152 19.06 27.90 -39.69
N ASN V 153 17.88 27.30 -39.48
CA ASN V 153 16.64 28.05 -39.60
C ASN V 153 16.49 29.08 -38.49
N GLN V 154 17.00 28.78 -37.29
CA GLN V 154 16.93 29.74 -36.20
C GLN V 154 17.83 30.95 -36.44
N ARG V 155 18.98 30.72 -37.08
CA ARG V 155 19.89 31.83 -37.37
C ARG V 155 19.42 32.68 -38.54
N GLY V 156 18.55 32.15 -39.40
CA GLY V 156 18.04 32.88 -40.54
C GLY V 156 18.64 32.53 -41.87
N GLY V 157 19.56 31.56 -41.91
CA GLY V 157 20.18 31.17 -43.17
C GLY V 157 19.27 30.29 -44.00
N ARG V 158 19.36 30.47 -45.32
CA ARG V 158 18.55 29.69 -46.24
C ARG V 158 19.12 28.29 -46.41
N ILE V 159 18.24 27.34 -46.68
CA ILE V 159 18.60 25.94 -46.88
C ILE V 159 18.12 25.53 -48.26
N PHE V 160 19.06 25.13 -49.12
CA PHE V 160 18.77 24.70 -50.49
C PHE V 160 19.08 23.20 -50.57
N LEU V 161 18.05 22.39 -50.36
CA LEU V 161 18.19 20.94 -50.41
C LEU V 161 18.35 20.48 -51.86
N GLN V 162 19.43 19.75 -52.14
CA GLN V 162 19.72 19.26 -53.47
C GLN V 162 19.56 17.74 -53.50
N ASP V 163 20.11 17.11 -54.54
CA ASP V 163 20.00 15.66 -54.69
C ASP V 163 20.95 14.97 -53.71
N ILE V 164 20.55 13.77 -53.28
CA ILE V 164 21.36 12.96 -52.37
C ILE V 164 22.09 11.90 -53.18
N LYS V 165 23.41 11.88 -53.08
CA LYS V 165 24.20 10.92 -53.83
C LYS V 165 24.04 9.52 -53.26
N LYS V 166 24.22 8.53 -54.13
CA LYS V 166 24.11 7.13 -53.75
C LYS V 166 25.49 6.55 -53.43
N PRO V 167 25.55 5.51 -52.61
CA PRO V 167 26.84 4.87 -52.32
C PRO V 167 27.45 4.27 -53.57
N ASP V 168 28.75 4.51 -53.75
CA ASP V 168 29.45 4.01 -54.94
C ASP V 168 29.62 2.49 -54.89
N ARG V 169 29.53 1.88 -53.72
CA ARG V 169 29.68 0.43 -53.56
C ARG V 169 28.34 -0.13 -53.10
N ASP V 170 27.54 -0.64 -54.05
CA ASP V 170 26.26 -1.23 -53.69
C ASP V 170 26.44 -2.52 -52.91
N ASP V 171 27.43 -3.33 -53.27
CA ASP V 171 27.76 -4.55 -52.54
C ASP V 171 28.90 -4.25 -51.58
N TRP V 172 28.60 -4.20 -50.29
CA TRP V 172 29.58 -3.86 -49.26
C TRP V 172 30.46 -5.03 -48.88
N CYS V 173 30.78 -5.91 -49.82
CA CYS V 173 31.64 -7.07 -49.59
C CYS V 173 31.14 -7.92 -48.44
N SER V 174 31.64 -7.66 -47.24
CA SER V 174 31.25 -8.40 -46.05
C SER V 174 31.03 -7.47 -44.87
N GLY V 175 31.78 -7.66 -43.80
CA GLY V 175 31.66 -6.82 -42.63
C GLY V 175 32.85 -5.92 -42.40
N LEU V 176 34.06 -6.43 -42.65
CA LEU V 176 35.26 -5.65 -42.45
C LEU V 176 35.33 -4.48 -43.42
N ASN V 177 34.98 -4.71 -44.68
CA ASN V 177 34.96 -3.63 -45.67
C ASN V 177 33.91 -2.59 -45.33
N ALA V 178 32.75 -3.03 -44.83
CA ALA V 178 31.71 -2.08 -44.43
C ALA V 178 32.16 -1.25 -43.25
N MET V 179 32.85 -1.87 -42.28
CA MET V 179 33.37 -1.11 -41.14
C MET V 179 34.44 -0.12 -41.57
N GLU V 180 35.30 -0.52 -42.50
CA GLU V 180 36.33 0.41 -43.00
C GLU V 180 35.69 1.57 -43.75
N SER V 181 34.65 1.30 -44.55
CA SER V 181 33.96 2.37 -45.26
C SER V 181 33.27 3.32 -44.28
N ALA V 182 32.67 2.77 -43.23
CA ALA V 182 32.03 3.62 -42.22
C ALA V 182 33.06 4.46 -41.49
N LEU V 183 34.23 3.89 -41.20
CA LEU V 183 35.29 4.66 -40.55
C LEU V 183 35.80 5.78 -41.45
N HIS V 184 35.97 5.49 -42.74
CA HIS V 184 36.40 6.53 -43.68
C HIS V 184 35.34 7.62 -43.79
N LEU V 185 34.06 7.25 -43.79
CA LEU V 185 32.99 8.23 -43.85
C LEU V 185 32.98 9.10 -42.60
N GLU V 186 33.18 8.51 -41.43
CA GLU V 186 33.24 9.29 -40.20
C GLU V 186 34.45 10.22 -40.18
N LYS V 187 35.59 9.75 -40.72
CA LYS V 187 36.75 10.62 -40.81
C LYS V 187 36.50 11.79 -41.76
N SER V 188 35.80 11.54 -42.87
CA SER V 188 35.47 12.63 -43.79
C SER V 188 34.51 13.62 -43.14
N VAL V 189 33.54 13.12 -42.36
CA VAL V 189 32.62 14.01 -41.65
C VAL V 189 33.37 14.84 -40.63
N ASN V 190 34.33 14.23 -39.92
CA ASN V 190 35.12 14.98 -38.95
C ASN V 190 35.97 16.04 -39.64
N GLN V 191 36.54 15.72 -40.80
CA GLN V 191 37.32 16.71 -41.54
C GLN V 191 36.43 17.86 -42.01
N SER V 192 35.22 17.55 -42.46
CA SER V 192 34.30 18.59 -42.87
C SER V 192 33.90 19.48 -41.70
N LEU V 193 33.71 18.87 -40.52
CA LEU V 193 33.38 19.66 -39.33
C LEU V 193 34.55 20.55 -38.92
N LEU V 194 35.78 20.04 -39.04
CA LEU V 194 36.95 20.87 -38.74
C LEU V 194 37.07 22.03 -39.71
N GLU V 195 36.81 21.78 -41.01
CA GLU V 195 36.84 22.85 -41.98
C GLU V 195 35.75 23.89 -41.70
N LEU V 196 34.57 23.43 -41.29
CA LEU V 196 33.49 24.36 -40.94
C LEU V 196 33.87 25.19 -39.73
N HIS V 197 34.49 24.57 -38.72
CA HIS V 197 34.94 25.32 -37.55
C HIS V 197 35.98 26.36 -37.92
N LYS V 198 36.93 25.98 -38.78
CA LYS V 198 37.96 26.92 -39.21
C LYS V 198 37.35 28.09 -39.99
N LEU V 199 36.40 27.79 -40.87
CA LEU V 199 35.76 28.85 -41.64
C LEU V 199 34.94 29.78 -40.75
N ALA V 200 34.26 29.23 -39.75
CA ALA V 200 33.50 30.06 -38.82
C ALA V 200 34.42 30.90 -37.94
N THR V 201 35.59 30.38 -37.59
CA THR V 201 36.54 31.16 -36.81
C THR V 201 37.16 32.27 -37.65
N ASP V 202 37.44 32.00 -38.92
CA ASP V 202 38.05 33.01 -39.78
C ASP V 202 37.04 34.07 -40.20
N LYS V 203 35.75 33.72 -40.26
CA LYS V 203 34.70 34.64 -40.66
C LYS V 203 33.91 35.20 -39.49
N ASN V 204 34.50 35.20 -38.29
CA ASN V 204 33.87 35.75 -37.09
C ASN V 204 32.51 35.10 -36.81
N ASP V 205 32.53 33.85 -36.36
CA ASP V 205 31.31 33.13 -36.01
C ASP V 205 31.61 32.19 -34.85
N PRO V 206 31.65 32.72 -33.62
CA PRO V 206 31.99 31.85 -32.48
C PRO V 206 30.87 30.94 -32.05
N HIS V 207 29.61 31.38 -32.17
CA HIS V 207 28.49 30.58 -31.69
C HIS V 207 28.36 29.28 -32.49
N LEU V 208 28.36 29.38 -33.82
CA LEU V 208 28.17 28.20 -34.65
C LEU V 208 29.31 27.21 -34.48
N CYS V 209 30.55 27.69 -34.53
CA CYS V 209 31.70 26.80 -34.38
C CYS V 209 31.74 26.17 -33.00
N ASP V 210 31.39 26.94 -31.97
CA ASP V 210 31.35 26.39 -30.61
C ASP V 210 30.28 25.31 -30.49
N PHE V 211 29.09 25.55 -31.05
CA PHE V 211 28.04 24.54 -31.00
C PHE V 211 28.45 23.29 -31.76
N ILE V 212 29.13 23.45 -32.90
CA ILE V 212 29.58 22.30 -33.68
C ILE V 212 30.62 21.50 -32.91
N GLU V 213 31.60 22.19 -32.31
CA GLU V 213 32.65 21.48 -31.59
C GLU V 213 32.19 20.94 -30.26
N THR V 214 31.04 21.39 -29.74
CA THR V 214 30.56 20.91 -28.47
C THR V 214 29.54 19.77 -28.63
N TYR V 215 28.51 19.97 -29.44
CA TYR V 215 27.40 19.02 -29.54
C TYR V 215 27.46 18.15 -30.79
N TYR V 216 28.64 18.01 -31.39
CA TYR V 216 28.75 17.17 -32.59
C TYR V 216 30.09 16.44 -32.64
N LEU V 217 31.18 17.13 -32.32
CA LEU V 217 32.50 16.50 -32.41
C LEU V 217 32.68 15.36 -31.42
N SER V 218 32.04 15.46 -30.25
CA SER V 218 32.16 14.40 -29.26
C SER V 218 31.54 13.10 -29.77
N GLU V 219 30.34 13.19 -30.34
CA GLU V 219 29.70 12.00 -30.90
C GLU V 219 30.50 11.44 -32.07
N GLN V 220 31.09 12.32 -32.89
CA GLN V 220 31.91 11.84 -33.99
C GLN V 220 33.14 11.11 -33.49
N VAL V 221 33.80 11.63 -32.46
CA VAL V 221 34.98 10.95 -31.90
C VAL V 221 34.58 9.61 -31.30
N LYS V 222 33.44 9.57 -30.60
CA LYS V 222 32.98 8.31 -30.02
C LYS V 222 32.68 7.28 -31.11
N SER V 223 32.03 7.71 -32.20
CA SER V 223 31.74 6.80 -33.30
C SER V 223 33.01 6.30 -33.97
N ILE V 224 33.99 7.19 -34.15
CA ILE V 224 35.25 6.79 -34.76
C ILE V 224 35.96 5.78 -33.87
N LYS V 225 35.95 6.01 -32.55
CA LYS V 225 36.60 5.07 -31.64
C LYS V 225 35.90 3.71 -31.65
N GLU V 226 34.56 3.72 -31.68
CA GLU V 226 33.81 2.47 -31.72
C GLU V 226 34.08 1.70 -33.01
N LEU V 227 34.12 2.42 -34.15
CA LEU V 227 34.41 1.76 -35.41
C LEU V 227 35.83 1.22 -35.45
N GLY V 228 36.78 1.94 -34.87
CA GLY V 228 38.13 1.43 -34.78
C GLY V 228 38.24 0.19 -33.92
N ASP V 229 37.52 0.18 -32.80
CA ASP V 229 37.49 -1.02 -31.96
C ASP V 229 36.86 -2.20 -32.70
N HIS V 230 35.80 -1.94 -33.46
CA HIS V 230 35.16 -3.00 -34.23
C HIS V 230 36.09 -3.54 -35.30
N VAL V 231 36.82 -2.66 -35.98
CA VAL V 231 37.77 -3.09 -37.00
C VAL V 231 38.89 -3.91 -36.37
N THR V 232 39.39 -3.47 -35.21
CA THR V 232 40.44 -4.22 -34.53
C THR V 232 39.94 -5.61 -34.12
N ASN V 233 38.71 -5.68 -33.62
CA ASN V 233 38.15 -6.98 -33.24
C ASN V 233 37.99 -7.89 -34.45
N LEU V 234 37.50 -7.34 -35.57
CA LEU V 234 37.33 -8.15 -36.77
C LEU V 234 38.67 -8.61 -37.34
N ARG V 235 39.72 -7.81 -37.18
CA ARG V 235 41.04 -8.21 -37.67
C ARG V 235 41.72 -9.21 -36.76
N LYS V 236 41.49 -9.12 -35.45
CA LYS V 236 42.12 -10.06 -34.53
C LYS V 236 41.39 -11.40 -34.52
N MET V 237 40.06 -11.39 -34.52
CA MET V 237 39.30 -12.64 -34.48
C MET V 237 39.43 -13.40 -35.79
N GLY V 238 39.19 -12.73 -36.92
CA GLY V 238 39.30 -13.37 -38.21
C GLY V 238 38.10 -13.15 -39.10
N ALA V 239 37.96 -11.93 -39.62
CA ALA V 239 36.85 -11.57 -40.49
C ALA V 239 37.38 -10.70 -41.62
N PRO V 240 36.91 -10.93 -42.86
CA PRO V 240 35.96 -11.99 -43.22
C PRO V 240 36.63 -13.32 -43.57
N CYS V 241 37.76 -13.61 -42.92
CA CYS V 241 38.48 -14.85 -43.20
C CYS V 241 37.76 -16.07 -42.64
N ALA V 242 36.80 -15.87 -41.75
CA ALA V 242 36.03 -16.97 -41.17
C ALA V 242 34.70 -16.43 -40.70
N GLY V 243 33.62 -17.16 -41.01
CA GLY V 243 32.29 -16.76 -40.60
C GLY V 243 32.02 -16.89 -39.12
N MET V 244 32.90 -17.57 -38.39
CA MET V 244 32.71 -17.72 -36.94
C MET V 244 32.92 -16.40 -36.22
N ALA V 245 33.92 -15.63 -36.65
CA ALA V 245 34.21 -14.35 -35.99
C ALA V 245 33.06 -13.38 -36.15
N GLU V 246 32.47 -13.30 -37.35
CA GLU V 246 31.34 -12.41 -37.56
C GLU V 246 30.15 -12.80 -36.70
N TYR V 247 29.86 -14.11 -36.62
CA TYR V 247 28.74 -14.57 -35.81
C TYR V 247 28.97 -14.27 -34.33
N LEU V 248 30.20 -14.48 -33.84
CA LEU V 248 30.48 -14.22 -32.43
C LEU V 248 30.43 -12.73 -32.13
N PHE V 249 30.93 -11.89 -33.04
CA PHE V 249 30.84 -10.45 -32.83
C PHE V 249 29.40 -9.96 -32.91
N ASP V 250 28.56 -10.66 -33.68
CA ASP V 250 27.14 -10.30 -33.75
C ASP V 250 26.41 -10.70 -32.47
N LYS V 251 26.72 -11.89 -31.94
CA LYS V 251 26.02 -12.42 -30.77
C LYS V 251 26.60 -11.93 -29.45
N HIS V 252 27.76 -11.30 -29.45
CA HIS V 252 28.39 -10.82 -28.22
C HIS V 252 28.41 -9.31 -28.12
N THR V 253 29.10 -8.63 -29.04
CA THR V 253 29.24 -7.18 -28.98
C THR V 253 27.90 -6.49 -29.24
N LEU V 254 27.39 -6.58 -30.47
CA LEU V 254 26.14 -5.95 -30.83
C LEU V 254 24.92 -6.74 -30.39
N GLY V 255 25.10 -7.88 -29.75
CA GLY V 255 23.98 -8.70 -29.30
C GLY V 255 23.38 -8.20 -28.00
N THR W 13 -61.98 55.66 1.78
CA THR W 13 -61.01 56.04 2.79
C THR W 13 -61.14 55.16 4.03
N GLN W 14 -62.00 54.15 3.94
CA GLN W 14 -62.19 53.24 5.07
C GLN W 14 -61.06 52.23 5.20
N ASP W 15 -60.63 51.65 4.07
CA ASP W 15 -59.54 50.68 4.11
C ASP W 15 -58.23 51.33 4.52
N LEU W 16 -57.99 52.57 4.09
CA LEU W 16 -56.77 53.26 4.48
C LEU W 16 -56.75 53.52 5.99
N ARG W 17 -57.87 53.99 6.54
CA ARG W 17 -57.93 54.21 7.98
C ARG W 17 -57.81 52.91 8.76
N SER W 18 -58.40 51.83 8.23
CA SER W 18 -58.28 50.54 8.89
C SER W 18 -56.83 50.06 8.91
N HIS W 19 -56.12 50.21 7.79
CA HIS W 19 -54.72 49.83 7.74
C HIS W 19 -53.88 50.69 8.68
N LEU W 20 -54.17 52.00 8.73
CA LEU W 20 -53.40 52.89 9.60
C LEU W 20 -53.64 52.56 11.07
N VAL W 21 -54.86 52.17 11.42
CA VAL W 21 -55.14 51.85 12.82
C VAL W 21 -54.72 50.42 13.18
N HIS W 22 -54.54 49.55 12.20
CA HIS W 22 -54.04 48.21 12.46
C HIS W 22 -52.52 48.11 12.44
N LYS W 23 -51.84 49.06 11.79
CA LYS W 23 -50.37 49.01 11.77
C LYS W 23 -49.76 49.67 13.00
N LEU W 24 -50.47 50.60 13.65
CA LEU W 24 -49.90 51.28 14.80
C LEU W 24 -49.81 50.37 16.01
N VAL W 25 -50.76 49.44 16.17
CA VAL W 25 -50.70 48.52 17.30
C VAL W 25 -49.51 47.58 17.21
N GLN W 26 -48.96 47.39 16.01
CA GLN W 26 -47.75 46.59 15.83
C GLN W 26 -46.50 47.45 15.82
N ALA W 27 -46.58 48.68 15.33
CA ALA W 27 -45.42 49.56 15.33
C ALA W 27 -45.07 50.04 16.74
N ILE W 28 -46.09 50.27 17.58
CA ILE W 28 -45.82 50.73 18.94
C ILE W 28 -45.27 49.58 19.78
N PHE W 29 -46.06 48.53 19.95
CA PHE W 29 -45.65 47.37 20.74
C PHE W 29 -45.44 46.17 19.84
N PRO W 30 -44.39 45.37 20.09
CA PRO W 30 -44.15 44.18 19.25
C PRO W 30 -45.21 43.10 19.43
N CYS W 31 -44.91 42.10 20.25
CA CYS W 31 -45.82 40.97 20.44
C CYS W 31 -45.97 40.68 21.94
N PRO W 32 -47.20 40.46 22.40
CA PRO W 32 -47.41 40.14 23.82
C PRO W 32 -47.08 38.69 24.14
N ASP W 33 -47.48 38.22 25.31
CA ASP W 33 -47.25 36.84 25.72
C ASP W 33 -48.37 36.38 26.63
N PRO W 34 -49.20 35.43 26.18
CA PRO W 34 -50.35 35.01 27.00
C PRO W 34 -49.94 34.14 28.19
N CYS W 35 -49.13 33.12 27.94
CA CYS W 35 -48.74 32.16 28.98
C CYS W 35 -47.80 32.77 30.01
N ALA W 36 -46.89 33.65 29.60
CA ALA W 36 -45.96 34.25 30.54
C ALA W 36 -46.64 35.32 31.40
N LEU W 37 -47.34 36.25 30.79
CA LEU W 37 -48.03 37.31 31.50
C LEU W 37 -49.53 37.01 31.54
N LYS W 38 -50.34 38.01 31.23
CA LYS W 38 -51.79 37.85 31.21
C LYS W 38 -52.35 38.18 29.83
N ASP W 39 -53.31 39.11 29.78
CA ASP W 39 -53.90 39.50 28.51
C ASP W 39 -54.48 40.91 28.60
N ARG W 40 -54.67 41.41 29.82
CA ARG W 40 -55.25 42.73 30.00
C ARG W 40 -54.27 43.84 29.62
N ARG W 41 -52.98 43.55 29.59
CA ARG W 41 -52.00 44.58 29.26
C ARG W 41 -52.09 44.99 27.79
N MET W 42 -52.20 44.02 26.89
CA MET W 42 -52.37 44.34 25.48
C MET W 42 -53.69 45.06 25.24
N GLU W 43 -54.74 44.68 25.98
CA GLU W 43 -56.01 45.37 25.85
C GLU W 43 -55.90 46.83 26.31
N ASN W 44 -55.23 47.06 27.43
CA ASN W 44 -55.04 48.45 27.89
C ASN W 44 -54.19 49.23 26.91
N LEU W 45 -53.19 48.59 26.31
CA LEU W 45 -52.32 49.27 25.36
C LEU W 45 -53.10 49.67 24.11
N VAL W 46 -53.90 48.75 23.56
CA VAL W 46 -54.66 49.07 22.36
C VAL W 46 -55.76 50.08 22.68
N ALA W 47 -56.30 50.05 23.91
CA ALA W 47 -57.28 51.07 24.30
C ALA W 47 -56.64 52.44 24.38
N TYR W 48 -55.45 52.53 24.96
CA TYR W 48 -54.73 53.81 25.01
C TYR W 48 -54.38 54.29 23.61
N ALA W 49 -54.02 53.36 22.72
CA ALA W 49 -53.71 53.74 21.34
C ALA W 49 -54.95 54.29 20.64
N LYS W 50 -56.10 53.64 20.80
CA LYS W 50 -57.34 54.15 20.23
C LYS W 50 -57.69 55.51 20.81
N LYS W 51 -57.49 55.70 22.12
CA LYS W 51 -57.81 56.98 22.74
C LYS W 51 -56.91 58.09 22.20
N VAL W 52 -55.61 57.83 22.07
CA VAL W 52 -54.70 58.87 21.61
C VAL W 52 -54.92 59.17 20.14
N GLU W 53 -55.24 58.15 19.32
CA GLU W 53 -55.49 58.41 17.92
C GLU W 53 -56.80 59.17 17.74
N GLY W 54 -57.81 58.89 18.57
CA GLY W 54 -59.04 59.67 18.52
C GLY W 54 -58.82 61.11 18.95
N ASP W 55 -57.99 61.31 19.98
CA ASP W 55 -57.68 62.67 20.41
C ASP W 55 -56.92 63.44 19.34
N MET W 56 -56.01 62.75 18.62
CA MET W 56 -55.30 63.41 17.53
C MET W 56 -56.20 63.68 16.34
N TYR W 57 -57.19 62.82 16.09
CA TYR W 57 -58.11 63.04 14.98
C TYR W 57 -59.07 64.18 15.28
N GLU W 58 -59.54 64.27 16.53
CA GLU W 58 -60.45 65.35 16.91
C GLU W 58 -59.77 66.71 16.90
N SER W 59 -58.45 66.75 17.06
CA SER W 59 -57.69 67.99 17.07
C SER W 59 -56.75 68.08 15.87
N ALA W 60 -57.31 67.97 14.66
CA ALA W 60 -56.53 68.02 13.44
C ALA W 60 -57.13 69.02 12.46
N ASN W 61 -56.37 69.34 11.41
CA ASN W 61 -56.82 70.28 10.39
C ASN W 61 -57.15 69.56 9.09
N SER W 62 -56.12 69.06 8.40
CA SER W 62 -56.32 68.38 7.14
C SER W 62 -56.02 66.88 7.25
N ARG W 63 -55.31 66.34 6.27
CA ARG W 63 -55.00 64.92 6.23
C ARG W 63 -53.52 64.62 6.38
N ASP W 64 -52.65 65.38 5.72
CA ASP W 64 -51.23 65.11 5.78
C ASP W 64 -50.63 65.47 7.13
N GLU W 65 -51.07 66.59 7.72
CA GLU W 65 -50.53 66.99 9.02
C GLU W 65 -50.93 66.01 10.12
N TYR W 66 -52.12 65.43 10.04
CA TYR W 66 -52.53 64.42 11.01
C TYR W 66 -51.66 63.19 10.91
N TYR W 67 -51.37 62.73 9.69
CA TYR W 67 -50.50 61.58 9.52
C TYR W 67 -49.08 61.88 10.00
N HIS W 68 -48.59 63.09 9.75
CA HIS W 68 -47.27 63.46 10.23
C HIS W 68 -47.22 63.48 11.75
N LEU W 69 -48.25 64.02 12.39
CA LEU W 69 -48.30 64.05 13.84
C LEU W 69 -48.40 62.65 14.41
N LEU W 70 -49.16 61.76 13.76
CA LEU W 70 -49.26 60.38 14.21
C LEU W 70 -47.92 59.67 14.11
N ALA W 71 -47.20 59.89 12.99
CA ALA W 71 -45.88 59.29 12.84
C ALA W 71 -44.91 59.82 13.89
N GLU W 72 -44.96 61.12 14.17
CA GLU W 72 -44.11 61.70 15.21
C GLU W 72 -44.43 61.12 16.57
N LYS W 73 -45.72 60.92 16.87
CA LYS W 73 -46.10 60.31 18.14
C LYS W 73 -45.61 58.87 18.24
N ILE W 74 -45.71 58.11 17.14
CA ILE W 74 -45.21 56.74 17.14
C ILE W 74 -43.71 56.73 17.38
N TYR W 75 -42.98 57.64 16.72
CA TYR W 75 -41.54 57.73 16.93
C TYR W 75 -41.22 58.07 18.39
N LYS W 76 -41.93 59.03 18.97
CA LYS W 76 -41.67 59.43 20.35
C LYS W 76 -41.97 58.30 21.31
N ILE W 77 -43.01 57.51 21.03
CA ILE W 77 -43.31 56.37 21.88
C ILE W 77 -42.23 55.30 21.74
N GLN W 78 -41.73 55.08 20.53
CA GLN W 78 -40.66 54.12 20.31
C GLN W 78 -39.32 54.61 20.84
N LYS W 79 -39.20 55.90 21.18
CA LYS W 79 -37.94 56.41 21.72
C LYS W 79 -37.61 55.77 23.06
N GLU W 80 -38.62 55.42 23.86
CA GLU W 80 -38.36 54.81 25.16
C GLU W 80 -38.16 53.31 25.03
N LEU W 81 -39.12 52.60 24.44
CA LEU W 81 -39.05 51.14 24.29
C LEU W 81 -38.07 50.79 23.16
N GLU W 82 -36.79 50.82 23.52
CA GLU W 82 -35.71 50.49 22.59
C GLU W 82 -34.94 49.24 23.00
N GLU W 83 -34.66 49.09 24.30
CA GLU W 83 -33.88 47.97 24.83
C GLU W 83 -32.56 47.83 24.09
N LYS W 84 -31.59 48.68 24.44
CA LYS W 84 -30.29 48.65 23.78
C LYS W 84 -29.54 47.37 24.14
N SER W 85 -28.72 46.91 23.20
CA SER W 85 -27.95 45.69 23.40
C SER W 85 -26.78 45.94 24.36
N GLN W 86 -26.46 44.91 25.14
CA GLN W 86 -25.35 45.02 26.09
C GLN W 86 -24.00 44.96 25.40
N VAL W 87 -23.95 44.48 24.15
CA VAL W 87 -22.69 44.42 23.40
C VAL W 87 -22.41 45.71 22.64
N ARG W 88 -23.33 46.67 22.64
CA ARG W 88 -23.13 47.92 21.93
C ARG W 88 -22.13 48.79 22.68
N GLN W 89 -21.03 49.15 22.01
CA GLN W 89 -20.00 49.97 22.61
C GLN W 89 -19.44 50.90 21.54
N ASN W 90 -19.61 52.21 21.74
CA ASN W 90 -19.13 53.23 20.81
C ASN W 90 -19.71 53.00 19.41
N TYR W 91 -20.96 53.42 19.21
CA TYR W 91 -21.63 53.27 17.92
C TYR W 91 -22.70 54.34 17.81
N HIS W 92 -22.67 55.10 16.72
CA HIS W 92 -23.61 56.19 16.53
C HIS W 92 -24.70 55.80 15.54
N GLN W 93 -25.81 56.53 15.58
CA GLN W 93 -26.92 56.25 14.68
C GLN W 93 -26.58 56.55 13.23
N ASP W 94 -25.67 57.50 12.99
CA ASP W 94 -25.24 57.77 11.63
C ASP W 94 -24.52 56.57 11.03
N ALA W 95 -23.70 55.89 11.83
CA ALA W 95 -23.06 54.67 11.37
C ALA W 95 -24.08 53.59 11.05
N GLU W 96 -25.14 53.50 11.86
CA GLU W 96 -26.19 52.53 11.60
C GLU W 96 -26.91 52.84 10.29
N ALA W 97 -27.21 54.11 10.05
CA ALA W 97 -27.85 54.49 8.79
C ALA W 97 -26.94 54.22 7.60
N ALA W 98 -25.64 54.47 7.75
CA ALA W 98 -24.70 54.19 6.68
C ALA W 98 -24.61 52.70 6.39
N ILE W 99 -24.62 51.87 7.44
CA ILE W 99 -24.59 50.43 7.25
C ILE W 99 -25.87 49.95 6.58
N ASN W 100 -27.01 50.54 6.95
CA ASN W 100 -28.27 50.17 6.30
C ASN W 100 -28.26 50.55 4.82
N ARG W 101 -27.75 51.74 4.49
CA ARG W 101 -27.66 52.13 3.08
C ARG W 101 -26.71 51.23 2.32
N GLN W 102 -25.59 50.84 2.96
CA GLN W 102 -24.66 49.93 2.30
C GLN W 102 -25.29 48.56 2.07
N ILE W 103 -26.09 48.08 3.03
CA ILE W 103 -26.78 46.80 2.86
C ILE W 103 -27.79 46.89 1.72
N ASN W 104 -28.52 48.01 1.65
CA ASN W 104 -29.47 48.20 0.54
C ASN W 104 -28.75 48.22 -0.80
N LEU W 105 -27.61 48.90 -0.87
CA LEU W 105 -26.85 48.94 -2.11
C LEU W 105 -26.31 47.57 -2.48
N GLU W 106 -25.88 46.78 -1.49
CA GLU W 106 -25.41 45.43 -1.76
C GLU W 106 -26.54 44.55 -2.28
N LEU W 107 -27.73 44.69 -1.70
CA LEU W 107 -28.89 43.93 -2.19
C LEU W 107 -29.24 44.33 -3.61
N TYR W 108 -29.19 45.64 -3.90
CA TYR W 108 -29.47 46.11 -5.26
C TYR W 108 -28.43 45.55 -6.25
N ALA W 109 -27.16 45.53 -5.84
CA ALA W 109 -26.12 45.00 -6.71
C ALA W 109 -26.31 43.50 -6.94
N SER W 110 -26.69 42.77 -5.90
CA SER W 110 -26.96 41.34 -6.06
C SER W 110 -28.15 41.12 -7.00
N TYR W 111 -29.18 41.95 -6.89
CA TYR W 111 -30.32 41.81 -7.79
C TYR W 111 -29.93 42.11 -9.23
N VAL W 112 -29.11 43.14 -9.43
CA VAL W 112 -28.65 43.48 -10.79
C VAL W 112 -27.81 42.36 -11.36
N TYR W 113 -26.93 41.76 -10.55
CA TYR W 113 -26.10 40.67 -11.03
C TYR W 113 -26.93 39.43 -11.33
N LEU W 114 -27.97 39.17 -10.53
CA LEU W 114 -28.86 38.06 -10.82
C LEU W 114 -29.63 38.29 -12.12
N SER W 115 -30.07 39.52 -12.36
CA SER W 115 -30.74 39.84 -13.61
C SER W 115 -29.80 39.67 -14.80
N MET W 116 -28.53 40.08 -14.63
CA MET W 116 -27.57 39.90 -15.71
C MET W 116 -27.30 38.42 -15.97
N SER W 117 -27.22 37.61 -14.91
CA SER W 117 -27.00 36.18 -15.08
C SER W 117 -28.20 35.52 -15.77
N CYS W 118 -29.42 35.98 -15.45
CA CYS W 118 -30.61 35.43 -16.06
C CYS W 118 -30.91 36.02 -17.44
N TYR W 119 -30.18 37.06 -17.85
CA TYR W 119 -30.38 37.64 -19.17
C TYR W 119 -29.46 37.03 -20.22
N PHE W 120 -28.30 36.51 -19.82
CA PHE W 120 -27.34 35.97 -20.77
C PHE W 120 -27.52 34.48 -21.03
N ASP W 121 -28.16 33.75 -20.12
CA ASP W 121 -28.36 32.31 -20.27
C ASP W 121 -29.59 31.98 -21.11
N ARG W 122 -30.13 32.94 -21.85
CA ARG W 122 -31.30 32.71 -22.68
C ARG W 122 -30.88 32.08 -24.00
N ASP W 123 -31.81 32.00 -24.95
CA ASP W 123 -31.52 31.42 -26.26
C ASP W 123 -31.04 32.47 -27.26
N ASP W 124 -31.46 33.73 -27.10
CA ASP W 124 -31.04 34.80 -28.01
C ASP W 124 -29.67 35.35 -27.67
N VAL W 125 -29.03 34.87 -26.60
CA VAL W 125 -27.71 35.31 -26.20
C VAL W 125 -26.68 34.19 -26.34
N ALA W 126 -26.98 33.02 -25.77
CA ALA W 126 -26.13 31.83 -25.87
C ALA W 126 -24.72 32.11 -25.34
N LEU W 127 -24.67 32.57 -24.09
CA LEU W 127 -23.41 32.85 -23.39
C LEU W 127 -23.52 32.23 -22.01
N LYS W 128 -23.08 30.97 -21.89
CA LYS W 128 -23.17 30.27 -20.62
C LYS W 128 -22.08 30.70 -19.65
N ASN W 129 -20.89 31.01 -20.17
CA ASN W 129 -19.79 31.43 -19.30
C ASN W 129 -20.06 32.79 -18.69
N PHE W 130 -20.64 33.71 -19.47
CA PHE W 130 -21.03 35.01 -18.91
C PHE W 130 -22.08 34.83 -17.81
N ALA W 131 -23.04 33.95 -18.03
CA ALA W 131 -24.06 33.70 -17.01
C ALA W 131 -23.45 33.10 -15.75
N LYS W 132 -22.49 32.18 -15.91
CA LYS W 132 -21.83 31.59 -14.76
C LYS W 132 -21.02 32.63 -14.00
N TYR W 133 -20.31 33.51 -14.72
CA TYR W 133 -19.54 34.55 -14.06
C TYR W 133 -20.45 35.52 -13.31
N PHE W 134 -21.58 35.90 -13.93
CA PHE W 134 -22.51 36.80 -13.25
C PHE W 134 -23.14 36.14 -12.04
N LEU W 135 -23.43 34.85 -12.12
CA LEU W 135 -23.97 34.13 -10.97
C LEU W 135 -22.95 34.04 -9.84
N HIS W 136 -21.67 33.82 -10.19
CA HIS W 136 -20.63 33.80 -9.17
C HIS W 136 -20.48 35.17 -8.51
N GLN W 137 -20.54 36.24 -9.31
CA GLN W 137 -20.47 37.59 -8.75
C GLN W 137 -21.66 37.87 -7.84
N SER W 138 -22.86 37.43 -8.24
CA SER W 138 -24.03 37.61 -7.40
C SER W 138 -23.91 36.84 -6.09
N HIS W 139 -23.35 35.62 -6.15
CA HIS W 139 -23.14 34.85 -4.93
C HIS W 139 -22.12 35.53 -4.03
N GLU W 140 -21.06 36.10 -4.61
CA GLU W 140 -20.06 36.82 -3.82
C GLU W 140 -20.67 38.04 -3.15
N GLU W 141 -21.49 38.80 -3.88
CA GLU W 141 -22.15 39.96 -3.29
C GLU W 141 -23.13 39.55 -2.21
N ARG W 142 -23.83 38.44 -2.40
CA ARG W 142 -24.75 37.95 -1.38
CA ARG W 142 -24.74 37.94 -1.38
C ARG W 142 -23.98 37.55 -0.11
N GLU W 143 -22.86 36.87 -0.27
CA GLU W 143 -22.05 36.49 0.88
C GLU W 143 -21.49 37.72 1.59
N HIS W 144 -21.08 38.73 0.83
CA HIS W 144 -20.59 39.97 1.45
C HIS W 144 -21.69 40.68 2.21
N ALA W 145 -22.91 40.69 1.66
CA ALA W 145 -24.03 41.31 2.36
C ALA W 145 -24.37 40.55 3.63
N GLU W 146 -24.33 39.21 3.58
CA GLU W 146 -24.60 38.42 4.77
C GLU W 146 -23.53 38.65 5.82
N LYS W 147 -22.26 38.78 5.40
CA LYS W 147 -21.19 39.05 6.35
C LYS W 147 -21.36 40.44 6.98
N LEU W 148 -21.78 41.43 6.19
CA LEU W 148 -22.05 42.75 6.75
C LEU W 148 -23.19 42.71 7.76
N MET W 149 -24.26 41.96 7.44
CA MET W 149 -25.37 41.83 8.37
C MET W 149 -24.93 41.14 9.65
N LYS W 150 -24.10 40.11 9.56
CA LYS W 150 -23.60 39.42 10.74
C LYS W 150 -22.71 40.34 11.58
N LEU W 151 -21.87 41.14 10.92
CA LEU W 151 -21.01 42.07 11.64
C LEU W 151 -21.83 43.14 12.35
N GLN W 152 -22.91 43.61 11.70
CA GLN W 152 -23.78 44.59 12.35
C GLN W 152 -24.52 43.97 13.52
N ASN W 153 -24.94 42.70 13.39
CA ASN W 153 -25.61 42.03 14.50
C ASN W 153 -24.67 41.78 15.67
N GLN W 154 -23.38 41.53 15.39
CA GLN W 154 -22.43 41.32 16.47
C GLN W 154 -22.16 42.60 17.24
N ARG W 155 -22.18 43.75 16.55
CA ARG W 155 -21.95 45.02 17.22
C ARG W 155 -23.17 45.49 18.00
N GLY W 156 -24.36 44.99 17.68
CA GLY W 156 -25.57 45.37 18.36
C GLY W 156 -26.46 46.34 17.63
N GLY W 157 -26.09 46.74 16.41
CA GLY W 157 -26.91 47.67 15.66
C GLY W 157 -28.11 47.00 15.02
N ARG W 158 -29.21 47.75 14.97
CA ARG W 158 -30.44 47.23 14.38
C ARG W 158 -30.36 47.25 12.86
N ILE W 159 -31.06 46.30 12.24
CA ILE W 159 -31.11 46.18 10.79
C ILE W 159 -32.57 46.27 10.36
N PHE W 160 -32.88 47.28 9.56
CA PHE W 160 -34.24 47.51 9.04
C PHE W 160 -34.21 47.24 7.54
N LEU W 161 -34.56 46.01 7.16
CA LEU W 161 -34.58 45.63 5.76
C LEU W 161 -35.80 46.24 5.07
N GLN W 162 -35.55 46.97 3.98
CA GLN W 162 -36.59 47.64 3.23
C GLN W 162 -36.75 46.96 1.86
N ASP W 163 -37.42 47.65 0.94
CA ASP W 163 -37.65 47.10 -0.38
C ASP W 163 -36.37 47.15 -1.21
N ILE W 164 -36.24 46.19 -2.12
CA ILE W 164 -35.07 46.12 -3.01
C ILE W 164 -35.48 46.70 -4.37
N LYS W 165 -34.74 47.70 -4.83
CA LYS W 165 -35.06 48.33 -6.09
C LYS W 165 -34.70 47.42 -7.26
N LYS W 166 -35.40 47.60 -8.37
CA LYS W 166 -35.18 46.82 -9.57
C LYS W 166 -34.25 47.58 -10.53
N PRO W 167 -33.55 46.85 -11.40
CA PRO W 167 -32.69 47.53 -12.39
C PRO W 167 -33.51 48.37 -13.34
N ASP W 168 -33.04 49.60 -13.58
CA ASP W 168 -33.76 50.52 -14.47
C ASP W 168 -33.70 50.07 -15.93
N ARG W 169 -32.74 49.23 -16.29
CA ARG W 169 -32.58 48.75 -17.66
C ARG W 169 -32.85 47.24 -17.66
N ASP W 170 -34.07 46.85 -17.99
CA ASP W 170 -34.40 45.44 -18.05
C ASP W 170 -33.68 44.74 -19.20
N ASP W 171 -33.54 45.41 -20.34
CA ASP W 171 -32.80 44.89 -21.48
C ASP W 171 -31.39 45.48 -21.45
N TRP W 172 -30.41 44.66 -21.10
CA TRP W 172 -29.02 45.10 -20.97
C TRP W 172 -28.30 45.21 -22.30
N CYS W 173 -29.01 45.57 -23.37
CA CYS W 173 -28.44 45.73 -24.70
C CYS W 173 -27.70 44.48 -25.15
N SER W 174 -26.40 44.43 -24.90
CA SER W 174 -25.57 43.29 -25.28
C SER W 174 -24.62 42.92 -24.16
N GLY W 175 -23.32 42.96 -24.44
CA GLY W 175 -22.32 42.64 -23.45
C GLY W 175 -21.51 43.83 -22.98
N LEU W 176 -21.17 44.73 -23.91
CA LEU W 176 -20.39 45.90 -23.56
C LEU W 176 -21.16 46.83 -22.64
N ASN W 177 -22.44 47.04 -22.92
CA ASN W 177 -23.27 47.88 -22.06
C ASN W 177 -23.45 47.26 -20.69
N ALA W 178 -23.59 45.93 -20.64
CA ALA W 178 -23.70 45.26 -19.33
C ALA W 178 -22.41 45.39 -18.54
N MET W 179 -21.26 45.27 -19.21
CA MET W 179 -19.98 45.45 -18.51
C MET W 179 -19.81 46.87 -18.01
N GLU W 180 -20.22 47.85 -18.82
CA GLU W 180 -20.13 49.25 -18.38
C GLU W 180 -21.05 49.52 -17.20
N SER W 181 -22.26 48.94 -17.22
CA SER W 181 -23.18 49.11 -16.09
C SER W 181 -22.61 48.45 -14.83
N ALA W 182 -22.00 47.28 -14.98
CA ALA W 182 -21.40 46.61 -13.82
C ALA W 182 -20.23 47.42 -13.28
N LEU W 183 -19.43 48.02 -14.17
CA LEU W 183 -18.32 48.86 -13.72
C LEU W 183 -18.82 50.10 -12.99
N HIS W 184 -19.88 50.73 -13.50
CA HIS W 184 -20.46 51.88 -12.83
C HIS W 184 -21.03 51.49 -11.47
N LEU W 185 -21.66 50.31 -11.38
CA LEU W 185 -22.18 49.84 -10.11
C LEU W 185 -21.07 49.58 -9.11
N GLU W 186 -19.96 48.99 -9.56
CA GLU W 186 -18.83 48.76 -8.68
C GLU W 186 -18.20 50.07 -8.23
N LYS W 187 -18.14 51.06 -9.12
CA LYS W 187 -17.63 52.36 -8.72
C LYS W 187 -18.53 53.03 -7.69
N SER W 188 -19.85 52.89 -7.85
CA SER W 188 -20.78 53.44 -6.87
C SER W 188 -20.63 52.73 -5.52
N VAL W 189 -20.44 51.41 -5.54
CA VAL W 189 -20.23 50.67 -4.30
C VAL W 189 -18.94 51.11 -3.62
N ASN W 190 -17.88 51.33 -4.41
CA ASN W 190 -16.62 51.81 -3.85
C ASN W 190 -16.77 53.20 -3.25
N GLN W 191 -17.52 54.07 -3.93
CA GLN W 191 -17.76 55.41 -3.38
C GLN W 191 -18.56 55.34 -2.08
N SER W 192 -19.55 54.46 -2.01
CA SER W 192 -20.32 54.28 -0.79
C SER W 192 -19.44 53.75 0.34
N LEU W 193 -18.53 52.83 0.02
CA LEU W 193 -17.62 52.31 1.03
C LEU W 193 -16.66 53.39 1.52
N LEU W 194 -16.19 54.26 0.61
CA LEU W 194 -15.33 55.37 1.02
C LEU W 194 -16.09 56.34 1.91
N GLU W 195 -17.35 56.62 1.58
CA GLU W 195 -18.16 57.50 2.43
C GLU W 195 -18.39 56.87 3.80
N LEU W 196 -18.62 55.56 3.84
CA LEU W 196 -18.80 54.87 5.12
C LEU W 196 -17.52 54.93 5.94
N HIS W 197 -16.37 54.74 5.30
CA HIS W 197 -15.10 54.84 6.03
C HIS W 197 -14.88 56.24 6.57
N LYS W 198 -15.19 57.26 5.77
CA LYS W 198 -15.03 58.64 6.24
C LYS W 198 -15.96 58.94 7.40
N LEU W 199 -17.21 58.46 7.33
CA LEU W 199 -18.15 58.69 8.41
C LEU W 199 -17.73 57.97 9.69
N ALA W 200 -17.20 56.75 9.55
CA ALA W 200 -16.72 56.03 10.72
C ALA W 200 -15.49 56.67 11.32
N THR W 201 -14.63 57.26 10.49
CA THR W 201 -13.46 57.96 11.00
C THR W 201 -13.85 59.26 11.71
N ASP W 202 -14.84 59.97 11.16
CA ASP W 202 -15.26 61.22 11.77
C ASP W 202 -16.08 60.99 13.03
N LYS W 203 -16.76 59.85 13.14
CA LYS W 203 -17.59 59.54 14.29
C LYS W 203 -16.93 58.57 15.25
N ASN W 204 -15.59 58.48 15.24
CA ASN W 204 -14.82 57.63 16.14
C ASN W 204 -15.26 56.17 16.04
N ASP W 205 -14.88 55.51 14.94
CA ASP W 205 -15.21 54.09 14.73
C ASP W 205 -14.08 53.46 13.94
N PRO W 206 -12.97 53.12 14.59
CA PRO W 206 -11.84 52.55 13.84
C PRO W 206 -12.04 51.11 13.44
N HIS W 207 -12.73 50.31 14.26
CA HIS W 207 -12.88 48.89 13.97
C HIS W 207 -13.69 48.67 12.70
N LEU W 208 -14.85 49.32 12.59
CA LEU W 208 -15.72 49.11 11.44
C LEU W 208 -15.05 49.58 10.15
N CYS W 209 -14.48 50.79 10.17
CA CYS W 209 -13.83 51.32 8.97
C CYS W 209 -12.62 50.48 8.58
N ASP W 210 -11.86 50.01 9.57
CA ASP W 210 -10.71 49.15 9.27
C ASP W 210 -11.16 47.84 8.64
N PHE W 211 -12.22 47.22 9.19
CA PHE W 211 -12.72 45.98 8.62
C PHE W 211 -13.23 46.20 7.20
N ILE W 212 -13.89 47.33 6.96
CA ILE W 212 -14.41 47.62 5.62
C ILE W 212 -13.25 47.81 4.64
N GLU W 213 -12.24 48.57 5.03
CA GLU W 213 -11.13 48.84 4.12
C GLU W 213 -10.19 47.65 3.97
N THR W 214 -10.28 46.66 4.87
CA THR W 214 -9.42 45.49 4.77
C THR W 214 -10.09 44.33 4.04
N TYR W 215 -11.29 43.94 4.45
CA TYR W 215 -11.95 42.74 3.93
C TYR W 215 -13.05 43.05 2.92
N TYR W 216 -13.01 44.22 2.28
CA TYR W 216 -14.04 44.55 1.30
C TYR W 216 -13.47 45.38 0.16
N LEU W 217 -12.63 46.37 0.47
CA LEU W 217 -12.11 47.25 -0.58
C LEU W 217 -11.19 46.51 -1.54
N SER W 218 -10.47 45.49 -1.06
CA SER W 218 -9.58 44.74 -1.94
C SER W 218 -10.38 44.00 -3.02
N GLU W 219 -11.46 43.32 -2.60
CA GLU W 219 -12.30 42.62 -3.57
C GLU W 219 -12.96 43.60 -4.54
N GLN W 220 -13.36 44.78 -4.04
CA GLN W 220 -13.94 45.78 -4.93
C GLN W 220 -12.94 46.27 -5.96
N VAL W 221 -11.70 46.52 -5.55
CA VAL W 221 -10.67 46.96 -6.49
C VAL W 221 -10.38 45.86 -7.51
N LYS W 222 -10.32 44.60 -7.06
CA LYS W 222 -10.09 43.50 -7.98
C LYS W 222 -11.22 43.38 -9.00
N SER W 223 -12.47 43.52 -8.54
CA SER W 223 -13.61 43.45 -9.45
C SER W 223 -13.60 44.60 -10.44
N ILE W 224 -13.26 45.81 -9.98
CA ILE W 224 -13.20 46.96 -10.88
C ILE W 224 -12.11 46.74 -11.92
N LYS W 225 -10.96 46.22 -11.52
CA LYS W 225 -9.88 45.97 -12.47
C LYS W 225 -10.28 44.90 -13.49
N GLU W 226 -10.95 43.85 -13.03
CA GLU W 226 -11.39 42.80 -13.94
C GLU W 226 -12.42 43.32 -14.93
N LEU W 227 -13.36 44.14 -14.46
CA LEU W 227 -14.36 44.71 -15.35
C LEU W 227 -13.73 45.67 -16.35
N GLY W 228 -12.73 46.44 -15.91
CA GLY W 228 -12.03 47.31 -16.83
C GLY W 228 -11.27 46.54 -17.89
N ASP W 229 -10.62 45.44 -17.50
CA ASP W 229 -9.95 44.58 -18.47
C ASP W 229 -10.95 43.98 -19.46
N HIS W 230 -12.12 43.57 -18.97
CA HIS W 230 -13.14 43.01 -19.85
C HIS W 230 -13.65 44.06 -20.83
N VAL W 231 -13.86 45.29 -20.36
CA VAL W 231 -14.32 46.37 -21.25
C VAL W 231 -13.26 46.67 -22.29
N THR W 232 -11.99 46.71 -21.88
CA THR W 232 -10.90 46.96 -22.83
C THR W 232 -10.83 45.86 -23.89
N ASN W 233 -10.99 44.60 -23.46
CA ASN W 233 -10.98 43.50 -24.42
C ASN W 233 -12.15 43.59 -25.39
N LEU W 234 -13.35 43.91 -24.88
CA LEU W 234 -14.51 44.02 -25.74
C LEU W 234 -14.38 45.20 -26.71
N ARG W 235 -13.71 46.27 -26.31
CA ARG W 235 -13.52 47.42 -27.19
C ARG W 235 -12.43 47.17 -28.23
N LYS W 236 -11.38 46.42 -27.87
CA LYS W 236 -10.31 46.15 -28.82
C LYS W 236 -10.70 45.07 -29.82
N MET W 237 -11.35 44.00 -29.35
CA MET W 237 -11.72 42.90 -30.24
C MET W 237 -12.83 43.33 -31.19
N GLY W 238 -13.91 43.90 -30.65
CA GLY W 238 -15.01 44.35 -31.48
C GLY W 238 -16.36 43.87 -31.00
N ALA W 239 -16.84 44.44 -29.89
CA ALA W 239 -18.12 44.09 -29.31
C ALA W 239 -18.83 45.35 -28.85
N PRO W 240 -20.15 45.46 -29.09
CA PRO W 240 -20.97 44.46 -29.80
C PRO W 240 -20.99 44.67 -31.31
N CYS W 241 -19.89 45.19 -31.87
CA CYS W 241 -19.83 45.43 -33.31
C CYS W 241 -19.74 44.14 -34.11
N ALA W 242 -19.41 43.03 -33.47
CA ALA W 242 -19.32 41.75 -34.14
C ALA W 242 -19.52 40.64 -33.12
N GLY W 243 -20.35 39.65 -33.47
CA GLY W 243 -20.62 38.54 -32.58
C GLY W 243 -19.45 37.58 -32.40
N MET W 244 -18.41 37.71 -33.22
CA MET W 244 -17.25 36.83 -33.08
C MET W 244 -16.46 37.16 -31.82
N ALA W 245 -16.33 38.45 -31.51
CA ALA W 245 -15.56 38.86 -30.32
C ALA W 245 -16.22 38.36 -29.05
N GLU W 246 -17.55 38.47 -28.96
CA GLU W 246 -18.25 37.98 -27.77
C GLU W 246 -18.08 36.47 -27.61
N TYR W 247 -18.20 35.72 -28.71
CA TYR W 247 -18.05 34.27 -28.63
C TYR W 247 -16.63 33.89 -28.21
N LEU W 248 -15.62 34.59 -28.75
CA LEU W 248 -14.24 34.26 -28.40
C LEU W 248 -13.94 34.63 -26.96
N PHE W 249 -14.46 35.76 -26.48
CA PHE W 249 -14.28 36.12 -25.08
C PHE W 249 -15.02 35.18 -24.15
N ASP W 250 -16.13 34.60 -24.63
CA ASP W 250 -16.86 33.62 -23.82
C ASP W 250 -16.11 32.29 -23.76
N LYS W 251 -15.53 31.86 -24.88
CA LYS W 251 -14.87 30.56 -24.96
C LYS W 251 -13.41 30.60 -24.51
N HIS W 252 -12.83 31.77 -24.32
CA HIS W 252 -11.43 31.89 -23.91
C HIS W 252 -11.28 32.42 -22.50
N THR W 253 -11.73 33.65 -22.24
CA THR W 253 -11.56 34.27 -20.93
C THR W 253 -12.40 33.56 -19.87
N LEU W 254 -13.72 33.69 -19.97
CA LEU W 254 -14.62 33.08 -19.00
C LEU W 254 -14.85 31.60 -19.26
N GLY W 255 -14.24 31.03 -20.29
CA GLY W 255 -14.42 29.62 -20.59
C GLY W 255 -13.55 28.71 -19.74
N THR X 13 -26.23 -30.25 73.08
CA THR X 13 -24.85 -29.80 73.25
C THR X 13 -23.87 -30.79 72.66
N GLN X 14 -24.39 -31.82 72.00
CA GLN X 14 -23.54 -32.84 71.40
C GLN X 14 -22.91 -32.34 70.09
N ASP X 15 -23.72 -31.69 69.24
CA ASP X 15 -23.19 -31.19 67.97
C ASP X 15 -22.18 -30.09 68.18
N LEU X 16 -22.40 -29.24 69.19
CA LEU X 16 -21.44 -28.17 69.49
C LEU X 16 -20.10 -28.75 69.94
N ARG X 17 -20.13 -29.74 70.83
CA ARG X 17 -18.90 -30.38 71.28
C ARG X 17 -18.21 -31.11 70.13
N SER X 18 -19.00 -31.75 69.26
CA SER X 18 -18.41 -32.43 68.11
C SER X 18 -17.71 -31.44 67.18
N HIS X 19 -18.35 -30.30 66.91
CA HIS X 19 -17.72 -29.29 66.07
C HIS X 19 -16.47 -28.73 66.72
N LEU X 20 -16.52 -28.50 68.04
CA LEU X 20 -15.35 -27.95 68.73
C LEU X 20 -14.19 -28.93 68.73
N VAL X 21 -14.48 -30.23 68.84
CA VAL X 21 -13.41 -31.22 68.84
C VAL X 21 -12.94 -31.56 67.44
N HIS X 22 -13.75 -31.30 66.40
CA HIS X 22 -13.33 -31.52 65.03
C HIS X 22 -12.62 -30.31 64.42
N LYS X 23 -12.82 -29.11 64.97
CA LYS X 23 -12.14 -27.94 64.44
C LYS X 23 -10.74 -27.76 65.01
N LEU X 24 -10.48 -28.29 66.21
CA LEU X 24 -9.17 -28.10 66.82
C LEU X 24 -8.09 -28.93 66.12
N VAL X 25 -8.45 -30.12 65.61
CA VAL X 25 -7.47 -30.93 64.90
C VAL X 25 -7.01 -30.26 63.61
N GLN X 26 -7.81 -29.35 63.06
CA GLN X 26 -7.41 -28.59 61.89
C GLN X 26 -6.78 -27.25 62.25
N ALA X 27 -7.20 -26.64 63.35
CA ALA X 27 -6.61 -25.37 63.77
C ALA X 27 -5.19 -25.56 64.31
N ILE X 28 -4.93 -26.67 65.00
CA ILE X 28 -3.60 -26.92 65.53
C ILE X 28 -2.64 -27.29 64.40
N PHE X 29 -2.91 -28.40 63.72
CA PHE X 29 -2.07 -28.86 62.62
C PHE X 29 -2.80 -28.72 61.29
N PRO X 30 -2.10 -28.29 60.24
CA PRO X 30 -2.76 -28.14 58.93
C PRO X 30 -3.16 -29.48 58.31
N CYS X 31 -2.34 -29.99 57.40
CA CYS X 31 -2.64 -31.22 56.69
C CYS X 31 -1.43 -32.14 56.70
N PRO X 32 -1.61 -33.43 56.99
CA PRO X 32 -0.48 -34.36 56.97
C PRO X 32 -0.11 -34.78 55.55
N ASP X 33 0.71 -35.82 55.43
CA ASP X 33 1.14 -36.33 54.13
C ASP X 33 1.37 -37.83 54.21
N PRO X 34 0.53 -38.64 53.56
CA PRO X 34 0.69 -40.10 53.68
C PRO X 34 1.89 -40.63 52.91
N CYS X 35 2.03 -40.26 51.64
CA CYS X 35 3.10 -40.76 50.78
C CYS X 35 4.48 -40.26 51.18
N ALA X 36 4.58 -39.01 51.62
CA ALA X 36 5.88 -38.47 52.00
C ALA X 36 6.34 -39.02 53.34
N LEU X 37 5.51 -38.96 54.36
CA LEU X 37 5.83 -39.46 55.69
C LEU X 37 5.13 -40.79 55.92
N LYS X 38 4.51 -40.93 57.09
CA LYS X 38 3.79 -42.16 57.43
C LYS X 38 2.32 -41.85 57.72
N ASP X 39 1.84 -42.24 58.91
CA ASP X 39 0.46 -42.00 59.28
C ASP X 39 0.32 -41.99 60.80
N ARG X 40 1.31 -42.52 61.51
CA ARG X 40 1.25 -42.58 62.96
C ARG X 40 1.43 -41.21 63.61
N ARG X 41 2.01 -40.25 62.88
CA ARG X 41 2.24 -38.93 63.46
C ARG X 41 0.92 -38.18 63.66
N MET X 42 0.04 -38.21 62.65
CA MET X 42 -1.27 -37.57 62.80
C MET X 42 -2.08 -38.26 63.89
N GLU X 43 -1.95 -39.59 64.00
CA GLU X 43 -2.65 -40.31 65.06
C GLU X 43 -2.15 -39.90 66.43
N ASN X 44 -0.83 -39.79 66.60
CA ASN X 44 -0.29 -39.33 67.88
C ASN X 44 -0.71 -37.90 68.18
N LEU X 45 -0.77 -37.05 67.15
CA LEU X 45 -1.16 -35.67 67.35
C LEU X 45 -2.62 -35.57 67.79
N VAL X 46 -3.52 -36.30 67.13
CA VAL X 46 -4.92 -36.25 67.52
C VAL X 46 -5.13 -36.91 68.88
N ALA X 47 -4.32 -37.91 69.21
CA ALA X 47 -4.42 -38.51 70.54
C ALA X 47 -3.98 -37.52 71.62
N TYR X 48 -2.89 -36.79 71.38
CA TYR X 48 -2.47 -35.77 72.33
C TYR X 48 -3.50 -34.66 72.45
N ALA X 49 -4.14 -34.30 71.33
CA ALA X 49 -5.19 -33.28 71.37
C ALA X 49 -6.38 -33.75 72.21
N LYS X 50 -6.80 -35.00 72.00
CA LYS X 50 -7.88 -35.55 72.83
C LYS X 50 -7.49 -35.59 74.30
N LYS X 51 -6.25 -35.98 74.59
CA LYS X 51 -5.80 -36.03 75.98
C LYS X 51 -5.82 -34.65 76.62
N VAL X 52 -5.31 -33.63 75.92
CA VAL X 52 -5.23 -32.30 76.51
C VAL X 52 -6.62 -31.69 76.65
N GLU X 53 -7.53 -31.96 75.69
CA GLU X 53 -8.87 -31.42 75.81
C GLU X 53 -9.64 -32.11 76.93
N GLY X 54 -9.39 -33.41 77.14
CA GLY X 54 -10.00 -34.09 78.27
C GLY X 54 -9.46 -33.59 79.60
N ASP X 55 -8.16 -33.31 79.66
CA ASP X 55 -7.58 -32.75 80.88
C ASP X 55 -8.12 -31.36 81.17
N MET X 56 -8.34 -30.56 80.12
CA MET X 56 -8.92 -29.23 80.33
C MET X 56 -10.39 -29.32 80.71
N TYR X 57 -11.11 -30.31 80.21
CA TYR X 57 -12.53 -30.46 80.57
C TYR X 57 -12.69 -30.96 81.99
N GLU X 58 -11.82 -31.88 82.42
CA GLU X 58 -11.89 -32.39 83.79
C GLU X 58 -11.50 -31.33 84.82
N SER X 59 -10.73 -30.32 84.44
CA SER X 59 -10.31 -29.25 85.32
C SER X 59 -10.91 -27.91 84.91
N ALA X 60 -12.24 -27.85 84.81
CA ALA X 60 -12.93 -26.64 84.41
C ALA X 60 -14.03 -26.30 85.41
N ASN X 61 -14.59 -25.09 85.28
CA ASN X 61 -15.65 -24.63 86.16
C ASN X 61 -16.98 -24.57 85.42
N SER X 62 -17.11 -23.61 84.50
CA SER X 62 -18.34 -23.44 83.74
C SER X 62 -18.15 -23.80 82.27
N ARG X 63 -18.68 -22.98 81.38
CA ARG X 63 -18.62 -23.24 79.95
C ARG X 63 -17.79 -22.22 79.19
N ASP X 64 -17.92 -20.93 79.51
CA ASP X 64 -17.19 -19.91 78.77
C ASP X 64 -15.70 -19.92 79.10
N GLU X 65 -15.36 -20.12 80.38
CA GLU X 65 -13.94 -20.14 80.76
C GLU X 65 -13.21 -21.33 80.15
N TYR X 66 -13.88 -22.47 80.01
CA TYR X 66 -13.26 -23.62 79.36
C TYR X 66 -12.98 -23.33 77.89
N TYR X 67 -13.93 -22.71 77.19
CA TYR X 67 -13.70 -22.35 75.80
C TYR X 67 -12.59 -21.32 75.66
N HIS X 68 -12.53 -20.36 76.58
CA HIS X 68 -11.45 -19.37 76.54
C HIS X 68 -10.10 -20.03 76.77
N LEU X 69 -10.02 -20.96 77.73
CA LEU X 69 -8.76 -21.65 77.99
C LEU X 69 -8.36 -22.52 76.80
N LEU X 70 -9.33 -23.15 76.14
CA LEU X 70 -9.03 -23.95 74.97
C LEU X 70 -8.51 -23.09 73.83
N ALA X 71 -9.12 -21.91 73.63
CA ALA X 71 -8.65 -20.99 72.60
C ALA X 71 -7.24 -20.50 72.91
N GLU X 72 -6.97 -20.19 74.18
CA GLU X 72 -5.63 -19.77 74.57
C GLU X 72 -4.62 -20.87 74.35
N LYS X 73 -4.99 -22.12 74.65
CA LYS X 73 -4.07 -23.24 74.40
C LYS X 73 -3.81 -23.42 72.91
N ILE X 74 -4.85 -23.28 72.08
CA ILE X 74 -4.67 -23.38 70.64
C ILE X 74 -3.73 -22.28 70.15
N TYR X 75 -3.92 -21.05 70.65
CA TYR X 75 -3.03 -19.95 70.27
C TYR X 75 -1.58 -20.24 70.69
N LYS X 76 -1.39 -20.72 71.91
CA LYS X 76 -0.04 -20.99 72.40
C LYS X 76 0.62 -22.11 71.59
N ILE X 77 -0.16 -23.11 71.18
CA ILE X 77 0.39 -24.17 70.34
C ILE X 77 0.75 -23.62 68.96
N GLN X 78 -0.08 -22.75 68.41
CA GLN X 78 0.21 -22.13 67.12
C GLN X 78 1.34 -21.12 67.19
N LYS X 79 1.74 -20.69 68.40
CA LYS X 79 2.84 -19.74 68.52
C LYS X 79 4.15 -20.33 68.02
N GLU X 80 4.35 -21.64 68.16
CA GLU X 80 5.59 -22.25 67.69
C GLU X 80 5.52 -22.59 66.21
N LEU X 81 4.51 -23.34 65.79
CA LEU X 81 4.36 -23.76 64.39
C LEU X 81 3.83 -22.58 63.57
N GLU X 82 4.77 -21.70 63.21
CA GLU X 82 4.46 -20.53 62.39
C GLU X 82 5.14 -20.56 61.04
N GLU X 83 6.41 -20.98 61.00
CA GLU X 83 7.20 -21.01 59.76
C GLU X 83 7.20 -19.66 59.07
N LYS X 84 7.99 -18.73 59.59
CA LYS X 84 8.04 -17.39 59.01
C LYS X 84 8.67 -17.42 57.63
N SER X 85 8.23 -16.50 56.78
CA SER X 85 8.72 -16.42 55.42
C SER X 85 10.14 -15.82 55.39
N GLN X 86 10.94 -16.30 54.44
CA GLN X 86 12.30 -15.80 54.30
C GLN X 86 12.35 -14.42 53.69
N VAL X 87 11.26 -13.98 53.04
CA VAL X 87 11.21 -12.64 52.45
C VAL X 87 10.72 -11.58 53.42
N ARG X 88 10.32 -11.98 54.64
CA ARG X 88 9.84 -11.02 55.62
C ARG X 88 11.02 -10.24 56.20
N GLN X 89 10.97 -8.92 56.06
CA GLN X 89 12.02 -8.04 56.55
C GLN X 89 11.39 -6.76 57.07
N ASN X 90 11.54 -6.50 58.37
CA ASN X 90 10.99 -5.32 59.02
C ASN X 90 9.48 -5.22 58.81
N TYR X 91 8.71 -5.99 59.59
CA TYR X 91 7.26 -5.99 59.48
C TYR X 91 6.68 -6.41 60.82
N HIS X 92 5.78 -5.60 61.36
CA HIS X 92 5.20 -5.86 62.67
C HIS X 92 3.79 -6.43 62.52
N GLN X 93 3.31 -7.08 63.58
CA GLN X 93 1.98 -7.67 63.57
C GLN X 93 0.89 -6.62 63.52
N ASP X 94 1.15 -5.42 64.06
CA ASP X 94 0.17 -4.34 63.96
C ASP X 94 -0.05 -3.93 62.51
N ALA X 95 1.02 -3.89 61.72
CA ALA X 95 0.88 -3.60 60.29
C ALA X 95 0.07 -4.69 59.60
N GLU X 96 0.27 -5.95 59.99
CA GLU X 96 -0.50 -7.04 59.41
C GLU X 96 -1.98 -6.89 59.75
N ALA X 97 -2.29 -6.56 61.00
CA ALA X 97 -3.69 -6.36 61.39
C ALA X 97 -4.30 -5.18 60.65
N ALA X 98 -3.53 -4.11 60.46
CA ALA X 98 -4.03 -2.96 59.72
C ALA X 98 -4.30 -3.31 58.26
N ILE X 99 -3.41 -4.10 57.66
CA ILE X 99 -3.62 -4.52 56.28
C ILE X 99 -4.84 -5.43 56.17
N ASN X 100 -5.05 -6.30 57.16
CA ASN X 100 -6.23 -7.14 57.16
C ASN X 100 -7.51 -6.32 57.28
N ARG X 101 -7.51 -5.32 58.16
CA ARG X 101 -8.68 -4.45 58.29
C ARG X 101 -8.92 -3.66 57.01
N GLN X 102 -7.85 -3.20 56.36
CA GLN X 102 -8.00 -2.49 55.09
C GLN X 102 -8.56 -3.40 54.01
N ILE X 103 -8.12 -4.66 53.98
CA ILE X 103 -8.66 -5.61 53.00
C ILE X 103 -10.13 -5.87 53.27
N ASN X 104 -10.51 -6.02 54.54
CA ASN X 104 -11.92 -6.20 54.88
C ASN X 104 -12.75 -5.00 54.45
N LEU X 105 -12.23 -3.79 54.68
CA LEU X 105 -12.96 -2.59 54.28
C LEU X 105 -13.07 -2.50 52.76
N GLU X 106 -12.03 -2.89 52.04
CA GLU X 106 -12.09 -2.89 50.58
C GLU X 106 -13.12 -3.89 50.07
N LEU X 107 -13.18 -5.07 50.69
CA LEU X 107 -14.19 -6.06 50.31
C LEU X 107 -15.59 -5.54 50.59
N TYR X 108 -15.78 -4.88 51.74
CA TYR X 108 -17.08 -4.31 52.07
C TYR X 108 -17.47 -3.22 51.06
N ALA X 109 -16.50 -2.38 50.67
CA ALA X 109 -16.78 -1.35 49.69
C ALA X 109 -17.13 -1.94 48.33
N SER X 110 -16.43 -3.00 47.94
CA SER X 110 -16.76 -3.68 46.68
C SER X 110 -18.16 -4.28 46.73
N TYR X 111 -18.53 -4.86 47.87
CA TYR X 111 -19.87 -5.42 48.00
C TYR X 111 -20.93 -4.33 47.93
N VAL X 112 -20.67 -3.19 48.58
CA VAL X 112 -21.63 -2.08 48.54
C VAL X 112 -21.76 -1.55 47.12
N TYR X 113 -20.65 -1.43 46.39
CA TYR X 113 -20.71 -0.94 45.02
C TYR X 113 -21.43 -1.94 44.11
N LEU X 114 -21.23 -3.24 44.35
CA LEU X 114 -21.96 -4.24 43.57
C LEU X 114 -23.46 -4.17 43.85
N SER X 115 -23.83 -3.97 45.12
CA SER X 115 -25.24 -3.81 45.45
C SER X 115 -25.83 -2.57 44.80
N MET X 116 -25.06 -1.47 44.77
CA MET X 116 -25.54 -0.26 44.11
C MET X 116 -25.71 -0.47 42.61
N SER X 117 -24.76 -1.19 41.99
CA SER X 117 -24.87 -1.47 40.56
C SER X 117 -26.06 -2.36 40.26
N CYS X 118 -26.36 -3.32 41.14
CA CYS X 118 -27.49 -4.21 40.95
C CYS X 118 -28.82 -3.60 41.39
N TYR X 119 -28.78 -2.45 42.06
CA TYR X 119 -30.01 -1.78 42.47
C TYR X 119 -30.52 -0.78 41.43
N PHE X 120 -29.62 -0.21 40.61
CA PHE X 120 -30.01 0.80 39.64
C PHE X 120 -30.38 0.22 38.28
N ASP X 121 -29.92 -0.99 37.96
CA ASP X 121 -30.20 -1.61 36.67
C ASP X 121 -31.54 -2.34 36.65
N ARG X 122 -32.42 -2.08 37.61
CA ARG X 122 -33.71 -2.73 37.68
C ARG X 122 -34.69 -2.02 36.75
N ASP X 123 -35.98 -2.36 36.86
CA ASP X 123 -37.01 -1.73 36.03
C ASP X 123 -37.61 -0.50 36.69
N ASP X 124 -37.63 -0.45 38.02
CA ASP X 124 -38.18 0.70 38.74
C ASP X 124 -37.20 1.86 38.83
N VAL X 125 -35.98 1.70 38.33
CA VAL X 125 -34.97 2.75 38.35
C VAL X 125 -34.64 3.23 36.93
N ALA X 126 -34.33 2.30 36.04
CA ALA X 126 -34.05 2.58 34.63
C ALA X 126 -32.90 3.59 34.48
N LEU X 127 -31.77 3.22 35.08
CA LEU X 127 -30.53 4.02 35.02
C LEU X 127 -29.40 3.06 34.68
N LYS X 128 -29.13 2.89 33.39
CA LYS X 128 -28.08 1.97 32.95
C LYS X 128 -26.69 2.58 33.12
N ASN X 129 -26.57 3.89 32.93
CA ASN X 129 -25.26 4.53 33.06
C ASN X 129 -24.81 4.54 34.52
N PHE X 130 -25.73 4.77 35.45
CA PHE X 130 -25.38 4.68 36.87
C PHE X 130 -24.93 3.26 37.23
N ALA X 131 -25.62 2.26 36.70
CA ALA X 131 -25.23 0.87 36.97
C ALA X 131 -23.85 0.57 36.39
N LYS X 132 -23.57 1.07 35.18
CA LYS X 132 -22.26 0.85 34.59
C LYS X 132 -21.16 1.54 35.39
N TYR X 133 -21.41 2.77 35.85
CA TYR X 133 -20.43 3.47 36.66
C TYR X 133 -20.18 2.76 37.98
N PHE X 134 -21.25 2.27 38.62
CA PHE X 134 -21.08 1.54 39.88
C PHE X 134 -20.34 0.23 39.66
N LEU X 135 -20.60 -0.44 38.54
CA LEU X 135 -19.88 -1.67 38.23
C LEU X 135 -18.40 -1.40 37.97
N HIS X 136 -18.09 -0.30 37.28
CA HIS X 136 -16.71 0.07 37.06
C HIS X 136 -16.01 0.40 38.37
N GLN X 137 -16.70 1.11 39.27
CA GLN X 137 -16.12 1.41 40.58
C GLN X 137 -15.89 0.14 41.38
N SER X 138 -16.83 -0.81 41.32
CA SER X 138 -16.65 -2.07 42.01
C SER X 138 -15.48 -2.86 41.45
N HIS X 139 -15.31 -2.84 40.12
CA HIS X 139 -14.17 -3.51 39.51
C HIS X 139 -12.86 -2.85 39.93
N GLU X 140 -12.83 -1.52 40.02
CA GLU X 140 -11.63 -0.82 40.45
C GLU X 140 -11.30 -1.17 41.91
N GLU X 141 -12.31 -1.20 42.78
CA GLU X 141 -12.05 -1.57 44.17
C GLU X 141 -11.60 -3.02 44.28
N ARG X 142 -12.15 -3.91 43.45
CA ARG X 142 -11.71 -5.30 43.47
CA ARG X 142 -11.72 -5.30 43.45
C ARG X 142 -10.25 -5.41 43.02
N GLU X 143 -9.88 -4.68 41.99
CA GLU X 143 -8.49 -4.70 41.53
C GLU X 143 -7.55 -4.13 42.58
N HIS X 144 -7.99 -3.06 43.27
CA HIS X 144 -7.16 -2.49 44.34
C HIS X 144 -6.99 -3.48 45.49
N ALA X 145 -8.07 -4.20 45.84
CA ALA X 145 -7.97 -5.19 46.89
C ALA X 145 -7.05 -6.34 46.49
N GLU X 146 -7.13 -6.78 45.23
CA GLU X 146 -6.25 -7.83 44.76
C GLU X 146 -4.79 -7.37 44.76
N LYS X 147 -4.55 -6.10 44.40
CA LYS X 147 -3.19 -5.57 44.43
C LYS X 147 -2.67 -5.49 45.86
N LEU X 148 -3.53 -5.09 46.81
CA LEU X 148 -3.12 -5.08 48.21
C LEU X 148 -2.79 -6.48 48.71
N MET X 149 -3.60 -7.47 48.33
CA MET X 149 -3.33 -8.85 48.72
C MET X 149 -2.02 -9.33 48.13
N LYS X 150 -1.75 -9.00 46.87
CA LYS X 150 -0.49 -9.40 46.24
C LYS X 150 0.70 -8.73 46.91
N LEU X 151 0.56 -7.45 47.27
CA LEU X 151 1.64 -6.75 47.94
C LEU X 151 1.90 -7.34 49.32
N GLN X 152 0.84 -7.74 50.03
CA GLN X 152 1.02 -8.37 51.33
C GLN X 152 1.67 -9.74 51.18
N ASN X 153 1.30 -10.49 50.13
CA ASN X 153 1.92 -11.79 49.90
C ASN X 153 3.39 -11.66 49.52
N GLN X 154 3.76 -10.58 48.81
CA GLN X 154 5.16 -10.39 48.45
C GLN X 154 6.01 -10.06 49.66
N ARG X 155 5.44 -9.32 50.63
CA ARG X 155 6.18 -8.98 51.83
C ARG X 155 6.30 -10.14 52.80
N GLY X 156 5.42 -11.14 52.70
CA GLY X 156 5.45 -12.30 53.56
C GLY X 156 4.42 -12.32 54.66
N GLY X 157 3.55 -11.31 54.73
CA GLY X 157 2.52 -11.28 55.75
C GLY X 157 1.37 -12.20 55.45
N ARG X 158 0.81 -12.80 56.51
CA ARG X 158 -0.31 -13.71 56.36
C ARG X 158 -1.60 -12.94 56.13
N ILE X 159 -2.52 -13.57 55.39
CA ILE X 159 -3.82 -12.99 55.08
C ILE X 159 -4.89 -13.93 55.60
N PHE X 160 -5.71 -13.44 56.52
CA PHE X 160 -6.80 -14.21 57.12
C PHE X 160 -8.12 -13.60 56.64
N LEU X 161 -8.66 -14.16 55.56
CA LEU X 161 -9.91 -13.68 55.00
C LEU X 161 -11.08 -14.12 55.88
N GLN X 162 -11.89 -13.15 56.32
CA GLN X 162 -13.03 -13.39 57.18
C GLN X 162 -14.32 -13.15 56.40
N ASP X 163 -15.43 -13.01 57.13
CA ASP X 163 -16.72 -12.79 56.51
C ASP X 163 -16.82 -11.35 56.00
N ILE X 164 -17.58 -11.18 54.93
CA ILE X 164 -17.81 -9.86 54.34
C ILE X 164 -19.17 -9.35 54.80
N LYS X 165 -19.18 -8.17 55.42
CA LYS X 165 -20.42 -7.61 55.93
C LYS X 165 -21.30 -7.12 54.78
N LYS X 166 -22.61 -7.11 55.03
CA LYS X 166 -23.58 -6.66 54.05
C LYS X 166 -23.95 -5.20 54.29
N PRO X 167 -24.39 -4.50 53.25
CA PRO X 167 -24.82 -3.11 53.43
C PRO X 167 -26.02 -3.02 54.37
N ASP X 168 -25.96 -2.07 55.30
CA ASP X 168 -27.05 -1.90 56.27
C ASP X 168 -28.32 -1.34 55.62
N ARG X 169 -28.20 -0.71 54.46
CA ARG X 169 -29.34 -0.14 53.74
C ARG X 169 -29.52 -0.91 52.45
N ASP X 170 -30.42 -1.89 52.45
CA ASP X 170 -30.68 -2.65 51.24
C ASP X 170 -31.36 -1.80 50.18
N ASP X 171 -32.28 -0.92 50.58
CA ASP X 171 -32.93 0.02 49.67
C ASP X 171 -32.20 1.35 49.76
N TRP X 172 -31.46 1.69 48.70
CA TRP X 172 -30.66 2.91 48.66
C TRP X 172 -31.48 4.14 48.32
N CYS X 173 -32.73 4.20 48.73
CA CYS X 173 -33.62 5.33 48.49
C CYS X 173 -33.71 5.67 47.01
N SER X 174 -32.87 6.59 46.57
CA SER X 174 -32.85 7.00 45.16
C SER X 174 -31.41 7.13 44.66
N GLY X 175 -31.04 8.32 44.22
CA GLY X 175 -29.69 8.55 43.72
C GLY X 175 -28.85 9.42 44.62
N LEU X 176 -29.47 10.46 45.20
CA LEU X 176 -28.74 11.36 46.07
C LEU X 176 -28.27 10.65 47.34
N ASN X 177 -29.13 9.83 47.92
CA ASN X 177 -28.74 9.08 49.12
C ASN X 177 -27.64 8.08 48.80
N ALA X 178 -27.72 7.44 47.63
CA ALA X 178 -26.65 6.51 47.23
C ALA X 178 -25.33 7.23 47.03
N MET X 179 -25.37 8.43 46.43
CA MET X 179 -24.14 9.20 46.26
C MET X 179 -23.57 9.64 47.60
N GLU X 180 -24.43 10.04 48.53
CA GLU X 180 -23.96 10.43 49.86
C GLU X 180 -23.35 9.24 50.60
N SER X 181 -23.97 8.06 50.47
CA SER X 181 -23.42 6.87 51.11
C SER X 181 -22.07 6.50 50.49
N ALA X 182 -21.95 6.62 49.17
CA ALA X 182 -20.67 6.33 48.52
C ALA X 182 -19.61 7.33 48.95
N LEU X 183 -19.97 8.60 49.10
CA LEU X 183 -19.02 9.60 49.58
C LEU X 183 -18.57 9.32 51.00
N HIS X 184 -19.51 8.93 51.87
CA HIS X 184 -19.15 8.58 53.24
C HIS X 184 -18.25 7.35 53.27
N LEU X 185 -18.52 6.37 52.41
CA LEU X 185 -17.68 5.19 52.34
C LEU X 185 -16.28 5.53 51.87
N GLU X 186 -16.16 6.41 50.87
CA GLU X 186 -14.85 6.83 50.40
C GLU X 186 -14.10 7.62 51.46
N LYS X 187 -14.82 8.45 52.23
CA LYS X 187 -14.18 9.16 53.33
C LYS X 187 -13.69 8.20 54.40
N SER X 188 -14.47 7.16 54.70
CA SER X 188 -14.03 6.16 55.68
C SER X 188 -12.81 5.40 55.17
N VAL X 189 -12.78 5.07 53.87
CA VAL X 189 -11.62 4.40 53.30
C VAL X 189 -10.39 5.29 53.37
N ASN X 190 -10.56 6.59 53.10
CA ASN X 190 -9.44 7.53 53.19
C ASN X 190 -8.94 7.65 54.63
N GLN X 191 -9.86 7.67 55.59
CA GLN X 191 -9.45 7.72 57.00
C GLN X 191 -8.69 6.45 57.39
N SER X 192 -9.15 5.30 56.91
CA SER X 192 -8.46 4.05 57.20
C SER X 192 -7.06 4.05 56.57
N LEU X 193 -6.94 4.58 55.36
CA LEU X 193 -5.62 4.67 54.72
C LEU X 193 -4.70 5.61 55.47
N LEU X 194 -5.24 6.72 55.98
CA LEU X 194 -4.43 7.64 56.78
C LEU X 194 -3.97 6.98 58.07
N GLU X 195 -4.86 6.22 58.71
CA GLU X 195 -4.48 5.51 59.93
C GLU X 195 -3.41 4.46 59.63
N LEU X 196 -3.54 3.76 58.50
CA LEU X 196 -2.53 2.78 58.10
C LEU X 196 -1.18 3.45 57.85
N HIS X 197 -1.20 4.61 57.18
CA HIS X 197 0.05 5.33 56.95
C HIS X 197 0.68 5.78 58.26
N LYS X 198 -0.13 6.27 59.19
CA LYS X 198 0.41 6.70 60.48
C LYS X 198 0.98 5.52 61.26
N LEU X 199 0.31 4.37 61.23
CA LEU X 199 0.81 3.19 61.92
C LEU X 199 2.10 2.68 61.29
N ALA X 200 2.19 2.72 59.96
CA ALA X 200 3.42 2.30 59.30
C ALA X 200 4.56 3.26 59.57
N THR X 201 4.27 4.56 59.70
CA THR X 201 5.31 5.52 60.02
C THR X 201 5.79 5.36 61.47
N ASP X 202 4.86 5.08 62.38
CA ASP X 202 5.24 4.92 63.78
C ASP X 202 5.94 3.60 64.04
N LYS X 203 5.66 2.58 63.22
CA LYS X 203 6.26 1.26 63.38
C LYS X 203 7.39 1.00 62.39
N ASN X 204 8.01 2.06 61.86
CA ASN X 204 9.14 1.94 60.94
C ASN X 204 8.79 1.09 59.72
N ASP X 205 7.98 1.66 58.82
CA ASP X 205 7.60 0.97 57.59
C ASP X 205 7.41 2.01 56.49
N PRO X 206 8.51 2.48 55.90
CA PRO X 206 8.38 3.53 54.87
C PRO X 206 7.88 3.01 53.54
N HIS X 207 8.23 1.78 53.16
CA HIS X 207 7.85 1.27 51.84
C HIS X 207 6.34 1.12 51.73
N LEU X 208 5.70 0.48 52.72
CA LEU X 208 4.27 0.23 52.65
C LEU X 208 3.49 1.53 52.67
N CYS X 209 3.83 2.44 53.59
CA CYS X 209 3.11 3.70 53.68
C CYS X 209 3.31 4.55 52.44
N ASP X 210 4.53 4.53 51.88
CA ASP X 210 4.79 5.28 50.65
C ASP X 210 3.97 4.72 49.49
N PHE X 211 3.92 3.39 49.37
CA PHE X 211 3.14 2.78 48.29
C PHE X 211 1.65 3.10 48.47
N ILE X 212 1.17 3.10 49.71
CA ILE X 212 -0.25 3.41 49.95
C ILE X 212 -0.54 4.86 49.59
N GLU X 213 0.32 5.78 50.01
CA GLU X 213 0.07 7.20 49.74
C GLU X 213 0.35 7.58 48.30
N THR X 214 1.05 6.73 47.54
CA THR X 214 1.33 7.04 46.15
C THR X 214 0.33 6.41 45.18
N TYR X 215 0.09 5.10 45.30
CA TYR X 215 -0.72 4.36 44.33
C TYR X 215 -2.12 4.06 44.85
N TYR X 216 -2.62 4.81 45.83
CA TYR X 216 -3.96 4.55 46.34
C TYR X 216 -4.66 5.85 46.75
N LEU X 217 -3.94 6.74 47.42
CA LEU X 217 -4.57 7.98 47.91
C LEU X 217 -5.01 8.89 46.77
N SER X 218 -4.28 8.88 45.64
CA SER X 218 -4.65 9.72 44.52
C SER X 218 -5.99 9.29 43.94
N GLU X 219 -6.19 7.98 43.75
CA GLU X 219 -7.46 7.49 43.23
C GLU X 219 -8.59 7.76 44.22
N GLN X 220 -8.31 7.65 45.51
CA GLN X 220 -9.33 7.95 46.52
C GLN X 220 -9.73 9.42 46.49
N VAL X 221 -8.76 10.32 46.35
CA VAL X 221 -9.07 11.75 46.27
C VAL X 221 -9.87 12.04 45.00
N LYS X 222 -9.49 11.42 43.88
CA LYS X 222 -10.23 11.62 42.64
C LYS X 222 -11.67 11.13 42.76
N SER X 223 -11.86 9.97 43.39
CA SER X 223 -13.21 9.44 43.58
C SER X 223 -14.03 10.33 44.50
N ILE X 224 -13.42 10.84 45.56
CA ILE X 224 -14.12 11.72 46.47
C ILE X 224 -14.53 13.01 45.75
N LYS X 225 -13.63 13.55 44.93
CA LYS X 225 -13.96 14.77 44.20
C LYS X 225 -15.08 14.52 43.19
N GLU X 226 -15.04 13.38 42.51
CA GLU X 226 -16.10 13.05 41.55
C GLU X 226 -17.44 12.87 42.24
N LEU X 227 -17.45 12.20 43.39
CA LEU X 227 -18.69 12.01 44.13
C LEU X 227 -19.22 13.34 44.66
N GLY X 228 -18.33 14.22 45.10
CA GLY X 228 -18.76 15.54 45.53
C GLY X 228 -19.36 16.35 44.39
N ASP X 229 -18.74 16.29 43.21
CA ASP X 229 -19.30 16.96 42.04
C ASP X 229 -20.67 16.39 41.67
N HIS X 230 -20.82 15.06 41.77
CA HIS X 230 -22.11 14.44 41.46
C HIS X 230 -23.17 14.87 42.47
N VAL X 231 -22.82 14.94 43.75
CA VAL X 231 -23.76 15.37 44.77
C VAL X 231 -24.16 16.82 44.54
N THR X 232 -23.18 17.67 44.20
CA THR X 232 -23.49 19.07 43.92
C THR X 232 -24.42 19.21 42.72
N ASN X 233 -24.17 18.42 41.68
CA ASN X 233 -25.04 18.46 40.51
C ASN X 233 -26.45 18.00 40.85
N LEU X 234 -26.57 16.92 41.63
CA LEU X 234 -27.89 16.41 42.00
C LEU X 234 -28.64 17.40 42.90
N ARG X 235 -27.91 18.16 43.73
CA ARG X 235 -28.55 19.13 44.60
C ARG X 235 -28.94 20.39 43.84
N LYS X 236 -28.15 20.81 42.85
CA LYS X 236 -28.48 22.01 42.09
C LYS X 236 -29.58 21.75 41.07
N MET X 237 -29.52 20.62 40.36
CA MET X 237 -30.53 20.32 39.34
C MET X 237 -31.88 20.02 39.97
N GLY X 238 -31.90 19.11 40.96
CA GLY X 238 -33.14 18.77 41.63
C GLY X 238 -33.38 17.28 41.72
N ALA X 239 -32.62 16.60 42.57
CA ALA X 239 -32.74 15.17 42.76
C ALA X 239 -32.64 14.85 44.25
N PRO X 240 -33.50 13.94 44.77
CA PRO X 240 -34.53 13.23 44.01
C PRO X 240 -35.86 13.99 43.99
N CYS X 241 -35.80 15.32 44.01
CA CYS X 241 -37.02 16.12 44.00
C CYS X 241 -37.73 16.09 42.66
N ALA X 242 -37.05 15.65 41.61
CA ALA X 242 -37.64 15.55 40.28
C ALA X 242 -36.89 14.51 39.48
N GLY X 243 -37.63 13.64 38.79
CA GLY X 243 -37.02 12.61 37.98
C GLY X 243 -36.34 13.11 36.73
N MET X 244 -36.55 14.37 36.36
CA MET X 244 -35.91 14.92 35.17
C MET X 244 -34.40 15.10 35.40
N ALA X 245 -34.02 15.54 36.59
CA ALA X 245 -32.60 15.77 36.89
C ALA X 245 -31.82 14.46 36.84
N GLU X 246 -32.37 13.39 37.40
CA GLU X 246 -31.69 12.10 37.37
C GLU X 246 -31.52 11.60 35.94
N TYR X 247 -32.57 11.72 35.12
CA TYR X 247 -32.48 11.28 33.73
C TYR X 247 -31.45 12.09 32.95
N LEU X 248 -31.41 13.40 33.18
CA LEU X 248 -30.46 14.25 32.46
C LEU X 248 -29.03 13.96 32.91
N PHE X 249 -28.82 13.73 34.20
CA PHE X 249 -27.49 13.38 34.69
C PHE X 249 -27.07 12.00 34.20
N ASP X 250 -28.04 11.11 33.97
CA ASP X 250 -27.72 9.79 33.43
C ASP X 250 -27.35 9.88 31.95
N LYS X 251 -28.08 10.69 31.18
CA LYS X 251 -27.87 10.78 29.75
C LYS X 251 -26.79 11.77 29.34
N HIS X 252 -26.29 12.59 30.27
CA HIS X 252 -25.25 13.57 29.96
C HIS X 252 -23.92 13.24 30.61
N THR X 253 -23.87 13.22 31.94
CA THR X 253 -22.61 12.98 32.66
C THR X 253 -22.12 11.55 32.44
N LEU X 254 -22.84 10.57 32.99
CA LEU X 254 -22.44 9.17 32.88
C LEU X 254 -22.84 8.56 31.55
N GLY X 255 -23.47 9.31 30.65
CA GLY X 255 -23.87 8.79 29.36
C GLY X 255 -22.74 8.76 28.36
N LEU Y 1 37.53 16.62 62.53
CA LEU Y 1 37.73 15.44 63.36
C LEU Y 1 37.17 14.19 62.68
N SER Y 2 36.38 13.41 63.43
CA SER Y 2 35.78 12.19 62.92
C SER Y 2 34.38 12.42 62.36
N ARG Y 3 34.04 13.65 62.01
CA ARG Y 3 32.73 13.97 61.46
C ARG Y 3 32.57 13.53 60.01
N ARG Y 4 33.67 13.31 59.30
CA ARG Y 4 33.64 12.90 57.90
C ARG Y 4 34.27 11.52 57.74
N PRO Y 5 33.77 10.71 56.80
CA PRO Y 5 34.26 9.33 56.61
C PRO Y 5 35.73 9.27 56.15
N TYR Y 7 38.12 10.63 57.50
CA TYR Y 7 38.87 10.38 58.73
C TYR Y 7 39.18 8.90 58.88
N ARG Y 8 38.13 8.09 58.96
CA ARG Y 8 38.31 6.65 59.09
C ARG Y 8 39.02 6.06 57.88
N LYS Y 9 38.78 6.61 56.69
CA LYS Y 9 39.44 6.11 55.49
C LYS Y 9 40.94 6.28 55.57
N ILE Y 10 41.41 7.50 55.87
CA ILE Y 10 42.84 7.73 55.99
C ILE Y 10 43.42 6.99 57.18
N LEU Y 11 42.67 6.84 58.26
CA LEU Y 11 43.16 6.07 59.41
C LEU Y 11 43.41 4.62 59.03
N ASN Y 12 42.44 3.99 58.35
CA ASN Y 12 42.61 2.61 57.92
C ASN Y 12 43.73 2.48 56.89
N ASP Y 13 43.86 3.45 56.00
CA ASP Y 13 44.94 3.41 55.01
C ASP Y 13 46.30 3.48 55.68
N LEU Y 14 46.46 4.37 56.67
CA LEU Y 14 47.73 4.49 57.37
C LEU Y 14 48.00 3.28 58.26
N SER Y 15 46.94 2.65 58.79
CA SER Y 15 47.14 1.45 59.59
C SER Y 15 47.51 0.25 58.73
N SER Y 16 47.01 0.20 57.49
CA SER Y 16 47.34 -0.91 56.61
C SER Y 16 48.72 -0.72 55.97
N ASP Y 17 49.08 0.52 55.64
CA ASP Y 17 50.38 0.77 55.03
C ASP Y 17 51.50 0.66 56.06
N ALA Y 18 51.43 1.46 57.12
CA ALA Y 18 52.46 1.43 58.15
C ALA Y 18 52.25 0.23 59.08
N PRO Y 19 53.31 -0.50 59.42
CA PRO Y 19 53.24 -1.67 60.32
C PRO Y 19 52.73 -1.30 61.71
N LEU Z 1 1.67 73.32 -14.72
CA LEU Z 1 2.79 73.97 -14.05
C LEU Z 1 3.63 72.95 -13.29
N SER Z 2 3.93 73.26 -12.03
CA SER Z 2 4.74 72.39 -11.19
C SER Z 2 3.89 71.43 -10.35
N ARG Z 3 2.65 71.18 -10.75
CA ARG Z 3 1.77 70.28 -10.03
C ARG Z 3 2.11 68.82 -10.25
N ARG Z 4 2.84 68.49 -11.31
CA ARG Z 4 3.22 67.12 -11.62
C ARG Z 4 4.73 66.96 -11.58
N PRO Z 5 5.23 65.80 -11.17
CA PRO Z 5 6.68 65.57 -11.03
C PRO Z 5 7.44 65.63 -12.36
N TYR Z 7 7.33 67.90 -14.42
CA TYR Z 7 7.88 69.26 -14.46
C TYR Z 7 9.33 69.26 -14.00
N ARG Z 8 9.55 68.86 -12.75
CA ARG Z 8 10.90 68.82 -12.21
C ARG Z 8 11.78 67.84 -12.98
N LYS Z 9 11.21 66.74 -13.47
CA LYS Z 9 11.98 65.77 -14.23
C LYS Z 9 12.54 66.38 -15.50
N ILE Z 10 11.68 67.01 -16.31
CA ILE Z 10 12.14 67.63 -17.54
C ILE Z 10 13.05 68.82 -17.24
N LEU Z 11 12.80 69.54 -16.16
CA LEU Z 11 13.68 70.66 -15.79
C LEU Z 11 15.09 70.16 -15.49
N ASN Z 12 15.20 69.11 -14.68
CA ASN Z 12 16.51 68.54 -14.36
C ASN Z 12 17.17 67.95 -15.59
N ASP Z 13 16.40 67.32 -16.47
CA ASP Z 13 16.96 66.75 -17.69
C ASP Z 13 17.53 67.85 -18.59
N LEU Z 14 16.80 68.96 -18.74
CA LEU Z 14 17.28 70.05 -19.57
C LEU Z 14 18.45 70.79 -18.93
N SER Z 15 18.49 70.82 -17.59
CA SER Z 15 19.63 71.44 -16.92
C SER Z 15 20.88 70.58 -17.01
N SER Z 16 20.72 69.25 -17.03
CA SER Z 16 21.87 68.37 -17.15
C SER Z 16 22.37 68.27 -18.59
N ASP Z 17 21.45 68.28 -19.56
CA ASP Z 17 21.86 68.20 -20.95
C ASP Z 17 22.45 69.51 -21.43
N ALA Z 18 21.69 70.60 -21.34
CA ALA Z 18 22.18 71.90 -21.78
C ALA Z 18 23.12 72.50 -20.73
N PRO Z 19 24.26 73.05 -21.15
CA PRO Z 19 25.24 73.68 -20.24
C PRO Z 19 24.64 74.86 -19.46
N LEU AA 1 -63.57 -1.55 -39.39
CA LEU AA 1 -63.63 -0.45 -40.34
C LEU AA 1 -62.36 0.38 -40.29
N SER AA 2 -62.51 1.70 -40.21
CA SER AA 2 -61.38 2.62 -40.16
C SER AA 2 -60.95 2.96 -38.74
N ARG AA 3 -61.32 2.12 -37.77
CA ARG AA 3 -60.95 2.36 -36.37
C ARG AA 3 -59.49 2.04 -36.08
N ARG AA 4 -58.83 1.25 -36.93
CA ARG AA 4 -57.44 0.88 -36.74
C ARG AA 4 -56.59 1.40 -37.90
N PRO AA 5 -55.33 1.78 -37.63
CA PRO AA 5 -54.46 2.35 -38.66
C PRO AA 5 -54.12 1.38 -39.80
N TYR AA 7 -56.13 -0.21 -41.48
CA TYR AA 7 -57.07 0.15 -42.55
C TYR AA 7 -56.41 1.06 -43.56
N ARG AA 8 -55.97 2.24 -43.10
CA ARG AA 8 -55.31 3.19 -43.98
C ARG AA 8 -54.02 2.62 -44.55
N LYS AA 9 -53.31 1.79 -43.77
CA LYS AA 9 -52.07 1.20 -44.26
C LYS AA 9 -52.32 0.30 -45.46
N ILE AA 10 -53.26 -0.64 -45.34
CA ILE AA 10 -53.57 -1.52 -46.45
C ILE AA 10 -54.19 -0.76 -47.60
N LEU AA 11 -54.97 0.28 -47.32
CA LEU AA 11 -55.55 1.09 -48.40
C LEU AA 11 -54.45 1.77 -49.21
N ASN AA 12 -53.48 2.40 -48.53
CA ASN AA 12 -52.38 3.04 -49.24
C ASN AA 12 -51.52 2.03 -49.97
N ASP AA 13 -51.31 0.86 -49.38
CA ASP AA 13 -50.52 -0.18 -50.05
C ASP AA 13 -51.20 -0.64 -51.33
N LEU AA 14 -52.52 -0.86 -51.28
CA LEU AA 14 -53.24 -1.30 -52.46
C LEU AA 14 -53.35 -0.19 -53.51
N SER AA 15 -53.39 1.08 -53.06
CA SER AA 15 -53.41 2.18 -54.01
C SER AA 15 -52.07 2.38 -54.68
N SER AA 16 -50.97 2.09 -53.97
CA SER AA 16 -49.65 2.24 -54.56
C SER AA 16 -49.29 1.06 -55.46
N ASP AA 17 -49.71 -0.15 -55.08
CA ASP AA 17 -49.42 -1.32 -55.89
C ASP AA 17 -50.29 -1.36 -57.14
N ALA AA 18 -51.60 -1.36 -56.96
CA ALA AA 18 -52.51 -1.40 -58.11
C ALA AA 18 -52.63 -0.01 -58.74
N PRO AA 19 -52.57 0.07 -60.08
CA PRO AA 19 -52.68 1.34 -60.82
C PRO AA 19 -54.02 2.05 -60.56
N LEU BA 1 -27.71 -58.25 37.87
CA LEU BA 1 -28.69 -58.98 37.08
C LEU BA 1 -28.82 -58.38 35.68
N SER BA 2 -30.06 -58.14 35.25
CA SER BA 2 -30.34 -57.58 33.94
C SER BA 2 -30.47 -56.06 33.97
N ARG BA 3 -29.92 -55.41 35.01
CA ARG BA 3 -29.99 -53.95 35.11
C ARG BA 3 -29.03 -53.24 34.18
N ARG BA 4 -28.00 -53.93 33.68
CA ARG BA 4 -27.02 -53.35 32.78
C ARG BA 4 -27.05 -54.05 31.43
N PRO BA 5 -26.80 -53.31 30.33
CA PRO BA 5 -26.88 -53.89 28.98
C PRO BA 5 -25.84 -54.99 28.71
N TYR BA 7 -25.34 -57.48 30.43
CA TYR BA 7 -26.08 -58.72 30.64
C TYR BA 7 -26.56 -59.30 29.32
N ARG BA 8 -27.40 -58.53 28.61
CA ARG BA 8 -27.90 -58.98 27.32
C ARG BA 8 -26.78 -59.16 26.31
N LYS BA 9 -25.73 -58.33 26.39
CA LYS BA 9 -24.62 -58.46 25.46
C LYS BA 9 -23.92 -59.80 25.61
N ILE BA 10 -23.53 -60.15 26.85
CA ILE BA 10 -22.87 -61.43 27.08
C ILE BA 10 -23.82 -62.59 26.82
N LEU BA 11 -25.11 -62.42 27.10
CA LEU BA 11 -26.07 -63.49 26.80
C LEU BA 11 -26.13 -63.77 25.31
N ASN BA 12 -26.25 -62.71 24.49
CA ASN BA 12 -26.28 -62.89 23.05
C ASN BA 12 -24.97 -63.44 22.52
N ASP BA 13 -23.84 -63.01 23.09
CA ASP BA 13 -22.55 -63.52 22.66
C ASP BA 13 -22.43 -65.02 22.94
N LEU BA 14 -22.86 -65.45 24.13
CA LEU BA 14 -22.79 -66.86 24.47
C LEU BA 14 -23.80 -67.69 23.68
N SER BA 15 -24.94 -67.09 23.32
CA SER BA 15 -25.90 -67.81 22.49
C SER BA 15 -25.43 -67.94 21.06
N SER BA 16 -24.68 -66.96 20.56
CA SER BA 16 -24.17 -67.04 19.19
C SER BA 16 -22.94 -67.94 19.10
N ASP BA 17 -22.08 -67.92 20.12
CA ASP BA 17 -20.89 -68.75 20.10
C ASP BA 17 -21.24 -70.21 20.36
N ALA BA 18 -21.87 -70.49 21.49
CA ALA BA 18 -22.24 -71.87 21.83
C ALA BA 18 -23.50 -72.28 21.07
N PRO BA 19 -23.52 -73.48 20.49
CA PRO BA 19 -24.68 -74.01 19.74
C PRO BA 19 -25.93 -74.11 20.61
N LEU CA 1 10.16 65.60 34.48
CA LEU CA 1 9.02 65.94 35.32
C LEU CA 1 7.98 64.83 35.30
N SER CA 2 6.72 65.20 35.08
CA SER CA 2 5.61 64.25 35.04
C SER CA 2 5.31 63.76 33.63
N ARG CA 3 6.27 63.88 32.71
CA ARG CA 3 6.08 63.44 31.33
C ARG CA 3 6.15 61.93 31.18
N ARG CA 4 6.74 61.22 32.14
CA ARG CA 4 6.86 59.77 32.10
C ARG CA 4 6.11 59.14 33.26
N PRO CA 5 5.54 57.95 33.06
CA PRO CA 5 4.73 57.28 34.09
C PRO CA 5 5.54 56.89 35.34
N TYR CA 7 7.34 58.73 37.00
CA TYR CA 7 7.07 59.81 37.95
C TYR CA 7 5.97 59.41 38.93
N ARG CA 8 4.78 59.15 38.40
CA ARG CA 8 3.66 58.74 39.24
C ARG CA 8 3.94 57.43 39.95
N LYS CA 9 4.68 56.52 39.31
CA LYS CA 9 5.00 55.24 39.94
C LYS CA 9 5.84 55.44 41.19
N ILE CA 10 6.94 56.18 41.08
CA ILE CA 10 7.78 56.43 42.25
C ILE CA 10 7.06 57.28 43.27
N LEU CA 11 6.20 58.20 42.84
CA LEU CA 11 5.43 59.01 43.79
C LEU CA 11 4.51 58.12 44.62
N ASN CA 12 3.77 57.23 43.97
CA ASN CA 12 2.88 56.32 44.69
C ASN CA 12 3.66 55.36 45.57
N ASP CA 13 4.82 54.90 45.11
CA ASP CA 13 5.64 54.00 45.92
C ASP CA 13 6.12 54.70 47.19
N LEU CA 14 6.58 55.95 47.06
CA LEU CA 14 7.05 56.69 48.22
C LEU CA 14 5.90 57.09 49.15
N SER CA 15 4.70 57.31 48.59
CA SER CA 15 3.56 57.61 49.43
C SER CA 15 3.06 56.38 50.18
N SER CA 16 3.20 55.20 49.58
CA SER CA 16 2.77 53.98 50.25
C SER CA 16 3.80 53.50 51.28
N ASP CA 17 5.08 53.67 50.98
CA ASP CA 17 6.12 53.24 51.92
C ASP CA 17 6.22 54.21 53.09
N ALA CA 18 6.48 55.49 52.82
CA ALA CA 18 6.59 56.47 53.89
C ALA CA 18 5.21 56.88 54.39
N PRO CA 19 5.01 56.96 55.71
CA PRO CA 19 3.73 57.36 56.32
C PRO CA 19 3.30 58.77 55.90
N LEU DA 1 65.01 13.53 -34.44
CA LEU DA 1 65.84 14.43 -33.67
C LEU DA 1 65.17 14.79 -32.35
N SER DA 2 65.13 16.08 -32.03
CA SER DA 2 64.53 16.58 -30.80
C SER DA 2 63.07 16.97 -30.98
N ARG DA 3 62.40 16.46 -32.02
CA ARG DA 3 61.00 16.76 -32.27
C ARG DA 3 60.06 16.03 -31.33
N ARG DA 4 60.51 14.95 -30.69
CA ARG DA 4 59.69 14.17 -29.78
C ARG DA 4 60.28 14.20 -28.37
N PRO DA 5 59.44 14.18 -27.34
CA PRO DA 5 59.91 14.28 -25.94
C PRO DA 5 60.78 13.09 -25.51
N TYR DA 7 63.26 12.01 -26.95
CA TYR DA 7 64.63 12.50 -27.10
C TYR DA 7 65.18 12.99 -25.77
N ARG DA 8 64.53 14.00 -25.20
CA ARG DA 8 64.97 14.54 -23.92
C ARG DA 8 64.86 13.49 -22.81
N LYS DA 9 63.86 12.61 -22.88
CA LYS DA 9 63.72 11.58 -21.87
C LYS DA 9 64.91 10.64 -21.85
N ILE DA 10 65.28 10.09 -23.01
CA ILE DA 10 66.43 9.20 -23.08
C ILE DA 10 67.72 9.94 -22.78
N LEU DA 11 67.81 11.21 -23.17
CA LEU DA 11 69.01 12.00 -22.86
C LEU DA 11 69.18 12.15 -21.35
N ASN DA 12 68.11 12.51 -20.65
CA ASN DA 12 68.18 12.65 -19.20
C ASN DA 12 68.44 11.31 -18.53
N ASP DA 13 67.85 10.23 -19.05
CA ASP DA 13 68.09 8.91 -18.47
C ASP DA 13 69.56 8.51 -18.61
N LEU DA 14 70.15 8.74 -19.79
CA LEU DA 14 71.54 8.40 -20.00
C LEU DA 14 72.48 9.31 -19.21
N SER DA 15 72.08 10.57 -18.99
CA SER DA 15 72.89 11.46 -18.18
C SER DA 15 72.83 11.11 -16.70
N SER DA 16 71.69 10.59 -16.24
CA SER DA 16 71.57 10.20 -14.84
C SER DA 16 72.22 8.84 -14.57
N ASP DA 17 72.12 7.91 -15.52
CA ASP DA 17 72.72 6.60 -15.33
C ASP DA 17 74.24 6.67 -15.49
N ALA DA 18 74.72 7.13 -16.64
CA ALA DA 18 76.15 7.21 -16.88
C ALA DA 18 76.73 8.45 -16.18
N PRO DA 19 77.87 8.31 -15.49
CA PRO DA 19 78.54 9.42 -14.79
C PRO DA 19 78.94 10.55 -15.74
N LEU EA 1 -18.44 -39.51 -60.78
CA LEU EA 1 -17.26 -39.98 -61.48
C LEU EA 1 -15.99 -39.59 -60.74
N SER EA 2 -15.03 -39.02 -61.47
CA SER EA 2 -13.75 -38.60 -60.90
C SER EA 2 -13.76 -37.14 -60.47
N ARG EA 3 -14.95 -36.56 -60.26
CA ARG EA 3 -15.05 -35.16 -59.84
C ARG EA 3 -14.70 -34.96 -58.37
N ARG EA 4 -14.74 -36.01 -57.56
CA ARG EA 4 -14.43 -35.92 -56.14
C ARG EA 4 -13.21 -36.77 -55.80
N PRO EA 5 -12.39 -36.33 -54.84
CA PRO EA 5 -11.15 -37.05 -54.49
C PRO EA 5 -11.39 -38.45 -53.92
N TYR EA 7 -13.06 -40.68 -55.19
CA TYR EA 7 -12.86 -41.57 -56.34
C TYR EA 7 -11.46 -42.15 -56.34
N ARG EA 8 -10.46 -41.27 -56.42
CA ARG EA 8 -9.07 -41.71 -56.41
C ARG EA 8 -8.71 -42.40 -55.10
N LYS EA 9 -9.30 -41.96 -53.98
CA LYS EA 9 -9.02 -42.58 -52.70
C LYS EA 9 -9.45 -44.04 -52.68
N ILE EA 10 -10.71 -44.31 -53.05
CA ILE EA 10 -11.19 -45.68 -53.08
C ILE EA 10 -10.48 -46.49 -54.15
N LEU EA 11 -10.11 -45.87 -55.27
CA LEU EA 11 -9.37 -46.59 -56.31
C LEU EA 11 -8.02 -47.06 -55.78
N ASN EA 12 -7.27 -46.15 -55.12
CA ASN EA 12 -5.98 -46.53 -54.55
C ASN EA 12 -6.14 -47.55 -53.44
N ASP EA 13 -7.18 -47.43 -52.63
CA ASP EA 13 -7.41 -48.41 -51.56
C ASP EA 13 -7.68 -49.80 -52.14
N LEU EA 14 -8.51 -49.88 -53.18
CA LEU EA 14 -8.80 -51.17 -53.79
C LEU EA 14 -7.60 -51.73 -54.55
N SER EA 15 -6.75 -50.85 -55.10
CA SER EA 15 -5.55 -51.33 -55.77
C SER EA 15 -4.51 -51.82 -54.78
N SER EA 16 -4.46 -51.22 -53.59
CA SER EA 16 -3.50 -51.67 -52.58
C SER EA 16 -3.98 -52.93 -51.86
N ASP EA 17 -5.28 -53.04 -51.62
CA ASP EA 17 -5.81 -54.22 -50.93
C ASP EA 17 -5.84 -55.42 -51.87
N ALA EA 18 -6.52 -55.30 -53.00
CA ALA EA 18 -6.61 -56.41 -53.94
C ALA EA 18 -5.33 -56.50 -54.77
N PRO EA 19 -4.77 -57.70 -54.96
CA PRO EA 19 -3.55 -57.92 -55.75
C PRO EA 19 -3.71 -57.48 -57.21
N LEU FA 1 -73.29 12.56 8.14
CA LEU FA 1 -74.08 11.52 7.51
C LEU FA 1 -73.18 10.45 6.91
N SER FA 2 -73.44 10.09 5.65
CA SER FA 2 -72.67 9.07 4.95
C SER FA 2 -71.51 9.66 4.14
N ARG FA 3 -71.08 10.88 4.48
CA ARG FA 3 -69.98 11.51 3.76
C ARG FA 3 -68.62 10.94 4.14
N ARG FA 4 -68.51 10.26 5.28
CA ARG FA 4 -67.26 9.68 5.74
C ARG FA 4 -67.38 8.16 5.83
N PRO FA 5 -66.29 7.43 5.55
CA PRO FA 5 -66.33 5.96 5.55
C PRO FA 5 -66.63 5.34 6.92
N TYR FA 7 -68.98 6.04 8.76
CA TYR FA 7 -70.42 5.74 8.71
C TYR FA 7 -70.66 4.28 8.37
N ARG FA 8 -70.21 3.88 7.18
CA ARG FA 8 -70.37 2.49 6.75
C ARG FA 8 -69.63 1.53 7.67
N LYS FA 9 -68.48 1.95 8.21
CA LYS FA 9 -67.73 1.08 9.11
C LYS FA 9 -68.53 0.75 10.36
N ILE FA 10 -69.05 1.79 11.04
CA ILE FA 10 -69.84 1.55 12.24
C ILE FA 10 -71.14 0.85 11.91
N LEU FA 11 -71.72 1.12 10.74
CA LEU FA 11 -72.95 0.41 10.35
C LEU FA 11 -72.69 -1.08 10.20
N ASN FA 12 -71.62 -1.45 9.49
CA ASN FA 12 -71.29 -2.86 9.33
C ASN FA 12 -70.92 -3.50 10.66
N ASP FA 13 -70.22 -2.77 11.52
CA ASP FA 13 -69.86 -3.31 12.83
C ASP FA 13 -71.11 -3.60 13.67
N LEU FA 14 -72.07 -2.67 13.67
CA LEU FA 14 -73.30 -2.87 14.43
C LEU FA 14 -74.18 -3.95 13.81
N SER FA 15 -74.13 -4.11 12.48
CA SER FA 15 -74.89 -5.18 11.84
C SER FA 15 -74.28 -6.54 12.10
N SER FA 16 -72.95 -6.62 12.23
CA SER FA 16 -72.30 -7.89 12.51
C SER FA 16 -72.40 -8.27 13.99
N ASP FA 17 -72.32 -7.28 14.88
CA ASP FA 17 -72.41 -7.57 16.31
C ASP FA 17 -73.85 -7.87 16.71
N ALA FA 18 -74.77 -6.95 16.46
CA ALA FA 18 -76.17 -7.16 16.82
C ALA FA 18 -76.85 -8.07 15.79
N PRO FA 19 -77.63 -9.05 16.24
CA PRO FA 19 -78.36 -9.98 15.36
C PRO FA 19 -79.34 -9.26 14.44
N LEU GA 1 46.08 56.66 -16.16
CA LEU GA 1 45.52 57.52 -17.19
C LEU GA 1 44.13 57.05 -17.60
N SER GA 2 43.90 56.94 -18.91
CA SER GA 2 42.61 56.51 -19.45
C SER GA 2 42.56 55.01 -19.69
N ARG GA 3 43.43 54.23 -19.05
CA ARG GA 3 43.45 52.79 -19.22
C ARG GA 3 42.31 52.09 -18.48
N ARG GA 4 41.70 52.74 -17.50
CA ARG GA 4 40.61 52.17 -16.73
C ARG GA 4 39.33 52.98 -16.92
N PRO GA 5 38.17 52.34 -16.91
CA PRO GA 5 36.89 53.02 -17.15
C PRO GA 5 36.53 54.06 -16.08
N TYR GA 7 38.32 56.35 -15.11
CA TYR GA 7 38.74 57.63 -15.69
C TYR GA 7 37.55 58.34 -16.33
N ARG GA 8 36.95 57.71 -17.33
CA ARG GA 8 35.79 58.30 -18.00
C ARG GA 8 34.62 58.48 -17.04
N LYS GA 9 34.47 57.58 -16.07
CA LYS GA 9 33.38 57.70 -15.11
C LYS GA 9 33.51 58.97 -14.29
N ILE GA 10 34.68 59.18 -13.68
CA ILE GA 10 34.89 60.39 -12.88
C ILE GA 10 34.87 61.63 -13.75
N LEU GA 11 35.35 61.54 -14.99
CA LEU GA 11 35.30 62.69 -15.90
C LEU GA 11 33.86 63.10 -16.18
N ASN GA 12 33.01 62.13 -16.51
CA ASN GA 12 31.60 62.43 -16.76
C ASN GA 12 30.91 62.92 -15.51
N ASP GA 13 31.24 62.36 -14.35
CA ASP GA 13 30.64 62.82 -13.10
C ASP GA 13 31.01 64.28 -12.81
N LEU GA 14 32.28 64.63 -13.00
CA LEU GA 14 32.71 66.00 -12.76
C LEU GA 14 32.16 66.97 -13.81
N SER GA 15 31.95 66.49 -15.04
CA SER GA 15 31.35 67.34 -16.06
C SER GA 15 29.87 67.56 -15.82
N SER GA 16 29.18 66.57 -15.24
CA SER GA 16 27.76 66.73 -14.96
C SER GA 16 27.52 67.54 -13.69
N ASP GA 17 28.38 67.37 -12.68
CA ASP GA 17 28.21 68.12 -11.44
C ASP GA 17 28.64 69.57 -11.62
N ALA GA 18 29.89 69.80 -12.03
CA ALA GA 18 30.37 71.16 -12.22
C ALA GA 18 29.87 71.73 -13.55
N PRO GA 19 29.39 72.98 -13.56
CA PRO GA 19 28.88 73.64 -14.77
C PRO GA 19 29.96 73.76 -15.86
N LEU HA 1 53.99 -24.54 45.59
CA LEU HA 1 54.85 -23.46 46.02
C LEU HA 1 54.37 -22.12 45.46
N SER HA 2 55.29 -21.35 44.88
CA SER HA 2 54.98 -20.05 44.31
C SER HA 2 54.65 -20.13 42.82
N ARG HA 3 54.27 -21.31 42.33
CA ARG HA 3 53.93 -21.47 40.92
C ARG HA 3 52.56 -20.91 40.57
N ARG HA 4 51.69 -20.70 41.55
CA ARG HA 4 50.35 -20.17 41.33
C ARG HA 4 50.19 -18.84 42.04
N PRO HA 5 49.41 -17.91 41.46
CA PRO HA 5 49.24 -16.57 42.04
C PRO HA 5 48.55 -16.56 43.41
N TYR HA 7 49.37 -18.21 45.86
CA TYR HA 7 50.47 -18.12 46.82
C TYR HA 7 50.68 -16.69 47.28
N ARG HA 8 50.99 -15.81 46.32
CA ARG HA 8 51.19 -14.40 46.65
C ARG HA 8 49.92 -13.76 47.20
N LYS HA 9 48.75 -14.19 46.72
CA LYS HA 9 47.50 -13.64 47.22
C LYS HA 9 47.32 -13.92 48.70
N ILE HA 10 47.45 -15.19 49.10
CA ILE HA 10 47.30 -15.54 50.51
C ILE HA 10 48.42 -14.94 51.33
N LEU HA 11 49.63 -14.83 50.78
CA LEU HA 11 50.73 -14.21 51.51
C LEU HA 11 50.42 -12.75 51.82
N ASN HA 12 49.96 -11.99 50.81
CA ASN HA 12 49.61 -10.60 51.03
C ASN HA 12 48.42 -10.46 51.97
N ASP HA 13 47.45 -11.36 51.87
CA ASP HA 13 46.30 -11.31 52.78
C ASP HA 13 46.73 -11.54 54.23
N LEU HA 14 47.61 -12.52 54.46
CA LEU HA 14 48.07 -12.79 55.81
C LEU HA 14 48.99 -11.68 56.33
N SER HA 15 49.74 -11.03 55.43
CA SER HA 15 50.57 -9.91 55.85
C SER HA 15 49.75 -8.68 56.18
N SER HA 16 48.63 -8.48 55.49
CA SER HA 16 47.78 -7.33 55.77
C SER HA 16 46.91 -7.56 57.00
N ASP HA 17 46.43 -8.79 57.20
CA ASP HA 17 45.59 -9.08 58.36
C ASP HA 17 46.43 -9.15 59.63
N ALA HA 18 47.43 -10.02 59.67
CA ALA HA 18 48.27 -10.16 60.85
C ALA HA 18 49.31 -9.03 60.89
N PRO HA 19 49.51 -8.40 62.06
CA PRO HA 19 50.49 -7.32 62.24
C PRO HA 19 51.92 -7.76 61.92
N LEU IA 1 -20.04 -71.73 -6.98
CA LEU IA 1 -19.62 -72.51 -5.83
C LEU IA 1 -18.94 -71.63 -4.79
N SER IA 2 -17.77 -72.06 -4.32
CA SER IA 2 -17.01 -71.33 -3.31
C SER IA 2 -15.98 -70.39 -3.93
N ARG IA 3 -16.16 -70.02 -5.20
CA ARG IA 3 -15.22 -69.12 -5.87
C ARG IA 3 -15.39 -67.67 -5.44
N ARG IA 4 -16.53 -67.30 -4.87
CA ARG IA 4 -16.80 -65.94 -4.43
C ARG IA 4 -17.01 -65.90 -2.92
N PRO IA 5 -16.59 -64.81 -2.26
CA PRO IA 5 -16.69 -64.70 -0.80
C PRO IA 5 -18.13 -64.71 -0.27
N TYR IA 7 -20.30 -66.78 -0.91
CA TYR IA 7 -20.53 -68.16 -0.49
C TYR IA 7 -20.33 -68.32 1.01
N ARG IA 8 -19.10 -68.04 1.46
CA ARG IA 8 -18.79 -68.13 2.89
C ARG IA 8 -19.63 -67.16 3.71
N LYS IA 9 -19.93 -65.98 3.16
CA LYS IA 9 -20.74 -65.01 3.88
C LYS IA 9 -22.13 -65.55 4.18
N ILE IA 10 -22.83 -66.04 3.14
CA ILE IA 10 -24.16 -66.59 3.35
C ILE IA 10 -24.10 -67.86 4.18
N LEU IA 11 -23.04 -68.66 4.05
CA LEU IA 11 -22.91 -69.86 4.88
C LEU IA 11 -22.82 -69.49 6.36
N ASN IA 12 -21.96 -68.51 6.70
CA ASN IA 12 -21.83 -68.08 8.08
C ASN IA 12 -23.11 -67.43 8.58
N ASP IA 13 -23.79 -66.67 7.73
CA ASP IA 13 -25.05 -66.05 8.13
C ASP IA 13 -26.11 -67.11 8.46
N LEU IA 14 -26.22 -68.14 7.61
CA LEU IA 14 -27.19 -69.19 7.86
C LEU IA 14 -26.80 -70.06 9.05
N SER IA 15 -25.50 -70.22 9.31
CA SER IA 15 -25.08 -70.97 10.49
C SER IA 15 -25.31 -70.20 11.77
N SER IA 16 -25.21 -68.86 11.72
CA SER IA 16 -25.45 -68.06 12.91
C SER IA 16 -26.95 -67.87 13.18
N ASP IA 17 -27.75 -67.74 12.12
CA ASP IA 17 -29.19 -67.56 12.30
C ASP IA 17 -29.85 -68.87 12.69
N ALA IA 18 -29.70 -69.90 11.87
CA ALA IA 18 -30.32 -71.20 12.17
C ALA IA 18 -29.48 -71.95 13.20
N PRO IA 19 -30.13 -72.55 14.22
CA PRO IA 19 -29.44 -73.32 15.27
C PRO IA 19 -28.66 -74.51 14.71
N LEU JA 1 -27.94 9.48 -68.73
CA LEU JA 1 -28.95 8.47 -69.04
C LEU JA 1 -29.18 7.55 -67.85
N SER JA 2 -29.16 6.24 -68.10
CA SER JA 2 -29.38 5.24 -67.06
C SER JA 2 -28.07 4.75 -66.44
N ARG JA 3 -26.99 5.52 -66.56
CA ARG JA 3 -25.70 5.14 -66.00
C ARG JA 3 -25.64 5.33 -64.49
N ARG JA 4 -26.53 6.14 -63.92
CA ARG JA 4 -26.55 6.40 -62.49
C ARG JA 4 -27.86 5.92 -61.88
N PRO JA 5 -27.84 5.43 -60.64
CA PRO JA 5 -29.04 4.88 -59.99
C PRO JA 5 -30.15 5.92 -59.76
N TYR JA 7 -31.35 7.79 -61.87
CA TYR JA 7 -32.26 7.59 -63.00
C TYR JA 7 -33.44 6.71 -62.59
N ARG JA 8 -33.14 5.48 -62.19
CA ARG JA 8 -34.19 4.56 -61.76
C ARG JA 8 -34.93 5.08 -60.53
N LYS JA 9 -34.22 5.79 -59.64
CA LYS JA 9 -34.86 6.33 -58.45
C LYS JA 9 -35.94 7.34 -58.81
N ILE JA 10 -35.59 8.33 -59.64
CA ILE JA 10 -36.57 9.33 -60.04
C ILE JA 10 -37.65 8.71 -60.91
N LEU JA 11 -37.32 7.71 -61.72
CA LEU JA 11 -38.34 7.04 -62.53
C LEU JA 11 -39.37 6.35 -61.64
N ASN JA 12 -38.91 5.61 -60.63
CA ASN JA 12 -39.84 4.94 -59.71
C ASN JA 12 -40.63 5.95 -58.90
N ASP JA 13 -40.00 7.05 -58.50
CA ASP JA 13 -40.71 8.08 -57.74
C ASP JA 13 -41.83 8.70 -58.58
N LEU JA 14 -41.54 9.01 -59.85
CA LEU JA 14 -42.55 9.59 -60.71
C LEU JA 14 -43.64 8.59 -61.08
N SER JA 15 -43.29 7.30 -61.16
CA SER JA 15 -44.30 6.28 -61.43
C SER JA 15 -45.20 6.04 -60.23
N SER JA 16 -44.66 6.19 -59.01
CA SER JA 16 -45.47 6.00 -57.82
C SER JA 16 -46.33 7.23 -57.51
N ASP JA 17 -45.80 8.42 -57.76
CA ASP JA 17 -46.56 9.64 -57.50
C ASP JA 17 -47.64 9.84 -58.56
N ALA JA 18 -47.25 9.92 -59.83
CA ALA JA 18 -48.21 10.12 -60.90
C ALA JA 18 -48.92 8.81 -61.23
N PRO JA 19 -50.25 8.83 -61.40
CA PRO JA 19 -51.05 7.64 -61.74
C PRO JA 19 -50.63 7.02 -63.07
N LEU KA 1 73.45 7.68 11.89
CA LEU KA 1 74.23 7.02 10.85
C LEU KA 1 73.31 6.42 9.79
N SER KA 2 73.56 5.16 9.44
CA SER KA 2 72.78 4.45 8.43
C SER KA 2 71.62 3.66 9.04
N ARG KA 3 71.20 4.01 10.25
CA ARG KA 3 70.10 3.32 10.91
C ARG KA 3 68.74 3.70 10.34
N ARG KA 4 68.63 4.83 9.65
CA ARG KA 4 67.38 5.29 9.08
C ARG KA 4 67.49 5.37 7.56
N PRO KA 5 66.40 5.09 6.84
CA PRO KA 5 66.42 5.07 5.36
C PRO KA 5 66.72 6.44 4.73
N TYR KA 7 69.10 8.26 5.39
CA TYR KA 7 70.53 8.20 5.08
C TYR KA 7 70.75 7.83 3.62
N ARG KA 8 70.29 6.65 3.24
CA ARG KA 8 70.44 6.20 1.86
C ARG KA 8 69.70 7.12 0.89
N LYS KA 9 68.56 7.67 1.31
CA LYS KA 9 67.81 8.57 0.44
C LYS KA 9 68.62 9.81 0.09
N ILE KA 10 69.15 10.50 1.11
CA ILE KA 10 69.95 11.69 0.86
C ILE KA 10 71.24 11.34 0.15
N LEU KA 11 71.82 10.17 0.43
CA LEU KA 11 73.03 9.76 -0.28
C LEU KA 11 72.76 9.59 -1.77
N ASN KA 12 71.68 8.90 -2.12
CA ASN KA 12 71.34 8.72 -3.53
C ASN KA 12 70.97 10.04 -4.18
N ASP KA 13 70.29 10.92 -3.46
CA ASP KA 13 69.94 12.23 -4.01
C ASP KA 13 71.19 13.05 -4.32
N LEU KA 14 72.16 13.05 -3.39
CA LEU KA 14 73.39 13.80 -3.61
C LEU KA 14 74.26 13.16 -4.69
N SER KA 15 74.19 11.83 -4.84
CA SER KA 15 74.93 11.18 -5.91
C SER KA 15 74.32 11.43 -7.27
N SER KA 16 72.99 11.57 -7.33
CA SER KA 16 72.34 11.84 -8.60
C SER KA 16 72.45 13.31 -9.00
N ASP KA 17 72.38 14.22 -8.02
CA ASP KA 17 72.48 15.64 -8.32
C ASP KA 17 73.92 16.03 -8.64
N ALA KA 18 74.85 15.78 -7.72
CA ALA KA 18 76.24 16.13 -7.95
C ALA KA 18 76.91 15.08 -8.85
N PRO KA 19 77.69 15.52 -9.85
CA PRO KA 19 78.40 14.62 -10.77
C PRO KA 19 79.38 13.69 -10.05
N LEU LA 1 -9.35 35.25 65.31
CA LEU LA 1 -8.20 36.08 65.63
C LEU LA 1 -7.17 36.04 64.51
N SER LA 2 -5.91 35.82 64.88
CA SER LA 2 -4.81 35.76 63.92
C SER LA 2 -4.52 34.34 63.45
N ARG LA 3 -5.49 33.43 63.59
CA ARG LA 3 -5.31 32.05 63.15
C ARG LA 3 -5.39 31.88 61.64
N ARG LA 4 -5.98 32.84 60.93
CA ARG LA 4 -6.12 32.78 59.49
C ARG LA 4 -5.36 33.93 58.83
N PRO LA 5 -4.79 33.70 57.63
CA PRO LA 5 -3.99 34.73 56.95
C PRO LA 5 -4.79 35.98 56.55
N TYR LA 7 -6.56 37.67 58.39
CA TYR LA 7 -6.28 38.63 59.46
C TYR LA 7 -5.18 39.60 59.05
N ARG LA 8 -3.99 39.05 58.78
CA ARG LA 8 -2.87 39.88 58.35
C ARG LA 8 -3.16 40.58 57.03
N LYS LA 9 -3.91 39.94 56.13
CA LYS LA 9 -4.23 40.55 54.86
C LYS LA 9 -5.05 41.82 55.04
N ILE LA 10 -6.15 41.72 55.80
CA ILE LA 10 -6.98 42.90 56.04
C ILE LA 10 -6.24 43.93 56.87
N LEU LA 11 -5.38 43.50 57.79
CA LEU LA 11 -4.60 44.45 58.58
C LEU LA 11 -3.67 45.27 57.68
N ASN LA 12 -2.94 44.59 56.78
CA ASN LA 12 -2.06 45.30 55.87
C ASN LA 12 -2.84 46.18 54.90
N ASP LA 13 -4.01 45.72 54.45
CA ASP LA 13 -4.83 46.53 53.56
C ASP LA 13 -5.30 47.81 54.25
N LEU LA 14 -5.75 47.69 55.51
CA LEU LA 14 -6.20 48.87 56.23
C LEU LA 14 -5.04 49.79 56.61
N SER LA 15 -3.85 49.23 56.83
CA SER LA 15 -2.69 50.06 57.11
C SER LA 15 -2.20 50.79 55.87
N SER LA 16 -2.35 50.18 54.69
CA SER LA 16 -1.92 50.84 53.46
C SER LA 16 -2.95 51.86 52.99
N ASP LA 17 -4.24 51.58 53.17
CA ASP LA 17 -5.27 52.51 52.74
C ASP LA 17 -5.35 53.70 53.69
N ALA LA 18 -5.59 53.45 54.97
CA ALA LA 18 -5.70 54.53 55.95
C ALA LA 18 -4.31 55.02 56.34
N PRO LA 19 -4.10 56.34 56.41
CA PRO LA 19 -2.81 56.95 56.79
C PRO LA 19 -2.37 56.54 58.20
N LEU MA 1 -65.17 -33.77 14.41
CA LEU MA 1 -65.99 -32.98 15.31
C LEU MA 1 -65.30 -31.66 15.65
N SER MA 2 -65.25 -31.33 16.94
CA SER MA 2 -64.64 -30.10 17.42
C SER MA 2 -63.17 -30.29 17.80
N ARG MA 3 -62.53 -31.34 17.29
CA ARG MA 3 -61.12 -31.59 17.59
C ARG MA 3 -60.18 -30.67 16.84
N ARG MA 4 -60.63 -30.04 15.76
CA ARG MA 4 -59.81 -29.14 14.97
C ARG MA 4 -60.39 -27.73 14.99
N PRO MA 5 -59.53 -26.70 14.95
CA PRO MA 5 -59.99 -25.31 15.03
C PRO MA 5 -60.87 -24.87 13.85
N TYR MA 7 -63.37 -26.31 12.81
CA TYR MA 7 -64.74 -26.44 13.30
C TYR MA 7 -65.28 -25.11 13.78
N ARG MA 8 -64.62 -24.53 14.79
CA ARG MA 8 -65.03 -23.23 15.31
C ARG MA 8 -64.93 -22.14 14.26
N LYS MA 9 -63.94 -22.23 13.36
CA LYS MA 9 -63.79 -21.23 12.32
C LYS MA 9 -65.00 -21.21 11.39
N ILE MA 10 -65.38 -22.38 10.86
CA ILE MA 10 -66.53 -22.44 9.98
C ILE MA 10 -67.81 -22.13 10.73
N LEU MA 11 -67.90 -22.50 12.00
CA LEU MA 11 -69.09 -22.17 12.79
C LEU MA 11 -69.25 -20.66 12.93
N ASN MA 12 -68.16 -19.96 13.28
CA ASN MA 12 -68.23 -18.51 13.40
C ASN MA 12 -68.49 -17.85 12.05
N ASP MA 13 -67.92 -18.39 10.98
CA ASP MA 13 -68.16 -17.83 9.65
C ASP MA 13 -69.63 -17.96 9.26
N LEU MA 14 -70.23 -19.13 9.52
CA LEU MA 14 -71.63 -19.33 9.18
C LEU MA 14 -72.55 -18.52 10.10
N SER MA 15 -72.14 -18.29 11.35
CA SER MA 15 -72.94 -17.46 12.24
C SER MA 15 -72.87 -15.99 11.87
N SER MA 16 -71.73 -15.54 11.34
CA SER MA 16 -71.60 -14.15 10.93
C SER MA 16 -72.26 -13.89 9.58
N ASP MA 17 -72.18 -14.85 8.66
CA ASP MA 17 -72.79 -14.68 7.35
C ASP MA 17 -74.30 -14.82 7.42
N ALA MA 18 -74.78 -15.96 7.90
CA ALA MA 18 -76.22 -16.18 8.00
C ALA MA 18 -76.78 -15.47 9.24
N PRO MA 19 -77.92 -14.77 9.10
CA PRO MA 19 -78.57 -14.05 10.21
C PRO MA 19 -78.97 -14.99 11.35
N LEU NA 1 17.63 -61.34 -39.01
CA LEU NA 1 16.44 -62.04 -39.47
C LEU NA 1 15.18 -61.28 -39.07
N SER NA 2 14.22 -61.99 -38.49
CA SER NA 2 12.95 -61.41 -38.07
C SER NA 2 12.98 -60.96 -36.61
N ARG NA 3 14.16 -60.75 -36.03
CA ARG NA 3 14.28 -60.32 -34.65
C ARG NA 3 13.95 -58.85 -34.46
N ARG NA 4 13.98 -58.05 -35.52
CA ARG NA 4 13.69 -56.63 -35.44
C ARG NA 4 12.46 -56.29 -36.29
N PRO NA 5 11.66 -55.32 -35.86
CA PRO NA 5 10.41 -54.96 -36.56
C PRO NA 5 10.64 -54.41 -37.97
N TYR NA 7 12.29 -55.72 -40.20
CA TYR NA 7 12.07 -56.88 -41.07
C TYR NA 7 10.66 -56.86 -41.64
N ARG NA 8 9.67 -56.94 -40.75
CA ARG NA 8 8.28 -56.91 -41.18
C ARG NA 8 7.93 -55.61 -41.89
N LYS NA 9 8.53 -54.49 -41.46
CA LYS NA 9 8.25 -53.22 -42.10
C LYS NA 9 8.67 -53.22 -43.56
N ILE NA 10 9.92 -53.60 -43.83
CA ILE NA 10 10.40 -53.65 -45.21
C ILE NA 10 9.67 -54.72 -46.00
N LEU NA 11 9.30 -55.83 -45.37
CA LEU NA 11 8.54 -56.87 -46.07
C LEU NA 11 7.19 -56.33 -46.53
N ASN NA 12 6.46 -55.66 -45.63
CA ASN NA 12 5.17 -55.09 -46.00
C ASN NA 12 5.32 -53.99 -47.03
N ASP NA 13 6.38 -53.18 -46.93
CA ASP NA 13 6.61 -52.13 -47.92
C ASP NA 13 6.85 -52.72 -49.30
N LEU NA 14 7.68 -53.77 -49.38
CA LEU NA 14 7.95 -54.39 -50.66
C LEU NA 14 6.74 -55.15 -51.21
N SER NA 15 5.90 -55.69 -50.32
CA SER NA 15 4.68 -56.35 -50.78
C SER NA 15 3.65 -55.36 -51.27
N SER NA 16 3.61 -54.15 -50.69
CA SER NA 16 2.66 -53.15 -51.14
C SER NA 16 3.13 -52.44 -52.41
N ASP NA 17 4.44 -52.21 -52.53
CA ASP NA 17 4.96 -51.55 -53.71
C ASP NA 17 4.97 -52.49 -54.91
N ALA NA 18 5.66 -53.63 -54.80
CA ALA NA 18 5.72 -54.58 -55.89
C ALA NA 18 4.43 -55.41 -55.96
N PRO NA 19 3.86 -55.60 -57.15
CA PRO NA 19 2.63 -56.38 -57.36
C PRO NA 19 2.79 -57.84 -56.90
N LEU OA 1 -45.75 -15.19 57.20
CA LEU OA 1 -45.19 -16.22 58.07
C LEU OA 1 -43.80 -16.64 57.59
N SER OA 2 -43.58 -17.95 57.49
CA SER OA 2 -42.31 -18.51 57.06
C SER OA 2 -42.26 -18.77 55.55
N ARG OA 3 -43.14 -18.12 54.78
CA ARG OA 3 -43.17 -18.31 53.34
C ARG OA 3 -42.03 -17.59 52.62
N ARG OA 4 -41.40 -16.61 53.26
CA ARG OA 4 -40.31 -15.85 52.67
C ARG OA 4 -39.04 -16.04 53.48
N PRO OA 5 -37.87 -16.05 52.81
CA PRO OA 5 -36.59 -16.30 53.49
C PRO OA 5 -36.22 -15.22 54.52
N TYR OA 7 -37.98 -14.20 56.81
CA TYR OA 7 -38.39 -14.77 58.10
C TYR OA 7 -37.21 -15.40 58.82
N ARG OA 8 -36.62 -16.42 58.18
CA ARG OA 8 -35.46 -17.09 58.77
C ARG OA 8 -34.28 -16.14 58.94
N LYS OA 9 -34.12 -15.19 58.02
CA LYS OA 9 -33.03 -14.24 58.12
C LYS OA 9 -33.14 -13.39 59.39
N ILE OA 10 -34.31 -12.77 59.60
CA ILE OA 10 -34.50 -11.96 60.80
C ILE OA 10 -34.48 -12.82 62.05
N LEU OA 11 -34.97 -14.06 61.97
CA LEU OA 11 -34.92 -14.95 63.14
C LEU OA 11 -33.48 -15.24 63.54
N ASN OA 12 -32.63 -15.59 62.56
CA ASN OA 12 -31.23 -15.85 62.86
C ASN OA 12 -30.52 -14.59 63.33
N ASP OA 13 -30.85 -13.44 62.76
CA ASP OA 13 -30.23 -12.19 63.20
C ASP OA 13 -30.58 -11.88 64.65
N LEU OA 14 -31.86 -12.06 65.02
CA LEU OA 14 -32.27 -11.80 66.39
C LEU OA 14 -31.72 -12.84 67.36
N SER OA 15 -31.53 -14.08 66.90
CA SER OA 15 -30.93 -15.10 67.75
C SER OA 15 -29.44 -14.87 67.96
N SER OA 16 -28.76 -14.31 66.96
CA SER OA 16 -27.34 -14.03 67.10
C SER OA 16 -27.08 -12.75 67.90
N ASP OA 17 -27.93 -11.74 67.73
CA ASP OA 17 -27.76 -10.50 68.46
C ASP OA 17 -28.17 -10.66 69.92
N ALA OA 18 -29.41 -11.05 70.16
CA ALA OA 18 -29.89 -11.22 71.53
C ALA OA 18 -29.39 -12.55 72.10
N PRO OA 19 -28.90 -12.55 73.35
CA PRO OA 19 -28.40 -13.76 74.03
C PRO OA 19 -29.48 -14.84 74.17
N LEU PA 1 -53.81 45.76 -24.59
CA LEU PA 1 -54.67 46.21 -23.50
C LEU PA 1 -54.18 45.66 -22.16
N SER PA 2 -55.10 45.10 -21.38
CA SER PA 2 -54.78 44.54 -20.07
C SER PA 2 -54.46 43.05 -20.14
N ARG PA 3 -54.10 42.53 -21.31
CA ARG PA 3 -53.77 41.12 -21.47
C ARG PA 3 -52.40 40.77 -20.91
N ARG PA 4 -51.52 41.75 -20.72
CA ARG PA 4 -50.18 41.52 -20.20
C ARG PA 4 -50.00 42.25 -18.87
N PRO PA 5 -49.22 41.68 -17.95
CA PRO PA 5 -49.03 42.26 -16.61
C PRO PA 5 -48.33 43.63 -16.63
N TYR PA 7 -49.14 46.07 -18.30
CA TYR PA 7 -50.24 47.03 -18.21
C TYR PA 7 -50.42 47.50 -16.77
N ARG PA 8 -50.74 46.57 -15.88
CA ARG PA 8 -50.93 46.91 -14.48
C ARG PA 8 -49.65 47.46 -13.86
N LYS PA 9 -48.49 46.96 -14.29
CA LYS PA 9 -47.23 47.46 -13.76
C LYS PA 9 -47.03 48.93 -14.05
N ILE PA 10 -47.17 49.32 -15.33
CA ILE PA 10 -47.02 50.72 -15.69
C ILE PA 10 -48.13 51.57 -15.10
N LEU PA 11 -49.34 51.02 -14.97
CA LEU PA 11 -50.43 51.77 -14.34
C LEU PA 11 -50.10 52.09 -12.89
N ASN PA 12 -49.64 51.09 -12.13
CA ASN PA 12 -49.28 51.32 -10.74
C ASN PA 12 -48.08 52.25 -10.62
N ASP PA 13 -47.12 52.14 -11.53
CA ASP PA 13 -45.96 53.03 -11.50
C ASP PA 13 -46.38 54.48 -11.73
N LEU PA 14 -47.26 54.71 -12.71
CA LEU PA 14 -47.72 56.06 -12.99
C LEU PA 14 -48.63 56.60 -11.88
N SER PA 15 -49.38 55.71 -11.21
CA SER PA 15 -50.20 56.15 -10.10
C SER PA 15 -49.37 56.49 -8.87
N SER PA 16 -48.24 55.79 -8.68
CA SER PA 16 -47.38 56.08 -7.54
C SER PA 16 -46.50 57.30 -7.78
N ASP PA 17 -46.04 57.48 -9.02
CA ASP PA 17 -45.20 58.63 -9.33
C ASP PA 17 -46.02 59.91 -9.40
N ALA PA 18 -47.03 59.95 -10.28
CA ALA PA 18 -47.86 61.13 -10.41
C ALA PA 18 -48.89 61.19 -9.28
N PRO PA 19 -49.07 62.36 -8.66
CA PRO PA 19 -50.04 62.56 -7.57
C PRO PA 19 -51.48 62.26 -8.00
N LEU QA 1 19.40 -7.90 -71.81
CA LEU QA 1 18.98 -6.75 -72.60
C LEU QA 1 18.32 -5.70 -71.72
N SER QA 2 17.15 -5.22 -72.15
CA SER QA 2 16.40 -4.20 -71.42
C SER QA 2 15.38 -4.80 -70.47
N ARG QA 3 15.54 -6.06 -70.08
CA ARG QA 3 14.61 -6.72 -69.17
C ARG QA 3 14.80 -6.28 -67.73
N ARG QA 4 15.95 -5.71 -67.38
CA ARG QA 4 16.23 -5.26 -66.03
C ARG QA 4 16.45 -3.75 -66.00
N PRO QA 5 16.05 -3.08 -64.92
CA PRO QA 5 16.16 -1.61 -64.82
C PRO QA 5 17.60 -1.10 -64.84
N TYR QA 7 19.75 -1.77 -66.92
CA TYR QA 7 19.97 -1.37 -68.31
C TYR QA 7 19.77 0.13 -68.48
N ARG QA 8 18.56 0.59 -68.20
CA ARG QA 8 18.26 2.02 -68.31
C ARG QA 8 19.11 2.85 -67.35
N LYS QA 9 19.42 2.30 -66.17
CA LYS QA 9 20.24 3.03 -65.22
C LYS QA 9 21.63 3.31 -65.77
N ILE QA 10 22.31 2.26 -66.25
CA ILE QA 10 23.64 2.45 -66.82
C ILE QA 10 23.58 3.27 -68.09
N LEU QA 11 22.52 3.15 -68.88
CA LEU QA 11 22.39 3.96 -70.09
C LEU QA 11 22.30 5.44 -69.73
N ASN QA 12 21.46 5.79 -68.76
CA ASN QA 12 21.34 7.19 -68.34
C ASN QA 12 22.63 7.68 -67.70
N ASP QA 13 23.31 6.83 -66.94
CA ASP QA 13 24.58 7.24 -66.33
C ASP QA 13 25.63 7.54 -67.40
N LEU QA 14 25.72 6.68 -68.43
CA LEU QA 14 26.69 6.91 -69.49
C LEU QA 14 26.31 8.10 -70.37
N SER QA 15 25.00 8.37 -70.51
CA SER QA 15 24.59 9.54 -71.27
C SER QA 15 24.84 10.83 -70.52
N SER QA 16 24.75 10.79 -69.18
CA SER QA 16 25.00 11.99 -68.39
C SER QA 16 26.50 12.24 -68.22
N ASP QA 17 27.29 11.18 -68.08
CA ASP QA 17 28.73 11.35 -67.92
C ASP QA 17 29.39 11.73 -69.24
N ALA QA 18 29.24 10.89 -70.27
CA ALA QA 18 29.84 11.17 -71.56
C ALA QA 18 29.00 12.21 -72.32
N PRO QA 19 29.65 13.21 -72.93
CA PRO QA 19 28.97 14.26 -73.71
C PRO QA 19 28.18 13.69 -74.89
N LEU RA 1 27.47 -68.86 9.98
CA LEU RA 1 28.46 -69.18 8.96
C LEU RA 1 28.69 -68.00 8.03
N SER RA 2 28.67 -68.26 6.72
CA SER RA 2 28.88 -67.24 5.71
C SER RA 2 27.57 -66.61 5.23
N ARG RA 3 26.50 -66.73 6.01
CA ARG RA 3 25.22 -66.15 5.63
C ARG RA 3 25.16 -64.64 5.81
N ARG RA 4 26.06 -64.06 6.60
CA ARG RA 4 26.10 -62.63 6.84
C ARG RA 4 27.41 -62.04 6.35
N PRO RA 5 27.39 -60.80 5.84
CA PRO RA 5 28.60 -60.17 5.28
C PRO RA 5 29.71 -59.94 6.31
N TYR RA 7 30.92 -62.04 8.19
CA TYR RA 7 31.82 -63.18 7.99
C TYR RA 7 32.99 -62.79 7.11
N ARG RA 8 32.68 -62.39 5.87
CA ARG RA 8 33.73 -61.98 4.94
C ARG RA 8 34.48 -60.75 5.44
N LYS RA 9 33.79 -59.85 6.14
CA LYS RA 9 34.45 -58.66 6.66
C LYS RA 9 35.53 -59.02 7.67
N ILE RA 10 35.18 -59.83 8.68
CA ILE RA 10 36.16 -60.24 9.67
C ILE RA 10 37.23 -61.12 9.05
N LEU RA 11 36.88 -61.93 8.06
CA LEU RA 11 37.89 -62.76 7.39
C LEU RA 11 38.93 -61.88 6.69
N ASN RA 12 38.47 -60.88 5.93
CA ASN RA 12 39.40 -59.98 5.25
C ASN RA 12 40.20 -59.16 6.25
N ASP RA 13 39.58 -58.74 7.35
CA ASP RA 13 40.31 -57.98 8.36
C ASP RA 13 41.43 -58.82 8.98
N LEU RA 14 41.13 -60.09 9.31
CA LEU RA 14 42.14 -60.95 9.89
C LEU RA 14 43.22 -61.34 8.88
N SER RA 15 42.85 -61.43 7.59
CA SER RA 15 43.85 -61.71 6.58
C SER RA 15 44.76 -60.53 6.31
N SER RA 16 44.23 -59.30 6.45
CA SER RA 16 45.05 -58.12 6.24
C SER RA 16 45.92 -57.81 7.46
N ASP RA 17 45.40 -58.04 8.66
CA ASP RA 17 46.17 -57.78 9.87
C ASP RA 17 47.25 -58.84 10.08
N ALA RA 18 46.84 -60.10 10.17
CA ALA RA 18 47.81 -61.18 10.38
C ALA RA 18 48.50 -61.53 9.06
N PRO RA 19 49.83 -61.71 9.08
CA PRO RA 19 50.61 -62.06 7.88
C PRO RA 19 50.17 -63.40 7.27
N LEU SA 1 63.24 -39.92 -1.65
CA LEU SA 1 63.30 -40.86 -0.53
C LEU SA 1 62.03 -40.79 0.31
N SER SA 2 62.20 -40.69 1.62
CA SER SA 2 61.08 -40.63 2.55
C SER SA 2 60.66 -39.20 2.88
N ARG SA 3 61.02 -38.24 2.03
CA ARG SA 3 60.67 -36.84 2.26
C ARG SA 3 59.21 -36.54 1.94
N ARG SA 4 58.54 -37.39 1.17
CA ARG SA 4 57.15 -37.20 0.80
C ARG SA 4 56.30 -38.34 1.34
N PRO SA 5 55.05 -38.06 1.72
CA PRO SA 5 54.16 -39.07 2.32
C PRO SA 5 53.81 -40.22 1.36
N TYR SA 7 55.80 -41.94 -0.23
CA TYR SA 7 56.73 -43.00 0.14
C TYR SA 7 56.06 -44.00 1.08
N ARG SA 8 55.64 -43.53 2.25
CA ARG SA 8 54.98 -44.39 3.21
C ARG SA 8 53.68 -44.96 2.65
N LYS SA 9 52.97 -44.19 1.83
CA LYS SA 9 51.72 -44.67 1.25
C LYS SA 9 51.95 -45.88 0.36
N ILE SA 10 52.89 -45.77 -0.59
CA ILE SA 10 53.18 -46.90 -1.46
C ILE SA 10 53.80 -48.05 -0.69
N LEU SA 11 54.59 -47.76 0.34
CA LEU SA 11 55.16 -48.83 1.16
C LEU SA 11 54.07 -49.63 1.85
N ASN SA 12 53.11 -48.94 2.48
CA ASN SA 12 52.01 -49.63 3.14
C ASN SA 12 51.13 -50.36 2.14
N ASP SA 13 50.92 -49.78 0.96
CA ASP SA 13 50.11 -50.45 -0.06
C ASP SA 13 50.78 -51.75 -0.51
N LEU SA 14 52.10 -51.71 -0.74
CA LEU SA 14 52.81 -52.90 -1.17
C LEU SA 14 52.92 -53.94 -0.05
N SER SA 15 52.97 -53.48 1.21
CA SER SA 15 52.99 -54.42 2.32
C SER SA 15 51.64 -55.08 2.54
N SER SA 16 50.55 -54.36 2.25
CA SER SA 16 49.22 -54.93 2.42
C SER SA 16 48.85 -55.84 1.24
N ASP SA 17 49.27 -55.48 0.03
CA ASP SA 17 48.95 -56.30 -1.13
C ASP SA 17 49.82 -57.55 -1.16
N ALA SA 18 51.14 -57.39 -1.17
CA ALA SA 18 52.03 -58.54 -1.21
C ALA SA 18 52.15 -59.17 0.18
N PRO SA 19 52.08 -60.50 0.28
CA PRO SA 19 52.20 -61.22 1.56
C PRO SA 19 53.54 -60.97 2.25
N LEU TA 1 27.54 37.03 -58.87
CA LEU TA 1 28.51 36.22 -59.60
C LEU TA 1 28.63 34.83 -58.98
N SER TA 2 29.87 34.40 -58.75
CA SER TA 2 30.15 33.09 -58.17
C SER TA 2 30.29 33.14 -56.65
N ARG TA 3 29.75 34.17 -56.01
CA ARG TA 3 29.83 34.30 -54.56
C ARG TA 3 28.87 33.38 -53.83
N ARG TA 4 27.83 32.88 -54.51
CA ARG TA 4 26.85 31.99 -53.90
C ARG TA 4 26.87 30.64 -54.59
N PRO TA 5 26.61 29.56 -53.85
CA PRO TA 5 26.67 28.19 -54.40
C PRO TA 5 25.62 27.92 -55.49
N TYR TA 7 25.12 29.62 -58.00
CA TYR TA 7 25.85 29.81 -59.25
C TYR TA 7 26.31 28.47 -59.81
N ARG TA 8 27.15 27.77 -59.05
CA ARG TA 8 27.64 26.47 -59.49
C ARG TA 8 26.51 25.47 -59.65
N LYS TA 9 25.47 25.56 -58.81
CA LYS TA 9 24.35 24.64 -58.92
C LYS TA 9 23.64 24.79 -60.26
N ILE TA 10 23.26 26.02 -60.62
CA ILE TA 10 22.59 26.24 -61.89
C ILE TA 10 23.52 25.96 -63.05
N LEU TA 11 24.82 26.23 -62.91
CA LEU TA 11 25.77 25.92 -63.98
C LEU TA 11 25.82 24.42 -64.24
N ASN TA 12 25.93 23.62 -63.18
CA ASN TA 12 25.96 22.17 -63.34
C ASN TA 12 24.63 21.65 -63.87
N ASP TA 13 23.52 22.23 -63.43
CA ASP TA 13 22.21 21.81 -63.94
C ASP TA 13 22.09 22.07 -65.44
N LEU TA 14 22.52 23.26 -65.88
CA LEU TA 14 22.44 23.59 -67.30
C LEU TA 14 23.44 22.78 -68.13
N SER TA 15 24.58 22.41 -67.53
CA SER TA 15 25.53 21.57 -68.25
C SER TA 15 25.05 20.14 -68.37
N SER TA 16 24.30 19.65 -67.37
CA SER TA 16 23.78 18.29 -67.43
C SER TA 16 22.54 18.20 -68.32
N ASP TA 17 21.69 19.22 -68.30
CA ASP TA 17 20.49 19.20 -69.13
C ASP TA 17 20.84 19.45 -70.59
N ALA TA 18 21.47 20.58 -70.90
CA ALA TA 18 21.83 20.89 -72.27
C ALA TA 18 23.08 20.12 -72.68
N PRO TA 19 23.09 19.52 -73.88
CA PRO TA 19 24.23 18.76 -74.41
C PRO TA 19 25.49 19.62 -74.53
N LEU UA 1 -36.89 63.01 16.26
CA LEU UA 1 -37.09 63.83 15.07
C LEU UA 1 -36.54 63.13 13.83
N SER UA 2 -35.76 63.86 13.04
CA SER UA 2 -35.17 63.33 11.81
C SER UA 2 -33.77 62.76 12.03
N ARG UA 3 -33.43 62.43 13.28
CA ARG UA 3 -32.12 61.87 13.58
C ARG UA 3 -31.98 60.41 13.16
N ARG UA 4 -33.08 59.70 12.95
CA ARG UA 4 -33.06 58.31 12.55
C ARG UA 4 -33.71 58.13 11.18
N PRO UA 5 -33.22 57.18 10.37
CA PRO UA 5 -33.73 56.98 9.01
C PRO UA 5 -35.20 56.54 8.96
N TYR UA 7 -37.57 57.91 10.33
CA TYR UA 7 -38.31 59.15 10.07
C TYR UA 7 -38.63 59.29 8.60
N ARG UA 8 -37.58 59.35 7.77
CA ARG UA 8 -37.78 59.47 6.33
C ARG UA 8 -38.50 58.26 5.76
N LYS UA 9 -38.26 57.07 6.32
CA LYS UA 9 -38.94 55.87 5.84
C LYS UA 9 -40.44 55.97 6.02
N ILE UA 10 -40.89 56.28 7.24
CA ILE UA 10 -42.32 56.41 7.48
C ILE UA 10 -42.90 57.60 6.73
N LEU UA 11 -42.14 58.67 6.57
CA LEU UA 11 -42.63 59.82 5.79
C LEU UA 11 -42.89 59.42 4.34
N ASN UA 12 -41.93 58.73 3.71
CA ASN UA 12 -42.12 58.29 2.34
C ASN UA 12 -43.24 57.27 2.23
N ASP UA 13 -43.38 56.39 3.22
CA ASP UA 13 -44.46 55.41 3.19
C ASP UA 13 -45.82 56.09 3.26
N LEU UA 14 -45.96 57.09 4.15
CA LEU UA 14 -47.23 57.80 4.27
C LEU UA 14 -47.50 58.68 3.05
N SER UA 15 -46.45 59.20 2.41
CA SER UA 15 -46.65 59.98 1.20
C SER UA 15 -47.03 59.11 0.02
N SER UA 16 -46.54 57.87 -0.03
CA SER UA 16 -46.89 56.98 -1.12
C SER UA 16 -48.27 56.35 -0.92
N ASP UA 17 -48.63 56.04 0.32
CA ASP UA 17 -49.93 55.44 0.59
C ASP UA 17 -51.04 56.48 0.49
N ALA UA 18 -50.95 57.55 1.27
CA ALA UA 18 -51.98 58.59 1.24
C ALA UA 18 -51.76 59.51 0.03
N PRO UA 19 -52.83 59.84 -0.70
CA PRO UA 19 -52.77 60.73 -1.88
C PRO UA 19 -52.24 62.12 -1.53
N LEU VA 1 -1.19 -13.94 73.48
CA LEU VA 1 -2.30 -13.25 74.13
C LEU VA 1 -3.14 -12.50 73.12
N SER VA 2 -3.43 -11.23 73.41
CA SER VA 2 -4.24 -10.39 72.54
C SER VA 2 -3.39 -9.57 71.57
N ARG VA 3 -2.15 -9.99 71.32
CA ARG VA 3 -1.28 -9.28 70.40
C ARG VA 3 -1.63 -9.51 68.94
N ARG VA 4 -2.37 -10.57 68.62
CA ARG VA 4 -2.76 -10.89 67.26
C ARG VA 4 -4.28 -10.84 67.12
N PRO VA 5 -4.79 -10.42 65.95
CA PRO VA 5 -6.24 -10.28 65.73
C PRO VA 5 -7.00 -11.61 65.82
N TYR VA 7 -6.89 -13.65 68.10
CA TYR VA 7 -7.43 -13.67 69.47
C TYR VA 7 -8.87 -13.20 69.49
N ARG VA 8 -9.09 -11.95 69.07
CA ARG VA 8 -10.44 -11.40 69.03
C ARG VA 8 -11.33 -12.17 68.07
N LYS VA 9 -10.77 -12.68 66.97
CA LYS VA 9 -11.56 -13.44 66.01
C LYS VA 9 -12.13 -14.70 66.64
N ILE VA 10 -11.26 -15.51 67.27
CA ILE VA 10 -11.73 -16.73 67.91
C ILE VA 10 -12.62 -16.41 69.10
N LEU VA 11 -12.36 -15.32 69.81
CA LEU VA 11 -13.23 -14.94 70.93
C LEU VA 11 -14.64 -14.63 70.44
N ASN VA 12 -14.76 -13.82 69.37
CA ASN VA 12 -16.07 -13.51 68.82
C ASN VA 12 -16.74 -14.74 68.24
N ASP VA 13 -15.98 -15.63 67.62
CA ASP VA 13 -16.56 -16.85 67.07
C ASP VA 13 -17.13 -17.73 68.18
N LEU VA 14 -16.38 -17.88 69.29
CA LEU VA 14 -16.86 -18.69 70.39
C LEU VA 14 -18.02 -18.03 71.13
N SER VA 15 -18.06 -16.69 71.15
CA SER VA 15 -19.19 -16.01 71.77
C SER VA 15 -20.44 -16.10 70.92
N SER VA 16 -20.29 -16.14 69.59
CA SER VA 16 -21.45 -16.25 68.72
C SER VA 16 -21.96 -17.69 68.64
N ASP VA 17 -21.05 -18.66 68.65
CA ASP VA 17 -21.47 -20.06 68.58
C ASP VA 17 -22.06 -20.52 69.91
N ALA VA 18 -21.29 -20.41 70.99
CA ALA VA 18 -21.77 -20.84 72.30
C ALA VA 18 -22.69 -19.78 72.90
N PRO VA 19 -23.83 -20.18 73.47
CA PRO VA 19 -24.80 -19.26 74.09
C PRO VA 19 -24.19 -18.47 75.26
#